data_6CNF
#
_entry.id   6CNF
#
loop_
_entity.id
_entity.type
_entity.pdbx_description
1 polymer 'DNA-directed RNA polymerase III subunit RPC1'
2 polymer 'DNA-directed RNA polymerase III subunit RPC2'
3 polymer 'DNA-directed RNA polymerases I and III subunit RPAC1'
4 polymer 'DNA-directed RNA polymerase III subunit RPC9'
5 polymer 'DNA-directed RNA polymerases I, II, and III subunit RPABC1'
6 polymer 'DNA-directed RNA polymerases I, II, and III subunit RPABC2'
7 polymer 'DNA-directed RNA polymerase III subunit RPC8'
8 polymer 'DNA-directed RNA polymerases I, II, and III subunit RPABC3'
9 polymer 'DNA-directed RNA polymerase III subunit RPC10'
10 polymer 'DNA-directed RNA polymerases I, II, and III subunit RPABC5'
11 polymer 'DNA-directed RNA polymerases I and III subunit RPAC2'
12 polymer 'DNA-directed RNA polymerases I, II, and III subunit RPABC4'
13 polymer 'DNA-directed RNA polymerase III subunit RPC5'
14 polymer 'DNA-directed RNA polymerase III subunit RPC4'
15 polymer 'DNA-directed RNA polymerase III subunit RPC3'
16 polymer 'DNA-directed RNA polymerase III subunit RPC6'
17 polymer 'DNA-directed RNA polymerase III subunit RPC7,DNA-directed RNA polymerase III subunit RPC7,DNA-directed RNA polymerase III subunit RPC7,DNA-directed RNA polymerase III subunit RPC7,DNA-directed RNA polymerase III subunit RPC7'
18 polymer 'Transcription factor IIIB 70 kDa subunit,TATA-box-binding protein,Transcription factor IIIB 70 kDa subunit'
19 polymer "Transcription factor TFIIIB component B'',Transcription factor TFIIIB component B'',Transcription factor TFIIIB component B'',Transcription factor TFIIIB component B'',Transcription factor TFIIIB component B''"
20 polymer 'DNA (79-MER)'
21 polymer 'DNA (79-MER)'
22 non-polymer 'ZINC ION'
#
loop_
_entity_poly.entity_id
_entity_poly.type
_entity_poly.pdbx_seq_one_letter_code
_entity_poly.pdbx_strand_id
1 'polypeptide(L)'
;MKEVVVSETPKRIKGLEFSALSAADIVAQSEVEVSTRDLFDLEKDRAPKANGALDPKMGVSSSSLECATCHGNLASCHGH
FGHLKLALPVFHIGYFKATIQILQGICKNCSAILLSETDKRQFLHELRRPGVDNLRRMGILKKILDQCKKQRRCLHCGAL
NGVVKKAAAGAGSAALKIIHDTFRWVGKKSAPEKDIWVGEWKEVLAHNPELERYVKRCMDDLNPLKTLNLFKQIKSADCE
LLGIDATVPSGRPETYIWRYLPAPPVCIRPSVMMQDSPASNEDDLTVKLTEIVWTSSLIKAGLDKGISINNMMEHWDYLQ
LTVAMYINSDSVNPAMLPGSSNGGGKVKPIRGFCQRLKGKQGRFRGNLSGKRVDFSGRTVISPDPNLSIDEVAVPDRVAK
VLTYPEKVTRYNRHKLQELIVNGPNVHPGANYLLKRNEDARRNLRYGDRMKLAKNLQIGDVVERHLEDGDVVLFNRQPSL
HRLSILSHYAKIRPWRTFRLNECVCTPYNADFDGDEMNLHVPQTEEARAEAINLMGVKNNLLTPKSGEPIIAATQDFITG
SYLISHKDSFYDRATLTQLLSMMSDGIEHFDIPPPAIMKPYYLWTGKQVFSLLIKPNHNSPVVINLDAKNKVFVPPKSKS
LPNEMSQNDGFVIIRGSQILSGVMDKSVLGDGKKHSVFYTILRDYGPQEAANAMNRMAKLCARFLGNRGFSIGINDVTPA
DDLKQKKEELVEIAYHKCDELITLFNKGELETQPGCNEEQTLEAKIGGLLSKVREEVGDVCINELDNWNAPLIMATCGSK
GSTLNVSQMVAVVGQQIISGNRVPDGFQDRSLPHFPKNSKTPQSKGFVRNSFFSGLSPPEFLFHAISGREGLVDTAVKTA
ETGYMSRRLMKSLEDLSCQYDNTVRTSANGIVQFTYGGDGLDPLEMEGNAQPVNFNRSWDHAYNITFNNQDKGLLPYAIM
ETANEILGPLEERLVRYDNSGCLVKREDLNKAEYVDQYDAERDFYHSLREYINGKATALANLRKSRGMLGLLEPPAKELQ
GIDPDETVPDNVKTSVSQLYRISEKSVRKFLEIALFKYRKARLEPGTAIGAIGAQSIGEPGTQMTLKTFHFAGVASMNVT
LGVPRIKEIINASKVISTPIINAVLVNDNDERAARVVKGRVEKTLLSDVAFYVQDVYKDNLSFIQVRIDLGTIDKLQLEL
TIEDIAVAITRASKLKIQASDVNIIGKDRIAINVFPEGYKAKSISTSAKEPSENDVFYRMQQLRRALPDVVVKGLPDISR
AVINIRDDGKRELLVEGYGLRDVMCTDGVIGSRTTTNHVLEVFSVLGIEAARYSIIREINYTMSNHGMSVDPRHIQLLGD
VMTYKGEVLGITRFGLSKMRDSVLQLASFEKTTDHLFDAAFYMKKDAVEGVSECIILGQTMSIGTGSFKVVKGTNISEKD
LVPKRCLFESLSNEAALKAN
;
A
2 'polypeptide(L)'
;MVAATKRRKTHIHKHVKDEAFDDLLKPVYKGKKLTDEINTAQDKWHLLPAFLKVKGLVKQHLDSFNYFVDTDLKKIIKAN
QLILSDVDPEFYLKYVDIRVGKKSSSSTKDYLTPPHECRLRDMTYSAPIYVDIEYTRGRNIIMHKDVEIGRMPIMLRSNK
CILYDADESKMAKLNECPLDPGGYFIVNGTEKVILVQEQLSKNRIIVEADEKKGIVQASVTSSTHERKSKTYVITKNGKI
YLKHNSIAEEIPIAIVLKACGILSDLEIMQLVCGNDSSYQDIFAVNLEESSKLDIYTQQQALEYIGAKVKTMRRQKLTIL
QEGIEAIATTVIAHLTVEALDFREKALYIAMMTRRVVMAMYNPKMIDDRDYVGNKRLELAGQLISLLFEDLFKKFNNDFK
LSIDKVLKKPNRAMEYDALLSINVHSNNITSGLNRAISTGNWSLKRFKMERAGVTHVLSRLSYISALGMMTRISSQFEKS
RKVSGPRALQPSQFGMLCTADTPEGEACGLVKNLALMTHITTDDEEEPIKKLCYVLGVEDITLIDSASLHLNYGVYLNGT
LIGSIRFPTKFVTQFRHLRRTGKVSEFISIYSNSHQMAVHIATDGGRICRPLIIVSDGQSRVKDIHLRKLLDGELDFDDF
LKLGLVEYLDVNEENDSYIALYEKDIVPSMTHLEIEPFTILGAVAGLIPYPHHNQSPRNTYQCAMGKQAIGAIAYNQFKR
IDTLLYLMTYPQQPMVKTKTIELIDYDKLPAGQNATVAVMSYSGYDIEDALVLNKSSIDRGFGRCETRRKTTTVLKRYAN
HTQDIIGGMRVDENGDPIWQHQSLGPDGLGEVGMKVQSGQIYINKSVPTNSADAPNPNNVNVQTQYREAPVIYRGPEPSH
IDQVMMSVSDNDQALIKVLLRQNRRPELGDKFSSRHGQKGVCGIIVKQEDMPFNDQGIVPDIIMNPHGFPSRMTVGKMIE
LISGKAGVLNGTLEYGTCFGGSKLEDMSKILVDQGFNYSGKDMLYSGITGECLQAYIFFGPIYYQKLKHMVLDKMHARAR
GPRAVLTRQPTEGRSRDGGLRLGEMERDCVIAYGASQLLLERLMISSDAFEVDVCDKCGLMGYSGWCTTCKSAENIIKMT
IPYAAKLLFQELLSMNIAPRLRLEDIFQQ
;
B
3 'polypeptide(L)'
;MSNIVGIEYNRVTNTTSTDFPGFSKDAENEWNVEKFKKDFEVNISSLDAREANFDLINIDTSIANAFRRIMISEVPSVAA
EYVYFFNNTSVIQDEVLAHRIGLVPLKVDPDMLTWVDSNLPDDEKFTDENTIVLSLNVKCTRNPDAPKGSTDPKELYNNA
HVYARDLKFEPQGRQSTTFADCPVVPADPDILLAKLRPGQEISLKAHCILGIGGDHAKFSPVSTASYRLLPQINILQPIK
GESARRFQKCFPPGVIGIDEGSDEAYVKDARKDTVSREVLRYEEFADKVKLGRVRNHFIFNVESAGAMTPEEIFFKSVRI
LKNKAEYLKNCPITQ
;
C
4 'polypeptide(L)'
;MKVLEERNAFLSDYEVLKFLTDLEKKHLWDQKSLAALKKSRSKGKQNRPYNHPELQGITRNVVNYLSINKNFINQEDEGE
ERESSGAKDAEKSGISKMSDESFAELMTKLNSFKLFKAEKLQIVNQLPANMVHLYSIVEECDARFDEKTIEEMLEIISGY
A
;
D
5 'polypeptide(L)'
;MDQENERNISRLWRAFRTVKEMVKDRGYFITQEEVELPLEDFKAKYCDSMGRPQRKMMSFQANPTEESISKFPDMGSLWV
EFCDEPSVGVKTMKTFVIHIQEKNFQTGIFVYQNNITPSAMKLVPSIPPATIETFNEAALVVNITHHELVPKHIRLSSDE
KRELLKRYRLKESQLPRIQRADPVALYLGLKRGEVVKIIRKSETSGRYASYRICM
;
E
6 'polypeptide(L)'
;MSDYEEAFNDGNENFEDFDVEHFSDEETYEEKPQFKDGETTDANGKTIVTGGNGPEDFQQHEQIRRKTLKEKAIPKDQRA
TTPYMTKYERARILGTRALQISMNAPVFVDLEGETDPLRIAMKELAEKKIPLVIRRYLPDGSFEDWSVEELIVDL
;
F
7 'polypeptide(L)'
;MFILSKIADLVRIPPDQFHRDTISAITHQLNNKFANKIIPNVGLCITIYDLLTVEEGQLKPGDGSSYINVTFRAVVFKPF
LGEIVTGWISKCTAEGIKVSLLGIFDDIFIPQNMLFEGCYYTPEESAWIWPMDEETKLYFDVNEKIRFRIEREVFVDVKP
KSPKERELEERAQLENEIEGKNEETPQNEKPPAYALLGSCQTDGMGLVSWWE
;
G
8 'polypeptide(L)'
;MSNTLFDDIFQVSEVDPGRYNKVCRIEAASTTQDQCKLTLDINVELFPVAAQDSLTVTIASSLNLEDTPANDSSATRSWR
PPQAGDRSLADDYDYVMYGTAYKFEEVSKDLIAVYYSFGGLLMRLEGNYRNLNNLKQENAYLLIRR
;
H
9 'polypeptide(L)'
;MLSFCPSCNNMLLITSGDSGVYTLACRSCPYEFPIEGIEIYDRKKLPRKEVDDVLGGGWDNVDQTKTQCPNYDTCGGESA
YFFQLQIRSADEPMTTFYKCVNCGHRWKEN
;
I
10 'polypeptide(L)' MIVPVRCFSCGKVVGDKWESYLNLLQEDELDEGTALSRLGLKRYCCRRMILTHVDLIEKFLRYNPLEKRD J
11 'polypeptide(L)'
;MTEDIEQKKTATEVTPQEPKHIQEEEEQDVDMTGDEEQEEEPDREKIKLLTQATSEDGTSASFQIVEEDHTLGNALRYVI
MKNPDVEFCGYSIPHPSENLLNIRIQTYGETTAVDALQKGLKDLMDLCDVVESKFTEKIKSM
;
K
12 'polypeptide(L)' MSREGFQIPTNLDAAAAGTSQARTATLKYICAECSSKLSLSRTDAVRCKDCGHRILLKARTKRLVQFEAR L
13 'polypeptide(L)'
;MSIDNKLFVTEEDEEDRTQDRADVEDESNDIDMIADENGTNSAIANEQEEKSEEVKAEDDTGEEEEDDPVIEEFPLKISG
EEESLHVFQYANRPRLVGRKPAEHPFISAARYKPKSHLWEIDIPLDEQAFYNKDKAESEWNGVNVQTLKGVGVENNGQYA
AFVKDMQVYLVPIERVAQLKPFFKYIDDANVTRKQEDARRNPNPSSQRAQVVTMSVKSVNDPSQNRLTGSLLAHKVADEE
ANIELTWAEGTFEQFKDTIVKEAEDKTLVALEKQEDYIDNLV
;
M
14 'polypeptide(L)'
;MSSNKGNGRLPSLKDSSSNGGGSAKPSLKFKPKAVARKSKEEREAAASKVKLEEESKRGNDKKHFNNKNKRVTGAGGQQR
RMAKYLNNTHVISSGPLAAGNFVSEKGDLRRGFIKSEGSGSSLVQKGLETIDNGAESSENEAEDDDNEGVASKSKKKFNM
GKEFEARNLIEDEDDGESEKSSDVDMDDEEWRSKRIEQLFPVRPVRVRHEDVETVKREIQEALSEKPTREPTPSVKTEPV
GTGLQSYLEERERQVNEKLADLGLEKEFQSVDGKEAAAELELLNADHQHILRKLKKMNNKPERFMVFQLPTRLPAFERPA
VKEEKEDMETQASDPSKKKKNIKKKDTKDALSTRELAGKVGSIRVHKSGKLSVKIGNVVMDIGKGAETTFLQDVIALSIA
DDASSAELLGRVDGKIVVTPQI
;
N
15 'polypeptide(L)'
;MDELLGEALSAENQTGESTVESEKLVTPEDVMTISSLEQRTLNPDLFLYKELVKAHLGERAASVIGMLVALGRLSVRELV
EKIDGMDVDSVKTTLVSLTQLRCVKYLQETAISGKKTTYYYYNEEGIHILLYSGLIIDEIITQMRVNDEEEHKQLVAEIV
QNVISLGSLTVEDYLSSVTSDSMKYTISSLFVQLCEMGYLIQISKLHYTPIEDLWQFLYEKHYKNIPRNSPLSDLKKRSQ
AKMNAKTDFAKIINKPNELSQILTVDPKTSLRIVKPTVSLTINLDRFMKGRRSKQLINLAKTRVGSVTAQVYKIALRLTE
QKSPKIRDPLTQTGLLQDLEEAKSFQDEAELVEEKTPGLTFNAIDLARHLPAELDLRGSLLSRKPSDNKKRSGSNAAASL
PSKKLKTEDGFVIPALPAAVSKSLQESGDTQEEDEEEEDLDADTEDPHSASLINSHLKILASSNFPFLNETKPGVYYVPY
SKLMPVLKSSVYEYVIASTLGPSAMRLSRCIRDNKLVSEKIINSTALMKEKDIRSTLASLIRYNSVEIQEVPRTADRSAS
RAVFLFRCKETHSYNFMRQNLEWNMANLLFKKEKLKQENSTLLKKANRDDVKGRENELLLPSELNQLKMVNERELNVFAR
LSRLLSLWEVFQMA
;
O
16 'polypeptide(L)'
;MSGMIENGLQLSDNAKTLHSQMMSKGIGALFTQQELQKQMGIGSLTDLMSIVQELLDKNLIKLVKQNDELKFQGVLESEA
QKKATMSAEEALVYSYIEASGREGIWSKTIKARTNLHQHVVLKCLKSLESQRYVKSVKSVKFPTRKIYMLYSLQPSVDIT
GGPWFTDGELDIEFINSLLTIVWRFISENTFPNGFKNFENGPKKNVFYAPNVKNYSTTQEILEFITAAQVANVELTPSNI
RSLCEVLVYDDKLEKVTHDCYRVTLESILQMNQGEGEPEAGNKALEDEEEFSIFNYFKMFPASKHDKEVVYFDEWTI
;
P
17 'polypeptide(L)'
;MSSYRGGSRGGGSNYMSNLPFGLGYGDVGKNHITEFPSIPLPINGPITNKERSLAVKYINFGKTVKDGPF(UNK)(UNK)
(UNK)(UNK)(UNK)(UNK)(UNK)(UNK)(UNK)(UNK)(UNK)(UNK)(UNK)(UNK)(UNK)(UNK)(UNK)(UNK)
(UNK)RKPNIILDEDDTNDGIERYSDKYLKKRKIGISIDDHPYNLNLFPNELYNVMGINKKKLLAISKFNNADDVFTGTG
LQDENIGLSMLAKLKELAEDVDDASTGDGAAKGSKTGEGEDDDLADDDFEEDEDEEDDDDYNAEKYFNNGDDDDYGDEED
PNEEAAF
;
Q
18 'polypeptide(L)'
;MPVCKNCHGTEFERDLSNANNDLVCKACGVVSEDNPIVSEVTFGETSAGAAVVQGSFIGAGQSHAAFGGSSALESREATL
NNARRKLRAVSYALHIPEYITDAAFQWYKLALANNFVQGRRSQNVIASCLYVACRKEKTHHMLIDFSSRLQVSVYSIGAT
FLKMVKKLHITELPLADPSLFIQHFAEKLDLADKKIKVVKDAVKLAQRMSKDWMFEGRRPAGIAGACILLACRMNNLRRT
HTEIVAVSHVAEETLQQRLNEFKNTKAAKLSVQKFRENDVEDGEARPPSFVKNRKKERKIKDSLDKEEMFQTSEEALNKN
PILTQVLGEQELSSKEVLFYLKQFSERRARVVERIKATNGIDGENIYHEGSENETRKRKLSEAMPWSGIVPTLQNIVATV
TLGCRLDLKTVALHARNAEYNPKRFAAVIMRIREPKTTALIFASGKMVVTGAKSEDDSKLASRKYARIIQKIGFAAKFTD
FKIQNIVGSCDVKFPIRLEGLAFSHGTFSSYEPELFPGLIYRMVKPKIVLLIFVSGKIVLTGAKQREEIYQAFEAIYPVL
SEFRKMGSGSGSGSGSGSPRNLHLLPTTDTYLSKVSDDPDNLEDVDDEELNAHLLNEEASKLKERIWIGLNADFLLEQES
KRLKQEADIATGNTSVKKKRTRRRNNTRSDEPTKTVDAAAAIGLMSDLQDKSGLHAALKAAEESGDFTTADSVKNMLQKA
SFSKKINYDAIDGLFR
;
R
19 'polypeptide(L)'
;MSSIVNKSGTRFAPKVRQRRAATGGTPTPKPRTPQLFIPESKEIEEDNSDNDKGVDENETAIVEKPSLVGERSLEGFTLT
GTNGHDNEIGDEGPIDASTQNPKADVIEDNVTLKPAPLQTHRDQKVPRSSRLASLSKDNESRPSFKPSFLDSSSNSNGTA
RRLSTISNKLPKKIRLGSITENDMNLKTFKRHRVLGKPSSAKKPAGAHRISIVSKISPPTAMTDSLDRNEFSSETSTSRE
ADENENYVISKVKDIPKKVRDGESAKYFIDEENFTMAELCKPNFPIGQISENFEKSKMAKKAKLEKRRHLRELRMR
(UNK)(UNK)(UNK)(UNK)(UNK)(UNK)(UNK)(UNK)(UNK)(UNK)(UNK)(UNK)(UNK)(UNK)(UNK)(UNK)
(UNK)(UNK)(UNK)(UNK)(UNK)(UNK)(UNK)(UNK)(UNK)(UNK)(UNK)(UNK)(UNK)(UNK)(UNK)(UNK)
(UNK)(UNK)(UNK)(UNK)(UNK)(UNK)(UNK)(UNK)(UNK)(UNK)(UNK)TAIQLKLNPDGTMAIDEETMVVDRH
KNASIENEYKEKVDENPFANLYNYGSYGRGSYTDPWTVEEMIKFYKALSMWGTDFNLISQLYPYRSRKQVKAKFVNEEKK
RPILIELALRSKLPPNFDEYCCEIKKNIGTVADFNEKLIELQNEHKHHMKEIEEAKNTAKEEDQTAQRLNDANLNKKGSG
GIMTNDLKVYRKTEVVLGTIDDLKRKKLKERNNDDNEDNEGSEEEPEIDQ
;
S
20 'polydeoxyribonucleotide'
;(DT)(DT)(DC)(DA)(DA)(DC)(DA)(DT)(DA)(DT)(DA)(DT)(DT)(DA)(DG)(DT)(DA)(DA)(DT)(DA)
(DC)(DT)(DT)(DT)(DT)(DT)(DC)(DT)(DG)(DT)(DA)(DA)(DA)(DA)(DG)(DT)(DG)(DA)(DC)(DA)
(DC)(DA)(DA)(DG)(DA)(DT)(DA)(DA)(DA)(DA)(DA)(DT)(DT)(DT)(DT)(DT)(DT)(DT)(DT)(DG)
(DT)(DC)(DC)(DA)(DA)(DG)(DT)(DT)(DG)(DG)(DT)(DT)(DA)(DA)(DG)(DG)(DC)(DG)(DT)
;
X
21 'polydeoxyribonucleotide'
;(DA)(DC)(DG)(DC)(DC)(DT)(DT)(DA)(DA)(DC)(DC)(DA)(DA)(DC)(DT)(DT)(DG)(DG)(DC)(DC)
(DA)(DT)(DG)(DG)(DA)(DG)(DT)(DC)(DA)(DT)(DT)(DT)(DT)(DA)(DT)(DC)(DT)(DT)(DG)(DT)
(DG)(DT)(DC)(DA)(DC)(DT)(DT)(DT)(DT)(DA)(DC)(DA)(DG)(DA)(DA)(DA)(DA)(DA)(DG)(DT)
(DA)(DT)(DT)(DA)(DC)(DT)(DA)(DA)(DT)(DA)(DT)(DA)(DT)(DG)(DT)(DT)(DG)(DA)(DA)
;
Y
#
loop_
_chem_comp.id
_chem_comp.type
_chem_comp.name
_chem_comp.formula
DA DNA linking 2'-DEOXYADENOSINE-5'-MONOPHOSPHATE 'C10 H14 N5 O6 P'
DC DNA linking 2'-DEOXYCYTIDINE-5'-MONOPHOSPHATE 'C9 H14 N3 O7 P'
DG DNA linking 2'-DEOXYGUANOSINE-5'-MONOPHOSPHATE 'C10 H14 N5 O7 P'
DT DNA linking THYMIDINE-5'-MONOPHOSPHATE 'C10 H15 N2 O8 P'
ZN non-polymer 'ZINC ION' 'Zn 2'
#
# COMPACT_ATOMS: atom_id res chain seq x y z
N LYS A 2 35.66 9.01 -47.74
CA LYS A 2 35.14 8.92 -46.38
C LYS A 2 33.62 9.02 -46.38
N GLU A 3 33.04 9.40 -45.23
CA GLU A 3 31.61 9.49 -45.06
C GLU A 3 30.94 8.12 -45.27
N VAL A 4 31.11 7.22 -44.30
CA VAL A 4 30.46 5.92 -44.38
C VAL A 4 28.94 6.10 -44.42
N VAL A 5 28.30 5.38 -45.34
CA VAL A 5 26.86 5.47 -45.49
C VAL A 5 26.19 5.00 -44.22
N VAL A 6 25.28 5.81 -43.69
CA VAL A 6 24.57 5.49 -42.45
C VAL A 6 23.09 5.44 -42.77
N SER A 7 22.46 4.33 -42.42
CA SER A 7 21.04 4.12 -42.68
C SER A 7 20.34 3.84 -41.36
N GLU A 8 19.03 4.02 -41.34
CA GLU A 8 18.21 3.70 -40.18
C GLU A 8 16.91 3.09 -40.67
N THR A 9 16.30 2.28 -39.82
CA THR A 9 14.98 1.85 -40.17
C THR A 9 14.09 2.16 -38.98
N PRO A 10 12.91 2.70 -39.20
CA PRO A 10 11.93 2.79 -38.11
C PRO A 10 11.47 1.39 -37.74
N LYS A 11 11.43 1.11 -36.46
CA LYS A 11 11.19 -0.25 -36.03
C LYS A 11 9.99 -0.30 -35.09
N ARG A 12 9.63 -1.52 -34.71
CA ARG A 12 8.62 -1.74 -33.70
C ARG A 12 8.80 -3.13 -33.12
N ILE A 13 8.21 -3.34 -31.96
CA ILE A 13 8.41 -4.58 -31.22
C ILE A 13 7.67 -5.72 -31.91
N LYS A 14 8.31 -6.89 -31.97
CA LYS A 14 7.60 -8.15 -32.17
C LYS A 14 7.80 -8.95 -30.90
N GLY A 15 6.77 -9.02 -30.07
CA GLY A 15 6.77 -9.90 -28.91
C GLY A 15 7.86 -9.58 -27.91
N LEU A 16 7.93 -10.40 -26.88
CA LEU A 16 8.98 -10.33 -25.88
C LEU A 16 9.38 -11.75 -25.52
N GLU A 17 10.66 -12.07 -25.58
CA GLU A 17 11.15 -13.31 -25.02
C GLU A 17 11.47 -13.08 -23.56
N PHE A 18 10.87 -13.89 -22.68
CA PHE A 18 11.20 -13.82 -21.26
C PHE A 18 12.00 -15.06 -20.87
N SER A 19 13.28 -14.86 -20.62
CA SER A 19 14.14 -15.91 -20.12
C SER A 19 14.88 -15.40 -18.88
N ALA A 20 15.81 -16.19 -18.37
CA ALA A 20 16.68 -15.74 -17.31
C ALA A 20 18.08 -15.56 -17.87
N LEU A 21 18.81 -14.60 -17.34
CA LEU A 21 20.18 -14.40 -17.77
C LEU A 21 21.02 -15.60 -17.36
N SER A 22 22.13 -15.80 -18.05
CA SER A 22 23.09 -16.80 -17.60
C SER A 22 23.82 -16.29 -16.38
N ALA A 23 24.68 -17.13 -15.82
CA ALA A 23 25.66 -16.59 -14.88
C ALA A 23 26.47 -15.47 -15.52
N ALA A 24 27.21 -15.79 -16.58
CA ALA A 24 28.05 -14.82 -17.26
C ALA A 24 27.31 -13.60 -17.78
N ASP A 25 26.19 -13.78 -18.48
CA ASP A 25 25.50 -12.63 -19.07
C ASP A 25 25.24 -11.53 -18.06
N ILE A 26 24.92 -11.89 -16.82
CA ILE A 26 24.76 -10.90 -15.77
C ILE A 26 25.99 -10.02 -15.70
N VAL A 27 27.11 -10.59 -15.25
CA VAL A 27 28.34 -9.82 -15.16
C VAL A 27 28.76 -9.34 -16.53
N ALA A 28 28.34 -10.05 -17.59
CA ALA A 28 28.61 -9.55 -18.93
C ALA A 28 27.97 -8.19 -19.13
N GLN A 29 26.78 -7.99 -18.57
CA GLN A 29 26.24 -6.64 -18.49
C GLN A 29 26.97 -5.70 -17.55
N SER A 30 27.11 -6.11 -16.29
CA SER A 30 27.52 -5.22 -15.23
C SER A 30 28.84 -4.56 -15.54
N GLU A 31 28.98 -3.31 -15.10
CA GLU A 31 30.27 -2.64 -15.12
C GLU A 31 31.23 -3.11 -14.04
N VAL A 32 30.81 -3.03 -12.78
CA VAL A 32 31.68 -3.24 -11.65
C VAL A 32 31.14 -4.38 -10.79
N GLU A 33 32.06 -5.02 -10.07
CA GLU A 33 31.71 -5.74 -8.87
C GLU A 33 31.22 -4.74 -7.83
N VAL A 34 30.11 -5.07 -7.19
CA VAL A 34 29.69 -4.23 -6.09
C VAL A 34 30.65 -4.49 -4.95
N SER A 35 30.60 -5.68 -4.37
CA SER A 35 31.59 -6.20 -3.43
C SER A 35 31.84 -5.17 -2.33
N THR A 36 33.09 -5.02 -1.93
CA THR A 36 33.54 -4.03 -0.95
C THR A 36 32.67 -4.17 0.30
N ARG A 37 32.10 -3.09 0.83
CA ARG A 37 31.19 -3.13 1.97
C ARG A 37 30.30 -1.91 1.83
N ASP A 38 29.51 -1.62 2.86
CA ASP A 38 28.55 -0.56 2.65
C ASP A 38 29.18 0.82 2.81
N LEU A 39 29.18 1.36 4.02
CA LEU A 39 29.95 2.52 4.44
C LEU A 39 29.69 3.76 3.59
N PHE A 40 29.31 3.53 2.33
CA PHE A 40 29.39 4.55 1.28
C PHE A 40 30.68 5.35 1.41
N ASP A 41 31.75 4.64 1.82
CA ASP A 41 33.13 5.12 1.99
C ASP A 41 33.17 6.55 2.50
N LEU A 42 32.70 6.78 3.72
CA LEU A 42 32.57 8.16 4.15
C LEU A 42 33.94 8.68 4.54
N GLU A 43 34.47 9.55 3.69
CA GLU A 43 35.61 10.41 3.95
C GLU A 43 35.56 11.42 2.81
N LYS A 44 36.19 12.57 3.01
CA LYS A 44 36.38 13.60 1.99
C LYS A 44 35.04 14.13 1.48
N ASP A 45 33.94 13.51 1.88
CA ASP A 45 32.65 13.70 1.24
C ASP A 45 31.51 12.91 1.87
N ARG A 46 30.29 13.25 1.46
CA ARG A 46 29.10 12.48 1.77
C ARG A 46 28.84 11.37 0.76
N ALA A 47 29.11 10.13 1.14
CA ALA A 47 29.01 9.00 0.22
C ALA A 47 29.68 9.35 -1.10
N PRO A 48 31.00 9.61 -1.13
CA PRO A 48 31.68 9.73 -2.43
C PRO A 48 31.71 8.39 -3.12
N LYS A 49 31.43 7.34 -2.35
CA LYS A 49 30.92 6.06 -2.83
C LYS A 49 31.78 5.46 -3.95
N ALA A 50 33.09 5.46 -3.73
CA ALA A 50 34.01 4.82 -4.67
C ALA A 50 33.77 3.32 -4.66
N ASN A 51 33.63 2.73 -5.85
CA ASN A 51 33.18 1.35 -5.99
C ASN A 51 31.90 1.20 -5.18
N GLY A 52 31.80 0.14 -4.39
CA GLY A 52 30.70 -0.01 -3.46
C GLY A 52 29.34 -0.14 -4.10
N ALA A 53 28.28 -0.17 -3.28
CA ALA A 53 26.93 -0.26 -3.79
C ALA A 53 26.64 0.91 -4.72
N LEU A 54 26.48 2.10 -4.17
CA LEU A 54 26.42 3.28 -5.02
C LEU A 54 27.81 3.51 -5.62
N ASP A 55 27.85 3.60 -6.93
CA ASP A 55 29.12 3.91 -7.57
C ASP A 55 28.85 4.99 -8.61
N PRO A 56 29.69 6.02 -8.68
CA PRO A 56 29.48 7.03 -9.73
C PRO A 56 29.54 6.46 -11.13
N LYS A 57 30.33 5.41 -11.36
CA LYS A 57 30.31 4.85 -12.70
C LYS A 57 29.11 3.94 -12.94
N MET A 58 28.54 3.36 -11.89
CA MET A 58 27.34 2.56 -12.08
C MET A 58 26.13 3.41 -12.47
N GLY A 59 26.06 4.64 -11.95
CA GLY A 59 24.97 5.54 -12.27
C GLY A 59 25.14 6.83 -11.51
N VAL A 60 24.05 7.60 -11.42
CA VAL A 60 24.04 8.85 -10.70
C VAL A 60 22.80 8.92 -9.83
N SER A 61 22.87 9.76 -8.82
CA SER A 61 21.78 9.87 -7.86
C SER A 61 21.13 11.25 -7.84
N SER A 62 21.76 12.24 -7.23
CA SER A 62 21.31 13.62 -7.33
C SER A 62 21.87 14.24 -8.60
N SER A 63 21.64 15.54 -8.76
CA SER A 63 22.29 16.24 -9.85
C SER A 63 23.49 17.01 -9.31
N SER A 64 24.65 16.38 -9.44
CA SER A 64 25.93 17.01 -9.19
C SER A 64 26.93 16.54 -10.24
N LEU A 65 27.25 15.25 -10.15
CA LEU A 65 28.33 14.62 -10.87
C LEU A 65 27.81 13.81 -12.05
N GLU A 66 28.73 13.11 -12.70
CA GLU A 66 28.40 12.37 -13.91
C GLU A 66 28.49 10.87 -13.63
N CYS A 67 28.13 10.07 -14.63
CA CYS A 67 28.06 8.63 -14.47
C CYS A 67 29.38 7.95 -14.83
N ALA A 68 30.45 8.72 -15.05
CA ALA A 68 31.67 8.08 -15.51
C ALA A 68 31.31 7.38 -16.80
N THR A 69 30.97 6.09 -16.70
CA THR A 69 30.62 5.28 -17.86
C THR A 69 29.88 6.10 -18.91
N CYS A 70 28.66 6.58 -18.66
CA CYS A 70 28.15 7.63 -19.53
C CYS A 70 27.99 8.92 -18.71
N HIS A 71 28.90 9.85 -18.92
CA HIS A 71 28.76 11.16 -18.32
C HIS A 71 27.63 11.92 -18.99
N GLY A 72 27.14 12.97 -18.32
CA GLY A 72 25.88 13.60 -18.69
C GLY A 72 24.77 13.37 -17.70
N ASN A 73 25.10 12.70 -16.60
CA ASN A 73 24.34 12.66 -15.34
C ASN A 73 22.86 12.31 -15.49
N LEU A 74 22.02 12.94 -14.67
CA LEU A 74 20.62 12.60 -14.59
C LEU A 74 19.88 12.80 -15.90
N ALA A 75 20.25 13.82 -16.66
CA ALA A 75 19.70 13.98 -17.98
C ALA A 75 19.92 12.75 -18.86
N SER A 76 21.15 12.47 -19.23
CA SER A 76 21.37 11.47 -20.27
C SER A 76 21.62 10.05 -19.78
N CYS A 77 21.89 9.81 -18.50
CA CYS A 77 22.29 8.46 -18.11
C CYS A 77 21.11 7.67 -17.58
N HIS A 78 20.90 6.50 -18.18
CA HIS A 78 19.79 5.63 -17.84
C HIS A 78 20.18 4.64 -16.77
N GLY A 79 21.39 4.75 -16.25
CA GLY A 79 21.90 3.80 -15.28
C GLY A 79 22.57 2.63 -15.94
N HIS A 80 23.23 1.79 -15.15
CA HIS A 80 23.88 0.59 -15.64
C HIS A 80 23.84 -0.46 -14.55
N PHE A 81 23.91 -1.72 -14.95
CA PHE A 81 23.86 -2.83 -14.00
C PHE A 81 25.23 -3.26 -13.53
N GLY A 82 25.28 -3.88 -12.34
CA GLY A 82 26.52 -4.36 -11.77
C GLY A 82 26.51 -5.87 -11.64
N HIS A 83 27.29 -6.40 -10.69
CA HIS A 83 27.36 -7.84 -10.49
C HIS A 83 27.89 -8.19 -9.10
N LEU A 84 27.02 -8.77 -8.27
CA LEU A 84 27.39 -9.17 -6.93
C LEU A 84 27.90 -10.60 -6.94
N LYS A 85 29.21 -10.77 -6.74
CA LYS A 85 29.76 -12.07 -6.41
C LYS A 85 29.13 -12.49 -5.10
N LEU A 86 28.73 -13.75 -5.02
CA LEU A 86 27.97 -14.21 -3.87
C LEU A 86 28.57 -15.50 -3.35
N ALA A 87 29.07 -15.47 -2.12
CA ALA A 87 29.69 -16.65 -1.55
C ALA A 87 28.69 -17.80 -1.48
N LEU A 88 29.07 -18.92 -2.09
CA LEU A 88 28.26 -20.14 -2.22
C LEU A 88 27.07 -19.87 -3.12
N PRO A 89 26.55 -20.86 -3.81
CA PRO A 89 25.30 -20.66 -4.53
C PRO A 89 24.17 -20.45 -3.56
N VAL A 90 23.39 -19.41 -3.75
CA VAL A 90 22.27 -19.15 -2.88
C VAL A 90 20.99 -19.40 -3.66
N PHE A 91 19.97 -19.84 -2.96
CA PHE A 91 18.74 -20.22 -3.62
C PHE A 91 18.02 -18.96 -4.10
N HIS A 92 16.89 -19.13 -4.78
CA HIS A 92 16.13 -18.02 -5.31
C HIS A 92 14.65 -18.23 -5.08
N ILE A 93 13.98 -17.22 -4.53
CA ILE A 93 12.57 -17.37 -4.21
C ILE A 93 11.67 -17.19 -5.43
N GLY A 94 12.01 -16.30 -6.35
CA GLY A 94 11.13 -16.05 -7.48
C GLY A 94 10.91 -17.30 -8.31
N TYR A 95 11.91 -18.17 -8.35
CA TYR A 95 11.79 -19.46 -9.01
C TYR A 95 11.51 -20.59 -8.04
N PHE A 96 11.39 -20.28 -6.75
CA PHE A 96 11.22 -21.33 -5.74
C PHE A 96 10.10 -22.28 -6.13
N LYS A 97 8.86 -21.80 -6.10
CA LYS A 97 7.72 -22.64 -6.45
C LYS A 97 7.91 -23.27 -7.82
N ALA A 98 8.65 -22.62 -8.71
CA ALA A 98 9.04 -23.26 -9.96
C ALA A 98 10.16 -24.26 -9.74
N THR A 99 11.11 -23.94 -8.87
CA THR A 99 12.27 -24.80 -8.70
C THR A 99 11.88 -26.16 -8.10
N ILE A 100 10.88 -26.17 -7.23
CA ILE A 100 10.37 -27.44 -6.72
C ILE A 100 9.89 -28.31 -7.87
N GLN A 101 9.36 -27.69 -8.92
CA GLN A 101 8.92 -28.47 -10.06
C GLN A 101 10.10 -28.89 -10.92
N ILE A 102 11.00 -27.95 -11.25
CA ILE A 102 12.14 -28.31 -12.08
C ILE A 102 12.95 -29.43 -11.47
N LEU A 103 13.03 -29.50 -10.15
CA LEU A 103 13.63 -30.64 -9.49
C LEU A 103 12.67 -31.79 -9.31
N GLN A 104 11.36 -31.54 -9.40
CA GLN A 104 10.38 -32.53 -8.99
C GLN A 104 10.49 -33.79 -9.85
N GLY A 105 10.76 -33.60 -11.14
CA GLY A 105 10.76 -34.72 -12.06
C GLY A 105 12.11 -35.34 -12.33
N ILE A 106 13.09 -35.07 -11.47
CA ILE A 106 14.42 -35.62 -11.69
C ILE A 106 14.94 -36.30 -10.43
N CYS A 107 15.60 -37.44 -10.62
CA CYS A 107 16.14 -38.21 -9.52
C CYS A 107 17.34 -37.50 -8.88
N LYS A 108 17.64 -37.92 -7.66
CA LYS A 108 18.72 -37.34 -6.89
C LYS A 108 20.02 -38.11 -7.03
N ASN A 109 20.06 -39.12 -7.91
CA ASN A 109 21.14 -40.09 -7.91
C ASN A 109 22.09 -39.87 -9.09
N CYS A 110 21.67 -40.24 -10.30
CA CYS A 110 22.35 -39.83 -11.51
C CYS A 110 21.74 -38.55 -12.07
N SER A 111 20.63 -38.10 -11.51
CA SER A 111 19.95 -36.89 -11.97
C SER A 111 19.65 -36.94 -13.46
N ALA A 112 18.80 -37.88 -13.87
CA ALA A 112 18.29 -37.89 -15.24
C ALA A 112 16.78 -37.75 -15.16
N ILE A 113 16.18 -37.24 -16.24
CA ILE A 113 14.73 -37.11 -16.25
C ILE A 113 14.13 -38.48 -16.07
N LEU A 114 13.29 -38.64 -15.06
CA LEU A 114 13.02 -39.98 -14.55
C LEU A 114 11.82 -40.65 -15.23
N LEU A 115 11.01 -39.91 -15.97
CA LEU A 115 10.22 -40.55 -17.01
C LEU A 115 11.07 -40.67 -18.26
N SER A 116 10.78 -41.67 -19.11
CA SER A 116 11.71 -42.01 -20.17
C SER A 116 11.06 -42.71 -21.35
N GLU A 117 11.90 -43.32 -22.18
CA GLU A 117 11.55 -44.21 -23.29
C GLU A 117 10.54 -43.61 -24.24
N THR A 118 9.64 -44.45 -24.76
CA THR A 118 8.54 -44.03 -25.60
C THR A 118 7.78 -42.87 -25.02
N ASP A 119 7.17 -43.05 -23.85
CA ASP A 119 6.34 -42.02 -23.25
C ASP A 119 7.03 -40.66 -23.25
N LYS A 120 8.33 -40.62 -22.96
CA LYS A 120 9.09 -39.40 -23.16
C LYS A 120 8.86 -38.85 -24.57
N ARG A 121 9.26 -39.60 -25.59
CA ARG A 121 8.98 -39.22 -26.96
C ARG A 121 7.49 -38.97 -27.19
N GLN A 122 6.61 -39.65 -26.47
CA GLN A 122 5.19 -39.43 -26.67
C GLN A 122 4.82 -37.99 -26.34
N PHE A 123 5.13 -37.55 -25.12
CA PHE A 123 4.93 -36.14 -24.78
C PHE A 123 5.64 -35.23 -25.78
N LEU A 124 6.92 -35.51 -26.06
CA LEU A 124 7.64 -34.70 -27.04
C LEU A 124 6.82 -34.48 -28.30
N HIS A 125 6.56 -35.55 -29.06
CA HIS A 125 5.78 -35.46 -30.27
C HIS A 125 4.41 -34.83 -30.05
N GLU A 126 3.89 -34.88 -28.84
CA GLU A 126 2.67 -34.14 -28.57
C GLU A 126 2.92 -32.64 -28.62
N LEU A 127 4.05 -32.18 -28.05
CA LEU A 127 4.25 -30.74 -27.92
C LEU A 127 4.52 -30.06 -29.25
N ARG A 128 5.51 -30.54 -30.01
CA ARG A 128 6.03 -29.76 -31.12
C ARG A 128 5.06 -29.66 -32.30
N ARG A 129 3.93 -30.35 -32.24
CA ARG A 129 2.93 -30.18 -33.27
C ARG A 129 2.50 -28.71 -33.32
N PRO A 130 2.41 -28.12 -34.50
CA PRO A 130 2.15 -26.67 -34.59
C PRO A 130 0.93 -26.22 -33.83
N GLY A 131 -0.16 -26.98 -33.85
CA GLY A 131 -1.41 -26.55 -33.25
C GLY A 131 -1.40 -26.49 -31.73
N VAL A 132 -0.30 -26.84 -31.11
CA VAL A 132 -0.18 -26.88 -29.66
C VAL A 132 0.04 -25.47 -29.16
N ASP A 133 -0.61 -25.13 -28.05
CA ASP A 133 -0.77 -23.73 -27.66
C ASP A 133 -0.57 -23.56 -26.15
N ASN A 134 -0.84 -22.34 -25.67
CA ASN A 134 -0.51 -21.94 -24.31
C ASN A 134 -1.15 -22.85 -23.27
N LEU A 135 -2.48 -22.86 -23.19
CA LEU A 135 -3.15 -23.76 -22.26
C LEU A 135 -2.67 -25.19 -22.44
N ARG A 136 -2.40 -25.58 -23.67
CA ARG A 136 -1.79 -26.89 -23.90
C ARG A 136 -0.36 -26.94 -23.38
N ARG A 137 0.42 -25.88 -23.58
CA ARG A 137 1.75 -25.85 -22.97
C ARG A 137 1.69 -26.16 -21.49
N MET A 138 1.03 -25.31 -20.72
CA MET A 138 0.90 -25.53 -19.29
C MET A 138 0.29 -26.87 -18.94
N GLY A 139 -0.97 -27.10 -19.29
CA GLY A 139 -1.66 -28.33 -18.94
C GLY A 139 -0.86 -29.57 -19.27
N ILE A 140 -0.33 -29.64 -20.49
CA ILE A 140 0.55 -30.73 -20.84
C ILE A 140 1.70 -30.82 -19.87
N LEU A 141 2.46 -29.73 -19.71
CA LEU A 141 3.63 -29.76 -18.83
C LEU A 141 3.26 -30.25 -17.44
N LYS A 142 2.02 -30.07 -17.03
CA LYS A 142 1.56 -30.75 -15.84
C LYS A 142 1.42 -32.25 -16.08
N LYS A 143 0.75 -32.64 -17.17
CA LYS A 143 0.49 -34.04 -17.43
C LYS A 143 1.78 -34.85 -17.56
N ILE A 144 2.86 -34.23 -18.04
CA ILE A 144 4.17 -34.86 -17.97
C ILE A 144 4.82 -34.72 -16.61
N LEU A 145 4.69 -33.55 -15.96
CA LEU A 145 5.32 -33.37 -14.67
C LEU A 145 4.84 -34.42 -13.68
N ASP A 146 3.55 -34.38 -13.34
CA ASP A 146 2.99 -35.34 -12.39
C ASP A 146 3.31 -36.78 -12.73
N GLN A 147 3.42 -37.11 -14.02
CA GLN A 147 3.72 -38.48 -14.42
C GLN A 147 5.04 -38.97 -13.82
N CYS A 148 5.89 -38.05 -13.37
CA CYS A 148 7.15 -38.48 -12.78
C CYS A 148 6.96 -39.06 -11.39
N LYS A 149 6.13 -38.42 -10.57
CA LYS A 149 6.03 -38.77 -9.16
C LYS A 149 5.77 -40.25 -8.98
N LYS A 150 4.81 -40.80 -9.70
CA LYS A 150 4.45 -42.21 -9.56
C LYS A 150 5.61 -43.15 -9.83
N GLN A 151 6.60 -42.72 -10.61
CA GLN A 151 7.84 -43.48 -10.78
C GLN A 151 8.52 -43.51 -9.42
N ARG A 152 8.79 -44.72 -8.92
CA ARG A 152 9.50 -44.86 -7.66
C ARG A 152 10.99 -44.91 -7.94
N ARG A 153 11.39 -45.39 -9.11
CA ARG A 153 12.75 -45.63 -9.47
C ARG A 153 13.28 -45.05 -10.75
N CYS A 154 14.48 -44.46 -10.69
CA CYS A 154 15.08 -43.88 -11.89
C CYS A 154 15.57 -45.06 -12.71
N LEU A 155 16.17 -44.79 -13.86
CA LEU A 155 16.35 -45.87 -14.83
C LEU A 155 17.80 -46.35 -14.88
N HIS A 156 18.70 -45.57 -15.46
CA HIS A 156 20.06 -46.04 -15.66
C HIS A 156 20.92 -45.66 -14.48
N CYS A 157 20.30 -45.02 -13.48
CA CYS A 157 20.90 -44.88 -12.17
C CYS A 157 20.62 -46.15 -11.37
N GLY A 158 19.42 -46.67 -11.51
CA GLY A 158 18.97 -47.81 -10.70
C GLY A 158 18.45 -47.44 -9.33
N ALA A 159 18.75 -46.24 -8.86
CA ALA A 159 18.33 -45.82 -7.53
C ALA A 159 16.91 -45.28 -7.55
N LEU A 160 16.21 -45.44 -6.43
CA LEU A 160 14.84 -44.98 -6.26
C LEU A 160 14.86 -43.52 -5.78
N ASN A 161 13.69 -42.93 -5.57
CA ASN A 161 13.58 -41.62 -4.96
C ASN A 161 12.17 -41.42 -4.42
N GLY A 162 11.88 -40.19 -4.00
CA GLY A 162 10.60 -39.84 -3.40
C GLY A 162 10.21 -38.40 -3.62
N VAL A 163 9.08 -37.98 -3.05
CA VAL A 163 8.50 -36.67 -3.30
C VAL A 163 9.11 -35.64 -2.36
N VAL A 164 9.26 -34.42 -2.85
CA VAL A 164 9.76 -33.28 -2.08
C VAL A 164 8.63 -32.33 -1.73
N LYS A 165 8.53 -32.00 -0.43
CA LYS A 165 7.32 -31.38 0.11
C LYS A 165 7.36 -29.86 0.30
N LYS A 166 8.42 -29.15 -0.08
CA LYS A 166 8.53 -27.74 0.30
C LYS A 166 8.53 -27.63 1.82
N ALA A 167 9.66 -27.94 2.44
CA ALA A 167 9.72 -28.18 3.87
C ALA A 167 9.13 -27.04 4.70
N ALA A 168 8.58 -27.42 5.86
CA ALA A 168 7.75 -26.62 6.75
C ALA A 168 6.56 -26.00 6.05
N ALA A 169 6.05 -24.91 6.59
CA ALA A 169 4.89 -24.24 6.01
C ALA A 169 5.30 -23.08 5.12
N GLY A 170 4.60 -21.96 5.28
CA GLY A 170 4.89 -20.78 4.49
C GLY A 170 5.41 -19.62 5.32
N ALA A 171 5.75 -19.87 6.58
CA ALA A 171 6.25 -18.80 7.42
C ALA A 171 7.48 -18.21 6.74
N GLY A 172 8.09 -19.00 5.86
CA GLY A 172 9.19 -18.56 5.04
C GLY A 172 10.51 -18.36 5.77
N SER A 173 10.49 -18.49 7.10
CA SER A 173 11.69 -18.19 7.88
C SER A 173 12.87 -19.04 7.43
N ALA A 174 12.87 -20.32 7.80
CA ALA A 174 13.76 -21.29 7.20
C ALA A 174 13.03 -22.13 6.16
N ALA A 175 11.75 -21.81 5.93
CA ALA A 175 10.88 -22.69 5.17
C ALA A 175 11.37 -22.98 3.77
N LEU A 176 12.19 -22.10 3.19
CA LEU A 176 12.65 -22.28 1.82
C LEU A 176 13.50 -23.52 1.63
N LYS A 177 14.00 -24.12 2.71
CA LYS A 177 14.63 -25.42 2.62
C LYS A 177 13.63 -26.45 2.11
N ILE A 178 14.12 -27.43 1.38
CA ILE A 178 13.28 -28.41 0.71
C ILE A 178 13.67 -29.80 1.19
N ILE A 179 12.72 -30.73 1.21
CA ILE A 179 12.99 -32.09 1.67
C ILE A 179 12.20 -33.09 0.84
N HIS A 180 12.90 -34.11 0.34
CA HIS A 180 12.29 -35.36 -0.12
C HIS A 180 12.86 -36.47 0.75
N ASP A 181 12.50 -37.72 0.40
CA ASP A 181 13.19 -38.87 0.98
C ASP A 181 12.72 -40.19 0.38
N THR A 182 13.50 -41.23 0.65
CA THR A 182 13.06 -42.61 0.58
C THR A 182 11.75 -42.69 1.34
N PHE A 183 10.79 -43.41 0.78
CA PHE A 183 9.43 -43.41 1.27
C PHE A 183 8.77 -44.73 0.87
N ARG A 184 7.52 -44.93 1.34
CA ARG A 184 6.80 -46.16 1.07
C ARG A 184 7.56 -47.38 1.55
N TRP A 185 7.78 -47.48 2.87
CA TRP A 185 8.39 -48.65 3.47
C TRP A 185 7.60 -49.93 3.22
N VAL A 186 6.33 -49.81 2.83
CA VAL A 186 5.36 -50.91 2.69
C VAL A 186 5.54 -51.89 3.84
N GLY A 187 5.15 -51.46 5.03
CA GLY A 187 5.54 -52.17 6.25
C GLY A 187 7.04 -52.06 6.47
N LYS A 188 7.71 -53.20 6.54
CA LYS A 188 9.17 -53.26 6.42
C LYS A 188 9.47 -54.01 5.13
N LYS A 189 10.19 -53.36 4.23
CA LYS A 189 10.63 -53.97 2.99
C LYS A 189 12.15 -53.92 2.93
N SER A 190 12.72 -54.68 2.00
CA SER A 190 14.16 -54.59 1.77
C SER A 190 14.39 -53.49 0.74
N ALA A 191 14.85 -52.44 1.21
CA ALA A 191 15.28 -51.28 0.44
C ALA A 191 16.74 -51.00 0.69
N PRO A 192 17.60 -51.30 -0.29
CA PRO A 192 19.03 -51.00 -0.12
C PRO A 192 19.29 -49.58 0.32
N GLU A 193 18.47 -48.63 -0.12
CA GLU A 193 18.50 -47.31 0.49
C GLU A 193 18.28 -47.39 2.00
N LYS A 194 17.10 -47.87 2.43
CA LYS A 194 16.86 -47.95 3.86
C LYS A 194 17.70 -49.03 4.53
N ASP A 195 17.97 -50.14 3.82
CA ASP A 195 18.86 -51.15 4.37
C ASP A 195 20.17 -50.55 4.83
N ILE A 196 20.93 -49.97 3.90
CA ILE A 196 22.11 -49.22 4.29
C ILE A 196 21.76 -48.19 5.35
N TRP A 197 20.67 -47.44 5.16
CA TRP A 197 20.29 -46.34 6.04
C TRP A 197 20.34 -46.75 7.51
N VAL A 198 19.71 -47.88 7.84
CA VAL A 198 19.83 -48.39 9.20
C VAL A 198 21.24 -48.95 9.41
N GLY A 199 21.91 -49.35 8.33
CA GLY A 199 23.32 -49.68 8.42
C GLY A 199 24.23 -48.47 8.49
N GLU A 200 23.67 -47.28 8.70
CA GLU A 200 24.42 -46.04 8.63
C GLU A 200 24.40 -45.35 9.98
N TRP A 201 23.22 -44.92 10.38
CA TRP A 201 22.96 -44.42 11.72
C TRP A 201 23.43 -45.37 12.80
N LYS A 202 23.54 -46.67 12.50
CA LYS A 202 23.92 -47.68 13.47
C LYS A 202 25.14 -47.25 14.27
N GLU A 203 26.15 -46.66 13.62
CA GLU A 203 27.33 -46.20 14.33
C GLU A 203 27.10 -44.88 15.04
N VAL A 204 26.40 -43.93 14.43
CA VAL A 204 26.24 -42.62 15.03
C VAL A 204 25.14 -42.67 16.09
N LEU A 205 24.13 -43.51 15.86
CA LEU A 205 23.31 -43.93 17.00
C LEU A 205 24.19 -44.33 18.17
N ALA A 206 25.01 -45.37 17.99
CA ALA A 206 25.91 -45.87 19.02
C ALA A 206 26.71 -44.77 19.70
N HIS A 207 27.17 -43.75 18.96
CA HIS A 207 28.04 -42.76 19.56
C HIS A 207 27.33 -41.72 20.41
N ASN A 208 26.20 -41.18 19.97
CA ASN A 208 25.58 -40.08 20.70
C ASN A 208 24.13 -40.37 21.05
N PRO A 209 23.83 -41.44 21.82
CA PRO A 209 22.44 -41.86 22.01
C PRO A 209 21.66 -40.99 22.99
N GLU A 210 21.82 -39.68 22.87
CA GLU A 210 20.89 -38.71 23.45
C GLU A 210 19.88 -38.21 22.45
N LEU A 211 20.07 -38.47 21.17
CA LEU A 211 19.61 -37.60 20.11
C LEU A 211 18.79 -38.32 19.06
N GLU A 212 19.39 -39.32 18.43
CA GLU A 212 18.93 -39.92 17.18
C GLU A 212 17.43 -40.16 17.18
N ARG A 213 16.94 -41.08 17.98
CA ARG A 213 15.50 -41.30 17.97
C ARG A 213 14.73 -40.18 18.63
N TYR A 214 15.32 -39.45 19.58
CA TYR A 214 14.66 -38.30 20.18
C TYR A 214 14.27 -37.26 19.14
N VAL A 215 15.18 -36.90 18.24
CA VAL A 215 14.81 -36.13 17.07
C VAL A 215 15.16 -36.93 15.83
N LYS A 216 14.15 -37.43 15.14
CA LYS A 216 14.33 -38.39 14.07
C LYS A 216 13.28 -38.12 12.99
N ARG A 217 13.23 -38.99 11.98
CA ARG A 217 12.23 -38.90 10.92
C ARG A 217 12.38 -37.60 10.14
N CYS A 218 13.63 -37.17 9.98
CA CYS A 218 13.95 -35.92 9.31
C CYS A 218 13.96 -36.02 7.80
N MET A 219 14.02 -37.21 7.24
CA MET A 219 14.21 -37.39 5.80
C MET A 219 15.57 -36.77 5.47
N ASP A 220 15.70 -35.99 4.39
CA ASP A 220 16.90 -35.23 4.13
C ASP A 220 16.54 -34.06 3.22
N ASP A 221 17.44 -33.08 3.12
CA ASP A 221 17.16 -31.94 2.27
C ASP A 221 17.84 -32.08 0.92
N LEU A 222 17.72 -31.03 0.11
CA LEU A 222 18.70 -30.70 -0.92
C LEU A 222 19.19 -29.29 -0.62
N ASN A 223 20.50 -29.15 -0.48
CA ASN A 223 21.05 -27.84 -0.25
C ASN A 223 21.09 -27.07 -1.56
N PRO A 224 20.86 -25.75 -1.55
CA PRO A 224 21.15 -24.96 -2.73
C PRO A 224 22.51 -25.24 -3.31
N LEU A 225 23.50 -25.53 -2.49
CA LEU A 225 24.78 -25.97 -3.06
C LEU A 225 24.66 -27.36 -3.68
N LYS A 226 24.05 -28.30 -2.97
CA LYS A 226 23.77 -29.61 -3.55
C LYS A 226 23.05 -29.47 -4.88
N THR A 227 21.97 -28.68 -4.89
CA THR A 227 21.09 -28.66 -6.04
C THR A 227 21.70 -27.97 -7.24
N LEU A 228 22.69 -27.10 -7.05
CA LEU A 228 23.33 -26.51 -8.21
C LEU A 228 24.09 -27.58 -8.98
N ASN A 229 24.90 -28.37 -8.26
CA ASN A 229 25.37 -29.61 -8.82
C ASN A 229 24.26 -30.38 -9.51
N LEU A 230 23.27 -30.85 -8.74
CA LEU A 230 22.23 -31.69 -9.28
C LEU A 230 21.64 -31.16 -10.57
N PHE A 231 21.46 -29.84 -10.70
CA PHE A 231 21.10 -29.27 -11.98
C PHE A 231 22.16 -29.49 -13.05
N LYS A 232 23.42 -29.20 -12.76
CA LYS A 232 24.41 -29.23 -13.81
C LYS A 232 24.48 -30.54 -14.57
N GLN A 233 24.19 -31.68 -13.95
CA GLN A 233 24.19 -32.93 -14.69
C GLN A 233 22.86 -33.28 -15.31
N ILE A 234 21.86 -32.41 -15.23
CA ILE A 234 20.71 -32.56 -16.10
C ILE A 234 21.29 -32.53 -17.50
N LYS A 235 21.01 -33.55 -18.30
CA LYS A 235 21.68 -33.64 -19.60
C LYS A 235 20.74 -33.11 -20.66
N SER A 236 20.96 -31.86 -21.05
CA SER A 236 20.41 -31.26 -22.28
C SER A 236 18.98 -31.74 -22.45
N ALA A 237 18.68 -32.29 -23.63
CA ALA A 237 17.54 -33.18 -23.82
C ALA A 237 16.25 -32.59 -23.28
N ASP A 238 15.73 -33.20 -22.22
CA ASP A 238 14.38 -32.96 -21.74
C ASP A 238 14.03 -31.48 -21.74
N CYS A 239 14.68 -30.67 -20.89
CA CYS A 239 14.58 -29.23 -21.05
C CYS A 239 13.12 -28.84 -21.14
N GLU A 240 12.67 -28.50 -22.36
CA GLU A 240 11.26 -28.26 -22.62
C GLU A 240 10.37 -29.36 -22.06
N LEU A 241 10.88 -30.60 -21.94
CA LEU A 241 10.13 -31.57 -21.17
C LEU A 241 9.92 -31.09 -19.74
N LEU A 242 10.96 -30.58 -19.11
CA LEU A 242 10.80 -29.87 -17.85
C LEU A 242 10.16 -28.50 -18.03
N GLY A 243 9.98 -28.04 -19.26
CA GLY A 243 9.36 -26.77 -19.53
C GLY A 243 10.27 -25.63 -19.93
N ILE A 244 11.54 -25.91 -20.21
CA ILE A 244 12.52 -24.88 -20.52
C ILE A 244 13.03 -25.12 -21.93
N ASP A 245 12.88 -24.12 -22.79
CA ASP A 245 13.33 -24.27 -24.16
C ASP A 245 14.81 -23.97 -24.24
N ALA A 246 15.58 -24.98 -24.65
CA ALA A 246 17.02 -24.85 -24.77
C ALA A 246 17.58 -24.97 -26.18
N THR A 247 18.46 -24.00 -26.47
CA THR A 247 19.16 -23.83 -27.74
C THR A 247 20.34 -22.85 -27.56
N VAL A 248 21.17 -23.11 -26.55
CA VAL A 248 22.37 -22.34 -26.20
C VAL A 248 22.35 -20.79 -26.17
N PRO A 249 21.36 -20.21 -25.47
CA PRO A 249 21.16 -18.77 -25.26
C PRO A 249 21.27 -18.42 -23.76
N SER A 250 20.19 -18.64 -23.02
CA SER A 250 20.15 -18.37 -21.58
C SER A 250 21.09 -19.34 -20.85
N GLY A 251 20.64 -20.58 -20.66
CA GLY A 251 21.48 -21.56 -19.99
C GLY A 251 20.83 -22.71 -19.24
N ARG A 252 19.99 -23.50 -19.90
CA ARG A 252 19.39 -24.66 -19.24
C ARG A 252 19.07 -24.43 -17.77
N PRO A 253 18.29 -25.34 -17.14
CA PRO A 253 17.90 -25.12 -15.73
C PRO A 253 19.06 -25.15 -14.76
N GLU A 254 19.82 -24.07 -14.77
CA GLU A 254 20.85 -23.79 -13.80
C GLU A 254 20.60 -22.41 -13.24
N THR A 255 20.55 -21.43 -14.13
CA THR A 255 20.41 -20.02 -13.80
C THR A 255 19.39 -19.75 -12.71
N TYR A 256 18.30 -20.49 -12.67
CA TYR A 256 17.16 -20.13 -11.84
C TYR A 256 17.47 -20.09 -10.34
N ILE A 257 18.64 -20.50 -9.91
CA ILE A 257 19.08 -20.22 -8.55
C ILE A 257 20.21 -19.20 -8.62
N TRP A 258 20.21 -18.25 -7.70
CA TRP A 258 21.11 -17.11 -7.82
C TRP A 258 22.55 -17.58 -7.81
N ARG A 259 23.38 -16.93 -8.61
CA ARG A 259 24.82 -16.97 -8.43
C ARG A 259 25.44 -15.59 -8.41
N TYR A 260 25.29 -14.81 -9.48
CA TYR A 260 25.71 -13.42 -9.45
C TYR A 260 24.48 -12.54 -9.49
N LEU A 261 24.15 -11.91 -8.36
CA LEU A 261 22.99 -11.05 -8.33
C LEU A 261 23.35 -9.72 -8.98
N PRO A 262 22.69 -9.34 -10.05
CA PRO A 262 23.00 -8.04 -10.67
C PRO A 262 22.55 -6.86 -9.85
N ALA A 263 23.45 -5.89 -9.67
CA ALA A 263 23.12 -4.69 -8.94
C ALA A 263 22.10 -3.86 -9.72
N PRO A 264 20.97 -3.50 -9.11
CA PRO A 264 20.00 -2.70 -9.82
C PRO A 264 20.60 -1.36 -10.21
N PRO A 265 20.44 -0.95 -11.47
CA PRO A 265 21.02 0.32 -11.91
C PRO A 265 20.64 1.48 -11.02
N VAL A 266 21.58 2.42 -10.91
CA VAL A 266 21.54 3.42 -9.84
C VAL A 266 20.29 4.28 -9.92
N CYS A 267 19.87 4.66 -11.12
CA CYS A 267 18.66 5.46 -11.21
C CYS A 267 17.46 4.75 -10.62
N ILE A 268 17.39 3.42 -10.73
CA ILE A 268 16.26 2.71 -10.16
C ILE A 268 16.51 2.43 -8.69
N ARG A 269 17.68 2.88 -8.21
CA ARG A 269 18.00 2.93 -6.78
C ARG A 269 18.22 4.40 -6.47
N PRO A 270 17.20 5.22 -6.61
CA PRO A 270 17.42 6.65 -6.45
C PRO A 270 17.80 6.97 -5.02
N SER A 271 18.90 7.69 -4.88
CA SER A 271 19.26 8.17 -3.56
C SER A 271 18.36 9.35 -3.23
N VAL A 272 17.60 9.22 -2.14
CA VAL A 272 16.65 10.25 -1.79
C VAL A 272 17.42 11.52 -1.52
N MET A 273 16.74 12.66 -1.65
CA MET A 273 17.39 13.94 -1.40
C MET A 273 18.13 13.90 -0.07
N MET A 274 19.37 14.39 -0.10
CA MET A 274 20.12 14.49 1.14
C MET A 274 19.37 15.31 2.17
N GLN A 275 18.41 16.12 1.71
CA GLN A 275 17.50 16.91 2.55
C GLN A 275 18.26 17.56 3.71
N ASP A 276 19.09 18.54 3.36
CA ASP A 276 19.87 19.28 4.33
C ASP A 276 20.75 18.39 5.20
N SER A 277 21.55 19.03 6.06
CA SER A 277 22.46 18.37 6.99
C SER A 277 23.49 17.41 6.35
N PRO A 278 23.97 16.46 7.14
CA PRO A 278 24.95 15.47 6.69
C PRO A 278 24.32 14.11 6.44
N ALA A 279 23.32 13.75 7.24
CA ALA A 279 22.65 12.47 7.10
C ALA A 279 21.68 12.58 5.95
N SER A 280 21.92 11.79 4.90
CA SER A 280 21.02 11.75 3.76
C SER A 280 20.00 10.65 3.95
N ASN A 281 18.76 10.95 3.59
CA ASN A 281 17.74 9.92 3.62
C ASN A 281 18.17 8.79 2.69
N GLU A 282 18.25 7.59 3.25
CA GLU A 282 18.77 6.46 2.51
C GLU A 282 17.75 6.02 1.47
N ASP A 283 18.13 4.99 0.71
CA ASP A 283 17.17 4.25 -0.08
C ASP A 283 17.32 2.77 0.27
N ASP A 284 16.21 2.04 0.21
CA ASP A 284 16.13 0.76 0.91
C ASP A 284 16.92 -0.35 0.23
N LEU A 285 16.53 -0.75 -0.99
CA LEU A 285 17.14 -1.93 -1.60
C LEU A 285 18.66 -1.89 -1.54
N THR A 286 19.25 -0.73 -1.80
CA THR A 286 20.69 -0.57 -1.67
C THR A 286 21.15 -0.90 -0.27
N VAL A 287 20.33 -0.61 0.74
CA VAL A 287 20.66 -1.05 2.09
C VAL A 287 20.58 -2.56 2.18
N LYS A 288 19.55 -3.14 1.56
CA LYS A 288 19.41 -4.59 1.56
C LYS A 288 20.64 -5.26 0.98
N LEU A 289 20.90 -5.06 -0.32
CA LEU A 289 22.04 -5.69 -0.95
C LEU A 289 23.35 -5.27 -0.31
N THR A 290 23.44 -4.02 0.17
CA THR A 290 24.67 -3.59 0.81
C THR A 290 24.91 -4.35 2.10
N GLU A 291 23.85 -4.93 2.67
CA GLU A 291 24.02 -5.96 3.67
C GLU A 291 24.32 -7.30 3.01
N ILE A 292 23.71 -7.60 1.86
CA ILE A 292 24.02 -8.84 1.16
C ILE A 292 25.50 -8.91 0.86
N VAL A 293 26.12 -7.78 0.56
CA VAL A 293 27.57 -7.75 0.52
C VAL A 293 28.16 -8.09 1.88
N TRP A 294 27.61 -7.53 2.96
CA TRP A 294 28.14 -7.81 4.28
C TRP A 294 28.18 -9.31 4.55
N THR A 295 27.02 -9.93 4.70
CA THR A 295 26.93 -11.37 4.88
C THR A 295 27.70 -12.14 3.82
N SER A 296 27.75 -11.62 2.60
CA SER A 296 28.57 -12.24 1.56
C SER A 296 30.01 -12.35 1.99
N SER A 297 30.72 -11.22 2.08
CA SER A 297 32.13 -11.23 2.44
C SER A 297 32.36 -11.88 3.79
N LEU A 298 31.36 -11.88 4.66
CA LEU A 298 31.41 -12.72 5.85
C LEU A 298 31.65 -14.17 5.45
N ILE A 299 30.72 -14.74 4.70
CA ILE A 299 30.80 -16.16 4.37
C ILE A 299 31.94 -16.42 3.37
N LYS A 300 32.47 -15.36 2.76
CA LYS A 300 33.58 -15.52 1.84
C LYS A 300 34.90 -15.57 2.59
N ALA A 301 35.08 -14.69 3.57
CA ALA A 301 36.25 -14.74 4.43
C ALA A 301 36.08 -15.84 5.48
N GLY A 302 34.91 -15.92 6.09
CA GLY A 302 34.49 -17.12 6.76
C GLY A 302 34.42 -18.23 5.73
N LEU A 303 34.49 -19.47 6.21
CA LEU A 303 34.49 -20.64 5.34
C LEU A 303 35.77 -20.71 4.52
N ASP A 304 36.48 -19.59 4.42
CA ASP A 304 37.77 -19.62 3.74
C ASP A 304 38.88 -20.08 4.67
N LYS A 305 38.83 -19.64 5.94
CA LYS A 305 39.81 -20.09 6.92
C LYS A 305 39.13 -20.58 8.20
N GLY A 306 38.38 -19.70 8.86
CA GLY A 306 37.93 -19.92 10.22
C GLY A 306 36.49 -20.40 10.31
N ILE A 307 35.83 -19.89 11.35
CA ILE A 307 34.46 -20.16 11.79
C ILE A 307 34.21 -21.65 11.93
N SER A 308 33.00 -22.09 11.60
CA SER A 308 32.61 -23.48 11.85
C SER A 308 31.46 -23.85 10.95
N ILE A 309 31.25 -25.16 10.79
CA ILE A 309 30.08 -25.60 10.05
C ILE A 309 28.81 -25.13 10.73
N ASN A 310 28.79 -25.10 12.05
CA ASN A 310 27.55 -24.75 12.74
C ASN A 310 27.30 -23.26 12.70
N ASN A 311 28.33 -22.45 12.95
CA ASN A 311 28.17 -21.00 12.85
C ASN A 311 28.11 -20.56 11.39
N MET A 312 28.33 -21.50 10.48
CA MET A 312 28.28 -21.21 9.06
C MET A 312 26.87 -20.99 8.55
N MET A 313 26.05 -22.04 8.60
CA MET A 313 24.83 -22.04 7.80
C MET A 313 23.96 -20.85 8.10
N GLU A 314 23.64 -20.61 9.38
CA GLU A 314 22.68 -19.56 9.70
C GLU A 314 23.03 -18.23 9.04
N HIS A 315 24.32 -17.92 8.87
CA HIS A 315 24.68 -16.82 8.01
C HIS A 315 24.14 -17.00 6.60
N TRP A 316 24.29 -18.21 6.06
CA TRP A 316 24.00 -18.52 4.66
C TRP A 316 22.51 -18.70 4.38
N ASP A 317 21.82 -19.56 5.15
CA ASP A 317 20.37 -19.61 5.10
C ASP A 317 19.78 -18.24 5.37
N TYR A 318 20.27 -17.57 6.43
CA TYR A 318 19.92 -16.17 6.65
C TYR A 318 20.12 -15.34 5.39
N LEU A 319 21.15 -15.64 4.60
CA LEU A 319 21.34 -14.91 3.36
C LEU A 319 20.21 -15.17 2.39
N GLN A 320 19.87 -16.44 2.13
CA GLN A 320 18.80 -16.64 1.16
C GLN A 320 17.50 -16.04 1.66
N LEU A 321 17.26 -16.03 2.97
CA LEU A 321 16.14 -15.25 3.47
C LEU A 321 16.33 -13.78 3.17
N THR A 322 17.58 -13.32 3.05
CA THR A 322 17.80 -11.90 2.84
C THR A 322 17.62 -11.50 1.38
N VAL A 323 17.99 -12.37 0.44
CA VAL A 323 17.76 -12.05 -0.96
C VAL A 323 16.31 -12.31 -1.34
N ALA A 324 15.74 -13.43 -0.89
CA ALA A 324 14.31 -13.61 -1.03
C ALA A 324 13.57 -12.42 -0.47
N MET A 325 13.94 -12.01 0.75
CA MET A 325 13.43 -10.77 1.30
C MET A 325 13.72 -9.58 0.41
N TYR A 326 14.81 -9.64 -0.34
CA TYR A 326 15.19 -8.50 -1.17
C TYR A 326 14.24 -8.29 -2.33
N ILE A 327 13.84 -9.35 -3.01
CA ILE A 327 13.00 -9.17 -4.19
C ILE A 327 11.51 -9.28 -3.89
N ASN A 328 11.11 -9.47 -2.64
CA ASN A 328 9.70 -9.67 -2.35
C ASN A 328 9.45 -9.45 -0.86
N SER A 329 8.18 -9.52 -0.47
CA SER A 329 7.80 -9.44 0.93
C SER A 329 7.69 -10.84 1.50
N ASP A 330 6.64 -11.57 1.11
CA ASP A 330 6.37 -12.95 1.53
C ASP A 330 6.65 -13.11 3.02
N SER A 331 7.55 -14.01 3.40
CA SER A 331 8.02 -14.06 4.78
C SER A 331 8.58 -12.70 5.17
N VAL A 332 8.04 -12.12 6.23
CA VAL A 332 8.32 -10.73 6.58
C VAL A 332 9.34 -10.64 7.71
N ASN A 333 8.93 -10.84 8.95
CA ASN A 333 9.88 -10.92 10.05
C ASN A 333 9.37 -11.89 11.11
N PRO A 334 9.46 -13.12 10.89
CA PRO A 334 8.97 -14.11 11.88
C PRO A 334 9.84 -14.13 13.13
N ALA A 335 9.96 -12.97 13.78
CA ALA A 335 10.81 -12.79 14.97
C ALA A 335 12.25 -13.15 14.66
N MET A 336 12.61 -13.07 13.38
CA MET A 336 13.96 -13.38 12.93
C MET A 336 14.95 -12.26 13.18
N LEU A 337 14.45 -11.02 13.33
CA LEU A 337 15.19 -9.81 13.61
C LEU A 337 16.03 -9.41 12.40
N PRO A 338 16.35 -8.13 12.24
CA PRO A 338 17.17 -7.71 11.10
C PRO A 338 18.66 -7.77 11.41
N GLY A 339 19.48 -7.43 10.42
CA GLY A 339 20.92 -7.51 10.53
C GLY A 339 21.55 -6.21 10.97
N SER A 340 22.74 -5.92 10.44
CA SER A 340 23.40 -4.65 10.72
C SER A 340 22.46 -3.48 10.47
N SER A 341 22.51 -2.50 11.38
CA SER A 341 21.54 -1.42 11.44
C SER A 341 20.12 -1.99 11.60
N ASN A 342 19.89 -2.54 12.79
CA ASN A 342 18.70 -3.36 13.02
C ASN A 342 17.48 -2.56 13.47
N GLY A 343 17.57 -1.84 14.59
CA GLY A 343 16.36 -1.56 15.32
C GLY A 343 15.89 -2.82 16.01
N GLY A 344 14.71 -3.33 15.66
CA GLY A 344 14.17 -4.50 16.33
C GLY A 344 12.97 -4.23 17.21
N GLY A 345 12.43 -3.02 17.11
CA GLY A 345 11.07 -2.78 17.56
C GLY A 345 10.10 -3.19 16.45
N LYS A 346 10.61 -3.98 15.50
CA LYS A 346 9.88 -4.46 14.32
C LYS A 346 9.37 -3.28 13.48
N VAL A 347 10.32 -2.63 12.82
CA VAL A 347 9.98 -1.69 11.75
C VAL A 347 9.25 -2.45 10.66
N LYS A 348 8.02 -2.02 10.35
CA LYS A 348 7.15 -2.80 9.50
C LYS A 348 7.67 -2.92 8.07
N PRO A 349 7.87 -1.81 7.33
CA PRO A 349 7.95 -1.91 5.88
C PRO A 349 9.37 -2.08 5.35
N ILE A 350 10.05 -3.13 5.80
CA ILE A 350 11.33 -3.52 5.22
C ILE A 350 11.20 -3.74 3.72
N ARG A 351 9.98 -4.05 3.29
CA ARG A 351 9.68 -4.36 1.91
C ARG A 351 9.93 -3.17 1.00
N GLY A 352 10.78 -3.38 -0.01
CA GLY A 352 10.90 -2.40 -1.08
C GLY A 352 10.46 -2.73 -2.49
N PHE A 353 10.32 -4.01 -2.86
CA PHE A 353 10.53 -4.32 -4.28
C PHE A 353 9.31 -4.97 -4.94
N CYS A 354 9.06 -6.26 -4.71
CA CYS A 354 7.93 -6.87 -5.41
C CYS A 354 6.67 -6.05 -5.21
N GLN A 355 6.59 -5.37 -4.09
CA GLN A 355 5.63 -4.32 -3.80
C GLN A 355 5.67 -3.19 -4.82
N ARG A 356 6.81 -2.50 -4.96
CA ARG A 356 6.89 -1.34 -5.83
C ARG A 356 6.44 -1.65 -7.25
N LEU A 357 6.42 -2.92 -7.62
CA LEU A 357 5.92 -3.36 -8.91
C LEU A 357 4.49 -3.86 -8.87
N LYS A 358 3.84 -3.93 -7.69
CA LYS A 358 2.64 -4.76 -7.59
C LYS A 358 1.30 -4.03 -7.63
N GLY A 359 0.86 -3.47 -6.52
CA GLY A 359 -0.49 -2.94 -6.49
C GLY A 359 -0.67 -1.43 -6.45
N LYS A 360 -1.88 -0.97 -6.77
CA LYS A 360 -2.33 0.41 -6.58
C LYS A 360 -1.26 1.36 -7.13
N GLN A 361 -0.68 2.22 -6.32
CA GLN A 361 0.36 3.14 -6.77
C GLN A 361 1.57 2.37 -7.28
N GLY A 362 1.66 1.09 -6.95
CA GLY A 362 2.67 0.23 -7.53
C GLY A 362 2.65 0.33 -9.04
N ARG A 363 3.83 0.48 -9.63
CA ARG A 363 3.98 1.00 -10.98
C ARG A 363 3.09 0.32 -12.00
N PHE A 364 3.27 -0.99 -12.16
CA PHE A 364 2.86 -1.64 -13.40
C PHE A 364 1.35 -1.52 -13.64
N ARG A 365 0.61 -1.03 -12.64
CA ARG A 365 -0.73 -0.60 -13.01
C ARG A 365 -0.83 0.91 -13.10
N GLY A 366 -0.84 1.60 -11.96
CA GLY A 366 -1.20 3.00 -11.92
C GLY A 366 -0.10 3.97 -12.29
N ASN A 367 1.16 3.55 -12.22
CA ASN A 367 2.26 4.43 -12.58
C ASN A 367 2.79 4.17 -13.99
N LEU A 368 2.20 3.22 -14.72
CA LEU A 368 2.62 2.90 -16.07
C LEU A 368 1.47 2.88 -17.06
N SER A 369 0.51 1.98 -16.88
CA SER A 369 -0.72 2.08 -17.64
C SER A 369 -1.55 3.25 -17.17
N GLY A 370 -1.33 3.67 -15.93
CA GLY A 370 -2.07 4.74 -15.30
C GLY A 370 -1.35 6.07 -15.21
N LYS A 371 -0.41 6.33 -16.12
CA LYS A 371 0.51 7.44 -16.01
C LYS A 371 -0.20 8.75 -15.70
N ARG A 372 0.41 9.54 -14.83
CA ARG A 372 -0.09 10.86 -14.50
C ARG A 372 0.54 11.87 -15.44
N VAL A 373 -0.29 12.43 -16.31
CA VAL A 373 0.15 12.98 -17.59
C VAL A 373 0.19 14.50 -17.53
N ASP A 374 1.22 15.07 -18.15
CA ASP A 374 1.48 16.50 -18.22
C ASP A 374 0.50 17.16 -19.18
N PHE A 375 0.62 18.48 -19.32
CA PHE A 375 -0.30 19.30 -20.11
C PHE A 375 -1.74 19.06 -19.72
N SER A 376 -2.13 19.52 -18.55
CA SER A 376 -3.49 19.33 -18.07
C SER A 376 -3.89 20.54 -17.26
N GLY A 377 -5.02 20.42 -16.60
CA GLY A 377 -5.52 21.48 -15.74
C GLY A 377 -6.72 21.00 -14.97
N ARG A 378 -6.97 21.65 -13.84
CA ARG A 378 -8.00 21.20 -12.91
C ARG A 378 -8.66 22.42 -12.31
N THR A 379 -9.99 22.39 -12.22
CA THR A 379 -10.71 23.48 -11.58
C THR A 379 -12.09 22.95 -11.22
N VAL A 380 -12.86 23.76 -10.51
CA VAL A 380 -14.27 23.48 -10.28
C VAL A 380 -15.03 23.98 -11.49
N ILE A 381 -16.35 23.77 -11.49
CA ILE A 381 -17.16 23.97 -12.67
C ILE A 381 -18.10 25.13 -12.39
N SER A 382 -18.87 25.51 -13.41
CA SER A 382 -19.96 26.46 -13.26
C SER A 382 -20.68 26.56 -14.59
N PRO A 383 -21.99 26.67 -14.57
CA PRO A 383 -22.76 26.51 -15.80
C PRO A 383 -22.62 27.73 -16.72
N ASP A 384 -22.63 27.44 -18.01
CA ASP A 384 -22.67 28.50 -19.02
C ASP A 384 -23.60 28.11 -20.16
N PRO A 385 -24.90 28.39 -20.07
CA PRO A 385 -25.80 28.01 -21.15
C PRO A 385 -25.59 28.71 -22.48
N ASN A 386 -25.30 30.01 -22.47
CA ASN A 386 -25.06 30.68 -23.74
C ASN A 386 -23.80 30.21 -24.46
N LEU A 387 -22.96 29.47 -23.74
CA LEU A 387 -21.88 28.76 -24.40
C LEU A 387 -22.55 27.62 -25.12
N SER A 388 -22.13 27.39 -26.36
CA SER A 388 -22.66 26.29 -27.14
C SER A 388 -22.27 24.96 -26.51
N ILE A 389 -23.08 23.94 -26.80
CA ILE A 389 -22.60 22.57 -26.60
C ILE A 389 -21.45 22.33 -27.56
N ASP A 390 -20.60 21.37 -27.21
CA ASP A 390 -19.30 21.05 -27.83
C ASP A 390 -18.26 22.14 -27.59
N GLU A 391 -18.38 22.82 -26.45
CA GLU A 391 -17.29 23.65 -25.96
C GLU A 391 -17.06 23.40 -24.48
N VAL A 392 -16.02 24.06 -23.97
CA VAL A 392 -15.79 24.26 -22.55
C VAL A 392 -15.18 25.64 -22.42
N ALA A 393 -15.66 26.43 -21.48
CA ALA A 393 -15.04 27.72 -21.27
C ALA A 393 -13.79 27.47 -20.45
N VAL A 394 -12.65 27.76 -21.06
CA VAL A 394 -11.37 27.61 -20.36
C VAL A 394 -10.89 29.00 -19.97
N PRO A 395 -10.68 29.27 -18.69
CA PRO A 395 -10.41 30.64 -18.28
C PRO A 395 -9.06 31.11 -18.78
N ASP A 396 -9.00 32.40 -19.12
CA ASP A 396 -7.78 32.99 -19.65
C ASP A 396 -6.58 32.71 -18.77
N ARG A 397 -6.79 32.63 -17.46
CA ARG A 397 -5.66 32.59 -16.54
C ARG A 397 -4.90 31.28 -16.64
N VAL A 398 -5.61 30.18 -16.95
CA VAL A 398 -4.88 28.95 -17.25
C VAL A 398 -4.38 28.96 -18.68
N ALA A 399 -5.14 29.52 -19.62
CA ALA A 399 -4.64 29.65 -20.98
C ALA A 399 -3.27 30.29 -21.01
N LYS A 400 -3.03 31.29 -20.16
CA LYS A 400 -1.70 31.87 -20.06
C LYS A 400 -0.64 30.81 -19.79
N VAL A 401 -0.90 29.84 -18.91
CA VAL A 401 0.05 28.77 -18.66
C VAL A 401 -0.28 27.50 -19.42
N LEU A 402 -1.40 27.44 -20.13
CA LEU A 402 -1.78 26.21 -20.82
C LEU A 402 -1.44 26.40 -22.29
N THR A 403 -0.48 25.63 -22.76
CA THR A 403 0.18 25.91 -24.02
C THR A 403 -0.05 24.78 -25.02
N TYR A 404 0.12 25.10 -26.29
CA TYR A 404 -0.07 24.13 -27.36
C TYR A 404 1.08 24.19 -28.35
N PRO A 405 1.60 23.05 -28.79
CA PRO A 405 2.74 23.07 -29.71
C PRO A 405 2.28 23.41 -31.11
N GLU A 406 3.10 24.19 -31.82
CA GLU A 406 2.74 24.69 -33.14
C GLU A 406 3.97 24.62 -34.03
N LYS A 407 3.84 24.02 -35.20
CA LYS A 407 4.88 24.15 -36.21
C LYS A 407 4.44 25.18 -37.22
N VAL A 408 5.09 26.34 -37.20
CA VAL A 408 4.71 27.42 -38.10
C VAL A 408 4.85 26.95 -39.55
N THR A 409 3.91 27.35 -40.38
CA THR A 409 4.04 27.17 -41.81
C THR A 409 3.31 28.28 -42.54
N ARG A 410 3.98 28.82 -43.57
CA ARG A 410 3.27 29.40 -44.71
C ARG A 410 2.18 30.32 -44.19
N TYR A 411 0.94 29.85 -44.28
CA TYR A 411 -0.23 30.56 -43.80
C TYR A 411 -0.05 31.08 -42.38
N ASN A 412 0.77 30.41 -41.56
CA ASN A 412 0.82 30.71 -40.14
C ASN A 412 1.44 32.07 -39.81
N ARG A 413 2.48 32.49 -40.54
CA ARG A 413 3.29 33.62 -40.07
C ARG A 413 2.43 34.81 -39.71
N HIS A 414 1.62 35.30 -40.64
CA HIS A 414 0.89 36.55 -40.44
C HIS A 414 -0.02 36.53 -39.23
N LYS A 415 -0.35 35.35 -38.71
CA LYS A 415 -0.80 35.24 -37.33
C LYS A 415 0.36 35.12 -36.37
N LEU A 416 1.14 34.06 -36.49
CA LEU A 416 2.18 33.67 -35.54
C LEU A 416 3.28 34.71 -35.41
N GLN A 417 3.68 35.36 -36.51
CA GLN A 417 4.68 36.41 -36.40
C GLN A 417 4.22 37.48 -35.41
N GLU A 418 2.93 37.80 -35.42
CA GLU A 418 2.35 38.68 -34.43
C GLU A 418 2.21 38.02 -33.08
N LEU A 419 1.68 36.79 -33.03
CA LEU A 419 1.31 36.20 -31.75
C LEU A 419 2.45 36.24 -30.75
N ILE A 420 3.68 36.36 -31.23
CA ILE A 420 4.81 36.55 -30.34
C ILE A 420 4.82 37.96 -29.77
N VAL A 421 4.50 38.97 -30.58
CA VAL A 421 4.71 40.35 -30.15
C VAL A 421 3.93 40.66 -28.88
N ASN A 422 2.88 39.88 -28.59
CA ASN A 422 2.18 40.04 -27.32
C ASN A 422 2.98 39.41 -26.19
N GLY A 423 3.54 38.23 -26.42
CA GLY A 423 4.32 37.57 -25.40
C GLY A 423 3.47 36.82 -24.42
N PRO A 424 4.09 36.22 -23.41
CA PRO A 424 3.38 35.38 -22.44
C PRO A 424 2.39 36.13 -21.57
N ASN A 425 2.59 37.41 -21.35
CA ASN A 425 1.71 38.18 -20.47
C ASN A 425 0.24 38.15 -20.90
N VAL A 426 -0.12 38.82 -21.99
CA VAL A 426 -1.52 38.92 -22.39
C VAL A 426 -1.94 37.64 -23.12
N HIS A 427 -3.23 37.34 -23.10
CA HIS A 427 -3.75 36.06 -23.56
C HIS A 427 -3.48 35.75 -25.04
N PRO A 428 -3.95 36.55 -25.99
CA PRO A 428 -3.79 36.17 -27.39
C PRO A 428 -2.33 36.20 -27.79
N GLY A 429 -1.53 35.28 -27.25
CA GLY A 429 -0.10 35.33 -27.45
C GLY A 429 0.51 33.95 -27.28
N ALA A 430 1.84 33.92 -27.26
CA ALA A 430 2.55 32.69 -26.99
C ALA A 430 3.64 32.89 -25.94
N ASN A 431 4.40 31.86 -25.64
CA ASN A 431 5.59 32.03 -24.81
C ASN A 431 6.82 31.34 -25.38
N TYR A 432 6.84 30.01 -25.41
CA TYR A 432 8.01 29.30 -25.89
C TYR A 432 8.11 29.37 -27.42
N LEU A 433 9.34 29.52 -27.91
CA LEU A 433 9.64 29.44 -29.33
C LEU A 433 10.68 28.35 -29.56
N LEU A 434 10.57 27.66 -30.69
CA LEU A 434 11.53 26.64 -31.08
C LEU A 434 11.85 26.82 -32.56
N LYS A 435 13.11 27.07 -32.89
CA LYS A 435 13.48 27.37 -34.25
C LYS A 435 13.53 26.10 -35.11
N ARG A 436 13.80 26.29 -36.41
CA ARG A 436 14.01 25.17 -37.31
C ARG A 436 15.34 24.47 -37.05
N ASN A 437 16.29 25.15 -36.43
CA ASN A 437 17.59 24.58 -36.14
C ASN A 437 17.62 23.80 -34.84
N GLU A 438 16.46 23.63 -34.21
CA GLU A 438 16.23 22.66 -33.14
C GLU A 438 17.33 22.71 -32.09
N ASP A 439 17.62 23.91 -31.60
CA ASP A 439 18.76 24.01 -30.71
C ASP A 439 18.40 23.39 -29.36
N ALA A 440 17.59 24.08 -28.58
CA ALA A 440 16.92 23.46 -27.44
C ALA A 440 15.46 23.88 -27.46
N ARG A 441 15.23 25.16 -27.18
CA ARG A 441 13.96 25.86 -27.25
C ARG A 441 14.20 27.28 -26.75
N ARG A 442 13.27 28.17 -27.04
CA ARG A 442 13.37 29.56 -26.59
C ARG A 442 12.20 30.01 -25.75
N ASN A 443 12.45 30.22 -24.46
CA ASN A 443 11.44 30.77 -23.57
C ASN A 443 11.31 32.28 -23.42
N LEU A 444 10.10 32.80 -23.54
CA LEU A 444 9.88 34.25 -23.49
C LEU A 444 10.31 34.70 -22.11
N ARG A 445 11.59 35.03 -21.96
CA ARG A 445 12.11 35.50 -20.69
C ARG A 445 13.08 36.63 -20.89
N TYR A 446 14.13 36.37 -21.67
CA TYR A 446 15.16 37.29 -22.10
C TYR A 446 14.61 38.65 -22.50
N GLY A 447 13.90 38.71 -23.62
CA GLY A 447 13.63 40.01 -24.23
C GLY A 447 13.44 39.88 -25.71
N ASP A 448 13.76 40.93 -26.45
CA ASP A 448 13.63 40.92 -27.90
C ASP A 448 12.19 40.65 -28.34
N ARG A 449 11.98 39.48 -28.94
CA ARG A 449 10.90 39.27 -29.90
C ARG A 449 11.16 40.23 -31.04
N MET A 450 10.11 40.82 -31.60
CA MET A 450 10.32 41.88 -32.59
C MET A 450 11.28 41.40 -33.66
N LYS A 451 12.47 42.00 -33.69
CA LYS A 451 13.51 41.55 -34.62
C LYS A 451 13.74 40.04 -34.53
N LEU A 452 13.51 39.44 -33.36
CA LEU A 452 13.44 37.98 -33.29
C LEU A 452 12.39 37.45 -34.25
N ALA A 453 11.13 37.81 -34.04
CA ALA A 453 10.05 37.40 -34.95
C ALA A 453 10.36 37.72 -36.40
N LYS A 454 11.16 38.75 -36.66
CA LYS A 454 11.56 39.05 -38.03
C LYS A 454 12.36 37.91 -38.64
N ASN A 455 12.84 36.98 -37.82
CA ASN A 455 13.61 35.87 -38.37
C ASN A 455 12.66 34.76 -38.81
N LEU A 456 12.14 34.01 -37.83
CA LEU A 456 11.04 33.08 -38.00
C LEU A 456 11.15 32.24 -39.28
N GLN A 457 12.03 31.25 -39.28
CA GLN A 457 12.08 30.32 -40.40
C GLN A 457 10.76 29.56 -40.50
N ILE A 458 10.48 29.07 -41.71
CA ILE A 458 9.21 28.39 -41.94
C ILE A 458 9.11 27.13 -41.09
N GLY A 459 10.20 26.39 -40.95
CA GLY A 459 10.14 25.13 -40.22
C GLY A 459 10.16 25.28 -38.72
N ASP A 460 9.98 26.50 -38.22
CA ASP A 460 10.10 26.78 -36.80
C ASP A 460 8.92 26.24 -36.02
N VAL A 461 8.96 26.45 -34.71
CA VAL A 461 7.95 25.96 -33.77
C VAL A 461 7.71 27.02 -32.72
N VAL A 462 6.44 27.34 -32.47
CA VAL A 462 6.03 28.23 -31.41
C VAL A 462 4.96 27.53 -30.60
N GLU A 463 4.96 27.74 -29.29
CA GLU A 463 3.93 27.15 -28.44
C GLU A 463 2.93 28.26 -28.12
N ARG A 464 1.76 28.16 -28.77
CA ARG A 464 0.71 29.13 -28.58
C ARG A 464 0.14 29.00 -27.17
N HIS A 465 -0.53 30.06 -26.73
CA HIS A 465 -1.51 29.89 -25.67
C HIS A 465 -2.82 29.25 -26.11
N LEU A 466 -3.82 29.27 -25.26
CA LEU A 466 -5.09 28.66 -25.63
C LEU A 466 -6.16 29.51 -26.34
N GLU A 467 -6.17 29.46 -27.66
CA GLU A 467 -6.91 30.44 -28.44
C GLU A 467 -8.39 30.09 -28.63
N ASP A 468 -9.11 30.99 -29.28
CA ASP A 468 -10.55 30.78 -29.45
C ASP A 468 -10.94 29.62 -30.33
N GLY A 469 -11.78 28.74 -29.81
CA GLY A 469 -12.18 27.54 -30.53
C GLY A 469 -11.06 26.58 -30.87
N ASP A 470 -10.27 26.18 -29.89
CA ASP A 470 -9.20 25.22 -30.13
C ASP A 470 -9.67 23.81 -29.86
N VAL A 471 -8.72 22.88 -29.81
CA VAL A 471 -9.00 21.48 -29.52
C VAL A 471 -8.64 21.15 -28.09
N VAL A 472 -9.56 20.53 -27.37
CA VAL A 472 -9.39 20.24 -25.95
C VAL A 472 -10.10 18.94 -25.64
N LEU A 473 -9.62 18.19 -24.64
CA LEU A 473 -10.45 17.11 -24.16
C LEU A 473 -10.58 17.18 -22.65
N PHE A 474 -11.70 16.65 -22.16
CA PHE A 474 -12.30 17.08 -20.90
C PHE A 474 -12.84 15.88 -20.14
N ASN A 475 -12.72 15.93 -18.81
CA ASN A 475 -12.89 14.72 -18.02
C ASN A 475 -13.51 15.01 -16.66
N ARG A 476 -14.11 13.99 -16.06
CA ARG A 476 -14.46 13.99 -14.65
C ARG A 476 -13.76 12.84 -13.95
N GLN A 477 -13.57 12.99 -12.64
CA GLN A 477 -12.66 12.11 -11.89
C GLN A 477 -12.97 10.64 -12.06
N PRO A 478 -14.14 10.12 -11.63
CA PRO A 478 -14.34 8.68 -11.63
C PRO A 478 -14.90 8.07 -12.89
N SER A 479 -14.05 7.60 -13.80
CA SER A 479 -14.56 7.17 -15.11
C SER A 479 -15.71 6.19 -15.05
N LEU A 480 -16.90 6.65 -15.45
CA LEU A 480 -18.08 5.82 -15.31
C LEU A 480 -18.11 4.91 -16.52
N HIS A 481 -18.48 5.45 -17.67
CA HIS A 481 -18.56 4.63 -18.89
C HIS A 481 -17.93 5.22 -20.15
N ARG A 482 -18.58 4.98 -21.28
CA ARG A 482 -18.09 5.46 -22.58
C ARG A 482 -18.50 6.90 -22.91
N LEU A 483 -18.07 7.82 -22.06
CA LEU A 483 -18.34 9.24 -22.22
C LEU A 483 -17.42 9.95 -21.25
N SER A 484 -16.48 9.17 -20.72
CA SER A 484 -15.49 9.65 -19.76
C SER A 484 -14.80 10.91 -20.27
N ILE A 485 -14.39 10.89 -21.53
CA ILE A 485 -13.71 12.03 -22.13
C ILE A 485 -14.46 12.51 -23.38
N LEU A 486 -14.65 13.82 -23.47
CA LEU A 486 -15.35 14.41 -24.60
C LEU A 486 -14.59 15.66 -24.99
N SER A 487 -14.15 15.73 -26.23
CA SER A 487 -13.38 16.89 -26.64
C SER A 487 -14.30 18.09 -26.78
N HIS A 488 -13.70 19.24 -27.04
CA HIS A 488 -14.42 20.48 -27.23
C HIS A 488 -13.57 21.42 -28.06
N TYR A 489 -14.23 22.23 -28.86
CA TYR A 489 -13.65 23.49 -29.27
C TYR A 489 -13.61 24.39 -28.05
N ALA A 490 -12.44 24.90 -27.71
CA ALA A 490 -12.31 25.68 -26.50
C ALA A 490 -12.47 27.16 -26.83
N LYS A 491 -13.34 27.84 -26.08
CA LYS A 491 -13.47 29.29 -26.12
C LYS A 491 -13.02 29.85 -24.79
N ILE A 492 -12.25 30.94 -24.85
CA ILE A 492 -11.68 31.59 -23.68
C ILE A 492 -12.67 32.64 -23.19
N ARG A 493 -12.85 32.72 -21.89
CA ARG A 493 -13.68 33.72 -21.25
C ARG A 493 -13.03 34.16 -19.95
N PRO A 494 -13.45 35.29 -19.40
CA PRO A 494 -12.85 35.77 -18.15
C PRO A 494 -13.21 34.95 -16.93
N TRP A 495 -12.91 35.53 -15.78
CA TRP A 495 -12.91 34.91 -14.45
C TRP A 495 -11.97 33.73 -14.38
N ARG A 496 -12.28 32.76 -13.50
CA ARG A 496 -11.48 31.54 -13.42
C ARG A 496 -12.42 30.40 -13.04
N THR A 497 -12.60 29.47 -13.97
CA THR A 497 -13.20 28.16 -13.73
C THR A 497 -13.39 27.49 -15.07
N PHE A 498 -13.81 26.23 -15.03
CA PHE A 498 -14.21 25.52 -16.23
C PHE A 498 -15.72 25.69 -16.36
N ARG A 499 -16.19 25.96 -17.57
CA ARG A 499 -17.61 26.17 -17.81
C ARG A 499 -18.01 25.45 -19.08
N LEU A 500 -18.95 24.53 -18.96
CA LEU A 500 -19.49 23.77 -20.08
C LEU A 500 -20.97 24.07 -20.24
N ASN A 501 -21.58 23.46 -21.24
CA ASN A 501 -23.00 23.63 -21.45
C ASN A 501 -23.76 22.52 -20.74
N GLU A 502 -24.62 22.94 -19.82
CA GLU A 502 -25.29 22.10 -18.85
C GLU A 502 -25.93 20.87 -19.44
N CYS A 503 -26.41 20.96 -20.68
CA CYS A 503 -27.02 19.81 -21.32
C CYS A 503 -26.09 18.61 -21.41
N VAL A 504 -24.77 18.81 -21.29
CA VAL A 504 -23.86 17.69 -21.36
C VAL A 504 -23.50 17.22 -19.97
N CYS A 505 -24.13 17.78 -18.94
CA CYS A 505 -23.85 17.31 -17.60
C CYS A 505 -24.17 15.84 -17.41
N THR A 506 -25.29 15.37 -17.93
CA THR A 506 -25.77 14.03 -17.62
C THR A 506 -24.75 12.94 -17.96
N PRO A 507 -23.94 13.06 -19.02
CA PRO A 507 -22.83 12.10 -19.13
C PRO A 507 -21.89 12.17 -17.95
N TYR A 508 -21.51 13.36 -17.52
CA TYR A 508 -20.62 13.50 -16.38
C TYR A 508 -21.35 13.39 -15.06
N ASN A 509 -22.68 13.42 -15.09
CA ASN A 509 -23.57 13.46 -13.92
C ASN A 509 -23.08 14.48 -12.91
N ALA A 510 -22.47 15.55 -13.40
CA ALA A 510 -21.85 16.56 -12.56
C ALA A 510 -22.91 17.38 -11.86
N ASP A 511 -22.84 17.43 -10.54
CA ASP A 511 -23.79 18.18 -9.72
C ASP A 511 -23.29 19.60 -9.53
N PHE A 512 -22.25 19.95 -10.26
CA PHE A 512 -21.47 21.16 -10.01
C PHE A 512 -20.95 21.09 -8.59
N ASP A 513 -21.30 22.05 -7.75
CA ASP A 513 -20.92 21.92 -6.33
C ASP A 513 -19.41 21.77 -6.28
N GLY A 514 -18.90 20.79 -5.54
CA GLY A 514 -17.47 20.64 -5.43
C GLY A 514 -16.79 20.05 -6.67
N ASP A 515 -17.56 19.58 -7.64
CA ASP A 515 -16.99 18.76 -8.71
C ASP A 515 -15.80 19.45 -9.37
N GLU A 516 -14.70 18.73 -9.46
CA GLU A 516 -13.47 19.24 -10.04
C GLU A 516 -13.20 18.43 -11.31
N MET A 517 -13.25 19.07 -12.46
CA MET A 517 -13.02 18.34 -13.69
C MET A 517 -11.52 18.19 -13.93
N ASN A 518 -11.19 17.45 -14.97
CA ASN A 518 -9.82 17.26 -15.41
C ASN A 518 -9.74 17.76 -16.84
N LEU A 519 -9.01 18.86 -17.03
CA LEU A 519 -8.94 19.53 -18.31
C LEU A 519 -7.64 19.11 -18.99
N HIS A 520 -7.72 18.70 -20.25
CA HIS A 520 -6.55 18.35 -21.03
C HIS A 520 -6.52 19.13 -22.34
N VAL A 521 -5.31 19.42 -22.79
CA VAL A 521 -5.10 19.81 -24.18
C VAL A 521 -4.17 18.78 -24.79
N PRO A 522 -4.39 18.37 -26.03
CA PRO A 522 -3.41 17.48 -26.68
C PRO A 522 -2.22 18.27 -27.15
N GLN A 523 -1.26 17.53 -27.71
CA GLN A 523 -0.06 18.15 -28.24
C GLN A 523 0.10 17.86 -29.72
N THR A 524 0.30 16.61 -30.10
CA THR A 524 0.51 16.31 -31.51
C THR A 524 -0.77 16.50 -32.31
N GLU A 525 -0.59 16.83 -33.58
CA GLU A 525 -1.72 17.15 -34.44
C GLU A 525 -2.71 16.00 -34.56
N GLU A 526 -2.31 14.88 -35.15
CA GLU A 526 -3.23 13.79 -35.44
C GLU A 526 -4.12 13.43 -34.25
N ALA A 527 -3.60 13.54 -33.03
CA ALA A 527 -4.43 13.34 -31.85
C ALA A 527 -5.54 14.38 -31.76
N ARG A 528 -5.29 15.61 -32.18
CA ARG A 528 -6.35 16.61 -32.18
C ARG A 528 -7.52 16.17 -33.04
N ALA A 529 -7.32 16.13 -34.36
CA ALA A 529 -8.36 15.70 -35.28
C ALA A 529 -8.97 14.37 -34.86
N GLU A 530 -8.17 13.49 -34.28
CA GLU A 530 -8.70 12.32 -33.61
C GLU A 530 -9.78 12.67 -32.61
N ALA A 531 -9.42 13.28 -31.48
CA ALA A 531 -10.34 13.53 -30.39
C ALA A 531 -11.55 14.34 -30.82
N ILE A 532 -11.33 15.49 -31.47
CA ILE A 532 -12.46 16.33 -31.81
C ILE A 532 -13.35 15.67 -32.84
N ASN A 533 -12.77 15.12 -33.89
CA ASN A 533 -13.61 14.66 -34.99
C ASN A 533 -14.02 13.21 -34.85
N LEU A 534 -13.62 12.56 -33.76
CA LEU A 534 -14.12 11.23 -33.41
C LEU A 534 -14.73 11.24 -32.02
N MET A 535 -13.89 11.33 -31.00
CA MET A 535 -14.30 11.31 -29.60
C MET A 535 -15.13 12.53 -29.24
N GLY A 536 -15.27 13.48 -30.16
CA GLY A 536 -15.91 14.74 -29.87
C GLY A 536 -17.37 14.59 -29.47
N VAL A 537 -17.90 15.69 -28.94
CA VAL A 537 -19.27 15.72 -28.44
C VAL A 537 -20.27 15.32 -29.52
N LYS A 538 -20.42 16.18 -30.53
CA LYS A 538 -21.48 16.00 -31.51
C LYS A 538 -21.48 14.58 -32.08
N ASN A 539 -20.31 14.00 -32.33
CA ASN A 539 -20.28 12.64 -32.84
C ASN A 539 -20.83 11.66 -31.82
N ASN A 540 -20.49 11.84 -30.55
CA ASN A 540 -20.87 10.93 -29.47
C ASN A 540 -22.23 11.30 -28.87
N LEU A 541 -22.91 12.25 -29.51
CA LEU A 541 -24.17 12.78 -28.99
C LEU A 541 -25.13 11.69 -28.53
N LEU A 542 -25.07 10.51 -29.11
CA LEU A 542 -25.77 9.35 -28.57
C LEU A 542 -24.84 8.52 -27.71
N THR A 543 -25.37 8.03 -26.60
CA THR A 543 -24.56 7.09 -25.84
C THR A 543 -24.83 5.67 -26.34
N PRO A 544 -23.77 4.87 -26.55
CA PRO A 544 -23.93 3.60 -27.26
C PRO A 544 -24.82 2.59 -26.59
N LYS A 545 -24.63 2.31 -25.30
CA LYS A 545 -25.26 1.16 -24.68
C LYS A 545 -26.76 1.11 -24.90
N SER A 546 -27.44 2.23 -24.71
CA SER A 546 -28.87 2.29 -24.98
C SER A 546 -29.15 2.60 -26.43
N GLY A 547 -28.15 2.99 -27.21
CA GLY A 547 -28.43 3.54 -28.51
C GLY A 547 -29.27 4.79 -28.34
N GLU A 548 -28.91 5.64 -27.38
CA GLU A 548 -29.74 6.75 -26.99
C GLU A 548 -28.93 8.04 -26.92
N PRO A 549 -29.58 9.17 -27.21
CA PRO A 549 -28.91 10.47 -27.04
C PRO A 549 -28.77 10.91 -25.59
N ILE A 550 -27.69 10.47 -24.94
CA ILE A 550 -27.48 10.80 -23.52
C ILE A 550 -27.64 12.29 -23.27
N ILE A 551 -27.12 13.16 -24.13
CA ILE A 551 -27.08 14.58 -23.86
C ILE A 551 -28.39 15.20 -24.30
N ALA A 552 -28.99 15.98 -23.42
CA ALA A 552 -30.21 16.71 -23.68
C ALA A 552 -30.44 17.72 -22.56
N ALA A 553 -31.54 18.45 -22.63
CA ALA A 553 -31.85 19.41 -21.59
C ALA A 553 -32.33 18.72 -20.33
N THR A 554 -31.98 19.31 -19.18
CA THR A 554 -32.48 18.84 -17.90
C THR A 554 -33.20 19.98 -17.23
N GLN A 555 -33.82 19.68 -16.09
CA GLN A 555 -34.21 20.69 -15.09
C GLN A 555 -34.84 21.93 -15.71
N ASP A 556 -34.20 23.09 -15.47
CA ASP A 556 -34.69 24.35 -16.00
C ASP A 556 -35.11 24.22 -17.46
N PHE A 557 -34.17 23.93 -18.34
CA PHE A 557 -34.46 23.90 -19.77
C PHE A 557 -35.65 23.02 -20.09
N ILE A 558 -35.89 21.98 -19.30
CA ILE A 558 -37.09 21.17 -19.50
C ILE A 558 -38.27 21.99 -19.02
N THR A 559 -38.32 22.27 -17.72
CA THR A 559 -39.48 22.98 -17.20
C THR A 559 -39.68 24.31 -17.89
N GLY A 560 -38.60 25.01 -18.24
CA GLY A 560 -38.75 26.23 -19.01
C GLY A 560 -39.51 25.97 -20.28
N SER A 561 -39.05 24.99 -21.07
CA SER A 561 -39.80 24.58 -22.24
C SER A 561 -41.24 24.30 -21.89
N TYR A 562 -41.49 23.58 -20.80
CA TYR A 562 -42.85 23.21 -20.44
C TYR A 562 -43.73 24.44 -20.24
N LEU A 563 -43.14 25.55 -19.82
CA LEU A 563 -43.93 26.77 -19.76
C LEU A 563 -44.21 27.40 -21.11
N ILE A 564 -43.20 27.54 -21.95
CA ILE A 564 -43.43 28.10 -23.28
C ILE A 564 -44.26 27.15 -24.12
N SER A 565 -44.05 25.86 -23.94
CA SER A 565 -44.79 24.86 -24.68
C SER A 565 -46.23 24.85 -24.24
N HIS A 566 -46.53 25.33 -23.05
CA HIS A 566 -47.81 25.01 -22.43
C HIS A 566 -48.96 25.59 -23.23
N LYS A 567 -50.04 24.81 -23.32
CA LYS A 567 -51.20 25.20 -24.10
C LYS A 567 -51.77 26.52 -23.63
N ASP A 568 -51.83 26.75 -22.32
CA ASP A 568 -52.51 27.92 -21.81
C ASP A 568 -51.77 29.21 -22.16
N SER A 569 -50.55 29.11 -22.67
CA SER A 569 -49.76 30.27 -23.01
C SER A 569 -50.20 30.90 -24.33
N PHE A 570 -49.85 32.16 -24.51
CA PHE A 570 -49.89 32.85 -25.79
C PHE A 570 -48.75 33.86 -25.85
N TYR A 571 -48.60 34.49 -27.01
CA TYR A 571 -47.54 35.47 -27.21
C TYR A 571 -48.05 36.37 -28.31
N ASP A 572 -47.70 37.65 -28.21
CA ASP A 572 -47.94 38.60 -29.29
C ASP A 572 -46.78 38.97 -30.19
N ARG A 573 -47.02 39.89 -31.13
CA ARG A 573 -45.91 40.31 -31.99
C ARG A 573 -44.50 40.72 -31.39
N ALA A 574 -44.60 41.63 -30.43
CA ALA A 574 -43.50 41.82 -29.50
C ALA A 574 -42.91 40.64 -28.74
N THR A 575 -43.73 40.01 -27.89
CA THR A 575 -43.21 38.94 -27.04
C THR A 575 -42.55 37.85 -27.88
N LEU A 576 -43.25 37.31 -28.87
CA LEU A 576 -42.61 36.38 -29.78
C LEU A 576 -41.35 36.88 -30.44
N THR A 577 -41.38 38.13 -30.89
CA THR A 577 -40.19 38.69 -31.54
C THR A 577 -38.98 38.60 -30.63
N GLN A 578 -39.02 39.30 -29.49
CA GLN A 578 -37.88 39.29 -28.59
C GLN A 578 -37.48 37.88 -28.19
N LEU A 579 -38.46 36.98 -28.03
CA LEU A 579 -38.12 35.59 -27.79
C LEU A 579 -37.27 35.03 -28.91
N LEU A 580 -37.83 34.93 -30.12
CA LEU A 580 -37.10 34.37 -31.25
C LEU A 580 -35.71 34.98 -31.37
N SER A 581 -35.57 36.26 -31.04
CA SER A 581 -34.25 36.84 -30.81
C SER A 581 -33.48 36.06 -29.76
N MET A 582 -33.96 36.05 -28.51
CA MET A 582 -33.25 35.46 -27.39
C MET A 582 -33.02 33.96 -27.58
N MET A 583 -33.65 33.37 -28.58
CA MET A 583 -33.51 31.93 -28.81
C MET A 583 -32.22 31.62 -29.55
N SER A 584 -31.91 32.41 -30.56
CA SER A 584 -30.59 32.46 -31.17
C SER A 584 -30.21 33.93 -31.21
N ASP A 585 -29.16 34.29 -30.49
CA ASP A 585 -28.97 35.65 -29.99
C ASP A 585 -29.03 36.71 -31.09
N GLY A 586 -29.14 36.31 -32.34
CA GLY A 586 -29.04 37.20 -33.46
C GLY A 586 -28.74 36.32 -34.64
N ILE A 587 -28.01 36.85 -35.62
CA ILE A 587 -27.18 36.01 -36.48
C ILE A 587 -28.05 35.27 -37.50
N GLU A 588 -29.38 35.32 -37.34
CA GLU A 588 -30.22 34.56 -38.25
C GLU A 588 -31.34 35.40 -38.86
N HIS A 589 -31.55 35.20 -40.16
CA HIS A 589 -32.76 35.60 -40.88
C HIS A 589 -33.87 34.73 -40.30
N PHE A 590 -35.12 35.13 -40.48
CA PHE A 590 -36.23 34.30 -40.05
C PHE A 590 -37.43 34.48 -40.95
N ASP A 591 -38.52 33.83 -40.59
CA ASP A 591 -39.80 33.97 -41.26
C ASP A 591 -40.87 33.72 -40.22
N ILE A 592 -42.00 34.40 -40.35
CA ILE A 592 -43.03 34.27 -39.34
C ILE A 592 -44.20 33.52 -39.94
N PRO A 593 -44.54 32.35 -39.42
CA PRO A 593 -45.73 31.66 -39.88
C PRO A 593 -46.96 32.50 -39.59
N PRO A 594 -48.06 32.27 -40.31
CA PRO A 594 -49.24 33.09 -40.08
C PRO A 594 -49.66 33.04 -38.62
N PRO A 595 -50.27 34.10 -38.10
CA PRO A 595 -50.54 34.17 -36.67
C PRO A 595 -51.50 33.09 -36.24
N ALA A 596 -51.21 32.51 -35.07
CA ALA A 596 -52.05 31.44 -34.55
C ALA A 596 -53.51 31.85 -34.49
N ILE A 597 -53.78 33.12 -34.22
CA ILE A 597 -55.13 33.64 -34.24
C ILE A 597 -55.18 34.91 -35.08
N MET A 598 -56.34 35.54 -35.03
CA MET A 598 -56.80 36.52 -36.02
C MET A 598 -57.79 37.43 -35.30
N LYS A 599 -58.75 37.98 -36.04
CA LYS A 599 -59.53 39.21 -35.82
C LYS A 599 -59.73 39.62 -34.37
N PRO A 600 -59.98 38.71 -33.43
CA PRO A 600 -59.69 39.05 -32.02
C PRO A 600 -58.20 39.26 -31.80
N TYR A 601 -57.70 40.42 -32.22
CA TYR A 601 -56.28 40.76 -32.28
C TYR A 601 -55.49 39.84 -33.20
N TYR A 602 -54.30 39.46 -32.75
CA TYR A 602 -53.41 38.48 -33.39
C TYR A 602 -52.58 37.91 -32.25
N LEU A 603 -52.14 36.67 -32.38
CA LEU A 603 -51.22 36.07 -31.42
C LEU A 603 -50.44 34.94 -32.10
N TRP A 604 -49.57 34.31 -31.32
CA TRP A 604 -48.99 33.03 -31.66
C TRP A 604 -48.88 32.19 -30.40
N THR A 605 -49.04 30.88 -30.54
CA THR A 605 -48.93 30.07 -29.34
C THR A 605 -47.53 29.51 -29.19
N GLY A 606 -47.29 28.86 -28.06
CA GLY A 606 -45.98 28.28 -27.84
C GLY A 606 -45.62 27.21 -28.84
N LYS A 607 -46.56 26.33 -29.13
CA LYS A 607 -46.35 25.24 -30.08
C LYS A 607 -45.72 25.75 -31.37
N GLN A 608 -46.24 26.87 -31.91
CA GLN A 608 -45.57 27.56 -33.01
C GLN A 608 -44.19 28.05 -32.63
N VAL A 609 -44.10 28.98 -31.69
CA VAL A 609 -42.81 29.62 -31.41
C VAL A 609 -41.78 28.57 -31.07
N PHE A 610 -42.21 27.45 -30.52
CA PHE A 610 -41.25 26.36 -30.42
C PHE A 610 -41.02 25.70 -31.77
N SER A 611 -42.06 25.59 -32.60
CA SER A 611 -41.87 25.00 -33.92
C SER A 611 -40.75 25.70 -34.66
N LEU A 612 -40.74 27.02 -34.63
CA LEU A 612 -39.63 27.73 -35.25
C LEU A 612 -38.29 27.37 -34.64
N LEU A 613 -38.23 27.05 -33.34
CA LEU A 613 -36.98 26.59 -32.76
C LEU A 613 -36.38 25.45 -33.56
N ILE A 614 -37.20 24.53 -34.04
CA ILE A 614 -36.69 23.47 -34.90
C ILE A 614 -36.37 24.01 -36.29
N LYS A 615 -37.35 24.66 -36.93
CA LYS A 615 -37.23 25.11 -38.31
C LYS A 615 -37.38 26.63 -38.31
N PRO A 616 -36.33 27.35 -37.98
CA PRO A 616 -36.44 28.80 -37.82
C PRO A 616 -36.67 29.51 -39.13
N ASN A 617 -36.21 28.93 -40.22
CA ASN A 617 -36.15 29.65 -41.48
C ASN A 617 -36.71 28.83 -42.62
N HIS A 618 -36.72 29.45 -43.79
CA HIS A 618 -36.96 28.70 -45.02
C HIS A 618 -35.87 27.66 -45.24
N ASN A 619 -34.65 28.16 -45.38
CA ASN A 619 -33.46 27.37 -45.68
C ASN A 619 -33.03 26.38 -44.61
N SER A 620 -33.89 26.19 -43.61
CA SER A 620 -33.59 25.27 -42.52
C SER A 620 -33.91 23.83 -42.90
N PRO A 621 -32.87 23.01 -43.12
CA PRO A 621 -33.03 21.60 -43.49
C PRO A 621 -33.33 20.72 -42.28
N VAL A 622 -34.52 20.86 -41.71
CA VAL A 622 -34.91 20.08 -40.55
C VAL A 622 -36.40 19.74 -40.61
N VAL A 623 -36.85 19.26 -41.76
CA VAL A 623 -38.25 18.89 -41.94
C VAL A 623 -38.49 17.68 -41.07
N ILE A 624 -39.39 17.79 -40.11
CA ILE A 624 -39.58 16.74 -39.14
C ILE A 624 -41.06 16.44 -39.01
N ASN A 625 -41.38 15.14 -38.97
CA ASN A 625 -42.58 14.65 -38.35
C ASN A 625 -42.16 13.89 -37.10
N LEU A 626 -43.01 13.91 -36.09
CA LEU A 626 -42.72 13.23 -34.84
C LEU A 626 -44.03 12.91 -34.16
N ASP A 627 -44.05 11.83 -33.38
CA ASP A 627 -45.15 11.58 -32.45
C ASP A 627 -44.70 10.63 -31.37
N ALA A 628 -45.37 10.71 -30.21
CA ALA A 628 -45.13 9.82 -29.08
C ALA A 628 -45.94 10.24 -27.86
N LYS A 629 -45.98 9.36 -26.87
CA LYS A 629 -46.40 9.70 -25.53
C LYS A 629 -45.24 10.34 -24.79
N ASN A 630 -45.50 11.49 -24.19
CA ASN A 630 -44.69 11.93 -23.07
C ASN A 630 -45.24 11.26 -21.81
N LYS A 631 -44.60 11.52 -20.69
CA LYS A 631 -45.19 11.02 -19.46
C LYS A 631 -46.35 11.93 -19.06
N VAL A 632 -46.91 11.68 -17.87
CA VAL A 632 -48.11 12.34 -17.36
C VAL A 632 -49.16 12.44 -18.45
N PHE A 633 -49.43 11.32 -19.12
CA PHE A 633 -50.46 11.26 -20.15
C PHE A 633 -51.74 10.65 -19.60
N VAL A 634 -52.83 11.40 -19.68
CA VAL A 634 -54.15 10.90 -19.32
C VAL A 634 -54.82 10.40 -20.59
N PRO A 635 -55.13 9.11 -20.70
CA PRO A 635 -55.80 8.60 -21.88
C PRO A 635 -57.17 9.23 -22.04
N PRO A 636 -57.56 9.54 -23.27
CA PRO A 636 -58.87 10.15 -23.52
C PRO A 636 -59.99 9.18 -23.23
N LYS A 637 -61.22 9.56 -23.54
CA LYS A 637 -62.26 8.55 -23.67
C LYS A 637 -61.88 7.59 -24.78
N SER A 638 -62.04 6.29 -24.52
CA SER A 638 -61.68 5.28 -25.51
C SER A 638 -62.38 5.48 -26.84
N LYS A 639 -63.47 6.25 -26.85
CA LYS A 639 -64.08 6.70 -28.10
C LYS A 639 -63.06 7.31 -29.03
N SER A 640 -62.49 8.45 -28.66
CA SER A 640 -61.54 9.11 -29.54
C SER A 640 -60.36 8.18 -29.81
N LEU A 641 -60.18 7.84 -31.09
CA LEU A 641 -59.13 6.88 -31.43
C LEU A 641 -57.74 7.49 -31.31
N PRO A 642 -57.43 8.63 -31.93
CA PRO A 642 -56.13 9.26 -31.66
C PRO A 642 -56.06 9.72 -30.21
N ASN A 643 -54.98 9.31 -29.56
CA ASN A 643 -54.70 9.78 -28.22
C ASN A 643 -54.16 11.20 -28.25
N GLU A 644 -53.89 11.71 -29.45
CA GLU A 644 -53.47 13.07 -29.68
C GLU A 644 -54.35 14.09 -28.97
N MET A 645 -55.67 13.90 -29.01
CA MET A 645 -56.63 14.72 -28.26
C MET A 645 -56.88 14.01 -26.96
N SER A 646 -56.41 14.58 -25.86
CA SER A 646 -56.58 13.94 -24.58
C SER A 646 -56.91 14.98 -23.51
N GLN A 647 -57.18 14.50 -22.30
CA GLN A 647 -57.40 15.38 -21.16
C GLN A 647 -56.22 16.31 -20.94
N ASN A 648 -55.05 15.76 -20.64
CA ASN A 648 -53.87 16.60 -20.50
C ASN A 648 -53.06 16.46 -21.78
N ASP A 649 -53.09 17.49 -22.60
CA ASP A 649 -52.19 17.59 -23.75
C ASP A 649 -52.32 16.28 -24.55
N GLY A 650 -51.26 15.50 -24.67
CA GLY A 650 -51.38 14.22 -25.35
C GLY A 650 -50.09 13.76 -25.97
N PHE A 651 -50.18 12.97 -27.02
CA PHE A 651 -49.03 12.74 -27.88
C PHE A 651 -48.41 14.07 -28.25
N VAL A 652 -47.11 14.20 -28.07
CA VAL A 652 -46.42 15.21 -28.84
C VAL A 652 -46.57 14.72 -30.26
N ILE A 653 -47.02 15.58 -31.17
CA ILE A 653 -47.03 15.23 -32.58
C ILE A 653 -46.75 16.48 -33.39
N ILE A 654 -45.94 16.32 -34.43
CA ILE A 654 -45.38 17.41 -35.21
C ILE A 654 -45.29 16.94 -36.64
N ARG A 655 -45.58 17.82 -37.59
CA ARG A 655 -45.50 17.44 -39.00
C ARG A 655 -44.86 18.58 -39.77
N GLY A 656 -43.94 18.24 -40.66
CA GLY A 656 -43.21 19.23 -41.41
C GLY A 656 -42.53 20.23 -40.50
N SER A 657 -42.14 19.77 -39.31
CA SER A 657 -41.50 20.62 -38.31
C SER A 657 -42.40 21.78 -37.90
N GLN A 658 -43.70 21.52 -37.74
CA GLN A 658 -44.59 22.42 -37.02
C GLN A 658 -45.35 21.60 -36.00
N ILE A 659 -45.23 21.99 -34.73
CA ILE A 659 -45.88 21.25 -33.66
C ILE A 659 -47.37 21.22 -33.91
N LEU A 660 -47.95 20.03 -33.84
CA LEU A 660 -49.40 19.85 -33.90
C LEU A 660 -50.03 19.93 -32.51
N SER A 661 -49.66 19.04 -31.60
CA SER A 661 -50.29 19.01 -30.30
C SER A 661 -49.34 18.49 -29.24
N GLY A 662 -49.55 18.96 -28.01
CA GLY A 662 -48.91 18.43 -26.83
C GLY A 662 -47.70 19.18 -26.30
N VAL A 663 -47.56 19.21 -24.97
CA VAL A 663 -46.37 19.80 -24.37
C VAL A 663 -45.23 18.79 -24.40
N MET A 664 -44.01 19.31 -24.33
CA MET A 664 -42.83 18.52 -24.60
C MET A 664 -42.31 17.84 -23.33
N ASP A 665 -41.66 18.63 -22.47
CA ASP A 665 -41.39 18.22 -21.11
C ASP A 665 -40.62 16.92 -20.97
N LYS A 666 -39.29 16.98 -21.10
CA LYS A 666 -38.47 15.78 -21.07
C LYS A 666 -38.91 14.99 -22.28
N SER A 667 -39.16 13.70 -22.13
CA SER A 667 -39.80 12.95 -23.20
C SER A 667 -39.09 13.20 -24.50
N VAL A 668 -39.77 13.87 -25.42
CA VAL A 668 -39.18 14.33 -26.67
C VAL A 668 -37.84 15.03 -26.50
N LEU A 669 -37.73 16.02 -25.61
CA LEU A 669 -36.43 16.69 -25.50
C LEU A 669 -35.57 16.19 -24.34
N GLY A 670 -36.02 15.20 -23.57
CA GLY A 670 -35.36 14.91 -22.31
C GLY A 670 -34.47 13.70 -22.22
N ASP A 671 -33.91 13.23 -23.34
CA ASP A 671 -33.22 11.96 -23.35
C ASP A 671 -34.22 10.91 -22.88
N GLY A 672 -33.78 9.94 -22.07
CA GLY A 672 -34.71 9.11 -21.33
C GLY A 672 -35.51 8.14 -22.18
N LYS A 673 -35.49 8.33 -23.49
CA LYS A 673 -36.25 7.53 -24.43
C LYS A 673 -35.60 7.59 -25.80
N LYS A 674 -36.18 6.83 -26.74
CA LYS A 674 -35.80 6.92 -28.14
C LYS A 674 -36.56 8.01 -28.85
N HIS A 675 -37.89 7.90 -28.89
CA HIS A 675 -38.70 8.95 -29.49
C HIS A 675 -38.32 10.28 -28.86
N SER A 676 -37.86 11.21 -29.67
CA SER A 676 -37.28 12.42 -29.12
C SER A 676 -37.28 13.51 -30.16
N VAL A 677 -37.25 14.76 -29.69
CA VAL A 677 -36.89 15.86 -30.57
C VAL A 677 -35.51 15.62 -31.14
N PHE A 678 -34.49 15.64 -30.29
CA PHE A 678 -33.12 15.62 -30.76
C PHE A 678 -32.76 14.30 -31.41
N TYR A 679 -33.17 13.18 -30.80
CA TYR A 679 -32.83 11.91 -31.41
C TYR A 679 -33.43 11.76 -32.79
N THR A 680 -34.67 12.22 -32.98
CA THR A 680 -35.19 12.26 -34.34
C THR A 680 -34.34 13.15 -35.23
N ILE A 681 -34.04 14.36 -34.75
CA ILE A 681 -33.22 15.27 -35.54
C ILE A 681 -31.93 14.58 -35.97
N LEU A 682 -31.09 14.21 -35.02
CA LEU A 682 -29.81 13.62 -35.38
C LEU A 682 -29.99 12.39 -36.25
N ARG A 683 -31.00 11.57 -35.96
CA ARG A 683 -31.24 10.40 -36.79
C ARG A 683 -31.67 10.81 -38.19
N ASP A 684 -31.94 12.11 -38.40
CA ASP A 684 -32.27 12.59 -39.72
C ASP A 684 -31.15 13.39 -40.36
N TYR A 685 -30.90 14.61 -39.89
CA TYR A 685 -30.14 15.62 -40.60
C TYR A 685 -28.68 15.68 -40.17
N GLY A 686 -28.28 14.83 -39.23
CA GLY A 686 -26.90 14.79 -38.82
C GLY A 686 -26.58 15.79 -37.73
N PRO A 687 -25.43 15.62 -37.09
CA PRO A 687 -25.17 16.34 -35.84
C PRO A 687 -25.11 17.85 -35.92
N GLN A 688 -24.35 18.40 -36.87
CA GLN A 688 -23.99 19.81 -36.80
C GLN A 688 -25.21 20.70 -36.65
N GLU A 689 -26.25 20.43 -37.42
CA GLU A 689 -27.49 21.16 -37.29
C GLU A 689 -28.33 20.64 -36.14
N ALA A 690 -28.22 19.35 -35.84
CA ALA A 690 -28.94 18.77 -34.71
C ALA A 690 -28.60 19.50 -33.42
N ALA A 691 -27.37 19.33 -32.92
CA ALA A 691 -26.94 20.01 -31.72
C ALA A 691 -27.14 21.51 -31.80
N ASN A 692 -27.03 22.09 -33.00
CA ASN A 692 -27.38 23.49 -33.16
C ASN A 692 -28.78 23.75 -32.64
N ALA A 693 -29.73 22.87 -33.00
CA ALA A 693 -31.07 22.98 -32.43
C ALA A 693 -31.02 22.99 -30.91
N MET A 694 -30.14 22.18 -30.32
CA MET A 694 -30.00 22.27 -28.87
C MET A 694 -29.54 23.64 -28.43
N ASN A 695 -28.39 24.10 -28.94
CA ASN A 695 -27.85 25.34 -28.45
C ASN A 695 -28.85 26.49 -28.55
N ARG A 696 -29.61 26.54 -29.64
CA ARG A 696 -30.65 27.56 -29.70
C ARG A 696 -31.75 27.28 -28.68
N MET A 697 -32.06 26.01 -28.43
CA MET A 697 -32.94 25.68 -27.29
C MET A 697 -32.48 26.34 -26.01
N ALA A 698 -31.30 25.93 -25.51
CA ALA A 698 -30.86 26.41 -24.21
C ALA A 698 -30.75 27.93 -24.21
N LYS A 699 -30.02 28.49 -25.17
CA LYS A 699 -29.83 29.93 -25.19
C LYS A 699 -31.15 30.68 -25.22
N LEU A 700 -32.21 30.07 -25.76
CA LEU A 700 -33.56 30.56 -25.45
C LEU A 700 -33.88 30.48 -23.98
N CYS A 701 -33.96 29.25 -23.45
CA CYS A 701 -34.56 29.06 -22.14
C CYS A 701 -33.86 29.88 -21.06
N ALA A 702 -32.52 29.84 -21.04
CA ALA A 702 -31.76 30.59 -20.04
C ALA A 702 -32.07 32.06 -19.80
N ARG A 703 -32.59 32.74 -20.81
CA ARG A 703 -33.25 34.03 -20.63
C ARG A 703 -34.77 34.09 -20.39
N PHE A 704 -35.50 33.36 -21.22
CA PHE A 704 -36.96 33.30 -21.16
C PHE A 704 -37.48 32.78 -19.80
N LEU A 705 -36.91 31.67 -19.32
CA LEU A 705 -37.32 31.10 -18.04
C LEU A 705 -37.13 32.18 -16.99
N GLY A 706 -35.93 32.78 -17.01
CA GLY A 706 -35.60 33.89 -16.15
C GLY A 706 -36.54 35.06 -16.30
N ASN A 707 -36.74 35.55 -17.53
CA ASN A 707 -37.57 36.73 -17.70
C ASN A 707 -38.98 36.54 -17.17
N ARG A 708 -39.72 35.55 -17.68
CA ARG A 708 -41.02 35.20 -17.14
C ARG A 708 -40.97 34.98 -15.64
N GLY A 709 -40.09 34.09 -15.20
CA GLY A 709 -39.94 33.73 -13.80
C GLY A 709 -40.71 32.47 -13.48
N PHE A 710 -40.15 31.67 -12.57
CA PHE A 710 -40.82 30.49 -12.05
C PHE A 710 -40.32 30.24 -10.65
N SER A 711 -41.21 29.82 -9.76
CA SER A 711 -40.84 29.71 -8.35
C SER A 711 -41.86 28.81 -7.66
N ILE A 712 -41.75 28.68 -6.34
CA ILE A 712 -42.43 27.62 -5.62
C ILE A 712 -43.58 28.14 -4.77
N GLY A 713 -43.27 28.71 -3.62
CA GLY A 713 -44.35 29.15 -2.77
C GLY A 713 -44.83 28.06 -1.81
N ILE A 714 -45.37 28.50 -0.68
CA ILE A 714 -45.69 27.58 0.40
C ILE A 714 -46.98 26.85 0.11
N ASN A 715 -48.03 27.59 -0.26
CA ASN A 715 -49.31 26.99 -0.59
C ASN A 715 -49.33 25.83 -1.58
N ASP A 716 -48.37 25.82 -2.51
CA ASP A 716 -48.16 24.66 -3.36
C ASP A 716 -47.71 23.40 -2.60
N VAL A 717 -46.86 23.60 -1.60
CA VAL A 717 -46.48 22.47 -0.75
C VAL A 717 -47.59 22.32 0.27
N THR A 718 -48.12 23.42 0.78
CA THR A 718 -49.11 23.36 1.85
C THR A 718 -50.41 22.76 1.35
N PRO A 719 -50.86 21.63 1.89
CA PRO A 719 -52.22 21.17 1.62
C PRO A 719 -53.23 22.14 2.19
N ALA A 720 -54.27 22.42 1.41
CA ALA A 720 -55.26 23.42 1.80
C ALA A 720 -56.53 22.72 2.29
N ASP A 721 -56.71 22.76 3.61
CA ASP A 721 -57.88 22.21 4.33
C ASP A 721 -58.16 20.82 3.75
N ASP A 722 -59.42 20.46 3.48
CA ASP A 722 -59.75 19.46 2.47
C ASP A 722 -58.94 18.17 2.68
N LEU A 723 -57.99 17.95 1.77
CA LEU A 723 -57.22 16.71 1.70
C LEU A 723 -56.77 16.24 3.09
N LYS A 724 -56.39 17.15 3.97
CA LYS A 724 -56.00 16.74 5.31
C LYS A 724 -57.12 16.04 6.05
N GLN A 725 -58.38 16.39 5.74
CA GLN A 725 -59.49 15.64 6.32
C GLN A 725 -59.61 14.26 5.69
N LYS A 726 -59.50 14.18 4.36
CA LYS A 726 -59.55 12.91 3.66
C LYS A 726 -58.48 11.95 4.15
N LYS A 727 -57.21 12.27 3.89
CA LYS A 727 -56.10 11.50 4.43
C LYS A 727 -56.25 11.26 5.93
N GLU A 728 -56.58 12.30 6.68
CA GLU A 728 -56.72 12.18 8.13
C GLU A 728 -57.62 11.01 8.52
N GLU A 729 -58.70 10.78 7.77
CA GLU A 729 -59.48 9.56 7.88
C GLU A 729 -58.77 8.35 7.31
N LEU A 730 -58.18 8.47 6.11
CA LEU A 730 -57.42 7.39 5.52
C LEU A 730 -56.25 6.95 6.40
N VAL A 731 -55.83 7.79 7.33
CA VAL A 731 -54.95 7.37 8.41
C VAL A 731 -55.70 6.45 9.37
N GLU A 732 -56.88 6.87 9.81
CA GLU A 732 -57.68 6.07 10.73
C GLU A 732 -58.12 4.75 10.13
N ILE A 733 -58.55 4.74 8.87
CA ILE A 733 -59.10 3.54 8.25
C ILE A 733 -58.14 2.37 8.31
N ALA A 734 -56.84 2.62 8.32
CA ALA A 734 -55.84 1.56 8.34
C ALA A 734 -55.59 0.97 9.71
N TYR A 735 -55.54 1.78 10.77
CA TYR A 735 -54.99 1.30 12.02
C TYR A 735 -55.96 0.38 12.75
N HIS A 736 -57.26 0.69 12.72
CA HIS A 736 -58.21 -0.23 13.32
C HIS A 736 -58.23 -1.57 12.59
N LYS A 737 -57.96 -1.56 11.29
CA LYS A 737 -57.70 -2.81 10.57
C LYS A 737 -56.46 -3.50 11.12
N CYS A 738 -55.38 -2.73 11.29
CA CYS A 738 -54.15 -3.27 11.88
C CYS A 738 -54.40 -4.00 13.19
N ASP A 739 -55.11 -3.35 14.12
CA ASP A 739 -55.49 -4.06 15.34
C ASP A 739 -56.31 -5.29 15.00
N GLU A 740 -57.42 -5.11 14.27
CA GLU A 740 -58.27 -6.23 13.87
C GLU A 740 -57.44 -7.35 13.24
N LEU A 741 -56.44 -7.00 12.43
CA LEU A 741 -55.43 -7.95 12.02
C LEU A 741 -54.70 -8.58 13.21
N ILE A 742 -53.99 -7.79 14.01
CA ILE A 742 -53.15 -8.37 15.06
C ILE A 742 -53.97 -8.81 16.26
N THR A 743 -55.00 -8.05 16.63
CA THR A 743 -55.74 -8.39 17.84
C THR A 743 -56.47 -9.72 17.71
N LEU A 744 -56.87 -10.11 16.50
CA LEU A 744 -57.31 -11.48 16.26
C LEU A 744 -56.15 -12.45 16.11
N PHE A 745 -55.03 -12.00 15.56
CA PHE A 745 -53.86 -12.87 15.47
C PHE A 745 -53.27 -13.18 16.85
N ASN A 746 -52.95 -12.16 17.63
CA ASN A 746 -52.38 -12.40 18.95
C ASN A 746 -53.32 -13.21 19.85
N LYS A 747 -54.62 -13.21 19.56
CA LYS A 747 -55.55 -14.12 20.20
C LYS A 747 -55.58 -15.51 19.58
N GLY A 748 -55.38 -15.64 18.28
CA GLY A 748 -55.45 -16.93 17.62
C GLY A 748 -55.09 -16.89 16.15
N GLU A 749 -55.28 -18.01 15.48
CA GLU A 749 -54.90 -18.17 14.08
C GLU A 749 -55.80 -17.32 13.20
N LEU A 750 -55.24 -16.87 12.07
CA LEU A 750 -55.97 -16.19 11.02
C LEU A 750 -55.49 -16.74 9.67
N GLU A 751 -55.98 -16.14 8.59
CA GLU A 751 -55.55 -16.57 7.26
C GLU A 751 -54.06 -16.34 7.08
N THR A 752 -53.34 -17.39 6.71
CA THR A 752 -51.92 -17.29 6.43
C THR A 752 -51.65 -17.74 4.99
N GLN A 753 -51.27 -16.79 4.14
CA GLN A 753 -50.83 -17.11 2.80
C GLN A 753 -49.49 -17.83 2.88
N PRO A 754 -49.02 -18.42 1.77
CA PRO A 754 -47.68 -19.03 1.79
C PRO A 754 -46.57 -18.02 2.01
N GLY A 755 -46.66 -17.30 3.12
CA GLY A 755 -45.64 -16.40 3.60
C GLY A 755 -44.83 -17.10 4.66
N CYS A 756 -44.82 -18.43 4.58
CA CYS A 756 -44.18 -19.32 5.55
C CYS A 756 -44.90 -19.15 6.88
N ASN A 757 -44.20 -18.83 7.98
CA ASN A 757 -44.83 -18.80 9.30
C ASN A 757 -45.77 -17.61 9.42
N GLU A 758 -46.36 -17.45 10.60
CA GLU A 758 -47.32 -16.38 10.79
C GLU A 758 -46.74 -15.21 11.58
N GLU A 759 -47.51 -14.12 11.65
CA GLU A 759 -47.11 -12.79 12.12
C GLU A 759 -46.23 -12.09 11.09
N GLN A 760 -45.59 -12.87 10.21
CA GLN A 760 -45.03 -12.31 8.98
C GLN A 760 -46.08 -12.22 7.90
N THR A 761 -47.03 -13.16 7.87
CA THR A 761 -48.22 -13.01 7.04
C THR A 761 -48.86 -11.64 7.26
N LEU A 762 -49.32 -11.38 8.48
CA LEU A 762 -49.90 -10.08 8.78
C LEU A 762 -48.91 -8.95 8.57
N GLU A 763 -47.60 -9.22 8.71
CA GLU A 763 -46.63 -8.17 8.40
C GLU A 763 -46.73 -7.76 6.94
N ALA A 764 -46.80 -8.72 6.02
CA ALA A 764 -47.03 -8.41 4.63
C ALA A 764 -48.40 -7.77 4.40
N LYS A 765 -49.42 -8.21 5.14
CA LYS A 765 -50.74 -7.58 5.02
C LYS A 765 -50.67 -6.10 5.38
N ILE A 766 -50.35 -5.79 6.63
CA ILE A 766 -50.23 -4.40 7.06
C ILE A 766 -49.30 -3.63 6.13
N GLY A 767 -48.22 -4.25 5.66
CA GLY A 767 -47.35 -3.58 4.73
C GLY A 767 -48.05 -3.17 3.44
N GLY A 768 -48.80 -4.09 2.85
CA GLY A 768 -49.53 -3.82 1.64
C GLY A 768 -50.61 -2.77 1.83
N LEU A 769 -51.35 -2.88 2.94
CA LEU A 769 -52.31 -1.85 3.29
C LEU A 769 -51.63 -0.49 3.37
N LEU A 770 -50.46 -0.44 4.01
CA LEU A 770 -49.71 0.82 4.08
C LEU A 770 -49.42 1.35 2.69
N SER A 771 -48.62 0.63 1.89
CA SER A 771 -48.29 1.10 0.55
C SER A 771 -49.53 1.51 -0.24
N LYS A 772 -50.62 0.78 -0.08
CA LYS A 772 -51.85 1.09 -0.80
C LYS A 772 -52.47 2.40 -0.30
N VAL A 773 -52.29 2.72 0.97
CA VAL A 773 -52.79 4.00 1.48
C VAL A 773 -51.82 5.13 1.13
N ARG A 774 -50.52 4.85 1.17
CA ARG A 774 -49.53 5.84 0.79
C ARG A 774 -49.72 6.29 -0.65
N GLU A 775 -49.94 5.34 -1.56
CA GLU A 775 -50.21 5.71 -2.94
C GLU A 775 -51.63 6.25 -3.10
N GLU A 776 -52.63 5.55 -2.55
CA GLU A 776 -54.02 6.00 -2.63
C GLU A 776 -54.16 7.46 -2.23
N VAL A 777 -53.83 7.77 -0.98
CA VAL A 777 -53.74 9.15 -0.53
C VAL A 777 -52.88 9.97 -1.47
N GLY A 778 -51.86 9.36 -2.08
CA GLY A 778 -51.05 10.09 -3.04
C GLY A 778 -51.83 10.62 -4.23
N ASP A 779 -52.78 9.85 -4.75
CA ASP A 779 -53.51 10.29 -5.93
C ASP A 779 -54.42 11.48 -5.59
N VAL A 780 -55.27 11.33 -4.58
CA VAL A 780 -56.11 12.45 -4.15
C VAL A 780 -55.27 13.64 -3.68
N CYS A 781 -54.06 13.39 -3.19
CA CYS A 781 -53.10 14.46 -2.96
C CYS A 781 -52.80 15.24 -4.22
N ILE A 782 -52.18 14.59 -5.21
CA ILE A 782 -51.82 15.28 -6.45
C ILE A 782 -53.08 15.77 -7.16
N ASN A 783 -54.12 14.94 -7.20
CA ASN A 783 -55.26 15.24 -8.05
C ASN A 783 -56.03 16.45 -7.55
N GLU A 784 -56.42 16.45 -6.28
CA GLU A 784 -57.23 17.52 -5.70
C GLU A 784 -56.45 18.84 -5.67
N LEU A 785 -55.12 18.74 -5.74
CA LEU A 785 -54.24 19.87 -5.52
C LEU A 785 -54.36 20.86 -6.68
N ASP A 786 -54.02 22.11 -6.39
CA ASP A 786 -54.27 23.21 -7.30
C ASP A 786 -53.40 23.11 -8.55
N ASN A 787 -53.82 23.79 -9.61
CA ASN A 787 -53.02 24.02 -10.80
C ASN A 787 -51.97 25.09 -10.53
N TRP A 788 -50.95 25.11 -11.39
CA TRP A 788 -49.83 26.05 -11.28
C TRP A 788 -49.17 25.95 -9.92
N ASN A 789 -48.56 24.80 -9.66
CA ASN A 789 -47.88 24.53 -8.40
C ASN A 789 -46.62 23.75 -8.72
N ALA A 790 -45.49 24.27 -8.24
CA ALA A 790 -44.21 23.91 -8.83
C ALA A 790 -43.94 22.41 -8.76
N PRO A 791 -43.96 21.75 -7.60
CA PRO A 791 -43.73 20.29 -7.64
C PRO A 791 -44.68 19.58 -8.56
N LEU A 792 -45.99 19.78 -8.39
CA LEU A 792 -46.94 19.19 -9.32
C LEU A 792 -46.72 19.56 -10.78
N ILE A 793 -46.36 20.81 -11.06
CA ILE A 793 -45.78 21.12 -12.35
C ILE A 793 -44.54 20.28 -12.63
N MET A 794 -43.48 20.44 -11.84
CA MET A 794 -42.23 19.74 -12.10
C MET A 794 -42.36 18.22 -11.96
N ALA A 795 -43.38 17.75 -11.27
CA ALA A 795 -43.67 16.31 -11.30
C ALA A 795 -44.39 15.99 -12.59
N THR A 796 -45.37 16.82 -12.97
CA THR A 796 -45.84 16.79 -14.34
C THR A 796 -44.68 17.03 -15.29
N CYS A 797 -43.68 17.79 -14.85
CA CYS A 797 -42.48 17.94 -15.65
C CYS A 797 -41.59 16.72 -15.55
N GLY A 798 -40.51 16.71 -16.32
CA GLY A 798 -39.51 15.68 -16.21
C GLY A 798 -38.28 16.21 -15.49
N SER A 799 -38.47 17.29 -14.74
CA SER A 799 -37.33 18.01 -14.20
C SER A 799 -36.68 17.24 -13.07
N LYS A 800 -37.35 17.19 -11.92
CA LYS A 800 -36.80 16.56 -10.72
C LYS A 800 -37.95 15.96 -9.92
N GLY A 801 -37.67 14.88 -9.20
CA GLY A 801 -38.65 14.25 -8.35
C GLY A 801 -39.79 13.64 -9.13
N SER A 802 -40.80 13.21 -8.37
CA SER A 802 -41.98 12.58 -8.93
C SER A 802 -43.19 13.07 -8.14
N THR A 803 -44.38 12.77 -8.65
CA THR A 803 -45.57 12.92 -7.82
C THR A 803 -45.41 12.23 -6.47
N LEU A 804 -44.74 11.07 -6.45
CA LEU A 804 -44.42 10.41 -5.20
C LEU A 804 -43.66 11.32 -4.25
N ASN A 805 -42.71 12.08 -4.78
CA ASN A 805 -42.02 13.06 -3.95
C ASN A 805 -43.00 14.07 -3.37
N VAL A 806 -43.66 14.86 -4.23
CA VAL A 806 -44.60 15.86 -3.73
C VAL A 806 -45.70 15.19 -2.91
N SER A 807 -46.03 13.93 -3.22
CA SER A 807 -46.82 13.14 -2.30
C SER A 807 -46.23 13.16 -0.90
N GLN A 808 -45.00 12.65 -0.74
CA GLN A 808 -44.33 12.70 0.55
C GLN A 808 -44.36 14.08 1.19
N MET A 809 -44.10 15.13 0.43
CA MET A 809 -44.18 16.48 0.98
C MET A 809 -45.57 16.84 1.46
N VAL A 810 -46.56 16.78 0.57
CA VAL A 810 -47.88 17.33 0.86
C VAL A 810 -48.69 16.39 1.74
N ALA A 811 -49.01 15.20 1.23
CA ALA A 811 -49.93 14.32 1.94
C ALA A 811 -49.29 13.67 3.15
N VAL A 812 -48.30 12.80 2.94
CA VAL A 812 -47.80 11.93 3.99
C VAL A 812 -46.61 11.18 3.42
N VAL A 813 -45.78 10.63 4.31
CA VAL A 813 -44.52 10.03 3.90
C VAL A 813 -44.57 8.52 4.13
N GLY A 814 -44.41 8.11 5.38
CA GLY A 814 -44.56 6.74 5.85
C GLY A 814 -43.42 5.83 5.42
N GLN A 815 -43.27 4.73 6.16
CA GLN A 815 -42.55 3.54 5.74
C GLN A 815 -41.19 3.74 5.09
N GLN A 816 -40.18 4.06 5.88
CA GLN A 816 -38.80 3.91 5.42
C GLN A 816 -38.49 2.42 5.54
N ILE A 817 -38.20 1.79 4.41
CA ILE A 817 -37.97 0.35 4.40
C ILE A 817 -36.47 0.09 4.33
N ILE A 818 -35.97 -0.75 5.23
CA ILE A 818 -34.55 -1.02 5.36
C ILE A 818 -34.32 -2.51 5.28
N SER A 819 -33.49 -2.93 4.32
CA SER A 819 -33.18 -4.33 4.08
C SER A 819 -34.44 -5.15 3.81
N GLY A 820 -35.48 -4.50 3.28
CA GLY A 820 -36.66 -5.20 2.83
C GLY A 820 -37.74 -5.42 3.87
N ASN A 821 -37.79 -4.61 4.92
CA ASN A 821 -38.87 -4.71 5.90
C ASN A 821 -38.91 -3.40 6.69
N ARG A 822 -39.73 -3.36 7.74
CA ARG A 822 -39.83 -2.20 8.61
C ARG A 822 -38.54 -2.11 9.44
N VAL A 823 -38.44 -1.09 10.29
CA VAL A 823 -37.26 -1.01 11.16
C VAL A 823 -37.32 -2.14 12.18
N PRO A 824 -36.34 -3.03 12.20
CA PRO A 824 -36.34 -4.12 13.18
C PRO A 824 -36.14 -3.69 14.62
N ASP A 825 -36.46 -4.61 15.53
CA ASP A 825 -36.37 -4.33 16.96
C ASP A 825 -35.01 -3.84 17.40
N GLY A 826 -34.95 -2.60 17.90
CA GLY A 826 -33.68 -2.05 18.36
C GLY A 826 -33.36 -2.57 19.74
N PHE A 827 -34.36 -3.01 20.48
CA PHE A 827 -34.21 -3.50 21.84
C PHE A 827 -34.85 -4.90 21.91
N GLN A 828 -34.94 -5.53 23.09
CA GLN A 828 -35.74 -6.74 23.28
C GLN A 828 -37.18 -6.27 23.26
N ASP A 829 -38.04 -6.98 22.51
CA ASP A 829 -39.47 -6.72 22.52
C ASP A 829 -39.96 -5.38 21.78
N ARG A 830 -38.98 -4.62 21.34
CA ARG A 830 -39.34 -3.39 20.67
C ARG A 830 -38.26 -2.60 19.97
N SER A 831 -38.69 -1.47 19.44
CA SER A 831 -37.85 -0.52 18.70
C SER A 831 -37.34 0.58 19.62
N LEU A 832 -38.25 1.38 20.16
CA LEU A 832 -37.89 2.55 20.94
C LEU A 832 -38.47 2.46 22.35
N PRO A 833 -37.79 3.06 23.33
CA PRO A 833 -38.30 3.07 24.71
C PRO A 833 -39.61 3.81 24.86
N HIS A 834 -40.04 4.58 23.87
CA HIS A 834 -41.24 5.40 24.01
C HIS A 834 -42.52 4.64 23.71
N PHE A 835 -42.43 3.35 23.41
CA PHE A 835 -43.57 2.56 22.99
C PHE A 835 -43.76 1.39 23.94
N PRO A 836 -44.98 0.94 24.16
CA PRO A 836 -45.15 -0.22 25.04
C PRO A 836 -44.57 -1.55 24.59
N LYS A 837 -44.70 -2.57 25.44
CA LYS A 837 -44.18 -3.90 25.13
C LYS A 837 -44.39 -4.28 23.67
N ASN A 838 -44.84 -5.51 23.44
CA ASN A 838 -45.10 -6.00 22.08
C ASN A 838 -46.02 -5.04 21.35
N SER A 839 -45.43 -4.06 20.69
CA SER A 839 -46.20 -3.05 19.97
C SER A 839 -46.05 -3.24 18.47
N LYS A 840 -47.10 -3.76 17.84
CA LYS A 840 -47.10 -4.02 16.41
C LYS A 840 -47.81 -2.95 15.59
N THR A 841 -48.40 -1.94 16.24
CA THR A 841 -49.01 -0.85 15.50
C THR A 841 -47.97 -0.15 14.64
N PRO A 842 -48.39 0.50 13.57
CA PRO A 842 -47.48 1.45 12.93
C PRO A 842 -47.22 2.60 13.88
N GLN A 843 -46.32 3.50 13.50
CA GLN A 843 -45.77 4.52 14.38
C GLN A 843 -44.93 3.90 15.49
N SER A 844 -45.08 2.60 15.73
CA SER A 844 -44.12 1.84 16.53
C SER A 844 -42.93 1.35 15.73
N LYS A 845 -43.12 0.98 14.46
CA LYS A 845 -42.02 0.73 13.54
C LYS A 845 -42.23 1.62 12.31
N GLY A 846 -41.26 2.49 12.06
CA GLY A 846 -40.96 2.98 10.74
C GLY A 846 -42.13 3.41 9.89
N PHE A 847 -43.11 4.12 10.45
CA PHE A 847 -44.17 4.72 9.65
C PHE A 847 -44.46 6.11 10.18
N VAL A 848 -44.32 7.11 9.32
CA VAL A 848 -44.65 8.48 9.64
C VAL A 848 -45.96 8.85 8.95
N ARG A 849 -47.02 8.99 9.75
CA ARG A 849 -48.30 9.49 9.28
C ARG A 849 -48.27 10.99 9.00
N ASN A 850 -47.22 11.68 9.40
CA ASN A 850 -47.08 13.11 9.19
C ASN A 850 -46.54 13.31 7.78
N SER A 851 -46.94 14.40 7.15
CA SER A 851 -46.23 14.89 5.97
C SER A 851 -44.99 15.63 6.42
N PHE A 852 -44.05 15.81 5.49
CA PHE A 852 -43.03 16.81 5.75
C PHE A 852 -43.50 18.16 6.25
N PHE A 853 -44.42 18.78 5.54
CA PHE A 853 -45.00 20.04 5.95
C PHE A 853 -45.71 19.95 7.29
N SER A 854 -46.15 18.76 7.69
CA SER A 854 -46.83 18.61 8.97
C SER A 854 -45.88 18.85 10.13
N GLY A 855 -44.63 18.44 10.02
CA GLY A 855 -43.76 18.34 11.18
C GLY A 855 -43.78 16.92 11.68
N LEU A 856 -42.73 16.49 12.35
CA LEU A 856 -42.61 15.07 12.68
C LEU A 856 -42.69 14.83 14.18
N SER A 857 -42.60 13.55 14.54
CA SER A 857 -42.40 13.14 15.92
C SER A 857 -41.04 12.48 16.06
N PRO A 858 -40.45 12.51 17.25
CA PRO A 858 -39.11 11.95 17.43
C PRO A 858 -38.98 10.54 16.89
N PRO A 859 -39.93 9.63 17.17
CA PRO A 859 -39.76 8.27 16.64
C PRO A 859 -39.70 8.23 15.13
N GLU A 860 -40.63 8.90 14.46
CA GLU A 860 -40.67 8.89 13.02
C GLU A 860 -39.55 9.72 12.40
N PHE A 861 -39.08 10.75 13.10
CA PHE A 861 -37.85 11.41 12.68
C PHE A 861 -36.68 10.43 12.64
N LEU A 862 -36.31 9.89 13.80
CA LEU A 862 -35.20 8.95 13.86
C LEU A 862 -35.38 7.82 12.84
N PHE A 863 -36.59 7.29 12.72
CA PHE A 863 -36.86 6.30 11.68
C PHE A 863 -36.50 6.85 10.31
N HIS A 864 -36.85 8.09 10.04
CA HIS A 864 -36.54 8.66 8.74
C HIS A 864 -35.04 8.81 8.53
N ALA A 865 -34.28 8.99 9.60
CA ALA A 865 -32.84 9.01 9.49
C ALA A 865 -32.28 7.71 8.97
N ILE A 866 -32.92 6.58 9.28
CA ILE A 866 -32.40 5.27 8.92
C ILE A 866 -32.32 5.08 7.40
N SER A 867 -33.29 5.59 6.65
CA SER A 867 -33.38 5.29 5.22
C SER A 867 -32.12 5.70 4.48
N GLY A 868 -31.90 7.01 4.32
CA GLY A 868 -30.75 7.48 3.57
C GLY A 868 -29.42 7.04 4.11
N ARG A 869 -29.36 6.72 5.40
CA ARG A 869 -28.14 6.22 6.00
C ARG A 869 -27.84 4.78 5.62
N GLU A 870 -28.88 3.94 5.50
CA GLU A 870 -28.69 2.59 5.01
C GLU A 870 -28.39 2.60 3.52
N GLY A 871 -29.20 3.32 2.74
CA GLY A 871 -28.87 3.52 1.34
C GLY A 871 -27.53 4.17 1.11
N LEU A 872 -26.97 4.83 2.13
CA LEU A 872 -25.67 5.46 1.99
C LEU A 872 -24.56 4.42 1.88
N VAL A 873 -24.52 3.45 2.80
CA VAL A 873 -23.52 2.39 2.67
C VAL A 873 -23.84 1.50 1.48
N ASP A 874 -25.12 1.18 1.27
CA ASP A 874 -25.52 0.42 0.09
C ASP A 874 -25.12 1.13 -1.20
N THR A 875 -24.88 2.45 -1.12
CA THR A 875 -24.24 3.20 -2.19
C THR A 875 -22.73 3.00 -2.20
N ALA A 876 -22.05 3.36 -1.11
CA ALA A 876 -20.60 3.33 -1.08
C ALA A 876 -20.03 1.98 -1.50
N VAL A 877 -20.26 0.93 -0.69
CA VAL A 877 -19.50 -0.30 -0.90
C VAL A 877 -19.91 -0.97 -2.21
N LYS A 878 -21.20 -0.89 -2.55
CA LYS A 878 -21.65 -1.42 -3.84
C LYS A 878 -20.96 -0.71 -4.99
N THR A 879 -20.81 0.63 -4.92
CA THR A 879 -20.06 1.32 -5.95
C THR A 879 -18.61 0.86 -5.98
N ALA A 880 -18.04 0.55 -4.82
CA ALA A 880 -16.69 -0.01 -4.80
C ALA A 880 -16.59 -1.27 -5.63
N GLU A 881 -17.32 -2.32 -5.22
CA GLU A 881 -17.30 -3.56 -5.98
C GLU A 881 -17.61 -3.31 -7.44
N THR A 882 -18.59 -2.45 -7.73
CA THR A 882 -18.98 -2.21 -9.11
C THR A 882 -17.82 -1.65 -9.93
N GLY A 883 -17.13 -0.65 -9.39
CA GLY A 883 -15.94 -0.16 -10.07
C GLY A 883 -14.94 -1.26 -10.36
N TYR A 884 -14.59 -2.03 -9.33
CA TYR A 884 -13.72 -3.19 -9.56
C TYR A 884 -14.23 -4.07 -10.69
N MET A 885 -15.53 -4.33 -10.69
CA MET A 885 -16.17 -5.18 -11.69
C MET A 885 -16.03 -4.58 -13.09
N SER A 886 -16.00 -3.26 -13.18
CA SER A 886 -15.73 -2.64 -14.47
C SER A 886 -14.27 -2.85 -14.87
N ARG A 887 -13.35 -2.74 -13.91
CA ARG A 887 -11.95 -3.02 -14.21
C ARG A 887 -11.77 -4.44 -14.76
N ARG A 888 -12.05 -5.44 -13.94
CA ARG A 888 -11.89 -6.81 -14.40
C ARG A 888 -12.74 -7.11 -15.63
N LEU A 889 -14.03 -6.77 -15.57
CA LEU A 889 -14.91 -7.02 -16.71
C LEU A 889 -14.33 -6.50 -18.00
N MET A 890 -13.69 -5.32 -17.95
CA MET A 890 -12.83 -4.92 -19.05
C MET A 890 -11.79 -5.99 -19.33
N LYS A 891 -10.92 -6.26 -18.35
CA LYS A 891 -9.67 -6.99 -18.58
C LYS A 891 -9.80 -8.18 -19.52
N SER A 892 -10.55 -9.20 -19.14
CA SER A 892 -10.75 -10.36 -20.01
C SER A 892 -11.24 -9.97 -21.39
N LEU A 893 -12.07 -8.93 -21.48
CA LEU A 893 -12.62 -8.48 -22.75
C LEU A 893 -11.84 -7.29 -23.30
N GLU A 894 -10.84 -6.82 -22.54
CA GLU A 894 -10.25 -5.50 -22.74
C GLU A 894 -9.90 -5.22 -24.19
N ASP A 895 -9.44 -6.22 -24.94
CA ASP A 895 -9.21 -6.06 -26.37
C ASP A 895 -10.15 -6.98 -27.12
N LEU A 896 -11.17 -6.40 -27.74
CA LEU A 896 -11.91 -7.13 -28.73
C LEU A 896 -12.39 -6.14 -29.80
N SER A 897 -12.15 -6.45 -31.06
CA SER A 897 -12.46 -5.50 -32.12
C SER A 897 -13.13 -6.13 -33.32
N CYS A 898 -13.54 -5.32 -34.29
CA CYS A 898 -14.24 -5.82 -35.46
C CYS A 898 -13.35 -5.66 -36.68
N GLN A 899 -13.22 -6.73 -37.45
CA GLN A 899 -12.35 -6.71 -38.62
C GLN A 899 -13.18 -6.55 -39.89
N TYR A 900 -12.47 -6.44 -41.02
CA TYR A 900 -13.13 -6.13 -42.27
C TYR A 900 -13.95 -7.28 -42.82
N ASP A 901 -13.89 -8.46 -42.21
CA ASP A 901 -14.72 -9.57 -42.59
C ASP A 901 -16.09 -9.51 -41.95
N ASN A 902 -16.38 -8.43 -41.22
CA ASN A 902 -17.50 -8.37 -40.30
C ASN A 902 -17.36 -9.45 -39.23
N THR A 903 -16.13 -9.88 -38.99
CA THR A 903 -15.85 -10.93 -38.03
C THR A 903 -15.06 -10.35 -36.86
N VAL A 904 -15.73 -10.20 -35.73
CA VAL A 904 -15.08 -9.73 -34.53
C VAL A 904 -14.02 -10.74 -34.11
N ARG A 905 -12.80 -10.27 -33.89
CA ARG A 905 -11.70 -11.14 -33.48
C ARG A 905 -10.95 -10.48 -32.36
N THR A 906 -9.96 -11.18 -31.80
CA THR A 906 -9.47 -10.69 -30.53
C THR A 906 -8.33 -9.71 -30.69
N SER A 907 -7.12 -10.22 -30.73
CA SER A 907 -5.94 -9.55 -31.25
C SER A 907 -5.02 -10.49 -32.00
N ALA A 908 -4.51 -11.53 -31.34
CA ALA A 908 -3.74 -12.63 -31.92
C ALA A 908 -4.52 -13.38 -32.98
N ASN A 909 -5.74 -12.92 -33.22
CA ASN A 909 -6.54 -13.34 -34.37
C ASN A 909 -7.05 -14.77 -34.22
N GLY A 910 -7.46 -15.13 -33.00
CA GLY A 910 -8.46 -16.16 -32.83
C GLY A 910 -9.82 -15.50 -32.96
N ILE A 911 -10.82 -16.19 -33.51
CA ILE A 911 -12.08 -15.53 -33.80
C ILE A 911 -13.06 -15.81 -32.66
N VAL A 912 -13.58 -14.75 -32.06
CA VAL A 912 -14.58 -14.91 -31.01
C VAL A 912 -15.98 -15.12 -31.54
N GLN A 913 -16.38 -14.40 -32.58
CA GLN A 913 -17.73 -14.48 -33.11
C GLN A 913 -17.68 -14.12 -34.58
N PHE A 914 -18.53 -14.74 -35.38
CA PHE A 914 -18.44 -14.53 -36.82
C PHE A 914 -19.15 -13.25 -37.23
N THR A 915 -20.47 -13.27 -37.28
CA THR A 915 -21.24 -12.07 -37.54
C THR A 915 -21.72 -11.50 -36.21
N TYR A 916 -21.30 -10.29 -35.91
CA TYR A 916 -21.54 -9.70 -34.59
C TYR A 916 -23.04 -9.69 -34.34
N GLY A 917 -23.45 -10.31 -33.23
CA GLY A 917 -24.85 -10.45 -32.91
C GLY A 917 -25.69 -11.03 -34.01
N GLY A 918 -25.11 -11.85 -34.90
CA GLY A 918 -25.81 -12.28 -36.09
C GLY A 918 -26.29 -11.11 -36.93
N ASP A 919 -25.72 -9.94 -36.71
CA ASP A 919 -26.26 -8.71 -37.25
C ASP A 919 -25.13 -7.95 -37.91
N GLY A 920 -24.14 -7.57 -37.12
CA GLY A 920 -23.06 -6.73 -37.59
C GLY A 920 -23.38 -5.26 -37.51
N LEU A 921 -24.40 -4.91 -36.74
CA LEU A 921 -24.98 -3.58 -36.72
C LEU A 921 -24.79 -2.92 -35.37
N ASP A 922 -24.20 -1.72 -35.39
CA ASP A 922 -23.88 -0.99 -34.17
C ASP A 922 -25.14 -0.76 -33.35
N PRO A 923 -25.20 -1.24 -32.10
CA PRO A 923 -26.34 -0.90 -31.25
C PRO A 923 -26.53 0.59 -31.08
N LEU A 924 -25.45 1.38 -31.20
CA LEU A 924 -25.59 2.82 -31.06
C LEU A 924 -26.58 3.39 -32.06
N GLU A 925 -26.24 3.36 -33.35
CA GLU A 925 -27.05 3.97 -34.39
C GLU A 925 -28.33 3.18 -34.63
N MET A 926 -28.39 1.95 -34.13
CA MET A 926 -29.60 1.14 -34.20
C MET A 926 -30.72 1.86 -33.48
N GLU A 927 -31.87 1.99 -34.15
CA GLU A 927 -32.83 2.97 -33.70
C GLU A 927 -33.57 2.57 -32.45
N GLY A 928 -34.46 1.57 -32.53
CA GLY A 928 -35.27 1.19 -31.40
C GLY A 928 -35.69 -0.27 -31.45
N ASN A 929 -35.95 -0.81 -30.26
CA ASN A 929 -36.42 -2.17 -30.10
C ASN A 929 -35.46 -3.18 -30.73
N ALA A 930 -34.22 -2.76 -30.89
CA ALA A 930 -33.15 -3.56 -31.48
C ALA A 930 -33.46 -4.02 -32.91
N GLN A 931 -34.34 -3.32 -33.61
CA GLN A 931 -34.42 -3.43 -35.07
C GLN A 931 -34.06 -2.05 -35.59
N PRO A 932 -32.95 -1.89 -36.28
CA PRO A 932 -32.51 -0.54 -36.65
C PRO A 932 -33.41 0.09 -37.68
N VAL A 933 -34.72 0.13 -37.42
CA VAL A 933 -35.66 0.46 -38.48
C VAL A 933 -36.68 1.48 -38.03
N ASN A 934 -37.57 1.07 -37.12
CA ASN A 934 -38.83 1.74 -36.87
C ASN A 934 -39.53 2.02 -38.18
N PHE A 935 -40.02 0.97 -38.84
CA PHE A 935 -40.88 1.12 -40.00
C PHE A 935 -41.97 2.15 -39.76
N ASN A 936 -42.56 2.11 -38.56
CA ASN A 936 -43.75 2.88 -38.26
C ASN A 936 -43.53 4.35 -38.54
N ARG A 937 -42.68 5.01 -37.75
CA ARG A 937 -42.56 6.45 -37.89
C ARG A 937 -41.92 6.85 -39.21
N SER A 938 -40.84 6.17 -39.62
CA SER A 938 -40.14 6.59 -40.82
C SER A 938 -41.06 6.52 -42.03
N TRP A 939 -41.99 5.56 -42.03
CA TRP A 939 -43.02 5.56 -43.06
C TRP A 939 -43.68 6.92 -43.15
N ASP A 940 -44.13 7.47 -42.03
CA ASP A 940 -44.70 8.80 -42.04
C ASP A 940 -43.67 9.84 -42.43
N HIS A 941 -42.41 9.64 -42.01
CA HIS A 941 -41.37 10.62 -42.28
C HIS A 941 -41.22 10.88 -43.75
N ALA A 942 -40.80 9.86 -44.51
CA ALA A 942 -40.73 10.00 -45.95
C ALA A 942 -42.06 10.49 -46.53
N TYR A 943 -43.18 10.02 -45.98
CA TYR A 943 -44.50 10.30 -46.52
C TYR A 943 -44.79 11.78 -46.66
N ASN A 944 -44.99 12.49 -45.54
CA ASN A 944 -45.38 13.90 -45.63
C ASN A 944 -44.35 14.73 -46.38
N ILE A 945 -43.08 14.35 -46.30
CA ILE A 945 -42.07 15.03 -47.10
C ILE A 945 -42.43 14.96 -48.57
N THR A 946 -42.37 13.78 -49.16
CA THR A 946 -42.71 13.59 -50.56
C THR A 946 -44.20 13.79 -50.82
N PHE A 947 -45.01 13.93 -49.78
CA PHE A 947 -46.44 14.11 -49.96
C PHE A 947 -46.67 15.38 -50.77
N ASN A 948 -47.38 15.25 -51.87
CA ASN A 948 -47.84 16.38 -52.65
C ASN A 948 -49.33 16.20 -52.89
N ASN A 949 -50.13 17.07 -52.29
CA ASN A 949 -51.56 16.98 -52.46
C ASN A 949 -51.92 17.28 -53.91
N GLN A 950 -53.03 16.68 -54.36
CA GLN A 950 -53.46 16.76 -55.75
C GLN A 950 -52.40 16.15 -56.68
N ASP A 951 -51.87 15.00 -56.25
CA ASP A 951 -51.03 14.22 -57.15
C ASP A 951 -51.44 12.74 -57.03
N LYS A 952 -52.10 12.24 -58.09
CA LYS A 952 -52.24 10.82 -58.40
C LYS A 952 -52.46 10.04 -57.11
N GLY A 953 -51.66 9.03 -56.80
CA GLY A 953 -51.45 8.62 -55.44
C GLY A 953 -52.12 7.36 -54.97
N LEU A 954 -52.75 6.59 -55.85
CA LEU A 954 -53.32 5.31 -55.45
C LEU A 954 -52.87 4.23 -56.43
N LEU A 955 -52.00 3.34 -55.95
CA LEU A 955 -51.65 2.11 -56.65
C LEU A 955 -51.49 0.98 -55.63
N PRO A 956 -52.54 0.67 -54.86
CA PRO A 956 -52.35 -0.23 -53.72
C PRO A 956 -51.85 -1.60 -54.13
N TYR A 957 -52.49 -2.20 -55.13
CA TYR A 957 -52.00 -3.44 -55.70
C TYR A 957 -50.59 -3.27 -56.26
N ALA A 958 -50.35 -2.18 -56.97
CA ALA A 958 -49.08 -1.97 -57.66
C ALA A 958 -47.97 -1.55 -56.72
N ILE A 959 -48.30 -1.26 -55.46
CA ILE A 959 -47.26 -0.99 -54.47
C ILE A 959 -46.24 -2.13 -54.46
N MET A 960 -46.72 -3.36 -54.28
CA MET A 960 -45.84 -4.52 -54.38
C MET A 960 -45.00 -4.45 -55.64
N GLU A 961 -45.64 -4.14 -56.78
CA GLU A 961 -44.91 -3.92 -58.03
C GLU A 961 -43.71 -3.03 -57.80
N THR A 962 -43.94 -1.79 -57.37
CA THR A 962 -42.82 -0.95 -56.97
C THR A 962 -41.99 -1.59 -55.89
N ALA A 963 -42.64 -2.05 -54.80
CA ALA A 963 -41.90 -2.57 -53.67
C ALA A 963 -40.97 -3.71 -54.08
N ASN A 964 -41.55 -4.83 -54.51
CA ASN A 964 -40.74 -5.94 -55.00
C ASN A 964 -39.75 -5.49 -56.06
N GLU A 965 -40.10 -4.44 -56.83
CA GLU A 965 -39.15 -3.84 -57.74
C GLU A 965 -37.80 -3.61 -57.08
N ILE A 966 -37.77 -2.77 -56.05
CA ILE A 966 -36.55 -2.54 -55.30
C ILE A 966 -36.09 -3.80 -54.58
N LEU A 967 -37.03 -4.66 -54.19
CA LEU A 967 -36.69 -5.78 -53.32
C LEU A 967 -35.96 -6.89 -54.06
N GLY A 968 -36.40 -7.25 -55.26
CA GLY A 968 -35.91 -8.41 -55.95
C GLY A 968 -34.41 -8.38 -56.13
N PRO A 969 -33.89 -7.35 -56.80
CA PRO A 969 -32.43 -7.27 -56.98
C PRO A 969 -31.73 -6.92 -55.67
N LEU A 970 -32.08 -7.65 -54.62
CA LEU A 970 -31.36 -7.66 -53.37
C LEU A 970 -31.19 -9.13 -52.99
N GLU A 971 -32.32 -9.78 -52.74
CA GLU A 971 -32.37 -11.22 -52.55
C GLU A 971 -31.59 -11.95 -53.64
N GLU A 972 -32.05 -11.82 -54.88
CA GLU A 972 -31.42 -12.49 -56.02
C GLU A 972 -30.00 -12.02 -56.28
N ARG A 973 -29.60 -10.87 -55.76
CA ARG A 973 -28.19 -10.53 -55.72
C ARG A 973 -27.48 -11.15 -54.53
N LEU A 974 -28.12 -11.16 -53.38
CA LEU A 974 -27.63 -11.90 -52.22
C LEU A 974 -27.62 -13.40 -52.46
N VAL A 975 -28.69 -13.94 -53.02
CA VAL A 975 -28.97 -15.36 -53.25
C VAL A 975 -28.63 -16.19 -52.02
N ARG A 976 -28.21 -17.44 -52.26
CA ARG A 976 -27.70 -18.35 -51.26
C ARG A 976 -26.82 -19.37 -51.95
N TYR A 977 -25.81 -19.85 -51.24
CA TYR A 977 -25.01 -20.98 -51.69
C TYR A 977 -25.36 -22.17 -50.83
N ASP A 978 -25.42 -23.36 -51.44
CA ASP A 978 -25.80 -24.55 -50.70
C ASP A 978 -24.59 -25.15 -50.03
N ASN A 979 -24.57 -25.13 -48.70
CA ASN A 979 -23.49 -25.75 -47.93
C ASN A 979 -22.16 -25.29 -48.49
N SER A 980 -21.41 -26.22 -49.08
CA SER A 980 -20.14 -25.89 -49.73
C SER A 980 -20.28 -26.11 -51.23
N GLY A 981 -19.84 -25.12 -52.00
CA GLY A 981 -19.69 -25.27 -53.44
C GLY A 981 -20.95 -25.66 -54.18
N CYS A 982 -22.11 -25.22 -53.71
CA CYS A 982 -23.38 -25.57 -54.33
C CYS A 982 -24.36 -24.43 -54.15
N LEU A 983 -25.45 -24.48 -54.91
CA LEU A 983 -26.54 -23.52 -54.82
C LEU A 983 -27.81 -24.26 -54.44
N VAL A 984 -28.41 -23.89 -53.32
CA VAL A 984 -29.56 -24.61 -52.78
C VAL A 984 -30.77 -24.33 -53.64
N LYS A 985 -31.62 -25.35 -53.82
CA LYS A 985 -32.83 -25.21 -54.62
C LYS A 985 -34.04 -25.50 -53.74
N ARG A 986 -34.76 -24.44 -53.39
CA ARG A 986 -36.14 -24.49 -52.91
C ARG A 986 -36.35 -25.56 -51.84
N GLU A 987 -35.33 -25.79 -51.03
CA GLU A 987 -35.49 -26.73 -49.93
C GLU A 987 -35.01 -26.19 -48.61
N ASP A 988 -33.69 -26.03 -48.43
CA ASP A 988 -33.15 -25.60 -47.15
C ASP A 988 -33.30 -24.10 -46.97
N LEU A 989 -33.81 -23.41 -47.98
CA LEU A 989 -34.29 -22.05 -47.78
C LEU A 989 -35.17 -22.01 -46.55
N ASN A 990 -36.18 -22.88 -46.49
CA ASN A 990 -36.95 -23.12 -45.28
C ASN A 990 -36.26 -24.09 -44.33
N LYS A 991 -35.73 -25.22 -44.82
CA LYS A 991 -35.23 -26.28 -43.96
C LYS A 991 -34.12 -25.79 -43.02
N ALA A 992 -33.38 -24.77 -43.42
CA ALA A 992 -32.57 -23.96 -42.51
C ALA A 992 -31.41 -24.74 -41.90
N GLU A 993 -30.99 -25.78 -42.60
CA GLU A 993 -29.69 -26.37 -42.32
C GLU A 993 -28.55 -25.43 -42.60
N TYR A 994 -28.51 -24.82 -43.78
CA TYR A 994 -27.37 -24.04 -44.22
C TYR A 994 -27.37 -22.60 -43.74
N VAL A 995 -28.54 -21.93 -43.69
CA VAL A 995 -28.68 -20.60 -43.08
C VAL A 995 -27.57 -19.68 -43.60
N ASP A 996 -26.58 -19.40 -42.74
CA ASP A 996 -25.50 -18.44 -43.04
C ASP A 996 -26.03 -17.02 -43.18
N GLN A 997 -26.39 -16.44 -42.04
CA GLN A 997 -26.64 -15.01 -41.84
C GLN A 997 -27.58 -14.47 -42.90
N TYR A 998 -27.42 -13.19 -43.26
CA TYR A 998 -28.14 -12.59 -44.37
C TYR A 998 -29.65 -12.65 -44.19
N ASP A 999 -30.12 -13.52 -43.30
CA ASP A 999 -31.51 -13.55 -42.92
C ASP A 999 -31.79 -12.39 -41.97
N ALA A 1000 -30.73 -11.87 -41.35
CA ALA A 1000 -30.77 -10.48 -40.92
C ALA A 1000 -31.24 -9.60 -42.05
N GLU A 1001 -30.52 -9.59 -43.17
CA GLU A 1001 -30.89 -8.71 -44.27
C GLU A 1001 -32.14 -9.23 -45.00
N ARG A 1002 -32.26 -10.55 -45.18
CA ARG A 1002 -33.47 -11.06 -45.80
C ARG A 1002 -34.68 -10.67 -44.97
N ASP A 1003 -34.83 -11.29 -43.79
CA ASP A 1003 -35.95 -10.99 -42.91
C ASP A 1003 -36.11 -9.49 -42.68
N PHE A 1004 -35.03 -8.74 -42.80
CA PHE A 1004 -35.17 -7.29 -42.87
C PHE A 1004 -36.05 -6.91 -44.04
N TYR A 1005 -35.67 -7.30 -45.25
CA TYR A 1005 -36.50 -7.02 -46.41
C TYR A 1005 -37.87 -7.68 -46.32
N HIS A 1006 -37.91 -9.01 -46.38
CA HIS A 1006 -39.16 -9.77 -46.34
C HIS A 1006 -40.07 -9.24 -45.24
N SER A 1007 -39.51 -8.96 -44.07
CA SER A 1007 -40.27 -8.25 -43.05
C SER A 1007 -40.80 -6.93 -43.57
N LEU A 1008 -39.94 -6.10 -44.15
CA LEU A 1008 -40.37 -4.80 -44.67
C LEU A 1008 -41.53 -4.94 -45.65
N ARG A 1009 -41.41 -5.84 -46.62
CA ARG A 1009 -42.49 -6.02 -47.58
C ARG A 1009 -43.73 -6.56 -46.91
N GLU A 1010 -43.57 -7.21 -45.75
CA GLU A 1010 -44.76 -7.53 -44.96
C GLU A 1010 -45.36 -6.27 -44.36
N TYR A 1011 -44.53 -5.37 -43.85
CA TYR A 1011 -45.04 -4.11 -43.30
C TYR A 1011 -45.78 -3.31 -44.36
N ILE A 1012 -45.04 -2.83 -45.36
CA ILE A 1012 -45.65 -2.12 -46.48
C ILE A 1012 -46.82 -2.91 -47.05
N ASN A 1013 -46.67 -4.24 -47.10
CA ASN A 1013 -47.72 -5.08 -47.64
C ASN A 1013 -49.01 -4.90 -46.86
N GLY A 1014 -49.03 -5.32 -45.60
CA GLY A 1014 -50.20 -5.17 -44.77
C GLY A 1014 -50.75 -3.76 -44.77
N LYS A 1015 -49.87 -2.77 -44.78
CA LYS A 1015 -50.31 -1.38 -44.93
C LYS A 1015 -51.12 -1.17 -46.20
N ALA A 1016 -50.65 -1.69 -47.32
CA ALA A 1016 -51.37 -1.52 -48.58
C ALA A 1016 -52.68 -2.28 -48.56
N THR A 1017 -52.63 -3.57 -48.26
CA THR A 1017 -53.83 -4.38 -48.26
C THR A 1017 -54.87 -3.85 -47.28
N ALA A 1018 -54.45 -3.07 -46.29
CA ALA A 1018 -55.42 -2.37 -45.46
C ALA A 1018 -56.13 -1.28 -46.25
N LEU A 1019 -55.39 -0.53 -47.05
CA LEU A 1019 -56.02 0.45 -47.93
C LEU A 1019 -56.98 -0.21 -48.90
N ALA A 1020 -56.58 -1.36 -49.47
CA ALA A 1020 -57.52 -2.11 -50.27
C ALA A 1020 -58.73 -2.53 -49.45
N ASN A 1021 -58.51 -2.90 -48.19
CA ASN A 1021 -59.62 -3.25 -47.30
C ASN A 1021 -60.62 -2.10 -47.21
N LEU A 1022 -60.14 -0.89 -46.95
CA LEU A 1022 -61.05 0.24 -46.97
C LEU A 1022 -61.69 0.42 -48.33
N ARG A 1023 -60.96 0.19 -49.41
CA ARG A 1023 -61.54 0.29 -50.73
C ARG A 1023 -62.78 -0.60 -50.85
N LYS A 1024 -62.66 -1.87 -50.50
CA LYS A 1024 -63.86 -2.69 -50.46
C LYS A 1024 -64.78 -2.30 -49.31
N SER A 1025 -64.21 -1.83 -48.19
CA SER A 1025 -65.03 -1.32 -47.11
C SER A 1025 -65.79 -0.06 -47.53
N ARG A 1026 -65.30 0.64 -48.55
CA ARG A 1026 -66.08 1.72 -49.16
C ARG A 1026 -67.11 1.19 -50.13
N GLY A 1027 -67.18 -0.12 -50.32
CA GLY A 1027 -68.08 -0.73 -51.26
C GLY A 1027 -67.49 -0.98 -52.63
N MET A 1028 -66.23 -0.64 -52.84
CA MET A 1028 -65.62 -0.82 -54.15
C MET A 1028 -65.06 -2.22 -54.29
N LEU A 1029 -64.46 -2.53 -55.42
CA LEU A 1029 -63.83 -3.82 -55.62
C LEU A 1029 -62.51 -3.85 -54.87
N GLY A 1030 -62.23 -4.98 -54.22
CA GLY A 1030 -60.90 -5.18 -53.71
C GLY A 1030 -59.93 -5.33 -54.86
N LEU A 1031 -58.94 -4.46 -54.93
CA LEU A 1031 -57.94 -4.53 -55.99
C LEU A 1031 -56.66 -5.22 -55.53
N LEU A 1032 -56.61 -5.71 -54.30
CA LEU A 1032 -55.34 -6.27 -53.83
C LEU A 1032 -55.08 -7.53 -54.63
N GLU A 1033 -53.99 -7.45 -55.39
CA GLU A 1033 -53.51 -8.48 -56.30
C GLU A 1033 -52.85 -7.76 -57.50
N PRO A 1034 -52.22 -8.52 -58.41
CA PRO A 1034 -51.57 -7.87 -59.57
C PRO A 1034 -52.60 -7.29 -60.54
N PRO A 1035 -52.23 -6.27 -61.31
CA PRO A 1035 -53.28 -5.77 -62.20
C PRO A 1035 -54.10 -6.96 -62.69
N ALA A 1036 -55.30 -6.66 -63.18
CA ALA A 1036 -56.17 -7.75 -63.59
C ALA A 1036 -55.62 -8.40 -64.85
N LYS A 1037 -56.28 -9.47 -65.30
CA LYS A 1037 -55.76 -10.20 -66.45
C LYS A 1037 -55.81 -9.34 -67.71
N GLU A 1038 -56.93 -8.66 -67.93
CA GLU A 1038 -57.04 -7.70 -69.01
C GLU A 1038 -56.01 -6.59 -68.83
N LEU A 1039 -55.48 -6.11 -69.96
CA LEU A 1039 -54.45 -5.09 -69.93
C LEU A 1039 -54.99 -3.79 -69.33
N GLN A 1040 -54.07 -2.97 -68.81
CA GLN A 1040 -54.46 -1.73 -68.17
C GLN A 1040 -55.06 -0.79 -69.21
N GLY A 1041 -55.82 0.20 -68.74
CA GLY A 1041 -56.76 0.91 -69.56
C GLY A 1041 -58.15 0.52 -69.10
N ILE A 1042 -58.20 -0.51 -68.25
CA ILE A 1042 -59.42 -0.85 -67.54
C ILE A 1042 -59.89 0.33 -66.69
N ASP A 1043 -59.02 0.83 -65.82
CA ASP A 1043 -59.31 1.95 -64.93
C ASP A 1043 -60.57 1.63 -64.12
N PRO A 1044 -60.51 0.65 -63.21
CA PRO A 1044 -61.74 0.12 -62.62
C PRO A 1044 -62.55 1.15 -61.86
N ASP A 1045 -61.93 2.24 -61.41
CA ASP A 1045 -62.62 3.29 -60.68
C ASP A 1045 -63.54 4.10 -61.58
N GLU A 1046 -63.52 3.79 -62.88
CA GLU A 1046 -64.32 4.48 -63.90
C GLU A 1046 -65.78 4.61 -63.51
N THR A 1047 -66.39 3.55 -62.99
CA THR A 1047 -67.80 3.60 -62.61
C THR A 1047 -68.03 4.21 -61.24
N VAL A 1048 -66.98 4.47 -60.47
CA VAL A 1048 -67.17 5.00 -59.11
C VAL A 1048 -67.66 6.43 -59.21
N PRO A 1049 -68.73 6.81 -58.50
CA PRO A 1049 -69.30 8.14 -58.69
C PRO A 1049 -68.43 9.25 -58.12
N ASP A 1050 -67.19 9.37 -58.58
CA ASP A 1050 -66.34 10.48 -58.23
C ASP A 1050 -66.19 10.58 -56.72
N ASN A 1051 -66.82 11.62 -56.13
CA ASN A 1051 -66.51 12.08 -54.78
C ASN A 1051 -66.39 10.97 -53.75
N VAL A 1052 -67.01 9.81 -53.99
CA VAL A 1052 -66.63 8.64 -53.20
C VAL A 1052 -65.12 8.42 -53.29
N LYS A 1053 -64.58 8.40 -54.51
CA LYS A 1053 -63.14 8.32 -54.68
C LYS A 1053 -62.41 9.39 -53.89
N THR A 1054 -62.56 10.66 -54.29
CA THR A 1054 -61.82 11.75 -53.66
C THR A 1054 -61.96 11.72 -52.15
N SER A 1055 -63.12 11.30 -51.65
CA SER A 1055 -63.24 10.95 -50.24
C SER A 1055 -62.16 9.95 -49.83
N VAL A 1056 -62.08 8.81 -50.53
CA VAL A 1056 -61.02 7.86 -50.21
C VAL A 1056 -59.65 8.52 -50.35
N SER A 1057 -59.47 9.39 -51.34
CA SER A 1057 -58.21 10.08 -51.56
C SER A 1057 -57.77 10.83 -50.32
N GLN A 1058 -58.57 11.82 -49.88
CA GLN A 1058 -58.25 12.48 -48.62
C GLN A 1058 -58.16 11.49 -47.46
N LEU A 1059 -58.83 10.34 -47.57
CA LEU A 1059 -58.80 9.41 -46.46
C LEU A 1059 -57.51 8.60 -46.46
N TYR A 1060 -57.05 8.15 -47.64
CA TYR A 1060 -55.69 7.66 -47.82
C TYR A 1060 -55.20 8.01 -49.22
N ARG A 1061 -53.95 8.41 -49.32
CA ARG A 1061 -53.26 8.47 -50.61
C ARG A 1061 -51.79 8.12 -50.39
N ILE A 1062 -51.27 7.17 -51.17
CA ILE A 1062 -49.88 6.73 -51.07
C ILE A 1062 -49.35 6.54 -52.50
N SER A 1063 -48.37 7.32 -52.92
CA SER A 1063 -47.94 7.16 -54.31
C SER A 1063 -46.47 7.33 -54.66
N GLU A 1064 -45.94 6.29 -55.32
CA GLU A 1064 -44.56 6.20 -55.80
C GLU A 1064 -43.53 6.85 -54.89
N LYS A 1065 -43.39 8.17 -55.05
CA LYS A 1065 -42.44 8.93 -54.23
C LYS A 1065 -42.62 8.63 -52.74
N SER A 1066 -43.82 8.21 -52.40
CA SER A 1066 -44.19 7.83 -51.04
C SER A 1066 -43.45 6.59 -50.61
N VAL A 1067 -43.50 5.54 -51.43
CA VAL A 1067 -42.75 4.34 -51.13
C VAL A 1067 -41.29 4.47 -51.52
N ARG A 1068 -41.01 5.15 -52.63
CA ARG A 1068 -39.62 5.29 -53.07
C ARG A 1068 -38.76 5.96 -51.99
N LYS A 1069 -39.03 7.24 -51.71
CA LYS A 1069 -38.33 7.93 -50.63
C LYS A 1069 -38.33 7.12 -49.35
N PHE A 1070 -39.43 6.43 -49.05
CA PHE A 1070 -39.46 5.56 -47.89
C PHE A 1070 -38.33 4.55 -47.93
N LEU A 1071 -38.40 3.63 -48.88
CA LEU A 1071 -37.37 2.60 -49.01
C LEU A 1071 -35.99 3.20 -48.99
N GLU A 1072 -35.79 4.30 -49.71
CA GLU A 1072 -34.52 5.02 -49.66
C GLU A 1072 -34.10 5.28 -48.22
N ILE A 1073 -35.02 5.82 -47.42
CA ILE A 1073 -34.74 5.99 -45.99
C ILE A 1073 -34.41 4.66 -45.33
N ALA A 1074 -35.35 3.71 -45.34
CA ALA A 1074 -35.16 2.45 -44.64
C ALA A 1074 -33.83 1.80 -44.98
N LEU A 1075 -33.69 1.30 -46.21
CA LEU A 1075 -32.47 0.62 -46.58
C LEU A 1075 -31.25 1.52 -46.46
N PHE A 1076 -31.43 2.83 -46.63
CA PHE A 1076 -30.33 3.74 -46.36
C PHE A 1076 -29.83 3.59 -44.94
N LYS A 1077 -30.64 4.01 -43.95
CA LYS A 1077 -30.25 3.87 -42.55
C LYS A 1077 -29.74 2.49 -42.22
N TYR A 1078 -30.50 1.45 -42.59
CA TYR A 1078 -30.05 0.09 -42.36
C TYR A 1078 -28.64 -0.15 -42.88
N ARG A 1079 -28.31 0.35 -44.07
CA ARG A 1079 -26.94 0.18 -44.54
C ARG A 1079 -25.97 1.02 -43.75
N LYS A 1080 -26.29 2.28 -43.49
CA LYS A 1080 -25.43 3.13 -42.67
C LYS A 1080 -25.49 2.71 -41.22
N ALA A 1081 -26.39 1.79 -40.87
CA ALA A 1081 -26.33 1.21 -39.54
C ALA A 1081 -25.68 -0.15 -39.68
N ARG A 1082 -24.41 -0.22 -39.31
CA ARG A 1082 -23.67 -1.48 -39.32
C ARG A 1082 -22.42 -1.25 -38.50
N LEU A 1083 -21.82 -2.33 -38.01
CA LEU A 1083 -20.47 -2.15 -37.51
C LEU A 1083 -19.54 -1.98 -38.69
N GLU A 1084 -18.89 -0.85 -38.76
CA GLU A 1084 -17.84 -0.70 -39.73
C GLU A 1084 -16.52 -1.12 -39.09
N PRO A 1085 -15.63 -1.74 -39.84
CA PRO A 1085 -14.47 -2.38 -39.21
C PRO A 1085 -13.62 -1.36 -38.47
N GLY A 1086 -13.05 -1.80 -37.36
CA GLY A 1086 -12.15 -1.01 -36.56
C GLY A 1086 -12.76 -0.43 -35.31
N THR A 1087 -14.07 -0.25 -35.26
CA THR A 1087 -14.68 0.22 -34.02
C THR A 1087 -14.61 -0.89 -32.98
N ALA A 1088 -14.21 -0.54 -31.76
CA ALA A 1088 -13.88 -1.56 -30.78
C ALA A 1088 -15.12 -1.89 -29.99
N ILE A 1089 -15.63 -3.09 -30.20
CA ILE A 1089 -16.84 -3.49 -29.50
C ILE A 1089 -16.56 -3.87 -28.07
N GLY A 1090 -15.55 -4.71 -27.83
CA GLY A 1090 -15.29 -5.18 -26.48
C GLY A 1090 -15.22 -4.06 -25.47
N ALA A 1091 -14.54 -2.97 -25.81
CA ALA A 1091 -14.49 -1.82 -24.94
C ALA A 1091 -15.87 -1.24 -24.67
N ILE A 1092 -16.65 -0.96 -25.73
CA ILE A 1092 -17.97 -0.37 -25.53
C ILE A 1092 -18.85 -1.30 -24.72
N GLY A 1093 -18.65 -2.61 -24.84
CA GLY A 1093 -19.35 -3.54 -23.97
C GLY A 1093 -18.86 -3.44 -22.55
N ALA A 1094 -17.54 -3.41 -22.36
CA ALA A 1094 -16.98 -3.17 -21.04
C ALA A 1094 -17.59 -1.96 -20.37
N GLN A 1095 -17.43 -0.79 -20.94
CA GLN A 1095 -18.10 0.42 -20.48
C GLN A 1095 -19.60 0.20 -20.30
N SER A 1096 -20.19 -0.66 -21.13
CA SER A 1096 -21.62 -0.74 -21.29
C SER A 1096 -22.34 -1.45 -20.15
N ILE A 1097 -21.75 -2.51 -19.60
CA ILE A 1097 -22.46 -3.35 -18.65
C ILE A 1097 -22.52 -2.76 -17.24
N GLY A 1098 -21.40 -2.27 -16.70
CA GLY A 1098 -21.26 -2.18 -15.26
C GLY A 1098 -22.22 -1.22 -14.60
N GLU A 1099 -22.22 0.03 -15.04
CA GLU A 1099 -22.88 1.14 -14.34
C GLU A 1099 -24.36 0.87 -14.03
N PRO A 1100 -24.87 1.47 -12.94
CA PRO A 1100 -24.15 2.32 -12.00
C PRO A 1100 -23.35 1.54 -10.96
N MET A 1117 -38.81 -19.11 -3.21
CA MET A 1117 -39.21 -17.73 -3.50
C MET A 1117 -38.03 -16.78 -3.35
N ASN A 1118 -37.22 -17.00 -2.32
CA ASN A 1118 -36.06 -16.16 -2.08
C ASN A 1118 -35.03 -16.37 -3.19
N VAL A 1119 -34.47 -15.28 -3.68
CA VAL A 1119 -33.56 -15.33 -4.82
C VAL A 1119 -32.71 -14.06 -4.79
N THR A 1120 -31.56 -14.11 -5.45
CA THR A 1120 -30.70 -12.95 -5.50
C THR A 1120 -30.84 -12.25 -6.85
N LEU A 1121 -31.49 -11.08 -6.83
CA LEU A 1121 -31.60 -10.26 -8.02
C LEU A 1121 -30.52 -9.21 -8.15
N GLY A 1122 -29.72 -8.97 -7.11
CA GLY A 1122 -28.82 -7.84 -7.09
C GLY A 1122 -27.65 -7.98 -8.04
N VAL A 1123 -26.80 -6.96 -8.04
CA VAL A 1123 -25.56 -6.99 -8.81
C VAL A 1123 -24.65 -8.13 -8.36
N PRO A 1124 -24.57 -8.51 -7.05
CA PRO A 1124 -23.69 -9.64 -6.73
C PRO A 1124 -23.84 -10.99 -7.38
N ARG A 1125 -25.05 -11.34 -7.81
CA ARG A 1125 -25.14 -12.47 -8.75
C ARG A 1125 -24.51 -12.25 -10.15
N ILE A 1126 -24.55 -10.99 -10.58
CA ILE A 1126 -23.92 -10.64 -11.83
C ILE A 1126 -22.46 -10.92 -11.53
N LYS A 1127 -22.00 -10.53 -10.34
CA LYS A 1127 -20.68 -10.94 -9.88
C LYS A 1127 -20.54 -12.45 -10.02
N GLU A 1128 -21.51 -13.19 -9.49
CA GLU A 1128 -21.48 -14.64 -9.65
C GLU A 1128 -21.43 -15.03 -11.12
N ILE A 1129 -22.53 -14.86 -11.84
CA ILE A 1129 -22.66 -15.43 -13.17
C ILE A 1129 -21.49 -15.08 -14.08
N ILE A 1130 -21.05 -13.82 -14.06
CA ILE A 1130 -19.83 -13.47 -14.78
C ILE A 1130 -18.67 -14.27 -14.23
N ASN A 1131 -18.32 -14.04 -12.97
CA ASN A 1131 -17.23 -14.78 -12.33
C ASN A 1131 -17.46 -16.29 -12.41
N ALA A 1132 -18.69 -16.74 -12.18
CA ALA A 1132 -19.09 -18.13 -12.41
C ALA A 1132 -18.27 -19.11 -11.58
N SER A 1133 -18.48 -19.16 -10.28
CA SER A 1133 -17.85 -20.18 -9.47
C SER A 1133 -18.65 -21.47 -9.54
N LYS A 1134 -18.11 -22.51 -8.90
CA LYS A 1134 -18.86 -23.75 -8.78
C LYS A 1134 -20.07 -23.68 -7.86
N VAL A 1135 -19.88 -23.16 -6.66
CA VAL A 1135 -20.98 -22.96 -5.72
C VAL A 1135 -21.69 -21.69 -6.10
N ILE A 1136 -22.94 -21.54 -5.67
CA ILE A 1136 -23.65 -20.29 -5.80
C ILE A 1136 -24.70 -20.26 -4.71
N SER A 1137 -25.22 -19.07 -4.43
CA SER A 1137 -26.46 -18.94 -3.69
C SER A 1137 -27.63 -19.31 -4.58
N THR A 1138 -28.76 -19.58 -3.93
CA THR A 1138 -30.06 -19.80 -4.56
C THR A 1138 -30.01 -20.55 -5.89
N PRO A 1139 -29.49 -21.79 -5.90
CA PRO A 1139 -29.51 -22.55 -7.15
C PRO A 1139 -30.91 -22.98 -7.53
N ILE A 1140 -31.69 -22.04 -8.04
CA ILE A 1140 -33.08 -22.33 -8.36
C ILE A 1140 -33.16 -23.13 -9.67
N ILE A 1141 -34.01 -24.15 -9.65
CA ILE A 1141 -34.37 -24.91 -10.83
C ILE A 1141 -35.73 -24.43 -11.28
N ASN A 1142 -35.85 -24.08 -12.56
CA ASN A 1142 -37.12 -23.76 -13.18
C ASN A 1142 -37.52 -24.98 -14.00
N ALA A 1143 -38.51 -25.72 -13.52
CA ALA A 1143 -38.85 -27.01 -14.09
C ALA A 1143 -40.35 -27.10 -14.37
N VAL A 1144 -40.68 -27.62 -15.54
CA VAL A 1144 -42.05 -27.84 -15.94
C VAL A 1144 -42.14 -29.32 -16.20
N LEU A 1145 -43.35 -29.84 -16.24
CA LEU A 1145 -43.65 -31.23 -16.51
C LEU A 1145 -44.62 -31.57 -17.61
N VAL A 1146 -45.86 -31.88 -17.24
CA VAL A 1146 -46.88 -32.20 -18.23
C VAL A 1146 -48.21 -31.46 -18.30
N ASN A 1147 -48.70 -30.92 -17.18
CA ASN A 1147 -49.98 -30.25 -17.26
C ASN A 1147 -50.18 -29.40 -16.02
N ASP A 1148 -51.41 -28.92 -15.81
CA ASP A 1148 -51.79 -28.31 -14.54
C ASP A 1148 -52.80 -29.22 -13.84
N ASN A 1149 -52.32 -29.90 -12.80
CA ASN A 1149 -53.17 -30.46 -11.76
C ASN A 1149 -52.50 -30.12 -10.44
N ASP A 1150 -53.16 -29.27 -9.63
CA ASP A 1150 -52.51 -28.78 -8.43
C ASP A 1150 -52.35 -29.90 -7.41
N GLU A 1151 -53.02 -31.02 -7.65
CA GLU A 1151 -53.15 -32.12 -6.72
C GLU A 1151 -52.37 -33.31 -7.22
N ARG A 1152 -51.96 -34.17 -6.28
CA ARG A 1152 -51.30 -35.42 -6.61
C ARG A 1152 -50.04 -35.16 -7.41
N ALA A 1153 -50.02 -35.56 -8.69
CA ALA A 1153 -48.78 -35.61 -9.45
C ALA A 1153 -47.91 -34.39 -9.21
N ALA A 1154 -48.51 -33.20 -9.19
CA ALA A 1154 -47.81 -32.02 -8.73
C ALA A 1154 -47.15 -32.22 -7.38
N ARG A 1155 -47.92 -32.31 -6.31
CA ARG A 1155 -47.38 -32.62 -5.00
C ARG A 1155 -46.67 -33.97 -4.95
N VAL A 1156 -47.16 -34.96 -5.71
CA VAL A 1156 -46.47 -36.24 -5.78
C VAL A 1156 -45.03 -36.03 -6.22
N VAL A 1157 -44.82 -35.60 -7.47
CA VAL A 1157 -43.46 -35.43 -7.96
C VAL A 1157 -42.68 -34.45 -7.10
N LYS A 1158 -43.38 -33.50 -6.48
CA LYS A 1158 -42.74 -32.72 -5.43
C LYS A 1158 -42.16 -33.65 -4.38
N GLY A 1159 -42.81 -34.80 -4.16
CA GLY A 1159 -42.23 -35.83 -3.32
C GLY A 1159 -41.22 -36.70 -4.03
N ARG A 1160 -41.38 -36.91 -5.34
CA ARG A 1160 -40.48 -37.79 -6.07
C ARG A 1160 -39.05 -37.26 -6.02
N VAL A 1161 -38.90 -35.94 -6.01
CA VAL A 1161 -37.67 -35.32 -5.54
C VAL A 1161 -38.08 -34.29 -4.51
N GLU A 1162 -37.90 -34.61 -3.23
CA GLU A 1162 -37.74 -33.56 -2.23
C GLU A 1162 -36.79 -34.01 -1.13
N LYS A 1163 -35.56 -33.51 -1.13
CA LYS A 1163 -34.61 -33.58 -0.01
C LYS A 1163 -34.71 -34.96 0.64
N THR A 1164 -34.81 -35.05 1.95
CA THR A 1164 -35.33 -36.21 2.67
C THR A 1164 -36.14 -35.70 3.85
N LEU A 1165 -37.39 -36.14 3.96
CA LEU A 1165 -38.25 -35.70 5.05
C LEU A 1165 -38.24 -36.67 6.23
N LEU A 1166 -37.35 -37.68 6.20
CA LEU A 1166 -37.44 -38.81 7.12
C LEU A 1166 -37.71 -38.40 8.55
N SER A 1167 -36.95 -37.44 9.09
CA SER A 1167 -37.22 -36.96 10.44
C SER A 1167 -38.67 -36.56 10.63
N ASP A 1168 -39.15 -35.54 9.91
CA ASP A 1168 -40.56 -35.21 9.90
C ASP A 1168 -41.42 -36.40 9.50
N VAL A 1169 -40.94 -37.26 8.62
CA VAL A 1169 -41.63 -38.51 8.35
C VAL A 1169 -41.64 -39.41 9.57
N ALA A 1170 -40.55 -39.45 10.33
CA ALA A 1170 -40.32 -40.51 11.32
C ALA A 1170 -41.38 -40.55 12.40
N PHE A 1171 -42.29 -39.57 12.45
CA PHE A 1171 -43.34 -39.53 13.46
C PHE A 1171 -42.68 -39.51 14.83
N TYR A 1172 -42.87 -40.53 15.67
CA TYR A 1172 -42.16 -40.56 16.93
C TYR A 1172 -40.91 -41.42 16.80
N VAL A 1173 -39.83 -40.95 17.40
CA VAL A 1173 -38.60 -41.71 17.58
C VAL A 1173 -38.82 -42.64 18.76
N GLN A 1174 -38.14 -43.79 18.76
CA GLN A 1174 -38.09 -44.67 19.93
C GLN A 1174 -36.89 -45.59 19.76
N ASP A 1175 -36.44 -46.18 20.87
CA ASP A 1175 -35.63 -47.41 20.89
C ASP A 1175 -35.81 -48.07 22.25
N VAL A 1176 -35.64 -49.39 22.31
CA VAL A 1176 -35.90 -50.18 23.52
C VAL A 1176 -34.89 -51.32 23.60
N TYR A 1177 -34.41 -51.60 24.81
CA TYR A 1177 -33.45 -52.65 25.04
C TYR A 1177 -33.95 -53.59 26.13
N LYS A 1178 -34.06 -54.88 25.80
CA LYS A 1178 -34.29 -55.93 26.79
C LYS A 1178 -33.06 -56.82 26.82
N ASP A 1179 -32.26 -56.68 27.88
CA ASP A 1179 -31.17 -57.60 28.20
C ASP A 1179 -30.22 -57.67 27.01
N ASN A 1180 -29.93 -58.85 26.47
CA ASN A 1180 -29.01 -58.99 25.34
C ASN A 1180 -29.64 -58.56 24.04
N LEU A 1181 -30.94 -58.27 24.08
CA LEU A 1181 -31.67 -57.81 22.91
C LEU A 1181 -31.50 -56.30 22.88
N SER A 1182 -30.83 -55.80 21.84
CA SER A 1182 -30.69 -54.36 21.62
C SER A 1182 -31.62 -53.98 20.49
N PHE A 1183 -32.72 -53.32 20.82
CA PHE A 1183 -33.80 -53.05 19.87
C PHE A 1183 -33.78 -51.60 19.42
N ILE A 1184 -33.56 -51.40 18.14
CA ILE A 1184 -33.70 -50.10 17.51
C ILE A 1184 -35.04 -50.12 16.78
N GLN A 1185 -36.03 -49.42 17.34
CA GLN A 1185 -37.39 -49.44 16.83
C GLN A 1185 -37.97 -48.03 16.82
N VAL A 1186 -38.30 -47.52 15.64
CA VAL A 1186 -39.10 -46.31 15.51
C VAL A 1186 -40.32 -46.66 14.68
N ARG A 1187 -41.40 -45.91 14.92
CA ARG A 1187 -42.63 -46.10 14.17
C ARG A 1187 -43.07 -44.77 13.58
N ILE A 1188 -43.72 -44.85 12.41
CA ILE A 1188 -43.88 -43.73 11.50
C ILE A 1188 -45.34 -43.69 11.05
N ASP A 1189 -45.87 -42.49 10.85
CA ASP A 1189 -47.24 -42.32 10.40
C ASP A 1189 -47.36 -42.57 8.91
N LEU A 1190 -48.26 -43.48 8.52
CA LEU A 1190 -48.57 -43.67 7.11
C LEU A 1190 -49.50 -42.59 6.57
N GLY A 1191 -50.34 -42.02 7.43
CA GLY A 1191 -51.15 -40.89 7.03
C GLY A 1191 -50.33 -39.71 6.54
N THR A 1192 -49.04 -39.68 6.90
CA THR A 1192 -48.12 -38.75 6.27
C THR A 1192 -48.03 -39.02 4.77
N ILE A 1193 -47.84 -40.28 4.39
CA ILE A 1193 -47.83 -40.64 2.98
C ILE A 1193 -49.19 -40.37 2.36
N ASP A 1194 -50.26 -40.52 3.15
CA ASP A 1194 -51.59 -40.22 2.65
C ASP A 1194 -51.72 -38.73 2.33
N LYS A 1195 -51.16 -37.88 3.18
CA LYS A 1195 -51.18 -36.44 2.93
C LYS A 1195 -50.18 -36.12 1.82
N LEU A 1196 -48.91 -36.35 2.09
CA LEU A 1196 -47.87 -36.15 1.09
C LEU A 1196 -47.68 -37.46 0.37
N GLN A 1197 -48.12 -37.52 -0.89
CA GLN A 1197 -48.20 -38.78 -1.60
C GLN A 1197 -46.83 -39.12 -2.18
N LEU A 1198 -46.28 -40.26 -1.76
CA LEU A 1198 -44.95 -40.68 -2.16
C LEU A 1198 -44.99 -42.12 -2.64
N GLU A 1199 -43.96 -42.52 -3.38
CA GLU A 1199 -43.81 -43.91 -3.80
C GLU A 1199 -42.92 -44.63 -2.80
N LEU A 1200 -43.54 -45.49 -1.99
CA LEU A 1200 -42.86 -46.27 -0.97
C LEU A 1200 -43.90 -47.07 -0.21
N THR A 1201 -43.46 -48.14 0.46
CA THR A 1201 -44.24 -48.74 1.54
C THR A 1201 -43.39 -48.85 2.79
N ILE A 1202 -42.51 -49.86 2.87
CA ILE A 1202 -41.41 -49.87 3.82
C ILE A 1202 -40.14 -50.28 3.09
N GLU A 1203 -40.16 -51.46 2.48
CA GLU A 1203 -38.96 -52.03 1.89
C GLU A 1203 -38.17 -50.98 1.10
N ASP A 1204 -38.87 -50.11 0.38
CA ASP A 1204 -38.23 -48.91 -0.15
C ASP A 1204 -37.51 -48.14 0.94
N ILE A 1205 -38.24 -47.54 1.88
CA ILE A 1205 -37.60 -46.80 2.96
C ILE A 1205 -36.72 -47.71 3.81
N ALA A 1206 -37.05 -48.99 3.93
CA ALA A 1206 -36.13 -49.95 4.52
C ALA A 1206 -34.83 -50.03 3.72
N VAL A 1207 -34.91 -50.44 2.46
CA VAL A 1207 -33.68 -50.52 1.66
C VAL A 1207 -33.08 -49.13 1.54
N ALA A 1208 -33.88 -48.08 1.67
CA ALA A 1208 -33.30 -46.74 1.78
C ALA A 1208 -32.45 -46.62 3.03
N ILE A 1209 -32.89 -47.19 4.15
CA ILE A 1209 -32.03 -47.28 5.32
C ILE A 1209 -30.73 -47.99 4.97
N THR A 1210 -30.81 -49.26 4.55
CA THR A 1210 -29.59 -50.00 4.31
C THR A 1210 -28.71 -49.35 3.24
N ARG A 1211 -29.26 -48.46 2.42
CA ARG A 1211 -28.43 -47.59 1.60
C ARG A 1211 -27.80 -46.50 2.45
N ALA A 1212 -28.54 -46.00 3.44
CA ALA A 1212 -28.09 -44.85 4.21
C ALA A 1212 -27.00 -45.22 5.19
N SER A 1213 -27.13 -46.35 5.89
CA SER A 1213 -26.06 -46.81 6.77
C SER A 1213 -24.77 -47.09 6.00
N LYS A 1214 -24.87 -47.26 4.68
CA LYS A 1214 -23.67 -47.32 3.86
C LYS A 1214 -22.96 -45.98 3.78
N LEU A 1215 -23.63 -44.89 4.15
CA LEU A 1215 -22.93 -43.64 4.40
C LEU A 1215 -22.13 -43.72 5.70
N LYS A 1216 -22.66 -44.41 6.69
CA LYS A 1216 -22.02 -44.49 7.99
C LYS A 1216 -21.89 -45.90 8.53
N ILE A 1217 -23.03 -46.57 8.77
CA ILE A 1217 -23.07 -47.64 9.77
C ILE A 1217 -22.66 -48.99 9.20
N GLN A 1218 -23.58 -49.67 8.51
CA GLN A 1218 -23.37 -51.05 8.09
C GLN A 1218 -24.64 -51.57 7.42
N ALA A 1219 -24.47 -52.66 6.66
CA ALA A 1219 -25.62 -53.37 6.12
C ALA A 1219 -26.08 -54.44 7.09
N SER A 1220 -27.39 -54.49 7.34
CA SER A 1220 -27.97 -55.46 8.27
C SER A 1220 -29.42 -55.72 7.91
N ASP A 1221 -30.16 -56.41 8.77
CA ASP A 1221 -31.54 -56.77 8.50
C ASP A 1221 -32.47 -55.90 9.34
N VAL A 1222 -33.65 -55.62 8.78
CA VAL A 1222 -34.68 -54.86 9.46
C VAL A 1222 -36.02 -55.53 9.20
N ASN A 1223 -37.01 -55.23 10.03
CA ASN A 1223 -38.32 -55.87 9.90
C ASN A 1223 -39.41 -54.94 10.39
N ILE A 1224 -40.65 -55.28 10.03
CA ILE A 1224 -41.82 -54.49 10.38
C ILE A 1224 -42.98 -55.42 10.68
N ILE A 1225 -43.71 -55.13 11.76
CA ILE A 1225 -45.02 -55.71 11.97
C ILE A 1225 -46.10 -54.95 11.20
N GLY A 1226 -46.00 -53.63 11.10
CA GLY A 1226 -46.97 -52.78 10.46
C GLY A 1226 -46.82 -51.41 11.08
N LYS A 1227 -47.51 -50.40 10.55
CA LYS A 1227 -47.45 -49.05 11.08
C LYS A 1227 -46.00 -48.58 11.22
N ASP A 1228 -45.17 -49.01 10.27
CA ASP A 1228 -43.81 -48.52 10.09
C ASP A 1228 -42.89 -48.85 11.27
N ARG A 1229 -42.96 -50.09 11.76
CA ARG A 1229 -42.01 -50.57 12.75
C ARG A 1229 -40.69 -50.90 12.08
N ILE A 1230 -39.59 -50.62 12.75
CA ILE A 1230 -38.27 -51.05 12.32
C ILE A 1230 -37.70 -51.99 13.36
N ALA A 1231 -36.86 -52.92 12.91
CA ALA A 1231 -36.17 -53.84 13.82
C ALA A 1231 -34.68 -53.80 13.46
N ILE A 1232 -33.88 -53.25 14.36
CA ILE A 1232 -32.45 -53.16 14.18
C ILE A 1232 -31.75 -53.58 15.46
N ASN A 1233 -30.92 -54.60 15.37
CA ASN A 1233 -30.13 -55.11 16.49
C ASN A 1233 -28.68 -55.05 16.07
N VAL A 1234 -27.81 -54.60 16.97
CA VAL A 1234 -26.43 -54.34 16.63
C VAL A 1234 -25.50 -55.13 17.54
N PHE A 1235 -24.20 -54.89 17.38
CA PHE A 1235 -23.13 -55.65 18.01
C PHE A 1235 -21.82 -55.03 17.55
N PRO A 1236 -20.68 -55.32 18.22
CA PRO A 1236 -19.44 -54.72 17.75
C PRO A 1236 -18.97 -55.31 16.42
N SER A 1252 -11.60 -49.71 26.24
CA SER A 1252 -12.32 -49.09 25.13
C SER A 1252 -13.49 -49.94 24.69
N GLU A 1253 -13.88 -50.89 25.54
CA GLU A 1253 -14.99 -51.78 25.22
C GLU A 1253 -16.30 -51.01 25.34
N ASN A 1254 -17.42 -51.71 25.14
CA ASN A 1254 -18.75 -51.15 25.38
C ASN A 1254 -19.01 -49.95 24.47
N ASP A 1255 -18.29 -49.87 23.35
CA ASP A 1255 -18.53 -48.80 22.41
C ASP A 1255 -19.88 -48.92 21.74
N VAL A 1256 -20.45 -50.13 21.69
CA VAL A 1256 -21.78 -50.32 21.10
C VAL A 1256 -22.77 -49.36 21.74
N PHE A 1257 -22.48 -48.91 22.96
CA PHE A 1257 -23.27 -47.84 23.56
C PHE A 1257 -22.95 -46.49 22.93
N TYR A 1258 -21.67 -46.23 22.62
CA TYR A 1258 -21.31 -44.94 22.03
C TYR A 1258 -21.79 -44.83 20.59
N ARG A 1259 -21.39 -45.78 19.74
CA ARG A 1259 -22.01 -45.96 18.44
C ARG A 1259 -23.51 -45.95 18.55
N MET A 1260 -24.05 -46.70 19.51
CA MET A 1260 -25.49 -46.72 19.75
C MET A 1260 -26.07 -45.33 19.82
N GLN A 1261 -25.44 -44.46 20.61
CA GLN A 1261 -25.91 -43.08 20.75
C GLN A 1261 -26.07 -42.41 19.39
N GLN A 1262 -24.96 -42.28 18.65
CA GLN A 1262 -25.02 -41.66 17.33
C GLN A 1262 -26.01 -42.38 16.42
N LEU A 1263 -26.21 -43.68 16.62
CA LEU A 1263 -27.24 -44.40 15.88
C LEU A 1263 -28.60 -43.79 16.16
N ARG A 1264 -28.87 -43.47 17.42
CA ARG A 1264 -30.08 -42.71 17.72
C ARG A 1264 -30.01 -41.31 17.16
N ARG A 1265 -28.80 -40.78 16.97
CA ARG A 1265 -28.63 -39.38 16.63
C ARG A 1265 -28.82 -39.08 15.15
N ALA A 1266 -27.92 -39.55 14.29
CA ALA A 1266 -27.99 -39.21 12.88
C ALA A 1266 -29.09 -39.93 12.12
N LEU A 1267 -29.56 -41.08 12.62
CA LEU A 1267 -30.55 -41.85 11.87
C LEU A 1267 -31.81 -41.04 11.57
N PRO A 1268 -32.43 -40.32 12.53
CA PRO A 1268 -33.63 -39.54 12.20
C PRO A 1268 -33.30 -38.30 11.37
N ASP A 1269 -32.51 -38.51 10.31
CA ASP A 1269 -32.19 -37.50 9.31
C ASP A 1269 -32.31 -38.14 7.94
N VAL A 1270 -31.55 -39.22 7.76
CA VAL A 1270 -30.99 -39.69 6.50
C VAL A 1270 -32.05 -40.05 5.46
N VAL A 1271 -31.62 -40.16 4.22
CA VAL A 1271 -32.49 -40.10 3.04
C VAL A 1271 -33.67 -41.06 3.17
N VAL A 1272 -34.85 -40.56 2.80
CA VAL A 1272 -36.02 -41.38 2.57
C VAL A 1272 -36.39 -41.43 1.09
N LYS A 1273 -36.91 -40.34 0.54
CA LYS A 1273 -37.26 -40.30 -0.87
C LYS A 1273 -36.92 -38.91 -1.40
N GLY A 1274 -36.19 -38.86 -2.50
CA GLY A 1274 -35.85 -37.60 -3.12
C GLY A 1274 -34.46 -37.66 -3.72
N LEU A 1275 -33.93 -36.48 -4.02
CA LEU A 1275 -32.53 -36.33 -4.38
C LEU A 1275 -31.81 -35.67 -3.21
N PRO A 1276 -31.03 -36.39 -2.43
CA PRO A 1276 -30.41 -35.73 -1.27
C PRO A 1276 -29.13 -35.02 -1.66
N ASP A 1277 -29.18 -34.36 -2.80
CA ASP A 1277 -28.27 -33.27 -3.11
C ASP A 1277 -28.94 -31.91 -2.98
N ILE A 1278 -30.22 -31.87 -2.64
CA ILE A 1278 -31.11 -30.78 -3.01
C ILE A 1278 -31.99 -30.41 -1.83
N SER A 1279 -32.13 -29.11 -1.59
CA SER A 1279 -32.83 -28.62 -0.40
C SER A 1279 -34.34 -28.79 -0.52
N ARG A 1280 -34.98 -28.12 -1.46
CA ARG A 1280 -36.44 -28.12 -1.46
C ARG A 1280 -36.97 -27.61 -2.79
N ALA A 1281 -38.28 -27.42 -2.85
CA ALA A 1281 -38.94 -26.93 -4.05
C ALA A 1281 -40.28 -26.33 -3.67
N VAL A 1282 -40.85 -25.53 -4.58
CA VAL A 1282 -42.13 -24.87 -4.36
C VAL A 1282 -42.96 -25.00 -5.64
N ILE A 1283 -44.16 -25.55 -5.51
CA ILE A 1283 -45.13 -25.50 -6.60
C ILE A 1283 -45.59 -24.07 -6.79
N ASN A 1284 -45.60 -23.62 -8.04
CA ASN A 1284 -45.96 -22.25 -8.38
C ASN A 1284 -46.60 -22.23 -9.77
N ILE A 1285 -47.25 -21.12 -10.08
CA ILE A 1285 -48.27 -21.08 -11.11
C ILE A 1285 -47.67 -20.44 -12.36
N ARG A 1286 -48.10 -20.91 -13.53
CA ARG A 1286 -47.80 -20.27 -14.81
C ARG A 1286 -49.03 -19.46 -15.23
N ASP A 1287 -48.92 -18.13 -15.20
CA ASP A 1287 -50.08 -17.24 -15.30
C ASP A 1287 -51.06 -17.73 -14.24
N ASP A 1288 -52.35 -17.90 -14.53
CA ASP A 1288 -53.20 -18.78 -13.76
C ASP A 1288 -53.17 -20.24 -14.18
N GLY A 1289 -53.11 -20.53 -15.48
CA GLY A 1289 -53.46 -21.85 -15.94
C GLY A 1289 -52.54 -23.00 -15.54
N LYS A 1290 -51.29 -22.97 -15.97
CA LYS A 1290 -50.36 -24.03 -15.61
C LYS A 1290 -49.72 -23.77 -14.25
N ARG A 1291 -49.26 -24.85 -13.62
CA ARG A 1291 -48.49 -24.73 -12.38
C ARG A 1291 -47.34 -25.71 -12.38
N GLU A 1292 -46.18 -25.26 -11.88
CA GLU A 1292 -44.94 -26.00 -11.81
C GLU A 1292 -44.19 -25.64 -10.54
N LEU A 1293 -42.93 -26.07 -10.43
CA LEU A 1293 -42.18 -25.88 -9.19
C LEU A 1293 -40.78 -25.38 -9.51
N LEU A 1294 -40.21 -24.63 -8.57
CA LEU A 1294 -38.81 -24.23 -8.62
C LEU A 1294 -38.08 -24.87 -7.45
N VAL A 1295 -36.77 -25.06 -7.59
CA VAL A 1295 -36.03 -25.90 -6.66
C VAL A 1295 -34.84 -25.16 -6.09
N GLU A 1296 -34.58 -25.38 -4.81
CA GLU A 1296 -33.28 -25.13 -4.20
C GLU A 1296 -32.52 -26.46 -4.24
N GLY A 1297 -31.52 -26.53 -5.10
CA GLY A 1297 -30.74 -27.74 -5.30
C GLY A 1297 -29.83 -27.57 -6.51
N TYR A 1298 -28.82 -28.45 -6.58
CA TYR A 1298 -27.80 -28.36 -7.62
C TYR A 1298 -27.96 -29.34 -8.78
N GLY A 1299 -28.92 -30.26 -8.74
CA GLY A 1299 -28.77 -31.42 -9.60
C GLY A 1299 -28.85 -31.23 -11.11
N LEU A 1300 -29.99 -30.76 -11.61
CA LEU A 1300 -30.20 -30.42 -13.01
C LEU A 1300 -30.10 -31.63 -13.95
N ARG A 1301 -29.55 -32.75 -13.47
CA ARG A 1301 -29.41 -33.91 -14.34
C ARG A 1301 -30.48 -34.95 -14.05
N ASP A 1302 -30.32 -35.65 -12.94
CA ASP A 1302 -31.33 -36.63 -12.53
C ASP A 1302 -32.67 -35.96 -12.31
N VAL A 1303 -32.67 -34.70 -11.89
CA VAL A 1303 -33.96 -34.02 -11.78
C VAL A 1303 -34.50 -33.68 -13.15
N MET A 1304 -33.63 -33.50 -14.15
CA MET A 1304 -34.11 -33.46 -15.51
C MET A 1304 -34.70 -34.81 -15.90
N CYS A 1305 -34.16 -35.88 -15.34
CA CYS A 1305 -34.65 -37.22 -15.57
C CYS A 1305 -35.93 -37.52 -14.79
N THR A 1306 -36.36 -36.61 -13.93
CA THR A 1306 -37.48 -36.86 -13.03
C THR A 1306 -38.68 -37.41 -13.81
N ASP A 1307 -39.22 -38.50 -13.31
CA ASP A 1307 -40.39 -39.10 -13.94
C ASP A 1307 -41.58 -38.15 -13.85
N GLY A 1308 -42.48 -38.26 -14.82
CA GLY A 1308 -43.71 -37.49 -14.78
C GLY A 1308 -43.54 -36.03 -15.14
N VAL A 1309 -42.31 -35.57 -15.33
CA VAL A 1309 -42.07 -34.20 -15.74
C VAL A 1309 -41.46 -34.22 -17.12
N ILE A 1310 -41.71 -33.17 -17.88
CA ILE A 1310 -41.03 -32.96 -19.15
C ILE A 1310 -39.60 -32.55 -18.86
N GLY A 1311 -38.66 -33.33 -19.37
CA GLY A 1311 -37.27 -32.95 -19.25
C GLY A 1311 -36.99 -31.84 -20.20
N SER A 1312 -37.59 -31.93 -21.40
CA SER A 1312 -37.25 -31.10 -22.54
C SER A 1312 -37.28 -29.60 -22.22
N ARG A 1313 -38.03 -29.21 -21.19
CA ARG A 1313 -37.87 -27.87 -20.65
C ARG A 1313 -37.59 -27.99 -19.16
N THR A 1314 -36.35 -27.71 -18.79
CA THR A 1314 -35.89 -27.57 -17.42
C THR A 1314 -34.70 -26.63 -17.50
N THR A 1315 -34.50 -25.81 -16.48
CA THR A 1315 -33.39 -24.87 -16.50
C THR A 1315 -32.94 -24.59 -15.07
N THR A 1316 -31.86 -23.85 -14.93
CA THR A 1316 -31.30 -23.51 -13.63
C THR A 1316 -30.45 -22.26 -13.79
N ASN A 1317 -29.66 -21.97 -12.77
CA ASN A 1317 -28.79 -20.82 -12.78
C ASN A 1317 -27.35 -21.25 -12.50
N HIS A 1318 -26.46 -20.27 -12.35
CA HIS A 1318 -25.01 -20.47 -12.41
C HIS A 1318 -24.70 -21.41 -13.56
N VAL A 1319 -24.85 -20.88 -14.78
CA VAL A 1319 -24.81 -21.68 -15.98
C VAL A 1319 -23.55 -22.52 -16.05
N LEU A 1320 -22.50 -22.10 -15.34
CA LEU A 1320 -21.31 -22.92 -15.21
C LEU A 1320 -21.69 -24.36 -14.87
N GLU A 1321 -22.70 -24.53 -14.02
CA GLU A 1321 -23.20 -25.86 -13.75
C GLU A 1321 -23.99 -26.41 -14.94
N VAL A 1322 -24.70 -25.55 -15.67
CA VAL A 1322 -25.40 -26.03 -16.86
C VAL A 1322 -24.43 -26.70 -17.81
N PHE A 1323 -23.16 -26.26 -17.80
CA PHE A 1323 -22.15 -26.86 -18.65
C PHE A 1323 -22.02 -28.35 -18.42
N SER A 1324 -22.33 -28.82 -17.22
CA SER A 1324 -22.27 -30.24 -16.91
C SER A 1324 -23.12 -31.10 -17.83
N VAL A 1325 -24.44 -30.93 -17.80
CA VAL A 1325 -25.35 -31.78 -18.56
C VAL A 1325 -25.30 -31.39 -20.03
N LEU A 1326 -25.64 -30.14 -20.34
CA LEU A 1326 -25.70 -29.70 -21.73
C LEU A 1326 -24.32 -29.30 -22.22
N GLY A 1327 -23.82 -28.17 -21.76
CA GLY A 1327 -22.49 -27.73 -22.11
C GLY A 1327 -22.41 -26.88 -23.36
N ILE A 1328 -21.47 -25.94 -23.35
CA ILE A 1328 -21.18 -25.02 -24.43
C ILE A 1328 -22.49 -24.39 -24.93
N GLU A 1329 -22.79 -24.55 -26.23
CA GLU A 1329 -23.61 -23.56 -26.93
C GLU A 1329 -24.84 -23.16 -26.12
N ALA A 1330 -25.47 -24.13 -25.47
CA ALA A 1330 -26.63 -23.81 -24.65
C ALA A 1330 -26.23 -23.10 -23.37
N ALA A 1331 -25.00 -23.32 -22.89
CA ALA A 1331 -24.53 -22.51 -21.78
C ALA A 1331 -24.36 -21.07 -22.19
N ARG A 1332 -23.82 -20.83 -23.38
CA ARG A 1332 -23.76 -19.46 -23.88
C ARG A 1332 -25.15 -18.86 -24.03
N TYR A 1333 -25.96 -19.38 -24.94
CA TYR A 1333 -27.31 -18.85 -25.13
C TYR A 1333 -28.05 -18.67 -23.81
N SER A 1334 -27.98 -19.68 -22.95
CA SER A 1334 -28.49 -19.57 -21.59
C SER A 1334 -27.97 -18.34 -20.87
N ILE A 1335 -26.66 -18.22 -20.71
CA ILE A 1335 -26.12 -17.22 -19.80
C ILE A 1335 -26.49 -15.81 -20.25
N ILE A 1336 -26.47 -15.54 -21.56
CA ILE A 1336 -26.86 -14.20 -21.99
C ILE A 1336 -28.36 -14.02 -21.88
N ARG A 1337 -29.14 -15.08 -22.15
CA ARG A 1337 -30.57 -15.04 -21.92
C ARG A 1337 -30.88 -14.61 -20.50
N GLU A 1338 -30.18 -15.18 -19.53
CA GLU A 1338 -30.40 -14.82 -18.13
C GLU A 1338 -29.91 -13.41 -17.82
N ILE A 1339 -28.64 -13.12 -18.10
CA ILE A 1339 -28.09 -11.80 -17.85
C ILE A 1339 -28.99 -10.73 -18.46
N ASN A 1340 -29.54 -11.01 -19.64
CA ASN A 1340 -30.67 -10.24 -20.11
C ASN A 1340 -31.78 -10.18 -19.06
N TYR A 1341 -32.36 -11.32 -18.69
CA TYR A 1341 -33.52 -11.37 -17.81
C TYR A 1341 -33.34 -10.55 -16.54
N THR A 1342 -32.28 -10.80 -15.78
CA THR A 1342 -32.01 -10.05 -14.57
C THR A 1342 -31.82 -8.56 -14.79
N MET A 1343 -30.78 -8.15 -15.51
CA MET A 1343 -30.35 -6.75 -15.52
C MET A 1343 -31.40 -5.80 -16.08
N SER A 1344 -32.40 -6.29 -16.78
CA SER A 1344 -33.53 -5.43 -17.13
C SER A 1344 -34.44 -5.19 -15.94
N ASN A 1345 -34.40 -6.07 -14.93
CA ASN A 1345 -35.33 -5.94 -13.81
C ASN A 1345 -34.90 -4.85 -12.84
N HIS A 1346 -33.59 -4.65 -12.69
CA HIS A 1346 -33.08 -3.49 -11.97
C HIS A 1346 -32.88 -2.30 -12.88
N GLY A 1347 -33.35 -2.39 -14.13
CA GLY A 1347 -33.55 -1.21 -14.93
C GLY A 1347 -32.62 -0.94 -16.09
N MET A 1348 -32.79 0.27 -16.63
CA MET A 1348 -32.31 0.79 -17.92
C MET A 1348 -32.60 -0.18 -19.06
N SER A 1349 -31.80 -0.13 -20.12
CA SER A 1349 -31.77 -1.16 -21.14
C SER A 1349 -30.37 -1.21 -21.71
N VAL A 1350 -29.75 -2.39 -21.73
CA VAL A 1350 -28.39 -2.53 -22.21
C VAL A 1350 -28.32 -2.95 -23.67
N ASP A 1351 -29.42 -3.39 -24.26
CA ASP A 1351 -29.54 -3.99 -25.58
C ASP A 1351 -28.85 -5.33 -25.58
N PRO A 1352 -29.32 -6.30 -26.36
CA PRO A 1352 -28.75 -7.66 -26.30
C PRO A 1352 -27.37 -7.79 -26.92
N ARG A 1353 -27.02 -6.93 -27.87
CA ARG A 1353 -25.81 -7.12 -28.66
C ARG A 1353 -24.60 -7.39 -27.78
N HIS A 1354 -24.22 -6.41 -26.97
CA HIS A 1354 -23.09 -6.54 -26.07
C HIS A 1354 -23.15 -7.81 -25.23
N ILE A 1355 -24.31 -8.12 -24.66
CA ILE A 1355 -24.43 -9.28 -23.81
C ILE A 1355 -24.06 -10.54 -24.57
N GLN A 1356 -24.63 -10.71 -25.77
CA GLN A 1356 -24.25 -11.83 -26.63
C GLN A 1356 -22.74 -11.97 -26.76
N LEU A 1357 -22.05 -10.87 -27.04
CA LEU A 1357 -20.60 -10.92 -27.11
C LEU A 1357 -19.97 -11.37 -25.81
N LEU A 1358 -20.44 -10.84 -24.68
CA LEU A 1358 -19.89 -11.26 -23.40
C LEU A 1358 -20.00 -12.76 -23.22
N GLY A 1359 -21.22 -13.28 -23.20
CA GLY A 1359 -21.39 -14.71 -23.08
C GLY A 1359 -20.58 -15.49 -24.09
N ASP A 1360 -20.37 -14.94 -25.28
CA ASP A 1360 -19.61 -15.62 -26.29
C ASP A 1360 -18.13 -15.72 -25.92
N VAL A 1361 -17.51 -14.60 -25.52
CA VAL A 1361 -16.11 -14.66 -25.13
C VAL A 1361 -15.94 -15.38 -23.81
N MET A 1362 -17.03 -15.64 -23.10
CA MET A 1362 -16.92 -16.54 -21.96
C MET A 1362 -16.99 -17.98 -22.43
N THR A 1363 -17.49 -18.20 -23.65
CA THR A 1363 -17.49 -19.50 -24.31
C THR A 1363 -16.31 -19.61 -25.28
N TYR A 1364 -15.46 -18.59 -25.32
CA TYR A 1364 -14.52 -18.41 -26.43
C TYR A 1364 -13.59 -19.59 -26.62
N LYS A 1365 -13.31 -20.36 -25.58
CA LYS A 1365 -12.46 -21.51 -25.88
C LYS A 1365 -13.19 -22.83 -25.69
N GLY A 1366 -13.17 -23.39 -24.50
CA GLY A 1366 -13.89 -24.62 -24.29
C GLY A 1366 -15.07 -24.57 -23.36
N GLU A 1367 -15.09 -23.57 -22.48
CA GLU A 1367 -15.99 -23.61 -21.34
C GLU A 1367 -16.16 -22.22 -20.75
N VAL A 1368 -17.18 -22.07 -19.91
CA VAL A 1368 -17.32 -20.90 -19.07
C VAL A 1368 -16.04 -20.80 -18.24
N LEU A 1369 -15.44 -19.61 -18.24
CA LEU A 1369 -14.16 -19.38 -17.58
C LEU A 1369 -13.90 -17.88 -17.58
N GLY A 1370 -12.70 -17.49 -17.17
CA GLY A 1370 -12.17 -16.18 -17.42
C GLY A 1370 -12.60 -15.19 -16.36
N ILE A 1371 -12.76 -13.94 -16.79
CA ILE A 1371 -13.13 -12.86 -15.90
C ILE A 1371 -12.09 -12.85 -14.79
N THR A 1372 -12.47 -13.31 -13.61
CA THR A 1372 -11.55 -13.43 -12.51
C THR A 1372 -10.26 -14.10 -12.97
N ARG A 1373 -9.15 -13.58 -12.43
CA ARG A 1373 -7.80 -13.89 -12.92
C ARG A 1373 -7.61 -15.38 -13.19
N PHE A 1374 -8.14 -16.23 -12.32
CA PHE A 1374 -7.77 -17.64 -12.36
C PHE A 1374 -8.27 -18.30 -13.63
N GLY A 1375 -9.38 -17.83 -14.16
CA GLY A 1375 -9.79 -18.28 -15.47
C GLY A 1375 -9.19 -17.50 -16.60
N LEU A 1376 -8.60 -16.34 -16.30
CA LEU A 1376 -8.11 -15.49 -17.37
C LEU A 1376 -6.92 -16.11 -18.07
N SER A 1377 -6.32 -17.14 -17.49
CA SER A 1377 -5.41 -17.97 -18.28
C SER A 1377 -6.24 -19.07 -18.91
N LYS A 1378 -6.56 -18.82 -20.18
CA LYS A 1378 -7.50 -19.57 -20.97
C LYS A 1378 -7.01 -19.84 -22.38
N MET A 1379 -6.98 -18.79 -23.18
CA MET A 1379 -6.18 -18.61 -24.38
C MET A 1379 -5.23 -17.47 -24.10
N ARG A 1380 -5.78 -16.34 -23.65
CA ARG A 1380 -5.14 -15.04 -23.76
C ARG A 1380 -3.69 -15.11 -23.27
N ASP A 1381 -2.77 -14.83 -24.19
CA ASP A 1381 -1.41 -15.29 -24.04
C ASP A 1381 -0.46 -14.19 -23.59
N SER A 1382 -0.94 -12.96 -23.40
CA SER A 1382 -0.01 -11.86 -23.21
C SER A 1382 0.34 -11.71 -21.74
N VAL A 1383 1.58 -12.04 -21.39
CA VAL A 1383 2.02 -12.01 -20.00
C VAL A 1383 2.03 -10.62 -19.40
N LEU A 1384 2.19 -9.59 -20.23
CA LEU A 1384 2.13 -8.24 -19.70
C LEU A 1384 0.80 -7.99 -19.00
N GLN A 1385 -0.31 -8.04 -19.74
CA GLN A 1385 -1.57 -7.73 -19.11
C GLN A 1385 -1.98 -8.76 -18.08
N LEU A 1386 -1.64 -10.04 -18.28
CA LEU A 1386 -1.92 -11.03 -17.25
C LEU A 1386 -1.35 -10.60 -15.91
N ALA A 1387 -0.24 -9.86 -15.93
CA ALA A 1387 0.23 -9.19 -14.74
C ALA A 1387 -0.44 -7.84 -14.53
N SER A 1388 -1.01 -7.23 -15.57
CA SER A 1388 -1.61 -5.91 -15.39
C SER A 1388 -2.88 -5.96 -14.56
N PHE A 1389 -3.39 -7.16 -14.28
CA PHE A 1389 -4.62 -7.29 -13.51
C PHE A 1389 -4.36 -7.75 -12.09
N GLU A 1390 -3.99 -9.01 -11.91
CA GLU A 1390 -3.85 -9.56 -10.57
C GLU A 1390 -2.83 -10.68 -10.62
N LYS A 1391 -2.14 -10.89 -9.49
CA LYS A 1391 -1.03 -11.82 -9.40
C LYS A 1391 0.04 -11.47 -10.43
N THR A 1392 0.49 -10.22 -10.33
CA THR A 1392 1.56 -9.72 -11.19
C THR A 1392 2.79 -10.60 -11.12
N THR A 1393 3.39 -10.70 -9.94
CA THR A 1393 4.67 -11.36 -9.73
C THR A 1393 4.72 -12.76 -10.33
N ASP A 1394 3.95 -13.69 -9.76
CA ASP A 1394 4.06 -15.09 -10.18
C ASP A 1394 3.80 -15.26 -11.66
N HIS A 1395 3.02 -14.36 -12.26
CA HIS A 1395 2.92 -14.36 -13.71
C HIS A 1395 4.22 -13.92 -14.36
N LEU A 1396 4.85 -12.87 -13.83
CA LEU A 1396 6.14 -12.48 -14.37
C LEU A 1396 7.17 -13.60 -14.26
N PHE A 1397 7.58 -13.96 -13.04
CA PHE A 1397 8.50 -15.08 -12.89
C PHE A 1397 8.03 -16.30 -13.65
N ASP A 1398 6.95 -16.93 -13.19
CA ASP A 1398 6.52 -18.20 -13.73
C ASP A 1398 6.47 -18.14 -15.25
N ALA A 1399 6.07 -16.99 -15.80
CA ALA A 1399 6.26 -16.75 -17.22
C ALA A 1399 7.71 -16.93 -17.63
N ALA A 1400 8.61 -16.09 -17.12
CA ALA A 1400 10.00 -16.11 -17.54
C ALA A 1400 10.61 -17.50 -17.47
N PHE A 1401 10.28 -18.26 -16.43
CA PHE A 1401 10.74 -19.64 -16.33
C PHE A 1401 10.34 -20.44 -17.56
N TYR A 1402 9.04 -20.59 -17.78
CA TYR A 1402 8.56 -21.33 -18.94
C TYR A 1402 8.96 -20.69 -20.26
N MET A 1403 9.52 -19.49 -20.23
CA MET A 1403 10.15 -18.90 -21.40
C MET A 1403 9.12 -18.71 -22.52
N LYS A 1404 7.99 -18.12 -22.13
CA LYS A 1404 6.92 -17.87 -23.08
C LYS A 1404 7.40 -16.94 -24.19
N LYS A 1405 7.09 -17.30 -25.43
CA LYS A 1405 7.56 -16.52 -26.56
C LYS A 1405 6.76 -15.23 -26.70
N ASP A 1406 5.56 -15.21 -26.14
CA ASP A 1406 4.67 -14.06 -26.08
C ASP A 1406 4.36 -13.50 -27.48
N ALA A 1407 4.14 -12.19 -27.56
CA ALA A 1407 3.68 -11.50 -28.76
C ALA A 1407 3.36 -10.07 -28.34
N VAL A 1408 3.28 -9.15 -29.29
CA VAL A 1408 2.81 -7.82 -28.95
C VAL A 1408 1.52 -7.56 -29.71
N GLU A 1409 0.41 -7.55 -28.99
CA GLU A 1409 -0.90 -7.47 -29.63
C GLU A 1409 -1.88 -6.50 -28.99
N GLY A 1410 -2.32 -6.72 -27.76
CA GLY A 1410 -3.52 -6.07 -27.27
C GLY A 1410 -3.30 -4.61 -26.89
N VAL A 1411 -4.41 -3.99 -26.52
CA VAL A 1411 -4.38 -2.61 -26.03
C VAL A 1411 -3.47 -2.50 -24.82
N SER A 1412 -3.83 -3.17 -23.72
CA SER A 1412 -2.98 -3.24 -22.54
C SER A 1412 -1.54 -3.59 -22.89
N GLU A 1413 -1.34 -4.52 -23.81
CA GLU A 1413 -0.02 -4.72 -24.40
C GLU A 1413 0.58 -3.45 -24.97
N CYS A 1414 0.00 -2.92 -26.05
CA CYS A 1414 0.68 -1.94 -26.87
C CYS A 1414 0.79 -0.57 -26.21
N ILE A 1415 0.05 -0.31 -25.14
CA ILE A 1415 0.27 0.96 -24.46
C ILE A 1415 1.50 0.90 -23.57
N ILE A 1416 1.80 -0.27 -23.01
CA ILE A 1416 3.02 -0.42 -22.24
C ILE A 1416 4.23 -0.08 -23.08
N LEU A 1417 4.46 -0.85 -24.13
CA LEU A 1417 5.51 -0.50 -25.08
C LEU A 1417 5.19 0.76 -25.86
N GLY A 1418 3.98 1.29 -25.74
CA GLY A 1418 3.70 2.64 -26.18
C GLY A 1418 3.72 2.85 -27.67
N GLN A 1419 3.85 1.81 -28.47
CA GLN A 1419 3.77 1.97 -29.90
C GLN A 1419 2.31 2.15 -30.30
N THR A 1420 2.09 2.37 -31.59
CA THR A 1420 0.75 2.68 -32.08
C THR A 1420 -0.20 1.51 -31.84
N MET A 1421 -1.39 1.84 -31.34
CA MET A 1421 -2.41 0.83 -31.09
C MET A 1421 -2.70 0.01 -32.33
N SER A 1422 -2.91 -1.29 -32.13
CA SER A 1422 -3.36 -2.19 -33.19
C SER A 1422 -4.70 -1.78 -33.77
N ILE A 1423 -5.78 -1.82 -32.99
CA ILE A 1423 -7.13 -1.71 -33.51
C ILE A 1423 -7.54 -0.26 -33.66
N GLY A 1424 -8.83 -0.03 -33.90
CA GLY A 1424 -9.37 1.32 -33.81
C GLY A 1424 -8.86 2.19 -34.92
N THR A 1425 -8.42 3.40 -34.57
CA THR A 1425 -7.82 4.28 -35.55
C THR A 1425 -6.72 3.57 -36.32
N GLY A 1426 -5.91 2.78 -35.62
CA GLY A 1426 -4.81 2.06 -36.23
C GLY A 1426 -5.18 0.74 -36.86
N SER A 1427 -6.47 0.41 -36.96
CA SER A 1427 -6.90 -0.82 -37.59
C SER A 1427 -6.49 -0.93 -39.04
N PHE A 1428 -6.02 0.16 -39.66
CA PHE A 1428 -5.58 0.14 -41.04
C PHE A 1428 -4.43 1.09 -41.23
N LYS A 1429 -3.47 0.69 -42.05
CA LYS A 1429 -2.39 1.59 -42.44
C LYS A 1429 -2.93 2.68 -43.37
N VAL A 1430 -2.20 3.76 -43.46
CA VAL A 1430 -2.51 4.84 -44.38
C VAL A 1430 -1.38 4.96 -45.39
N VAL A 1431 -1.73 5.16 -46.65
CA VAL A 1431 -0.77 5.15 -47.75
C VAL A 1431 -1.07 6.32 -48.68
N LYS A 1432 -0.03 6.93 -49.23
CA LYS A 1432 -0.22 7.82 -50.36
C LYS A 1432 0.39 7.20 -51.61
N GLY A 1433 -0.27 7.42 -52.73
CA GLY A 1433 0.23 6.91 -53.99
C GLY A 1433 1.31 7.80 -54.56
N THR A 1434 2.31 7.21 -55.20
CA THR A 1434 3.34 8.02 -55.83
C THR A 1434 2.81 8.69 -57.09
N ASN A 1435 1.89 8.05 -57.79
CA ASN A 1435 1.25 8.60 -58.99
C ASN A 1435 2.30 9.01 -60.02
N ILE A 1436 2.97 7.99 -60.54
CA ILE A 1436 4.00 8.16 -61.56
C ILE A 1436 4.04 6.91 -62.42
N SER A 1437 4.37 7.07 -63.70
CA SER A 1437 4.29 6.00 -64.67
C SER A 1437 5.64 5.29 -64.78
N GLU A 1438 5.58 3.97 -65.01
CA GLU A 1438 6.77 3.15 -65.16
C GLU A 1438 7.53 3.43 -66.44
N LYS A 1439 6.99 4.28 -67.32
CA LYS A 1439 7.70 4.66 -68.54
C LYS A 1439 9.09 5.19 -68.24
N ASP A 1440 9.22 6.08 -67.26
CA ASP A 1440 10.51 6.63 -66.87
C ASP A 1440 11.27 5.70 -65.93
N LEU A 1441 10.68 4.58 -65.56
CA LEU A 1441 11.36 3.57 -64.75
C LEU A 1441 12.24 2.66 -65.58
N VAL A 1442 12.26 2.84 -66.89
CA VAL A 1442 13.08 2.00 -67.77
C VAL A 1442 14.55 2.33 -67.51
N PRO A 1443 15.43 1.34 -67.52
CA PRO A 1443 16.86 1.62 -67.39
C PRO A 1443 17.39 2.35 -68.60
N LYS A 1444 18.69 2.66 -68.55
CA LYS A 1444 19.36 3.39 -69.62
C LYS A 1444 20.82 2.97 -69.63
N ARG A 1445 21.41 2.89 -70.83
CA ARG A 1445 22.86 2.88 -70.96
C ARG A 1445 23.21 2.96 -72.44
N CYS A 1446 24.50 3.02 -72.74
CA CYS A 1446 25.02 2.83 -74.09
C CYS A 1446 25.48 1.38 -74.29
N LEU A 1447 25.22 0.55 -73.28
CA LEU A 1447 25.60 -0.86 -73.28
C LEU A 1447 27.12 -1.02 -73.16
N PHE A 1448 27.71 -0.42 -72.13
CA PHE A 1448 29.09 -0.72 -71.74
C PHE A 1448 29.40 -2.21 -71.87
N GLU A 1449 28.57 -3.06 -71.27
CA GLU A 1449 28.70 -4.52 -71.38
C GLU A 1449 28.62 -5.16 -72.75
N SER A 1450 27.62 -4.80 -73.55
CA SER A 1450 27.31 -5.52 -74.78
C SER A 1450 28.39 -5.41 -75.86
N LEU A 1451 29.02 -4.25 -76.01
CA LEU A 1451 29.94 -4.07 -77.13
C LEU A 1451 31.24 -4.83 -76.91
N SER A 1452 31.73 -4.86 -75.68
CA SER A 1452 32.95 -5.58 -75.33
C SER A 1452 32.71 -7.05 -75.01
N ASN A 1453 31.47 -7.51 -75.18
CA ASN A 1453 31.13 -8.90 -74.86
C ASN A 1453 31.94 -9.89 -75.70
N GLU A 1454 32.08 -9.62 -76.99
CA GLU A 1454 32.45 -10.67 -77.93
C GLU A 1454 33.94 -10.98 -77.94
N ALA A 1455 34.74 -10.27 -77.14
CA ALA A 1455 36.16 -10.60 -77.04
C ALA A 1455 36.38 -12.00 -76.49
N ALA A 1456 35.89 -12.30 -75.29
CA ALA A 1456 36.15 -13.58 -74.64
C ALA A 1456 35.31 -14.72 -75.20
N LEU A 1457 34.35 -14.44 -76.08
CA LEU A 1457 33.46 -15.47 -76.59
C LEU A 1457 34.16 -16.47 -77.50
N LYS A 1458 35.41 -16.24 -77.87
CA LYS A 1458 36.14 -17.11 -78.76
C LYS A 1458 37.17 -17.94 -78.00
N ALA A 1459 37.41 -19.16 -78.52
CA ALA A 1459 38.37 -20.10 -77.95
C ALA A 1459 37.99 -20.51 -76.53
N ASN A 1460 36.73 -20.87 -76.32
CA ASN A 1460 36.26 -21.29 -75.01
C ASN A 1460 35.19 -22.39 -75.10
N ASP B 36 -45.19 34.53 38.43
CA ASP B 36 -45.34 34.11 37.04
C ASP B 36 -45.18 32.61 36.92
N GLU B 37 -46.30 31.89 36.93
CA GLU B 37 -46.26 30.45 36.77
C GLU B 37 -45.81 30.09 35.35
N ILE B 38 -45.24 28.91 35.22
CA ILE B 38 -44.60 28.49 33.98
C ILE B 38 -45.34 27.28 33.42
N ASN B 39 -45.34 27.18 32.09
CA ASN B 39 -45.88 26.03 31.39
C ASN B 39 -45.16 24.78 31.88
N THR B 40 -45.92 23.68 32.01
CA THR B 40 -45.29 22.41 32.37
C THR B 40 -44.39 21.91 31.24
N ALA B 41 -44.76 22.19 30.00
CA ALA B 41 -43.85 22.05 28.87
C ALA B 41 -42.64 22.97 28.95
N GLN B 42 -42.85 24.27 28.82
CA GLN B 42 -41.78 25.25 28.62
C GLN B 42 -40.81 25.37 29.78
N ASP B 43 -41.20 25.04 31.00
CA ASP B 43 -40.28 25.03 32.14
C ASP B 43 -39.08 24.12 31.93
N LYS B 44 -39.30 22.92 31.40
CA LYS B 44 -38.24 21.95 31.17
C LYS B 44 -37.06 22.59 30.46
N TRP B 45 -37.32 23.56 29.59
CA TRP B 45 -36.28 24.12 28.75
C TRP B 45 -35.18 24.80 29.55
N HIS B 46 -35.42 25.08 30.83
CA HIS B 46 -34.37 25.71 31.62
C HIS B 46 -33.49 24.70 32.34
N LEU B 47 -33.91 23.43 32.39
CA LEU B 47 -33.07 22.36 32.90
C LEU B 47 -31.78 22.21 32.13
N LEU B 48 -31.87 21.83 30.86
CA LEU B 48 -30.75 21.57 29.96
C LEU B 48 -29.65 22.63 30.06
N PRO B 49 -29.97 23.93 30.00
CA PRO B 49 -28.88 24.90 30.18
C PRO B 49 -28.22 24.79 31.53
N ALA B 50 -29.01 24.76 32.60
CA ALA B 50 -28.45 24.59 33.93
C ALA B 50 -27.69 23.30 34.06
N PHE B 51 -28.20 22.21 33.48
CA PHE B 51 -27.44 20.99 33.32
C PHE B 51 -26.09 21.25 32.66
N LEU B 52 -26.08 21.94 31.51
CA LEU B 52 -24.83 22.23 30.84
C LEU B 52 -24.11 23.42 31.44
N LYS B 53 -24.82 24.28 32.18
CA LYS B 53 -24.18 25.40 32.85
C LYS B 53 -23.09 24.92 33.80
N VAL B 54 -23.48 24.30 34.91
CA VAL B 54 -22.51 23.82 35.88
C VAL B 54 -21.56 22.82 35.23
N LYS B 55 -22.08 21.65 34.90
CA LYS B 55 -21.31 20.61 34.26
C LYS B 55 -21.18 20.94 32.78
N GLY B 56 -19.94 21.10 32.31
CA GLY B 56 -19.72 21.70 31.01
C GLY B 56 -20.05 20.77 29.87
N LEU B 57 -20.22 21.38 28.69
CA LEU B 57 -20.46 20.61 27.47
C LEU B 57 -19.35 19.59 27.25
N VAL B 58 -18.12 20.06 27.06
CA VAL B 58 -17.03 19.09 27.07
C VAL B 58 -16.51 19.03 28.48
N LYS B 59 -16.99 18.05 29.24
CA LYS B 59 -16.40 17.57 30.47
C LYS B 59 -15.62 16.29 30.28
N GLN B 60 -15.85 15.60 29.15
CA GLN B 60 -15.46 14.22 29.02
C GLN B 60 -13.97 14.05 29.17
N HIS B 61 -13.23 14.60 28.22
CA HIS B 61 -11.82 14.89 28.44
C HIS B 61 -11.59 15.62 29.75
N LEU B 62 -12.20 16.80 29.92
CA LEU B 62 -11.95 17.68 31.06
C LEU B 62 -11.96 16.93 32.38
N ASP B 63 -13.10 16.34 32.75
CA ASP B 63 -13.13 15.56 33.98
C ASP B 63 -12.09 14.45 34.00
N SER B 64 -12.19 13.49 33.07
CA SER B 64 -11.28 12.35 33.06
C SER B 64 -9.81 12.76 33.03
N PHE B 65 -9.50 13.93 32.48
CA PHE B 65 -8.16 14.45 32.61
C PHE B 65 -7.90 14.93 34.03
N ASN B 66 -8.80 15.74 34.57
CA ASN B 66 -8.72 16.15 35.97
C ASN B 66 -8.78 14.96 36.89
N TYR B 67 -9.82 14.13 36.75
CA TYR B 67 -9.89 12.89 37.50
C TYR B 67 -8.62 12.08 37.38
N PHE B 68 -7.99 12.07 36.21
CA PHE B 68 -6.69 11.47 36.07
C PHE B 68 -5.65 12.11 36.96
N VAL B 69 -5.30 13.37 36.70
CA VAL B 69 -4.16 14.01 37.34
C VAL B 69 -4.37 14.02 38.84
N ASP B 70 -5.62 14.09 39.27
CA ASP B 70 -5.92 14.07 40.70
C ASP B 70 -5.81 12.68 41.32
N THR B 71 -6.66 11.74 40.94
CA THR B 71 -6.72 10.43 41.58
C THR B 71 -5.68 9.45 41.08
N ASP B 72 -5.72 9.13 39.79
CA ASP B 72 -5.13 7.89 39.28
C ASP B 72 -3.68 7.71 39.70
N LEU B 73 -2.86 8.74 39.50
CA LEU B 73 -1.42 8.58 39.71
C LEU B 73 -1.12 8.16 41.14
N LYS B 74 -1.79 8.77 42.12
CA LYS B 74 -1.64 8.34 43.50
C LYS B 74 -1.93 6.86 43.69
N LYS B 75 -2.77 6.27 42.84
CA LYS B 75 -2.90 4.82 42.75
C LYS B 75 -1.79 4.20 41.91
N ILE B 76 -1.42 4.85 40.80
CA ILE B 76 -0.42 4.28 39.91
C ILE B 76 0.87 4.00 40.64
N ILE B 77 1.51 5.04 41.17
CA ILE B 77 2.72 4.81 41.94
C ILE B 77 2.44 3.92 43.14
N LYS B 78 1.21 3.92 43.64
CA LYS B 78 0.88 3.01 44.73
C LYS B 78 1.00 1.56 44.30
N ALA B 79 0.85 1.29 43.00
CA ALA B 79 1.26 0.00 42.46
C ALA B 79 2.73 -0.28 42.65
N ASN B 80 3.62 0.44 41.94
CA ASN B 80 5.05 0.26 42.13
C ASN B 80 5.59 1.52 42.79
N GLN B 81 5.80 1.47 44.10
CA GLN B 81 6.57 2.50 44.79
C GLN B 81 7.96 2.04 45.22
N LEU B 82 8.31 0.77 45.03
CA LEU B 82 9.46 0.16 45.69
C LEU B 82 10.37 -0.46 44.65
N ILE B 83 11.63 -0.05 44.62
CA ILE B 83 12.64 -0.67 43.77
C ILE B 83 13.95 -0.78 44.52
N LEU B 84 14.56 -1.96 44.45
CA LEU B 84 15.98 -2.17 44.70
C LEU B 84 16.46 -3.26 43.75
N SER B 85 17.60 -3.03 43.11
CA SER B 85 18.18 -4.07 42.27
C SER B 85 18.69 -5.20 43.14
N ASP B 86 19.23 -6.24 42.51
CA ASP B 86 19.71 -7.36 43.32
C ASP B 86 21.17 -7.12 43.65
N VAL B 87 21.37 -6.60 44.87
CA VAL B 87 22.61 -5.97 45.29
C VAL B 87 22.31 -5.31 46.62
N ASP B 88 23.35 -4.76 47.27
CA ASP B 88 23.15 -3.76 48.32
C ASP B 88 22.17 -4.29 49.37
N PRO B 89 22.61 -5.19 50.25
CA PRO B 89 21.64 -5.92 51.09
C PRO B 89 20.61 -5.03 51.74
N GLU B 90 20.99 -3.83 52.19
CA GLU B 90 20.02 -2.90 52.76
C GLU B 90 19.92 -1.67 51.86
N PHE B 91 18.83 -1.61 51.11
CA PHE B 91 18.43 -0.47 50.31
C PHE B 91 16.93 -0.56 50.07
N TYR B 92 16.27 0.57 49.89
CA TYR B 92 15.04 0.58 49.12
C TYR B 92 14.75 2.00 48.67
N LEU B 93 13.96 2.10 47.61
CA LEU B 93 13.50 3.38 47.06
C LEU B 93 11.98 3.35 47.10
N LYS B 94 11.39 4.19 47.94
CA LYS B 94 9.96 4.17 48.17
C LYS B 94 9.32 5.47 47.69
N TYR B 95 8.54 5.38 46.62
CA TYR B 95 7.72 6.49 46.16
C TYR B 95 6.63 6.77 47.19
N VAL B 96 6.24 8.04 47.30
CA VAL B 96 5.12 8.36 48.18
C VAL B 96 4.09 9.26 47.50
N ASP B 97 4.47 10.48 47.14
CA ASP B 97 3.50 11.46 46.65
C ASP B 97 3.77 11.82 45.20
N ILE B 98 2.70 12.09 44.46
CA ILE B 98 2.76 12.70 43.13
C ILE B 98 1.95 13.98 43.20
N ARG B 99 2.54 15.09 42.76
CA ARG B 99 1.80 16.32 42.62
C ARG B 99 2.17 17.01 41.32
N VAL B 100 1.29 17.91 40.89
CA VAL B 100 1.58 18.74 39.73
C VAL B 100 1.34 20.20 40.11
N GLY B 101 2.40 20.99 40.13
CA GLY B 101 2.29 22.39 40.45
C GLY B 101 2.43 22.73 41.92
N LYS B 102 2.23 21.75 42.81
CA LYS B 102 2.33 22.03 44.24
C LYS B 102 3.58 21.34 44.78
N LYS B 103 4.62 22.14 45.02
CA LYS B 103 5.80 21.71 45.76
C LYS B 103 5.70 22.19 47.19
N SER B 104 4.50 22.63 47.60
CA SER B 104 4.25 23.31 48.86
C SER B 104 4.85 24.71 48.87
N SER B 105 4.62 25.44 47.76
CA SER B 105 4.75 26.88 47.74
C SER B 105 3.35 27.50 47.69
N SER B 106 2.66 27.32 46.57
CA SER B 106 1.25 27.67 46.46
C SER B 106 0.46 26.40 46.22
N SER B 107 -0.85 26.55 46.06
CA SER B 107 -1.71 25.40 45.80
C SER B 107 -1.63 25.01 44.33
N THR B 108 -2.22 25.81 43.46
CA THR B 108 -1.96 25.70 42.04
C THR B 108 -0.51 26.12 41.77
N LYS B 109 0.03 25.69 40.63
CA LYS B 109 1.42 25.97 40.32
C LYS B 109 1.74 27.45 40.48
N ASP B 110 2.85 27.72 41.17
CA ASP B 110 3.21 29.09 41.52
C ASP B 110 3.30 29.97 40.27
N TYR B 111 4.00 29.50 39.25
CA TYR B 111 3.93 30.10 37.92
C TYR B 111 4.18 29.03 36.87
N LEU B 112 3.61 29.23 35.69
CA LEU B 112 3.84 28.37 34.54
C LEU B 112 3.57 29.18 33.28
N THR B 113 4.11 28.71 32.15
CA THR B 113 3.94 29.41 30.90
C THR B 113 2.46 29.55 30.53
N PRO B 114 2.05 30.67 29.96
CA PRO B 114 0.67 30.78 29.48
C PRO B 114 0.47 29.95 28.23
N PRO B 115 -0.68 29.30 28.09
CA PRO B 115 -0.87 28.40 26.94
C PRO B 115 -0.86 29.11 25.60
N HIS B 116 -1.61 30.20 25.44
CA HIS B 116 -1.59 30.85 24.14
C HIS B 116 -0.22 31.42 23.81
N GLU B 117 0.48 31.93 24.82
CA GLU B 117 1.83 32.39 24.59
C GLU B 117 2.72 31.24 24.14
N CYS B 118 2.51 30.06 24.71
CA CYS B 118 3.27 28.88 24.28
C CYS B 118 2.93 28.49 22.85
N ARG B 119 1.69 28.71 22.43
CA ARG B 119 1.31 28.40 21.06
C ARG B 119 2.20 29.13 20.07
N LEU B 120 2.66 30.33 20.43
CA LEU B 120 3.61 31.06 19.61
C LEU B 120 5.05 30.62 19.82
N ARG B 121 5.47 30.37 21.05
CA ARG B 121 6.80 29.81 21.28
C ARG B 121 6.95 28.43 20.66
N ASP B 122 5.86 27.81 20.26
CA ASP B 122 5.89 26.58 19.49
C ASP B 122 6.48 25.43 20.29
N MET B 123 6.40 25.53 21.61
CA MET B 123 6.89 24.50 22.50
C MET B 123 5.81 23.43 22.69
N THR B 124 6.10 22.43 23.52
CA THR B 124 5.08 21.69 24.22
C THR B 124 4.59 22.58 25.35
N TYR B 125 3.32 22.49 25.68
CA TYR B 125 2.77 23.27 26.78
C TYR B 125 2.48 22.32 27.92
N SER B 126 3.28 22.40 28.97
CA SER B 126 3.33 21.34 29.95
C SER B 126 3.42 21.91 31.37
N ALA B 127 3.44 21.01 32.34
CA ALA B 127 3.55 21.35 33.75
C ALA B 127 4.50 20.38 34.42
N PRO B 128 5.34 20.86 35.32
CA PRO B 128 6.30 19.96 35.97
C PRO B 128 5.59 18.94 36.85
N ILE B 129 6.24 17.79 37.00
CA ILE B 129 5.72 16.72 37.83
C ILE B 129 6.46 16.75 39.16
N TYR B 130 5.78 17.20 40.20
CA TYR B 130 6.32 17.18 41.55
C TYR B 130 6.09 15.80 42.14
N VAL B 131 7.16 15.16 42.59
CA VAL B 131 7.10 13.80 43.10
C VAL B 131 7.88 13.71 44.39
N ASP B 132 7.22 13.18 45.43
CA ASP B 132 7.85 12.94 46.72
C ASP B 132 8.24 11.46 46.78
N ILE B 133 9.49 11.21 47.13
CA ILE B 133 10.04 9.86 47.16
C ILE B 133 10.96 9.76 48.37
N GLU B 134 10.80 8.69 49.14
CA GLU B 134 11.76 8.39 50.20
C GLU B 134 12.69 7.27 49.73
N TYR B 135 13.98 7.55 49.81
CA TYR B 135 15.00 6.64 49.33
C TYR B 135 15.82 6.10 50.48
N THR B 136 16.84 5.30 50.13
CA THR B 136 17.90 4.95 51.07
C THR B 136 19.24 5.20 50.39
N ARG B 137 20.20 5.74 51.13
CA ARG B 137 21.51 6.04 50.55
C ARG B 137 22.62 5.43 51.39
N GLY B 138 22.67 5.77 52.67
CA GLY B 138 23.82 5.52 53.51
C GLY B 138 23.37 5.24 54.93
N ARG B 139 24.29 5.16 55.87
CA ARG B 139 24.01 4.70 57.22
C ARG B 139 22.86 5.51 57.80
N ASN B 140 21.79 4.81 58.20
CA ASN B 140 20.64 5.37 58.89
C ASN B 140 20.16 6.68 58.26
N ILE B 141 19.58 6.62 57.07
CA ILE B 141 19.24 7.84 56.35
C ILE B 141 17.75 7.90 56.02
N ILE B 142 17.28 7.01 55.14
CA ILE B 142 15.88 6.89 54.69
C ILE B 142 15.27 8.28 54.50
N MET B 143 15.70 8.97 53.46
CA MET B 143 15.47 10.40 53.29
C MET B 143 14.54 10.64 52.10
N HIS B 144 13.84 11.78 52.11
CA HIS B 144 12.86 12.10 51.09
C HIS B 144 12.82 13.60 50.80
N LYS B 145 12.32 13.93 49.60
CA LYS B 145 12.06 15.30 49.15
C LYS B 145 10.91 15.36 48.17
N ASP B 146 10.76 16.52 47.52
CA ASP B 146 9.98 16.66 46.29
C ASP B 146 10.99 16.66 45.14
N VAL B 147 10.62 16.02 44.03
CA VAL B 147 11.47 15.90 42.87
C VAL B 147 10.65 16.25 41.63
N GLU B 148 11.33 16.62 40.55
CA GLU B 148 10.70 16.79 39.25
C GLU B 148 11.26 15.74 38.31
N ILE B 149 10.46 14.72 37.99
CA ILE B 149 10.89 13.67 37.08
C ILE B 149 10.70 14.13 35.65
N GLY B 150 9.84 15.11 35.45
CA GLY B 150 9.54 15.58 34.12
C GLY B 150 8.35 16.50 34.15
N ARG B 151 7.86 16.82 32.95
CA ARG B 151 6.73 17.72 32.82
C ARG B 151 5.57 17.01 32.14
N MET B 152 4.35 17.48 32.41
CA MET B 152 3.15 16.83 31.92
C MET B 152 2.43 17.71 30.91
N PRO B 153 2.20 17.24 29.70
CA PRO B 153 1.52 18.06 28.70
C PRO B 153 0.05 18.22 29.04
N ILE B 154 -0.28 19.21 29.86
CA ILE B 154 -1.62 19.33 30.43
C ILE B 154 -2.62 19.66 29.34
N MET B 155 -3.89 19.76 29.70
CA MET B 155 -4.95 20.01 28.75
C MET B 155 -5.71 21.27 29.15
N LEU B 156 -6.07 22.06 28.16
CA LEU B 156 -6.63 23.37 28.41
C LEU B 156 -7.91 23.28 29.23
N ARG B 157 -8.10 24.28 30.09
CA ARG B 157 -9.32 24.44 30.88
C ARG B 157 -9.58 23.22 31.75
N SER B 158 -8.50 22.58 32.18
CA SER B 158 -8.53 21.53 33.18
C SER B 158 -8.57 22.17 34.55
N ASN B 159 -8.53 21.33 35.59
CA ASN B 159 -8.22 21.86 36.90
C ASN B 159 -6.87 22.56 36.93
N LYS B 160 -5.79 21.84 36.68
CA LYS B 160 -4.44 22.39 36.75
C LYS B 160 -4.16 23.42 35.68
N CYS B 161 -5.04 23.58 34.69
CA CYS B 161 -4.85 24.60 33.68
C CYS B 161 -4.92 25.99 34.29
N ILE B 162 -4.11 26.90 33.76
CA ILE B 162 -4.18 28.28 34.18
C ILE B 162 -5.54 28.88 33.88
N LEU B 163 -6.15 28.49 32.78
CA LEU B 163 -7.42 29.06 32.35
C LEU B 163 -8.56 28.73 33.31
N TYR B 164 -8.40 27.74 34.19
CA TYR B 164 -9.48 27.28 35.04
C TYR B 164 -10.00 28.42 35.90
N ASP B 165 -11.30 28.65 35.83
CA ASP B 165 -11.98 29.70 36.57
C ASP B 165 -11.18 31.00 36.50
N ALA B 166 -11.01 31.52 35.29
CA ALA B 166 -10.33 32.77 35.06
C ALA B 166 -11.26 33.70 34.32
N ASP B 167 -11.50 34.89 34.87
CA ASP B 167 -12.62 35.72 34.43
C ASP B 167 -12.13 36.80 33.50
N GLU B 168 -12.23 36.53 32.20
CA GLU B 168 -12.36 37.49 31.10
C GLU B 168 -11.24 38.53 31.04
N SER B 169 -10.65 38.86 32.19
CA SER B 169 -9.44 39.65 32.19
C SER B 169 -8.21 38.75 32.09
N LYS B 170 -8.21 37.66 32.86
CA LYS B 170 -7.16 36.66 32.70
C LYS B 170 -7.22 36.04 31.31
N MET B 171 -8.41 35.98 30.72
CA MET B 171 -8.49 35.80 29.28
C MET B 171 -7.76 36.93 28.56
N ALA B 172 -8.16 38.16 28.83
CA ALA B 172 -7.50 39.32 28.22
C ALA B 172 -6.02 39.36 28.56
N LYS B 173 -5.69 39.64 29.83
CA LYS B 173 -4.30 39.79 30.22
C LYS B 173 -3.49 38.54 29.85
N LEU B 174 -4.13 37.39 29.77
CA LEU B 174 -3.46 36.18 29.34
C LEU B 174 -3.63 35.91 27.85
N ASN B 175 -4.34 36.77 27.12
CA ASN B 175 -4.31 36.78 25.66
C ASN B 175 -4.76 35.47 25.00
N GLU B 176 -5.98 35.03 25.35
CA GLU B 176 -6.55 33.86 24.74
C GLU B 176 -8.05 33.85 25.00
N CYS B 177 -8.82 33.22 24.12
CA CYS B 177 -10.28 33.40 24.09
C CYS B 177 -11.09 32.93 25.30
N PRO B 178 -12.16 33.65 25.66
CA PRO B 178 -13.10 33.07 26.63
C PRO B 178 -13.87 31.90 26.08
N LEU B 179 -14.29 31.99 24.81
CA LEU B 179 -15.26 31.04 24.29
C LEU B 179 -14.63 29.82 23.66
N ASP B 180 -13.32 29.69 23.70
CA ASP B 180 -12.71 28.43 23.31
C ASP B 180 -13.03 27.40 24.38
N PRO B 181 -13.74 26.31 24.05
CA PRO B 181 -14.07 25.33 25.08
C PRO B 181 -12.86 24.66 25.69
N GLY B 182 -11.70 24.75 25.07
CA GLY B 182 -10.54 24.08 25.60
C GLY B 182 -10.61 22.58 25.39
N GLY B 183 -10.12 21.85 26.38
CA GLY B 183 -10.18 20.41 26.29
C GLY B 183 -9.33 19.82 25.19
N TYR B 184 -8.21 20.44 24.89
CA TYR B 184 -7.30 19.95 23.87
C TYR B 184 -5.88 20.31 24.28
N PHE B 185 -4.96 19.41 23.99
CA PHE B 185 -3.58 19.63 24.38
C PHE B 185 -2.92 20.59 23.40
N ILE B 186 -1.70 20.97 23.71
CA ILE B 186 -0.87 21.75 22.78
C ILE B 186 0.59 21.40 22.96
N VAL B 187 1.26 21.01 21.87
CA VAL B 187 2.65 20.56 21.91
C VAL B 187 3.35 20.97 20.63
N ASN B 188 4.64 21.27 20.74
CA ASN B 188 5.49 21.62 19.60
C ASN B 188 4.82 22.64 18.71
N GLY B 189 4.05 23.52 19.35
CA GLY B 189 3.38 24.58 18.64
C GLY B 189 2.07 24.17 18.00
N THR B 190 1.89 22.88 17.79
CA THR B 190 0.57 22.44 17.41
C THR B 190 -0.19 22.01 18.66
N GLU B 191 -1.42 21.56 18.45
CA GLU B 191 -2.35 21.36 19.55
C GLU B 191 -2.99 19.98 19.53
N LYS B 192 -3.71 19.65 18.48
CA LYS B 192 -4.46 18.41 18.31
C LYS B 192 -5.47 18.18 19.43
N VAL B 193 -5.79 16.91 19.69
CA VAL B 193 -6.83 16.49 20.62
C VAL B 193 -6.57 15.03 20.90
N ILE B 194 -7.08 14.51 22.02
CA ILE B 194 -7.25 13.07 22.09
C ILE B 194 -8.66 12.75 21.63
N LEU B 195 -8.77 12.12 20.47
CA LEU B 195 -10.07 11.73 19.97
C LEU B 195 -10.64 10.63 20.83
N VAL B 196 -11.85 10.82 21.35
CA VAL B 196 -12.45 9.78 22.17
C VAL B 196 -12.77 8.58 21.29
N GLN B 197 -12.19 7.44 21.63
CA GLN B 197 -12.25 6.25 20.79
C GLN B 197 -13.15 5.21 21.44
N GLU B 198 -14.13 4.73 20.70
CA GLU B 198 -15.02 3.70 21.21
C GLU B 198 -14.37 2.33 21.07
N GLN B 199 -14.39 1.58 22.16
CA GLN B 199 -13.85 0.23 22.16
C GLN B 199 -14.98 -0.75 22.48
N LEU B 200 -14.92 -1.91 21.83
CA LEU B 200 -15.91 -2.94 22.09
C LEU B 200 -15.98 -3.22 23.59
N SER B 201 -17.20 -3.38 24.09
CA SER B 201 -17.40 -3.65 25.50
C SER B 201 -16.55 -4.83 25.95
N LYS B 202 -15.80 -4.67 27.02
CA LYS B 202 -14.83 -5.67 27.41
C LYS B 202 -15.21 -6.31 28.73
N ASN B 203 -14.79 -7.55 28.92
CA ASN B 203 -15.15 -8.38 30.07
C ASN B 203 -16.67 -8.55 30.15
N ARG B 204 -17.20 -9.18 29.10
CA ARG B 204 -18.58 -9.59 29.13
C ARG B 204 -18.77 -10.77 28.19
N ILE B 205 -19.64 -11.71 28.58
CA ILE B 205 -19.94 -12.83 27.71
C ILE B 205 -20.78 -12.34 26.55
N ILE B 206 -20.32 -12.60 25.34
CA ILE B 206 -21.07 -12.22 24.14
C ILE B 206 -21.06 -13.40 23.17
N VAL B 207 -22.22 -13.68 22.58
CA VAL B 207 -22.36 -14.75 21.61
C VAL B 207 -22.61 -14.14 20.25
N GLU B 208 -21.74 -14.44 19.29
CA GLU B 208 -22.00 -14.12 17.91
C GLU B 208 -22.46 -15.38 17.17
N ALA B 209 -23.61 -15.24 16.52
CA ALA B 209 -24.22 -16.30 15.76
C ALA B 209 -23.91 -16.13 14.28
N ASP B 210 -23.14 -17.06 13.74
CA ASP B 210 -22.72 -16.97 12.35
C ASP B 210 -22.99 -18.30 11.68
N GLU B 211 -23.45 -18.23 10.44
CA GLU B 211 -23.69 -19.43 9.65
C GLU B 211 -22.35 -20.10 9.33
N LYS B 212 -22.42 -21.36 8.87
CA LYS B 212 -21.36 -22.37 8.99
C LYS B 212 -20.94 -22.35 10.46
N LYS B 213 -19.65 -22.42 10.76
CA LYS B 213 -19.24 -22.09 12.13
C LYS B 213 -19.98 -22.96 13.13
N GLY B 214 -21.06 -22.43 13.70
CA GLY B 214 -21.54 -22.91 14.97
C GLY B 214 -21.52 -21.87 16.08
N ILE B 215 -21.56 -20.60 15.69
CA ILE B 215 -22.00 -19.56 16.61
C ILE B 215 -21.02 -19.39 17.77
N VAL B 216 -19.90 -18.73 17.49
CA VAL B 216 -18.83 -18.53 18.46
C VAL B 216 -19.37 -17.78 19.67
N GLN B 217 -19.02 -18.25 20.86
CA GLN B 217 -19.09 -17.44 22.06
C GLN B 217 -17.70 -16.89 22.35
N ALA B 218 -17.66 -15.64 22.76
CA ALA B 218 -16.40 -15.01 23.12
C ALA B 218 -16.63 -14.08 24.29
N SER B 219 -15.67 -14.06 25.19
CA SER B 219 -15.65 -13.07 26.26
C SER B 219 -14.19 -12.65 26.44
N VAL B 220 -13.95 -11.35 26.34
CA VAL B 220 -12.59 -10.83 26.45
C VAL B 220 -12.53 -9.90 27.65
N THR B 221 -11.62 -10.16 28.57
CA THR B 221 -11.58 -9.45 29.84
C THR B 221 -10.15 -9.01 30.17
N SER B 222 -10.05 -7.90 30.90
CA SER B 222 -8.76 -7.32 31.21
C SER B 222 -8.81 -6.72 32.62
N SER B 223 -7.80 -7.05 33.43
CA SER B 223 -7.55 -6.31 34.66
C SER B 223 -6.04 -6.06 34.75
N THR B 224 -5.64 -4.80 34.63
CA THR B 224 -4.23 -4.44 34.68
C THR B 224 -3.45 -5.27 33.68
N HIS B 225 -2.60 -6.16 34.19
CA HIS B 225 -1.88 -7.13 33.39
C HIS B 225 -2.83 -7.95 32.54
N GLU B 226 -2.30 -8.44 31.40
CA GLU B 226 -2.91 -9.45 30.54
C GLU B 226 -4.31 -9.08 30.07
N ARG B 227 -4.39 -8.11 29.16
CA ARG B 227 -5.63 -7.99 28.41
C ARG B 227 -5.72 -9.18 27.46
N LYS B 228 -6.79 -9.95 27.58
CA LYS B 228 -6.76 -11.26 26.96
C LYS B 228 -8.10 -11.60 26.36
N SER B 229 -8.06 -12.03 25.10
CA SER B 229 -9.20 -12.60 24.40
C SER B 229 -9.36 -14.07 24.79
N LYS B 230 -10.58 -14.55 24.68
CA LYS B 230 -10.88 -15.96 24.84
C LYS B 230 -12.06 -16.30 23.93
N THR B 231 -12.01 -17.49 23.35
CA THR B 231 -13.10 -17.96 22.53
C THR B 231 -13.52 -19.36 22.97
N TYR B 232 -14.77 -19.69 22.63
CA TYR B 232 -15.28 -21.05 22.80
C TYR B 232 -16.35 -21.24 21.73
N VAL B 233 -16.47 -22.46 21.20
CA VAL B 233 -17.45 -22.75 20.15
C VAL B 233 -17.38 -24.22 19.79
N ILE B 234 -18.45 -24.70 19.16
CA ILE B 234 -18.42 -25.98 18.47
C ILE B 234 -17.38 -25.95 17.36
N THR B 235 -16.79 -27.12 17.10
CA THR B 235 -16.10 -27.33 15.83
C THR B 235 -16.96 -28.22 14.95
N LYS B 236 -17.22 -29.45 15.39
CA LYS B 236 -17.92 -30.44 14.58
C LYS B 236 -19.14 -30.96 15.32
N ASN B 237 -20.33 -30.61 14.84
CA ASN B 237 -21.55 -31.35 15.16
C ASN B 237 -21.80 -31.58 16.65
N GLY B 238 -22.15 -30.54 17.38
CA GLY B 238 -22.51 -30.66 18.78
C GLY B 238 -21.33 -30.90 19.68
N LYS B 239 -20.19 -31.19 19.07
CA LYS B 239 -18.95 -31.44 19.78
C LYS B 239 -18.24 -30.10 19.88
N ILE B 240 -18.14 -29.58 21.09
CA ILE B 240 -17.98 -28.15 21.35
C ILE B 240 -16.78 -27.91 22.25
N TYR B 241 -15.86 -27.04 21.81
CA TYR B 241 -14.51 -26.94 22.36
C TYR B 241 -14.13 -25.49 22.68
N LEU B 242 -13.13 -25.35 23.56
CA LEU B 242 -12.49 -24.06 23.86
C LEU B 242 -11.33 -23.81 22.91
N LYS B 243 -11.35 -22.64 22.26
CA LYS B 243 -10.18 -22.10 21.58
C LYS B 243 -9.68 -20.95 22.47
N HIS B 244 -8.54 -21.17 23.11
CA HIS B 244 -7.88 -20.11 23.85
C HIS B 244 -6.40 -20.12 23.53
N ASN B 245 -5.93 -19.03 22.92
CA ASN B 245 -4.54 -18.99 22.48
C ASN B 245 -3.56 -19.22 23.63
N SER B 246 -4.00 -19.02 24.88
CA SER B 246 -3.20 -19.43 26.02
C SER B 246 -2.91 -20.93 25.97
N ILE B 247 -3.96 -21.74 26.06
CA ILE B 247 -3.89 -23.18 25.90
C ILE B 247 -3.56 -23.43 24.43
N ALA B 248 -3.49 -24.70 24.01
CA ALA B 248 -3.21 -24.92 22.61
C ALA B 248 -4.46 -24.62 21.78
N GLU B 249 -5.46 -25.50 21.82
CA GLU B 249 -6.73 -25.37 21.11
C GLU B 249 -7.67 -26.52 21.45
N GLU B 250 -8.94 -26.35 21.07
CA GLU B 250 -9.98 -27.39 21.05
C GLU B 250 -10.05 -28.27 22.29
N ILE B 251 -10.56 -27.76 23.40
CA ILE B 251 -10.69 -28.50 24.64
C ILE B 251 -12.16 -28.80 24.90
N PRO B 252 -12.55 -30.06 25.09
CA PRO B 252 -13.95 -30.37 25.33
C PRO B 252 -14.47 -29.69 26.60
N ILE B 253 -15.64 -29.06 26.47
CA ILE B 253 -16.11 -28.22 27.57
C ILE B 253 -16.56 -29.02 28.78
N ALA B 254 -17.08 -30.24 28.59
CA ALA B 254 -17.52 -30.98 29.75
C ALA B 254 -16.34 -31.33 30.64
N ILE B 255 -15.24 -31.77 30.05
CA ILE B 255 -13.98 -31.91 30.78
C ILE B 255 -13.64 -30.61 31.50
N VAL B 256 -13.76 -29.49 30.79
CA VAL B 256 -13.49 -28.19 31.39
C VAL B 256 -14.30 -28.02 32.66
N LEU B 257 -15.63 -27.98 32.53
CA LEU B 257 -16.49 -27.68 33.67
C LEU B 257 -16.30 -28.70 34.79
N LYS B 258 -15.91 -29.93 34.44
CA LYS B 258 -15.42 -30.85 35.46
C LYS B 258 -14.27 -30.23 36.24
N ALA B 259 -13.17 -29.93 35.54
CA ALA B 259 -12.03 -29.27 36.19
C ALA B 259 -12.42 -27.99 36.89
N CYS B 260 -13.51 -27.35 36.47
CA CYS B 260 -14.05 -26.14 37.08
C CYS B 260 -14.58 -26.40 38.48
N GLY B 261 -14.55 -27.65 38.92
CA GLY B 261 -14.85 -27.94 40.31
C GLY B 261 -16.20 -28.59 40.52
N ILE B 262 -17.10 -28.48 39.53
CA ILE B 262 -18.35 -29.21 39.63
C ILE B 262 -18.18 -30.58 39.01
N LEU B 263 -18.26 -31.59 39.86
CA LEU B 263 -18.01 -32.96 39.46
C LEU B 263 -19.27 -33.76 39.19
N SER B 264 -20.45 -33.20 39.43
CA SER B 264 -21.69 -33.99 39.41
C SER B 264 -21.94 -34.67 38.07
N ASP B 265 -21.75 -33.96 36.96
CA ASP B 265 -22.05 -34.46 35.62
C ASP B 265 -23.56 -34.53 35.44
N LEU B 266 -24.28 -34.44 36.55
CA LEU B 266 -25.72 -34.33 36.51
C LEU B 266 -26.16 -32.88 36.54
N GLU B 267 -25.90 -32.19 37.65
CA GLU B 267 -26.21 -30.76 37.71
C GLU B 267 -25.41 -29.96 36.71
N ILE B 268 -24.37 -30.54 36.12
CA ILE B 268 -23.80 -29.95 34.92
C ILE B 268 -24.86 -29.85 33.85
N MET B 269 -25.35 -30.99 33.37
CA MET B 269 -26.40 -31.00 32.35
C MET B 269 -27.62 -30.21 32.79
N GLN B 270 -28.23 -30.61 33.90
CA GLN B 270 -29.37 -29.88 34.48
C GLN B 270 -29.12 -28.39 34.59
N LEU B 271 -27.88 -28.01 34.84
CA LEU B 271 -27.55 -26.61 35.07
C LEU B 271 -27.62 -25.85 33.76
N VAL B 272 -26.75 -26.21 32.81
CA VAL B 272 -26.72 -25.52 31.54
C VAL B 272 -28.05 -25.66 30.79
N CYS B 273 -28.80 -26.73 31.03
CA CYS B 273 -29.97 -27.05 30.22
C CYS B 273 -31.23 -26.31 30.65
N GLY B 274 -31.87 -26.78 31.72
CA GLY B 274 -33.24 -26.41 31.97
C GLY B 274 -33.95 -27.51 32.73
N ASN B 275 -35.27 -27.59 32.57
CA ASN B 275 -36.03 -28.63 33.27
C ASN B 275 -36.46 -29.75 32.33
N ASP B 276 -37.31 -29.46 31.34
CA ASP B 276 -37.67 -30.53 30.42
C ASP B 276 -37.36 -30.18 28.96
N SER B 277 -38.30 -29.53 28.29
CA SER B 277 -38.24 -29.10 26.88
C SER B 277 -37.55 -30.17 26.04
N SER B 278 -36.74 -29.77 25.05
CA SER B 278 -35.77 -30.64 24.41
C SER B 278 -34.33 -30.32 24.79
N TYR B 279 -34.09 -29.23 25.52
CA TYR B 279 -32.73 -28.74 25.71
C TYR B 279 -31.80 -29.78 26.30
N GLN B 280 -32.37 -30.81 26.92
CA GLN B 280 -31.59 -31.82 27.62
C GLN B 280 -30.53 -32.44 26.71
N ASP B 281 -30.96 -33.23 25.73
CA ASP B 281 -30.03 -33.91 24.84
C ASP B 281 -29.32 -32.95 23.90
N ILE B 282 -29.98 -31.86 23.52
CA ILE B 282 -29.44 -30.87 22.58
C ILE B 282 -28.05 -30.50 23.04
N PHE B 283 -27.88 -30.28 24.34
CA PHE B 283 -26.56 -30.10 24.91
C PHE B 283 -25.84 -31.41 25.17
N ALA B 284 -26.56 -32.44 25.61
CA ALA B 284 -25.95 -33.58 26.28
C ALA B 284 -25.03 -34.41 25.39
N VAL B 285 -24.93 -34.14 24.09
CA VAL B 285 -24.08 -34.95 23.23
C VAL B 285 -22.63 -34.89 23.69
N ASN B 286 -22.13 -33.67 23.94
CA ASN B 286 -20.81 -33.54 24.52
C ASN B 286 -20.69 -34.35 25.79
N LEU B 287 -21.65 -34.18 26.70
CA LEU B 287 -21.65 -34.97 27.93
C LEU B 287 -21.48 -36.45 27.63
N GLU B 288 -22.12 -36.95 26.58
CA GLU B 288 -21.89 -38.32 26.15
C GLU B 288 -20.42 -38.55 25.82
N GLU B 289 -19.94 -37.96 24.72
CA GLU B 289 -18.56 -38.27 24.35
C GLU B 289 -17.53 -37.59 25.24
N SER B 290 -17.96 -36.72 26.15
CA SER B 290 -17.13 -36.43 27.31
C SER B 290 -16.78 -37.70 28.08
N SER B 291 -17.78 -38.38 28.60
CA SER B 291 -17.62 -39.57 29.42
C SER B 291 -16.69 -40.60 28.81
N LYS B 292 -16.70 -40.78 27.48
CA LYS B 292 -15.94 -41.86 26.88
C LYS B 292 -14.44 -41.68 27.03
N LEU B 293 -13.98 -40.54 27.54
CA LEU B 293 -12.55 -40.36 27.76
C LEU B 293 -12.15 -40.65 29.20
N ASP B 294 -12.47 -39.72 30.11
CA ASP B 294 -11.99 -39.78 31.48
C ASP B 294 -13.04 -39.32 32.48
N ILE B 295 -12.66 -39.14 33.74
CA ILE B 295 -13.64 -38.87 34.77
C ILE B 295 -13.02 -38.18 35.98
N TYR B 296 -13.89 -37.54 36.77
CA TYR B 296 -13.63 -36.75 37.97
C TYR B 296 -12.58 -35.65 37.83
N THR B 297 -12.09 -35.13 38.95
CA THR B 297 -11.12 -34.04 38.90
C THR B 297 -9.95 -34.08 39.88
N GLN B 298 -9.21 -35.19 39.91
CA GLN B 298 -8.04 -35.29 40.78
C GLN B 298 -6.90 -34.61 40.04
N GLN B 299 -6.32 -35.34 39.10
CA GLN B 299 -5.38 -34.93 38.10
C GLN B 299 -6.03 -34.58 36.74
N GLN B 300 -6.44 -35.65 36.04
CA GLN B 300 -6.98 -35.60 34.69
C GLN B 300 -7.87 -34.47 34.21
N ALA B 301 -8.81 -34.02 35.03
CA ALA B 301 -9.53 -32.80 34.73
C ALA B 301 -8.57 -31.63 34.60
N LEU B 302 -7.91 -31.25 35.70
CA LEU B 302 -6.94 -30.19 35.64
C LEU B 302 -5.74 -30.58 34.79
N GLU B 303 -5.35 -31.86 34.84
CA GLU B 303 -4.11 -32.29 34.20
C GLU B 303 -4.22 -32.17 32.69
N TYR B 304 -5.25 -32.77 32.08
CA TYR B 304 -5.34 -32.75 30.63
C TYR B 304 -5.32 -31.33 30.10
N ILE B 305 -5.88 -30.38 30.85
CA ILE B 305 -5.66 -28.98 30.55
C ILE B 305 -4.17 -28.67 30.53
N GLY B 306 -3.51 -28.83 31.66
CA GLY B 306 -2.07 -28.66 31.72
C GLY B 306 -1.34 -29.61 30.81
N ALA B 307 -1.95 -30.73 30.47
CA ALA B 307 -1.33 -31.60 29.48
C ALA B 307 -1.18 -30.90 28.15
N LYS B 308 -2.16 -30.11 27.74
CA LYS B 308 -2.08 -29.41 26.48
C LYS B 308 -1.67 -27.94 26.66
N VAL B 309 -1.35 -27.50 27.88
CA VAL B 309 -0.98 -26.11 28.10
C VAL B 309 0.37 -25.86 27.45
N LYS B 310 0.63 -24.59 27.10
CA LYS B 310 1.92 -24.27 26.53
C LYS B 310 2.99 -24.28 27.61
N THR B 311 4.23 -23.99 27.20
CA THR B 311 5.35 -24.08 28.11
C THR B 311 5.26 -23.02 29.21
N MET B 312 5.96 -23.29 30.31
CA MET B 312 6.07 -22.37 31.43
C MET B 312 7.17 -21.34 31.24
N ARG B 313 7.81 -21.34 30.06
CA ARG B 313 8.97 -20.49 29.80
C ARG B 313 10.12 -20.84 30.75
N ARG B 314 10.67 -22.03 30.54
CA ARG B 314 11.84 -22.49 31.28
C ARG B 314 11.62 -22.45 32.79
N GLN B 315 12.37 -21.58 33.46
CA GLN B 315 12.39 -21.52 34.92
C GLN B 315 10.99 -21.32 35.49
N LYS B 316 10.79 -21.84 36.71
CA LYS B 316 9.52 -21.82 37.42
C LYS B 316 8.50 -22.71 36.71
N LEU B 317 9.04 -23.74 36.06
CA LEU B 317 8.25 -24.84 35.51
C LEU B 317 7.81 -25.80 36.61
N THR B 318 8.41 -25.71 37.80
CA THR B 318 8.13 -26.66 38.87
C THR B 318 6.65 -26.79 39.14
N ILE B 319 5.85 -25.78 38.78
CA ILE B 319 4.40 -25.92 38.81
C ILE B 319 3.90 -27.03 37.92
N LEU B 320 4.74 -27.59 37.04
CA LEU B 320 4.38 -28.81 36.34
C LEU B 320 4.09 -29.84 37.44
N GLN B 321 2.87 -30.36 37.42
CA GLN B 321 2.34 -31.14 38.54
C GLN B 321 1.21 -32.04 38.09
N GLU B 322 0.52 -32.65 39.07
CA GLU B 322 -0.86 -33.05 38.83
C GLU B 322 -1.76 -31.82 38.85
N GLY B 323 -1.36 -30.80 39.61
CA GLY B 323 -1.95 -29.48 39.60
C GLY B 323 -1.23 -28.61 38.58
N ILE B 324 -0.70 -29.27 37.55
CA ILE B 324 0.26 -28.65 36.63
C ILE B 324 -0.20 -27.26 36.21
N GLU B 325 -1.43 -27.14 35.73
CA GLU B 325 -2.01 -25.84 35.42
C GLU B 325 -2.94 -25.33 36.52
N ALA B 326 -3.17 -26.14 37.56
CA ALA B 326 -4.26 -25.88 38.50
C ALA B 326 -4.27 -24.44 38.98
N ILE B 327 -3.09 -23.86 39.25
CA ILE B 327 -2.99 -22.43 39.46
C ILE B 327 -3.66 -21.68 38.33
N ALA B 328 -3.12 -21.79 37.12
CA ALA B 328 -3.66 -21.04 36.01
C ALA B 328 -4.76 -21.78 35.27
N THR B 329 -5.12 -22.99 35.70
CA THR B 329 -6.33 -23.59 35.16
C THR B 329 -7.53 -22.68 35.33
N THR B 330 -7.75 -22.19 36.55
CA THR B 330 -8.79 -21.18 36.74
C THR B 330 -8.39 -19.87 36.06
N VAL B 331 -7.22 -19.34 36.35
CA VAL B 331 -6.86 -18.06 35.77
C VAL B 331 -6.06 -18.24 34.49
N ILE B 332 -6.71 -18.01 33.36
CA ILE B 332 -6.04 -17.78 32.08
C ILE B 332 -6.66 -16.55 31.44
N ALA B 333 -7.90 -16.71 31.01
CA ALA B 333 -8.67 -15.62 30.42
C ALA B 333 -9.97 -15.43 31.22
N HIS B 334 -9.96 -15.92 32.46
CA HIS B 334 -11.13 -15.81 33.34
C HIS B 334 -10.81 -15.06 34.64
N LEU B 335 -9.96 -14.05 34.52
CA LEU B 335 -9.54 -13.20 35.62
C LEU B 335 -10.67 -12.45 36.29
N THR B 336 -11.78 -12.28 35.58
CA THR B 336 -12.95 -11.57 36.08
C THR B 336 -13.36 -12.02 37.48
N VAL B 337 -13.07 -13.25 37.86
CA VAL B 337 -13.35 -13.77 39.20
C VAL B 337 -12.10 -14.38 39.84
N GLU B 338 -11.58 -15.46 39.27
CA GLU B 338 -10.39 -16.14 39.81
C GLU B 338 -10.64 -16.58 41.25
N ALA B 339 -9.99 -15.94 42.23
CA ALA B 339 -10.03 -16.28 43.66
C ALA B 339 -9.51 -17.71 43.86
N LEU B 340 -10.14 -18.48 44.73
CA LEU B 340 -9.53 -19.73 45.18
C LEU B 340 -10.36 -20.96 44.89
N ASP B 341 -11.55 -21.11 45.46
CA ASP B 341 -12.30 -22.31 45.09
C ASP B 341 -12.83 -22.14 43.67
N PHE B 342 -13.36 -23.22 43.12
CA PHE B 342 -13.60 -23.27 41.69
C PHE B 342 -15.04 -23.03 41.27
N ARG B 343 -15.96 -22.88 42.22
CA ARG B 343 -17.38 -22.85 41.88
C ARG B 343 -17.77 -21.58 41.14
N GLU B 344 -17.26 -20.43 41.59
CA GLU B 344 -17.61 -19.15 40.98
C GLU B 344 -17.62 -19.09 39.46
N LYS B 345 -16.42 -18.97 38.89
CA LYS B 345 -16.26 -18.92 37.43
C LYS B 345 -16.76 -20.23 36.82
N ALA B 346 -16.84 -21.27 37.64
CA ALA B 346 -17.33 -22.57 37.17
C ALA B 346 -18.72 -22.35 36.61
N LEU B 347 -19.57 -21.74 37.41
CA LEU B 347 -20.93 -21.41 36.99
C LEU B 347 -20.93 -20.27 35.99
N TYR B 348 -19.93 -19.38 36.07
CA TYR B 348 -19.78 -18.37 35.04
C TYR B 348 -19.69 -19.02 33.67
N ILE B 349 -18.77 -19.97 33.53
CA ILE B 349 -18.69 -20.75 32.30
C ILE B 349 -20.02 -21.44 32.00
N ALA B 350 -20.74 -21.87 33.05
CA ALA B 350 -22.00 -22.57 32.83
C ALA B 350 -23.01 -21.68 32.14
N MET B 351 -23.34 -20.55 32.76
CA MET B 351 -24.26 -19.61 32.14
C MET B 351 -23.78 -19.19 30.77
N MET B 352 -22.47 -19.02 30.61
CA MET B 352 -21.95 -18.76 29.28
C MET B 352 -22.36 -19.84 28.29
N THR B 353 -22.24 -21.10 28.72
CA THR B 353 -22.62 -22.22 27.88
C THR B 353 -24.12 -22.25 27.59
N ARG B 354 -24.90 -21.70 28.51
CA ARG B 354 -26.35 -21.63 28.35
C ARG B 354 -26.74 -20.83 27.11
N ARG B 355 -26.03 -19.73 26.88
CA ARG B 355 -26.28 -18.91 25.71
C ARG B 355 -25.93 -19.64 24.43
N VAL B 356 -24.88 -20.44 24.32
CA VAL B 356 -24.61 -21.17 23.09
C VAL B 356 -25.52 -22.37 22.90
N VAL B 357 -26.08 -22.95 23.96
CA VAL B 357 -27.07 -23.99 23.73
C VAL B 357 -28.42 -23.41 23.38
N MET B 358 -28.86 -22.36 24.08
CA MET B 358 -30.05 -21.64 23.66
C MET B 358 -29.89 -21.08 22.25
N ALA B 359 -28.68 -20.64 21.91
CA ALA B 359 -28.38 -20.30 20.52
C ALA B 359 -28.57 -21.48 19.59
N MET B 360 -27.74 -22.52 19.75
CA MET B 360 -27.75 -23.64 18.81
C MET B 360 -29.15 -24.22 18.66
N TYR B 361 -30.02 -24.01 19.65
CA TYR B 361 -31.43 -24.31 19.47
C TYR B 361 -31.98 -23.65 18.22
N ASN B 362 -31.85 -22.33 18.11
CA ASN B 362 -32.40 -21.62 16.96
C ASN B 362 -31.53 -20.41 16.66
N PRO B 363 -31.45 -19.99 15.40
CA PRO B 363 -31.03 -18.60 15.14
C PRO B 363 -32.01 -17.62 15.76
N LYS B 364 -31.81 -16.33 15.52
CA LYS B 364 -32.35 -15.30 16.40
C LYS B 364 -31.82 -15.61 17.79
N MET B 365 -32.58 -15.31 18.84
CA MET B 365 -32.26 -15.71 20.22
C MET B 365 -30.78 -15.60 20.55
N ILE B 366 -30.12 -14.55 20.03
CA ILE B 366 -28.69 -14.36 20.20
C ILE B 366 -28.43 -12.87 20.34
N ASP B 367 -27.15 -12.50 20.28
CA ASP B 367 -26.71 -11.14 20.48
C ASP B 367 -25.90 -10.68 19.28
N ASP B 368 -26.23 -9.50 18.76
CA ASP B 368 -25.52 -8.95 17.60
C ASP B 368 -24.75 -7.70 17.96
N ARG B 369 -23.42 -7.76 17.80
CA ARG B 369 -22.56 -6.62 18.11
C ARG B 369 -23.02 -5.38 17.37
N ASP B 370 -24.00 -4.67 17.93
CA ASP B 370 -24.53 -3.47 17.32
C ASP B 370 -24.90 -2.42 18.36
N TYR B 371 -25.95 -2.70 19.15
CA TYR B 371 -26.59 -1.66 19.91
C TYR B 371 -25.69 -1.19 21.04
N VAL B 372 -25.68 0.12 21.23
CA VAL B 372 -24.57 0.80 21.88
C VAL B 372 -24.14 0.13 23.17
N GLY B 373 -25.08 -0.22 24.05
CA GLY B 373 -24.73 -0.73 25.36
C GLY B 373 -23.76 -1.88 25.34
N ASN B 374 -23.72 -2.65 24.26
CA ASN B 374 -22.76 -3.72 24.12
C ASN B 374 -21.44 -3.22 23.55
N LYS B 375 -21.32 -1.90 23.36
CA LYS B 375 -20.07 -1.25 22.97
C LYS B 375 -19.84 -0.12 23.96
N ARG B 376 -18.60 0.30 24.16
CA ARG B 376 -18.37 1.45 25.03
C ARG B 376 -17.28 2.35 24.48
N LEU B 377 -17.62 3.64 24.33
CA LEU B 377 -16.59 4.65 24.21
C LEU B 377 -15.80 4.69 25.50
N GLU B 378 -14.54 5.11 25.44
CA GLU B 378 -13.69 5.19 26.61
C GLU B 378 -12.81 6.43 26.51
N LEU B 379 -12.81 7.23 27.58
CA LEU B 379 -12.31 8.60 27.51
C LEU B 379 -10.79 8.67 27.56
N ALA B 380 -10.28 9.79 27.08
CA ALA B 380 -8.87 10.15 27.11
C ALA B 380 -8.24 10.00 28.47
N GLY B 381 -9.03 10.18 29.54
CA GLY B 381 -8.47 10.08 30.87
C GLY B 381 -7.66 8.82 31.10
N GLN B 382 -8.24 7.66 30.78
CA GLN B 382 -7.50 6.43 30.91
C GLN B 382 -6.46 6.22 29.83
N LEU B 383 -6.59 6.88 28.67
CA LEU B 383 -5.55 6.75 27.65
C LEU B 383 -4.22 7.25 28.19
N ILE B 384 -4.17 8.51 28.61
CA ILE B 384 -3.00 9.05 29.29
C ILE B 384 -2.64 8.20 30.49
N SER B 385 -3.62 7.62 31.19
CA SER B 385 -3.30 6.78 32.33
C SER B 385 -2.40 5.63 31.89
N LEU B 386 -2.93 4.76 31.03
CA LEU B 386 -2.17 3.62 30.55
C LEU B 386 -0.84 4.05 29.95
N LEU B 387 -0.87 4.84 28.88
CA LEU B 387 0.36 5.25 28.22
C LEU B 387 1.38 5.83 29.20
N PHE B 388 0.96 6.83 29.97
CA PHE B 388 1.82 7.38 31.02
C PHE B 388 2.41 6.28 31.88
N GLU B 389 1.56 5.63 32.68
CA GLU B 389 2.04 4.71 33.71
C GLU B 389 2.89 3.60 33.13
N ASP B 390 2.73 3.29 31.84
CA ASP B 390 3.57 2.27 31.26
C ASP B 390 4.92 2.84 30.85
N LEU B 391 4.94 4.05 30.32
CA LEU B 391 6.22 4.72 30.12
C LEU B 391 6.96 4.88 31.43
N PHE B 392 6.30 5.42 32.45
CA PHE B 392 6.84 5.45 33.81
C PHE B 392 7.27 4.06 34.27
N LYS B 393 6.47 3.05 33.93
CA LYS B 393 6.77 1.68 34.33
C LYS B 393 8.11 1.21 33.78
N LYS B 394 8.21 1.05 32.46
CA LYS B 394 9.46 0.68 31.84
C LYS B 394 10.58 1.63 32.22
N PHE B 395 10.22 2.89 32.46
CA PHE B 395 11.19 3.85 32.96
C PHE B 395 11.87 3.35 34.22
N ASN B 396 11.13 3.27 35.33
CA ASN B 396 11.72 2.82 36.57
C ASN B 396 12.34 1.44 36.44
N ASN B 397 11.70 0.55 35.67
CA ASN B 397 12.31 -0.74 35.36
C ASN B 397 13.73 -0.56 34.85
N ASP B 398 13.95 0.44 34.00
CA ASP B 398 15.29 0.75 33.54
C ASP B 398 16.06 1.59 34.54
N PHE B 399 15.37 2.17 35.53
CA PHE B 399 16.05 2.94 36.55
C PHE B 399 16.76 2.01 37.52
N LYS B 400 16.27 0.77 37.63
CA LYS B 400 17.09 -0.29 38.19
C LYS B 400 18.50 -0.23 37.62
N LEU B 401 18.63 -0.44 36.30
CA LEU B 401 19.90 -0.26 35.63
C LEU B 401 20.49 1.11 35.90
N SER B 402 19.65 2.15 35.99
CA SER B 402 20.17 3.50 36.17
C SER B 402 20.99 3.61 37.45
N ILE B 403 20.63 2.87 38.49
CA ILE B 403 21.51 2.81 39.64
C ILE B 403 22.52 1.66 39.51
N ASP B 404 22.29 0.72 38.59
CA ASP B 404 23.14 -0.46 38.54
C ASP B 404 24.57 -0.14 38.12
N LYS B 405 24.75 0.71 37.10
CA LYS B 405 26.10 1.07 36.69
C LYS B 405 26.90 1.65 37.85
N VAL B 406 26.27 2.49 38.66
CA VAL B 406 26.88 2.90 39.92
C VAL B 406 27.16 1.71 40.79
N LEU B 407 26.22 0.78 40.87
CA LEU B 407 26.30 -0.38 41.76
C LEU B 407 27.30 -1.43 41.28
N LYS B 408 27.96 -1.23 40.14
CA LYS B 408 28.75 -2.30 39.56
C LYS B 408 29.99 -2.57 40.42
N LYS B 409 30.91 -1.63 40.44
CA LYS B 409 32.10 -1.78 41.27
C LYS B 409 31.88 -1.08 42.60
N PRO B 410 32.06 -1.77 43.72
CA PRO B 410 31.85 -1.12 45.03
C PRO B 410 32.88 -0.04 45.29
N ASN B 411 32.87 1.01 44.47
CA ASN B 411 33.74 2.17 44.64
C ASN B 411 33.39 2.79 45.99
N ARG B 412 34.41 2.99 46.82
CA ARG B 412 34.27 3.36 48.23
C ARG B 412 33.14 2.54 48.85
N ALA B 413 32.25 3.19 49.59
CA ALA B 413 30.93 2.63 49.87
C ALA B 413 29.96 3.29 48.91
N MET B 414 29.12 2.50 48.26
CA MET B 414 28.32 3.04 47.16
C MET B 414 27.02 3.55 47.74
N GLU B 415 26.87 4.87 47.78
CA GLU B 415 25.58 5.44 48.11
C GLU B 415 25.11 6.62 47.26
N TYR B 416 25.42 7.85 47.65
CA TYR B 416 24.98 8.97 46.83
C TYR B 416 23.83 8.32 46.06
N ASP B 417 22.74 8.07 46.77
CA ASP B 417 21.57 7.49 46.13
C ASP B 417 21.28 8.38 44.92
N ALA B 418 21.17 7.76 43.75
CA ALA B 418 20.93 8.48 42.51
C ALA B 418 19.82 9.53 42.50
N LEU B 419 19.99 10.59 43.31
CA LEU B 419 18.99 11.65 43.35
C LEU B 419 19.05 12.59 42.16
N LEU B 420 20.22 13.10 41.81
CA LEU B 420 20.35 13.73 40.51
C LEU B 420 20.31 12.70 39.39
N SER B 421 20.65 11.46 39.68
CA SER B 421 20.73 10.43 38.65
C SER B 421 19.37 10.07 38.08
N ILE B 422 18.27 10.47 38.73
CA ILE B 422 17.00 10.35 38.06
C ILE B 422 16.96 11.29 36.86
N ASN B 423 17.57 12.47 36.98
CA ASN B 423 17.45 13.49 35.94
C ASN B 423 17.99 12.99 34.61
N VAL B 424 19.23 12.50 34.61
CA VAL B 424 19.80 11.92 33.40
C VAL B 424 18.88 10.85 32.82
N HIS B 425 18.16 10.14 33.67
CA HIS B 425 17.19 9.16 33.23
C HIS B 425 15.84 9.81 32.96
N SER B 426 15.65 11.03 33.45
CA SER B 426 14.32 11.61 33.52
C SER B 426 13.88 12.18 32.18
N ASN B 427 12.67 12.73 32.16
CA ASN B 427 12.07 13.54 31.09
C ASN B 427 11.92 12.74 29.81
N ASN B 428 12.58 11.59 29.75
CA ASN B 428 12.30 10.63 28.70
C ASN B 428 10.87 10.15 28.77
N ILE B 429 10.33 10.04 29.97
CA ILE B 429 8.89 10.10 30.17
C ILE B 429 8.26 11.28 29.44
N THR B 430 8.58 12.50 29.82
CA THR B 430 7.97 13.70 29.23
C THR B 430 8.15 13.70 27.72
N SER B 431 9.40 13.67 27.26
CA SER B 431 9.68 13.64 25.83
C SER B 431 8.91 12.52 25.14
N GLY B 432 9.20 11.27 25.50
CA GLY B 432 8.45 10.16 24.97
C GLY B 432 6.95 10.32 25.06
N LEU B 433 6.48 11.00 26.11
CA LEU B 433 5.05 11.28 26.19
C LEU B 433 4.62 12.34 25.18
N ASN B 434 5.44 13.38 24.99
CA ASN B 434 5.13 14.38 23.97
C ASN B 434 5.04 13.76 22.59
N ARG B 435 6.16 13.21 22.09
CA ARG B 435 6.17 12.68 20.73
C ARG B 435 5.06 11.67 20.53
N ALA B 436 4.74 10.89 21.56
CA ALA B 436 3.56 10.05 21.52
C ALA B 436 2.30 10.89 21.29
N ILE B 437 1.96 11.75 22.25
CA ILE B 437 0.67 12.42 22.24
C ILE B 437 0.43 13.25 20.98
N SER B 438 1.46 13.86 20.40
CA SER B 438 1.24 14.51 19.13
C SER B 438 1.26 13.53 17.98
N THR B 439 2.21 12.61 17.99
CA THR B 439 2.42 11.73 16.84
C THR B 439 1.19 10.87 16.58
N GLY B 440 0.71 10.18 17.60
CA GLY B 440 -0.47 9.34 17.50
C GLY B 440 -0.18 7.86 17.46
N ASN B 441 1.09 7.48 17.35
CA ASN B 441 1.45 6.07 17.39
C ASN B 441 1.59 5.66 18.84
N TRP B 442 0.75 4.74 19.30
CA TRP B 442 0.84 4.24 20.67
C TRP B 442 1.27 2.79 20.62
N SER B 443 2.50 2.54 21.05
CA SER B 443 3.01 1.18 21.18
C SER B 443 3.08 0.87 22.66
N LEU B 444 2.22 -0.03 23.11
CA LEU B 444 2.24 -0.52 24.48
C LEU B 444 2.51 -2.01 24.43
N LYS B 445 3.71 -2.40 24.83
CA LYS B 445 4.10 -3.80 24.72
C LYS B 445 3.89 -4.57 26.02
N ARG B 446 3.45 -3.88 27.08
CA ARG B 446 2.96 -4.59 28.25
C ARG B 446 1.55 -5.08 28.02
N PHE B 447 0.73 -4.29 27.31
CA PHE B 447 -0.58 -4.72 26.86
C PHE B 447 -0.52 -5.46 25.54
N LYS B 448 0.65 -5.51 24.90
CA LYS B 448 0.86 -6.30 23.69
C LYS B 448 -0.07 -5.86 22.57
N MET B 449 -0.53 -4.61 22.64
CA MET B 449 -1.49 -4.09 21.66
C MET B 449 -1.11 -2.68 21.28
N GLU B 450 -1.35 -2.34 20.01
CA GLU B 450 -0.86 -1.11 19.42
C GLU B 450 -1.99 -0.45 18.64
N ARG B 451 -2.37 0.75 19.05
CA ARG B 451 -3.29 1.57 18.29
C ARG B 451 -2.56 2.79 17.75
N ALA B 452 -2.88 3.17 16.53
CA ALA B 452 -2.29 4.32 15.86
C ALA B 452 -3.37 5.23 15.33
N GLY B 453 -2.99 6.45 14.98
CA GLY B 453 -3.97 7.43 14.55
C GLY B 453 -4.98 7.70 15.65
N VAL B 454 -4.50 7.79 16.87
CA VAL B 454 -5.35 8.01 18.03
C VAL B 454 -5.75 9.46 18.15
N THR B 455 -5.04 10.36 17.48
CA THR B 455 -5.32 11.79 17.54
C THR B 455 -5.41 12.37 16.14
N HIS B 456 -5.96 13.56 16.04
CA HIS B 456 -5.95 14.33 14.80
C HIS B 456 -5.40 15.70 15.08
N VAL B 457 -4.84 16.31 14.04
CA VAL B 457 -4.54 17.74 14.11
C VAL B 457 -5.84 18.48 14.42
N LEU B 458 -5.79 19.33 15.44
CA LEU B 458 -6.99 20.03 15.87
C LEU B 458 -7.54 20.82 14.70
N SER B 459 -8.85 20.80 14.55
CA SER B 459 -9.50 21.48 13.43
C SER B 459 -10.02 22.84 13.88
N ARG B 460 -9.37 23.90 13.42
CA ARG B 460 -10.04 25.19 13.36
C ARG B 460 -10.09 25.54 11.88
N LEU B 461 -11.22 25.24 11.25
CA LEU B 461 -11.60 25.89 10.01
C LEU B 461 -12.71 26.89 10.22
N SER B 462 -13.23 26.97 11.44
CA SER B 462 -14.53 27.55 11.72
C SER B 462 -14.80 27.38 13.20
N TYR B 463 -15.82 28.07 13.70
CA TYR B 463 -16.12 27.91 15.10
C TYR B 463 -16.80 26.58 15.38
N ILE B 464 -17.81 26.22 14.59
CA ILE B 464 -18.57 25.01 14.87
C ILE B 464 -17.66 23.80 14.94
N SER B 465 -16.68 23.73 14.06
CA SER B 465 -15.73 22.63 14.07
C SER B 465 -15.04 22.48 15.42
N ALA B 466 -14.86 23.58 16.15
CA ALA B 466 -14.07 23.52 17.38
C ALA B 466 -14.59 22.44 18.32
N LEU B 467 -15.74 22.68 18.94
CA LEU B 467 -16.44 21.62 19.63
C LEU B 467 -16.87 20.51 18.69
N GLY B 468 -16.87 20.78 17.39
CA GLY B 468 -17.32 19.78 16.44
C GLY B 468 -16.31 18.67 16.25
N MET B 469 -15.01 19.01 16.26
CA MET B 469 -14.03 17.94 16.18
C MET B 469 -13.89 17.26 17.53
N MET B 470 -14.18 17.97 18.62
CA MET B 470 -14.51 17.28 19.84
C MET B 470 -15.89 16.67 19.68
N THR B 471 -16.33 15.96 20.72
CA THR B 471 -17.63 15.31 20.67
C THR B 471 -17.67 14.29 19.52
N ARG B 472 -16.50 13.80 19.15
CA ARG B 472 -16.35 12.83 18.06
C ARG B 472 -15.89 11.50 18.62
N ILE B 473 -16.19 10.44 17.89
CA ILE B 473 -16.04 9.07 18.36
C ILE B 473 -15.51 8.23 17.21
N SER B 474 -14.51 7.42 17.49
CA SER B 474 -13.88 6.56 16.50
C SER B 474 -14.29 5.11 16.75
N SER B 475 -14.55 4.39 15.67
CA SER B 475 -14.75 2.95 15.71
C SER B 475 -13.59 2.26 15.02
N GLN B 476 -13.24 1.08 15.52
CA GLN B 476 -12.07 0.37 15.02
C GLN B 476 -12.34 -1.12 15.11
N PHE B 477 -11.37 -1.92 14.65
CA PHE B 477 -11.37 -3.39 14.78
C PHE B 477 -12.61 -3.92 14.05
N GLU B 478 -13.43 -4.76 14.68
CA GLU B 478 -14.68 -5.24 14.10
C GLU B 478 -14.46 -6.04 12.82
N LYS B 479 -13.50 -6.96 12.88
CA LYS B 479 -13.15 -7.88 11.78
C LYS B 479 -12.84 -7.04 10.54
N SER B 480 -13.29 -7.42 9.34
CA SER B 480 -12.95 -6.69 8.14
C SER B 480 -13.76 -5.38 8.11
N ARG B 481 -13.51 -4.53 7.11
CA ARG B 481 -14.32 -3.34 6.88
C ARG B 481 -15.56 -3.64 6.06
N LYS B 482 -15.58 -4.75 5.32
CA LYS B 482 -16.73 -5.19 4.57
C LYS B 482 -17.81 -5.80 5.46
N VAL B 483 -17.46 -6.21 6.68
CA VAL B 483 -18.40 -6.87 7.58
C VAL B 483 -19.64 -5.98 7.73
N SER B 484 -20.81 -6.58 7.55
CA SER B 484 -22.05 -5.84 7.39
C SER B 484 -22.60 -5.27 8.70
N GLY B 485 -22.55 -6.02 9.79
CA GLY B 485 -23.21 -5.64 11.03
C GLY B 485 -22.80 -4.30 11.60
N PRO B 486 -21.50 -4.12 11.88
CA PRO B 486 -21.06 -2.83 12.45
C PRO B 486 -20.98 -1.72 11.43
N ARG B 487 -22.12 -1.32 10.86
CA ARG B 487 -22.10 -0.31 9.82
C ARG B 487 -23.08 0.83 10.03
N ALA B 488 -24.38 0.55 9.90
CA ALA B 488 -25.37 1.60 9.76
C ALA B 488 -25.68 2.24 11.11
N LEU B 489 -26.69 3.10 11.12
CA LEU B 489 -27.15 3.77 12.33
C LEU B 489 -28.41 3.07 12.84
N GLN B 490 -28.28 2.41 13.95
CA GLN B 490 -29.38 1.63 14.51
C GLN B 490 -30.21 2.47 15.46
N PRO B 491 -31.48 2.09 15.67
CA PRO B 491 -32.38 2.93 16.46
C PRO B 491 -31.97 3.09 17.91
N SER B 492 -31.34 2.07 18.51
CA SER B 492 -30.95 2.08 19.92
C SER B 492 -30.12 3.26 20.27
N GLN B 493 -29.50 3.80 19.22
CA GLN B 493 -28.66 4.98 19.26
C GLN B 493 -29.43 6.22 19.69
N PHE B 494 -30.75 6.11 19.84
CA PHE B 494 -31.62 7.26 20.00
C PHE B 494 -31.15 8.15 21.14
N GLY B 495 -30.87 9.40 20.81
CA GLY B 495 -30.68 10.44 21.79
C GLY B 495 -29.45 10.32 22.65
N MET B 496 -28.77 9.17 22.62
CA MET B 496 -27.55 9.03 23.40
C MET B 496 -26.30 9.17 22.55
N LEU B 497 -26.45 9.33 21.25
CA LEU B 497 -25.42 9.84 20.37
C LEU B 497 -26.04 10.99 19.62
N CYS B 498 -25.30 11.52 18.64
CA CYS B 498 -25.95 12.25 17.58
C CYS B 498 -26.52 11.26 16.57
N THR B 499 -27.74 11.47 16.13
CA THR B 499 -28.08 10.98 14.81
C THR B 499 -28.38 12.16 13.90
N ALA B 500 -27.31 12.66 13.30
CA ALA B 500 -27.34 13.45 12.09
C ALA B 500 -26.02 13.14 11.41
N ASP B 501 -24.94 13.44 12.14
CA ASP B 501 -23.61 13.43 11.53
C ASP B 501 -22.88 12.13 11.34
N THR B 502 -22.70 11.76 10.11
CA THR B 502 -21.80 10.69 9.71
C THR B 502 -21.12 11.07 8.41
N PRO B 503 -20.09 11.90 8.47
CA PRO B 503 -19.59 12.58 7.28
C PRO B 503 -19.11 11.60 6.22
N GLU B 504 -18.96 12.13 5.01
CA GLU B 504 -18.63 11.36 3.82
C GLU B 504 -17.27 10.68 3.92
N GLY B 505 -16.52 10.92 4.99
CA GLY B 505 -15.22 10.34 5.22
C GLY B 505 -15.28 8.98 5.87
N GLU B 506 -16.38 8.25 5.61
CA GLU B 506 -16.68 6.95 6.22
C GLU B 506 -15.42 6.08 6.30
N ALA B 507 -14.96 5.60 5.15
CA ALA B 507 -13.69 4.90 5.01
C ALA B 507 -13.51 3.70 5.93
N CYS B 508 -12.29 3.55 6.46
CA CYS B 508 -11.82 2.33 7.10
C CYS B 508 -12.42 2.11 8.48
N GLY B 509 -13.22 3.07 8.94
CA GLY B 509 -13.71 3.09 10.30
C GLY B 509 -14.91 3.99 10.36
N LEU B 510 -15.32 4.44 11.54
CA LEU B 510 -16.49 5.32 11.59
C LEU B 510 -16.35 6.30 12.74
N VAL B 511 -16.81 7.52 12.50
CA VAL B 511 -16.94 8.52 13.54
C VAL B 511 -18.42 8.66 13.89
N LYS B 512 -18.70 8.94 15.16
CA LYS B 512 -20.05 9.19 15.62
C LYS B 512 -19.98 10.32 16.63
N ASN B 513 -21.05 11.09 16.75
CA ASN B 513 -21.02 12.22 17.65
C ASN B 513 -22.03 12.04 18.78
N LEU B 514 -21.73 12.68 19.91
CA LEU B 514 -22.51 12.54 21.12
C LEU B 514 -23.85 13.23 20.98
N ALA B 515 -24.60 13.25 22.07
CA ALA B 515 -25.78 14.09 22.16
C ALA B 515 -25.38 15.44 22.73
N LEU B 516 -26.35 16.32 22.95
CA LEU B 516 -26.06 17.56 23.66
C LEU B 516 -26.33 17.45 25.15
N MET B 517 -26.87 16.32 25.59
CA MET B 517 -26.91 15.97 27.00
C MET B 517 -26.30 14.59 27.06
N THR B 518 -25.12 14.49 27.66
CA THR B 518 -24.33 13.27 27.68
C THR B 518 -23.68 13.20 29.06
N HIS B 519 -23.61 12.02 29.62
CA HIS B 519 -22.70 11.82 30.75
C HIS B 519 -21.99 10.50 30.52
N ILE B 520 -20.67 10.56 30.43
CA ILE B 520 -19.91 9.33 30.30
C ILE B 520 -19.58 8.96 31.73
N THR B 521 -19.83 7.69 32.07
CA THR B 521 -19.82 7.33 33.49
C THR B 521 -18.42 6.94 33.91
N THR B 522 -18.05 7.33 35.12
CA THR B 522 -16.84 6.85 35.77
C THR B 522 -17.06 5.59 36.58
N ASP B 523 -16.14 4.65 36.45
CA ASP B 523 -16.27 3.40 37.20
C ASP B 523 -16.29 3.63 38.70
N ASP B 524 -17.37 3.21 39.34
CA ASP B 524 -17.60 3.60 40.73
C ASP B 524 -16.86 2.62 41.64
N GLU B 525 -17.41 1.43 41.82
CA GLU B 525 -16.92 0.52 42.85
C GLU B 525 -17.70 -0.79 42.76
N GLU B 526 -17.13 -1.82 43.38
CA GLU B 526 -17.65 -3.18 43.26
C GLU B 526 -18.16 -3.75 44.59
N GLU B 527 -17.31 -3.89 45.58
CA GLU B 527 -17.71 -4.64 46.77
C GLU B 527 -18.85 -3.99 47.53
N PRO B 528 -18.81 -2.68 47.85
CA PRO B 528 -19.94 -2.09 48.58
C PRO B 528 -21.28 -2.34 47.93
N ILE B 529 -21.35 -2.23 46.60
CA ILE B 529 -22.63 -2.50 45.95
C ILE B 529 -22.92 -3.99 45.94
N LYS B 530 -21.88 -4.84 45.91
CA LYS B 530 -22.09 -6.27 46.05
C LYS B 530 -22.72 -6.62 47.39
N LYS B 531 -21.97 -6.44 48.47
CA LYS B 531 -22.50 -6.75 49.78
C LYS B 531 -23.79 -5.99 50.06
N LEU B 532 -23.99 -4.85 49.40
CA LEU B 532 -25.28 -4.19 49.48
C LEU B 532 -26.37 -5.03 48.83
N CYS B 533 -26.09 -5.55 47.65
CA CYS B 533 -26.99 -6.53 47.04
C CYS B 533 -27.32 -7.62 48.04
N TYR B 534 -26.31 -8.12 48.75
CA TYR B 534 -26.58 -9.04 49.86
C TYR B 534 -27.44 -8.40 50.94
N VAL B 535 -27.32 -7.10 51.16
CA VAL B 535 -28.14 -6.44 52.17
C VAL B 535 -29.60 -6.49 51.77
N LEU B 536 -29.88 -6.44 50.46
CA LEU B 536 -31.24 -6.66 50.02
C LEU B 536 -31.67 -8.10 50.29
N GLY B 537 -30.74 -8.95 50.71
CA GLY B 537 -31.13 -10.29 51.05
C GLY B 537 -30.99 -11.28 49.91
N VAL B 538 -30.09 -11.00 48.98
CA VAL B 538 -29.81 -11.94 47.92
C VAL B 538 -29.06 -13.12 48.50
N GLU B 539 -28.67 -14.05 47.65
CA GLU B 539 -28.03 -15.29 48.08
C GLU B 539 -26.75 -15.49 47.31
N ASP B 540 -25.97 -16.47 47.73
CA ASP B 540 -24.71 -16.74 47.08
C ASP B 540 -24.76 -18.06 46.33
N ILE B 541 -23.94 -18.17 45.29
CA ILE B 541 -23.78 -19.42 44.56
C ILE B 541 -23.55 -20.57 45.52
N THR B 542 -22.89 -20.32 46.64
CA THR B 542 -22.67 -21.36 47.63
C THR B 542 -23.98 -21.84 48.23
N LEU B 543 -24.97 -20.95 48.32
CA LEU B 543 -26.24 -21.34 48.92
C LEU B 543 -27.24 -21.78 47.89
N ILE B 544 -26.85 -21.78 46.62
CA ILE B 544 -27.75 -22.09 45.52
C ILE B 544 -27.79 -23.60 45.33
N ASP B 545 -29.00 -24.11 45.07
CA ASP B 545 -29.38 -25.51 44.83
C ASP B 545 -28.57 -26.16 43.72
N SER B 546 -28.05 -25.33 42.82
CA SER B 546 -27.56 -25.76 41.51
C SER B 546 -28.69 -26.38 40.70
N ALA B 547 -29.92 -26.11 41.12
CA ALA B 547 -31.08 -26.10 40.24
C ALA B 547 -31.58 -24.68 40.29
N SER B 548 -31.28 -23.90 39.25
CA SER B 548 -31.66 -22.50 39.23
C SER B 548 -31.77 -21.83 37.88
N LEU B 549 -32.38 -22.55 36.93
CA LEU B 549 -32.66 -22.00 35.61
C LEU B 549 -34.22 -21.78 35.53
N HIS B 550 -34.83 -22.08 36.67
CA HIS B 550 -36.20 -21.81 37.00
C HIS B 550 -36.50 -20.56 37.95
N LEU B 551 -35.61 -20.48 38.95
CA LEU B 551 -35.70 -19.34 39.85
C LEU B 551 -35.47 -17.93 39.31
N ASN B 552 -36.52 -17.11 39.42
CA ASN B 552 -36.49 -15.71 39.02
C ASN B 552 -35.81 -15.48 37.67
N TYR B 553 -34.79 -14.64 37.63
CA TYR B 553 -34.03 -14.47 36.41
C TYR B 553 -32.52 -14.62 36.57
N GLY B 554 -31.88 -13.61 37.16
CA GLY B 554 -30.49 -13.69 37.50
C GLY B 554 -29.94 -12.35 37.97
N VAL B 555 -28.84 -12.35 38.70
CA VAL B 555 -28.19 -11.10 39.08
C VAL B 555 -26.78 -11.11 38.54
N TYR B 556 -26.37 -10.02 37.90
CA TYR B 556 -25.08 -9.96 37.25
C TYR B 556 -24.39 -8.64 37.55
N LEU B 557 -23.24 -8.75 38.21
CA LEU B 557 -22.45 -7.59 38.65
C LEU B 557 -21.28 -7.49 37.69
N ASN B 558 -21.17 -6.36 37.01
CA ASN B 558 -20.25 -6.27 35.85
C ASN B 558 -20.62 -7.21 34.59
N GLY B 559 -21.80 -7.78 34.78
CA GLY B 559 -22.22 -8.92 34.01
C GLY B 559 -21.56 -10.10 34.68
N THR B 560 -21.75 -10.30 35.98
CA THR B 560 -21.21 -11.46 36.67
C THR B 560 -22.26 -12.00 37.62
N LEU B 561 -22.63 -13.27 37.44
CA LEU B 561 -23.70 -13.84 38.24
C LEU B 561 -23.28 -13.97 39.70
N ILE B 562 -24.24 -13.73 40.60
CA ILE B 562 -23.97 -13.99 42.01
C ILE B 562 -25.00 -14.98 42.56
N GLY B 563 -26.16 -14.49 42.97
CA GLY B 563 -27.19 -15.37 43.51
C GLY B 563 -28.47 -15.55 42.71
N SER B 564 -28.76 -14.64 41.80
CA SER B 564 -30.09 -14.54 41.19
C SER B 564 -31.18 -14.53 42.26
N ILE B 565 -31.29 -13.45 43.04
CA ILE B 565 -32.26 -13.41 44.12
C ILE B 565 -33.67 -13.63 43.58
N ARG B 566 -34.50 -14.26 44.40
CA ARG B 566 -35.93 -14.39 44.18
C ARG B 566 -36.57 -13.01 44.09
N PHE B 567 -37.73 -12.95 43.41
CA PHE B 567 -38.55 -11.75 43.40
C PHE B 567 -37.89 -10.66 42.57
N PRO B 568 -37.87 -10.81 41.25
CA PRO B 568 -37.18 -9.82 40.40
C PRO B 568 -37.54 -8.32 40.58
N THR B 569 -38.83 -8.06 40.36
CA THR B 569 -39.35 -6.70 40.47
C THR B 569 -39.08 -5.82 41.69
N LYS B 570 -39.62 -6.20 42.85
CA LYS B 570 -39.40 -5.43 44.06
C LYS B 570 -37.91 -5.20 44.30
N PHE B 571 -37.08 -6.17 43.97
CA PHE B 571 -35.63 -5.95 43.99
C PHE B 571 -35.27 -4.69 43.22
N VAL B 572 -35.58 -4.64 41.93
CA VAL B 572 -35.33 -3.45 41.13
C VAL B 572 -35.91 -2.21 41.80
N THR B 573 -37.10 -2.33 42.38
CA THR B 573 -37.73 -1.19 43.04
C THR B 573 -36.84 -0.64 44.14
N GLN B 574 -36.62 -1.43 45.20
CA GLN B 574 -35.73 -1.01 46.28
C GLN B 574 -34.41 -0.37 45.92
N PHE B 575 -33.60 -1.04 45.12
CA PHE B 575 -32.31 -0.50 44.70
C PHE B 575 -32.32 0.79 43.85
N ARG B 576 -33.17 0.83 42.83
CA ARG B 576 -33.37 2.06 42.09
C ARG B 576 -33.68 3.11 43.14
N HIS B 577 -34.58 2.79 44.08
CA HIS B 577 -34.94 3.77 45.08
C HIS B 577 -33.72 4.24 45.86
N LEU B 578 -32.77 3.34 46.09
CA LEU B 578 -31.49 3.77 46.64
C LEU B 578 -30.88 4.74 45.66
N ARG B 579 -30.69 4.32 44.41
CA ARG B 579 -29.99 5.15 43.44
C ARG B 579 -30.60 6.56 43.33
N ARG B 580 -31.84 6.64 42.88
CA ARG B 580 -32.55 7.90 42.82
C ARG B 580 -32.65 8.76 44.09
N THR B 581 -32.37 8.18 45.25
CA THR B 581 -32.41 8.92 46.50
C THR B 581 -31.02 9.06 47.11
N GLY B 582 -30.48 8.02 47.73
CA GLY B 582 -29.35 8.21 48.61
C GLY B 582 -27.95 7.77 48.21
N LYS B 583 -27.79 7.02 47.12
CA LYS B 583 -26.55 6.27 46.99
C LYS B 583 -26.24 5.99 45.52
N VAL B 584 -24.97 5.61 45.27
CA VAL B 584 -24.49 5.05 44.00
C VAL B 584 -24.99 5.83 42.80
N SER B 585 -24.79 7.14 42.81
CA SER B 585 -25.40 8.02 41.80
C SER B 585 -24.80 7.80 40.42
N GLU B 586 -25.29 8.56 39.45
CA GLU B 586 -24.81 8.44 38.08
C GLU B 586 -25.47 7.22 37.45
N PHE B 587 -24.71 6.14 37.34
CA PHE B 587 -25.22 4.86 36.88
C PHE B 587 -25.32 3.86 38.00
N ILE B 588 -24.78 2.67 37.81
CA ILE B 588 -24.97 1.63 38.81
C ILE B 588 -26.49 1.50 38.95
N SER B 589 -27.20 1.66 37.83
CA SER B 589 -28.66 1.62 37.77
C SER B 589 -29.23 0.21 37.78
N ILE B 590 -29.75 -0.25 36.66
CA ILE B 590 -30.33 -1.58 36.65
C ILE B 590 -31.28 -1.69 35.47
N TYR B 591 -31.39 -2.90 34.93
CA TYR B 591 -32.38 -3.21 33.91
C TYR B 591 -32.63 -4.71 33.94
N SER B 592 -33.77 -5.13 33.43
CA SER B 592 -34.08 -6.55 33.46
C SER B 592 -33.95 -7.17 32.08
N ASN B 593 -34.06 -8.49 32.04
CA ASN B 593 -34.31 -9.24 30.82
C ASN B 593 -35.20 -10.42 31.19
N SER B 594 -36.34 -10.54 30.52
CA SER B 594 -37.22 -11.66 30.79
C SER B 594 -36.80 -12.91 30.01
N HIS B 595 -36.37 -12.72 28.76
CA HIS B 595 -36.12 -13.86 27.89
C HIS B 595 -34.82 -14.53 28.31
N GLN B 596 -33.68 -13.90 28.05
CA GLN B 596 -32.51 -14.24 28.83
C GLN B 596 -32.83 -13.87 30.25
N MET B 597 -32.72 -14.82 31.18
CA MET B 597 -33.25 -14.55 32.52
C MET B 597 -32.11 -13.98 33.36
N ALA B 598 -32.22 -12.68 33.63
CA ALA B 598 -31.23 -11.94 34.39
C ALA B 598 -31.86 -10.66 34.90
N VAL B 599 -31.22 -10.05 35.89
CA VAL B 599 -31.28 -8.62 36.08
C VAL B 599 -29.85 -8.12 36.21
N HIS B 600 -29.40 -7.35 35.23
CA HIS B 600 -28.02 -6.92 35.15
C HIS B 600 -27.81 -5.64 35.94
N ILE B 601 -26.79 -5.65 36.79
CA ILE B 601 -26.46 -4.47 37.58
C ILE B 601 -24.97 -4.43 37.89
N ALA B 602 -24.19 -3.88 36.96
CA ALA B 602 -22.75 -3.77 37.11
C ALA B 602 -22.37 -2.29 37.19
N THR B 603 -21.16 -2.02 37.67
CA THR B 603 -20.71 -0.64 37.80
C THR B 603 -19.56 -0.29 36.86
N ASP B 604 -19.74 -0.53 35.57
CA ASP B 604 -18.67 -0.19 34.63
C ASP B 604 -18.84 1.22 34.09
N GLY B 605 -17.74 1.97 34.17
CA GLY B 605 -17.71 3.31 33.67
C GLY B 605 -17.51 3.38 32.18
N GLY B 606 -17.21 4.58 31.69
CA GLY B 606 -17.11 4.81 30.27
C GLY B 606 -18.41 4.43 29.59
N ARG B 607 -19.51 4.69 30.27
CA ARG B 607 -20.80 4.20 29.84
C ARG B 607 -21.71 5.38 29.56
N ILE B 608 -22.48 5.29 28.47
CA ILE B 608 -23.24 6.44 28.02
C ILE B 608 -24.46 6.64 28.91
N CYS B 609 -24.70 7.90 29.27
CA CYS B 609 -25.75 8.29 30.18
C CYS B 609 -26.43 9.55 29.64
N ARG B 610 -27.52 9.93 30.29
CA ARG B 610 -28.33 11.07 29.87
C ARG B 610 -29.40 11.30 30.92
N PRO B 611 -29.77 12.55 31.17
CA PRO B 611 -30.87 12.82 32.09
C PRO B 611 -32.20 12.54 31.43
N LEU B 612 -33.26 12.64 32.23
CA LEU B 612 -34.64 12.54 31.80
C LEU B 612 -35.51 12.57 33.04
N ILE B 613 -36.78 12.90 32.85
CA ILE B 613 -37.68 13.12 33.97
C ILE B 613 -38.42 11.86 34.32
N ILE B 614 -38.22 11.38 35.54
CA ILE B 614 -39.03 10.31 36.13
C ILE B 614 -40.47 10.75 36.17
N VAL B 615 -41.38 9.91 35.68
CA VAL B 615 -42.78 10.14 36.03
C VAL B 615 -42.99 9.39 37.33
N SER B 616 -43.45 10.08 38.35
CA SER B 616 -43.64 9.44 39.64
C SER B 616 -45.07 8.95 39.73
N ASP B 617 -45.24 7.63 39.69
CA ASP B 617 -46.56 7.02 39.57
C ASP B 617 -47.28 7.65 38.39
N GLY B 618 -48.38 8.35 38.66
CA GLY B 618 -49.18 8.97 37.62
C GLY B 618 -48.42 9.87 36.67
N GLN B 619 -47.65 10.82 37.21
CA GLN B 619 -46.99 11.82 36.37
C GLN B 619 -45.62 12.16 36.96
N SER B 620 -44.99 13.20 36.42
CA SER B 620 -43.61 13.54 36.71
C SER B 620 -43.40 13.82 38.20
N ARG B 621 -42.21 13.44 38.67
CA ARG B 621 -41.75 13.88 39.97
C ARG B 621 -41.49 15.38 40.02
N VAL B 622 -41.35 16.02 38.85
CA VAL B 622 -41.07 17.44 38.79
C VAL B 622 -42.13 18.25 39.53
N LYS B 623 -43.40 18.00 39.21
CA LYS B 623 -44.55 18.67 39.82
C LYS B 623 -44.54 20.18 39.56
N ASP B 624 -43.77 20.59 38.56
CA ASP B 624 -43.94 21.86 37.85
C ASP B 624 -43.80 23.11 38.71
N ILE B 625 -44.02 22.99 40.02
CA ILE B 625 -43.78 24.13 40.90
C ILE B 625 -42.33 24.15 41.32
N HIS B 626 -41.68 23.00 41.35
CA HIS B 626 -40.31 22.91 41.79
C HIS B 626 -39.38 23.64 40.83
N LEU B 627 -39.85 23.93 39.61
CA LEU B 627 -39.01 24.61 38.63
C LEU B 627 -38.99 26.12 38.82
N ARG B 628 -40.07 26.71 39.34
CA ARG B 628 -39.93 28.07 39.83
C ARG B 628 -38.89 28.14 40.92
N LYS B 629 -38.83 27.12 41.77
CA LYS B 629 -37.77 26.92 42.74
C LYS B 629 -36.43 26.65 42.06
N LEU B 630 -36.42 26.43 40.75
CA LEU B 630 -35.22 26.32 39.93
C LEU B 630 -34.84 27.63 39.26
N LEU B 631 -35.71 28.16 38.38
CA LEU B 631 -35.43 29.40 37.69
C LEU B 631 -35.15 30.54 38.66
N ASP B 632 -35.58 30.42 39.92
CA ASP B 632 -35.30 31.45 40.92
C ASP B 632 -33.83 31.78 40.99
N GLY B 633 -32.95 30.82 40.66
CA GLY B 633 -31.54 31.02 40.74
C GLY B 633 -30.92 30.32 41.93
N GLU B 634 -31.71 30.00 42.95
CA GLU B 634 -31.20 29.08 43.95
C GLU B 634 -31.95 27.76 43.87
N LEU B 635 -31.39 26.84 43.10
CA LEU B 635 -31.69 25.42 43.15
C LEU B 635 -30.38 24.70 42.86
N ASP B 636 -29.81 25.09 41.71
CA ASP B 636 -28.77 24.49 40.86
C ASP B 636 -29.18 23.14 40.31
N PHE B 637 -28.23 22.22 40.22
CA PHE B 637 -28.43 20.92 39.59
C PHE B 637 -27.67 19.90 40.43
N ASP B 638 -27.79 18.62 40.04
CA ASP B 638 -27.41 17.47 40.85
C ASP B 638 -28.35 17.29 42.03
N ASP B 639 -29.15 18.30 42.33
CA ASP B 639 -30.22 18.18 43.30
C ASP B 639 -31.26 17.17 42.88
N PHE B 640 -31.74 17.25 41.65
CA PHE B 640 -32.74 16.32 41.14
C PHE B 640 -32.34 14.88 41.38
N LEU B 641 -31.05 14.56 41.26
CA LEU B 641 -30.55 13.31 41.79
C LEU B 641 -30.85 13.18 43.27
N LYS B 642 -30.26 14.04 44.10
CA LYS B 642 -30.36 13.87 45.55
C LYS B 642 -31.75 14.15 46.09
N LEU B 643 -32.56 14.96 45.40
CA LEU B 643 -33.99 15.05 45.69
C LEU B 643 -34.84 14.10 44.86
N GLY B 644 -34.22 13.26 44.05
CA GLY B 644 -34.94 12.19 43.38
C GLY B 644 -35.93 12.65 42.33
N LEU B 645 -35.48 13.50 41.41
CA LEU B 645 -36.36 13.93 40.33
C LEU B 645 -35.96 13.26 39.03
N VAL B 646 -34.76 13.57 38.54
CA VAL B 646 -34.28 13.03 37.28
C VAL B 646 -32.94 12.37 37.52
N GLU B 647 -32.50 11.56 36.55
CA GLU B 647 -31.19 10.94 36.66
C GLU B 647 -30.71 10.52 35.28
N TYR B 648 -29.47 10.02 35.26
CA TYR B 648 -28.83 9.54 34.04
C TYR B 648 -29.21 8.09 33.86
N LEU B 649 -29.39 7.66 32.61
CA LEU B 649 -29.77 6.27 32.40
C LEU B 649 -28.95 5.60 31.30
N ASP B 650 -29.24 4.33 31.07
CA ASP B 650 -28.52 3.48 30.14
C ASP B 650 -29.45 3.03 29.03
N VAL B 651 -28.90 2.73 27.86
CA VAL B 651 -29.66 2.16 26.75
C VAL B 651 -30.32 0.89 27.26
N ASN B 652 -29.55 0.05 27.94
CA ASN B 652 -30.10 -1.14 28.57
C ASN B 652 -31.14 -0.80 29.62
N GLU B 653 -30.81 0.13 30.52
CA GLU B 653 -31.78 0.58 31.50
C GLU B 653 -33.08 1.00 30.81
N GLU B 654 -32.98 1.92 29.85
CA GLU B 654 -34.21 2.35 29.18
C GLU B 654 -34.80 1.24 28.33
N ASN B 655 -33.98 0.29 27.88
CA ASN B 655 -34.54 -0.92 27.29
C ASN B 655 -35.49 -1.60 28.26
N ASP B 656 -35.23 -1.46 29.57
CA ASP B 656 -36.23 -1.91 30.53
C ASP B 656 -37.34 -0.88 30.70
N SER B 657 -37.01 0.42 30.72
CA SER B 657 -37.97 1.44 31.09
C SER B 657 -38.97 1.70 29.96
N TYR B 658 -39.93 2.58 30.22
CA TYR B 658 -40.91 2.99 29.22
C TYR B 658 -41.02 4.50 29.27
N ILE B 659 -40.62 5.17 28.18
CA ILE B 659 -40.38 6.60 28.23
C ILE B 659 -41.53 7.36 27.60
N ALA B 660 -41.84 8.51 28.16
CA ALA B 660 -42.82 9.43 27.60
C ALA B 660 -42.15 10.33 26.56
N LEU B 661 -42.93 11.24 26.00
CA LEU B 661 -42.41 12.24 25.06
C LEU B 661 -42.80 13.63 25.52
N TYR B 662 -44.09 13.95 25.56
CA TYR B 662 -44.57 15.19 26.12
C TYR B 662 -45.35 14.90 27.40
N GLU B 663 -45.12 15.73 28.42
CA GLU B 663 -45.98 15.68 29.59
C GLU B 663 -47.44 15.81 29.21
N LYS B 664 -47.71 16.53 28.12
CA LYS B 664 -49.04 16.53 27.51
C LYS B 664 -49.58 15.13 27.33
N ASP B 665 -48.80 14.24 26.71
CA ASP B 665 -49.28 12.89 26.41
C ASP B 665 -48.48 11.89 27.24
N ILE B 666 -49.15 11.35 28.26
CA ILE B 666 -48.52 10.41 29.17
C ILE B 666 -49.51 9.29 29.49
N VAL B 667 -48.99 8.23 30.11
CA VAL B 667 -49.77 7.11 30.60
C VAL B 667 -49.41 6.90 32.06
N PRO B 668 -50.35 6.59 32.95
CA PRO B 668 -49.98 6.24 34.33
C PRO B 668 -49.08 5.03 34.44
N SER B 669 -49.00 4.22 33.39
CA SER B 669 -48.09 3.08 33.34
C SER B 669 -46.70 3.47 32.86
N MET B 670 -46.47 4.74 32.56
CA MET B 670 -45.17 5.16 32.07
C MET B 670 -44.15 5.19 33.21
N THR B 671 -42.92 5.54 32.85
CA THR B 671 -41.80 5.54 33.77
C THR B 671 -41.17 6.92 33.76
N HIS B 672 -40.72 7.36 32.58
CA HIS B 672 -39.98 8.60 32.49
C HIS B 672 -40.45 9.40 31.28
N LEU B 673 -40.09 10.67 31.28
CA LEU B 673 -40.05 11.45 30.05
C LEU B 673 -38.69 12.12 29.99
N GLU B 674 -38.09 12.14 28.81
CA GLU B 674 -36.89 12.93 28.65
C GLU B 674 -37.27 14.39 28.44
N ILE B 675 -36.52 15.27 29.08
CA ILE B 675 -36.95 16.66 29.24
C ILE B 675 -37.34 17.27 27.90
N GLU B 676 -36.52 17.06 26.88
CA GLU B 676 -36.74 17.64 25.57
C GLU B 676 -36.21 16.69 24.49
N PRO B 677 -36.83 16.66 23.32
CA PRO B 677 -36.28 15.84 22.24
C PRO B 677 -34.96 16.33 21.72
N PHE B 678 -34.77 17.65 21.58
CA PHE B 678 -33.80 18.18 20.64
C PHE B 678 -32.38 18.12 21.16
N THR B 679 -32.17 17.57 22.35
CA THR B 679 -30.86 17.05 22.66
C THR B 679 -30.51 15.83 21.80
N ILE B 680 -31.48 15.30 21.04
CA ILE B 680 -31.20 14.17 20.16
C ILE B 680 -30.23 14.57 19.06
N LEU B 681 -30.31 15.82 18.61
CA LEU B 681 -29.41 16.29 17.58
C LEU B 681 -27.99 16.36 18.11
N GLY B 682 -27.03 16.41 17.18
CA GLY B 682 -25.63 16.53 17.52
C GLY B 682 -25.19 17.97 17.63
N ALA B 683 -23.97 18.15 18.14
CA ALA B 683 -23.44 19.48 18.38
C ALA B 683 -23.45 20.33 17.12
N VAL B 684 -23.17 19.71 15.97
CA VAL B 684 -23.29 20.44 14.72
C VAL B 684 -24.72 20.49 14.24
N ALA B 685 -25.45 19.37 14.37
CA ALA B 685 -26.81 19.30 13.89
C ALA B 685 -27.73 20.32 14.53
N GLY B 686 -27.36 20.85 15.69
CA GLY B 686 -28.19 21.84 16.33
C GLY B 686 -28.40 23.10 15.53
N LEU B 687 -27.68 23.27 14.44
CA LEU B 687 -27.79 24.47 13.63
C LEU B 687 -28.98 24.45 12.69
N ILE B 688 -29.33 23.30 12.14
CA ILE B 688 -30.37 23.20 11.11
C ILE B 688 -31.68 23.71 11.69
N PRO B 689 -32.28 24.75 11.13
CA PRO B 689 -33.62 25.15 11.58
C PRO B 689 -34.65 24.12 11.12
N TYR B 690 -35.52 23.74 12.04
CA TYR B 690 -36.65 22.85 11.77
C TYR B 690 -36.27 21.57 11.04
N PRO B 691 -35.23 20.86 11.48
CA PRO B 691 -34.73 19.71 10.70
C PRO B 691 -35.80 18.68 10.42
N HIS B 692 -36.76 18.54 11.32
CA HIS B 692 -37.85 17.58 11.19
C HIS B 692 -38.67 17.80 9.93
N HIS B 693 -38.48 18.92 9.24
CA HIS B 693 -39.11 19.14 7.95
C HIS B 693 -38.22 18.78 6.77
N ASN B 694 -37.05 18.20 6.99
CA ASN B 694 -36.17 17.76 5.92
C ASN B 694 -36.30 16.27 5.66
N GLN B 695 -35.48 15.78 4.74
CA GLN B 695 -35.05 14.40 4.74
C GLN B 695 -33.62 14.32 5.24
N SER B 696 -33.37 13.38 6.15
CA SER B 696 -32.18 13.33 6.98
C SER B 696 -30.85 13.43 6.24
N PRO B 697 -30.67 12.81 5.06
CA PRO B 697 -29.37 12.93 4.40
C PRO B 697 -28.94 14.37 4.20
N ARG B 698 -29.88 15.27 3.96
CA ARG B 698 -29.54 16.68 3.84
C ARG B 698 -29.09 17.26 5.18
N ASN B 699 -29.57 16.69 6.28
CA ASN B 699 -28.99 17.05 7.57
C ASN B 699 -27.57 16.54 7.70
N THR B 700 -27.32 15.30 7.26
CA THR B 700 -25.96 14.77 7.25
C THR B 700 -25.02 15.70 6.50
N TYR B 701 -25.23 15.85 5.19
CA TYR B 701 -24.47 16.81 4.41
C TYR B 701 -24.42 18.17 5.08
N GLN B 702 -25.50 18.56 5.74
CA GLN B 702 -25.51 19.87 6.37
C GLN B 702 -24.54 19.94 7.53
N CYS B 703 -24.43 18.87 8.31
CA CYS B 703 -23.37 18.84 9.30
C CYS B 703 -22.00 18.86 8.65
N ALA B 704 -21.75 17.97 7.69
CA ALA B 704 -20.43 17.92 7.06
C ALA B 704 -20.04 19.25 6.45
N MET B 705 -21.00 20.08 6.05
CA MET B 705 -20.74 21.43 5.59
C MET B 705 -20.57 22.43 6.71
N GLY B 706 -21.36 22.32 7.78
CA GLY B 706 -21.34 23.34 8.82
C GLY B 706 -19.96 23.58 9.37
N LYS B 707 -19.31 22.52 9.86
CA LYS B 707 -17.94 22.64 10.33
C LYS B 707 -17.00 23.15 9.25
N GLN B 708 -17.36 23.00 7.98
CA GLN B 708 -16.57 23.53 6.89
C GLN B 708 -16.96 24.93 6.50
N ALA B 709 -17.87 25.57 7.24
CA ALA B 709 -18.17 26.97 7.02
C ALA B 709 -16.98 27.82 7.47
N ILE B 710 -17.13 29.13 7.37
CA ILE B 710 -16.06 30.04 7.75
C ILE B 710 -16.63 31.19 8.56
N GLY B 711 -15.97 31.51 9.65
CA GLY B 711 -16.50 32.44 10.64
C GLY B 711 -15.41 32.97 11.53
N ALA B 712 -15.81 33.61 12.62
CA ALA B 712 -14.91 34.43 13.42
C ALA B 712 -13.85 33.63 14.17
N ILE B 713 -13.99 32.32 14.28
CA ILE B 713 -13.23 31.57 15.27
C ILE B 713 -13.50 32.22 16.62
N ALA B 714 -12.48 32.83 17.21
CA ALA B 714 -12.56 33.22 18.61
C ALA B 714 -12.07 34.65 18.76
N TYR B 715 -12.42 35.24 19.91
CA TYR B 715 -12.05 36.63 20.18
C TYR B 715 -10.54 36.85 20.07
N ASN B 716 -9.76 35.80 20.24
CA ASN B 716 -8.31 35.88 20.20
C ASN B 716 -7.81 36.14 18.78
N GLN B 717 -8.75 36.26 17.85
CA GLN B 717 -8.54 36.03 16.42
C GLN B 717 -7.21 36.60 15.92
N PHE B 718 -7.09 37.91 15.87
CA PHE B 718 -5.94 38.52 15.24
C PHE B 718 -4.66 38.39 16.07
N LYS B 719 -4.77 37.88 17.29
CA LYS B 719 -3.61 37.61 18.09
C LYS B 719 -3.08 36.19 17.96
N ARG B 720 -3.73 35.33 17.20
CA ARG B 720 -3.23 33.99 16.99
C ARG B 720 -2.83 33.79 15.53
N ILE B 721 -1.85 32.91 15.34
CA ILE B 721 -1.23 32.69 14.04
C ILE B 721 -1.18 31.18 13.83
N ASP B 722 -1.92 30.68 12.86
CA ASP B 722 -2.00 29.25 12.64
C ASP B 722 -1.62 28.92 11.22
N THR B 723 -1.27 27.64 10.99
CA THR B 723 -0.76 27.22 9.69
C THR B 723 -1.78 27.49 8.58
N LEU B 724 -3.07 27.53 8.91
CA LEU B 724 -4.07 27.90 7.93
C LEU B 724 -5.21 28.54 8.73
N LEU B 725 -5.88 29.51 8.13
CA LEU B 725 -6.99 30.17 8.79
C LEU B 725 -7.95 30.73 7.75
N TYR B 726 -9.23 30.76 8.08
CA TYR B 726 -10.21 31.54 7.37
C TYR B 726 -11.03 32.36 8.35
N LEU B 727 -11.79 33.31 7.83
CA LEU B 727 -12.68 34.13 8.62
C LEU B 727 -13.62 34.84 7.66
N MET B 728 -14.58 35.57 8.22
CA MET B 728 -15.51 36.30 7.38
C MET B 728 -15.62 37.73 7.87
N THR B 729 -15.74 38.65 6.92
CA THR B 729 -15.63 40.07 7.22
C THR B 729 -16.78 40.55 8.08
N TYR B 730 -18.01 40.15 7.76
CA TYR B 730 -19.21 40.69 8.39
C TYR B 730 -20.15 39.56 8.76
N PRO B 731 -19.75 38.66 9.65
CA PRO B 731 -20.65 37.58 10.04
C PRO B 731 -21.90 38.13 10.71
N GLN B 732 -22.96 37.33 10.73
CA GLN B 732 -24.25 37.77 11.22
C GLN B 732 -24.99 36.61 11.88
N GLN B 733 -25.68 36.90 12.97
CA GLN B 733 -26.54 35.91 13.57
C GLN B 733 -27.58 35.44 12.56
N PRO B 734 -27.68 34.13 12.35
CA PRO B 734 -28.77 33.61 11.52
C PRO B 734 -30.11 34.09 12.03
N MET B 735 -30.93 34.60 11.11
CA MET B 735 -32.21 35.16 11.52
C MET B 735 -33.03 34.17 12.31
N VAL B 736 -32.97 32.90 11.92
CA VAL B 736 -33.49 31.81 12.74
C VAL B 736 -32.41 31.41 13.72
N LYS B 737 -32.81 31.11 14.95
CA LYS B 737 -31.92 30.53 15.94
C LYS B 737 -32.41 29.13 16.24
N THR B 738 -31.51 28.29 16.70
CA THR B 738 -31.93 27.13 17.47
C THR B 738 -31.40 27.25 18.88
N LYS B 739 -32.28 27.01 19.85
CA LYS B 739 -31.97 27.26 21.24
C LYS B 739 -30.69 26.54 21.65
N THR B 740 -30.31 25.50 20.89
CA THR B 740 -28.94 25.01 20.92
C THR B 740 -27.92 26.11 20.78
N ILE B 741 -27.95 26.85 19.66
CA ILE B 741 -27.04 27.98 19.47
C ILE B 741 -27.00 28.85 20.72
N GLU B 742 -28.16 29.07 21.36
CA GLU B 742 -28.17 29.89 22.56
C GLU B 742 -27.30 29.29 23.65
N LEU B 743 -27.18 27.96 23.70
CA LEU B 743 -26.27 27.34 24.66
C LEU B 743 -24.83 27.77 24.45
N ILE B 744 -24.28 27.50 23.27
CA ILE B 744 -22.86 27.68 23.02
C ILE B 744 -22.53 29.10 22.62
N ASP B 745 -23.53 30.00 22.63
CA ASP B 745 -23.34 31.39 22.25
C ASP B 745 -22.85 31.50 20.80
N TYR B 746 -23.21 30.50 19.99
CA TYR B 746 -22.89 30.53 18.58
C TYR B 746 -23.40 31.79 17.89
N ASP B 747 -24.43 32.43 18.44
CA ASP B 747 -24.86 33.71 17.90
C ASP B 747 -23.79 34.78 18.10
N LYS B 748 -22.96 34.65 19.12
CA LYS B 748 -21.83 35.57 19.27
C LYS B 748 -20.74 35.27 18.26
N LEU B 749 -20.75 34.09 17.65
CA LEU B 749 -19.74 33.69 16.68
C LEU B 749 -20.45 33.05 15.49
N PRO B 750 -21.10 33.85 14.67
CA PRO B 750 -21.74 33.31 13.48
C PRO B 750 -20.75 33.03 12.37
N ALA B 751 -21.00 31.98 11.59
CA ALA B 751 -20.25 31.77 10.36
C ALA B 751 -21.27 31.88 9.22
N GLY B 752 -21.21 32.98 8.48
CA GLY B 752 -22.05 33.11 7.32
C GLY B 752 -22.51 34.53 7.12
N GLN B 753 -23.43 34.69 6.18
CA GLN B 753 -24.14 35.95 6.00
C GLN B 753 -25.62 35.70 6.20
N ASN B 754 -26.34 36.73 6.64
CA ASN B 754 -27.77 36.62 6.52
C ASN B 754 -28.17 37.30 5.23
N ALA B 755 -28.54 36.51 4.24
CA ALA B 755 -28.58 36.99 2.87
C ALA B 755 -29.95 36.78 2.26
N THR B 756 -30.44 37.80 1.57
CA THR B 756 -31.76 37.72 0.99
C THR B 756 -31.67 37.02 -0.36
N VAL B 757 -32.66 36.19 -0.63
CA VAL B 757 -32.64 35.32 -1.80
C VAL B 757 -34.03 35.30 -2.41
N ALA B 758 -34.08 35.03 -3.71
CA ALA B 758 -35.34 34.79 -4.37
C ALA B 758 -35.26 33.47 -5.11
N VAL B 759 -36.04 32.50 -4.66
CA VAL B 759 -36.07 31.22 -5.33
C VAL B 759 -36.63 31.43 -6.73
N MET B 760 -35.85 31.04 -7.74
CA MET B 760 -36.22 31.27 -9.13
C MET B 760 -35.13 30.69 -10.03
N SER B 761 -35.48 30.40 -11.27
CA SER B 761 -34.56 29.78 -12.21
C SER B 761 -33.86 30.85 -13.04
N TYR B 762 -34.05 32.11 -12.66
CA TYR B 762 -33.57 33.25 -13.43
C TYR B 762 -32.09 33.12 -13.75
N SER B 763 -31.69 33.70 -14.89
CA SER B 763 -30.31 33.63 -15.30
C SER B 763 -29.92 32.18 -15.50
N GLY B 764 -30.31 31.61 -16.63
CA GLY B 764 -30.16 30.19 -16.86
C GLY B 764 -28.76 29.67 -16.59
N TYR B 765 -27.81 30.56 -16.35
CA TYR B 765 -26.52 30.17 -15.78
C TYR B 765 -26.70 29.37 -14.49
N ASP B 766 -27.85 29.54 -13.86
CA ASP B 766 -28.18 28.84 -12.63
C ASP B 766 -28.16 27.32 -12.79
N ILE B 767 -29.16 26.77 -13.47
CA ILE B 767 -29.33 25.32 -13.61
C ILE B 767 -29.21 24.66 -12.25
N GLU B 768 -28.32 23.68 -12.12
CA GLU B 768 -28.39 22.68 -11.07
C GLU B 768 -27.57 23.15 -9.88
N ASP B 769 -28.27 23.47 -8.79
CA ASP B 769 -27.63 23.67 -7.49
C ASP B 769 -26.70 24.87 -7.49
N ALA B 770 -26.51 25.49 -8.64
CA ALA B 770 -25.50 26.52 -8.76
C ALA B 770 -26.08 27.88 -8.44
N LEU B 771 -25.67 28.45 -7.31
CA LEU B 771 -26.24 29.71 -6.88
C LEU B 771 -25.69 30.79 -7.78
N VAL B 772 -26.18 32.02 -7.65
CA VAL B 772 -25.71 33.13 -8.46
C VAL B 772 -25.97 34.44 -7.73
N LEU B 773 -25.09 35.42 -7.90
CA LEU B 773 -24.96 36.49 -6.92
C LEU B 773 -25.25 37.88 -7.46
N ASN B 774 -24.99 38.89 -6.63
CA ASN B 774 -25.35 40.27 -6.90
C ASN B 774 -24.11 41.15 -6.80
N LYS B 775 -23.70 41.78 -7.91
CA LYS B 775 -22.76 42.87 -7.76
C LYS B 775 -23.48 44.05 -7.12
N SER B 776 -22.71 45.09 -6.81
CA SER B 776 -23.22 46.20 -6.00
C SER B 776 -23.80 45.64 -4.72
N SER B 777 -23.35 44.45 -4.36
CA SER B 777 -23.52 43.83 -3.06
C SER B 777 -22.23 43.20 -2.57
N ILE B 778 -21.73 42.22 -3.33
CA ILE B 778 -20.31 41.88 -3.27
C ILE B 778 -19.47 43.14 -3.31
N ASP B 779 -19.86 44.13 -4.12
CA ASP B 779 -19.24 45.44 -4.02
C ASP B 779 -19.52 46.10 -2.69
N ARG B 780 -20.68 45.85 -2.10
CA ARG B 780 -21.03 46.48 -0.83
C ARG B 780 -20.47 45.73 0.37
N GLY B 781 -19.70 44.67 0.14
CA GLY B 781 -19.08 43.97 1.24
C GLY B 781 -19.73 42.65 1.60
N PHE B 782 -20.60 42.13 0.74
CA PHE B 782 -21.27 40.85 1.01
C PHE B 782 -20.23 39.74 0.97
N GLY B 783 -20.27 38.88 1.97
CA GLY B 783 -19.56 37.61 1.92
C GLY B 783 -18.08 37.73 1.63
N ARG B 784 -17.35 38.47 2.44
CA ARG B 784 -15.93 38.67 2.17
C ARG B 784 -15.07 38.02 3.25
N CYS B 785 -13.90 37.55 2.84
CA CYS B 785 -13.12 36.63 3.65
C CYS B 785 -11.66 37.03 3.68
N GLU B 786 -11.16 37.33 4.87
CA GLU B 786 -9.72 37.51 5.08
C GLU B 786 -9.17 36.10 5.21
N THR B 787 -8.16 35.78 4.40
CA THR B 787 -7.58 34.45 4.43
C THR B 787 -6.16 34.54 4.96
N ARG B 788 -5.90 33.91 6.11
CA ARG B 788 -4.62 34.02 6.78
C ARG B 788 -3.89 32.68 6.66
N ARG B 789 -2.58 32.75 6.55
CA ARG B 789 -1.67 31.62 6.56
C ARG B 789 -0.41 32.01 7.31
N LYS B 790 0.38 31.01 7.70
CA LYS B 790 1.65 31.32 8.33
C LYS B 790 2.73 30.41 7.77
N THR B 791 3.92 30.97 7.65
CA THR B 791 5.07 30.17 7.27
C THR B 791 6.17 30.44 8.29
N THR B 792 6.46 29.46 9.13
CA THR B 792 7.58 29.56 10.04
C THR B 792 8.86 29.13 9.32
N THR B 793 9.99 29.67 9.77
CA THR B 793 11.30 29.20 9.32
C THR B 793 12.14 29.04 10.57
N VAL B 794 12.51 27.81 10.89
CA VAL B 794 13.34 27.58 12.07
C VAL B 794 14.75 28.08 11.78
N LEU B 795 15.35 28.73 12.77
CA LEU B 795 16.75 29.16 12.68
C LEU B 795 17.55 28.39 13.72
N LYS B 796 18.40 27.51 13.24
CA LYS B 796 19.20 26.71 14.15
C LYS B 796 20.69 26.85 13.81
N ARG B 797 21.50 26.70 14.84
CA ARG B 797 22.95 26.72 14.71
C ARG B 797 23.40 25.35 14.24
N TYR B 798 24.52 25.31 13.52
CA TYR B 798 25.04 24.08 12.94
C TYR B 798 26.43 23.80 13.47
N ALA B 799 26.76 22.50 13.56
CA ALA B 799 27.90 22.05 14.36
C ALA B 799 29.18 22.82 14.07
N ASN B 800 29.33 23.38 12.87
CA ASN B 800 30.38 24.34 12.59
C ASN B 800 30.28 25.59 13.43
N HIS B 801 29.18 25.73 14.19
CA HIS B 801 28.98 26.85 15.10
C HIS B 801 28.85 28.16 14.32
N THR B 802 28.06 28.11 13.27
CA THR B 802 27.69 29.29 12.50
C THR B 802 26.18 29.28 12.33
N GLN B 803 25.53 30.33 12.82
CA GLN B 803 24.08 30.42 12.77
C GLN B 803 23.61 30.55 11.33
N ASP B 804 22.36 30.20 11.10
CA ASP B 804 21.68 30.51 9.85
C ASP B 804 21.12 31.92 9.93
N ILE B 805 21.42 32.74 8.93
CA ILE B 805 21.39 34.19 9.07
C ILE B 805 20.28 34.78 8.22
N ILE B 806 19.78 35.94 8.64
CA ILE B 806 18.65 36.60 8.02
C ILE B 806 19.10 37.66 7.00
N GLY B 807 20.40 37.76 6.73
CA GLY B 807 20.94 38.87 5.97
C GLY B 807 20.19 39.17 4.69
N GLY B 808 20.10 40.47 4.40
CA GLY B 808 19.25 40.97 3.33
C GLY B 808 19.50 42.43 3.01
N MET B 809 18.55 43.08 2.34
CA MET B 809 18.67 44.48 1.91
C MET B 809 19.87 44.65 0.99
N ARG B 810 19.74 44.22 -0.26
CA ARG B 810 20.83 44.43 -1.22
C ARG B 810 20.92 45.91 -1.61
N VAL B 811 19.90 46.42 -2.29
CA VAL B 811 19.82 47.81 -2.71
C VAL B 811 21.01 48.15 -3.60
N ASP B 812 20.99 47.62 -4.82
CA ASP B 812 21.80 48.09 -5.93
C ASP B 812 21.07 49.26 -6.58
N GLU B 813 21.48 49.62 -7.80
CA GLU B 813 20.69 50.51 -8.64
C GLU B 813 20.63 51.94 -8.10
N ASN B 814 21.37 52.21 -7.02
CA ASN B 814 21.41 53.51 -6.37
C ASN B 814 20.10 53.88 -5.71
N GLY B 815 19.81 53.24 -4.58
CA GLY B 815 18.70 53.64 -3.73
C GLY B 815 17.53 52.68 -3.64
N ASP B 816 17.54 51.62 -4.45
CA ASP B 816 16.45 50.68 -4.34
C ASP B 816 16.93 49.24 -4.41
N PRO B 817 16.36 48.34 -3.61
CA PRO B 817 16.62 46.91 -3.81
C PRO B 817 15.84 46.41 -5.00
N ILE B 818 16.38 45.44 -5.75
CA ILE B 818 15.76 44.99 -6.99
C ILE B 818 14.34 44.53 -6.68
N TRP B 819 13.46 44.66 -7.66
CA TRP B 819 12.06 44.29 -7.46
C TRP B 819 11.91 42.95 -6.77
N GLN B 820 12.45 41.88 -7.36
CA GLN B 820 12.43 40.57 -6.71
C GLN B 820 12.87 40.66 -5.27
N HIS B 821 13.93 41.40 -4.98
CA HIS B 821 14.38 41.58 -3.62
C HIS B 821 13.74 42.77 -2.93
N GLN B 822 12.90 43.54 -3.63
CA GLN B 822 12.22 44.64 -2.94
C GLN B 822 10.93 44.06 -2.39
N SER B 823 11.04 43.65 -1.13
CA SER B 823 9.94 43.12 -0.35
C SER B 823 10.22 43.39 1.12
N LEU B 824 11.04 44.40 1.41
CA LEU B 824 11.39 44.71 2.80
C LEU B 824 11.83 46.14 3.17
N GLY B 825 12.73 46.17 4.16
CA GLY B 825 13.29 47.34 4.78
C GLY B 825 14.58 46.93 5.45
N PRO B 826 15.28 47.88 6.07
CA PRO B 826 16.66 47.62 6.48
C PRO B 826 16.82 46.42 7.41
N ASP B 827 15.74 45.96 8.03
CA ASP B 827 15.84 44.83 8.93
C ASP B 827 16.34 43.58 8.23
N GLY B 828 16.00 43.40 6.96
CA GLY B 828 16.32 42.16 6.29
C GLY B 828 15.28 41.09 6.46
N LEU B 829 14.03 41.47 6.68
CA LEU B 829 12.94 40.55 6.89
C LEU B 829 11.63 41.24 6.52
N GLY B 830 10.60 40.45 6.26
CA GLY B 830 9.31 40.99 5.89
C GLY B 830 8.78 41.97 6.90
N GLU B 831 7.92 42.89 6.46
CA GLU B 831 7.36 43.88 7.36
C GLU B 831 5.86 44.00 7.12
N VAL B 832 5.20 44.84 7.92
CA VAL B 832 3.75 44.91 7.98
C VAL B 832 3.27 45.72 6.79
N GLY B 833 2.08 45.38 6.29
CA GLY B 833 1.40 46.23 5.34
C GLY B 833 2.10 46.34 4.01
N MET B 834 2.33 45.22 3.34
CA MET B 834 2.88 45.32 2.00
C MET B 834 2.24 44.27 1.10
N LYS B 835 1.72 44.74 -0.03
CA LYS B 835 1.38 43.89 -1.17
C LYS B 835 2.64 43.14 -1.59
N VAL B 836 2.57 41.84 -1.66
CA VAL B 836 3.72 41.06 -2.11
C VAL B 836 3.32 40.18 -3.28
N GLN B 837 3.89 40.49 -4.44
CA GLN B 837 3.60 39.73 -5.65
C GLN B 837 4.55 38.54 -5.72
N SER B 838 4.00 37.41 -6.13
CA SER B 838 4.76 36.16 -6.15
C SER B 838 6.03 36.31 -6.95
N GLY B 839 7.13 35.77 -6.43
CA GLY B 839 8.43 36.08 -6.97
C GLY B 839 9.27 36.94 -6.03
N GLN B 840 8.67 37.41 -4.95
CA GLN B 840 9.34 38.26 -3.99
C GLN B 840 9.73 37.48 -2.74
N ILE B 841 10.37 38.16 -1.81
CA ILE B 841 11.02 37.53 -0.67
C ILE B 841 10.27 37.95 0.58
N TYR B 842 9.50 37.04 1.18
CA TYR B 842 8.88 37.46 2.44
C TYR B 842 9.67 36.99 3.65
N ILE B 843 10.75 36.24 3.45
CA ILE B 843 11.85 36.17 4.41
C ILE B 843 13.13 35.86 3.66
N ASN B 844 14.22 36.51 4.03
CA ASN B 844 15.52 36.25 3.44
C ASN B 844 16.33 35.43 4.43
N LYS B 845 16.52 34.16 4.12
CA LYS B 845 17.19 33.23 5.04
C LYS B 845 18.50 32.82 4.37
N SER B 846 19.60 33.27 4.96
CA SER B 846 20.93 32.90 4.50
C SER B 846 21.51 31.85 5.44
N VAL B 847 21.81 30.67 4.89
CA VAL B 847 22.43 29.63 5.68
C VAL B 847 23.84 29.42 5.14
N PRO B 848 24.78 29.01 5.97
CA PRO B 848 26.13 28.73 5.46
C PRO B 848 26.12 27.49 4.59
N THR B 849 26.74 27.60 3.42
CA THR B 849 26.90 26.42 2.58
C THR B 849 27.91 25.46 3.16
N ASN B 850 28.76 25.92 4.08
CA ASN B 850 29.65 25.09 4.86
C ASN B 850 29.09 24.74 6.22
N SER B 851 27.86 25.16 6.52
CA SER B 851 27.27 24.92 7.84
C SER B 851 27.28 23.45 8.23
N ALA B 852 27.03 22.55 7.29
CA ALA B 852 26.94 21.12 7.57
C ALA B 852 28.30 20.44 7.53
N ASP B 853 29.37 21.18 7.28
CA ASP B 853 30.69 20.59 7.13
C ASP B 853 31.19 20.13 8.50
N ALA B 854 32.38 19.53 8.54
CA ALA B 854 32.94 19.06 9.79
C ALA B 854 33.88 20.14 10.34
N PRO B 855 33.51 20.82 11.42
CA PRO B 855 34.41 21.85 11.96
C PRO B 855 35.66 21.25 12.56
N ASN B 856 36.71 22.06 12.54
CA ASN B 856 38.04 21.71 13.03
C ASN B 856 38.43 22.69 14.12
N PRO B 857 39.43 22.34 14.95
CA PRO B 857 39.85 23.27 16.00
C PRO B 857 40.60 24.46 15.44
N ASN B 858 40.01 25.12 14.44
CA ASN B 858 40.63 26.28 13.81
C ASN B 858 39.55 27.15 13.16
N ASN B 859 39.83 28.44 13.09
CA ASN B 859 39.11 29.38 12.23
C ASN B 859 40.01 30.59 12.03
N VAL B 860 39.76 31.35 10.97
CA VAL B 860 40.60 32.52 10.70
C VAL B 860 39.77 33.77 10.45
N ASN B 861 39.07 33.85 9.32
CA ASN B 861 38.34 35.06 9.00
C ASN B 861 36.91 34.77 8.55
N VAL B 862 36.75 34.10 7.41
CA VAL B 862 35.44 33.92 6.82
C VAL B 862 34.81 32.61 7.27
N GLN B 863 33.70 32.78 7.97
CA GLN B 863 32.83 31.69 8.38
C GLN B 863 31.50 31.92 7.63
N THR B 864 31.58 32.57 6.45
CA THR B 864 30.44 32.91 5.61
C THR B 864 30.07 31.76 4.69
N GLN B 865 30.56 31.77 3.46
CA GLN B 865 30.17 30.65 2.59
C GLN B 865 28.68 30.34 2.73
N TYR B 866 27.86 31.30 2.33
CA TYR B 866 26.43 31.17 2.50
C TYR B 866 25.77 30.82 1.18
N ARG B 867 24.98 29.75 1.20
CA ARG B 867 24.05 29.47 0.12
C ARG B 867 22.71 29.93 0.68
N GLU B 868 22.23 31.06 0.17
CA GLU B 868 21.05 31.68 0.76
C GLU B 868 19.79 31.16 0.09
N ALA B 869 18.84 30.70 0.92
CA ALA B 869 17.59 30.15 0.42
C ALA B 869 16.43 30.91 1.05
N PRO B 870 16.26 32.17 0.67
CA PRO B 870 15.06 32.89 1.09
C PRO B 870 13.86 32.23 0.45
N VAL B 871 12.76 32.13 1.22
CA VAL B 871 11.57 31.50 0.66
C VAL B 871 10.74 32.56 -0.03
N ILE B 872 10.13 32.18 -1.14
CA ILE B 872 9.42 33.11 -2.00
C ILE B 872 7.93 32.84 -1.93
N TYR B 873 7.14 33.88 -1.67
CA TYR B 873 5.71 33.79 -1.82
C TYR B 873 5.39 33.36 -3.24
N ARG B 874 4.66 32.26 -3.38
CA ARG B 874 4.21 31.79 -4.68
C ARG B 874 2.68 31.76 -4.61
N GLY B 875 2.05 32.08 -5.73
CA GLY B 875 0.61 32.00 -5.82
C GLY B 875 0.09 32.89 -6.91
N PRO B 876 -1.20 32.76 -7.21
CA PRO B 876 -1.78 33.59 -8.27
C PRO B 876 -1.90 35.04 -7.88
N GLU B 877 -2.21 35.33 -6.63
CA GLU B 877 -2.66 36.69 -6.40
C GLU B 877 -2.00 37.30 -5.19
N PRO B 878 -1.69 38.59 -5.22
CA PRO B 878 -0.97 39.21 -4.11
C PRO B 878 -1.61 38.93 -2.76
N SER B 879 -0.77 38.78 -1.77
CA SER B 879 -1.18 38.68 -0.38
C SER B 879 -0.57 39.84 0.39
N HIS B 880 -0.79 39.88 1.70
CA HIS B 880 -0.18 40.90 2.53
C HIS B 880 0.50 40.27 3.73
N ILE B 881 1.62 40.87 4.10
CA ILE B 881 2.25 40.60 5.38
C ILE B 881 1.83 41.72 6.30
N ASP B 882 0.90 41.44 7.19
CA ASP B 882 0.59 42.42 8.22
C ASP B 882 1.16 42.11 9.58
N GLN B 883 1.77 40.94 9.79
CA GLN B 883 2.25 40.60 11.12
C GLN B 883 3.37 39.59 11.00
N VAL B 884 4.41 39.73 11.82
CA VAL B 884 5.55 38.83 11.83
C VAL B 884 6.08 38.73 13.24
N MET B 885 6.77 37.63 13.51
CA MET B 885 7.25 37.36 14.86
C MET B 885 8.67 36.82 14.82
N MET B 886 9.59 37.54 15.45
CA MET B 886 10.91 37.04 15.81
C MET B 886 10.83 36.63 17.27
N SER B 887 11.17 35.38 17.56
CA SER B 887 11.06 34.83 18.90
C SER B 887 11.93 33.59 19.00
N VAL B 888 11.95 32.98 20.18
CA VAL B 888 12.90 31.91 20.43
C VAL B 888 12.09 30.69 20.84
N SER B 889 12.60 29.51 20.51
CA SER B 889 12.04 28.26 21.01
C SER B 889 12.70 27.96 22.35
N ASP B 890 12.54 26.72 22.82
CA ASP B 890 13.12 26.33 24.11
C ASP B 890 14.63 26.13 24.15
N ASN B 891 15.25 25.75 23.04
CA ASN B 891 16.66 25.42 22.98
C ASN B 891 17.55 26.63 22.79
N ASP B 892 16.98 27.84 22.86
CA ASP B 892 17.70 29.08 22.65
C ASP B 892 18.24 29.17 21.22
N GLN B 893 17.33 29.34 20.26
CA GLN B 893 17.72 29.53 18.87
C GLN B 893 16.76 30.52 18.24
N ALA B 894 17.23 31.22 17.21
CA ALA B 894 16.39 32.21 16.54
C ALA B 894 15.30 31.52 15.73
N LEU B 895 14.06 31.95 15.94
CA LEU B 895 12.91 31.41 15.24
C LEU B 895 12.06 32.56 14.71
N ILE B 896 11.79 32.55 13.41
CA ILE B 896 11.03 33.59 12.75
C ILE B 896 9.75 32.97 12.24
N LYS B 897 8.62 33.64 12.50
CA LYS B 897 7.32 33.20 12.02
C LYS B 897 6.58 34.40 11.44
N VAL B 898 6.13 34.27 10.20
CA VAL B 898 5.42 35.32 9.50
C VAL B 898 4.04 34.80 9.13
N LEU B 899 3.09 35.72 9.02
CA LEU B 899 1.76 35.35 8.56
C LEU B 899 1.41 36.21 7.35
N LEU B 900 0.95 35.55 6.31
CA LEU B 900 0.58 36.18 5.06
C LEU B 900 -0.93 36.09 4.93
N ARG B 901 -1.54 37.12 4.36
CA ARG B 901 -2.98 37.12 4.22
C ARG B 901 -3.38 37.77 2.90
N GLN B 902 -4.51 37.32 2.37
CA GLN B 902 -5.15 38.00 1.27
C GLN B 902 -6.66 37.86 1.43
N ASN B 903 -7.38 38.94 1.14
CA ASN B 903 -8.84 38.88 1.15
C ASN B 903 -9.29 38.40 -0.22
N ARG B 904 -10.36 37.63 -0.25
CA ARG B 904 -10.88 37.10 -1.51
C ARG B 904 -12.29 37.62 -1.73
N ARG B 905 -12.43 38.52 -2.69
CA ARG B 905 -13.74 38.81 -3.21
C ARG B 905 -14.36 37.51 -3.72
N PRO B 906 -15.61 37.24 -3.43
CA PRO B 906 -16.17 35.93 -3.79
C PRO B 906 -16.36 35.78 -5.29
N GLU B 907 -15.27 35.43 -5.96
CA GLU B 907 -15.25 35.24 -7.40
C GLU B 907 -16.10 34.05 -7.81
N LEU B 908 -16.41 34.00 -9.10
CA LEU B 908 -17.13 32.90 -9.71
C LEU B 908 -16.56 31.56 -9.30
N GLY B 909 -17.42 30.59 -9.06
CA GLY B 909 -16.97 29.27 -8.65
C GLY B 909 -16.58 29.10 -7.19
N ASP B 910 -17.42 29.55 -6.28
CA ASP B 910 -17.17 29.34 -4.86
C ASP B 910 -18.29 28.55 -4.22
N LYS B 911 -17.92 27.53 -3.46
CA LYS B 911 -18.89 26.72 -2.75
C LYS B 911 -19.64 27.60 -1.76
N PHE B 912 -20.96 27.64 -1.91
CA PHE B 912 -21.82 28.33 -0.96
C PHE B 912 -22.88 27.38 -0.43
N SER B 913 -22.78 27.08 0.87
CA SER B 913 -23.78 26.29 1.54
C SER B 913 -24.95 27.19 1.90
N SER B 914 -26.15 26.66 1.73
CA SER B 914 -27.36 27.36 2.10
C SER B 914 -27.74 27.05 3.54
N ARG B 915 -26.87 26.34 4.25
CA ARG B 915 -26.98 25.90 5.65
C ARG B 915 -28.15 24.97 5.85
N HIS B 916 -28.96 24.79 4.81
CA HIS B 916 -30.02 23.81 4.96
C HIS B 916 -29.69 22.48 4.25
N GLY B 917 -28.50 22.32 3.69
CA GLY B 917 -28.19 21.18 2.87
C GLY B 917 -27.97 21.47 1.40
N GLN B 918 -28.15 22.71 0.98
CA GLN B 918 -27.90 23.06 -0.41
C GLN B 918 -26.44 23.45 -0.60
N LYS B 919 -25.73 22.63 -1.36
CA LYS B 919 -24.27 22.72 -1.46
C LYS B 919 -23.97 23.08 -2.91
N GLY B 920 -23.54 24.31 -3.16
CA GLY B 920 -23.54 24.80 -4.52
C GLY B 920 -22.48 25.84 -4.81
N VAL B 921 -22.14 25.93 -6.09
CA VAL B 921 -21.18 26.87 -6.65
C VAL B 921 -21.87 28.19 -6.92
N CYS B 922 -21.13 29.29 -6.72
CA CYS B 922 -21.63 30.57 -7.19
C CYS B 922 -21.57 30.62 -8.71
N GLY B 923 -22.72 30.87 -9.32
CA GLY B 923 -22.84 30.95 -10.74
C GLY B 923 -22.40 32.30 -11.28
N ILE B 924 -22.88 32.61 -12.47
CA ILE B 924 -22.38 33.77 -13.18
C ILE B 924 -22.88 35.03 -12.51
N ILE B 925 -21.96 35.88 -12.07
CA ILE B 925 -22.29 37.00 -11.21
C ILE B 925 -23.07 38.03 -12.01
N VAL B 926 -24.27 38.34 -11.54
CA VAL B 926 -25.12 39.32 -12.19
C VAL B 926 -24.59 40.73 -11.90
N LYS B 927 -24.98 41.69 -12.72
CA LYS B 927 -24.44 43.02 -12.49
C LYS B 927 -25.17 43.72 -11.35
N GLN B 928 -26.27 44.40 -11.65
CA GLN B 928 -27.15 44.80 -10.57
C GLN B 928 -28.60 44.74 -11.02
N GLU B 929 -28.90 45.57 -12.01
CA GLU B 929 -30.23 45.69 -12.58
C GLU B 929 -30.86 44.36 -12.86
N ASP B 930 -30.13 43.48 -13.54
CA ASP B 930 -30.56 42.12 -13.79
C ASP B 930 -30.78 41.45 -12.42
N MET B 931 -31.78 40.57 -12.35
CA MET B 931 -32.45 39.99 -11.18
C MET B 931 -33.38 41.07 -10.64
N PRO B 932 -34.47 40.70 -9.98
CA PRO B 932 -35.53 41.68 -9.70
C PRO B 932 -35.22 42.60 -8.53
N PHE B 933 -36.17 43.50 -8.29
CA PHE B 933 -36.10 44.59 -7.32
C PHE B 933 -37.36 44.72 -6.46
N ASN B 934 -38.52 44.76 -7.12
CA ASN B 934 -39.88 44.97 -6.61
C ASN B 934 -40.14 46.30 -5.92
N ASP B 935 -40.94 46.27 -4.85
CA ASP B 935 -41.71 47.42 -4.42
C ASP B 935 -40.85 48.49 -3.77
N GLN B 936 -40.38 48.22 -2.55
CA GLN B 936 -39.40 49.11 -1.95
C GLN B 936 -38.08 49.12 -2.71
N GLY B 937 -37.96 48.25 -3.71
CA GLY B 937 -36.72 48.13 -4.46
C GLY B 937 -35.74 47.14 -3.89
N ILE B 938 -36.14 46.37 -2.89
CA ILE B 938 -35.21 45.45 -2.26
C ILE B 938 -34.80 44.38 -3.26
N VAL B 939 -33.50 44.29 -3.51
CA VAL B 939 -32.97 43.40 -4.53
C VAL B 939 -32.42 42.17 -3.84
N PRO B 940 -32.82 40.96 -4.24
CA PRO B 940 -32.25 39.75 -3.62
C PRO B 940 -30.75 39.71 -3.87
N ASP B 941 -30.04 38.98 -3.01
CA ASP B 941 -28.60 38.87 -3.17
C ASP B 941 -28.22 37.59 -3.88
N ILE B 942 -28.28 36.47 -3.18
CA ILE B 942 -28.26 35.16 -3.80
C ILE B 942 -29.58 35.00 -4.54
N ILE B 943 -29.54 34.32 -5.68
CA ILE B 943 -30.72 34.05 -6.48
C ILE B 943 -30.60 32.58 -6.88
N MET B 944 -31.58 31.76 -6.48
CA MET B 944 -31.41 30.32 -6.44
C MET B 944 -32.53 29.56 -7.15
N ASN B 945 -32.14 28.52 -7.89
CA ASN B 945 -32.93 27.51 -8.60
C ASN B 945 -33.94 26.86 -7.68
N PRO B 946 -35.20 26.75 -8.13
CA PRO B 946 -36.16 25.96 -7.37
C PRO B 946 -35.89 24.47 -7.41
N HIS B 947 -35.34 23.93 -8.50
CA HIS B 947 -35.34 22.49 -8.70
C HIS B 947 -34.62 21.71 -7.61
N GLY B 948 -33.80 22.36 -6.80
CA GLY B 948 -33.16 21.65 -5.72
C GLY B 948 -34.20 21.14 -4.74
N PHE B 949 -35.19 21.95 -4.47
CA PHE B 949 -36.16 21.66 -3.42
C PHE B 949 -37.03 20.44 -3.69
N PRO B 950 -37.50 20.19 -4.92
CA PRO B 950 -38.31 18.99 -5.11
C PRO B 950 -37.62 17.67 -4.86
N SER B 951 -36.47 17.42 -5.49
CA SER B 951 -35.85 16.10 -5.39
C SER B 951 -35.06 15.95 -4.10
N ARG B 952 -34.26 16.96 -3.75
CA ARG B 952 -33.65 16.96 -2.44
C ARG B 952 -34.70 17.03 -1.35
N MET B 953 -35.91 17.46 -1.72
CA MET B 953 -37.11 17.34 -0.89
C MET B 953 -36.83 17.86 0.49
N THR B 954 -36.53 19.14 0.60
CA THR B 954 -36.33 19.73 1.91
C THR B 954 -37.17 21.00 2.01
N VAL B 955 -38.22 20.94 2.83
CA VAL B 955 -39.07 22.10 3.02
C VAL B 955 -38.66 22.92 4.23
N GLY B 956 -37.73 22.41 5.03
CA GLY B 956 -37.31 23.14 6.22
C GLY B 956 -36.84 24.53 5.89
N LYS B 957 -35.87 24.64 4.99
CA LYS B 957 -35.45 25.93 4.46
C LYS B 957 -36.65 26.75 4.02
N MET B 958 -37.54 26.12 3.25
CA MET B 958 -38.68 26.82 2.70
C MET B 958 -39.52 27.46 3.79
N ILE B 959 -39.53 26.85 4.98
CA ILE B 959 -40.13 27.50 6.13
C ILE B 959 -39.21 28.58 6.68
N GLU B 960 -37.92 28.26 6.81
CA GLU B 960 -36.96 29.20 7.36
C GLU B 960 -37.05 30.56 6.70
N LEU B 961 -37.26 30.61 5.39
CA LEU B 961 -37.39 31.89 4.71
C LEU B 961 -38.57 32.66 5.26
N ILE B 962 -39.72 32.00 5.37
CA ILE B 962 -40.88 32.62 5.99
C ILE B 962 -40.51 33.20 7.33
N SER B 963 -39.96 32.37 8.21
CA SER B 963 -39.58 32.84 9.54
C SER B 963 -38.67 34.05 9.46
N GLY B 964 -37.78 34.08 8.46
CA GLY B 964 -36.88 35.20 8.32
C GLY B 964 -37.60 36.48 7.97
N LYS B 965 -38.35 36.49 6.87
CA LYS B 965 -39.11 37.69 6.54
C LYS B 965 -40.01 38.10 7.69
N ALA B 966 -40.51 37.14 8.45
CA ALA B 966 -41.25 37.47 9.65
C ALA B 966 -40.41 38.27 10.64
N GLY B 967 -39.35 37.65 11.17
CA GLY B 967 -38.67 38.20 12.33
C GLY B 967 -38.25 39.64 12.15
N VAL B 968 -37.62 39.96 11.02
CA VAL B 968 -37.30 41.34 10.74
C VAL B 968 -38.53 42.22 10.83
N LEU B 969 -39.66 41.77 10.28
CA LEU B 969 -40.83 42.62 10.27
C LEU B 969 -41.42 42.83 11.66
N ASN B 970 -41.34 41.83 12.53
CA ASN B 970 -41.68 42.12 13.93
C ASN B 970 -40.48 42.65 14.69
N GLY B 971 -39.30 42.57 14.09
CA GLY B 971 -38.12 43.01 14.80
C GLY B 971 -37.67 42.03 15.87
N THR B 972 -37.59 40.75 15.53
CA THR B 972 -37.07 39.74 16.45
C THR B 972 -36.21 38.74 15.70
N LEU B 973 -35.28 38.13 16.42
CA LEU B 973 -34.75 36.84 15.98
C LEU B 973 -35.81 35.76 16.00
N GLU B 974 -35.63 34.69 15.23
CA GLU B 974 -36.68 33.69 15.20
C GLU B 974 -36.33 32.27 15.61
N TYR B 975 -36.88 31.84 16.75
CA TYR B 975 -36.60 30.52 17.28
C TYR B 975 -37.02 29.48 16.26
N GLY B 976 -36.19 28.46 16.11
CA GLY B 976 -36.65 27.19 15.61
C GLY B 976 -35.78 26.09 16.17
N THR B 977 -36.35 24.93 16.39
CA THR B 977 -35.63 23.82 16.97
C THR B 977 -36.39 22.53 16.68
N CYS B 978 -35.70 21.41 16.86
CA CYS B 978 -36.29 20.14 16.51
C CYS B 978 -37.58 19.93 17.28
N PHE B 979 -38.67 19.75 16.53
CA PHE B 979 -40.03 19.67 17.08
C PHE B 979 -40.36 20.94 17.86
N GLY B 980 -39.79 22.06 17.45
CA GLY B 980 -40.00 23.26 18.23
C GLY B 980 -39.67 24.55 17.52
N GLY B 981 -39.61 25.64 18.29
CA GLY B 981 -39.43 26.95 17.73
C GLY B 981 -40.76 27.55 17.32
N SER B 982 -40.68 28.69 16.64
CA SER B 982 -41.87 29.33 16.09
C SER B 982 -42.52 28.41 15.07
N LYS B 983 -43.82 28.22 15.18
CA LYS B 983 -44.56 27.44 14.20
C LYS B 983 -44.88 28.38 13.03
N LEU B 984 -45.50 27.84 11.97
CA LEU B 984 -45.73 28.61 10.76
C LEU B 984 -46.96 29.51 10.81
N GLU B 985 -48.11 29.00 11.24
CA GLU B 985 -49.37 29.69 11.01
C GLU B 985 -49.35 31.10 11.57
N ASP B 986 -48.86 31.26 12.79
CA ASP B 986 -48.74 32.57 13.42
C ASP B 986 -48.10 33.61 12.52
N MET B 987 -47.08 33.22 11.75
CA MET B 987 -46.41 34.17 10.88
C MET B 987 -47.35 34.81 9.88
N SER B 988 -48.35 34.08 9.41
CA SER B 988 -49.29 34.60 8.44
C SER B 988 -49.81 35.97 8.85
N LYS B 989 -50.61 36.01 9.92
CA LYS B 989 -51.00 37.28 10.53
C LYS B 989 -49.81 38.18 10.78
N ILE B 990 -48.72 37.63 11.32
CA ILE B 990 -47.48 38.36 11.51
C ILE B 990 -47.05 39.07 10.24
N LEU B 991 -47.17 38.42 9.09
CA LEU B 991 -46.80 39.07 7.85
C LEU B 991 -47.88 39.98 7.26
N VAL B 992 -49.14 39.52 7.23
CA VAL B 992 -50.14 40.23 6.44
C VAL B 992 -50.40 41.62 7.00
N ASP B 993 -50.48 41.75 8.32
CA ASP B 993 -50.64 43.03 9.00
C ASP B 993 -49.66 44.06 8.48
N GLN B 994 -48.43 43.63 8.20
CA GLN B 994 -47.40 44.53 7.73
C GLN B 994 -47.33 44.50 6.21
N GLY B 995 -48.17 43.67 5.59
CA GLY B 995 -48.44 43.84 4.18
C GLY B 995 -47.76 42.90 3.20
N PHE B 996 -47.16 41.82 3.67
CA PHE B 996 -46.63 40.83 2.75
C PHE B 996 -47.51 39.59 2.77
N ASN B 997 -47.69 38.99 1.60
CA ASN B 997 -48.57 37.84 1.46
C ASN B 997 -48.17 36.74 2.43
N TYR B 998 -49.15 36.26 3.18
CA TYR B 998 -48.93 35.23 4.18
C TYR B 998 -48.29 34.01 3.59
N SER B 999 -48.49 33.76 2.30
CA SER B 999 -47.86 32.65 1.61
C SER B 999 -46.35 32.82 1.55
N GLY B 1000 -45.86 33.97 2.01
CA GLY B 1000 -44.43 34.24 1.93
C GLY B 1000 -43.95 34.53 0.54
N LYS B 1001 -44.83 34.97 -0.34
CA LYS B 1001 -44.51 35.22 -1.73
C LYS B 1001 -44.78 36.68 -2.05
N ASP B 1002 -44.17 37.15 -3.14
CA ASP B 1002 -44.54 38.46 -3.65
C ASP B 1002 -44.20 38.53 -5.12
N MET B 1003 -44.84 39.48 -5.80
CA MET B 1003 -44.43 39.85 -7.14
C MET B 1003 -43.02 40.41 -7.11
N LEU B 1004 -42.34 40.28 -8.23
CA LEU B 1004 -41.10 40.99 -8.48
C LEU B 1004 -41.20 41.54 -9.88
N TYR B 1005 -40.20 42.30 -10.30
CA TYR B 1005 -40.22 42.88 -11.63
C TYR B 1005 -38.96 42.49 -12.38
N SER B 1006 -39.09 42.35 -13.70
CA SER B 1006 -38.01 41.82 -14.51
C SER B 1006 -36.74 42.63 -14.33
N GLY B 1007 -35.67 41.93 -13.96
CA GLY B 1007 -34.37 42.57 -13.83
C GLY B 1007 -33.98 43.22 -15.14
N ILE B 1008 -34.40 42.61 -16.24
CA ILE B 1008 -34.15 43.19 -17.55
C ILE B 1008 -35.38 43.96 -18.03
N THR B 1009 -36.46 43.25 -18.31
CA THR B 1009 -37.56 43.83 -19.06
C THR B 1009 -38.22 44.99 -18.33
N GLY B 1010 -38.42 44.83 -17.02
CA GLY B 1010 -39.12 45.85 -16.27
C GLY B 1010 -40.62 45.72 -16.29
N GLU B 1011 -41.14 44.52 -16.47
CA GLU B 1011 -42.56 44.26 -16.39
C GLU B 1011 -42.83 43.38 -15.17
N CYS B 1012 -44.09 43.06 -14.94
CA CYS B 1012 -44.43 42.19 -13.83
C CYS B 1012 -43.94 40.78 -14.12
N LEU B 1013 -43.48 40.07 -13.09
CA LEU B 1013 -43.11 38.69 -13.31
C LEU B 1013 -44.34 37.81 -13.33
N GLN B 1014 -44.31 36.81 -14.21
CA GLN B 1014 -45.55 36.17 -14.62
C GLN B 1014 -46.01 35.14 -13.59
N ALA B 1015 -45.23 34.96 -12.52
CA ALA B 1015 -45.64 34.15 -11.38
C ALA B 1015 -45.07 34.74 -10.10
N TYR B 1016 -45.90 34.72 -9.06
CA TYR B 1016 -45.46 35.17 -7.75
C TYR B 1016 -44.22 34.41 -7.31
N ILE B 1017 -43.29 35.12 -6.68
CA ILE B 1017 -42.02 34.54 -6.27
C ILE B 1017 -41.96 34.48 -4.75
N PHE B 1018 -41.43 33.37 -4.25
CA PHE B 1018 -41.15 33.15 -2.84
C PHE B 1018 -39.72 33.64 -2.62
N PHE B 1019 -39.56 34.67 -1.80
CA PHE B 1019 -38.24 35.24 -1.55
C PHE B 1019 -38.21 35.89 -0.18
N GLY B 1020 -37.01 36.10 0.33
CA GLY B 1020 -36.84 36.74 1.61
C GLY B 1020 -35.50 36.42 2.24
N PRO B 1021 -35.39 36.63 3.55
CA PRO B 1021 -34.13 36.37 4.26
C PRO B 1021 -33.87 34.89 4.42
N ILE B 1022 -32.62 34.49 4.23
CA ILE B 1022 -32.11 33.17 4.59
C ILE B 1022 -30.66 33.34 5.02
N TYR B 1023 -30.23 32.55 5.98
CA TYR B 1023 -28.84 32.59 6.41
C TYR B 1023 -28.03 31.65 5.53
N TYR B 1024 -27.01 32.19 4.88
CA TYR B 1024 -26.07 31.40 4.08
C TYR B 1024 -24.71 31.42 4.74
N GLN B 1025 -23.77 30.73 4.12
CA GLN B 1025 -22.41 30.67 4.63
C GLN B 1025 -21.46 30.26 3.51
N LYS B 1026 -20.20 30.63 3.69
CA LYS B 1026 -19.16 30.45 2.69
C LYS B 1026 -18.20 29.41 3.22
N LEU B 1027 -17.55 28.68 2.33
CA LEU B 1027 -16.93 27.43 2.75
C LEU B 1027 -15.43 27.44 2.47
N LYS B 1028 -14.77 26.33 2.80
CA LYS B 1028 -13.42 26.10 2.32
C LYS B 1028 -13.60 25.70 0.85
N HIS B 1029 -12.53 25.29 0.19
CA HIS B 1029 -12.57 24.96 -1.23
C HIS B 1029 -12.97 26.19 -2.03
N MET B 1030 -12.44 27.33 -1.62
CA MET B 1030 -12.36 28.49 -2.48
C MET B 1030 -11.65 28.12 -3.78
N VAL B 1031 -12.23 28.52 -4.90
CA VAL B 1031 -11.69 28.11 -6.19
C VAL B 1031 -10.24 28.55 -6.36
N LEU B 1032 -9.92 29.78 -5.97
CA LEU B 1032 -8.59 30.31 -6.24
C LEU B 1032 -7.51 29.45 -5.59
N ASP B 1033 -7.77 28.94 -4.40
CA ASP B 1033 -6.95 27.87 -3.88
C ASP B 1033 -6.88 26.69 -4.83
N LYS B 1034 -8.03 26.24 -5.33
CA LYS B 1034 -8.15 24.94 -5.94
C LYS B 1034 -7.73 24.88 -7.40
N MET B 1035 -7.98 25.93 -8.18
CA MET B 1035 -7.65 25.87 -9.62
C MET B 1035 -6.17 25.58 -9.81
N HIS B 1036 -5.87 24.57 -10.60
CA HIS B 1036 -4.53 24.02 -10.67
C HIS B 1036 -4.23 23.64 -12.10
N ALA B 1037 -3.10 24.11 -12.63
CA ALA B 1037 -2.74 23.82 -14.01
C ALA B 1037 -1.22 23.91 -14.17
N ARG B 1038 -0.72 23.21 -15.19
CA ARG B 1038 0.69 23.25 -15.55
C ARG B 1038 0.82 23.17 -17.06
N ALA B 1039 1.99 23.54 -17.57
CA ALA B 1039 2.32 23.31 -18.97
C ALA B 1039 3.27 22.14 -19.06
N ARG B 1040 4.53 22.38 -18.68
CA ARG B 1040 5.50 21.32 -18.39
C ARG B 1040 5.95 21.54 -16.95
N GLY B 1041 5.60 20.63 -16.06
CA GLY B 1041 6.00 20.74 -14.67
C GLY B 1041 7.07 19.74 -14.30
N PRO B 1042 7.53 19.77 -13.06
CA PRO B 1042 8.63 18.91 -12.63
C PRO B 1042 8.28 17.44 -12.83
N ARG B 1043 9.33 16.63 -12.89
CA ARG B 1043 9.18 15.18 -12.95
C ARG B 1043 9.84 14.54 -11.74
N ALA B 1044 9.26 13.43 -11.29
CA ALA B 1044 9.77 12.73 -10.12
C ALA B 1044 10.90 11.77 -10.51
N VAL B 1045 12.02 11.90 -9.79
CA VAL B 1045 13.24 11.18 -10.12
C VAL B 1045 13.04 9.70 -10.41
N LEU B 1046 12.24 9.01 -9.61
CA LEU B 1046 12.12 7.57 -9.75
C LEU B 1046 11.38 7.15 -11.00
N THR B 1047 10.20 7.69 -11.24
CA THR B 1047 9.44 7.34 -12.43
C THR B 1047 9.57 8.36 -13.56
N ARG B 1048 10.23 9.49 -13.33
CA ARG B 1048 10.53 10.45 -14.39
C ARG B 1048 9.26 10.86 -15.11
N GLN B 1049 8.36 11.53 -14.41
CA GLN B 1049 7.08 11.93 -14.98
C GLN B 1049 6.42 12.93 -14.04
N PRO B 1050 5.28 13.51 -14.42
CA PRO B 1050 4.68 14.58 -13.60
C PRO B 1050 4.51 14.20 -12.14
N THR B 1051 4.59 15.22 -11.29
CA THR B 1051 4.54 15.05 -9.85
C THR B 1051 3.11 14.87 -9.38
N GLU B 1052 2.95 14.80 -8.06
CA GLU B 1052 1.70 14.38 -7.44
C GLU B 1052 0.80 15.56 -7.10
N GLY B 1053 -0.40 15.54 -7.69
CA GLY B 1053 -1.50 16.39 -7.33
C GLY B 1053 -1.21 17.88 -7.39
N ARG B 1054 -1.93 18.61 -6.55
CA ARG B 1054 -1.88 20.07 -6.50
C ARG B 1054 -0.67 20.47 -5.63
N SER B 1055 -0.59 21.70 -5.12
CA SER B 1055 0.54 22.14 -4.31
C SER B 1055 1.82 22.06 -5.11
N ARG B 1056 2.72 21.15 -4.75
CA ARG B 1056 4.11 21.14 -5.17
C ARG B 1056 4.23 21.55 -6.63
N ASP B 1057 3.71 20.72 -7.52
CA ASP B 1057 3.28 21.20 -8.82
C ASP B 1057 2.39 20.12 -9.43
N GLY B 1058 2.01 20.30 -10.68
CA GLY B 1058 0.82 19.69 -11.21
C GLY B 1058 1.00 18.29 -11.75
N GLY B 1059 0.21 18.04 -12.78
CA GLY B 1059 0.06 16.74 -13.39
C GLY B 1059 -1.28 16.18 -12.94
N LEU B 1060 -1.94 15.43 -13.82
CA LEU B 1060 -3.25 14.91 -13.48
C LEU B 1060 -3.36 13.45 -13.85
N ARG B 1061 -4.36 12.81 -13.30
CA ARG B 1061 -4.38 11.36 -13.16
C ARG B 1061 -5.25 10.75 -14.25
N LEU B 1062 -4.63 10.04 -15.17
CA LEU B 1062 -5.35 9.12 -16.03
C LEU B 1062 -5.18 7.78 -15.32
N GLY B 1063 -6.26 7.31 -14.71
CA GLY B 1063 -6.25 6.00 -14.11
C GLY B 1063 -6.58 4.99 -15.18
N GLU B 1064 -6.30 3.72 -14.89
CA GLU B 1064 -6.72 2.69 -15.80
C GLU B 1064 -8.20 2.81 -16.10
N MET B 1065 -9.04 2.67 -15.07
CA MET B 1065 -10.48 2.88 -15.24
C MET B 1065 -10.78 4.18 -15.95
N GLU B 1066 -9.96 5.21 -15.70
CA GLU B 1066 -10.11 6.44 -16.45
C GLU B 1066 -9.61 6.28 -17.88
N ARG B 1067 -8.41 5.69 -18.03
CA ARG B 1067 -7.83 5.51 -19.37
C ARG B 1067 -8.77 4.81 -20.32
N ASP B 1068 -9.10 3.56 -20.01
CA ASP B 1068 -9.75 2.68 -20.97
C ASP B 1068 -10.98 3.30 -21.60
N CYS B 1069 -11.59 4.29 -20.95
CA CYS B 1069 -12.69 5.00 -21.56
C CYS B 1069 -12.33 5.50 -22.96
N VAL B 1070 -11.05 5.85 -23.18
CA VAL B 1070 -10.64 6.26 -24.52
C VAL B 1070 -10.66 5.11 -25.51
N ILE B 1071 -10.50 3.87 -25.04
CA ILE B 1071 -10.42 2.74 -25.95
C ILE B 1071 -11.76 2.49 -26.61
N ALA B 1072 -12.85 2.78 -25.89
CA ALA B 1072 -14.17 2.62 -26.46
C ALA B 1072 -14.34 3.51 -27.68
N TYR B 1073 -13.58 4.59 -27.77
CA TYR B 1073 -13.51 5.36 -28.98
C TYR B 1073 -12.37 4.89 -29.87
N GLY B 1074 -11.53 4.00 -29.36
CA GLY B 1074 -10.49 3.39 -30.17
C GLY B 1074 -9.50 4.35 -30.77
N ALA B 1075 -9.13 5.41 -30.06
CA ALA B 1075 -8.25 6.41 -30.64
C ALA B 1075 -6.82 5.93 -30.49
N SER B 1076 -6.17 5.62 -31.62
CA SER B 1076 -4.77 5.26 -31.56
C SER B 1076 -3.93 6.39 -31.00
N GLN B 1077 -3.78 7.45 -31.78
CA GLN B 1077 -2.82 8.48 -31.46
C GLN B 1077 -3.12 9.18 -30.16
N LEU B 1078 -4.39 9.38 -29.84
CA LEU B 1078 -4.70 10.07 -28.60
C LEU B 1078 -4.04 9.39 -27.41
N LEU B 1079 -3.97 8.06 -27.43
CA LEU B 1079 -3.14 7.38 -26.45
C LEU B 1079 -1.70 7.84 -26.52
N LEU B 1080 -1.08 7.73 -27.69
CA LEU B 1080 0.33 8.07 -27.81
C LEU B 1080 0.63 9.48 -27.33
N GLU B 1081 0.10 10.49 -28.02
CA GLU B 1081 0.28 11.86 -27.53
C GLU B 1081 -0.01 11.95 -26.04
N ARG B 1082 -1.07 11.29 -25.60
CA ARG B 1082 -1.45 11.42 -24.21
C ARG B 1082 -0.58 10.57 -23.29
N LEU B 1083 -0.57 9.26 -23.48
CA LEU B 1083 0.18 8.41 -22.56
C LEU B 1083 1.64 8.25 -22.92
N MET B 1084 2.10 8.86 -24.01
CA MET B 1084 3.49 8.70 -24.40
C MET B 1084 4.20 10.01 -24.69
N ILE B 1085 3.85 10.67 -25.79
CA ILE B 1085 4.60 11.85 -26.23
C ILE B 1085 4.55 12.96 -25.19
N SER B 1086 3.42 13.10 -24.50
CA SER B 1086 3.33 14.12 -23.47
C SER B 1086 3.60 13.56 -22.09
N SER B 1087 3.93 12.28 -22.00
CA SER B 1087 4.00 11.65 -20.68
C SER B 1087 5.44 11.43 -20.26
N ASP B 1088 6.12 10.46 -20.84
CA ASP B 1088 7.56 10.29 -20.63
C ASP B 1088 8.21 10.18 -22.02
N ALA B 1089 8.95 11.22 -22.39
CA ALA B 1089 9.52 11.27 -23.73
C ALA B 1089 10.91 10.66 -23.65
N PHE B 1090 11.10 9.52 -24.29
CA PHE B 1090 12.34 8.77 -24.16
C PHE B 1090 12.61 7.94 -25.39
N GLU B 1091 13.90 7.74 -25.67
CA GLU B 1091 14.35 6.83 -26.72
C GLU B 1091 15.30 5.81 -26.12
N VAL B 1092 14.92 4.54 -26.15
CA VAL B 1092 15.80 3.45 -25.79
C VAL B 1092 16.64 3.10 -27.00
N ASP B 1093 17.90 2.74 -26.75
CA ASP B 1093 18.77 2.23 -27.79
C ASP B 1093 19.01 0.76 -27.52
N VAL B 1094 18.80 -0.08 -28.54
CA VAL B 1094 18.85 -1.52 -28.34
C VAL B 1094 19.68 -2.20 -29.41
N CYS B 1095 19.73 -3.53 -29.36
CA CYS B 1095 20.53 -4.31 -30.28
C CYS B 1095 19.68 -5.46 -30.79
N ASP B 1096 19.51 -5.51 -32.11
CA ASP B 1096 18.76 -6.58 -32.75
C ASP B 1096 19.19 -7.94 -32.22
N LYS B 1097 20.44 -8.30 -32.50
CA LYS B 1097 21.06 -9.43 -31.82
C LYS B 1097 20.94 -9.23 -30.31
N CYS B 1098 20.45 -10.27 -29.62
CA CYS B 1098 20.26 -10.24 -28.16
C CYS B 1098 19.65 -8.92 -27.70
N GLY B 1099 18.37 -8.73 -27.98
CA GLY B 1099 17.75 -7.47 -27.63
C GLY B 1099 17.87 -7.10 -26.17
N LEU B 1100 18.52 -5.98 -25.92
CA LEU B 1100 18.74 -5.42 -24.59
C LEU B 1100 18.95 -3.93 -24.75
N MET B 1101 18.83 -3.20 -23.65
CA MET B 1101 18.77 -1.76 -23.73
C MET B 1101 20.09 -1.13 -23.33
N GLY B 1102 20.77 -0.57 -24.31
CA GLY B 1102 22.04 0.06 -24.01
C GLY B 1102 21.88 1.52 -23.72
N TYR B 1103 22.93 2.29 -24.00
CA TYR B 1103 22.92 3.73 -23.79
C TYR B 1103 23.84 4.34 -24.83
N SER B 1104 23.44 5.51 -25.34
CA SER B 1104 24.23 6.16 -26.38
C SER B 1104 24.49 5.17 -27.50
N GLY B 1105 25.76 4.83 -27.71
CA GLY B 1105 26.10 3.95 -28.81
C GLY B 1105 26.51 2.53 -28.45
N TRP B 1106 26.22 2.03 -27.25
CA TRP B 1106 26.64 0.68 -26.91
C TRP B 1106 25.46 -0.23 -26.61
N CYS B 1107 25.64 -1.50 -26.95
CA CYS B 1107 24.79 -2.59 -26.48
C CYS B 1107 25.37 -3.27 -25.25
N THR B 1108 26.47 -2.74 -24.71
CA THR B 1108 26.99 -3.21 -23.43
C THR B 1108 27.32 -4.69 -23.49
N THR B 1109 26.53 -5.51 -22.78
CA THR B 1109 26.88 -6.91 -22.55
C THR B 1109 27.33 -7.63 -23.82
N CYS B 1110 26.67 -7.40 -24.95
CA CYS B 1110 27.32 -7.68 -26.22
C CYS B 1110 27.90 -6.35 -26.67
N LYS B 1111 29.22 -6.23 -26.60
CA LYS B 1111 29.81 -4.94 -26.89
C LYS B 1111 30.23 -4.90 -28.35
N SER B 1112 29.48 -4.12 -29.12
CA SER B 1112 29.62 -4.02 -30.57
C SER B 1112 29.68 -2.54 -30.92
N ALA B 1113 28.65 -1.80 -30.53
CA ALA B 1113 28.43 -0.42 -30.92
C ALA B 1113 28.09 -0.31 -32.40
N GLU B 1114 27.41 -1.34 -32.90
CA GLU B 1114 26.93 -1.36 -34.28
C GLU B 1114 25.45 -1.69 -34.43
N ASN B 1115 24.99 -2.85 -33.96
CA ASN B 1115 23.70 -3.42 -34.31
C ASN B 1115 22.54 -2.64 -33.68
N ILE B 1116 22.87 -1.61 -32.90
CA ILE B 1116 21.89 -0.80 -32.18
C ILE B 1116 20.88 -0.20 -33.14
N ILE B 1117 19.62 -0.14 -32.71
CA ILE B 1117 18.56 0.63 -33.35
C ILE B 1117 18.03 1.62 -32.33
N LYS B 1118 17.85 2.87 -32.74
CA LYS B 1118 17.28 3.87 -31.86
C LYS B 1118 15.78 3.96 -32.09
N MET B 1119 15.01 3.97 -31.01
CA MET B 1119 13.56 4.07 -31.08
C MET B 1119 13.03 4.70 -29.81
N THR B 1120 11.80 5.20 -29.88
CA THR B 1120 11.19 5.87 -28.75
C THR B 1120 10.24 4.94 -28.02
N ILE B 1121 10.24 5.03 -26.71
CA ILE B 1121 9.45 4.13 -25.86
C ILE B 1121 9.05 4.89 -24.61
N PRO B 1122 7.93 4.57 -23.95
CA PRO B 1122 7.66 5.16 -22.66
C PRO B 1122 8.78 4.83 -21.68
N TYR B 1123 9.30 5.86 -21.01
CA TYR B 1123 10.37 5.64 -20.06
C TYR B 1123 9.91 4.75 -18.92
N ALA B 1124 8.62 4.78 -18.59
CA ALA B 1124 8.09 3.83 -17.63
C ALA B 1124 8.31 2.40 -18.09
N ALA B 1125 8.24 2.16 -19.39
CA ALA B 1125 8.52 0.83 -19.91
C ALA B 1125 9.93 0.40 -19.57
N LYS B 1126 10.93 1.10 -20.11
CA LYS B 1126 12.33 0.76 -19.83
C LYS B 1126 12.57 0.65 -18.34
N LEU B 1127 12.02 1.57 -17.56
CA LEU B 1127 12.00 1.43 -16.11
C LEU B 1127 11.60 0.03 -15.70
N LEU B 1128 10.37 -0.37 -16.04
CA LEU B 1128 9.89 -1.69 -15.71
C LEU B 1128 10.88 -2.76 -16.14
N PHE B 1129 11.46 -2.61 -17.32
CA PHE B 1129 12.47 -3.55 -17.75
C PHE B 1129 13.60 -3.65 -16.75
N GLN B 1130 14.42 -2.60 -16.62
CA GLN B 1130 15.55 -2.66 -15.70
C GLN B 1130 15.14 -3.17 -14.34
N GLU B 1131 13.99 -2.72 -13.83
CA GLU B 1131 13.42 -3.27 -12.62
C GLU B 1131 13.33 -4.78 -12.68
N LEU B 1132 12.74 -5.32 -13.74
CA LEU B 1132 12.80 -6.76 -13.96
C LEU B 1132 14.24 -7.22 -14.02
N LEU B 1133 14.95 -6.90 -15.09
CA LEU B 1133 16.29 -7.41 -15.35
C LEU B 1133 17.24 -7.15 -14.19
N SER B 1134 16.91 -6.21 -13.30
CA SER B 1134 17.51 -6.25 -11.97
C SER B 1134 17.38 -7.61 -11.34
N MET B 1135 16.17 -8.03 -11.04
CA MET B 1135 15.83 -9.41 -10.77
C MET B 1135 16.17 -10.25 -11.99
N ASN B 1136 16.49 -11.52 -11.76
CA ASN B 1136 16.91 -12.30 -12.92
C ASN B 1136 15.70 -12.65 -13.77
N ILE B 1137 15.73 -12.19 -15.02
CA ILE B 1137 14.64 -12.30 -15.98
C ILE B 1137 15.11 -11.60 -17.24
N ALA B 1138 14.56 -11.99 -18.39
CA ALA B 1138 14.97 -11.38 -19.66
C ALA B 1138 13.82 -11.24 -20.65
N PRO B 1139 13.23 -10.04 -20.68
CA PRO B 1139 12.17 -9.71 -21.63
C PRO B 1139 12.87 -9.08 -22.82
N ARG B 1140 13.87 -9.78 -23.35
CA ARG B 1140 14.67 -9.34 -24.50
C ARG B 1140 13.77 -8.80 -25.59
N LEU B 1141 14.01 -7.54 -25.98
CA LEU B 1141 13.15 -6.94 -26.98
C LEU B 1141 13.69 -7.24 -28.36
N ARG B 1142 13.01 -8.11 -29.09
CA ARG B 1142 13.32 -8.31 -30.48
C ARG B 1142 12.51 -7.34 -31.32
N LEU B 1143 13.11 -6.83 -32.38
CA LEU B 1143 12.50 -5.76 -33.15
C LEU B 1143 12.30 -6.19 -34.60
N GLU B 1144 11.82 -5.25 -35.40
CA GLU B 1144 11.49 -5.49 -36.79
C GLU B 1144 10.98 -4.19 -37.40
N ASP B 1145 10.99 -4.13 -38.72
CA ASP B 1145 10.76 -2.87 -39.41
C ASP B 1145 9.30 -2.50 -39.34
N ILE B 1146 9.03 -1.19 -39.44
CA ILE B 1146 7.67 -0.75 -39.66
C ILE B 1146 7.30 -0.89 -41.12
N PHE B 1147 8.26 -0.66 -42.00
CA PHE B 1147 7.99 -0.53 -43.42
C PHE B 1147 8.25 -1.86 -44.13
N GLN B 1148 8.18 -1.83 -45.46
CA GLN B 1148 8.25 -3.03 -46.28
C GLN B 1148 7.28 -4.08 -45.73
N GLN B 1149 6.01 -3.72 -45.82
CA GLN B 1149 4.93 -4.45 -45.16
C GLN B 1149 5.21 -4.55 -43.67
N MET C 1 -54.56 43.70 -22.03
CA MET C 1 -55.92 44.11 -21.66
C MET C 1 -55.95 45.43 -20.93
N SER C 2 -56.26 46.49 -21.67
CA SER C 2 -56.66 47.78 -21.10
C SER C 2 -55.74 48.22 -19.98
N ASN C 3 -54.44 48.01 -20.20
CA ASN C 3 -53.35 48.44 -19.34
C ASN C 3 -53.52 47.96 -17.90
N ILE C 4 -54.26 46.89 -17.68
CA ILE C 4 -54.51 46.38 -16.35
C ILE C 4 -54.10 44.92 -16.31
N VAL C 5 -53.08 44.62 -15.50
CA VAL C 5 -52.55 43.27 -15.42
C VAL C 5 -53.53 42.39 -14.65
N GLY C 6 -53.76 41.21 -15.20
CA GLY C 6 -54.61 40.25 -14.52
C GLY C 6 -53.97 39.75 -13.24
N ILE C 7 -54.68 39.88 -12.13
CA ILE C 7 -54.15 39.45 -10.85
C ILE C 7 -54.98 38.28 -10.34
N GLU C 8 -54.32 37.16 -10.10
CA GLU C 8 -54.98 35.97 -9.60
C GLU C 8 -54.22 35.38 -8.43
N TYR C 9 -54.88 34.50 -7.69
CA TYR C 9 -54.25 33.85 -6.56
C TYR C 9 -53.12 32.92 -6.99
N ASN C 10 -53.34 32.09 -7.98
CA ASN C 10 -52.31 31.15 -8.38
C ASN C 10 -51.41 31.65 -9.50
N ARG C 11 -51.70 32.80 -10.11
CA ARG C 11 -50.93 33.27 -11.24
C ARG C 11 -51.11 34.78 -11.35
N VAL C 12 -50.46 35.37 -12.34
CA VAL C 12 -50.75 36.73 -12.76
C VAL C 12 -50.92 36.69 -14.27
N THR C 13 -51.59 37.70 -14.81
CA THR C 13 -52.05 37.67 -16.19
C THR C 13 -51.87 39.03 -16.84
N ASN C 14 -51.86 39.04 -18.17
CA ASN C 14 -51.89 40.28 -18.94
C ASN C 14 -50.67 41.14 -18.67
N THR C 15 -49.51 40.73 -19.17
CA THR C 15 -48.25 41.38 -18.92
C THR C 15 -47.56 42.30 -19.92
N THR C 16 -46.88 41.73 -20.91
CA THR C 16 -46.21 42.56 -21.92
C THR C 16 -47.05 43.76 -22.29
N SER C 17 -46.42 44.81 -22.80
CA SER C 17 -47.13 46.02 -23.17
C SER C 17 -48.42 45.95 -23.99
N THR C 18 -48.32 45.38 -25.18
CA THR C 18 -49.48 45.23 -26.07
C THR C 18 -50.22 46.48 -26.56
N ASP C 19 -49.53 47.59 -26.77
CA ASP C 19 -50.21 48.74 -27.36
C ASP C 19 -49.89 49.05 -28.84
N PHE C 20 -49.01 48.29 -29.45
CA PHE C 20 -48.38 48.64 -30.72
C PHE C 20 -49.23 47.98 -31.79
N PRO C 21 -49.25 48.50 -33.03
CA PRO C 21 -50.13 47.91 -34.04
C PRO C 21 -49.45 46.75 -34.78
N GLY C 22 -48.81 45.86 -34.05
CA GLY C 22 -48.39 44.59 -34.62
C GLY C 22 -49.48 43.54 -34.56
N PHE C 23 -50.14 43.46 -33.40
CA PHE C 23 -50.98 42.31 -33.09
C PHE C 23 -52.46 42.54 -33.38
N SER C 24 -52.82 43.68 -33.94
CA SER C 24 -54.24 43.95 -34.08
C SER C 24 -54.63 44.10 -35.54
N LYS C 25 -55.66 43.35 -35.92
CA LYS C 25 -56.29 43.54 -37.23
C LYS C 25 -56.62 45.01 -37.46
N ASP C 26 -57.01 45.72 -36.42
CA ASP C 26 -57.10 47.17 -36.46
C ASP C 26 -55.79 47.70 -35.96
N ALA C 27 -54.97 48.23 -36.87
CA ALA C 27 -53.60 48.60 -36.51
C ALA C 27 -53.55 50.05 -36.09
N GLU C 28 -53.36 50.28 -34.79
CA GLU C 28 -53.43 51.61 -34.21
C GLU C 28 -52.36 51.77 -33.15
N ASN C 29 -52.21 53.00 -32.68
CA ASN C 29 -51.13 53.38 -31.78
C ASN C 29 -49.78 53.05 -32.41
N GLU C 30 -49.60 53.56 -33.63
CA GLU C 30 -48.32 53.44 -34.30
C GLU C 30 -47.53 54.69 -33.95
N TRP C 31 -46.59 54.51 -33.01
CA TRP C 31 -45.64 55.54 -32.62
C TRP C 31 -46.28 56.93 -32.59
N ASN C 32 -45.82 57.79 -33.49
CA ASN C 32 -46.05 59.23 -33.51
C ASN C 32 -45.66 59.80 -32.16
N VAL C 33 -46.38 60.82 -31.72
CA VAL C 33 -46.11 61.72 -30.61
C VAL C 33 -47.29 62.68 -30.73
N GLU C 34 -47.40 63.66 -29.84
CA GLU C 34 -48.54 64.56 -29.89
C GLU C 34 -49.66 63.81 -29.21
N LYS C 35 -49.98 62.62 -29.75
CA LYS C 35 -50.99 61.77 -29.13
C LYS C 35 -50.36 61.47 -27.80
N PHE C 36 -49.07 61.15 -27.85
CA PHE C 36 -48.28 60.93 -26.65
C PHE C 36 -47.85 62.19 -25.94
N LYS C 37 -47.23 63.13 -26.65
CA LYS C 37 -46.85 64.41 -26.05
C LYS C 37 -48.01 65.02 -25.29
N LYS C 38 -49.10 65.32 -26.00
CA LYS C 38 -50.28 65.85 -25.32
C LYS C 38 -50.87 64.84 -24.35
N ASP C 39 -50.73 63.54 -24.62
CA ASP C 39 -51.29 62.55 -23.70
C ASP C 39 -50.45 62.35 -22.45
N PHE C 40 -49.13 62.20 -22.61
CA PHE C 40 -48.29 61.89 -21.47
C PHE C 40 -48.36 62.98 -20.41
N GLU C 41 -48.40 62.56 -19.15
CA GLU C 41 -48.40 63.47 -18.02
C GLU C 41 -47.53 62.90 -16.92
N VAL C 42 -47.51 63.60 -15.79
CA VAL C 42 -46.70 63.19 -14.65
C VAL C 42 -47.28 63.87 -13.41
N ASN C 43 -47.00 63.30 -12.25
CA ASN C 43 -47.33 63.91 -10.97
C ASN C 43 -46.13 63.83 -10.06
N ILE C 44 -46.16 64.60 -8.99
CA ILE C 44 -45.12 64.56 -7.98
C ILE C 44 -45.76 64.20 -6.64
N SER C 45 -45.17 63.23 -5.97
CA SER C 45 -45.64 62.85 -4.64
C SER C 45 -45.16 63.90 -3.65
N SER C 46 -43.85 63.95 -3.42
CA SER C 46 -43.21 64.99 -2.64
C SER C 46 -41.71 64.89 -2.87
N LEU C 47 -40.96 65.79 -2.27
CA LEU C 47 -39.51 65.82 -2.42
C LEU C 47 -38.88 65.95 -1.05
N ASP C 48 -37.60 65.59 -0.96
CA ASP C 48 -36.75 65.93 0.18
C ASP C 48 -35.54 66.65 -0.37
N ALA C 49 -34.57 66.93 0.49
CA ALA C 49 -33.24 67.18 -0.05
C ALA C 49 -32.59 65.89 -0.51
N ARG C 50 -32.69 64.83 0.31
CA ARG C 50 -31.97 63.59 0.08
C ARG C 50 -32.86 62.47 -0.50
N GLU C 51 -34.14 62.71 -0.73
CA GLU C 51 -35.00 61.63 -1.21
C GLU C 51 -36.16 62.17 -2.02
N ALA C 52 -36.61 61.43 -3.03
CA ALA C 52 -37.71 61.90 -3.86
C ALA C 52 -38.73 60.79 -4.08
N ASN C 53 -39.96 61.20 -4.36
CA ASN C 53 -41.04 60.28 -4.71
C ASN C 53 -41.99 61.03 -5.65
N PHE C 54 -42.51 60.35 -6.66
CA PHE C 54 -43.46 60.94 -7.58
C PHE C 54 -44.20 59.89 -8.39
N ASP C 55 -45.09 60.39 -9.25
CA ASP C 55 -46.02 59.57 -10.00
C ASP C 55 -45.77 59.76 -11.49
N LEU C 56 -45.96 58.69 -12.26
CA LEU C 56 -45.72 58.68 -13.70
C LEU C 56 -46.91 58.04 -14.39
N ILE C 57 -47.13 58.36 -15.66
CA ILE C 57 -48.34 57.89 -16.33
C ILE C 57 -48.11 57.73 -17.84
N ASN C 58 -48.89 56.83 -18.45
CA ASN C 58 -49.12 56.81 -19.89
C ASN C 58 -47.87 56.48 -20.70
N ILE C 59 -46.95 55.70 -20.13
CA ILE C 59 -45.82 55.19 -20.88
C ILE C 59 -45.69 53.69 -20.64
N ASP C 60 -44.71 53.08 -21.32
CA ASP C 60 -44.59 51.63 -21.31
C ASP C 60 -43.82 51.18 -20.08
N THR C 61 -43.52 49.89 -20.02
CA THR C 61 -42.47 49.39 -19.17
C THR C 61 -41.12 50.02 -19.49
N SER C 62 -40.61 49.77 -20.70
CA SER C 62 -39.18 49.93 -21.00
C SER C 62 -38.61 51.25 -20.51
N ILE C 63 -38.93 52.35 -21.22
CA ILE C 63 -38.19 53.59 -21.00
C ILE C 63 -38.10 53.96 -19.52
N ALA C 64 -39.17 53.72 -18.77
CA ALA C 64 -39.08 53.86 -17.32
C ALA C 64 -38.08 52.88 -16.74
N ASN C 65 -38.18 51.60 -17.13
CA ASN C 65 -37.26 50.61 -16.62
C ASN C 65 -35.82 50.99 -16.90
N ALA C 66 -35.53 51.44 -18.11
CA ALA C 66 -34.23 52.00 -18.42
C ALA C 66 -33.88 53.07 -17.41
N PHE C 67 -34.76 54.07 -17.24
CA PHE C 67 -34.48 55.13 -16.27
C PHE C 67 -34.06 54.57 -14.92
N ARG C 68 -34.74 53.54 -14.42
CA ARG C 68 -34.26 52.88 -13.22
C ARG C 68 -32.86 52.31 -13.43
N ARG C 69 -32.65 51.59 -14.53
CA ARG C 69 -31.35 50.95 -14.77
C ARG C 69 -30.22 51.97 -14.82
N ILE C 70 -30.20 52.80 -15.87
CA ILE C 70 -29.22 53.87 -16.02
C ILE C 70 -29.10 54.69 -14.75
N MET C 71 -30.21 54.84 -14.02
CA MET C 71 -30.13 55.46 -12.71
C MET C 71 -29.21 54.66 -11.77
N ILE C 72 -29.63 53.47 -11.35
CA ILE C 72 -28.86 52.70 -10.38
C ILE C 72 -27.46 52.35 -10.87
N SER C 73 -27.22 52.39 -12.18
CA SER C 73 -25.92 51.99 -12.68
C SER C 73 -25.20 53.11 -13.41
N GLU C 74 -25.77 53.58 -14.51
CA GLU C 74 -24.99 54.37 -15.46
C GLU C 74 -24.75 55.81 -15.01
N VAL C 75 -25.58 56.40 -14.14
CA VAL C 75 -25.39 57.81 -13.81
C VAL C 75 -24.04 57.96 -13.11
N PRO C 76 -23.19 58.87 -13.58
CA PRO C 76 -21.86 58.99 -12.99
C PRO C 76 -21.93 59.55 -11.58
N SER C 77 -20.93 59.20 -10.78
CA SER C 77 -20.84 59.72 -9.42
C SER C 77 -19.40 59.70 -8.98
N VAL C 78 -19.12 60.45 -7.95
CA VAL C 78 -17.76 60.63 -7.47
C VAL C 78 -17.65 60.08 -6.07
N ALA C 79 -16.62 59.26 -5.84
CA ALA C 79 -16.43 58.57 -4.58
C ALA C 79 -14.97 58.21 -4.43
N ALA C 80 -14.59 57.85 -3.21
CA ALA C 80 -13.24 57.38 -2.97
C ALA C 80 -13.05 55.99 -3.57
N GLU C 81 -11.90 55.78 -4.21
CA GLU C 81 -11.58 54.47 -4.75
C GLU C 81 -10.17 54.06 -4.36
N TYR C 82 -9.17 54.76 -4.89
CA TYR C 82 -7.78 54.50 -4.56
C TYR C 82 -7.52 54.98 -3.14
N VAL C 83 -6.70 54.25 -2.39
CA VAL C 83 -6.50 54.50 -0.98
C VAL C 83 -5.01 54.64 -0.70
N TYR C 84 -4.66 55.66 0.06
CA TYR C 84 -3.32 55.82 0.63
C TYR C 84 -3.39 55.71 2.14
N PHE C 85 -2.36 55.08 2.71
CA PHE C 85 -2.20 54.94 4.14
C PHE C 85 -0.86 55.48 4.59
N PHE C 86 -0.87 56.29 5.64
CA PHE C 86 0.31 56.53 6.43
C PHE C 86 0.20 55.68 7.69
N ASN C 87 0.95 54.59 7.68
CA ASN C 87 0.91 53.45 8.59
C ASN C 87 -0.51 52.99 8.90
N ASN C 88 -0.68 52.36 10.05
CA ASN C 88 -1.88 52.25 10.86
C ASN C 88 -1.55 51.22 11.92
N THR C 89 -2.09 51.37 13.12
CA THR C 89 -1.98 50.28 14.08
C THR C 89 -3.32 49.64 14.42
N SER C 90 -4.43 50.17 13.90
CA SER C 90 -5.72 49.87 14.51
C SER C 90 -6.13 48.44 14.21
N VAL C 91 -7.25 48.02 14.77
CA VAL C 91 -7.58 46.60 14.83
C VAL C 91 -8.18 46.12 13.51
N ILE C 92 -9.02 46.94 12.87
CA ILE C 92 -9.55 46.57 11.57
C ILE C 92 -8.39 46.38 10.60
N GLN C 93 -8.43 45.30 9.83
CA GLN C 93 -7.44 45.11 8.80
C GLN C 93 -7.55 46.22 7.77
N ASP C 94 -6.41 46.81 7.43
CA ASP C 94 -6.37 47.95 6.52
C ASP C 94 -7.12 47.68 5.22
N GLU C 95 -7.20 46.42 4.81
CA GLU C 95 -8.05 46.07 3.68
C GLU C 95 -9.48 46.47 3.94
N VAL C 96 -10.15 45.83 4.90
CA VAL C 96 -11.54 46.15 5.20
C VAL C 96 -11.71 47.64 5.44
N LEU C 97 -10.84 48.23 6.26
CA LEU C 97 -10.91 49.66 6.51
C LEU C 97 -10.99 50.44 5.21
N ALA C 98 -10.04 50.20 4.30
CA ALA C 98 -10.14 50.76 2.96
C ALA C 98 -11.50 50.53 2.35
N HIS C 99 -11.89 49.28 2.16
CA HIS C 99 -13.20 48.93 1.60
C HIS C 99 -14.33 49.65 2.30
N ARG C 100 -14.15 50.01 3.56
CA ARG C 100 -15.16 50.82 4.23
C ARG C 100 -15.20 52.25 3.66
N ILE C 101 -14.04 52.88 3.47
CA ILE C 101 -14.06 54.29 3.10
C ILE C 101 -14.82 54.52 1.82
N GLY C 102 -14.26 54.13 0.68
CA GLY C 102 -14.87 54.43 -0.59
C GLY C 102 -16.31 54.01 -0.69
N LEU C 103 -16.70 53.00 0.08
CA LEU C 103 -18.08 52.57 0.11
C LEU C 103 -18.99 53.56 0.84
N VAL C 104 -18.44 54.59 1.48
CA VAL C 104 -19.32 55.61 2.08
C VAL C 104 -19.71 56.60 1.01
N PRO C 105 -20.88 57.21 1.09
CA PRO C 105 -21.18 58.31 0.16
C PRO C 105 -20.36 59.53 0.50
N LEU C 106 -20.28 60.44 -0.45
CA LEU C 106 -19.70 61.77 -0.24
C LEU C 106 -20.60 62.77 -0.92
N LYS C 107 -20.99 63.82 -0.21
CA LYS C 107 -21.84 64.82 -0.84
C LYS C 107 -20.94 65.85 -1.48
N VAL C 108 -20.86 65.79 -2.79
CA VAL C 108 -20.22 66.81 -3.61
C VAL C 108 -20.85 66.73 -4.99
N ASP C 109 -21.05 67.87 -5.60
CA ASP C 109 -21.68 67.90 -6.90
C ASP C 109 -20.75 67.30 -7.94
N PRO C 110 -21.15 66.21 -8.61
CA PRO C 110 -20.37 65.77 -9.77
C PRO C 110 -20.54 66.75 -10.90
N ASP C 111 -19.88 66.50 -12.03
CA ASP C 111 -19.85 67.42 -13.16
C ASP C 111 -19.08 68.69 -12.79
N MET C 112 -18.77 68.84 -11.50
CA MET C 112 -17.69 69.75 -11.11
C MET C 112 -16.34 69.18 -11.53
N LEU C 113 -16.32 67.95 -12.03
CA LEU C 113 -15.12 67.29 -12.48
C LEU C 113 -15.29 66.80 -13.91
N THR C 114 -14.29 66.06 -14.38
CA THR C 114 -14.35 65.33 -15.64
C THR C 114 -14.10 63.86 -15.34
N TRP C 115 -14.10 63.05 -16.39
CA TRP C 115 -13.61 61.69 -16.27
C TRP C 115 -12.09 61.67 -16.33
N VAL C 116 -11.51 60.63 -15.75
CA VAL C 116 -10.07 60.45 -15.78
C VAL C 116 -9.71 59.41 -16.83
N ASP C 117 -8.62 59.67 -17.55
CA ASP C 117 -8.06 58.73 -18.50
C ASP C 117 -7.59 57.49 -17.76
N SER C 118 -7.77 56.34 -18.39
CA SER C 118 -7.22 55.07 -17.90
C SER C 118 -5.75 54.93 -18.30
N ASN C 119 -5.37 55.56 -19.40
CA ASN C 119 -4.10 55.30 -20.07
C ASN C 119 -2.92 55.98 -19.40
N LEU C 120 -2.86 57.32 -19.47
CA LEU C 120 -1.75 58.11 -18.97
C LEU C 120 -1.39 57.72 -17.55
N PRO C 121 -0.11 57.69 -17.19
CA PRO C 121 0.29 57.09 -15.92
C PRO C 121 0.28 58.07 -14.76
N ASP C 122 0.60 57.56 -13.55
CA ASP C 122 1.10 58.30 -12.40
C ASP C 122 0.44 59.65 -12.18
N ASP C 123 1.24 60.70 -12.00
CA ASP C 123 0.70 62.03 -11.68
C ASP C 123 -0.30 62.52 -12.72
N GLU C 124 -0.12 62.15 -13.99
CA GLU C 124 -1.10 62.48 -15.00
C GLU C 124 -2.50 62.02 -14.60
N LYS C 125 -2.60 60.86 -13.94
CA LYS C 125 -3.89 60.29 -13.58
C LYS C 125 -4.70 61.26 -12.72
N PHE C 126 -4.25 61.52 -11.51
CA PHE C 126 -5.06 62.27 -10.56
C PHE C 126 -4.63 63.73 -10.66
N THR C 127 -5.48 64.55 -11.25
CA THR C 127 -5.12 65.94 -11.54
C THR C 127 -6.28 66.88 -11.24
N ASP C 128 -6.09 67.75 -10.26
CA ASP C 128 -6.83 69.00 -10.09
C ASP C 128 -8.33 68.82 -10.32
N GLU C 129 -8.89 69.60 -11.25
CA GLU C 129 -10.33 69.63 -11.43
C GLU C 129 -10.88 68.29 -11.92
N ASN C 130 -10.00 67.34 -12.23
CA ASN C 130 -10.47 66.01 -12.58
C ASN C 130 -10.47 65.08 -11.38
N THR C 131 -10.06 65.55 -10.20
CA THR C 131 -9.74 64.64 -9.12
C THR C 131 -10.06 65.27 -7.77
N ILE C 132 -10.36 64.43 -6.78
CA ILE C 132 -10.38 64.83 -5.38
C ILE C 132 -9.56 63.82 -4.58
N VAL C 133 -9.01 64.26 -3.45
CA VAL C 133 -8.41 63.36 -2.47
C VAL C 133 -8.72 63.91 -1.09
N LEU C 134 -8.95 63.01 -0.14
CA LEU C 134 -9.21 63.38 1.26
C LEU C 134 -8.17 62.69 2.12
N SER C 135 -8.06 63.14 3.38
CA SER C 135 -7.16 62.53 4.34
C SER C 135 -7.78 62.53 5.73
N LEU C 136 -7.44 61.51 6.51
CA LEU C 136 -7.80 61.47 7.92
C LEU C 136 -6.66 60.83 8.69
N ASN C 137 -6.31 61.45 9.81
CA ASN C 137 -5.39 60.83 10.75
C ASN C 137 -5.86 61.18 12.17
N VAL C 138 -6.03 60.16 13.00
CA VAL C 138 -6.38 60.35 14.41
C VAL C 138 -5.64 59.32 15.24
N LYS C 139 -4.99 59.78 16.30
CA LYS C 139 -4.50 58.90 17.36
C LYS C 139 -5.39 59.02 18.58
N CYS C 140 -5.90 57.89 19.05
CA CYS C 140 -6.75 57.87 20.23
C CYS C 140 -5.92 58.30 21.42
N THR C 141 -6.51 59.14 22.27
CA THR C 141 -5.84 59.62 23.45
C THR C 141 -6.65 59.24 24.69
N ARG C 142 -6.00 58.52 25.60
CA ARG C 142 -6.62 58.17 26.86
C ARG C 142 -6.97 59.46 27.60
N ASN C 143 -8.24 59.59 27.97
CA ASN C 143 -8.66 60.79 28.66
C ASN C 143 -8.24 60.70 30.12
N PRO C 144 -7.44 61.64 30.63
CA PRO C 144 -7.17 61.65 32.07
C PRO C 144 -8.43 61.78 32.91
N ASP C 145 -9.52 62.24 32.32
CA ASP C 145 -10.82 62.16 32.97
C ASP C 145 -11.37 60.76 32.80
N ALA C 146 -11.59 60.06 33.92
CA ALA C 146 -12.18 58.73 33.94
C ALA C 146 -13.10 58.68 35.15
N PRO C 147 -14.26 59.34 35.09
CA PRO C 147 -15.13 59.44 36.27
C PRO C 147 -15.47 58.08 36.86
N LYS C 148 -15.84 57.13 35.99
CA LYS C 148 -16.17 55.78 36.39
C LYS C 148 -15.42 54.81 35.49
N GLY C 149 -15.68 53.51 35.70
CA GLY C 149 -15.26 52.49 34.78
C GLY C 149 -16.44 52.07 33.93
N SER C 150 -16.13 51.35 32.84
CA SER C 150 -17.15 50.82 31.94
C SER C 150 -18.08 51.90 31.42
N THR C 151 -17.60 53.14 31.34
CA THR C 151 -18.38 54.20 30.72
C THR C 151 -18.23 54.10 29.21
N ASP C 152 -18.68 55.10 28.49
CA ASP C 152 -18.43 55.02 27.06
C ASP C 152 -16.92 55.15 26.81
N PRO C 153 -16.37 54.39 25.87
CA PRO C 153 -14.93 54.51 25.60
C PRO C 153 -14.60 55.82 24.91
N LYS C 154 -15.15 56.90 25.45
CA LYS C 154 -14.78 58.28 25.15
C LYS C 154 -14.53 58.92 26.51
N GLU C 155 -15.54 58.85 27.38
CA GLU C 155 -15.33 59.07 28.81
C GLU C 155 -14.11 58.29 29.28
N LEU C 156 -13.88 57.12 28.68
CA LEU C 156 -12.56 56.52 28.75
C LEU C 156 -11.57 57.24 27.84
N TYR C 157 -11.79 57.18 26.53
CA TYR C 157 -10.76 57.46 25.56
C TYR C 157 -11.23 58.44 24.50
N ASN C 158 -10.60 59.61 24.46
CA ASN C 158 -11.00 60.65 23.52
C ASN C 158 -10.90 60.14 22.08
N ASN C 159 -11.86 60.59 21.26
CA ASN C 159 -11.98 60.30 19.83
C ASN C 159 -11.70 58.85 19.49
N ALA C 160 -12.28 57.93 20.28
CA ALA C 160 -12.09 56.52 20.00
C ALA C 160 -13.07 56.00 18.96
N HIS C 161 -14.04 56.80 18.57
CA HIS C 161 -15.00 56.44 17.53
C HIS C 161 -14.81 57.40 16.36
N VAL C 162 -14.32 56.89 15.24
CA VAL C 162 -14.13 57.74 14.07
C VAL C 162 -15.43 57.80 13.27
N TYR C 163 -15.83 59.00 12.91
CA TYR C 163 -17.07 59.22 12.19
C TYR C 163 -16.75 59.80 10.82
N ALA C 164 -17.80 59.97 10.01
CA ALA C 164 -17.61 60.62 8.72
C ALA C 164 -17.30 62.10 8.87
N ARG C 165 -17.91 62.75 9.86
CA ARG C 165 -17.54 64.11 10.21
C ARG C 165 -16.04 64.24 10.44
N ASP C 166 -15.40 63.19 10.93
CA ASP C 166 -13.97 63.23 11.17
C ASP C 166 -13.18 63.31 9.89
N LEU C 167 -13.77 62.94 8.76
CA LEU C 167 -13.02 62.93 7.51
C LEU C 167 -12.79 64.36 7.05
N LYS C 168 -11.53 64.75 6.91
CA LYS C 168 -11.14 66.08 6.50
C LYS C 168 -10.64 66.03 5.05
N PHE C 169 -10.14 67.15 4.56
CA PHE C 169 -9.90 67.30 3.13
C PHE C 169 -8.69 68.18 2.86
N GLU C 170 -7.95 67.85 1.81
CA GLU C 170 -6.87 68.70 1.34
C GLU C 170 -7.25 69.31 0.00
N PRO C 171 -7.55 70.60 -0.06
CA PRO C 171 -7.71 71.27 -1.35
C PRO C 171 -6.36 71.58 -1.97
N GLN C 172 -6.38 71.80 -3.29
CA GLN C 172 -5.15 72.03 -4.04
C GLN C 172 -5.26 73.23 -4.97
N GLY C 173 -4.21 73.44 -5.78
CA GLY C 173 -4.17 74.61 -6.64
C GLY C 173 -5.31 74.61 -7.65
N ARG C 174 -6.10 75.69 -7.62
CA ARG C 174 -7.31 75.87 -8.40
C ARG C 174 -8.37 74.87 -7.93
N GLN C 175 -7.93 73.86 -7.19
CA GLN C 175 -8.83 72.94 -6.53
C GLN C 175 -9.42 73.55 -5.28
N SER C 176 -8.59 74.22 -4.47
CA SER C 176 -9.08 74.98 -3.34
C SER C 176 -10.06 76.07 -3.78
N THR C 177 -9.57 77.07 -4.51
CA THR C 177 -10.27 78.32 -4.75
C THR C 177 -11.65 78.13 -5.38
N THR C 178 -11.90 76.99 -6.03
CA THR C 178 -13.15 76.78 -6.72
C THR C 178 -14.30 76.31 -5.82
N PHE C 179 -14.04 75.51 -4.78
CA PHE C 179 -15.11 74.97 -3.94
C PHE C 179 -15.39 75.79 -2.69
N ALA C 180 -14.82 76.99 -2.56
CA ALA C 180 -14.92 77.75 -1.31
C ALA C 180 -16.34 77.76 -0.74
N ASP C 181 -17.35 77.96 -1.58
CA ASP C 181 -18.72 77.92 -1.08
C ASP C 181 -19.25 76.50 -0.92
N CYS C 182 -18.69 75.54 -1.64
CA CYS C 182 -19.16 74.15 -1.58
C CYS C 182 -18.03 73.25 -1.12
N PRO C 183 -17.68 73.30 0.16
CA PRO C 183 -16.66 72.37 0.66
C PRO C 183 -17.19 70.96 0.70
N VAL C 184 -16.28 70.01 0.58
CA VAL C 184 -16.66 68.61 0.55
C VAL C 184 -17.33 68.24 1.88
N VAL C 185 -18.41 67.48 1.80
CA VAL C 185 -19.09 67.00 2.99
C VAL C 185 -19.46 65.54 2.82
N PRO C 186 -19.32 64.76 3.86
CA PRO C 186 -19.45 63.30 3.72
C PRO C 186 -20.83 62.76 4.07
N ALA C 187 -21.83 63.04 3.23
CA ALA C 187 -23.14 62.42 3.38
C ALA C 187 -23.66 62.59 4.80
N ASP C 188 -23.86 61.46 5.49
CA ASP C 188 -24.13 61.49 6.92
C ASP C 188 -22.80 61.67 7.63
N PRO C 189 -22.55 62.82 8.26
CA PRO C 189 -21.26 63.02 8.92
C PRO C 189 -21.00 62.05 10.06
N ASP C 190 -22.03 61.35 10.53
CA ASP C 190 -21.87 60.34 11.56
C ASP C 190 -21.99 58.98 10.86
N ILE C 191 -20.87 58.28 10.75
CA ILE C 191 -20.85 56.88 10.35
C ILE C 191 -19.64 56.24 11.01
N LEU C 192 -19.80 55.02 11.54
CA LEU C 192 -18.67 54.38 12.18
C LEU C 192 -17.79 53.80 11.11
N LEU C 193 -16.59 54.35 10.95
CA LEU C 193 -15.61 53.72 10.09
C LEU C 193 -14.83 52.67 10.86
N ALA C 194 -14.44 52.99 12.09
CA ALA C 194 -13.59 52.13 12.88
C ALA C 194 -13.74 52.48 14.35
N LYS C 195 -13.34 51.56 15.20
CA LYS C 195 -13.18 51.81 16.63
C LYS C 195 -11.73 51.54 17.00
N LEU C 196 -11.27 52.15 18.08
CA LEU C 196 -9.89 52.02 18.54
C LEU C 196 -9.77 52.57 19.95
N ARG C 197 -8.57 52.44 20.51
CA ARG C 197 -8.26 52.80 21.89
C ARG C 197 -6.84 53.34 21.96
N PRO C 198 -6.52 54.13 22.99
CA PRO C 198 -5.28 54.93 22.92
C PRO C 198 -4.06 54.06 22.73
N GLY C 199 -2.99 54.68 22.21
CA GLY C 199 -1.90 53.95 21.63
C GLY C 199 -2.16 53.51 20.22
N GLN C 200 -3.29 53.90 19.63
CA GLN C 200 -3.67 53.46 18.29
C GLN C 200 -3.97 54.68 17.44
N GLU C 201 -3.58 54.62 16.18
CA GLU C 201 -3.63 55.76 15.27
C GLU C 201 -3.82 55.28 13.84
N ILE C 202 -4.49 56.10 13.03
CA ILE C 202 -4.69 55.84 11.61
C ILE C 202 -4.41 57.11 10.84
N SER C 203 -3.55 57.02 9.82
CA SER C 203 -3.25 58.15 8.95
C SER C 203 -3.36 57.69 7.51
N LEU C 204 -4.15 58.41 6.72
CA LEU C 204 -4.49 57.97 5.38
C LEU C 204 -4.85 59.18 4.53
N LYS C 205 -4.61 59.06 3.23
CA LYS C 205 -5.30 59.94 2.29
C LYS C 205 -5.64 59.11 1.05
N ALA C 206 -6.92 59.11 0.70
CA ALA C 206 -7.45 58.33 -0.40
C ALA C 206 -8.12 59.26 -1.40
N HIS C 207 -8.03 58.92 -2.67
CA HIS C 207 -8.55 59.77 -3.73
C HIS C 207 -10.03 59.49 -3.96
N CYS C 208 -10.85 60.52 -3.80
CA CYS C 208 -12.23 60.51 -4.25
C CYS C 208 -12.25 60.90 -5.73
N ILE C 209 -12.80 60.03 -6.56
CA ILE C 209 -12.75 60.21 -8.00
C ILE C 209 -14.13 59.93 -8.59
N LEU C 210 -14.43 60.55 -9.71
CA LEU C 210 -15.64 60.24 -10.45
C LEU C 210 -15.64 58.77 -10.85
N GLY C 211 -16.83 58.17 -10.86
CA GLY C 211 -16.99 56.79 -11.28
C GLY C 211 -18.39 56.56 -11.77
N ILE C 212 -18.66 55.32 -12.19
CA ILE C 212 -19.95 54.93 -12.70
C ILE C 212 -20.55 53.84 -11.82
N GLY C 213 -21.80 54.03 -11.43
CA GLY C 213 -22.44 53.18 -10.44
C GLY C 213 -22.51 51.73 -10.80
N GLY C 214 -22.77 51.40 -12.06
CA GLY C 214 -22.81 50.00 -12.45
C GLY C 214 -21.58 49.22 -12.06
N ASP C 215 -20.41 49.84 -12.13
CA ASP C 215 -19.18 49.15 -11.79
C ASP C 215 -19.09 48.89 -10.29
N HIS C 216 -19.45 49.86 -9.46
CA HIS C 216 -19.49 49.67 -8.02
C HIS C 216 -20.61 50.47 -7.40
N ALA C 217 -21.32 49.83 -6.47
CA ALA C 217 -22.37 50.51 -5.73
C ALA C 217 -21.87 51.74 -5.02
N LYS C 218 -20.60 51.74 -4.61
CA LYS C 218 -20.01 52.93 -4.02
C LYS C 218 -20.07 54.11 -4.96
N PHE C 219 -20.28 53.86 -6.26
CA PHE C 219 -20.58 54.92 -7.21
C PHE C 219 -22.07 55.13 -7.38
N SER C 220 -22.90 54.45 -6.63
CA SER C 220 -24.31 54.77 -6.80
C SER C 220 -24.68 56.01 -6.01
N PRO C 221 -25.12 57.07 -6.66
CA PRO C 221 -25.75 58.17 -5.92
C PRO C 221 -27.08 57.77 -5.37
N VAL C 222 -27.63 56.66 -5.85
CA VAL C 222 -28.98 56.23 -5.54
C VAL C 222 -28.89 55.04 -4.62
N SER C 223 -29.33 55.21 -3.36
CA SER C 223 -29.42 54.08 -2.46
C SER C 223 -30.31 52.99 -3.04
N THR C 224 -31.49 53.35 -3.52
CA THR C 224 -32.34 52.41 -4.27
C THR C 224 -33.25 53.28 -5.13
N ALA C 225 -33.73 52.75 -6.24
CA ALA C 225 -34.73 53.44 -7.04
C ALA C 225 -35.69 52.41 -7.57
N SER C 226 -36.99 52.64 -7.39
CA SER C 226 -37.93 51.66 -7.90
C SER C 226 -39.25 52.35 -8.21
N TYR C 227 -39.94 51.79 -9.20
CA TYR C 227 -41.31 52.13 -9.51
C TYR C 227 -42.20 51.03 -8.94
N ARG C 228 -42.95 51.38 -7.91
CA ARG C 228 -43.98 50.49 -7.41
C ARG C 228 -45.14 50.62 -8.37
N LEU C 229 -45.48 49.52 -9.03
CA LEU C 229 -46.38 49.59 -10.16
C LEU C 229 -47.80 49.66 -9.62
N LEU C 230 -48.51 50.74 -9.94
CA LEU C 230 -49.67 51.14 -9.16
C LEU C 230 -50.80 50.12 -9.22
N PRO C 231 -51.30 49.67 -8.10
CA PRO C 231 -52.43 48.75 -8.10
C PRO C 231 -53.73 49.50 -8.27
N GLN C 232 -54.71 48.81 -8.85
CA GLN C 232 -56.08 49.32 -8.91
C GLN C 232 -56.99 48.19 -8.45
N ILE C 233 -57.65 48.39 -7.32
CA ILE C 233 -58.63 47.43 -6.83
C ILE C 233 -59.99 47.82 -7.38
N ASN C 234 -60.66 46.88 -8.01
CA ASN C 234 -61.99 47.11 -8.55
C ASN C 234 -62.98 46.31 -7.72
N ILE C 235 -64.13 46.92 -7.44
CA ILE C 235 -65.08 46.37 -6.48
C ILE C 235 -66.34 45.95 -7.22
N LEU C 236 -67.07 44.99 -6.64
CA LEU C 236 -68.27 44.45 -7.23
C LEU C 236 -69.34 44.30 -6.16
N GLN C 237 -70.53 44.83 -6.44
CA GLN C 237 -71.74 44.71 -5.62
C GLN C 237 -71.63 45.45 -4.29
N PRO C 238 -72.76 45.74 -3.63
CA PRO C 238 -72.69 46.44 -2.33
C PRO C 238 -71.95 45.68 -1.25
N ILE C 239 -72.16 44.37 -1.14
CA ILE C 239 -71.36 43.46 -0.31
C ILE C 239 -71.13 44.04 1.08
N LYS C 240 -72.07 44.83 1.55
CA LYS C 240 -71.85 45.72 2.67
C LYS C 240 -71.97 44.97 4.00
N GLY C 241 -71.93 45.74 5.08
CA GLY C 241 -72.22 45.23 6.40
C GLY C 241 -70.99 44.76 7.15
N GLU C 242 -71.23 43.85 8.09
CA GLU C 242 -70.19 43.35 8.99
C GLU C 242 -68.98 42.82 8.22
N SER C 243 -69.17 41.73 7.47
CA SER C 243 -68.05 41.14 6.75
C SER C 243 -67.43 42.10 5.76
N ALA C 244 -68.12 43.18 5.40
CA ALA C 244 -67.48 44.23 4.60
C ALA C 244 -66.52 45.05 5.45
N ARG C 245 -66.85 45.27 6.72
CA ARG C 245 -65.90 45.91 7.61
C ARG C 245 -64.68 45.03 7.82
N ARG C 246 -64.90 43.73 8.00
CA ARG C 246 -63.82 42.75 7.91
C ARG C 246 -63.04 42.86 6.62
N PHE C 247 -63.73 43.16 5.51
CA PHE C 247 -63.12 43.13 4.20
C PHE C 247 -61.94 44.09 4.10
N GLN C 248 -61.98 45.19 4.84
CA GLN C 248 -60.81 46.06 4.84
C GLN C 248 -59.73 45.56 5.78
N LYS C 249 -60.10 44.97 6.92
CA LYS C 249 -59.09 44.39 7.79
C LYS C 249 -58.33 43.29 7.07
N CYS C 250 -58.94 42.72 6.04
CA CYS C 250 -58.20 41.90 5.09
C CYS C 250 -56.97 42.62 4.55
N PHE C 251 -57.09 43.90 4.24
CA PHE C 251 -56.04 44.68 3.61
C PHE C 251 -55.32 45.61 4.58
N PRO C 252 -54.28 46.30 4.13
CA PRO C 252 -53.57 47.27 4.97
C PRO C 252 -54.50 48.41 5.38
N PRO C 253 -54.10 49.23 6.36
CA PRO C 253 -55.06 50.18 6.95
C PRO C 253 -55.68 51.18 5.99
N GLY C 254 -54.91 51.86 5.15
CA GLY C 254 -55.50 52.93 4.39
C GLY C 254 -56.51 52.47 3.36
N VAL C 255 -56.06 51.70 2.38
CA VAL C 255 -56.85 50.85 1.49
C VAL C 255 -58.16 51.51 1.07
N ILE C 256 -59.26 50.78 1.14
CA ILE C 256 -60.62 51.27 1.01
C ILE C 256 -61.02 51.88 2.34
N GLY C 257 -62.28 52.31 2.43
CA GLY C 257 -62.81 52.84 3.66
C GLY C 257 -64.29 52.54 3.76
N ILE C 258 -64.78 52.59 5.00
CA ILE C 258 -66.19 52.32 5.29
C ILE C 258 -66.88 53.66 5.46
N ASP C 259 -67.74 54.01 4.49
CA ASP C 259 -68.53 55.22 4.61
C ASP C 259 -69.68 55.01 5.57
N GLU C 260 -70.57 54.08 5.24
CA GLU C 260 -71.67 53.70 6.11
C GLU C 260 -71.94 52.22 5.88
N GLY C 261 -72.63 51.60 6.82
CA GLY C 261 -73.09 50.24 6.61
C GLY C 261 -73.81 50.06 5.29
N SER C 262 -74.82 50.90 5.04
CA SER C 262 -75.47 50.95 3.74
C SER C 262 -74.55 51.47 2.65
N ASP C 263 -73.62 52.36 3.00
CA ASP C 263 -72.67 52.96 2.06
C ASP C 263 -71.41 52.12 1.95
N GLU C 264 -71.44 50.91 2.52
CA GLU C 264 -70.49 49.83 2.29
C GLU C 264 -69.02 50.22 2.45
N ALA C 265 -68.19 49.68 1.57
CA ALA C 265 -66.74 49.86 1.61
C ALA C 265 -66.32 50.56 0.32
N TYR C 266 -65.91 51.82 0.44
CA TYR C 266 -65.44 52.53 -0.72
C TYR C 266 -63.93 52.68 -0.66
N VAL C 267 -63.30 52.62 -1.82
CA VAL C 267 -61.86 52.81 -1.92
C VAL C 267 -61.52 54.21 -1.44
N LYS C 268 -60.60 54.29 -0.47
CA LYS C 268 -60.04 55.58 -0.10
C LYS C 268 -59.12 56.00 -1.23
N ASP C 269 -58.06 55.23 -1.43
CA ASP C 269 -57.19 55.38 -2.57
C ASP C 269 -56.45 54.08 -2.81
N ALA C 270 -55.87 53.94 -4.00
CA ALA C 270 -54.93 52.87 -4.27
C ALA C 270 -53.58 53.27 -3.71
N ARG C 271 -52.53 52.56 -4.12
CA ARG C 271 -51.12 52.89 -3.89
C ARG C 271 -50.74 52.78 -2.42
N LYS C 272 -51.73 52.66 -1.55
CA LYS C 272 -51.45 52.42 -0.15
C LYS C 272 -51.40 50.94 0.18
N ASP C 273 -51.60 50.09 -0.83
CA ASP C 273 -51.60 48.65 -0.62
C ASP C 273 -50.40 48.00 -1.31
N THR C 274 -49.92 46.91 -0.71
CA THR C 274 -48.79 46.16 -1.22
C THR C 274 -49.21 45.11 -2.26
N VAL C 275 -50.51 45.06 -2.56
CA VAL C 275 -51.09 44.08 -3.48
C VAL C 275 -50.88 42.71 -2.84
N SER C 276 -50.87 42.68 -1.52
CA SER C 276 -50.60 41.47 -0.78
C SER C 276 -51.68 40.42 -0.96
N ARG C 277 -52.77 40.76 -1.63
CA ARG C 277 -53.79 39.83 -2.13
C ARG C 277 -54.19 38.66 -1.24
N GLU C 278 -54.86 38.94 -0.13
CA GLU C 278 -55.52 37.89 0.65
C GLU C 278 -57.10 37.99 0.69
N VAL C 279 -57.60 38.78 -0.24
CA VAL C 279 -59.02 38.72 -0.50
C VAL C 279 -59.12 37.41 -1.26
N LEU C 280 -58.02 36.97 -1.84
CA LEU C 280 -58.04 35.71 -2.57
C LEU C 280 -57.78 34.52 -1.67
N ARG C 281 -57.29 34.72 -0.44
CA ARG C 281 -57.08 33.58 0.45
C ARG C 281 -58.35 33.11 1.12
N TYR C 282 -59.22 34.03 1.54
CA TYR C 282 -60.48 33.67 2.16
C TYR C 282 -61.52 33.19 1.16
N GLU C 283 -61.46 33.68 -0.08
CA GLU C 283 -62.23 33.14 -1.19
C GLU C 283 -63.73 33.36 -1.15
N GLU C 284 -64.27 33.72 0.02
CA GLU C 284 -65.69 34.09 0.04
C GLU C 284 -65.98 35.55 -0.41
N PHE C 285 -64.91 36.34 -0.43
CA PHE C 285 -64.91 37.67 -1.00
C PHE C 285 -64.68 37.61 -2.51
N ALA C 286 -64.37 36.42 -3.03
CA ALA C 286 -63.84 36.28 -4.38
C ALA C 286 -64.70 36.89 -5.47
N ASP C 287 -65.83 36.29 -5.81
CA ASP C 287 -66.61 36.69 -6.98
C ASP C 287 -67.12 38.12 -6.88
N LYS C 288 -67.16 38.68 -5.67
CA LYS C 288 -67.61 40.05 -5.48
C LYS C 288 -66.47 41.04 -5.50
N VAL C 289 -65.25 40.57 -5.80
CA VAL C 289 -64.04 41.40 -5.81
C VAL C 289 -63.18 40.98 -7.00
N LYS C 290 -62.41 41.91 -7.54
CA LYS C 290 -61.32 41.58 -8.45
C LYS C 290 -60.14 42.51 -8.21
N LEU C 291 -58.98 42.12 -8.72
CA LEU C 291 -57.75 42.83 -8.49
C LEU C 291 -57.16 43.31 -9.81
N GLY C 292 -56.29 44.31 -9.71
CA GLY C 292 -55.59 44.78 -10.89
C GLY C 292 -54.47 45.77 -10.59
N ARG C 293 -53.51 45.84 -11.50
CA ARG C 293 -52.48 46.88 -11.45
C ARG C 293 -52.33 47.41 -12.87
N VAL C 294 -51.92 48.66 -12.99
CA VAL C 294 -51.98 49.34 -14.28
C VAL C 294 -50.62 49.56 -14.94
N ARG C 295 -50.47 49.02 -16.15
CA ARG C 295 -49.24 49.20 -16.93
C ARG C 295 -48.91 50.68 -17.19
N ASN C 296 -49.88 51.40 -17.75
CA ASN C 296 -49.71 52.83 -17.96
C ASN C 296 -49.40 53.76 -16.80
N HIS C 297 -49.48 53.26 -15.56
CA HIS C 297 -49.36 54.12 -14.39
C HIS C 297 -48.20 53.59 -13.56
N PHE C 298 -47.40 54.49 -13.02
CA PHE C 298 -46.22 54.14 -12.26
C PHE C 298 -46.16 54.91 -10.96
N ILE C 299 -46.26 54.21 -9.84
CA ILE C 299 -45.77 54.71 -8.57
C ILE C 299 -44.27 54.70 -8.72
N PHE C 300 -43.58 55.73 -8.26
CA PHE C 300 -42.14 55.77 -8.43
C PHE C 300 -41.51 56.53 -7.27
N ASN C 301 -40.38 56.04 -6.79
CA ASN C 301 -39.62 56.77 -5.78
C ASN C 301 -38.15 56.41 -5.89
N VAL C 302 -37.32 57.32 -5.40
CA VAL C 302 -35.88 57.20 -5.47
C VAL C 302 -35.27 57.61 -4.13
N GLU C 303 -34.55 56.67 -3.53
CA GLU C 303 -33.69 56.85 -2.37
C GLU C 303 -32.31 57.17 -2.93
N SER C 304 -31.88 58.42 -2.76
CA SER C 304 -30.57 58.81 -3.22
C SER C 304 -29.64 58.96 -2.03
N ALA C 305 -28.35 58.69 -2.25
CA ALA C 305 -27.39 58.68 -1.16
C ALA C 305 -27.36 59.99 -0.38
N GLY C 306 -27.87 61.07 -0.97
CA GLY C 306 -27.82 62.35 -0.32
C GLY C 306 -26.74 63.20 -0.96
N ALA C 307 -26.06 62.62 -1.94
CA ALA C 307 -25.07 63.38 -2.68
C ALA C 307 -25.67 64.64 -3.27
N MET C 308 -26.55 64.49 -4.24
CA MET C 308 -27.25 65.63 -4.81
C MET C 308 -28.74 65.42 -4.55
N THR C 309 -29.54 66.39 -4.97
CA THR C 309 -30.97 66.24 -4.84
C THR C 309 -31.46 65.18 -5.83
N PRO C 310 -32.34 64.29 -5.39
CA PRO C 310 -32.76 63.19 -6.27
C PRO C 310 -33.56 63.65 -7.46
N GLU C 311 -34.28 64.76 -7.36
CA GLU C 311 -34.87 65.34 -8.56
C GLU C 311 -33.82 65.55 -9.63
N GLU C 312 -32.63 66.00 -9.26
CA GLU C 312 -31.52 66.05 -10.19
C GLU C 312 -31.15 64.67 -10.72
N ILE C 313 -31.22 63.65 -9.88
CA ILE C 313 -30.87 62.29 -10.33
C ILE C 313 -31.73 61.89 -11.51
N PHE C 314 -33.03 61.76 -11.29
CA PHE C 314 -33.91 61.33 -12.37
C PHE C 314 -33.82 62.25 -13.57
N PHE C 315 -33.81 63.56 -13.33
CA PHE C 315 -33.74 64.53 -14.42
C PHE C 315 -32.53 64.28 -15.31
N LYS C 316 -31.34 64.20 -14.71
CA LYS C 316 -30.15 63.84 -15.45
C LYS C 316 -30.27 62.49 -16.15
N SER C 317 -30.77 61.48 -15.45
CA SER C 317 -30.79 60.12 -15.94
C SER C 317 -31.34 60.01 -17.36
N VAL C 318 -32.42 60.75 -17.65
CA VAL C 318 -33.00 60.74 -18.98
C VAL C 318 -31.99 61.36 -19.94
N ARG C 319 -31.49 62.54 -19.59
CA ARG C 319 -30.58 63.24 -20.50
C ARG C 319 -29.37 62.39 -20.84
N ILE C 320 -29.01 61.46 -19.96
CA ILE C 320 -27.93 60.54 -20.30
C ILE C 320 -28.37 59.62 -21.44
N LEU C 321 -29.63 59.21 -21.42
CA LEU C 321 -30.13 58.37 -22.51
C LEU C 321 -30.31 59.17 -23.80
N LYS C 322 -30.77 60.41 -23.68
CA LYS C 322 -30.79 61.32 -24.82
C LYS C 322 -29.41 61.43 -25.44
N ASN C 323 -28.41 61.75 -24.61
CA ASN C 323 -27.03 61.75 -25.05
C ASN C 323 -26.66 60.43 -25.72
N LYS C 324 -27.23 59.33 -25.24
CA LYS C 324 -26.87 58.04 -25.81
C LYS C 324 -27.43 57.87 -27.22
N ALA C 325 -28.74 58.07 -27.38
CA ALA C 325 -29.33 57.89 -28.71
C ALA C 325 -28.83 58.92 -29.70
N GLU C 326 -28.86 60.20 -29.32
CA GLU C 326 -28.27 61.25 -30.14
C GLU C 326 -26.86 60.90 -30.56
N TYR C 327 -26.02 60.56 -29.58
CA TYR C 327 -24.67 60.09 -29.87
C TYR C 327 -24.67 58.97 -30.89
N LEU C 328 -25.60 58.03 -30.77
CA LEU C 328 -25.55 56.86 -31.62
C LEU C 328 -25.92 57.17 -33.06
N LYS C 329 -27.06 57.85 -33.29
CA LYS C 329 -27.51 58.13 -34.65
C LYS C 329 -26.42 58.82 -35.45
N ASN C 330 -25.75 59.80 -34.85
CA ASN C 330 -24.75 60.56 -35.58
C ASN C 330 -23.60 59.70 -36.06
N CYS C 331 -23.34 58.57 -35.42
CA CYS C 331 -22.27 57.69 -35.88
C CYS C 331 -22.77 56.80 -36.99
N PRO C 332 -22.11 56.79 -38.15
CA PRO C 332 -22.50 55.86 -39.21
C PRO C 332 -22.07 54.44 -38.88
N ILE C 333 -22.71 53.49 -39.54
CA ILE C 333 -22.50 52.08 -39.27
C ILE C 333 -21.56 51.53 -40.34
N THR C 334 -20.54 50.80 -39.90
CA THR C 334 -19.58 50.20 -40.81
C THR C 334 -20.20 49.03 -41.56
N GLN C 335 -19.62 48.72 -42.72
CA GLN C 335 -20.13 47.64 -43.56
C GLN C 335 -19.02 46.65 -43.91
N MET D 1 21.46 0.81 -47.84
CA MET D 1 20.97 -0.32 -47.06
C MET D 1 21.29 -1.62 -47.78
N LYS D 2 20.25 -2.29 -48.28
CA LYS D 2 20.41 -3.65 -48.79
C LYS D 2 20.88 -3.62 -50.24
N VAL D 3 21.68 -4.61 -50.60
CA VAL D 3 22.27 -4.71 -51.93
C VAL D 3 21.70 -5.94 -52.61
N LEU D 4 20.98 -5.73 -53.71
CA LEU D 4 20.59 -6.87 -54.52
C LEU D 4 21.77 -7.42 -55.32
N GLU D 5 22.52 -6.54 -55.97
CA GLU D 5 23.69 -6.98 -56.71
C GLU D 5 24.81 -5.97 -56.53
N GLU D 6 25.98 -6.45 -56.09
CA GLU D 6 27.15 -5.59 -56.03
C GLU D 6 27.85 -5.57 -57.39
N ARG D 7 28.48 -6.68 -57.76
CA ARG D 7 29.15 -6.78 -59.05
C ARG D 7 28.02 -7.01 -60.04
N ASN D 8 27.78 -5.99 -60.87
CA ASN D 8 26.54 -5.95 -61.63
C ASN D 8 26.81 -5.78 -63.10
N ALA D 9 27.16 -4.56 -63.49
CA ALA D 9 27.57 -4.23 -64.84
C ALA D 9 28.83 -3.38 -64.76
N PHE D 10 29.91 -3.90 -65.31
CA PHE D 10 31.17 -3.17 -65.25
C PHE D 10 31.01 -1.99 -66.20
N LEU D 11 31.15 -0.80 -65.67
CA LEU D 11 30.80 0.42 -66.38
C LEU D 11 32.00 1.34 -66.28
N SER D 12 32.59 1.66 -67.43
CA SER D 12 33.63 2.67 -67.47
C SER D 12 32.93 3.99 -67.80
N ASP D 13 33.70 5.06 -67.98
CA ASP D 13 33.13 6.33 -68.40
C ASP D 13 33.27 6.43 -69.91
N TYR D 14 32.16 6.67 -70.59
CA TYR D 14 32.24 7.13 -71.97
C TYR D 14 31.50 8.45 -72.05
N GLU D 15 30.17 8.38 -72.05
CA GLU D 15 29.33 9.55 -71.86
C GLU D 15 28.83 9.68 -70.43
N VAL D 16 29.22 8.77 -69.54
CA VAL D 16 28.83 8.89 -68.14
C VAL D 16 29.26 10.23 -67.58
N LEU D 17 30.50 10.63 -67.86
CA LEU D 17 30.92 12.00 -67.61
C LEU D 17 29.95 12.99 -68.23
N LYS D 18 29.68 12.85 -69.53
CA LYS D 18 28.72 13.70 -70.20
C LYS D 18 27.32 13.54 -69.62
N PHE D 19 27.02 12.39 -69.03
CA PHE D 19 25.72 12.22 -68.36
C PHE D 19 25.66 13.06 -67.10
N LEU D 20 26.80 13.24 -66.42
CA LEU D 20 26.82 14.14 -65.29
C LEU D 20 26.91 15.58 -65.76
N THR D 21 27.36 15.79 -67.00
CA THR D 21 27.19 17.08 -67.64
C THR D 21 25.74 17.26 -68.09
N ASP D 22 24.97 16.18 -68.05
CA ASP D 22 23.55 16.25 -68.37
C ASP D 22 22.75 16.63 -67.14
N LEU D 23 22.74 15.77 -66.11
CA LEU D 23 22.06 16.12 -64.87
C LEU D 23 22.65 17.40 -64.28
N GLU D 24 23.96 17.60 -64.45
CA GLU D 24 24.53 18.91 -64.18
C GLU D 24 23.92 19.98 -65.06
N LYS D 25 23.93 19.79 -66.38
CA LYS D 25 23.17 20.66 -67.26
C LYS D 25 21.72 20.81 -66.82
N LYS D 26 21.13 19.73 -66.29
CA LYS D 26 19.81 19.81 -65.68
C LYS D 26 19.81 20.60 -64.38
N HIS D 27 20.80 20.40 -63.50
CA HIS D 27 20.82 21.12 -62.23
C HIS D 27 22.02 22.06 -62.19
N LEU D 28 21.76 23.35 -62.38
CA LEU D 28 22.68 24.44 -62.08
C LEU D 28 23.85 24.55 -63.07
N TRP D 29 24.15 23.46 -63.78
CA TRP D 29 25.18 23.40 -64.83
C TRP D 29 26.45 24.17 -64.46
N ASP D 30 27.11 23.72 -63.41
CA ASP D 30 28.41 24.20 -62.93
C ASP D 30 28.48 25.71 -62.74
N GLN D 31 29.65 26.28 -63.02
CA GLN D 31 29.86 27.72 -63.05
C GLN D 31 29.85 28.27 -64.46
N LYS D 32 29.73 27.41 -65.48
CA LYS D 32 29.59 27.83 -66.86
C LYS D 32 28.24 28.48 -67.11
N SER D 33 27.25 28.20 -66.27
CA SER D 33 25.99 28.91 -66.29
C SER D 33 26.15 30.41 -66.08
N LEU D 34 27.25 30.83 -65.44
CA LEU D 34 27.54 32.27 -65.35
C LEU D 34 27.84 32.87 -66.71
N ALA D 35 28.05 32.04 -67.73
CA ALA D 35 28.28 32.53 -69.09
C ALA D 35 27.29 31.86 -70.06
N PRO D 53 23.12 22.69 -52.56
CA PRO D 53 22.96 21.25 -52.70
C PRO D 53 24.30 20.50 -52.64
N GLU D 54 25.40 21.25 -52.65
CA GLU D 54 26.74 20.71 -52.43
C GLU D 54 27.21 19.81 -53.56
N LEU D 55 26.29 19.38 -54.42
CA LEU D 55 26.56 18.29 -55.36
C LEU D 55 27.81 18.54 -56.20
N GLN D 56 28.12 19.80 -56.50
CA GLN D 56 29.25 20.11 -57.37
C GLN D 56 30.57 19.55 -56.87
N GLY D 57 30.65 19.16 -55.59
CA GLY D 57 31.83 18.53 -55.05
C GLY D 57 32.33 17.35 -55.85
N ILE D 58 31.47 16.39 -56.16
CA ILE D 58 31.81 15.36 -57.12
C ILE D 58 32.01 15.91 -58.52
N THR D 59 31.23 16.91 -58.95
CA THR D 59 31.23 17.33 -60.34
C THR D 59 32.61 17.75 -60.80
N ARG D 60 33.23 18.69 -60.10
CA ARG D 60 34.63 19.00 -60.34
C ARG D 60 35.51 17.76 -60.32
N ASN D 61 35.40 16.95 -59.27
CA ASN D 61 36.10 15.67 -59.20
C ASN D 61 35.72 14.72 -60.32
N VAL D 62 34.43 14.65 -60.67
CA VAL D 62 34.04 13.89 -61.85
C VAL D 62 34.77 14.38 -63.09
N VAL D 63 34.54 15.63 -63.50
CA VAL D 63 35.17 16.18 -64.69
C VAL D 63 36.67 16.31 -64.56
N ASN D 64 37.21 16.12 -63.35
CA ASN D 64 38.62 16.37 -63.08
C ASN D 64 39.55 15.60 -64.01
N TYR D 65 39.70 14.29 -63.78
CA TYR D 65 40.57 13.50 -64.64
C TYR D 65 39.87 13.05 -65.91
N LEU D 66 38.58 12.76 -65.84
CA LEU D 66 37.83 12.21 -66.97
C LEU D 66 37.95 13.06 -68.22
N SER D 67 38.22 14.36 -68.08
CA SER D 67 38.44 15.25 -69.21
C SER D 67 39.84 15.23 -69.78
N ILE D 68 40.88 15.16 -68.95
CA ILE D 68 42.23 15.51 -69.40
C ILE D 68 42.89 14.45 -70.27
N ASN D 69 42.83 13.17 -69.90
CA ASN D 69 43.58 12.17 -70.66
C ASN D 69 43.05 11.96 -72.07
N LYS D 70 41.74 12.16 -72.27
CA LYS D 70 41.20 12.17 -73.62
C LYS D 70 41.81 13.28 -74.48
N ASN D 71 42.11 14.43 -73.86
CA ASN D 71 42.87 15.48 -74.51
C ASN D 71 44.36 15.18 -74.42
N PHE D 72 44.84 14.76 -73.25
CA PHE D 72 46.26 14.49 -73.05
C PHE D 72 46.48 13.32 -72.10
N MET D 98 37.31 13.85 -77.58
CA MET D 98 36.33 12.82 -77.30
C MET D 98 35.38 12.61 -78.46
N SER D 99 34.49 11.64 -78.33
CA SER D 99 33.55 11.29 -79.39
C SER D 99 32.40 10.49 -78.79
N ASP D 100 31.46 10.10 -79.65
CA ASP D 100 30.31 9.30 -79.25
C ASP D 100 30.26 8.01 -80.06
N GLU D 101 30.08 8.15 -81.38
CA GLU D 101 30.03 7.00 -82.25
C GLU D 101 31.31 6.18 -82.22
N SER D 102 32.42 6.77 -81.76
CA SER D 102 33.63 5.99 -81.52
C SER D 102 33.37 4.79 -80.63
N PHE D 103 32.46 4.93 -79.65
CA PHE D 103 32.05 3.79 -78.84
C PHE D 103 31.56 2.63 -79.71
N ALA D 104 30.71 2.94 -80.69
CA ALA D 104 30.36 1.93 -81.68
C ALA D 104 31.57 1.48 -82.48
N GLU D 105 32.43 2.43 -82.89
CA GLU D 105 33.71 2.08 -83.48
C GLU D 105 34.60 1.31 -82.50
N LEU D 106 34.31 1.41 -81.20
CA LEU D 106 35.05 0.68 -80.19
C LEU D 106 34.94 -0.82 -80.38
N MET D 107 33.72 -1.34 -80.56
CA MET D 107 33.46 -2.77 -80.59
C MET D 107 33.89 -3.42 -81.89
N THR D 108 34.31 -2.65 -82.89
CA THR D 108 34.35 -3.19 -84.24
C THR D 108 35.44 -4.25 -84.40
N LYS D 109 36.71 -3.83 -84.34
CA LYS D 109 37.81 -4.79 -84.43
C LYS D 109 38.19 -5.35 -83.07
N LEU D 110 37.65 -4.80 -81.99
CA LEU D 110 38.07 -5.17 -80.65
C LEU D 110 37.41 -6.45 -80.14
N ASN D 111 36.26 -6.83 -80.70
CA ASN D 111 35.67 -8.11 -80.34
C ASN D 111 36.54 -9.29 -80.76
N SER D 112 37.57 -9.05 -81.57
CA SER D 112 38.38 -10.10 -82.14
C SER D 112 39.45 -10.64 -81.19
N PHE D 113 39.68 -9.96 -80.08
CA PHE D 113 40.81 -10.27 -79.21
C PHE D 113 40.35 -11.06 -77.99
N LYS D 114 41.33 -11.45 -77.17
CA LYS D 114 41.12 -12.25 -75.96
C LYS D 114 41.02 -11.36 -74.73
N LEU D 115 40.89 -10.04 -74.94
CA LEU D 115 40.96 -9.03 -73.89
C LEU D 115 39.99 -9.25 -72.74
N PHE D 116 39.07 -10.22 -72.85
CA PHE D 116 38.00 -10.48 -71.88
C PHE D 116 37.16 -9.22 -71.78
N LYS D 117 36.70 -8.84 -70.59
CA LYS D 117 36.17 -7.51 -70.34
C LYS D 117 37.17 -6.58 -69.67
N ALA D 118 38.32 -7.08 -69.20
CA ALA D 118 39.13 -6.33 -68.26
C ALA D 118 39.90 -5.22 -68.95
N GLU D 119 40.95 -5.57 -69.70
CA GLU D 119 41.61 -4.57 -70.53
C GLU D 119 40.72 -4.13 -71.67
N LYS D 120 39.81 -5.00 -72.09
CA LYS D 120 38.85 -4.66 -73.14
C LYS D 120 38.08 -3.39 -72.81
N LEU D 121 37.69 -3.23 -71.55
CA LEU D 121 37.17 -1.96 -71.07
C LEU D 121 38.28 -0.97 -70.69
N GLN D 122 39.38 -1.46 -70.10
CA GLN D 122 40.47 -0.61 -69.67
C GLN D 122 41.12 0.17 -70.81
N ILE D 123 41.19 -0.41 -72.01
CA ILE D 123 41.77 0.30 -73.15
C ILE D 123 41.07 1.61 -73.48
N VAL D 124 39.82 1.78 -73.05
CA VAL D 124 39.06 2.97 -73.41
C VAL D 124 39.79 4.24 -72.96
N ASN D 125 40.47 4.16 -71.82
CA ASN D 125 41.09 5.34 -71.22
C ASN D 125 42.59 5.18 -71.02
N GLN D 126 42.98 4.39 -70.01
CA GLN D 126 44.38 4.17 -69.70
C GLN D 126 45.28 3.53 -70.75
N LEU D 127 46.59 3.72 -70.60
CA LEU D 127 47.54 3.16 -71.55
C LEU D 127 47.01 3.28 -72.97
N PRO D 128 47.30 4.41 -73.62
CA PRO D 128 46.86 4.69 -75.00
C PRO D 128 47.25 3.61 -75.99
N ALA D 129 46.83 2.37 -75.74
CA ALA D 129 47.13 1.27 -76.64
C ALA D 129 48.43 1.51 -77.43
N ASN D 130 49.54 1.43 -76.70
CA ASN D 130 50.85 1.53 -77.31
C ASN D 130 51.81 0.56 -76.62
N MET D 131 52.72 0.00 -77.41
CA MET D 131 53.88 -0.75 -76.95
C MET D 131 53.56 -1.74 -75.83
N VAL D 132 54.38 -1.74 -74.77
CA VAL D 132 54.24 -2.65 -73.66
C VAL D 132 53.03 -2.33 -72.78
N HIS D 133 52.51 -1.10 -72.85
CA HIS D 133 51.34 -0.72 -72.05
C HIS D 133 50.22 -1.74 -72.19
N LEU D 134 49.83 -2.02 -73.43
CA LEU D 134 48.66 -2.84 -73.74
C LEU D 134 48.81 -4.31 -73.35
N TYR D 135 49.99 -4.89 -73.47
CA TYR D 135 50.20 -6.27 -73.05
C TYR D 135 50.56 -6.40 -71.58
N SER D 136 50.89 -5.28 -70.92
CA SER D 136 51.22 -5.29 -69.50
C SER D 136 50.08 -5.80 -68.62
N ILE D 137 48.88 -5.97 -69.18
CA ILE D 137 47.72 -6.36 -68.39
C ILE D 137 47.22 -7.75 -68.80
N VAL D 138 46.58 -7.84 -69.97
CA VAL D 138 45.72 -8.98 -70.27
C VAL D 138 46.56 -10.19 -70.68
N GLU D 139 45.97 -11.37 -70.50
CA GLU D 139 46.62 -12.62 -70.85
C GLU D 139 46.89 -12.71 -72.34
N GLU D 140 48.14 -13.03 -72.70
CA GLU D 140 48.48 -13.52 -74.03
C GLU D 140 48.24 -12.47 -75.12
N CYS D 141 48.24 -11.20 -74.73
CA CYS D 141 48.26 -10.13 -75.73
C CYS D 141 49.58 -10.10 -76.49
N ASP D 142 50.56 -10.86 -76.02
CA ASP D 142 51.83 -11.14 -76.67
C ASP D 142 51.90 -12.67 -76.69
N ALA D 143 53.04 -13.25 -77.08
CA ALA D 143 53.13 -14.70 -77.19
C ALA D 143 52.07 -15.19 -78.17
N ARG D 144 51.07 -15.89 -77.66
CA ARG D 144 50.03 -16.54 -78.47
C ARG D 144 49.54 -15.67 -79.62
N PHE D 145 48.91 -14.53 -79.33
CA PHE D 145 48.64 -13.54 -80.35
C PHE D 145 49.37 -12.24 -80.02
N ASP D 146 50.26 -11.82 -80.91
CA ASP D 146 51.11 -10.67 -80.61
C ASP D 146 51.03 -9.57 -81.64
N GLU D 147 51.71 -9.76 -82.77
CA GLU D 147 52.11 -8.67 -83.66
C GLU D 147 50.94 -7.83 -84.16
N LYS D 148 50.11 -8.41 -85.02
CA LYS D 148 48.95 -7.68 -85.52
C LYS D 148 48.02 -7.25 -84.40
N THR D 149 47.93 -8.04 -83.32
CA THR D 149 47.01 -7.72 -82.24
C THR D 149 47.50 -6.53 -81.44
N ILE D 150 48.80 -6.50 -81.09
CA ILE D 150 49.34 -5.35 -80.40
C ILE D 150 49.39 -4.12 -81.28
N GLU D 151 49.63 -4.28 -82.58
CA GLU D 151 49.72 -3.16 -83.51
C GLU D 151 48.37 -2.51 -83.79
N GLU D 152 47.35 -3.31 -84.11
CA GLU D 152 46.03 -2.75 -84.37
C GLU D 152 45.56 -1.86 -83.21
N MET D 153 45.91 -2.22 -81.98
CA MET D 153 45.61 -1.37 -80.85
C MET D 153 46.19 0.03 -81.01
N LEU D 154 47.43 0.15 -81.49
CA LEU D 154 48.04 1.46 -81.75
C LEU D 154 47.31 2.27 -82.81
N GLU D 155 46.87 1.63 -83.89
CA GLU D 155 46.15 2.35 -84.94
C GLU D 155 44.68 2.56 -84.60
N ILE D 156 44.06 1.63 -83.87
CA ILE D 156 42.65 1.81 -83.51
C ILE D 156 42.51 2.88 -82.44
N ILE D 157 43.44 2.92 -81.48
CA ILE D 157 43.39 3.97 -80.47
C ILE D 157 43.61 5.34 -81.12
N SER D 158 44.39 5.40 -82.20
CA SER D 158 44.55 6.65 -82.94
C SER D 158 43.21 7.10 -83.53
N GLY D 159 42.29 6.16 -83.75
CA GLY D 159 40.94 6.52 -84.13
C GLY D 159 40.20 7.35 -83.11
N TYR D 160 40.48 7.15 -81.82
CA TYR D 160 39.87 7.96 -80.77
C TYR D 160 40.93 8.72 -79.98
N ALA D 161 41.81 8.02 -79.25
CA ALA D 161 42.83 8.68 -78.45
C ALA D 161 44.18 8.67 -79.14
N MET E 1 -40.52 -56.27 -6.24
CA MET E 1 -41.25 -55.08 -6.67
C MET E 1 -41.16 -54.88 -8.17
N ASP E 2 -42.31 -54.76 -8.82
CA ASP E 2 -42.34 -54.39 -10.22
C ASP E 2 -42.25 -52.88 -10.42
N GLN E 3 -42.54 -52.09 -9.39
CA GLN E 3 -42.40 -50.65 -9.50
C GLN E 3 -40.94 -50.26 -9.71
N GLU E 4 -40.04 -50.78 -8.89
CA GLU E 4 -38.62 -50.59 -9.15
C GLU E 4 -38.25 -51.09 -10.54
N ASN E 5 -38.88 -52.18 -10.98
CA ASN E 5 -38.81 -52.52 -12.39
C ASN E 5 -39.42 -51.43 -13.26
N GLU E 6 -40.67 -51.01 -12.98
CA GLU E 6 -41.26 -49.92 -13.75
C GLU E 6 -40.31 -48.73 -13.85
N ARG E 7 -39.57 -48.43 -12.78
CA ARG E 7 -38.46 -47.49 -12.89
C ARG E 7 -37.43 -47.94 -13.90
N ASN E 8 -37.01 -49.21 -13.85
CA ASN E 8 -35.85 -49.65 -14.60
C ASN E 8 -36.16 -49.83 -16.09
N ILE E 9 -37.24 -50.53 -16.41
CA ILE E 9 -37.70 -50.63 -17.79
C ILE E 9 -38.24 -49.31 -18.31
N SER E 10 -38.87 -48.51 -17.46
CA SER E 10 -39.29 -47.18 -17.86
C SER E 10 -38.11 -46.36 -18.34
N ARG E 11 -37.17 -46.07 -17.44
CA ARG E 11 -35.92 -45.41 -17.81
C ARG E 11 -35.26 -46.11 -18.98
N LEU E 12 -34.78 -47.33 -18.77
CA LEU E 12 -33.98 -48.04 -19.77
C LEU E 12 -34.65 -48.06 -21.13
N TRP E 13 -35.98 -48.02 -21.16
CA TRP E 13 -36.71 -47.74 -22.39
C TRP E 13 -36.46 -46.33 -22.88
N ARG E 14 -36.69 -45.34 -22.01
CA ARG E 14 -36.40 -43.95 -22.33
C ARG E 14 -35.00 -43.78 -22.93
N ALA E 15 -33.97 -44.10 -22.14
CA ALA E 15 -32.60 -44.12 -22.60
C ALA E 15 -32.43 -44.89 -23.90
N PHE E 16 -33.05 -46.07 -24.01
CA PHE E 16 -32.90 -46.85 -25.23
C PHE E 16 -33.37 -46.06 -26.44
N ARG E 17 -34.42 -45.26 -26.28
CA ARG E 17 -34.80 -44.37 -27.36
C ARG E 17 -33.76 -43.28 -27.55
N THR E 18 -33.17 -42.79 -26.45
CA THR E 18 -32.14 -41.76 -26.55
C THR E 18 -31.00 -42.23 -27.46
N VAL E 19 -30.43 -43.41 -27.18
CA VAL E 19 -29.38 -43.93 -28.02
C VAL E 19 -29.89 -44.29 -29.40
N LYS E 20 -31.12 -44.81 -29.49
CA LYS E 20 -31.65 -45.18 -30.80
C LYS E 20 -31.69 -43.98 -31.74
N GLU E 21 -32.50 -42.97 -31.40
CA GLU E 21 -32.48 -41.72 -32.14
C GLU E 21 -31.08 -41.14 -32.24
N MET E 22 -30.21 -41.46 -31.29
CA MET E 22 -28.87 -40.90 -31.28
C MET E 22 -28.02 -41.43 -32.43
N VAL E 23 -28.32 -42.63 -32.94
CA VAL E 23 -27.61 -43.13 -34.10
C VAL E 23 -28.22 -42.65 -35.42
N LYS E 24 -29.55 -42.45 -35.47
CA LYS E 24 -30.20 -42.12 -36.74
C LYS E 24 -29.68 -40.81 -37.32
N ASP E 25 -29.76 -39.74 -36.54
CA ASP E 25 -29.14 -38.47 -36.85
C ASP E 25 -27.70 -38.60 -37.30
N ARG E 26 -26.94 -39.53 -36.71
CA ARG E 26 -25.58 -39.77 -37.16
C ARG E 26 -25.55 -40.31 -38.59
N GLY E 27 -26.69 -40.65 -39.16
CA GLY E 27 -26.78 -41.03 -40.57
C GLY E 27 -26.87 -42.51 -40.84
N TYR E 28 -26.88 -43.34 -39.79
CA TYR E 28 -26.95 -44.78 -40.00
C TYR E 28 -28.36 -45.18 -40.40
N PHE E 29 -28.47 -46.24 -41.20
CA PHE E 29 -29.74 -46.57 -41.82
C PHE E 29 -30.63 -47.29 -40.81
N ILE E 30 -31.71 -46.61 -40.44
CA ILE E 30 -32.76 -47.12 -39.57
C ILE E 30 -34.01 -46.27 -39.83
N THR E 31 -35.14 -46.74 -39.33
CA THR E 31 -36.38 -45.98 -39.45
C THR E 31 -36.79 -45.45 -38.09
N GLN E 32 -37.87 -44.66 -38.09
CA GLN E 32 -38.39 -44.12 -36.85
C GLN E 32 -39.21 -45.14 -36.09
N GLU E 33 -39.81 -46.10 -36.78
CA GLU E 33 -40.42 -47.24 -36.11
C GLU E 33 -39.37 -48.01 -35.30
N GLU E 34 -38.12 -48.00 -35.75
CA GLU E 34 -37.01 -48.46 -34.92
C GLU E 34 -36.83 -47.60 -33.68
N VAL E 35 -37.04 -46.30 -33.77
CA VAL E 35 -36.95 -45.43 -32.60
C VAL E 35 -38.31 -45.21 -31.93
N GLU E 36 -39.41 -45.62 -32.55
CA GLU E 36 -40.73 -45.51 -31.93
C GLU E 36 -41.10 -46.90 -31.42
N LEU E 37 -40.97 -47.09 -30.11
CA LEU E 37 -41.33 -48.35 -29.47
C LEU E 37 -42.38 -48.12 -28.39
N PRO E 38 -43.57 -48.68 -28.51
CA PRO E 38 -44.44 -48.77 -27.35
C PRO E 38 -43.70 -49.45 -26.20
N LEU E 39 -43.77 -48.81 -25.04
CA LEU E 39 -43.09 -49.35 -23.86
C LEU E 39 -43.47 -50.81 -23.63
N GLU E 40 -44.70 -51.18 -23.95
CA GLU E 40 -45.11 -52.57 -23.89
C GLU E 40 -44.33 -53.44 -24.87
N ASP E 41 -44.08 -52.94 -26.08
CA ASP E 41 -43.33 -53.71 -27.07
C ASP E 41 -41.86 -53.82 -26.69
N PHE E 42 -41.27 -52.73 -26.21
CA PHE E 42 -39.97 -52.81 -25.56
C PHE E 42 -39.96 -53.89 -24.49
N LYS E 43 -41.01 -53.93 -23.66
CA LYS E 43 -41.19 -55.05 -22.74
C LYS E 43 -41.44 -56.36 -23.47
N ALA E 44 -42.30 -56.36 -24.48
CA ALA E 44 -42.48 -57.53 -25.33
C ALA E 44 -41.17 -57.98 -25.96
N LYS E 45 -40.17 -57.11 -26.01
CA LYS E 45 -38.86 -57.43 -26.53
C LYS E 45 -37.92 -57.98 -25.46
N TYR E 46 -37.44 -57.13 -24.56
CA TYR E 46 -36.40 -57.51 -23.60
C TYR E 46 -36.93 -57.83 -22.20
N CYS E 47 -38.24 -57.71 -21.96
CA CYS E 47 -38.79 -58.16 -20.70
C CYS E 47 -39.23 -59.61 -20.84
N ASP E 48 -38.60 -60.47 -20.04
CA ASP E 48 -38.63 -61.91 -20.23
C ASP E 48 -39.84 -62.52 -19.52
N SER E 49 -39.85 -63.85 -19.38
CA SER E 49 -40.86 -64.52 -18.56
C SER E 49 -41.01 -63.87 -17.19
N MET E 50 -39.90 -63.45 -16.59
CA MET E 50 -39.98 -62.64 -15.38
C MET E 50 -40.47 -61.23 -15.68
N GLY E 51 -40.27 -60.77 -16.91
CA GLY E 51 -40.54 -59.38 -17.23
C GLY E 51 -39.31 -58.54 -16.93
N ARG E 52 -38.25 -59.22 -16.64
CA ARG E 52 -36.94 -58.70 -16.27
C ARG E 52 -36.26 -58.05 -17.46
N PRO E 53 -35.57 -56.94 -17.23
CA PRO E 53 -34.82 -56.29 -18.32
C PRO E 53 -33.70 -57.18 -18.81
N GLN E 54 -33.20 -56.84 -19.99
CA GLN E 54 -32.07 -57.56 -20.57
C GLN E 54 -30.92 -56.61 -20.85
N ARG E 55 -29.81 -57.20 -21.29
CA ARG E 55 -28.60 -56.45 -21.54
C ARG E 55 -28.06 -56.79 -22.92
N LYS E 56 -27.67 -58.05 -23.09
CA LYS E 56 -26.95 -58.50 -24.28
C LYS E 56 -27.83 -58.60 -25.52
N MET E 57 -29.12 -58.94 -25.37
CA MET E 57 -29.98 -58.97 -26.53
C MET E 57 -30.34 -57.58 -27.04
N MET E 58 -30.15 -56.54 -26.23
CA MET E 58 -30.32 -55.17 -26.69
C MET E 58 -29.23 -54.77 -27.67
N SER E 59 -28.11 -55.47 -27.64
CA SER E 59 -26.99 -55.21 -28.55
C SER E 59 -27.42 -55.46 -29.98
N PHE E 60 -26.97 -54.62 -30.90
CA PHE E 60 -27.23 -54.84 -32.32
C PHE E 60 -26.17 -54.09 -33.12
N GLN E 61 -26.37 -54.03 -34.43
CA GLN E 61 -25.45 -53.37 -35.34
C GLN E 61 -26.15 -52.22 -36.03
N ALA E 62 -25.41 -51.16 -36.30
CA ALA E 62 -25.91 -49.98 -36.99
C ALA E 62 -25.03 -49.66 -38.18
N ASN E 63 -25.61 -49.65 -39.36
CA ASN E 63 -24.83 -49.39 -40.55
C ASN E 63 -25.27 -48.10 -41.21
N PRO E 64 -24.34 -47.37 -41.84
CA PRO E 64 -24.69 -46.11 -42.47
C PRO E 64 -25.54 -46.33 -43.71
N THR E 65 -25.83 -45.21 -44.37
CA THR E 65 -26.53 -45.27 -45.64
C THR E 65 -26.14 -44.07 -46.49
N GLU E 66 -26.00 -44.32 -47.79
CA GLU E 66 -26.10 -43.28 -48.81
C GLU E 66 -25.31 -42.03 -48.45
N GLU E 67 -26.01 -40.91 -48.23
CA GLU E 67 -25.39 -39.65 -47.87
C GLU E 67 -24.31 -39.81 -46.82
N SER E 68 -24.57 -40.58 -45.76
CA SER E 68 -23.53 -40.83 -44.76
C SER E 68 -22.22 -41.22 -45.40
N ILE E 69 -22.19 -42.33 -46.13
CA ILE E 69 -20.93 -42.75 -46.73
C ILE E 69 -20.49 -41.81 -47.85
N SER E 70 -21.42 -41.27 -48.64
CA SER E 70 -21.03 -40.23 -49.60
C SER E 70 -20.49 -39.00 -48.89
N LYS E 71 -21.36 -38.30 -48.16
CA LYS E 71 -20.99 -37.04 -47.51
C LYS E 71 -19.74 -37.22 -46.65
N PHE E 72 -19.71 -38.27 -45.84
CA PHE E 72 -18.50 -38.60 -45.12
C PHE E 72 -17.86 -39.77 -45.84
N PRO E 73 -16.77 -39.58 -46.59
CA PRO E 73 -16.29 -40.64 -47.48
C PRO E 73 -16.00 -41.94 -46.77
N ASP E 74 -15.52 -41.90 -45.53
CA ASP E 74 -15.44 -43.10 -44.72
C ASP E 74 -16.38 -42.95 -43.52
N MET E 75 -17.50 -43.66 -43.60
CA MET E 75 -18.17 -44.13 -42.40
C MET E 75 -18.72 -45.51 -42.72
N GLY E 76 -18.27 -46.51 -41.98
CA GLY E 76 -18.80 -47.85 -42.12
C GLY E 76 -19.72 -48.13 -40.97
N SER E 77 -20.20 -49.36 -40.84
CA SER E 77 -21.09 -49.67 -39.74
C SER E 77 -20.33 -49.55 -38.42
N LEU E 78 -21.09 -49.46 -37.35
CA LEU E 78 -20.58 -49.56 -36.00
C LEU E 78 -21.25 -50.73 -35.31
N TRP E 79 -20.88 -50.96 -34.06
CA TRP E 79 -21.60 -51.90 -33.23
C TRP E 79 -22.13 -51.14 -32.03
N VAL E 80 -23.36 -51.46 -31.62
CA VAL E 80 -23.93 -50.96 -30.39
C VAL E 80 -24.17 -52.13 -29.46
N GLU E 81 -23.82 -51.97 -28.20
CA GLU E 81 -24.14 -52.97 -27.20
C GLU E 81 -24.20 -52.30 -25.84
N PHE E 82 -24.30 -53.12 -24.80
CA PHE E 82 -24.34 -52.66 -23.43
C PHE E 82 -23.82 -53.80 -22.55
N CYS E 83 -23.25 -53.45 -21.41
CA CYS E 83 -22.69 -54.48 -20.55
C CYS E 83 -23.78 -55.18 -19.74
N ASP E 84 -23.37 -56.04 -18.83
CA ASP E 84 -24.30 -56.68 -17.92
C ASP E 84 -24.53 -55.85 -16.65
N GLU E 85 -23.48 -55.54 -15.90
CA GLU E 85 -23.55 -55.09 -14.54
C GLU E 85 -23.15 -53.63 -14.42
N PRO E 86 -23.78 -52.87 -13.51
CA PRO E 86 -23.27 -51.53 -13.22
C PRO E 86 -21.81 -51.52 -12.83
N SER E 87 -21.40 -52.45 -11.96
CA SER E 87 -19.98 -52.69 -11.73
C SER E 87 -19.42 -53.24 -13.04
N VAL E 88 -18.38 -52.56 -13.53
CA VAL E 88 -17.75 -52.95 -14.78
C VAL E 88 -16.29 -53.28 -14.50
N GLY E 89 -15.57 -53.70 -15.52
CA GLY E 89 -14.18 -54.06 -15.32
C GLY E 89 -13.47 -54.51 -16.58
N VAL E 90 -12.21 -54.92 -16.45
CA VAL E 90 -11.44 -55.34 -17.59
C VAL E 90 -12.09 -56.50 -18.34
N LYS E 91 -12.62 -57.49 -17.62
CA LYS E 91 -13.18 -58.67 -18.27
C LYS E 91 -14.30 -58.30 -19.22
N THR E 92 -15.31 -57.59 -18.73
CA THR E 92 -16.36 -57.13 -19.63
C THR E 92 -15.82 -56.17 -20.69
N MET E 93 -14.68 -55.52 -20.45
CA MET E 93 -14.00 -54.81 -21.51
C MET E 93 -13.35 -55.74 -22.52
N LYS E 94 -12.66 -56.78 -22.06
CA LYS E 94 -12.00 -57.70 -22.97
C LYS E 94 -12.96 -58.21 -24.04
N THR E 95 -14.02 -58.90 -23.60
CA THR E 95 -15.04 -59.38 -24.52
C THR E 95 -15.60 -58.27 -25.43
N PHE E 96 -15.62 -57.02 -24.97
CA PHE E 96 -15.95 -55.93 -25.87
C PHE E 96 -14.89 -55.75 -26.94
N VAL E 97 -13.62 -55.71 -26.53
CA VAL E 97 -12.52 -55.65 -27.48
C VAL E 97 -12.57 -56.87 -28.40
N ILE E 98 -12.98 -58.01 -27.85
CA ILE E 98 -13.24 -59.17 -28.70
C ILE E 98 -14.28 -58.82 -29.76
N HIS E 99 -15.39 -58.20 -29.35
CA HIS E 99 -16.35 -57.70 -30.33
C HIS E 99 -15.67 -56.78 -31.34
N ILE E 100 -14.63 -56.06 -30.90
CA ILE E 100 -13.90 -55.20 -31.83
C ILE E 100 -13.00 -56.03 -32.72
N GLN E 101 -12.77 -57.29 -32.38
CA GLN E 101 -11.89 -58.12 -33.20
C GLN E 101 -12.60 -58.61 -34.44
N GLU E 102 -13.65 -59.43 -34.29
CA GLU E 102 -14.37 -59.87 -35.47
C GLU E 102 -15.29 -58.77 -35.99
N LYS E 103 -15.89 -57.98 -35.10
CA LYS E 103 -16.82 -56.95 -35.53
C LYS E 103 -16.11 -55.72 -36.06
N ASN E 104 -15.03 -55.29 -35.43
CA ASN E 104 -14.22 -54.20 -35.97
C ASN E 104 -15.05 -52.95 -36.20
N PHE E 105 -15.29 -52.65 -37.48
CA PHE E 105 -15.94 -51.44 -37.97
C PHE E 105 -15.17 -50.18 -37.61
N GLN E 106 -15.86 -49.06 -37.44
CA GLN E 106 -15.20 -47.84 -36.98
C GLN E 106 -15.38 -47.55 -35.50
N THR E 107 -16.32 -48.19 -34.83
CA THR E 107 -16.47 -47.91 -33.41
C THR E 107 -17.52 -48.75 -32.66
N GLY E 108 -17.07 -49.39 -31.58
CA GLY E 108 -17.94 -50.18 -30.73
C GLY E 108 -18.44 -49.20 -29.69
N ILE E 109 -19.75 -49.12 -29.50
CA ILE E 109 -20.29 -48.15 -28.56
C ILE E 109 -21.14 -48.93 -27.55
N PHE E 110 -20.84 -48.70 -26.27
CA PHE E 110 -21.68 -49.27 -25.25
C PHE E 110 -21.70 -48.31 -24.08
N VAL E 111 -22.67 -48.53 -23.19
CA VAL E 111 -22.97 -47.60 -22.12
C VAL E 111 -22.68 -48.31 -20.81
N TYR E 112 -22.35 -47.55 -19.78
CA TYR E 112 -22.26 -48.15 -18.46
C TYR E 112 -23.66 -48.24 -17.88
N GLN E 113 -23.80 -48.89 -16.73
CA GLN E 113 -25.08 -48.95 -16.04
C GLN E 113 -25.04 -48.00 -14.85
N ASN E 114 -24.12 -48.23 -13.93
CA ASN E 114 -23.99 -47.38 -12.76
C ASN E 114 -22.60 -47.22 -12.12
N ASN E 115 -21.65 -48.01 -12.58
CA ASN E 115 -20.26 -47.90 -12.13
C ASN E 115 -19.33 -47.79 -13.32
N ILE E 116 -18.33 -46.93 -13.23
CA ILE E 116 -17.41 -46.69 -14.33
C ILE E 116 -15.99 -46.76 -13.79
N THR E 117 -15.54 -47.98 -13.50
CA THR E 117 -14.20 -48.20 -12.97
C THR E 117 -13.08 -47.59 -13.82
N PRO E 118 -12.13 -46.93 -13.17
CA PRO E 118 -10.95 -46.28 -13.77
C PRO E 118 -10.00 -47.28 -14.42
N SER E 119 -10.00 -48.53 -13.96
CA SER E 119 -9.30 -49.58 -14.69
C SER E 119 -9.80 -49.68 -16.12
N ALA E 120 -11.10 -49.52 -16.32
CA ALA E 120 -11.63 -49.44 -17.67
C ALA E 120 -11.13 -48.23 -18.43
N MET E 121 -10.84 -47.13 -17.73
CA MET E 121 -10.29 -45.94 -18.34
C MET E 121 -8.80 -46.01 -18.58
N LYS E 122 -8.06 -46.80 -17.78
CA LYS E 122 -6.61 -46.86 -17.94
C LYS E 122 -6.24 -47.13 -19.39
N LEU E 123 -6.62 -48.30 -19.91
CA LEU E 123 -6.88 -48.42 -21.34
C LEU E 123 -8.38 -48.47 -21.48
N VAL E 124 -8.98 -47.34 -21.82
CA VAL E 124 -10.26 -47.34 -22.52
C VAL E 124 -10.06 -47.55 -24.02
N PRO E 125 -9.20 -46.77 -24.71
CA PRO E 125 -9.28 -46.76 -26.18
C PRO E 125 -8.24 -47.68 -26.82
N SER E 126 -8.45 -48.99 -26.75
CA SER E 126 -7.49 -49.95 -27.28
C SER E 126 -7.20 -49.76 -28.76
N ILE E 127 -8.18 -50.03 -29.63
CA ILE E 127 -7.97 -50.20 -31.06
C ILE E 127 -7.96 -48.83 -31.73
N PRO E 128 -6.83 -48.42 -32.28
CA PRO E 128 -6.72 -47.09 -32.91
C PRO E 128 -7.58 -46.95 -34.16
N PRO E 129 -7.59 -47.90 -35.09
CA PRO E 129 -8.37 -47.70 -36.32
C PRO E 129 -9.86 -47.56 -36.09
N ALA E 130 -10.45 -48.36 -35.20
CA ALA E 130 -11.80 -48.10 -34.74
C ALA E 130 -11.74 -47.17 -33.55
N THR E 131 -12.86 -46.95 -32.88
CA THR E 131 -12.86 -46.18 -31.65
C THR E 131 -13.94 -46.75 -30.73
N ILE E 132 -14.19 -46.05 -29.63
CA ILE E 132 -15.17 -46.47 -28.66
C ILE E 132 -16.04 -45.27 -28.30
N GLU E 133 -17.19 -45.56 -27.69
CA GLU E 133 -18.04 -44.50 -27.18
C GLU E 133 -18.62 -44.99 -25.85
N THR E 134 -18.45 -44.20 -24.79
CA THR E 134 -18.86 -44.60 -23.46
C THR E 134 -19.87 -43.64 -22.88
N PHE E 135 -20.81 -44.18 -22.11
CA PHE E 135 -21.79 -43.38 -21.39
C PHE E 135 -22.22 -44.18 -20.15
N ASN E 136 -22.87 -43.49 -19.23
CA ASN E 136 -23.57 -44.15 -18.15
C ASN E 136 -25.05 -44.23 -18.50
N GLU E 137 -25.66 -45.37 -18.19
CA GLU E 137 -27.08 -45.57 -18.51
C GLU E 137 -27.92 -44.45 -17.91
N ALA E 138 -27.91 -44.33 -16.58
CA ALA E 138 -28.61 -43.25 -15.92
C ALA E 138 -28.24 -41.89 -16.48
N ALA E 139 -27.01 -41.72 -16.99
CA ALA E 139 -26.62 -40.43 -17.54
C ALA E 139 -27.41 -40.11 -18.80
N LEU E 140 -27.64 -41.09 -19.66
CA LEU E 140 -28.41 -40.89 -20.89
C LEU E 140 -29.85 -41.25 -20.60
N VAL E 141 -30.72 -40.25 -20.56
CA VAL E 141 -32.14 -40.50 -20.32
C VAL E 141 -32.99 -39.76 -21.36
N VAL E 142 -32.99 -38.43 -21.30
CA VAL E 142 -33.59 -37.62 -22.36
C VAL E 142 -32.47 -36.98 -23.15
N ASN E 143 -32.54 -37.11 -24.47
CA ASN E 143 -31.44 -36.68 -25.32
C ASN E 143 -31.22 -35.19 -25.19
N ILE E 144 -29.99 -34.80 -24.88
CA ILE E 144 -29.67 -33.39 -24.69
C ILE E 144 -30.01 -32.61 -25.94
N THR E 145 -29.72 -33.16 -27.11
CA THR E 145 -30.00 -32.47 -28.36
C THR E 145 -31.42 -31.96 -28.46
N HIS E 146 -32.40 -32.75 -28.04
CA HIS E 146 -33.79 -32.46 -28.32
C HIS E 146 -34.39 -31.68 -27.16
N HIS E 147 -33.56 -31.24 -26.22
CA HIS E 147 -34.12 -30.76 -24.96
C HIS E 147 -34.89 -29.46 -25.17
N GLU E 148 -34.23 -28.32 -25.01
CA GLU E 148 -34.71 -27.08 -25.58
C GLU E 148 -33.47 -26.29 -25.90
N LEU E 149 -32.74 -25.93 -24.84
CA LEU E 149 -31.65 -24.98 -24.84
C LEU E 149 -30.61 -25.24 -25.92
N VAL E 150 -30.09 -26.45 -26.02
CA VAL E 150 -29.12 -26.79 -27.08
C VAL E 150 -29.84 -26.65 -28.41
N PRO E 151 -29.46 -25.71 -29.26
CA PRO E 151 -30.04 -25.64 -30.60
C PRO E 151 -29.35 -26.67 -31.47
N LYS E 152 -29.80 -26.76 -32.71
CA LYS E 152 -29.35 -27.85 -33.57
C LYS E 152 -27.91 -27.64 -33.99
N HIS E 153 -27.10 -28.68 -33.84
CA HIS E 153 -25.73 -28.72 -34.31
C HIS E 153 -25.66 -29.55 -35.58
N ILE E 154 -24.80 -29.14 -36.52
CA ILE E 154 -24.62 -29.88 -37.77
C ILE E 154 -23.15 -30.17 -37.98
N ARG E 155 -22.81 -31.45 -37.92
CA ARG E 155 -21.52 -31.93 -38.34
C ARG E 155 -21.35 -31.65 -39.82
N LEU E 156 -20.15 -31.25 -40.22
CA LEU E 156 -19.93 -30.89 -41.61
C LEU E 156 -18.71 -31.63 -42.19
N SER E 157 -18.81 -31.96 -43.47
CA SER E 157 -17.86 -32.84 -44.13
C SER E 157 -16.49 -32.18 -44.24
N SER E 158 -15.47 -33.02 -44.39
CA SER E 158 -14.10 -32.52 -44.52
C SER E 158 -13.98 -31.52 -45.67
N ASP E 159 -14.41 -31.90 -46.86
CA ASP E 159 -14.40 -30.96 -47.97
C ASP E 159 -15.24 -29.73 -47.65
N GLU E 160 -16.34 -29.92 -46.93
CA GLU E 160 -17.12 -28.77 -46.49
C GLU E 160 -16.32 -27.87 -45.57
N LYS E 161 -15.61 -28.47 -44.61
CA LYS E 161 -14.73 -27.70 -43.73
C LYS E 161 -13.72 -26.89 -44.53
N ARG E 162 -12.86 -27.57 -45.27
CA ARG E 162 -11.85 -26.90 -46.07
C ARG E 162 -12.47 -25.82 -46.95
N GLU E 163 -13.69 -26.05 -47.45
CA GLU E 163 -14.38 -25.00 -48.18
C GLU E 163 -14.69 -23.81 -47.29
N LEU E 164 -15.15 -24.06 -46.07
CA LEU E 164 -15.39 -22.97 -45.14
C LEU E 164 -14.13 -22.16 -44.90
N LEU E 165 -12.99 -22.83 -44.77
CA LEU E 165 -11.75 -22.09 -44.65
C LEU E 165 -11.40 -21.33 -45.91
N LYS E 166 -11.70 -21.87 -47.09
CA LYS E 166 -11.64 -21.09 -48.33
C LYS E 166 -12.46 -19.81 -48.23
N ARG E 167 -13.65 -19.90 -47.64
CA ARG E 167 -14.48 -18.71 -47.48
C ARG E 167 -13.77 -17.63 -46.70
N TYR E 168 -13.52 -17.87 -45.43
CA TYR E 168 -12.98 -16.84 -44.55
C TYR E 168 -11.47 -16.78 -44.56
N ARG E 169 -10.81 -17.57 -45.40
CA ARG E 169 -9.36 -17.56 -45.57
C ARG E 169 -8.66 -17.67 -44.21
N LEU E 170 -9.20 -18.58 -43.42
CA LEU E 170 -8.73 -18.85 -42.08
C LEU E 170 -7.87 -20.10 -42.07
N LYS E 171 -6.73 -19.99 -41.39
CA LYS E 171 -5.92 -21.15 -41.08
C LYS E 171 -6.61 -21.92 -39.96
N GLU E 172 -6.00 -23.02 -39.51
CA GLU E 172 -6.65 -23.81 -38.49
C GLU E 172 -6.53 -23.10 -37.14
N SER E 173 -6.98 -23.78 -36.09
CA SER E 173 -7.09 -23.21 -34.75
C SER E 173 -7.99 -21.96 -34.86
N GLN E 174 -7.69 -20.91 -34.10
CA GLN E 174 -8.32 -19.59 -34.21
C GLN E 174 -9.83 -19.67 -34.41
N LEU E 175 -10.50 -20.58 -33.72
CA LEU E 175 -11.95 -20.74 -33.80
C LEU E 175 -12.52 -21.01 -32.43
N PRO E 176 -13.81 -20.72 -32.24
CA PRO E 176 -14.50 -21.22 -31.04
C PRO E 176 -14.41 -22.73 -31.01
N ARG E 177 -14.29 -23.27 -29.81
CA ARG E 177 -13.97 -24.69 -29.72
C ARG E 177 -15.06 -25.45 -28.99
N ILE E 178 -14.89 -26.78 -28.94
CA ILE E 178 -15.70 -27.66 -28.12
C ILE E 178 -14.78 -28.64 -27.43
N GLN E 179 -14.75 -28.60 -26.11
CA GLN E 179 -13.90 -29.51 -25.36
C GLN E 179 -14.31 -30.94 -25.66
N ARG E 180 -13.32 -31.74 -26.06
CA ARG E 180 -13.57 -33.14 -26.35
C ARG E 180 -14.24 -33.78 -25.14
N ALA E 181 -15.14 -34.72 -25.43
CA ALA E 181 -16.04 -35.27 -24.43
C ALA E 181 -17.01 -34.21 -23.90
N ASP E 182 -17.34 -33.23 -24.72
CA ASP E 182 -18.55 -32.50 -24.38
C ASP E 182 -19.76 -33.39 -24.63
N PRO E 183 -20.68 -33.48 -23.67
CA PRO E 183 -21.84 -34.37 -23.84
C PRO E 183 -22.59 -34.14 -25.14
N VAL E 184 -22.89 -32.89 -25.49
CA VAL E 184 -23.51 -32.61 -26.77
C VAL E 184 -22.61 -33.05 -27.92
N ALA E 185 -21.33 -32.67 -27.87
CA ALA E 185 -20.39 -33.23 -28.83
C ALA E 185 -20.36 -34.74 -28.77
N LEU E 186 -20.38 -35.31 -27.56
CA LEU E 186 -20.50 -36.75 -27.44
C LEU E 186 -21.80 -37.26 -28.04
N TYR E 187 -22.88 -36.48 -27.92
CA TYR E 187 -24.11 -36.88 -28.59
C TYR E 187 -23.87 -37.04 -30.08
N LEU E 188 -23.15 -36.09 -30.67
CA LEU E 188 -22.74 -36.26 -32.06
C LEU E 188 -21.47 -37.08 -32.17
N GLY E 189 -20.75 -37.27 -31.07
CA GLY E 189 -19.62 -38.17 -31.05
C GLY E 189 -18.51 -37.80 -32.01
N LEU E 190 -17.99 -36.58 -31.86
CA LEU E 190 -17.02 -36.02 -32.78
C LEU E 190 -15.66 -36.69 -32.58
N LYS E 191 -14.68 -36.24 -33.36
CA LYS E 191 -13.28 -36.60 -33.22
C LYS E 191 -12.45 -35.33 -33.37
N ARG E 192 -11.12 -35.48 -33.38
CA ARG E 192 -10.23 -34.33 -33.35
C ARG E 192 -10.47 -33.41 -34.53
N GLY E 193 -10.30 -32.10 -34.31
CA GLY E 193 -10.30 -31.11 -35.36
C GLY E 193 -11.57 -31.04 -36.18
N GLU E 194 -12.63 -31.66 -35.70
CA GLU E 194 -13.89 -31.69 -36.44
C GLU E 194 -14.69 -30.46 -36.08
N VAL E 195 -15.34 -29.88 -37.08
CA VAL E 195 -16.03 -28.60 -36.94
C VAL E 195 -17.52 -28.80 -37.08
N VAL E 196 -18.29 -28.14 -36.23
CA VAL E 196 -19.74 -28.17 -36.28
C VAL E 196 -20.23 -26.77 -36.62
N LYS E 197 -21.24 -26.73 -37.48
CA LYS E 197 -21.98 -25.51 -37.78
C LYS E 197 -23.21 -25.53 -36.89
N ILE E 198 -23.26 -24.63 -35.93
CA ILE E 198 -24.30 -24.62 -34.91
C ILE E 198 -25.30 -23.52 -35.27
N ILE E 199 -26.57 -23.88 -35.33
CA ILE E 199 -27.60 -22.92 -35.70
C ILE E 199 -28.27 -22.45 -34.42
N ARG E 200 -27.98 -21.22 -34.02
CA ARG E 200 -28.70 -20.57 -32.94
C ARG E 200 -29.93 -19.88 -33.51
N LYS E 201 -31.08 -20.31 -33.03
CA LYS E 201 -32.33 -19.59 -33.27
C LYS E 201 -32.70 -18.89 -31.96
N SER E 202 -32.51 -17.58 -31.96
CA SER E 202 -32.82 -16.72 -30.84
C SER E 202 -33.49 -15.48 -31.42
N GLU E 203 -34.52 -14.98 -30.73
CA GLU E 203 -35.16 -13.80 -31.29
C GLU E 203 -34.41 -12.59 -30.75
N THR E 204 -33.47 -12.15 -31.57
CA THR E 204 -32.76 -10.88 -31.42
C THR E 204 -32.64 -10.18 -32.76
N SER E 205 -31.76 -10.69 -33.64
CA SER E 205 -31.94 -10.57 -35.07
C SER E 205 -32.85 -11.63 -35.64
N GLY E 206 -32.68 -12.89 -35.28
CA GLY E 206 -33.42 -14.01 -35.83
C GLY E 206 -32.54 -15.23 -35.85
N ARG E 207 -32.96 -16.24 -36.61
CA ARG E 207 -32.18 -17.45 -36.77
C ARG E 207 -30.88 -17.14 -37.53
N TYR E 208 -29.78 -17.69 -37.02
CA TYR E 208 -28.53 -17.70 -37.80
C TYR E 208 -27.61 -18.73 -37.17
N ALA E 209 -26.37 -18.77 -37.64
CA ALA E 209 -25.47 -19.85 -37.25
C ALA E 209 -24.05 -19.33 -37.06
N SER E 210 -23.23 -20.19 -36.47
CA SER E 210 -21.80 -19.95 -36.28
C SER E 210 -21.10 -21.31 -36.32
N TYR E 211 -19.83 -21.34 -35.94
CA TYR E 211 -19.06 -22.57 -36.02
C TYR E 211 -18.30 -22.82 -34.73
N ARG E 212 -17.98 -24.09 -34.46
CA ARG E 212 -17.07 -24.47 -33.38
C ARG E 212 -16.24 -25.65 -33.83
N ILE E 213 -15.16 -25.92 -33.13
CA ILE E 213 -14.30 -27.05 -33.43
C ILE E 213 -14.15 -27.89 -32.16
N CYS E 214 -13.74 -29.14 -32.31
CA CYS E 214 -13.59 -30.01 -31.16
C CYS E 214 -12.15 -30.04 -30.70
N MET E 215 -11.89 -29.47 -29.54
CA MET E 215 -10.56 -29.45 -28.95
C MET E 215 -10.53 -30.36 -27.72
N GLU F 71 -0.54 -12.43 -49.72
CA GLU F 71 -0.04 -11.34 -48.89
C GLU F 71 0.42 -10.18 -49.76
N LYS F 72 -0.31 -9.92 -50.83
CA LYS F 72 0.06 -8.90 -51.80
C LYS F 72 -1.15 -8.05 -52.16
N ALA F 73 -0.98 -7.17 -53.14
CA ALA F 73 -2.04 -6.28 -53.57
C ALA F 73 -3.20 -7.05 -54.22
N ILE F 74 -4.41 -6.66 -53.84
CA ILE F 74 -5.62 -7.22 -54.42
C ILE F 74 -5.99 -6.43 -55.67
N PRO F 75 -6.41 -7.08 -56.74
CA PRO F 75 -6.83 -6.33 -57.93
C PRO F 75 -8.04 -5.45 -57.63
N LYS F 76 -7.96 -4.22 -58.13
CA LYS F 76 -9.04 -3.25 -58.03
C LYS F 76 -10.37 -3.78 -58.55
N ASP F 77 -10.34 -4.71 -59.50
CA ASP F 77 -11.57 -5.28 -60.02
C ASP F 77 -12.44 -5.87 -58.92
N GLN F 78 -11.85 -6.64 -58.01
CA GLN F 78 -12.58 -7.24 -56.92
C GLN F 78 -12.32 -6.45 -55.64
N ARG F 79 -13.40 -5.96 -55.03
CA ARG F 79 -13.32 -5.24 -53.78
C ARG F 79 -14.33 -5.83 -52.81
N ALA F 80 -13.82 -6.45 -51.74
CA ALA F 80 -14.67 -6.91 -50.66
C ALA F 80 -14.42 -5.96 -49.48
N THR F 81 -15.38 -5.08 -49.23
CA THR F 81 -15.25 -4.00 -48.26
C THR F 81 -16.54 -3.19 -48.35
N THR F 82 -16.77 -2.33 -47.38
CA THR F 82 -17.84 -1.35 -47.49
C THR F 82 -17.28 -0.05 -48.06
N PRO F 83 -17.75 0.40 -49.22
CA PRO F 83 -17.19 1.61 -49.84
C PRO F 83 -17.35 2.87 -49.01
N TYR F 84 -18.15 2.86 -47.95
CA TYR F 84 -18.32 4.05 -47.14
C TYR F 84 -17.07 4.31 -46.29
N MET F 85 -17.12 5.39 -45.52
CA MET F 85 -16.03 5.77 -44.63
C MET F 85 -15.97 4.84 -43.42
N THR F 86 -14.80 4.81 -42.78
CA THR F 86 -14.59 4.01 -41.59
C THR F 86 -14.98 4.78 -40.33
N LYS F 87 -15.09 6.10 -40.44
CA LYS F 87 -15.20 7.04 -39.32
C LYS F 87 -13.90 7.05 -38.52
N TYR F 88 -13.07 6.03 -38.67
CA TYR F 88 -11.65 6.22 -38.37
C TYR F 88 -10.92 6.57 -39.64
N GLU F 89 -11.58 6.35 -40.78
CA GLU F 89 -11.21 7.03 -42.02
C GLU F 89 -11.12 8.53 -41.78
N ARG F 90 -12.25 9.15 -41.46
CA ARG F 90 -12.27 10.57 -41.16
C ARG F 90 -11.17 10.92 -40.17
N ALA F 91 -10.98 10.09 -39.15
CA ALA F 91 -9.93 10.31 -38.17
C ALA F 91 -8.55 10.40 -38.78
N ARG F 92 -7.99 9.30 -39.25
CA ARG F 92 -6.59 9.34 -39.65
C ARG F 92 -6.39 10.10 -40.95
N ILE F 93 -7.34 10.00 -41.88
CA ILE F 93 -7.26 10.82 -43.08
C ILE F 93 -7.11 12.29 -42.71
N LEU F 94 -8.06 12.80 -41.91
CA LEU F 94 -7.91 14.17 -41.47
C LEU F 94 -6.59 14.40 -40.76
N GLY F 95 -6.38 13.78 -39.60
CA GLY F 95 -5.19 14.06 -38.82
C GLY F 95 -3.89 14.00 -39.59
N THR F 96 -3.67 12.91 -40.33
CA THR F 96 -2.54 12.82 -41.22
C THR F 96 -2.43 14.01 -42.16
N ARG F 97 -3.51 14.30 -42.90
CA ARG F 97 -3.47 15.43 -43.81
C ARG F 97 -3.10 16.70 -43.07
N ALA F 98 -3.63 16.86 -41.86
CA ALA F 98 -3.30 18.01 -41.04
C ALA F 98 -1.81 18.11 -40.80
N LEU F 99 -1.23 17.13 -40.11
CA LEU F 99 0.20 17.20 -39.81
C LEU F 99 0.99 17.46 -41.09
N GLN F 100 0.55 16.89 -42.21
CA GLN F 100 1.15 17.27 -43.48
C GLN F 100 1.09 18.79 -43.68
N ILE F 101 -0.07 19.39 -43.45
CA ILE F 101 -0.17 20.83 -43.60
C ILE F 101 0.79 21.53 -42.66
N SER F 102 0.87 21.06 -41.40
CA SER F 102 1.78 21.67 -40.43
C SER F 102 3.22 21.61 -40.90
N MET F 103 3.57 20.63 -41.73
CA MET F 103 4.90 20.52 -42.32
C MET F 103 5.02 21.28 -43.62
N ASN F 104 4.01 22.09 -43.95
CA ASN F 104 4.05 22.94 -45.14
C ASN F 104 4.06 22.11 -46.41
N ALA F 105 2.94 21.47 -46.73
CA ALA F 105 2.78 20.78 -47.98
C ALA F 105 1.74 21.56 -48.76
N PRO F 106 1.81 21.57 -50.09
CA PRO F 106 0.88 22.39 -50.87
C PRO F 106 -0.55 21.91 -50.71
N VAL F 107 -1.43 22.85 -50.41
CA VAL F 107 -2.84 22.55 -50.29
C VAL F 107 -3.45 22.51 -51.69
N PHE F 108 -4.50 21.71 -51.84
CA PHE F 108 -5.14 21.53 -53.13
C PHE F 108 -6.40 22.36 -53.31
N VAL F 109 -6.80 23.14 -52.32
CA VAL F 109 -8.05 23.88 -52.38
C VAL F 109 -7.76 25.35 -52.18
N ASP F 110 -8.64 26.19 -52.71
CA ASP F 110 -8.67 27.60 -52.31
C ASP F 110 -8.81 27.66 -50.80
N LEU F 111 -7.93 28.41 -50.15
CA LEU F 111 -7.93 28.51 -48.69
C LEU F 111 -8.41 29.90 -48.30
N GLU F 112 -9.49 29.96 -47.53
CA GLU F 112 -10.06 31.24 -47.14
C GLU F 112 -9.17 31.92 -46.11
N GLY F 113 -9.60 33.08 -45.64
CA GLY F 113 -8.72 33.93 -44.85
C GLY F 113 -8.22 33.34 -43.55
N GLU F 114 -8.75 32.17 -43.18
CA GLU F 114 -8.39 31.50 -41.93
C GLU F 114 -7.11 30.68 -42.08
N THR F 115 -6.87 29.76 -41.14
CA THR F 115 -5.66 28.94 -41.19
C THR F 115 -5.69 27.61 -40.43
N ASP F 116 -4.57 27.35 -39.76
CA ASP F 116 -4.30 26.13 -38.98
C ASP F 116 -4.49 24.90 -39.87
N PRO F 117 -3.79 23.81 -39.57
CA PRO F 117 -3.90 22.64 -40.45
C PRO F 117 -5.26 21.97 -40.41
N LEU F 118 -5.84 21.82 -39.23
CA LEU F 118 -7.02 20.97 -39.11
C LEU F 118 -8.20 21.54 -39.87
N ARG F 119 -8.56 22.79 -39.56
CA ARG F 119 -9.77 23.35 -40.14
C ARG F 119 -9.70 23.45 -41.64
N ILE F 120 -8.50 23.70 -42.20
CA ILE F 120 -8.38 23.73 -43.64
C ILE F 120 -8.36 22.33 -44.20
N ALA F 121 -7.90 21.35 -43.42
CA ALA F 121 -7.97 19.96 -43.88
C ALA F 121 -9.41 19.51 -44.03
N MET F 122 -10.23 19.81 -43.02
CA MET F 122 -11.67 19.63 -43.15
C MET F 122 -12.17 20.24 -44.46
N LYS F 123 -11.78 21.48 -44.72
CA LYS F 123 -12.16 22.14 -45.96
C LYS F 123 -11.69 21.35 -47.17
N GLU F 124 -10.57 20.66 -47.06
CA GLU F 124 -10.10 19.84 -48.18
C GLU F 124 -11.01 18.65 -48.40
N LEU F 125 -11.27 17.88 -47.34
CA LEU F 125 -12.07 16.68 -47.51
C LEU F 125 -13.48 17.02 -47.95
N ALA F 126 -13.95 18.22 -47.61
CA ALA F 126 -15.16 18.72 -48.26
C ALA F 126 -15.04 18.65 -49.78
N GLU F 127 -13.89 19.06 -50.31
CA GLU F 127 -13.62 18.99 -51.74
C GLU F 127 -13.09 17.64 -52.18
N LYS F 128 -12.71 16.78 -51.23
CA LYS F 128 -12.31 15.40 -51.52
C LYS F 128 -11.06 15.37 -52.39
N LYS F 129 -10.12 16.26 -52.06
CA LYS F 129 -8.92 16.45 -52.86
C LYS F 129 -7.71 15.70 -52.29
N ILE F 130 -7.87 15.01 -51.18
CA ILE F 130 -6.78 14.29 -50.52
C ILE F 130 -6.28 13.22 -51.47
N PRO F 131 -5.01 13.21 -51.85
CA PRO F 131 -4.45 12.20 -52.76
C PRO F 131 -3.90 10.99 -52.02
N LEU F 132 -4.72 10.39 -51.17
CA LEU F 132 -4.26 9.30 -50.33
C LEU F 132 -5.12 8.07 -50.51
N VAL F 133 -4.58 6.95 -50.05
CA VAL F 133 -5.24 5.66 -50.12
C VAL F 133 -5.13 4.99 -48.77
N ILE F 134 -6.28 4.69 -48.16
CA ILE F 134 -6.31 3.82 -47.00
C ILE F 134 -5.94 2.42 -47.47
N ARG F 135 -4.88 1.87 -46.88
CA ARG F 135 -4.53 0.47 -47.03
C ARG F 135 -5.28 -0.28 -45.96
N ARG F 136 -5.82 -1.44 -46.29
CA ARG F 136 -6.58 -2.17 -45.29
C ARG F 136 -6.10 -3.61 -45.15
N TYR F 137 -5.97 -4.05 -43.91
CA TYR F 137 -5.47 -5.38 -43.59
C TYR F 137 -6.65 -6.30 -43.28
N LEU F 138 -6.93 -7.22 -44.18
CA LEU F 138 -7.74 -8.34 -43.78
C LEU F 138 -6.93 -9.22 -42.83
N PRO F 139 -7.60 -9.93 -41.93
CA PRO F 139 -6.85 -10.64 -40.88
C PRO F 139 -5.87 -11.66 -41.42
N ASP F 140 -6.08 -12.16 -42.63
CA ASP F 140 -5.18 -13.15 -43.22
C ASP F 140 -3.95 -12.52 -43.87
N GLY F 141 -3.84 -11.19 -43.86
CA GLY F 141 -2.72 -10.53 -44.48
C GLY F 141 -2.90 -10.35 -45.97
N SER F 142 -4.16 -10.31 -46.42
CA SER F 142 -4.49 -10.21 -47.83
C SER F 142 -4.57 -8.77 -48.32
N PHE F 143 -4.16 -7.82 -47.49
CA PHE F 143 -4.02 -6.40 -47.84
C PHE F 143 -5.37 -5.81 -48.24
N GLU F 144 -5.37 -4.66 -48.94
CA GLU F 144 -6.53 -4.00 -49.52
C GLU F 144 -6.12 -2.56 -49.85
N ASP F 145 -6.86 -1.94 -50.78
CA ASP F 145 -6.59 -0.56 -51.19
C ASP F 145 -7.89 0.20 -51.43
N TRP F 146 -7.99 1.40 -50.87
CA TRP F 146 -9.09 2.29 -51.22
C TRP F 146 -8.57 3.72 -51.30
N SER F 147 -8.75 4.38 -52.43
CA SER F 147 -8.46 5.80 -52.46
C SER F 147 -9.61 6.60 -51.86
N VAL F 148 -9.27 7.76 -51.32
CA VAL F 148 -10.30 8.71 -50.88
C VAL F 148 -11.32 8.93 -51.98
N GLU F 149 -10.87 9.45 -53.11
CA GLU F 149 -11.74 9.68 -54.25
C GLU F 149 -12.54 8.43 -54.62
N GLU F 150 -11.92 7.25 -54.53
CA GLU F 150 -12.68 6.02 -54.65
C GLU F 150 -13.80 5.94 -53.62
N LEU F 151 -13.50 6.28 -52.38
CA LEU F 151 -14.39 6.03 -51.26
C LEU F 151 -15.49 7.08 -51.26
N ILE F 152 -16.65 6.73 -50.71
CA ILE F 152 -17.78 7.64 -50.63
C ILE F 152 -18.12 7.93 -49.18
N VAL F 153 -18.45 9.19 -48.90
CA VAL F 153 -18.71 9.66 -47.55
C VAL F 153 -19.77 8.84 -46.86
N PHE G 2 33.06 3.89 -60.70
CA PHE G 2 33.10 3.22 -61.99
C PHE G 2 31.84 2.42 -62.29
N ILE G 3 31.77 1.21 -61.75
CA ILE G 3 30.81 0.21 -62.21
C ILE G 3 29.45 0.42 -61.57
N LEU G 4 28.55 -0.54 -61.79
CA LEU G 4 27.14 -0.44 -61.44
C LEU G 4 26.82 -1.45 -60.36
N SER G 5 25.77 -1.18 -59.58
CA SER G 5 25.31 -2.12 -58.57
C SER G 5 23.80 -2.01 -58.40
N LYS G 6 23.16 -3.14 -58.13
CA LYS G 6 21.73 -3.19 -57.86
C LYS G 6 21.53 -3.21 -56.35
N ILE G 7 20.97 -2.14 -55.80
CA ILE G 7 20.81 -1.97 -54.36
C ILE G 7 19.42 -1.41 -54.08
N ALA G 8 18.93 -1.68 -52.87
CA ALA G 8 17.60 -1.28 -52.44
C ALA G 8 17.70 -0.51 -51.14
N ASP G 9 16.72 0.36 -50.91
CA ASP G 9 16.66 1.13 -49.67
C ASP G 9 15.30 1.79 -49.58
N LEU G 10 15.07 2.46 -48.45
CA LEU G 10 13.89 3.28 -48.23
C LEU G 10 14.37 4.72 -48.01
N VAL G 11 13.60 5.67 -48.53
CA VAL G 11 13.88 7.08 -48.32
C VAL G 11 12.66 7.71 -47.66
N ARG G 12 12.92 8.56 -46.68
CA ARG G 12 11.92 9.42 -46.08
C ARG G 12 11.78 10.64 -46.98
N ILE G 13 10.59 10.85 -47.52
CA ILE G 13 10.28 12.06 -48.26
C ILE G 13 9.51 13.00 -47.34
N PRO G 14 10.07 14.14 -46.98
CA PRO G 14 9.32 15.16 -46.28
C PRO G 14 8.21 15.67 -47.16
N PRO G 15 7.15 16.21 -46.57
CA PRO G 15 5.99 16.63 -47.37
C PRO G 15 6.29 17.75 -48.34
N ASP G 16 7.26 18.62 -48.01
CA ASP G 16 7.50 19.81 -48.82
C ASP G 16 7.62 19.47 -50.30
N GLN G 17 8.49 18.54 -50.64
CA GLN G 17 8.85 18.22 -52.01
C GLN G 17 7.67 17.64 -52.80
N PHE G 18 6.54 17.36 -52.15
CA PHE G 18 5.38 16.88 -52.89
C PHE G 18 5.05 17.79 -54.06
N HIS G 19 5.25 19.10 -53.90
CA HIS G 19 5.09 20.00 -55.04
C HIS G 19 6.07 19.66 -56.14
N ARG G 20 7.31 19.35 -55.80
CA ARG G 20 8.34 19.00 -56.75
C ARG G 20 8.07 17.62 -57.34
N ASP G 21 8.72 17.34 -58.47
CA ASP G 21 8.68 16.02 -59.07
C ASP G 21 9.00 14.94 -58.04
N THR G 22 8.19 13.88 -58.08
CA THR G 22 8.42 12.75 -57.20
C THR G 22 9.82 12.17 -57.41
N ILE G 23 10.03 11.52 -58.56
CA ILE G 23 11.27 10.80 -58.80
C ILE G 23 12.49 11.71 -58.68
N SER G 24 12.37 12.98 -59.05
CA SER G 24 13.50 13.88 -58.95
C SER G 24 13.91 14.13 -57.51
N ALA G 25 12.97 14.56 -56.66
CA ALA G 25 13.24 14.69 -55.24
C ALA G 25 13.72 13.39 -54.63
N ILE G 26 13.16 12.26 -55.08
CA ILE G 26 13.71 10.97 -54.70
C ILE G 26 15.21 10.95 -54.95
N THR G 27 15.61 11.08 -56.22
CA THR G 27 17.03 11.11 -56.57
C THR G 27 17.78 12.12 -55.71
N HIS G 28 17.17 13.29 -55.48
CA HIS G 28 17.83 14.29 -54.66
C HIS G 28 18.20 13.73 -53.30
N GLN G 29 17.23 13.20 -52.56
CA GLN G 29 17.53 12.65 -51.25
C GLN G 29 18.41 11.42 -51.36
N LEU G 30 18.39 10.73 -52.50
CA LEU G 30 19.31 9.61 -52.70
C LEU G 30 20.75 10.08 -52.66
N ASN G 31 21.09 11.10 -53.45
CA ASN G 31 22.45 11.61 -53.42
C ASN G 31 22.73 12.30 -52.09
N ASN G 32 21.76 13.02 -51.54
CA ASN G 32 21.92 13.56 -50.20
C ASN G 32 22.33 12.48 -49.21
N LYS G 33 21.79 11.27 -49.36
CA LYS G 33 22.20 10.16 -48.53
C LYS G 33 23.49 9.52 -49.03
N PHE G 34 23.70 9.48 -50.34
CA PHE G 34 24.87 8.75 -50.83
C PHE G 34 25.92 9.69 -51.42
N ALA G 35 25.74 10.11 -52.68
CA ALA G 35 26.71 10.99 -53.34
C ALA G 35 28.15 10.58 -53.05
N ASN G 36 28.91 11.52 -52.49
CA ASN G 36 30.27 11.28 -52.03
C ASN G 36 30.38 10.18 -50.98
N LYS G 37 29.31 9.93 -50.22
CA LYS G 37 29.41 9.02 -49.07
C LYS G 37 29.91 7.66 -49.51
N ILE G 38 30.70 7.05 -48.65
CA ILE G 38 31.36 5.78 -48.93
C ILE G 38 30.50 4.66 -48.35
N ILE G 39 30.29 3.62 -49.14
CA ILE G 39 29.38 2.53 -48.78
C ILE G 39 30.20 1.27 -48.54
N PRO G 40 30.13 0.68 -47.35
CA PRO G 40 31.05 -0.43 -47.01
C PRO G 40 30.85 -1.70 -47.82
N ASN G 41 31.90 -2.51 -47.85
CA ASN G 41 31.95 -3.88 -48.39
C ASN G 41 31.48 -3.94 -49.84
N VAL G 42 31.50 -2.80 -50.51
CA VAL G 42 31.24 -2.70 -51.94
C VAL G 42 32.32 -1.82 -52.56
N GLY G 43 32.51 -0.65 -51.99
CA GLY G 43 33.33 0.43 -52.50
C GLY G 43 32.48 1.64 -52.87
N LEU G 44 33.13 2.79 -52.83
CA LEU G 44 32.43 4.06 -52.65
C LEU G 44 31.40 4.28 -53.76
N CYS G 45 30.28 4.86 -53.37
CA CYS G 45 29.26 5.27 -54.31
C CYS G 45 29.72 6.51 -55.06
N ILE G 46 29.61 6.43 -56.38
CA ILE G 46 29.80 7.59 -57.24
C ILE G 46 28.59 8.50 -57.18
N THR G 47 27.47 8.05 -57.74
CA THR G 47 26.17 8.69 -57.58
C THR G 47 25.11 7.73 -58.09
N ILE G 48 23.86 8.15 -58.02
CA ILE G 48 22.75 7.39 -58.58
C ILE G 48 22.96 7.28 -60.07
N TYR G 49 22.76 6.08 -60.62
CA TYR G 49 22.73 5.96 -62.06
C TYR G 49 21.30 6.00 -62.56
N ASP G 50 20.54 4.94 -62.27
CA ASP G 50 19.14 4.85 -62.67
C ASP G 50 18.28 4.57 -61.45
N LEU G 51 16.98 4.39 -61.70
CA LEU G 51 16.02 4.17 -60.64
C LEU G 51 14.88 3.33 -61.20
N LEU G 52 14.20 2.59 -60.32
CA LEU G 52 13.14 1.69 -60.77
C LEU G 52 12.28 1.28 -59.58
N THR G 53 11.25 0.48 -59.87
CA THR G 53 10.28 -0.09 -58.94
C THR G 53 9.75 0.89 -57.89
N VAL G 54 9.40 2.10 -58.32
CA VAL G 54 8.70 3.01 -57.43
C VAL G 54 7.38 2.37 -57.02
N GLU G 55 7.09 2.41 -55.71
CA GLU G 55 5.92 1.75 -55.17
C GLU G 55 5.16 2.79 -54.34
N GLU G 56 3.87 2.55 -54.13
CA GLU G 56 3.03 3.46 -53.35
C GLU G 56 3.60 3.58 -51.95
N GLY G 57 3.88 4.81 -51.52
CA GLY G 57 4.67 5.01 -50.32
C GLY G 57 3.86 4.77 -49.05
N GLN G 58 4.49 4.08 -48.10
CA GLN G 58 3.84 3.78 -46.83
C GLN G 58 4.39 4.65 -45.72
N LEU G 59 3.54 5.49 -45.14
CA LEU G 59 3.95 6.39 -44.07
C LEU G 59 3.66 5.79 -42.69
N LYS G 60 4.27 6.38 -41.67
CA LYS G 60 4.08 5.91 -40.30
C LYS G 60 3.18 6.86 -39.54
N PRO G 61 2.44 6.35 -38.55
CA PRO G 61 1.53 7.22 -37.78
C PRO G 61 2.24 8.33 -37.05
N GLY G 62 3.38 8.06 -36.41
CA GLY G 62 4.04 9.07 -35.61
C GLY G 62 4.43 10.29 -36.43
N ASP G 63 4.71 10.10 -37.71
CA ASP G 63 5.20 11.21 -38.51
C ASP G 63 4.12 11.79 -39.43
N GLY G 64 3.86 11.12 -40.55
CA GLY G 64 3.01 11.72 -41.56
C GLY G 64 3.79 12.22 -42.75
N SER G 65 5.12 12.10 -42.69
CA SER G 65 5.97 12.41 -43.82
C SER G 65 6.39 11.11 -44.48
N SER G 66 6.14 11.00 -45.79
CA SER G 66 5.96 9.69 -46.40
C SER G 66 7.27 8.92 -46.48
N TYR G 67 7.17 7.62 -46.66
CA TYR G 67 8.32 6.73 -46.77
C TYR G 67 8.15 5.84 -47.98
N ILE G 68 9.21 5.70 -48.78
CA ILE G 68 9.16 4.92 -50.01
C ILE G 68 10.43 4.09 -50.12
N ASN G 69 10.29 2.76 -50.17
CA ASN G 69 11.42 1.87 -50.34
C ASN G 69 11.45 1.33 -51.76
N VAL G 70 12.43 1.80 -52.54
CA VAL G 70 12.62 1.33 -53.90
C VAL G 70 13.93 0.57 -53.95
N THR G 71 14.25 0.10 -55.15
CA THR G 71 15.60 -0.30 -55.48
C THR G 71 15.98 0.37 -56.79
N PHE G 72 17.23 0.18 -57.19
CA PHE G 72 17.82 0.97 -58.25
C PHE G 72 19.26 0.50 -58.44
N ARG G 73 19.85 0.85 -59.57
CA ARG G 73 21.24 0.50 -59.87
C ARG G 73 22.04 1.80 -59.91
N ALA G 74 23.00 1.91 -59.01
CA ALA G 74 23.78 3.14 -58.86
C ALA G 74 25.24 2.87 -59.20
N VAL G 75 25.95 3.94 -59.53
CA VAL G 75 27.35 3.85 -59.95
C VAL G 75 28.23 3.78 -58.71
N VAL G 76 29.02 2.71 -58.61
CA VAL G 76 29.98 2.57 -57.51
C VAL G 76 31.38 2.59 -58.11
N PHE G 77 32.41 2.57 -57.26
CA PHE G 77 33.80 2.56 -57.73
C PHE G 77 34.52 1.34 -57.16
N LYS G 78 34.70 0.31 -57.99
CA LYS G 78 35.56 -0.82 -57.67
C LYS G 78 36.10 -1.45 -58.96
N PRO G 79 37.12 -0.88 -59.60
CA PRO G 79 37.44 -1.34 -60.98
C PRO G 79 37.85 -2.80 -61.11
N PHE G 80 38.92 -3.21 -60.42
CA PHE G 80 39.42 -4.60 -60.37
C PHE G 80 40.76 -4.57 -59.66
N LEU G 81 41.36 -5.74 -59.46
CA LEU G 81 42.48 -5.82 -58.53
C LEU G 81 43.79 -5.30 -59.13
N GLY G 82 44.46 -6.12 -59.94
CA GLY G 82 45.68 -5.64 -60.58
C GLY G 82 45.39 -4.64 -61.67
N GLU G 83 45.93 -3.42 -61.57
CA GLU G 83 45.59 -2.39 -62.54
C GLU G 83 46.66 -1.30 -62.53
N ILE G 84 46.75 -0.56 -63.63
CA ILE G 84 47.66 0.57 -63.76
C ILE G 84 46.84 1.79 -64.11
N VAL G 85 47.03 2.87 -63.36
CA VAL G 85 46.17 4.04 -63.45
C VAL G 85 46.95 5.28 -63.03
N THR G 86 46.45 6.45 -63.43
CA THR G 86 47.08 7.72 -63.18
C THR G 86 46.95 8.12 -61.71
N GLY G 87 47.92 8.90 -61.24
CA GLY G 87 47.94 9.36 -59.87
C GLY G 87 49.36 9.75 -59.53
N TRP G 88 49.57 10.14 -58.27
CA TRP G 88 50.87 10.68 -57.90
C TRP G 88 51.12 10.49 -56.42
N ILE G 89 52.40 10.51 -56.05
CA ILE G 89 52.79 10.52 -54.65
C ILE G 89 52.20 11.74 -53.96
N SER G 90 51.92 11.60 -52.68
CA SER G 90 51.18 12.55 -51.87
C SER G 90 51.86 12.54 -50.50
N LYS G 91 51.17 12.98 -49.44
CA LYS G 91 51.81 12.89 -48.14
C LYS G 91 52.30 11.47 -47.92
N CYS G 92 53.61 11.33 -47.72
CA CYS G 92 54.33 10.07 -47.75
C CYS G 92 55.65 10.23 -47.00
N THR G 93 56.30 9.11 -46.68
CA THR G 93 57.66 9.20 -46.15
C THR G 93 58.60 8.46 -47.09
N ALA G 94 58.75 7.15 -46.94
CA ALA G 94 59.71 6.38 -47.74
C ALA G 94 59.11 5.07 -48.24
N GLU G 95 58.90 4.11 -47.34
CA GLU G 95 58.45 2.78 -47.75
C GLU G 95 56.98 2.84 -48.15
N GLY G 96 56.70 2.49 -49.40
CA GLY G 96 55.40 2.72 -49.97
C GLY G 96 55.20 4.19 -50.25
N ILE G 97 54.22 4.51 -51.07
CA ILE G 97 53.84 5.89 -51.31
C ILE G 97 52.32 5.95 -51.30
N LYS G 98 51.79 7.12 -50.98
CA LYS G 98 50.34 7.31 -50.96
C LYS G 98 50.02 8.01 -52.26
N VAL G 99 49.54 7.24 -53.23
CA VAL G 99 49.12 7.82 -54.51
C VAL G 99 47.68 8.29 -54.43
N SER G 100 47.36 9.29 -55.25
CA SER G 100 46.02 9.83 -55.25
C SER G 100 45.70 10.48 -56.59
N LEU G 101 44.41 10.48 -56.92
CA LEU G 101 43.84 11.32 -57.96
C LEU G 101 43.15 12.48 -57.26
N LEU G 102 43.15 13.65 -57.90
CA LEU G 102 42.75 14.88 -57.22
C LEU G 102 41.26 14.81 -56.90
N GLY G 103 40.93 15.07 -55.64
CA GLY G 103 39.56 15.23 -55.22
C GLY G 103 38.77 13.97 -54.98
N ILE G 104 39.30 12.81 -55.35
CA ILE G 104 38.54 11.58 -55.19
C ILE G 104 38.75 11.02 -53.79
N PHE G 105 39.90 10.41 -53.52
CA PHE G 105 40.27 10.06 -52.15
C PHE G 105 41.76 9.85 -52.08
N ASP G 106 42.30 9.96 -50.86
CA ASP G 106 43.74 9.85 -50.63
C ASP G 106 44.14 8.43 -50.25
N ASP G 107 43.16 7.56 -50.03
CA ASP G 107 43.39 6.28 -49.38
C ASP G 107 44.25 5.32 -50.20
N ILE G 108 44.58 5.68 -51.44
CA ILE G 108 45.39 4.77 -52.23
C ILE G 108 46.81 4.86 -51.69
N PHE G 109 47.34 3.75 -51.20
CA PHE G 109 48.72 3.69 -50.75
C PHE G 109 49.32 2.40 -51.29
N ILE G 110 50.29 2.53 -52.18
CA ILE G 110 50.98 1.35 -52.71
C ILE G 110 52.21 1.10 -51.85
N PRO G 111 52.25 0.01 -51.09
CA PRO G 111 53.47 -0.35 -50.38
C PRO G 111 54.55 -0.79 -51.35
N GLN G 112 55.74 -1.11 -50.87
CA GLN G 112 56.80 -1.51 -51.78
C GLN G 112 57.21 -2.96 -51.52
N ASN G 113 56.78 -3.82 -52.43
CA ASN G 113 57.21 -5.21 -52.54
C ASN G 113 57.57 -5.55 -53.98
N MET G 114 56.60 -5.50 -54.88
CA MET G 114 56.85 -5.63 -56.31
C MET G 114 57.58 -4.42 -56.88
N LEU G 115 57.46 -3.27 -56.22
CA LEU G 115 58.23 -2.09 -56.60
C LEU G 115 59.71 -2.44 -56.63
N PHE G 116 60.40 -1.96 -57.67
CA PHE G 116 61.72 -2.48 -58.01
C PHE G 116 62.66 -2.48 -56.82
N GLU G 117 63.31 -3.62 -56.60
CA GLU G 117 64.21 -3.77 -55.46
C GLU G 117 65.36 -2.78 -55.54
N GLY G 118 65.91 -2.57 -56.74
CA GLY G 118 66.89 -1.51 -56.85
C GLY G 118 66.21 -0.17 -56.66
N CYS G 119 66.55 0.51 -55.57
CA CYS G 119 65.98 1.81 -55.25
C CYS G 119 66.83 2.46 -54.17
N TYR G 120 66.74 3.78 -54.06
CA TYR G 120 67.27 4.45 -52.88
C TYR G 120 66.41 5.65 -52.53
N TYR G 121 66.16 5.83 -51.24
CA TYR G 121 65.33 6.92 -50.74
C TYR G 121 66.31 7.93 -50.15
N THR G 122 65.98 9.20 -50.33
CA THR G 122 66.77 10.31 -49.83
C THR G 122 65.81 11.42 -49.43
N PRO G 123 65.55 11.54 -48.12
CA PRO G 123 64.64 12.51 -47.49
C PRO G 123 64.64 13.88 -48.15
N GLU G 124 64.23 13.95 -49.42
CA GLU G 124 64.18 15.23 -50.12
C GLU G 124 63.67 15.21 -51.57
N GLU G 125 62.39 14.90 -51.78
CA GLU G 125 61.83 14.94 -53.13
C GLU G 125 61.84 13.59 -53.81
N SER G 126 62.64 12.65 -53.32
CA SER G 126 62.71 11.35 -53.98
C SER G 126 62.23 10.25 -53.04
N ALA G 127 61.20 9.53 -53.48
CA ALA G 127 60.75 8.37 -52.72
C ALA G 127 61.76 7.25 -52.92
N TRP G 128 61.89 6.76 -54.14
CA TRP G 128 62.94 5.79 -54.44
C TRP G 128 63.45 6.01 -55.85
N ILE G 129 64.76 6.04 -56.00
CA ILE G 129 65.42 6.24 -57.29
C ILE G 129 66.07 4.93 -57.71
N TRP G 130 65.97 4.60 -58.99
CA TRP G 130 66.20 3.26 -59.50
C TRP G 130 67.37 3.26 -60.48
N PRO G 131 67.93 2.08 -60.80
CA PRO G 131 68.96 2.05 -61.83
C PRO G 131 68.45 2.50 -63.20
N LYS G 137 63.54 4.03 -62.92
CA LYS G 137 64.90 4.42 -63.28
C LYS G 137 65.35 5.62 -62.45
N LEU G 138 64.38 6.24 -61.76
CA LEU G 138 64.66 7.41 -60.94
C LEU G 138 63.45 7.69 -60.07
N TYR G 139 63.42 8.85 -59.42
CA TYR G 139 62.34 9.25 -58.54
C TYR G 139 61.08 9.60 -59.31
N PHE G 140 60.10 10.19 -58.62
CA PHE G 140 58.85 10.61 -59.25
C PHE G 140 58.26 11.76 -58.44
N ASP G 141 57.31 12.46 -59.06
CA ASP G 141 56.85 13.77 -58.59
C ASP G 141 55.42 13.70 -58.06
N VAL G 142 55.15 14.58 -57.09
CA VAL G 142 53.76 14.80 -56.67
C VAL G 142 52.99 15.49 -57.79
N ASN G 143 51.67 15.33 -57.73
CA ASN G 143 50.72 15.97 -58.66
C ASN G 143 50.87 15.43 -60.08
N GLU G 144 51.92 14.67 -60.33
CA GLU G 144 52.22 14.20 -61.67
C GLU G 144 51.23 13.12 -62.10
N LYS G 145 50.89 13.12 -63.39
CA LYS G 145 50.22 11.94 -63.93
C LYS G 145 51.18 10.77 -63.88
N ILE G 146 50.79 9.71 -63.19
CA ILE G 146 51.66 8.59 -62.88
C ILE G 146 50.90 7.30 -63.02
N ARG G 147 51.41 6.40 -63.85
CA ARG G 147 50.83 5.08 -64.01
C ARG G 147 51.36 4.15 -62.93
N PHE G 148 50.46 3.67 -62.07
CA PHE G 148 50.84 2.78 -60.98
C PHE G 148 49.86 1.63 -60.89
N ARG G 149 50.30 0.54 -60.27
CA ARG G 149 49.47 -0.65 -60.15
C ARG G 149 48.88 -0.74 -58.75
N ILE G 150 47.64 -1.24 -58.70
CA ILE G 150 46.93 -1.50 -57.46
C ILE G 150 46.68 -3.00 -57.41
N GLU G 151 46.45 -3.52 -56.20
CA GLU G 151 46.00 -4.89 -56.09
C GLU G 151 44.78 -5.01 -55.20
N ARG G 152 44.94 -4.70 -53.92
CA ARG G 152 43.93 -5.01 -52.92
C ARG G 152 43.33 -3.75 -52.31
N GLU G 153 42.04 -3.83 -52.00
CA GLU G 153 41.38 -2.91 -51.10
C GLU G 153 40.69 -3.72 -50.02
N VAL G 154 40.76 -3.24 -48.78
CA VAL G 154 40.12 -3.90 -47.65
C VAL G 154 39.19 -2.90 -46.96
N PHE G 155 37.96 -3.35 -46.70
CA PHE G 155 36.94 -2.52 -46.07
C PHE G 155 37.05 -2.69 -44.56
N VAL G 156 36.92 -1.60 -43.83
CA VAL G 156 36.97 -1.62 -42.37
C VAL G 156 35.81 -0.78 -41.86
N ASP G 157 35.20 -1.21 -40.76
CA ASP G 157 34.24 -0.36 -40.07
C ASP G 157 34.95 0.70 -39.24
N VAL G 158 35.70 0.26 -38.23
CA VAL G 158 36.43 1.12 -37.32
C VAL G 158 35.47 2.17 -36.78
N LYS G 159 34.44 1.73 -36.07
CA LYS G 159 33.57 2.61 -35.29
C LYS G 159 33.18 1.91 -34.00
N PRO G 160 34.16 1.64 -33.12
CA PRO G 160 33.82 1.14 -31.77
C PRO G 160 33.67 2.31 -30.79
N LYS G 161 32.72 3.19 -31.09
CA LYS G 161 32.54 4.39 -30.29
C LYS G 161 32.36 4.01 -28.84
N SER G 162 33.25 4.52 -27.98
CA SER G 162 33.22 4.16 -26.59
C SER G 162 32.96 5.42 -25.76
N PRO G 163 32.26 5.29 -24.64
CA PRO G 163 32.15 6.41 -23.72
C PRO G 163 33.50 6.82 -23.17
N LYS G 164 34.43 5.88 -23.07
CA LYS G 164 35.78 6.21 -22.63
C LYS G 164 36.61 6.79 -23.76
N GLU G 165 36.34 6.38 -25.00
CA GLU G 165 37.11 6.82 -26.17
C GLU G 165 37.15 8.34 -26.31
N ARG G 166 36.06 9.03 -26.02
CA ARG G 166 36.01 10.47 -26.16
C ARG G 166 36.85 11.16 -25.08
N GLU G 189 41.38 8.18 -35.05
CA GLU G 189 40.95 8.41 -36.43
C GLU G 189 40.90 7.07 -37.18
N LYS G 190 41.92 6.82 -38.01
CA LYS G 190 42.07 5.57 -38.74
C LYS G 190 40.80 5.27 -39.54
N PRO G 191 40.49 6.05 -40.58
CA PRO G 191 39.39 5.71 -41.47
C PRO G 191 39.86 5.13 -42.79
N PRO G 192 40.48 3.93 -42.83
CA PRO G 192 40.89 3.35 -44.12
C PRO G 192 39.80 2.47 -44.72
N ALA G 193 38.60 3.04 -44.87
CA ALA G 193 37.45 2.23 -45.28
C ALA G 193 37.65 1.63 -46.65
N TYR G 194 37.85 2.46 -47.67
CA TYR G 194 38.16 1.98 -49.03
C TYR G 194 39.56 2.51 -49.31
N ALA G 195 40.54 1.62 -49.29
CA ALA G 195 41.94 2.00 -49.40
C ALA G 195 42.67 0.99 -50.31
N LEU G 196 43.41 1.53 -51.28
CA LEU G 196 43.98 0.72 -52.34
C LEU G 196 45.49 0.60 -52.18
N LEU G 197 46.03 -0.54 -52.61
CA LEU G 197 47.43 -0.87 -52.42
C LEU G 197 47.99 -1.56 -53.65
N GLY G 198 49.30 -1.43 -53.83
CA GLY G 198 50.00 -1.99 -54.97
C GLY G 198 51.49 -1.74 -54.91
N SER G 199 52.17 -1.81 -56.05
CA SER G 199 53.59 -1.45 -56.15
C SER G 199 53.92 -1.30 -57.64
N CYS G 200 55.21 -1.09 -57.95
CA CYS G 200 55.64 -0.93 -59.34
C CYS G 200 56.30 -2.23 -59.80
N GLN G 201 55.57 -3.01 -60.60
CA GLN G 201 55.99 -4.35 -60.94
C GLN G 201 56.75 -4.44 -62.26
N THR G 202 56.75 -3.37 -63.06
CA THR G 202 57.36 -3.40 -64.37
C THR G 202 57.88 -2.00 -64.71
N ASP G 203 58.29 -1.82 -65.96
CA ASP G 203 58.83 -0.52 -66.34
C ASP G 203 57.69 0.49 -66.50
N GLY G 204 58.05 1.75 -66.75
CA GLY G 204 57.06 2.79 -66.88
C GLY G 204 56.24 3.03 -65.63
N MET G 205 56.56 2.36 -64.53
CA MET G 205 55.73 2.33 -63.35
C MET G 205 56.26 3.33 -62.33
N GLY G 206 55.37 4.24 -61.90
CA GLY G 206 55.73 5.33 -61.02
C GLY G 206 56.13 6.59 -61.75
N LEU G 207 56.62 6.47 -62.98
CA LEU G 207 56.87 7.63 -63.83
C LEU G 207 56.47 7.24 -65.26
N VAL G 208 55.57 8.02 -65.84
CA VAL G 208 55.00 7.65 -67.14
C VAL G 208 55.99 7.75 -68.29
N SER G 209 57.00 8.63 -68.20
CA SER G 209 57.90 8.82 -69.31
C SER G 209 58.95 7.71 -69.41
N TRP G 210 59.01 6.81 -68.43
CA TRP G 210 59.85 5.62 -68.56
C TRP G 210 59.32 4.72 -69.67
N TRP G 211 58.02 4.44 -69.64
CA TRP G 211 57.32 3.98 -70.84
C TRP G 211 56.97 5.19 -71.69
N GLU G 212 56.08 4.99 -72.67
CA GLU G 212 55.62 6.07 -73.53
C GLU G 212 56.75 6.56 -74.42
N MET H 1 -65.82 33.55 -50.81
CA MET H 1 -66.43 32.78 -51.88
C MET H 1 -66.64 31.34 -51.48
N SER H 2 -66.63 30.44 -52.45
CA SER H 2 -66.64 29.00 -52.20
C SER H 2 -65.43 28.56 -51.39
N ASN H 3 -64.45 29.44 -51.25
CA ASN H 3 -63.37 29.23 -50.30
C ASN H 3 -63.88 28.99 -48.89
N THR H 4 -65.14 29.35 -48.61
CA THR H 4 -65.79 28.84 -47.42
C THR H 4 -65.90 27.33 -47.60
N LEU H 5 -65.26 26.59 -46.71
CA LEU H 5 -65.35 25.14 -46.87
C LEU H 5 -66.66 24.63 -46.31
N PHE H 6 -67.11 25.25 -45.22
CA PHE H 6 -68.48 25.07 -44.72
C PHE H 6 -68.69 25.95 -43.50
N ASP H 7 -69.97 26.20 -43.21
CA ASP H 7 -70.40 26.92 -42.01
C ASP H 7 -71.69 26.28 -41.52
N ASP H 8 -71.74 25.96 -40.23
CA ASP H 8 -73.02 25.58 -39.62
C ASP H 8 -73.20 26.33 -38.33
N ILE H 9 -74.45 26.56 -37.98
CA ILE H 9 -74.81 26.97 -36.63
C ILE H 9 -74.73 25.74 -35.75
N PHE H 10 -73.88 25.78 -34.74
CA PHE H 10 -73.87 24.77 -33.71
C PHE H 10 -74.39 25.35 -32.42
N GLN H 11 -75.17 24.55 -31.70
CA GLN H 11 -75.52 24.84 -30.33
C GLN H 11 -74.36 24.42 -29.45
N VAL H 12 -74.06 25.22 -28.44
CA VAL H 12 -73.02 24.84 -27.49
C VAL H 12 -73.53 23.67 -26.66
N SER H 13 -72.62 22.86 -26.13
CA SER H 13 -73.03 21.73 -25.32
C SER H 13 -72.45 21.83 -23.90
N GLU H 14 -71.13 21.74 -23.76
CA GLU H 14 -70.50 21.89 -22.47
C GLU H 14 -69.09 22.43 -22.61
N VAL H 15 -68.56 22.90 -21.49
CA VAL H 15 -67.23 23.48 -21.39
C VAL H 15 -66.55 22.86 -20.17
N ASP H 16 -65.32 22.42 -20.33
CA ASP H 16 -64.59 21.74 -19.25
C ASP H 16 -63.16 22.28 -19.15
N PRO H 17 -62.98 23.48 -18.61
CA PRO H 17 -61.64 24.03 -18.52
C PRO H 17 -60.77 23.26 -17.53
N GLY H 18 -60.66 21.95 -17.77
CA GLY H 18 -59.90 21.08 -16.91
C GLY H 18 -58.41 21.39 -16.94
N ARG H 19 -57.85 21.66 -15.77
CA ARG H 19 -56.42 21.87 -15.56
C ARG H 19 -55.89 23.01 -16.40
N TYR H 20 -56.76 23.92 -16.84
CA TYR H 20 -56.37 25.07 -17.65
C TYR H 20 -57.17 26.26 -17.15
N ASN H 21 -56.92 27.45 -17.68
CA ASN H 21 -57.74 28.59 -17.28
C ASN H 21 -58.23 29.41 -18.47
N LYS H 22 -57.34 30.09 -19.18
CA LYS H 22 -57.77 30.98 -20.24
C LYS H 22 -58.11 30.26 -21.52
N VAL H 23 -57.89 28.94 -21.59
CA VAL H 23 -58.19 28.15 -22.77
C VAL H 23 -58.90 26.89 -22.33
N CYS H 24 -59.99 26.56 -23.02
CA CYS H 24 -60.72 25.32 -22.73
C CYS H 24 -61.00 24.55 -24.01
N ARG H 25 -61.36 23.29 -23.84
CA ARG H 25 -61.76 22.42 -24.94
C ARG H 25 -63.28 22.33 -24.89
N ILE H 26 -63.93 22.97 -25.84
CA ILE H 26 -65.38 22.99 -25.85
C ILE H 26 -65.89 21.92 -26.82
N GLU H 27 -66.89 21.17 -26.38
CA GLU H 27 -67.66 20.30 -27.25
C GLU H 27 -69.05 20.91 -27.33
N ALA H 28 -69.53 21.15 -28.54
CA ALA H 28 -70.79 21.80 -28.76
C ALA H 28 -71.76 20.86 -29.48
N ALA H 29 -73.05 21.13 -29.31
CA ALA H 29 -74.06 20.39 -30.04
C ALA H 29 -74.04 20.84 -31.49
N SER H 30 -74.95 20.31 -32.30
CA SER H 30 -74.99 20.66 -33.71
C SER H 30 -76.43 20.57 -34.18
N THR H 31 -76.81 21.47 -35.07
CA THR H 31 -78.18 21.52 -35.58
C THR H 31 -78.28 20.69 -36.86
N THR H 32 -79.50 20.62 -37.39
CA THR H 32 -79.78 19.96 -38.67
C THR H 32 -79.23 18.53 -38.63
N GLN H 33 -78.25 18.23 -39.46
CA GLN H 33 -77.69 16.88 -39.53
C GLN H 33 -76.95 16.55 -38.24
N ASP H 34 -77.29 15.39 -37.66
CA ASP H 34 -76.69 14.93 -36.42
C ASP H 34 -75.34 14.26 -36.67
N GLN H 35 -75.07 13.85 -37.90
CA GLN H 35 -73.83 13.19 -38.26
C GLN H 35 -72.60 14.00 -37.92
N CYS H 36 -72.73 15.31 -37.72
CA CYS H 36 -71.62 16.17 -37.38
C CYS H 36 -71.70 16.60 -35.92
N LYS H 37 -70.66 16.29 -35.16
CA LYS H 37 -70.40 16.94 -33.89
C LYS H 37 -69.11 17.73 -34.03
N LEU H 38 -68.66 18.31 -32.93
CA LEU H 38 -67.46 19.12 -33.00
C LEU H 38 -66.69 18.99 -31.70
N THR H 39 -65.37 19.00 -31.81
CA THR H 39 -64.44 18.98 -30.68
C THR H 39 -63.47 20.12 -30.94
N LEU H 40 -63.46 21.11 -30.05
CA LEU H 40 -62.72 22.33 -30.27
C LEU H 40 -61.78 22.63 -29.12
N ASP H 41 -60.62 23.15 -29.45
CA ASP H 41 -59.77 23.86 -28.50
C ASP H 41 -60.00 25.34 -28.78
N ILE H 42 -60.31 26.10 -27.75
CA ILE H 42 -60.74 27.48 -27.94
C ILE H 42 -60.24 28.33 -26.79
N ASN H 43 -59.85 29.56 -27.13
CA ASN H 43 -59.59 30.58 -26.13
C ASN H 43 -60.92 30.97 -25.51
N VAL H 44 -61.05 30.78 -24.19
CA VAL H 44 -62.22 31.31 -23.52
C VAL H 44 -62.01 32.77 -23.14
N GLU H 45 -60.75 33.19 -22.95
CA GLU H 45 -60.48 34.53 -22.43
C GLU H 45 -60.97 35.60 -23.40
N LEU H 46 -60.47 35.57 -24.63
CA LEU H 46 -60.97 36.50 -25.62
C LEU H 46 -62.39 36.18 -26.07
N PHE H 47 -62.76 34.90 -26.11
CA PHE H 47 -64.07 34.50 -26.62
C PHE H 47 -64.78 33.74 -25.51
N PRO H 48 -65.47 34.43 -24.62
CA PRO H 48 -66.24 33.72 -23.60
C PRO H 48 -67.50 33.10 -24.19
N VAL H 49 -67.80 31.89 -23.73
CA VAL H 49 -69.01 31.20 -24.15
C VAL H 49 -69.43 30.25 -23.03
N ALA H 50 -70.73 30.08 -22.86
CA ALA H 50 -71.30 29.14 -21.91
C ALA H 50 -72.08 28.08 -22.66
N ALA H 51 -72.62 27.12 -21.93
CA ALA H 51 -73.28 25.98 -22.53
C ALA H 51 -74.57 26.37 -23.23
N GLN H 52 -74.87 25.67 -24.32
CA GLN H 52 -76.15 25.76 -25.03
C GLN H 52 -76.42 27.19 -25.52
N ASP H 53 -75.60 27.59 -26.47
CA ASP H 53 -75.77 28.89 -27.12
C ASP H 53 -75.93 28.67 -28.62
N SER H 54 -76.14 29.75 -29.38
CA SER H 54 -76.30 29.67 -30.83
C SER H 54 -75.07 30.27 -31.47
N LEU H 55 -74.24 29.43 -32.08
CA LEU H 55 -72.95 29.85 -32.62
C LEU H 55 -72.90 29.63 -34.12
N THR H 56 -72.27 30.57 -34.82
CA THR H 56 -71.97 30.44 -36.23
C THR H 56 -70.53 29.92 -36.30
N VAL H 57 -70.36 28.72 -36.83
CA VAL H 57 -69.04 28.10 -36.88
C VAL H 57 -68.66 27.85 -38.33
N THR H 58 -67.58 28.50 -38.77
CA THR H 58 -67.22 28.52 -40.18
C THR H 58 -65.78 28.05 -40.33
N ILE H 59 -65.58 26.94 -41.03
CA ILE H 59 -64.24 26.51 -41.41
C ILE H 59 -64.07 26.77 -42.89
N ALA H 60 -62.95 27.40 -43.25
CA ALA H 60 -62.80 27.94 -44.59
C ALA H 60 -61.35 28.30 -44.83
N SER H 61 -61.07 28.74 -46.05
CA SER H 61 -59.75 29.22 -46.43
C SER H 61 -59.85 30.67 -46.85
N SER H 62 -58.68 31.29 -47.06
CA SER H 62 -58.55 32.55 -47.78
C SER H 62 -59.62 33.57 -47.40
N LEU H 63 -59.51 34.17 -46.22
CA LEU H 63 -60.49 35.15 -45.77
C LEU H 63 -60.63 36.32 -46.74
N ASN H 64 -59.75 36.41 -47.74
CA ASN H 64 -59.69 37.51 -48.69
C ASN H 64 -61.02 37.83 -49.34
N LEU H 65 -62.01 36.93 -49.27
CA LEU H 65 -63.27 37.09 -50.00
C LEU H 65 -62.92 37.17 -51.47
N GLU H 66 -63.19 38.30 -52.10
CA GLU H 66 -62.78 38.54 -53.48
C GLU H 66 -61.62 39.53 -53.46
N ASP H 67 -60.68 39.32 -54.38
CA ASP H 67 -59.48 40.16 -54.48
C ASP H 67 -58.68 40.15 -53.18
N SER H 74 -46.72 40.28 -52.08
CA SER H 74 -45.68 40.45 -51.08
C SER H 74 -44.70 39.28 -51.11
N ALA H 75 -45.05 38.19 -50.44
CA ALA H 75 -44.28 36.96 -50.42
C ALA H 75 -42.84 37.21 -49.96
N THR H 76 -42.74 37.82 -48.78
CA THR H 76 -41.45 38.00 -48.10
C THR H 76 -41.17 36.87 -47.12
N ARG H 77 -42.03 35.85 -47.15
CA ARG H 77 -41.92 34.62 -46.36
C ARG H 77 -42.31 34.87 -44.91
N SER H 78 -42.53 36.12 -44.53
CA SER H 78 -43.09 36.45 -43.24
C SER H 78 -44.52 36.90 -43.44
N TRP H 79 -45.43 36.35 -42.62
CA TRP H 79 -46.83 36.70 -42.75
C TRP H 79 -47.03 38.18 -42.50
N ARG H 80 -48.05 38.75 -43.12
CA ARG H 80 -48.26 40.18 -43.00
C ARG H 80 -49.71 40.46 -42.65
N PRO H 81 -49.97 41.46 -41.80
CA PRO H 81 -51.34 41.87 -41.55
C PRO H 81 -52.01 42.35 -42.83
N PRO H 82 -53.21 41.91 -43.10
CA PRO H 82 -53.89 42.30 -44.33
C PRO H 82 -54.36 43.74 -44.32
N GLN H 83 -53.44 44.65 -44.60
CA GLN H 83 -53.70 46.09 -44.66
C GLN H 83 -54.30 46.54 -43.32
N ALA H 84 -55.24 47.48 -43.38
CA ALA H 84 -56.04 47.93 -42.25
C ALA H 84 -57.52 47.98 -42.62
N GLY H 85 -57.87 48.81 -43.60
CA GLY H 85 -59.17 48.77 -44.21
C GLY H 85 -59.20 47.63 -45.21
N ASP H 86 -60.04 47.71 -46.23
CA ASP H 86 -60.22 46.61 -47.17
C ASP H 86 -60.70 45.38 -46.43
N ARG H 87 -61.97 45.37 -46.03
CA ARG H 87 -62.55 44.18 -45.41
C ARG H 87 -62.32 42.97 -46.29
N SER H 88 -61.72 41.95 -45.72
CA SER H 88 -61.75 40.60 -46.27
C SER H 88 -63.11 40.02 -45.92
N LEU H 89 -63.28 38.71 -46.11
CA LEU H 89 -64.39 38.10 -45.39
C LEU H 89 -63.83 37.61 -44.06
N ALA H 90 -63.97 38.49 -43.08
CA ALA H 90 -63.54 38.25 -41.72
C ALA H 90 -64.55 38.84 -40.74
N ASP H 91 -64.60 40.18 -40.72
CA ASP H 91 -65.36 40.94 -39.75
C ASP H 91 -66.84 40.56 -39.72
N ASP H 92 -67.33 39.93 -40.78
CA ASP H 92 -68.70 39.43 -40.78
C ASP H 92 -68.98 38.67 -39.48
N TYR H 93 -68.23 37.61 -39.21
CA TYR H 93 -68.26 36.97 -37.92
C TYR H 93 -67.01 37.41 -37.15
N ASP H 94 -66.81 36.89 -35.94
CA ASP H 94 -65.76 37.47 -35.12
C ASP H 94 -64.63 36.50 -34.78
N TYR H 95 -64.93 35.45 -34.02
CA TYR H 95 -63.87 34.62 -33.48
C TYR H 95 -63.19 33.82 -34.58
N VAL H 96 -61.93 33.46 -34.34
CA VAL H 96 -61.01 33.06 -35.40
C VAL H 96 -60.14 31.91 -34.93
N MET H 97 -59.46 31.29 -35.90
CA MET H 97 -58.26 30.50 -35.68
C MET H 97 -57.37 30.61 -36.90
N TYR H 98 -56.21 29.98 -36.80
CA TYR H 98 -55.51 29.48 -37.97
C TYR H 98 -54.86 28.16 -37.56
N GLY H 99 -54.76 27.25 -38.50
CA GLY H 99 -54.17 25.95 -38.24
C GLY H 99 -54.11 25.17 -39.52
N THR H 100 -53.98 23.85 -39.38
CA THR H 100 -53.83 22.99 -40.55
C THR H 100 -54.65 21.72 -40.37
N ALA H 101 -55.08 21.17 -41.50
CA ALA H 101 -55.62 19.83 -41.54
C ALA H 101 -54.47 18.84 -41.59
N TYR H 102 -54.55 17.81 -40.75
CA TYR H 102 -53.48 16.82 -40.76
C TYR H 102 -54.03 15.41 -40.91
N LYS H 103 -54.85 14.94 -39.97
CA LYS H 103 -55.28 13.56 -39.96
C LYS H 103 -56.74 13.46 -40.37
N PHE H 104 -57.00 12.70 -41.43
CA PHE H 104 -58.35 12.31 -41.83
C PHE H 104 -58.51 10.83 -41.57
N GLU H 105 -59.67 10.43 -41.03
CA GLU H 105 -60.04 9.03 -40.95
C GLU H 105 -61.55 8.94 -40.84
N GLU H 106 -62.06 7.77 -40.48
CA GLU H 106 -63.51 7.59 -40.36
C GLU H 106 -63.83 6.61 -39.24
N VAL H 107 -64.93 6.90 -38.55
CA VAL H 107 -65.65 5.93 -37.74
C VAL H 107 -66.69 5.29 -38.64
N SER H 108 -66.85 3.97 -38.51
CA SER H 108 -67.87 3.23 -39.25
C SER H 108 -67.81 3.51 -40.74
N LYS H 109 -68.98 3.65 -41.36
CA LYS H 109 -69.07 4.13 -42.73
C LYS H 109 -69.49 5.59 -42.68
N ASP H 110 -68.92 6.40 -43.58
CA ASP H 110 -69.27 7.80 -43.80
C ASP H 110 -69.50 8.55 -42.49
N LEU H 111 -68.65 8.32 -41.51
CA LEU H 111 -68.47 9.24 -40.40
C LEU H 111 -67.01 9.69 -40.42
N ILE H 112 -66.78 10.94 -40.77
CA ILE H 112 -65.43 11.33 -41.18
C ILE H 112 -64.77 12.17 -40.10
N ALA H 113 -63.82 11.58 -39.40
CA ALA H 113 -63.03 12.28 -38.40
C ALA H 113 -62.01 13.17 -39.10
N VAL H 114 -62.09 14.47 -38.84
CA VAL H 114 -61.16 15.45 -39.37
C VAL H 114 -60.51 16.16 -38.19
N TYR H 115 -59.21 16.40 -38.30
CA TYR H 115 -58.40 16.87 -37.19
C TYR H 115 -57.63 18.13 -37.58
N TYR H 116 -57.56 19.07 -36.65
CA TYR H 116 -56.96 20.37 -36.88
C TYR H 116 -56.04 20.75 -35.73
N SER H 117 -54.80 21.04 -36.07
CA SER H 117 -53.85 21.62 -35.14
C SER H 117 -53.72 23.09 -35.49
N PHE H 118 -54.10 23.95 -34.55
CA PHE H 118 -54.09 25.40 -34.70
C PHE H 118 -52.78 26.00 -34.20
N GLY H 119 -51.77 25.16 -34.03
CA GLY H 119 -50.61 25.53 -33.25
C GLY H 119 -50.86 25.25 -31.79
N GLY H 120 -51.39 24.08 -31.52
CA GLY H 120 -51.71 23.63 -30.18
C GLY H 120 -53.18 23.62 -29.87
N LEU H 121 -54.03 24.01 -30.81
CA LEU H 121 -55.47 23.97 -30.62
C LEU H 121 -56.04 22.96 -31.60
N LEU H 122 -56.83 22.03 -31.08
CA LEU H 122 -57.19 20.83 -31.81
C LEU H 122 -58.68 20.78 -32.09
N MET H 123 -59.04 20.33 -33.29
CA MET H 123 -60.42 20.28 -33.73
C MET H 123 -60.72 18.94 -34.37
N ARG H 124 -61.63 18.18 -33.76
CA ARG H 124 -62.18 16.97 -34.36
C ARG H 124 -63.56 17.29 -34.91
N LEU H 125 -63.89 16.69 -36.05
CA LEU H 125 -65.24 16.84 -36.56
C LEU H 125 -65.63 15.58 -37.30
N GLU H 126 -66.93 15.42 -37.54
CA GLU H 126 -67.47 14.22 -38.17
C GLU H 126 -68.62 14.62 -39.08
N GLY H 127 -69.18 13.64 -39.78
CA GLY H 127 -70.28 13.82 -40.70
C GLY H 127 -70.20 12.77 -41.78
N ASN H 128 -71.18 12.73 -42.67
CA ASN H 128 -71.05 11.81 -43.79
C ASN H 128 -70.26 12.49 -44.90
N TYR H 129 -70.93 13.24 -45.76
CA TYR H 129 -70.31 13.87 -46.92
C TYR H 129 -69.76 15.28 -46.75
N ARG H 130 -69.89 15.85 -45.56
CA ARG H 130 -69.37 17.20 -45.31
C ARG H 130 -67.87 17.18 -45.58
N ASN H 131 -67.50 16.91 -46.84
CA ASN H 131 -66.09 16.83 -47.19
C ASN H 131 -65.76 17.53 -48.49
N LEU H 132 -66.76 17.80 -49.33
CA LEU H 132 -66.53 18.18 -50.72
C LEU H 132 -65.48 19.28 -50.87
N ASN H 133 -65.39 20.19 -49.91
CA ASN H 133 -64.33 21.19 -49.93
C ASN H 133 -63.09 20.79 -49.15
N ASN H 134 -63.11 19.71 -48.38
CA ASN H 134 -62.11 19.49 -47.34
C ASN H 134 -60.93 18.71 -47.87
N LEU H 135 -59.72 19.20 -47.58
CA LEU H 135 -58.47 18.53 -47.91
C LEU H 135 -57.50 18.69 -46.74
N LYS H 136 -56.39 17.96 -46.82
CA LYS H 136 -55.32 18.01 -45.81
C LYS H 136 -54.66 19.39 -45.78
N GLN H 137 -55.06 20.27 -46.69
CA GLN H 137 -54.37 21.49 -47.03
C GLN H 137 -54.00 22.27 -45.76
N GLU H 138 -52.80 22.86 -45.75
CA GLU H 138 -52.22 23.54 -44.60
C GLU H 138 -53.14 24.59 -44.00
N ASN H 139 -54.12 25.05 -44.75
CA ASN H 139 -55.04 26.09 -44.33
C ASN H 139 -56.01 25.55 -43.30
N ALA H 140 -56.24 26.32 -42.24
CA ALA H 140 -57.47 26.23 -41.47
C ALA H 140 -57.85 27.64 -41.07
N TYR H 141 -59.08 28.04 -41.37
CA TYR H 141 -59.54 29.37 -41.04
C TYR H 141 -60.89 29.27 -40.36
N LEU H 142 -60.96 29.68 -39.11
CA LEU H 142 -62.20 29.60 -38.35
C LEU H 142 -62.83 30.98 -38.22
N LEU H 143 -64.14 31.02 -38.39
CA LEU H 143 -64.91 32.25 -38.44
C LEU H 143 -66.15 32.05 -37.57
N ILE H 144 -66.25 32.81 -36.49
CA ILE H 144 -67.27 32.56 -35.48
C ILE H 144 -67.81 33.87 -34.92
N ARG H 145 -69.13 33.94 -34.79
CA ARG H 145 -69.81 34.94 -33.98
C ARG H 145 -70.52 34.23 -32.84
N ARG H 146 -70.80 34.96 -31.77
CA ARG H 146 -71.70 34.44 -30.74
C ARG H 146 -73.14 34.60 -31.19
N MET I 1 -30.10 -44.39 28.25
CA MET I 1 -31.37 -43.69 28.16
C MET I 1 -31.17 -42.28 28.74
N LEU I 2 -29.89 -41.94 28.94
CA LEU I 2 -29.47 -40.59 29.30
C LEU I 2 -30.13 -40.12 30.59
N SER I 3 -29.68 -40.65 31.73
CA SER I 3 -30.26 -40.23 33.00
C SER I 3 -29.32 -40.39 34.19
N PHE I 4 -29.90 -40.19 35.38
CA PHE I 4 -29.22 -40.14 36.66
C PHE I 4 -28.44 -41.41 36.96
N CYS I 5 -27.18 -41.23 37.35
CA CYS I 5 -26.46 -42.21 38.15
C CYS I 5 -27.02 -42.12 39.57
N PRO I 6 -27.70 -43.15 40.07
CA PRO I 6 -28.07 -43.12 41.49
C PRO I 6 -26.81 -43.17 42.31
N SER I 7 -26.89 -43.00 43.64
CA SER I 7 -25.67 -43.10 44.43
C SER I 7 -24.62 -42.16 43.84
N CYS I 8 -23.67 -42.76 43.13
CA CYS I 8 -22.50 -42.07 42.58
C CYS I 8 -22.85 -40.74 41.95
N ASN I 9 -23.95 -40.68 41.22
CA ASN I 9 -24.41 -39.44 40.59
C ASN I 9 -23.32 -38.87 39.69
N ASN I 10 -22.98 -39.58 38.63
CA ASN I 10 -22.17 -38.99 37.57
C ASN I 10 -22.93 -39.08 36.24
N MET I 11 -22.89 -40.25 35.61
CA MET I 11 -23.70 -40.50 34.41
C MET I 11 -23.90 -41.99 34.23
N LEU I 12 -25.06 -42.39 33.72
CA LEU I 12 -25.30 -43.76 33.34
C LEU I 12 -24.67 -44.07 31.99
N LEU I 13 -24.36 -45.35 31.77
CA LEU I 13 -24.09 -45.84 30.43
C LEU I 13 -24.35 -47.33 30.40
N ILE I 14 -24.65 -47.84 29.21
CA ILE I 14 -24.77 -49.27 29.00
C ILE I 14 -23.35 -49.80 28.88
N THR I 15 -22.98 -50.70 29.77
CA THR I 15 -21.72 -51.42 29.70
C THR I 15 -22.02 -52.90 29.53
N SER I 16 -21.59 -53.48 28.41
CA SER I 16 -22.02 -54.82 28.05
C SER I 16 -21.68 -55.80 29.15
N GLY I 17 -22.68 -56.51 29.64
CA GLY I 17 -22.49 -57.54 30.63
C GLY I 17 -21.88 -58.79 30.04
N ASP I 18 -21.35 -59.64 30.90
CA ASP I 18 -20.80 -60.91 30.47
C ASP I 18 -21.94 -61.83 30.07
N SER I 19 -21.65 -62.72 29.11
CA SER I 19 -22.66 -63.54 28.45
C SER I 19 -23.73 -62.64 27.81
N GLY I 20 -23.29 -61.46 27.37
CA GLY I 20 -24.20 -60.48 26.83
C GLY I 20 -25.07 -59.84 27.88
N VAL I 21 -26.33 -59.62 27.54
CA VAL I 21 -27.38 -59.06 28.39
C VAL I 21 -27.13 -57.56 28.55
N TYR I 22 -25.90 -57.13 28.29
CA TYR I 22 -25.50 -55.74 28.10
C TYR I 22 -25.72 -54.87 29.34
N THR I 23 -26.61 -55.30 30.23
CA THR I 23 -26.89 -54.69 31.53
C THR I 23 -26.82 -53.17 31.47
N LEU I 24 -26.22 -52.57 32.52
CA LEU I 24 -25.53 -51.30 32.44
C LEU I 24 -24.82 -51.12 33.77
N ALA I 25 -24.05 -50.04 33.87
CA ALA I 25 -23.45 -49.64 35.12
C ALA I 25 -23.09 -48.18 35.03
N CYS I 26 -22.90 -47.55 36.18
CA CYS I 26 -22.33 -46.22 36.17
C CYS I 26 -20.81 -46.33 36.10
N ARG I 27 -20.23 -45.71 35.07
CA ARG I 27 -18.81 -45.87 34.81
C ARG I 27 -18.00 -45.18 35.90
N SER I 28 -17.01 -45.89 36.42
CA SER I 28 -16.07 -45.36 37.40
C SER I 28 -16.77 -44.83 38.65
N CYS I 29 -17.81 -45.54 39.08
CA CYS I 29 -18.37 -45.50 40.41
C CYS I 29 -19.55 -46.45 40.46
N PRO I 30 -19.67 -47.28 41.51
CA PRO I 30 -20.51 -48.47 41.38
C PRO I 30 -21.99 -48.17 41.30
N TYR I 31 -22.62 -48.69 40.26
CA TYR I 31 -24.06 -48.89 40.21
C TYR I 31 -24.28 -49.99 39.19
N GLU I 32 -25.31 -50.82 39.36
CA GLU I 32 -25.50 -51.89 38.39
C GLU I 32 -26.93 -51.88 37.87
N PHE I 33 -27.27 -52.87 37.05
CA PHE I 33 -28.53 -52.76 36.41
C PHE I 33 -29.34 -54.05 36.54
N PRO I 34 -30.64 -53.95 36.83
CA PRO I 34 -31.46 -55.14 37.02
C PRO I 34 -31.74 -55.94 35.77
N ILE I 35 -31.50 -55.34 34.60
CA ILE I 35 -31.89 -55.83 33.28
C ILE I 35 -33.37 -56.21 33.36
N GLU I 36 -33.79 -57.26 32.64
CA GLU I 36 -35.18 -57.77 32.73
C GLU I 36 -36.21 -56.65 32.72
N GLY I 37 -35.94 -55.57 31.97
CA GLY I 37 -36.75 -54.39 32.20
C GLY I 37 -37.01 -53.47 31.02
N ILE I 38 -38.08 -52.69 31.15
CA ILE I 38 -38.55 -51.81 30.09
C ILE I 38 -37.70 -50.54 30.05
N GLU I 39 -37.12 -50.30 28.87
CA GLU I 39 -36.36 -49.08 28.64
C GLU I 39 -37.08 -48.35 27.51
N ILE I 40 -37.72 -47.24 27.83
CA ILE I 40 -38.65 -46.57 26.93
C ILE I 40 -38.28 -45.10 26.83
N TYR I 41 -38.10 -44.61 25.60
CA TYR I 41 -37.85 -43.20 25.35
C TYR I 41 -38.19 -42.89 23.91
N ASP I 42 -38.44 -41.61 23.64
CA ASP I 42 -38.80 -41.17 22.29
C ASP I 42 -37.95 -39.99 21.84
N MET J 1 -17.33 43.08 11.43
CA MET J 1 -16.56 43.50 12.60
C MET J 1 -17.11 44.80 13.16
N ILE J 2 -17.46 45.70 12.25
CA ILE J 2 -18.26 46.88 12.54
C ILE J 2 -19.31 46.98 11.46
N VAL J 3 -20.50 47.45 11.83
CA VAL J 3 -21.65 47.38 10.94
C VAL J 3 -21.28 47.93 9.57
N PRO J 4 -21.47 47.17 8.50
CA PRO J 4 -21.15 47.69 7.17
C PRO J 4 -21.93 48.95 6.89
N VAL J 5 -21.23 49.95 6.37
CA VAL J 5 -21.82 51.26 6.21
C VAL J 5 -23.05 51.22 5.33
N ARG J 6 -23.17 50.24 4.44
CA ARG J 6 -24.33 50.09 3.58
C ARG J 6 -24.75 48.62 3.60
N CYS J 7 -26.04 48.37 3.35
CA CYS J 7 -26.51 46.98 3.41
C CYS J 7 -26.07 46.24 2.16
N PHE J 8 -26.39 44.95 2.10
CA PHE J 8 -26.03 44.10 0.96
C PHE J 8 -27.08 44.14 -0.14
N SER J 9 -28.13 44.95 0.03
CA SER J 9 -29.24 44.95 -0.91
C SER J 9 -29.53 46.38 -1.36
N CYS J 10 -30.06 47.18 -0.44
CA CYS J 10 -30.27 48.59 -0.72
C CYS J 10 -28.92 49.28 -0.75
N GLY J 11 -28.10 49.02 0.25
CA GLY J 11 -26.90 49.80 0.39
C GLY J 11 -27.21 51.19 0.86
N LYS J 12 -28.41 51.38 1.41
CA LYS J 12 -28.67 52.61 2.14
C LYS J 12 -27.72 52.70 3.32
N VAL J 13 -27.30 53.93 3.64
CA VAL J 13 -26.26 54.09 4.65
C VAL J 13 -26.77 53.57 5.99
N VAL J 14 -26.10 52.56 6.51
CA VAL J 14 -26.44 51.97 7.80
C VAL J 14 -25.72 52.71 8.91
N GLY J 15 -24.48 53.15 8.62
CA GLY J 15 -23.48 53.45 9.64
C GLY J 15 -23.96 54.35 10.76
N ASP J 16 -24.49 55.52 10.43
CA ASP J 16 -25.05 56.43 11.42
C ASP J 16 -26.00 55.75 12.38
N LYS J 17 -26.80 54.81 11.87
CA LYS J 17 -27.95 54.32 12.60
C LYS J 17 -27.54 53.40 13.74
N TRP J 18 -26.55 52.53 13.52
CA TRP J 18 -26.09 51.59 14.52
C TRP J 18 -25.89 52.22 15.89
N GLU J 19 -24.96 53.17 16.00
CA GLU J 19 -24.79 53.91 17.24
C GLU J 19 -26.13 54.48 17.72
N SER J 20 -26.75 55.34 16.91
CA SER J 20 -28.05 55.87 17.26
C SER J 20 -29.05 54.77 17.59
N TYR J 21 -29.05 53.68 16.82
CA TYR J 21 -29.86 52.52 17.19
C TYR J 21 -29.49 52.00 18.56
N LEU J 22 -28.27 51.48 18.70
CA LEU J 22 -27.86 50.83 19.93
C LEU J 22 -28.18 51.67 21.16
N ASN J 23 -27.81 52.95 21.13
CA ASN J 23 -28.22 53.88 22.16
C ASN J 23 -29.74 53.90 22.34
N LEU J 24 -30.47 53.99 21.23
CA LEU J 24 -31.92 54.05 21.29
C LEU J 24 -32.52 52.77 21.88
N LEU J 25 -31.79 51.67 21.84
CA LEU J 25 -32.19 50.44 22.50
C LEU J 25 -31.86 50.48 23.98
N GLN J 26 -30.65 50.91 24.32
CA GLN J 26 -30.22 50.94 25.71
C GLN J 26 -30.96 52.07 26.43
N GLU J 27 -30.65 53.30 26.06
CA GLU J 27 -31.49 54.41 26.50
C GLU J 27 -32.89 54.25 25.91
N ASP J 28 -33.90 54.30 26.77
CA ASP J 28 -35.28 54.13 26.36
C ASP J 28 -35.48 52.79 25.67
N GLU J 29 -35.43 51.71 26.44
CA GLU J 29 -35.65 50.39 25.88
C GLU J 29 -37.01 50.34 25.19
N LEU J 30 -37.02 49.88 23.95
CA LEU J 30 -38.21 49.94 23.14
C LEU J 30 -38.17 48.84 22.09
N ASP J 31 -39.35 48.53 21.54
CA ASP J 31 -39.47 47.43 20.61
C ASP J 31 -38.57 47.63 19.39
N GLU J 32 -37.90 46.55 19.01
CA GLU J 32 -36.85 46.60 18.00
C GLU J 32 -37.32 47.21 16.69
N GLY J 33 -38.24 46.52 16.00
CA GLY J 33 -38.72 47.00 14.73
C GLY J 33 -39.23 48.42 14.80
N THR J 34 -40.13 48.66 15.76
CA THR J 34 -40.64 50.01 16.00
C THR J 34 -39.53 51.03 16.19
N ALA J 35 -38.51 50.70 16.99
CA ALA J 35 -37.33 51.56 17.07
C ALA J 35 -36.84 51.92 15.69
N LEU J 36 -36.38 50.93 14.94
CA LEU J 36 -36.03 51.10 13.53
C LEU J 36 -37.13 51.79 12.74
N SER J 37 -38.39 51.40 12.97
CA SER J 37 -39.49 52.03 12.25
C SER J 37 -39.58 53.51 12.57
N ARG J 38 -39.36 53.90 13.82
CA ARG J 38 -39.26 55.32 14.10
C ARG J 38 -37.82 55.80 14.09
N LEU J 39 -36.87 54.91 13.81
CA LEU J 39 -35.54 55.38 13.44
C LEU J 39 -35.46 55.62 11.94
N GLY J 40 -36.43 55.13 11.18
CA GLY J 40 -36.45 55.37 9.76
C GLY J 40 -36.03 54.19 8.89
N LEU J 41 -35.96 52.99 9.46
CA LEU J 41 -35.74 51.79 8.66
C LEU J 41 -37.09 51.21 8.26
N LYS J 42 -37.26 51.02 6.95
CA LYS J 42 -38.42 50.35 6.39
C LYS J 42 -38.07 49.02 5.75
N ARG J 43 -37.22 49.03 4.73
CA ARG J 43 -36.88 47.86 3.94
C ARG J 43 -36.23 46.81 4.85
N TYR J 44 -36.76 45.59 4.82
CA TYR J 44 -36.32 44.58 5.77
C TYR J 44 -34.89 44.14 5.55
N CYS J 45 -34.43 44.10 4.29
CA CYS J 45 -33.02 43.79 4.05
C CYS J 45 -32.12 44.86 4.65
N CYS J 46 -32.45 46.12 4.44
CA CYS J 46 -31.86 47.19 5.24
C CYS J 46 -31.94 46.88 6.73
N ARG J 47 -33.05 46.31 7.19
CA ARG J 47 -33.33 46.15 8.60
C ARG J 47 -32.55 45.02 9.24
N ARG J 48 -32.36 43.92 8.51
CA ARG J 48 -31.74 42.74 9.11
C ARG J 48 -30.41 43.09 9.77
N MET J 49 -29.64 43.97 9.17
CA MET J 49 -28.28 44.19 9.64
C MET J 49 -28.26 44.98 10.93
N ILE J 50 -29.29 45.78 11.19
CA ILE J 50 -29.42 46.38 12.50
C ILE J 50 -29.99 45.37 13.49
N LEU J 51 -30.89 44.51 13.03
CA LEU J 51 -31.35 43.44 13.91
C LEU J 51 -30.28 42.39 14.11
N THR J 52 -29.18 42.50 13.39
CA THR J 52 -28.18 41.44 13.33
C THR J 52 -26.82 42.13 13.30
N HIS J 53 -25.77 41.43 12.86
CA HIS J 53 -24.41 41.95 12.98
C HIS J 53 -24.02 42.13 14.43
N VAL J 54 -23.78 41.02 15.12
CA VAL J 54 -23.09 41.10 16.40
C VAL J 54 -21.77 41.82 16.20
N ASP J 55 -21.53 42.83 17.01
CA ASP J 55 -20.29 43.59 16.93
C ASP J 55 -19.17 42.76 17.53
N LEU J 56 -18.16 42.47 16.72
CA LEU J 56 -16.98 41.78 17.21
C LEU J 56 -15.84 42.69 17.60
N ILE J 57 -15.89 43.98 17.25
CA ILE J 57 -14.74 44.81 17.58
C ILE J 57 -14.73 45.12 19.06
N GLU J 58 -15.89 45.35 19.66
CA GLU J 58 -15.90 45.63 21.09
C GLU J 58 -15.49 44.43 21.89
N LYS J 59 -15.90 43.24 21.47
CA LYS J 59 -15.41 42.03 22.10
C LYS J 59 -13.97 41.75 21.76
N PHE J 60 -13.44 42.35 20.69
CA PHE J 60 -12.01 42.24 20.42
C PHE J 60 -11.18 43.15 21.30
N LEU J 61 -11.56 44.42 21.44
CA LEU J 61 -10.75 45.40 22.14
C LEU J 61 -10.43 44.97 23.57
N ARG J 62 -11.17 44.00 24.12
CA ARG J 62 -10.63 43.21 25.20
C ARG J 62 -9.19 42.84 24.89
N TYR J 63 -8.99 42.08 23.82
CA TYR J 63 -7.65 41.76 23.36
C TYR J 63 -7.10 42.89 22.52
N ASN J 64 -6.06 43.46 22.93
CA ASN J 64 -5.35 44.22 21.92
C ASN J 64 -3.86 44.05 22.12
N PRO J 65 -3.07 44.21 21.06
CA PRO J 65 -1.60 44.08 21.23
C PRO J 65 -1.05 45.07 22.25
N LEU J 66 -1.51 46.33 22.19
CA LEU J 66 -0.83 47.38 22.93
C LEU J 66 -1.25 47.41 24.40
N GLU J 67 -2.55 47.26 24.66
CA GLU J 67 -3.11 47.47 25.99
C GLU J 67 -2.89 48.91 26.47
N PRO K 42 -16.78 60.36 -35.04
CA PRO K 42 -16.81 59.41 -36.15
C PRO K 42 -16.07 58.12 -35.80
N ASP K 43 -16.38 57.55 -34.63
CA ASP K 43 -15.69 56.35 -34.19
C ASP K 43 -16.23 55.11 -34.90
N ARG K 44 -15.33 54.44 -35.61
CA ARG K 44 -15.71 53.30 -36.43
C ARG K 44 -16.15 52.10 -35.60
N GLU K 45 -15.84 52.10 -34.30
CA GLU K 45 -16.37 51.08 -33.41
C GLU K 45 -17.52 51.67 -32.59
N LYS K 46 -18.73 51.39 -33.03
CA LYS K 46 -19.93 51.48 -32.22
C LYS K 46 -20.82 50.28 -32.49
N ILE K 47 -21.32 50.21 -33.71
CA ILE K 47 -22.13 49.09 -34.18
C ILE K 47 -21.55 48.66 -35.52
N LYS K 48 -21.88 47.45 -35.94
CA LYS K 48 -21.40 46.92 -37.22
C LYS K 48 -22.51 46.17 -37.91
N LEU K 49 -22.71 46.45 -39.19
CA LEU K 49 -23.56 45.61 -40.02
C LEU K 49 -22.98 44.20 -40.04
N LEU K 50 -23.78 43.21 -39.67
CA LEU K 50 -23.31 41.84 -39.74
C LEU K 50 -23.70 41.23 -41.07
N THR K 51 -22.72 41.00 -41.94
CA THR K 51 -23.01 40.40 -43.23
C THR K 51 -23.43 38.95 -43.05
N GLN K 52 -22.95 38.30 -42.00
CA GLN K 52 -23.32 36.92 -41.69
C GLN K 52 -24.82 36.71 -41.64
N ALA K 53 -25.53 37.48 -40.83
CA ALA K 53 -26.97 37.32 -40.69
C ALA K 53 -27.79 37.92 -41.82
N THR K 54 -27.52 39.15 -42.22
CA THR K 54 -28.39 39.84 -43.17
C THR K 54 -28.32 39.19 -44.54
N SER K 55 -29.37 39.38 -45.32
CA SER K 55 -29.38 38.88 -46.69
C SER K 55 -29.13 40.01 -47.67
N GLU K 56 -30.16 40.78 -47.97
CA GLU K 56 -30.08 41.91 -48.91
C GLU K 56 -31.24 42.85 -48.62
N ASP K 57 -31.12 44.08 -49.12
CA ASP K 57 -32.26 44.98 -49.27
C ASP K 57 -33.05 45.12 -47.97
N GLY K 58 -32.47 45.79 -46.97
CA GLY K 58 -33.18 45.92 -45.72
C GLY K 58 -33.46 44.55 -45.15
N THR K 59 -34.73 44.24 -44.99
CA THR K 59 -35.17 42.90 -44.62
C THR K 59 -34.53 42.54 -43.28
N SER K 60 -33.69 41.50 -43.26
CA SER K 60 -32.94 41.12 -42.08
C SER K 60 -31.67 41.95 -41.98
N ALA K 61 -31.45 42.52 -40.80
CA ALA K 61 -30.19 43.15 -40.46
C ALA K 61 -29.93 42.91 -38.99
N SER K 62 -28.72 42.47 -38.68
CA SER K 62 -28.31 42.21 -37.31
C SER K 62 -27.17 43.16 -36.97
N PHE K 63 -27.39 44.01 -35.99
CA PHE K 63 -26.44 45.04 -35.62
C PHE K 63 -25.95 44.77 -34.20
N GLN K 64 -24.69 44.37 -34.05
CA GLN K 64 -24.19 44.15 -32.71
C GLN K 64 -23.60 45.43 -32.17
N ILE K 65 -24.20 45.92 -31.08
CA ILE K 65 -23.77 47.14 -30.42
C ILE K 65 -22.76 46.72 -29.36
N VAL K 66 -21.54 47.18 -29.50
CA VAL K 66 -20.58 46.99 -28.44
C VAL K 66 -20.81 48.07 -27.39
N GLU K 67 -20.48 47.75 -26.13
CA GLU K 67 -20.54 48.70 -25.03
C GLU K 67 -21.96 49.27 -24.87
N GLU K 68 -22.86 48.38 -24.43
CA GLU K 68 -24.23 48.76 -24.13
C GLU K 68 -24.98 47.55 -23.60
N ASP K 69 -26.19 47.79 -23.10
CA ASP K 69 -26.91 46.82 -22.29
C ASP K 69 -28.42 46.85 -22.57
N HIS K 70 -29.17 46.02 -21.85
CA HIS K 70 -30.61 45.93 -21.91
C HIS K 70 -31.31 47.26 -21.72
N THR K 71 -30.64 48.25 -21.12
CA THR K 71 -31.19 49.60 -21.07
C THR K 71 -31.63 50.01 -22.46
N LEU K 72 -30.65 50.18 -23.35
CA LEU K 72 -30.94 50.62 -24.70
C LEU K 72 -31.72 49.57 -25.49
N GLY K 73 -31.48 48.29 -25.21
CA GLY K 73 -32.17 47.26 -25.97
C GLY K 73 -33.66 47.21 -25.70
N ASN K 74 -34.04 47.01 -24.43
CA ASN K 74 -35.45 47.02 -24.08
C ASN K 74 -36.08 48.36 -24.35
N ALA K 75 -35.41 49.44 -23.96
CA ALA K 75 -35.87 50.77 -24.29
C ALA K 75 -36.18 50.91 -25.78
N LEU K 76 -35.31 50.40 -26.63
CA LEU K 76 -35.42 50.69 -28.04
C LEU K 76 -36.41 49.79 -28.75
N ARG K 77 -36.47 48.49 -28.41
CA ARG K 77 -37.35 47.58 -29.13
C ARG K 77 -38.80 48.04 -29.15
N TYR K 78 -39.32 48.43 -27.99
CA TYR K 78 -40.66 49.00 -27.88
C TYR K 78 -40.89 50.11 -28.87
N VAL K 79 -39.97 51.07 -28.94
CA VAL K 79 -40.04 52.10 -29.97
C VAL K 79 -40.08 51.48 -31.36
N ILE K 80 -39.05 50.74 -31.73
CA ILE K 80 -38.93 50.19 -33.08
C ILE K 80 -40.19 49.51 -33.55
N MET K 81 -40.75 48.61 -32.74
CA MET K 81 -41.81 47.73 -33.25
C MET K 81 -43.04 48.53 -33.67
N LYS K 82 -43.23 49.72 -33.11
CA LYS K 82 -44.40 50.50 -33.48
C LYS K 82 -44.16 51.38 -34.70
N ASN K 83 -43.02 51.22 -35.36
CA ASN K 83 -42.89 51.66 -36.75
C ASN K 83 -43.53 50.61 -37.66
N PRO K 84 -44.43 51.01 -38.57
CA PRO K 84 -45.27 50.02 -39.27
C PRO K 84 -44.48 48.97 -40.00
N ASP K 85 -43.45 49.36 -40.75
CA ASP K 85 -42.72 48.39 -41.55
C ASP K 85 -41.99 47.39 -40.67
N VAL K 86 -41.56 47.82 -39.48
CA VAL K 86 -40.81 46.95 -38.57
C VAL K 86 -41.63 45.70 -38.29
N GLU K 87 -40.96 44.55 -38.29
CA GLU K 87 -41.64 43.30 -38.04
C GLU K 87 -40.98 42.51 -36.93
N PHE K 88 -39.73 42.15 -37.11
CA PHE K 88 -38.99 41.43 -36.09
C PHE K 88 -37.89 42.37 -35.61
N CYS K 89 -38.09 43.00 -34.46
CA CYS K 89 -37.00 43.71 -33.81
C CYS K 89 -36.76 43.04 -32.48
N GLY K 90 -35.72 42.21 -32.41
CA GLY K 90 -35.30 41.58 -31.18
C GLY K 90 -33.99 42.18 -30.72
N TYR K 91 -33.54 41.71 -29.57
CA TYR K 91 -32.16 41.94 -29.17
C TYR K 91 -31.80 40.93 -28.10
N SER K 92 -30.52 40.68 -27.96
CA SER K 92 -30.05 39.95 -26.79
C SER K 92 -28.58 40.24 -26.60
N ILE K 93 -28.13 40.04 -25.37
CA ILE K 93 -26.69 39.89 -25.13
C ILE K 93 -26.29 38.48 -25.52
N PRO K 94 -25.17 38.28 -26.21
CA PRO K 94 -24.66 36.92 -26.34
C PRO K 94 -24.52 36.23 -25.01
N HIS K 95 -24.11 36.97 -23.99
CA HIS K 95 -23.87 36.48 -22.63
C HIS K 95 -23.37 37.62 -21.78
N PRO K 96 -23.87 37.78 -20.55
CA PRO K 96 -23.30 38.79 -19.66
C PRO K 96 -21.82 38.61 -19.43
N SER K 97 -21.27 37.44 -19.76
CA SER K 97 -19.85 37.19 -19.51
C SER K 97 -18.95 38.15 -20.28
N GLU K 98 -19.50 38.90 -21.23
CA GLU K 98 -18.78 39.96 -21.91
C GLU K 98 -19.77 40.98 -22.44
N ASN K 99 -19.30 42.19 -22.69
CA ASN K 99 -20.18 43.27 -23.12
C ASN K 99 -20.21 43.30 -24.64
N LEU K 100 -21.31 42.80 -25.18
CA LEU K 100 -21.68 42.93 -26.57
C LEU K 100 -23.20 42.88 -26.62
N LEU K 101 -23.80 43.62 -27.54
CA LEU K 101 -25.26 43.60 -27.59
C LEU K 101 -25.72 43.47 -29.03
N ASN K 102 -26.41 42.38 -29.34
CA ASN K 102 -27.00 42.15 -30.64
C ASN K 102 -28.38 42.79 -30.64
N ILE K 103 -28.67 43.57 -31.68
CA ILE K 103 -30.03 44.04 -31.94
C ILE K 103 -30.39 43.55 -33.34
N ARG K 104 -31.68 43.38 -33.58
CA ARG K 104 -32.16 42.58 -34.70
C ARG K 104 -33.38 43.22 -35.32
N ILE K 105 -33.34 43.47 -36.63
CA ILE K 105 -34.53 43.88 -37.35
C ILE K 105 -34.55 43.15 -38.69
N GLN K 106 -35.53 42.27 -38.86
CA GLN K 106 -35.88 41.69 -40.15
C GLN K 106 -37.31 42.15 -40.44
N THR K 107 -37.47 42.94 -41.48
CA THR K 107 -38.73 43.63 -41.73
C THR K 107 -39.15 43.31 -43.16
N TYR K 108 -40.17 44.03 -43.62
CA TYR K 108 -40.71 43.85 -44.96
C TYR K 108 -39.84 44.55 -45.99
N GLY K 109 -40.39 44.72 -47.19
CA GLY K 109 -39.81 45.57 -48.20
C GLY K 109 -40.20 46.98 -47.84
N GLU K 110 -40.47 47.83 -48.83
CA GLU K 110 -40.77 49.23 -48.55
C GLU K 110 -39.49 49.84 -47.98
N THR K 111 -39.48 50.36 -46.76
CA THR K 111 -38.25 50.98 -46.28
C THR K 111 -37.17 49.93 -46.03
N THR K 112 -36.02 50.42 -45.56
CA THR K 112 -34.81 49.64 -45.41
C THR K 112 -34.46 49.51 -43.93
N ALA K 113 -33.77 48.42 -43.59
CA ALA K 113 -33.45 48.10 -42.21
C ALA K 113 -32.89 49.29 -41.45
N VAL K 114 -31.69 49.75 -41.81
CA VAL K 114 -31.06 50.85 -41.11
C VAL K 114 -31.99 52.06 -41.01
N ASP K 115 -32.81 52.30 -42.03
CA ASP K 115 -33.72 53.42 -42.02
C ASP K 115 -34.68 53.37 -40.85
N ALA K 116 -35.17 52.18 -40.51
CA ALA K 116 -35.95 52.02 -39.29
C ALA K 116 -35.16 52.47 -38.07
N LEU K 117 -34.05 51.79 -37.78
CA LEU K 117 -33.28 52.10 -36.59
C LEU K 117 -32.97 53.59 -36.48
N GLN K 118 -32.57 54.22 -37.59
CA GLN K 118 -32.42 55.67 -37.60
C GLN K 118 -33.71 56.35 -37.17
N LYS K 119 -34.77 56.16 -37.96
CA LYS K 119 -36.04 56.82 -37.72
C LYS K 119 -36.53 56.67 -36.29
N GLY K 120 -36.90 55.45 -35.90
CA GLY K 120 -37.39 55.23 -34.55
C GLY K 120 -36.36 55.57 -33.49
N LEU K 121 -35.09 55.58 -33.86
CA LEU K 121 -34.08 55.99 -32.89
C LEU K 121 -34.21 57.46 -32.55
N LYS K 122 -34.23 58.32 -33.57
CA LYS K 122 -34.48 59.73 -33.34
C LYS K 122 -35.86 59.94 -32.73
N ASP K 123 -36.79 59.04 -33.01
CA ASP K 123 -38.05 59.03 -32.29
C ASP K 123 -37.82 58.84 -30.80
N LEU K 124 -36.88 57.97 -30.44
CA LEU K 124 -36.55 57.77 -29.04
C LEU K 124 -35.86 58.99 -28.46
N MET K 125 -35.17 59.76 -29.31
CA MET K 125 -34.77 61.10 -28.91
C MET K 125 -35.98 61.95 -28.55
N ASP K 126 -36.97 62.02 -29.45
CA ASP K 126 -38.18 62.77 -29.18
C ASP K 126 -38.82 62.34 -27.87
N LEU K 127 -38.79 61.05 -27.56
CA LEU K 127 -39.13 60.60 -26.21
C LEU K 127 -38.41 61.45 -25.18
N CYS K 128 -37.07 61.40 -25.19
CA CYS K 128 -36.27 62.13 -24.21
C CYS K 128 -36.71 63.58 -24.07
N ASP K 129 -36.85 64.31 -25.18
CA ASP K 129 -37.31 65.69 -25.09
C ASP K 129 -38.66 65.79 -24.40
N VAL K 130 -39.66 65.08 -24.91
CA VAL K 130 -40.98 65.08 -24.30
C VAL K 130 -40.90 64.83 -22.80
N VAL K 131 -40.08 63.86 -22.40
CA VAL K 131 -39.88 63.56 -21.00
C VAL K 131 -39.41 64.80 -20.26
N GLU K 132 -38.23 65.31 -20.59
CA GLU K 132 -37.76 66.51 -19.91
C GLU K 132 -38.73 67.67 -20.11
N SER K 133 -39.39 67.73 -21.26
CA SER K 133 -40.39 68.76 -21.48
C SER K 133 -41.42 68.78 -20.35
N LYS K 134 -42.22 67.72 -20.25
CA LYS K 134 -43.17 67.60 -19.16
C LYS K 134 -42.52 67.74 -17.79
N PHE K 135 -41.62 66.82 -17.45
CA PHE K 135 -40.99 66.75 -16.14
C PHE K 135 -40.43 68.09 -15.68
N THR K 136 -39.44 68.65 -16.38
CA THR K 136 -38.84 69.89 -15.89
C THR K 136 -39.84 71.04 -15.84
N GLU K 137 -40.85 71.04 -16.73
CA GLU K 137 -41.95 71.98 -16.61
C GLU K 137 -42.62 71.89 -15.26
N LYS K 138 -43.19 70.72 -14.94
CA LYS K 138 -43.79 70.52 -13.63
C LYS K 138 -42.86 70.90 -12.49
N ILE K 139 -41.62 70.41 -12.50
CA ILE K 139 -40.77 70.65 -11.33
C ILE K 139 -40.41 72.11 -11.17
N LYS K 140 -40.13 72.84 -12.25
CA LYS K 140 -39.89 74.27 -12.11
C LYS K 140 -41.17 74.96 -11.65
N SER K 141 -42.31 74.50 -12.15
CA SER K 141 -43.58 74.94 -11.62
C SER K 141 -43.90 74.28 -10.28
N MET K 142 -43.10 73.30 -9.86
CA MET K 142 -43.29 72.58 -8.62
C MET K 142 -44.69 71.99 -8.51
N ALA L 25 7.20 54.11 17.57
CA ALA L 25 8.19 55.09 17.12
C ALA L 25 8.83 54.64 15.81
N THR L 26 9.73 55.48 15.29
CA THR L 26 10.40 55.15 14.03
C THR L 26 11.55 54.18 14.27
N LEU L 27 11.81 53.84 15.54
CA LEU L 27 12.69 52.72 15.86
C LEU L 27 11.98 51.42 15.53
N LYS L 28 12.58 50.28 15.82
CA LYS L 28 12.17 49.06 15.14
C LYS L 28 10.85 48.47 15.63
N TYR L 29 10.79 47.85 16.81
CA TYR L 29 9.57 47.11 17.13
C TYR L 29 9.33 46.89 18.62
N ILE L 30 8.37 46.01 18.89
CA ILE L 30 7.59 46.04 20.11
C ILE L 30 7.59 44.65 20.75
N CYS L 31 7.25 44.61 22.05
CA CYS L 31 7.09 43.36 22.78
C CYS L 31 5.88 42.59 22.27
N ALA L 32 5.59 41.47 22.90
CA ALA L 32 4.31 40.81 22.76
C ALA L 32 3.38 41.31 23.85
N GLU L 33 3.75 41.09 25.10
CA GLU L 33 2.91 41.50 26.22
C GLU L 33 3.24 42.91 26.67
N CYS L 34 4.48 43.15 27.12
CA CYS L 34 4.85 44.47 27.58
C CYS L 34 4.49 45.57 26.59
N SER L 35 4.54 45.26 25.30
CA SER L 35 4.09 46.19 24.28
C SER L 35 4.77 47.54 24.40
N SER L 36 6.06 47.59 24.09
CA SER L 36 6.80 48.84 24.14
C SER L 36 7.80 48.89 23.00
N LYS L 37 8.01 50.10 22.49
CA LYS L 37 9.00 50.31 21.44
C LYS L 37 10.36 49.79 21.88
N LEU L 38 10.99 49.00 21.02
CA LEU L 38 12.32 48.51 21.34
C LEU L 38 13.09 48.23 20.04
N SER L 39 14.37 48.53 20.05
CA SER L 39 15.27 48.19 18.95
C SER L 39 16.04 46.92 19.31
N LEU L 40 16.96 46.57 18.43
CA LEU L 40 17.86 45.46 18.71
C LEU L 40 19.12 45.63 17.87
N SER L 41 20.22 45.04 18.34
CA SER L 41 21.45 45.00 17.57
C SER L 41 21.33 43.88 16.53
N ARG L 42 22.41 43.64 15.80
CA ARG L 42 22.49 42.49 14.91
C ARG L 42 23.09 41.32 15.68
N THR L 43 22.43 40.17 15.62
CA THR L 43 22.87 38.95 16.29
C THR L 43 23.13 39.20 17.77
N ASP L 44 22.07 39.51 18.53
CA ASP L 44 22.21 39.74 19.95
C ASP L 44 21.32 38.74 20.67
N ALA L 45 20.01 38.95 20.73
CA ALA L 45 19.06 38.04 21.36
C ALA L 45 17.67 38.63 21.23
N VAL L 46 16.65 37.76 21.33
CA VAL L 46 15.28 38.20 21.10
C VAL L 46 14.56 38.62 22.38
N ARG L 47 15.08 38.28 23.55
CA ARG L 47 14.42 38.64 24.80
C ARG L 47 14.29 40.16 24.90
N CYS L 48 13.10 40.59 25.33
CA CYS L 48 12.84 42.01 25.51
C CYS L 48 13.54 42.48 26.77
N LYS L 49 13.50 43.78 27.01
CA LYS L 49 14.14 44.37 28.18
C LYS L 49 13.11 44.74 29.23
N ASP L 50 12.15 45.59 28.87
CA ASP L 50 11.11 46.00 29.80
C ASP L 50 10.55 44.79 30.54
N CYS L 51 10.34 43.71 29.79
CA CYS L 51 9.81 42.48 30.36
C CYS L 51 10.78 41.33 30.06
N GLY L 52 10.75 40.29 30.89
CA GLY L 52 11.63 39.17 30.69
C GLY L 52 11.00 38.24 29.67
N HIS L 53 9.76 38.55 29.32
CA HIS L 53 8.99 37.80 28.34
C HIS L 53 9.72 37.77 27.00
N ARG L 54 9.77 36.58 26.41
CA ARG L 54 10.58 36.33 25.24
C ARG L 54 9.97 36.84 23.95
N ILE L 55 8.81 36.29 23.54
CA ILE L 55 8.32 36.58 22.20
C ILE L 55 7.96 38.05 22.05
N LEU L 56 8.09 38.53 20.82
CA LEU L 56 7.77 39.91 20.48
C LEU L 56 7.52 40.03 18.99
N LEU L 57 6.86 41.11 18.59
CA LEU L 57 6.43 41.29 17.21
C LEU L 57 7.07 42.52 16.61
N LYS L 58 6.79 42.78 15.34
CA LYS L 58 7.45 43.81 14.57
C LYS L 58 6.46 44.93 14.26
N ALA L 59 6.89 46.17 14.49
CA ALA L 59 6.01 47.30 14.25
C ALA L 59 5.76 47.49 12.76
N ARG L 60 4.63 48.10 12.44
CA ARG L 60 4.30 48.35 11.04
C ARG L 60 5.21 49.43 10.48
N THR L 61 5.57 49.27 9.21
CA THR L 61 6.53 50.18 8.60
C THR L 61 6.00 51.60 8.57
N LYS L 62 6.89 52.54 8.84
CA LYS L 62 6.63 53.94 8.59
C LYS L 62 6.48 54.24 7.12
N ARG L 63 6.86 53.30 6.25
CA ARG L 63 6.79 53.48 4.81
C ARG L 63 5.34 53.57 4.35
N LEU L 64 5.13 54.31 3.27
CA LEU L 64 3.80 54.43 2.69
C LEU L 64 3.31 53.09 2.16
N VAL L 65 2.00 52.94 2.10
CA VAL L 65 1.36 51.74 1.58
C VAL L 65 0.03 52.14 0.96
N GLN L 66 -0.42 51.36 -0.03
CA GLN L 66 -1.51 51.75 -0.91
C GLN L 66 -2.40 50.55 -1.23
N PHE L 67 -3.72 50.76 -1.17
CA PHE L 67 -4.70 49.84 -1.73
C PHE L 67 -5.55 50.59 -2.75
N GLU L 68 -6.51 49.87 -3.31
CA GLU L 68 -7.67 50.49 -3.95
C GLU L 68 -8.93 49.77 -3.51
N ALA L 69 -9.80 50.50 -2.82
CA ALA L 69 -11.02 49.92 -2.26
C ALA L 69 -12.10 49.81 -3.35
N ARG L 70 -12.50 48.57 -3.60
CA ARG L 70 -13.50 48.25 -4.62
C ARG L 70 -13.72 46.75 -4.70
N ILE M 71 -50.31 -8.87 64.17
CA ILE M 71 -50.50 -7.73 65.05
C ILE M 71 -49.86 -8.01 66.42
N GLU M 72 -49.64 -9.30 66.69
CA GLU M 72 -48.93 -9.73 67.90
C GLU M 72 -47.43 -9.63 67.68
N GLU M 73 -46.65 -10.31 68.52
CA GLU M 73 -45.20 -10.44 68.32
C GLU M 73 -44.80 -11.88 68.60
N PHE M 74 -43.90 -12.43 67.78
CA PHE M 74 -43.29 -13.73 68.05
C PHE M 74 -41.81 -13.52 68.34
N PRO M 75 -41.34 -13.80 69.54
CA PRO M 75 -40.00 -13.34 69.93
C PRO M 75 -38.90 -14.15 69.26
N LEU M 76 -37.70 -13.55 69.27
CA LEU M 76 -36.47 -14.26 68.95
C LEU M 76 -35.33 -13.50 69.62
N LYS M 77 -34.22 -14.20 69.87
CA LYS M 77 -33.02 -13.58 70.42
C LYS M 77 -31.79 -14.22 69.80
N ILE M 78 -30.66 -13.54 69.95
CA ILE M 78 -29.43 -13.90 69.25
C ILE M 78 -28.81 -15.16 69.86
N SER M 79 -27.64 -15.54 69.35
CA SER M 79 -26.87 -16.65 69.89
C SER M 79 -25.44 -16.19 70.14
N GLY M 80 -24.74 -16.97 70.97
CA GLY M 80 -23.35 -16.74 71.25
C GLY M 80 -22.50 -17.65 70.41
N GLU M 81 -21.38 -18.12 70.95
CA GLU M 81 -20.53 -19.05 70.21
C GLU M 81 -21.20 -20.41 70.12
N GLU M 82 -21.33 -21.09 71.26
CA GLU M 82 -21.76 -22.49 71.31
C GLU M 82 -20.99 -23.30 70.28
N GLU M 83 -19.67 -23.15 70.35
CA GLU M 83 -18.67 -23.74 69.45
C GLU M 83 -19.09 -23.60 67.99
N SER M 84 -19.69 -22.47 67.65
CA SER M 84 -20.14 -22.23 66.29
C SER M 84 -20.79 -23.47 65.68
N LEU M 85 -21.36 -23.32 64.49
CA LEU M 85 -21.98 -24.42 63.79
C LEU M 85 -21.95 -24.38 62.26
N HIS M 86 -21.50 -25.48 61.66
CA HIS M 86 -21.41 -25.57 60.21
C HIS M 86 -22.70 -26.21 59.71
N VAL M 87 -22.75 -26.52 58.42
CA VAL M 87 -23.94 -27.13 57.85
C VAL M 87 -23.64 -27.64 56.45
N PHE M 88 -24.04 -28.89 56.19
CA PHE M 88 -23.85 -29.50 54.89
C PHE M 88 -25.16 -29.47 54.12
N GLN M 89 -25.04 -29.30 52.81
CA GLN M 89 -26.07 -29.69 51.86
C GLN M 89 -25.37 -30.23 50.63
N TYR M 90 -26.08 -31.03 49.84
CA TYR M 90 -25.44 -31.78 48.79
C TYR M 90 -26.41 -32.00 47.63
N ALA M 91 -25.83 -32.28 46.47
CA ALA M 91 -26.57 -32.51 45.23
C ALA M 91 -27.10 -33.94 45.11
N ASN M 92 -26.32 -34.91 45.61
CA ASN M 92 -26.46 -36.31 45.24
C ASN M 92 -27.87 -36.87 45.45
N ARG M 93 -28.39 -36.78 46.67
CA ARG M 93 -29.64 -37.44 47.02
C ARG M 93 -30.65 -36.42 47.49
N PRO M 94 -31.47 -35.88 46.60
CA PRO M 94 -32.50 -34.92 47.00
C PRO M 94 -33.66 -35.55 47.75
N ARG M 95 -34.72 -34.76 47.94
CA ARG M 95 -35.94 -35.23 48.56
C ARG M 95 -36.50 -36.42 47.79
N LEU M 96 -37.14 -37.35 48.49
CA LEU M 96 -37.92 -38.39 47.82
C LEU M 96 -39.39 -38.17 48.10
N VAL M 97 -40.13 -37.70 47.08
CA VAL M 97 -41.50 -37.23 47.30
C VAL M 97 -42.48 -38.35 47.57
N GLY M 98 -42.16 -39.58 47.18
CA GLY M 98 -43.09 -40.69 47.31
C GLY M 98 -43.64 -40.89 48.70
N ARG M 99 -42.76 -41.01 49.68
CA ARG M 99 -43.19 -41.07 51.08
C ARG M 99 -42.45 -40.08 51.96
N LYS M 100 -41.12 -40.19 52.07
CA LYS M 100 -40.32 -39.39 52.99
C LYS M 100 -39.29 -38.61 52.19
N PRO M 101 -39.60 -37.36 51.82
CA PRO M 101 -38.56 -36.50 51.25
C PRO M 101 -37.32 -36.43 52.12
N ALA M 102 -37.48 -36.65 53.42
CA ALA M 102 -36.33 -36.74 54.32
C ALA M 102 -35.76 -38.16 54.29
N GLU M 103 -34.49 -38.25 53.93
CA GLU M 103 -33.80 -39.53 53.83
C GLU M 103 -32.36 -39.29 54.26
N HIS M 104 -32.17 -39.21 55.57
CA HIS M 104 -30.85 -38.94 56.14
C HIS M 104 -29.77 -39.97 55.90
N PRO M 105 -28.62 -39.50 55.39
CA PRO M 105 -27.36 -40.20 55.11
C PRO M 105 -26.75 -40.77 56.39
N PHE M 106 -25.58 -41.39 56.31
CA PHE M 106 -25.20 -42.26 57.41
C PHE M 106 -23.69 -42.35 57.58
N ILE M 107 -23.29 -42.70 58.81
CA ILE M 107 -22.00 -43.21 59.27
C ILE M 107 -20.96 -42.11 59.45
N SER M 108 -21.22 -40.92 58.88
CA SER M 108 -20.30 -39.80 59.06
C SER M 108 -18.89 -40.18 58.62
N ALA M 109 -17.96 -40.27 59.59
CA ALA M 109 -16.55 -40.52 59.35
C ALA M 109 -15.95 -39.38 58.53
N ALA M 110 -15.82 -38.22 59.17
CA ALA M 110 -15.41 -36.98 58.52
C ALA M 110 -14.09 -36.47 59.07
N ARG M 111 -13.69 -35.30 58.56
CA ARG M 111 -12.42 -34.69 58.85
C ARG M 111 -12.55 -33.17 58.77
N TYR M 112 -11.64 -32.47 59.43
CA TYR M 112 -11.45 -31.04 59.19
C TYR M 112 -9.98 -30.68 59.33
N LYS M 113 -9.47 -29.93 58.37
CA LYS M 113 -8.15 -29.34 58.47
C LYS M 113 -8.31 -27.83 58.48
N PRO M 114 -7.45 -27.12 59.21
CA PRO M 114 -7.67 -25.68 59.39
C PRO M 114 -7.54 -24.90 58.10
N LYS M 115 -7.85 -23.61 58.14
CA LYS M 115 -7.92 -22.78 56.94
C LYS M 115 -8.86 -23.45 55.94
N SER M 116 -8.33 -23.87 54.80
CA SER M 116 -9.07 -24.70 53.86
C SER M 116 -9.51 -25.97 54.58
N HIS M 117 -10.77 -26.36 54.40
CA HIS M 117 -11.33 -27.39 55.26
C HIS M 117 -11.39 -28.74 54.56
N LEU M 118 -12.15 -28.85 53.47
CA LEU M 118 -12.09 -30.00 52.57
C LEU M 118 -12.37 -31.32 53.31
N TRP M 119 -13.63 -31.54 53.66
CA TRP M 119 -13.96 -32.61 54.58
C TRP M 119 -14.31 -33.91 53.86
N GLU M 120 -13.51 -34.94 54.12
CA GLU M 120 -13.82 -36.30 53.69
C GLU M 120 -15.15 -36.70 54.31
N ILE M 121 -16.08 -37.15 53.48
CA ILE M 121 -17.40 -37.58 53.94
C ILE M 121 -17.66 -38.99 53.44
N ASP M 122 -18.22 -39.83 54.30
CA ASP M 122 -18.26 -41.27 54.11
C ASP M 122 -19.68 -41.78 54.35
N ILE M 123 -20.16 -42.63 53.44
CA ILE M 123 -21.43 -43.33 53.60
C ILE M 123 -21.24 -44.76 53.10
N PRO M 124 -21.81 -45.77 53.77
CA PRO M 124 -21.53 -47.15 53.38
C PRO M 124 -22.07 -47.48 52.00
N LEU M 125 -21.51 -48.53 51.41
CA LEU M 125 -21.92 -49.03 50.12
C LEU M 125 -22.56 -50.39 50.27
N ASP M 126 -23.86 -50.47 49.97
CA ASP M 126 -24.63 -51.70 50.13
C ASP M 126 -24.25 -52.69 49.04
N GLU M 127 -24.08 -53.96 49.43
CA GLU M 127 -23.88 -55.00 48.44
C GLU M 127 -25.13 -55.22 47.61
N GLN M 128 -26.29 -54.85 48.14
CA GLN M 128 -27.59 -55.04 47.53
C GLN M 128 -27.96 -53.91 46.56
N ALA M 129 -27.05 -52.97 46.32
CA ALA M 129 -27.37 -51.66 45.74
C ALA M 129 -27.39 -51.66 44.23
N PHE M 130 -27.36 -52.84 43.58
CA PHE M 130 -26.91 -52.96 42.20
C PHE M 130 -25.46 -52.51 42.21
N TYR M 131 -24.61 -53.35 42.79
CA TYR M 131 -23.34 -52.98 43.36
C TYR M 131 -22.13 -53.49 42.59
N ASN M 132 -22.02 -54.81 42.41
CA ASN M 132 -20.92 -55.43 41.68
C ASN M 132 -19.55 -55.21 42.32
N LYS M 133 -19.25 -55.95 43.39
CA LYS M 133 -17.92 -55.91 43.97
C LYS M 133 -16.83 -56.26 42.95
N ASP M 134 -17.19 -56.75 41.76
CA ASP M 134 -16.22 -56.82 40.68
C ASP M 134 -15.57 -55.47 40.42
N LYS M 135 -16.29 -54.36 40.65
CA LYS M 135 -15.62 -53.07 40.69
C LYS M 135 -14.59 -53.02 41.81
N ALA M 136 -14.96 -53.49 43.00
CA ALA M 136 -13.98 -53.67 44.07
C ALA M 136 -12.95 -54.72 43.68
N GLU M 137 -13.33 -55.65 42.81
CA GLU M 137 -12.37 -56.59 42.27
C GLU M 137 -11.63 -56.06 41.05
N SER M 138 -12.15 -55.01 40.41
CA SER M 138 -11.53 -54.49 39.19
C SER M 138 -10.09 -54.06 39.44
N GLU M 139 -9.90 -52.94 40.12
CA GLU M 139 -8.56 -52.53 40.57
C GLU M 139 -8.63 -52.10 42.02
N TRP M 140 -9.27 -50.97 42.26
CA TRP M 140 -9.53 -50.46 43.58
C TRP M 140 -10.58 -51.29 44.28
N ASN M 141 -10.67 -51.15 45.61
CA ASN M 141 -11.70 -51.83 46.38
C ASN M 141 -12.83 -50.86 46.65
N GLY M 142 -13.95 -51.06 45.96
CA GLY M 142 -15.18 -50.34 46.18
C GLY M 142 -15.98 -50.84 47.36
N VAL M 143 -15.49 -51.88 48.05
CA VAL M 143 -16.15 -52.35 49.26
C VAL M 143 -16.13 -51.27 50.32
N ASN M 144 -15.36 -50.21 50.10
CA ASN M 144 -15.14 -49.21 51.12
C ASN M 144 -16.40 -48.38 51.31
N VAL M 145 -16.34 -47.51 52.33
CA VAL M 145 -17.35 -46.50 52.53
C VAL M 145 -17.24 -45.47 51.41
N GLN M 146 -18.30 -44.68 51.20
CA GLN M 146 -18.26 -43.79 50.06
C GLN M 146 -17.28 -42.65 50.35
N THR M 147 -17.01 -41.83 49.34
CA THR M 147 -16.06 -40.74 49.48
C THR M 147 -16.68 -39.46 48.96
N LEU M 148 -16.93 -38.52 49.86
CA LEU M 148 -17.54 -37.25 49.50
C LEU M 148 -16.77 -36.14 50.19
N LYS M 149 -16.72 -34.98 49.54
CA LYS M 149 -16.05 -33.82 50.10
C LYS M 149 -16.61 -32.59 49.40
N GLY M 150 -16.44 -31.43 50.02
CA GLY M 150 -16.74 -30.18 49.35
C GLY M 150 -15.98 -29.03 49.97
N VAL M 151 -15.74 -28.01 49.16
CA VAL M 151 -15.29 -26.72 49.61
C VAL M 151 -16.53 -25.95 50.05
N GLY M 152 -16.35 -25.01 50.97
CA GLY M 152 -17.43 -24.19 51.46
C GLY M 152 -16.91 -23.13 52.40
N VAL M 153 -17.69 -22.06 52.54
CA VAL M 153 -17.20 -20.85 53.18
C VAL M 153 -18.27 -20.28 54.09
N GLU M 154 -17.82 -19.50 55.05
CA GLU M 154 -18.67 -18.61 55.82
C GLU M 154 -19.01 -17.39 54.96
N ASN M 155 -20.15 -16.78 55.28
CA ASN M 155 -20.56 -15.54 54.64
C ASN M 155 -21.61 -14.87 55.51
N ASN M 156 -21.72 -13.56 55.37
CA ASN M 156 -22.28 -12.72 56.42
C ASN M 156 -23.80 -12.82 56.47
N GLY M 157 -24.34 -12.53 57.66
CA GLY M 157 -25.77 -12.38 57.83
C GLY M 157 -26.59 -13.65 57.72
N GLN M 158 -25.94 -14.75 57.37
CA GLN M 158 -26.66 -16.00 57.13
C GLN M 158 -26.64 -16.82 58.41
N TYR M 159 -27.81 -17.27 58.85
CA TYR M 159 -28.02 -17.77 60.18
C TYR M 159 -28.90 -19.01 60.18
N ALA M 160 -28.54 -19.99 60.98
CA ALA M 160 -29.49 -21.04 61.29
C ALA M 160 -30.49 -20.53 62.30
N ALA M 161 -31.51 -21.33 62.57
CA ALA M 161 -32.49 -20.96 63.58
C ALA M 161 -33.27 -22.19 63.99
N PHE M 162 -33.92 -22.10 65.15
CA PHE M 162 -34.94 -23.06 65.53
C PHE M 162 -36.01 -22.33 66.32
N VAL M 163 -37.17 -22.96 66.48
CA VAL M 163 -38.30 -22.33 67.16
C VAL M 163 -38.62 -23.11 68.42
N LYS M 164 -38.50 -22.46 69.57
CA LYS M 164 -38.94 -23.01 70.84
C LYS M 164 -40.30 -22.43 71.15
N ASP M 165 -41.34 -23.27 71.09
CA ASP M 165 -42.71 -22.86 71.37
C ASP M 165 -43.09 -21.62 70.56
N MET M 166 -43.46 -20.54 71.24
CA MET M 166 -43.87 -19.32 70.59
C MET M 166 -42.73 -18.38 70.24
N GLN M 167 -41.53 -18.64 70.72
CA GLN M 167 -40.40 -17.79 70.35
C GLN M 167 -39.41 -18.55 69.50
N VAL M 168 -38.39 -17.82 69.04
CA VAL M 168 -37.42 -18.33 68.09
C VAL M 168 -36.03 -18.08 68.67
N TYR M 169 -35.06 -18.87 68.21
CA TYR M 169 -33.67 -18.64 68.55
C TYR M 169 -32.84 -18.73 67.28
N LEU M 170 -32.21 -17.62 66.92
CA LEU M 170 -31.29 -17.53 65.81
C LEU M 170 -29.91 -18.00 66.25
N VAL M 171 -29.17 -18.61 65.34
CA VAL M 171 -27.79 -19.00 65.59
C VAL M 171 -26.98 -18.56 64.38
N PRO M 172 -25.74 -18.09 64.55
CA PRO M 172 -24.86 -17.93 63.39
C PRO M 172 -24.53 -19.27 62.77
N ILE M 173 -23.72 -19.28 61.72
CA ILE M 173 -23.45 -20.56 61.05
C ILE M 173 -22.06 -20.86 60.45
N GLU M 174 -21.19 -19.85 60.42
CA GLU M 174 -19.82 -19.99 59.90
C GLU M 174 -19.61 -20.46 58.44
N ARG M 175 -18.98 -21.63 58.28
CA ARG M 175 -18.62 -22.15 56.97
C ARG M 175 -19.63 -23.20 56.51
N VAL M 176 -20.09 -23.05 55.27
CA VAL M 176 -21.09 -23.94 54.69
C VAL M 176 -20.49 -24.58 53.45
N ALA M 177 -20.30 -25.89 53.50
CA ALA M 177 -19.74 -26.60 52.36
C ALA M 177 -20.81 -27.41 51.65
N GLN M 178 -20.73 -27.42 50.32
CA GLN M 178 -21.50 -28.37 49.54
C GLN M 178 -20.80 -29.73 49.66
N LEU M 179 -21.37 -30.78 49.09
CA LEU M 179 -20.75 -32.09 49.27
C LEU M 179 -20.69 -32.80 47.92
N LYS M 180 -19.49 -32.97 47.39
CA LYS M 180 -19.26 -33.62 46.10
C LYS M 180 -18.55 -34.95 46.27
N PRO M 181 -19.06 -36.02 45.73
CA PRO M 181 -18.35 -37.29 45.80
C PRO M 181 -17.08 -37.30 44.95
N PHE M 182 -16.18 -38.24 45.22
CA PHE M 182 -15.05 -38.55 44.35
C PHE M 182 -14.41 -39.85 44.82
N PHE M 183 -13.29 -40.23 44.24
CA PHE M 183 -12.73 -41.52 44.65
C PHE M 183 -11.23 -41.55 44.98
N LYS M 184 -10.93 -42.13 46.14
CA LYS M 184 -9.55 -42.30 46.53
C LYS M 184 -9.02 -43.22 45.46
N TYR M 185 -9.95 -43.94 44.84
CA TYR M 185 -9.64 -44.84 43.74
C TYR M 185 -8.95 -44.13 42.60
N ILE M 186 -9.34 -42.88 42.33
CA ILE M 186 -8.59 -42.03 41.42
C ILE M 186 -7.11 -42.11 41.74
N ASP M 187 -6.73 -41.69 42.96
CA ASP M 187 -5.38 -41.88 43.42
C ASP M 187 -4.91 -43.31 43.22
N ASP M 188 -5.76 -44.29 43.56
CA ASP M 188 -5.39 -45.68 43.29
C ASP M 188 -5.15 -45.89 41.80
N ALA M 189 -6.12 -45.52 40.97
CA ALA M 189 -5.88 -45.46 39.53
C ALA M 189 -4.61 -44.75 39.11
N ASN M 190 -4.29 -43.64 39.76
CA ASN M 190 -2.98 -42.99 39.63
C ASN M 190 -1.81 -43.76 40.23
N VAL M 191 -2.00 -44.34 41.42
CA VAL M 191 -0.91 -45.03 42.12
C VAL M 191 -0.37 -46.07 41.14
N THR M 192 -1.19 -47.04 40.78
CA THR M 192 -0.80 -48.08 39.84
C THR M 192 -0.40 -47.51 38.47
N ARG M 193 -0.78 -46.27 38.17
CA ARG M 193 -0.45 -45.65 36.90
C ARG M 193 0.86 -44.87 37.00
N LYS M 194 0.87 -43.86 37.88
CA LYS M 194 1.91 -42.83 37.88
C LYS M 194 3.31 -43.44 37.89
N GLN M 195 3.57 -44.42 38.75
CA GLN M 195 4.93 -44.90 38.93
C GLN M 195 5.36 -45.78 37.75
N GLU M 196 4.82 -46.99 37.69
CA GLU M 196 5.22 -47.95 36.65
C GLU M 196 4.03 -48.78 36.21
N ASN M 225 9.38 -17.53 46.20
CA ASN M 225 8.93 -17.04 44.91
C ASN M 225 7.57 -17.62 44.53
N ARG M 226 6.96 -17.03 43.50
CA ARG M 226 5.79 -17.59 42.81
C ARG M 226 4.79 -18.04 43.88
N LEU M 227 4.28 -19.27 43.81
CA LEU M 227 3.55 -19.91 44.90
C LEU M 227 2.42 -19.02 45.41
N THR M 228 1.70 -18.46 44.45
CA THR M 228 0.56 -17.61 44.77
C THR M 228 -0.61 -18.05 43.91
N GLY M 229 -1.67 -18.53 44.53
CA GLY M 229 -2.78 -19.09 43.79
C GLY M 229 -3.51 -20.14 44.60
N SER M 230 -4.14 -21.06 43.89
CA SER M 230 -4.73 -22.22 44.56
C SER M 230 -3.67 -22.96 45.40
N LEU M 231 -2.70 -23.57 44.73
CA LEU M 231 -1.62 -24.30 45.40
C LEU M 231 -0.92 -23.49 46.47
N LEU M 232 -0.93 -22.14 46.37
CA LEU M 232 -0.57 -21.35 47.53
C LEU M 232 -1.34 -21.79 48.76
N ALA M 233 -2.66 -21.83 48.68
CA ALA M 233 -3.48 -22.45 49.71
C ALA M 233 -3.61 -23.95 49.54
N HIS M 234 -3.66 -24.46 48.30
CA HIS M 234 -4.07 -25.85 48.09
C HIS M 234 -2.94 -26.84 48.29
N LYS M 235 -1.73 -26.53 47.79
CA LYS M 235 -0.60 -27.41 48.12
C LYS M 235 -0.42 -27.50 49.62
N VAL M 236 -0.45 -26.35 50.31
CA VAL M 236 -0.49 -26.35 51.75
C VAL M 236 -1.69 -27.15 52.25
N ALA M 237 -2.78 -27.16 51.49
CA ALA M 237 -4.00 -27.82 51.96
C ALA M 237 -3.83 -29.33 52.00
N ASP M 238 -3.33 -29.93 50.93
CA ASP M 238 -2.92 -31.33 51.03
C ASP M 238 -1.99 -31.78 52.14
N GLU M 239 -0.95 -30.98 52.40
CA GLU M 239 0.00 -31.30 53.45
C GLU M 239 -0.64 -30.96 54.79
N GLU M 240 -1.52 -29.97 54.76
CA GLU M 240 -2.24 -29.55 55.96
C GLU M 240 -3.24 -30.62 56.35
N ALA M 241 -3.68 -31.41 55.39
CA ALA M 241 -4.64 -32.48 55.67
C ALA M 241 -3.93 -33.61 56.40
N ASN M 242 -4.11 -33.59 57.71
CA ASN M 242 -4.03 -34.75 58.58
C ASN M 242 -5.11 -34.55 59.65
N ILE M 243 -6.15 -35.36 59.59
CA ILE M 243 -7.22 -35.25 60.58
C ILE M 243 -8.06 -36.53 60.54
N GLU M 244 -8.73 -36.80 61.66
CA GLU M 244 -9.86 -37.72 61.74
C GLU M 244 -10.82 -37.11 62.77
N LEU M 245 -12.11 -37.16 62.47
CA LEU M 245 -13.11 -36.62 63.37
C LEU M 245 -14.21 -37.64 63.64
N THR M 246 -14.71 -37.62 64.87
CA THR M 246 -15.80 -38.46 65.29
C THR M 246 -17.11 -37.75 64.95
N TRP M 247 -18.23 -38.26 65.47
CA TRP M 247 -19.53 -37.71 65.17
C TRP M 247 -20.45 -37.93 66.36
N ALA M 248 -21.36 -37.00 66.59
CA ALA M 248 -22.24 -37.06 67.75
C ALA M 248 -23.64 -36.61 67.35
N GLU M 249 -24.59 -36.85 68.26
CA GLU M 249 -25.95 -36.36 68.08
C GLU M 249 -26.60 -36.23 69.44
N GLY M 250 -27.55 -35.30 69.55
CA GLY M 250 -28.36 -35.20 70.75
C GLY M 250 -28.92 -33.81 70.93
N THR M 251 -29.82 -33.68 71.90
CA THR M 251 -30.35 -32.39 72.34
C THR M 251 -29.86 -32.17 73.76
N PHE M 252 -28.87 -31.30 73.93
CA PHE M 252 -28.32 -31.10 75.28
C PHE M 252 -28.40 -29.62 75.67
N GLU M 253 -27.45 -28.84 75.18
CA GLU M 253 -27.46 -27.39 75.36
C GLU M 253 -28.07 -26.69 74.16
N GLN M 254 -28.35 -27.41 73.08
CA GLN M 254 -28.95 -26.79 71.90
C GLN M 254 -30.15 -25.95 72.29
N PHE M 255 -31.00 -26.45 73.18
CA PHE M 255 -31.91 -25.62 73.93
C PHE M 255 -31.22 -24.85 75.05
N LYS M 256 -30.47 -25.54 75.90
CA LYS M 256 -30.10 -25.01 77.22
C LYS M 256 -29.01 -23.96 77.15
N ASP M 257 -28.04 -24.11 76.25
CA ASP M 257 -27.14 -22.99 75.99
C ASP M 257 -27.92 -21.76 75.56
N THR M 258 -28.79 -21.91 74.58
CA THR M 258 -29.67 -20.84 74.13
C THR M 258 -30.65 -20.40 75.21
N ILE M 259 -30.91 -21.24 76.22
CA ILE M 259 -31.75 -20.84 77.35
C ILE M 259 -30.97 -19.92 78.27
N VAL M 260 -29.89 -20.43 78.86
CA VAL M 260 -29.17 -19.71 79.91
C VAL M 260 -28.66 -18.35 79.47
N LYS M 261 -28.52 -18.12 78.16
CA LYS M 261 -28.00 -16.85 77.65
C LYS M 261 -28.90 -15.66 77.96
N GLU M 262 -30.21 -15.84 78.02
CA GLU M 262 -31.13 -14.73 78.24
C GLU M 262 -30.92 -14.11 79.62
N LYS N 274 -50.23 -5.72 35.09
CA LYS N 274 -50.47 -7.11 35.46
C LYS N 274 -49.17 -7.80 35.86
N GLU N 275 -48.34 -7.11 36.62
CA GLU N 275 -47.02 -7.63 36.96
C GLU N 275 -46.91 -7.98 38.43
N ALA N 276 -46.82 -6.96 39.29
CA ALA N 276 -46.56 -7.14 40.71
C ALA N 276 -47.56 -8.04 41.40
N ALA N 277 -48.86 -7.89 41.07
CA ALA N 277 -49.90 -8.66 41.73
C ALA N 277 -49.56 -10.14 41.76
N ALA N 278 -49.06 -10.68 40.66
CA ALA N 278 -48.49 -12.01 40.63
C ALA N 278 -47.36 -12.19 41.63
N GLU N 279 -46.26 -11.46 41.48
CA GLU N 279 -45.12 -11.59 42.38
C GLU N 279 -45.49 -11.25 43.82
N LEU N 280 -46.18 -10.13 44.05
CA LEU N 280 -46.40 -9.69 45.42
C LEU N 280 -47.34 -10.64 46.16
N GLU N 281 -48.28 -11.27 45.47
CA GLU N 281 -49.18 -12.19 46.16
C GLU N 281 -48.45 -13.44 46.62
N LEU N 282 -47.42 -13.87 45.89
CA LEU N 282 -46.63 -15.00 46.34
C LEU N 282 -45.92 -14.69 47.65
N LEU N 283 -45.90 -13.42 48.06
CA LEU N 283 -45.51 -13.10 49.42
C LEU N 283 -46.61 -13.45 50.40
N ASN N 284 -47.87 -13.30 49.97
CA ASN N 284 -48.99 -13.71 50.82
C ASN N 284 -49.10 -15.23 50.92
N ALA N 285 -49.20 -15.90 49.76
CA ALA N 285 -49.15 -17.35 49.75
C ALA N 285 -47.88 -17.86 50.42
N ASP N 286 -46.80 -17.09 50.32
CA ASP N 286 -45.67 -17.31 51.20
C ASP N 286 -46.10 -17.32 52.66
N HIS N 287 -46.64 -16.19 53.16
CA HIS N 287 -47.04 -16.09 54.56
C HIS N 287 -47.85 -17.32 54.98
N GLN N 288 -48.70 -17.82 54.09
CA GLN N 288 -49.32 -19.12 54.32
C GLN N 288 -48.28 -20.23 54.48
N HIS N 289 -47.51 -20.50 53.42
CA HIS N 289 -46.60 -21.64 53.41
C HIS N 289 -45.63 -21.60 54.58
N ILE N 290 -44.86 -20.51 54.69
CA ILE N 290 -43.97 -20.33 55.82
C ILE N 290 -44.73 -20.29 57.14
N LEU N 291 -46.00 -19.90 57.13
CA LEU N 291 -46.74 -19.84 58.38
C LEU N 291 -47.03 -21.23 58.93
N ARG N 292 -47.58 -22.12 58.09
CA ARG N 292 -47.90 -23.46 58.56
C ARG N 292 -46.66 -24.18 59.09
N LYS N 293 -45.73 -24.52 58.19
CA LYS N 293 -44.51 -25.20 58.64
C LYS N 293 -43.71 -24.37 59.63
N LEU N 294 -43.90 -23.05 59.63
CA LEU N 294 -43.38 -22.21 60.69
C LEU N 294 -43.86 -22.67 62.05
N LYS N 295 -45.17 -22.57 62.31
CA LYS N 295 -45.72 -23.03 63.57
C LYS N 295 -45.63 -24.54 63.73
N LYS N 296 -45.24 -25.27 62.68
CA LYS N 296 -44.90 -26.67 62.87
C LYS N 296 -43.59 -26.83 63.61
N MET N 297 -42.87 -25.73 63.82
CA MET N 297 -41.72 -25.70 64.71
C MET N 297 -42.09 -25.22 66.11
N ASN N 298 -43.37 -24.99 66.37
CA ASN N 298 -43.84 -24.77 67.74
C ASN N 298 -43.36 -25.87 68.67
N ASN N 299 -43.44 -27.12 68.22
CA ASN N 299 -42.89 -28.23 68.98
C ASN N 299 -41.36 -28.17 68.95
N LYS N 300 -40.70 -29.14 69.56
CA LYS N 300 -39.24 -29.18 69.58
C LYS N 300 -38.73 -30.56 69.19
N PRO N 301 -38.92 -30.93 67.91
CA PRO N 301 -38.24 -32.12 67.39
C PRO N 301 -36.86 -31.78 66.89
N GLU N 302 -36.21 -32.67 66.15
CA GLU N 302 -35.01 -32.19 65.49
C GLU N 302 -35.29 -31.73 64.06
N ARG N 303 -35.46 -30.42 63.92
CA ARG N 303 -35.69 -29.75 62.64
C ARG N 303 -35.04 -28.39 62.65
N PHE N 304 -34.34 -28.05 61.58
CA PHE N 304 -33.70 -26.75 61.51
C PHE N 304 -34.22 -25.94 60.33
N MET N 305 -34.28 -24.63 60.55
CA MET N 305 -34.63 -23.65 59.53
C MET N 305 -33.58 -22.57 59.59
N VAL N 306 -32.85 -22.39 58.48
CA VAL N 306 -31.77 -21.41 58.43
C VAL N 306 -32.30 -20.12 57.82
N PHE N 307 -31.91 -18.98 58.39
CA PHE N 307 -32.40 -17.70 57.92
C PHE N 307 -31.23 -16.83 57.46
N GLN N 308 -31.57 -15.65 56.93
CA GLN N 308 -30.55 -14.64 56.60
C GLN N 308 -30.97 -13.29 57.19
N LEU N 309 -30.24 -12.82 58.13
CA LEU N 309 -30.39 -11.41 58.39
C LEU N 309 -29.45 -10.62 57.48
N PRO N 310 -29.65 -9.32 57.34
CA PRO N 310 -28.60 -8.48 56.76
C PRO N 310 -27.44 -8.34 57.73
N THR N 311 -26.44 -7.57 57.30
CA THR N 311 -25.31 -7.23 58.14
C THR N 311 -25.70 -6.03 59.02
N ARG N 312 -24.68 -5.39 59.60
CA ARG N 312 -24.77 -4.14 60.35
C ARG N 312 -25.28 -4.35 61.78
N LEU N 313 -25.90 -5.50 62.05
CA LEU N 313 -26.69 -5.72 63.25
C LEU N 313 -27.42 -4.42 63.58
N PRO N 314 -28.21 -3.88 62.65
CA PRO N 314 -28.66 -2.50 62.78
C PRO N 314 -29.90 -2.37 63.67
N ALA N 315 -29.72 -2.38 64.98
CA ALA N 315 -30.87 -2.23 65.85
C ALA N 315 -30.91 -0.85 66.50
N PHE N 316 -30.13 -0.66 67.56
CA PHE N 316 -30.03 0.67 68.16
C PHE N 316 -28.57 1.02 68.45
N GLU N 317 -27.95 0.29 69.35
CA GLU N 317 -26.57 0.52 69.78
C GLU N 317 -25.99 -0.83 70.18
N ARG N 318 -24.82 -0.80 70.82
CA ARG N 318 -24.22 -1.97 71.44
C ARG N 318 -24.16 -1.71 72.94
N PRO N 319 -25.28 -1.89 73.64
CA PRO N 319 -25.35 -1.51 75.06
C PRO N 319 -24.41 -2.31 75.95
N ALA N 320 -24.32 -3.60 75.72
CA ALA N 320 -23.47 -4.46 76.52
C ALA N 320 -22.10 -4.62 75.86
N VAL N 360 -34.53 -9.66 71.52
CA VAL N 360 -34.27 -8.61 70.54
C VAL N 360 -35.49 -8.40 69.64
N GLY N 361 -35.27 -8.08 68.37
CA GLY N 361 -36.36 -7.90 67.44
C GLY N 361 -37.21 -9.15 67.28
N SER N 362 -38.42 -9.01 66.74
CA SER N 362 -39.34 -10.13 66.68
C SER N 362 -40.17 -10.06 65.40
N ILE N 363 -41.01 -11.08 65.24
CA ILE N 363 -41.67 -11.39 63.97
C ILE N 363 -43.16 -11.56 64.25
N ARG N 364 -43.99 -11.29 63.24
CA ARG N 364 -45.43 -11.45 63.34
C ARG N 364 -46.03 -11.31 61.94
N VAL N 365 -47.34 -11.55 61.85
CA VAL N 365 -48.15 -11.17 60.71
C VAL N 365 -49.21 -10.19 61.21
N HIS N 366 -49.27 -9.01 60.60
CA HIS N 366 -50.30 -8.05 60.97
C HIS N 366 -51.66 -8.56 60.45
N LYS N 367 -52.72 -7.78 60.68
CA LYS N 367 -54.03 -8.13 60.14
C LYS N 367 -53.94 -8.36 58.64
N SER N 368 -54.65 -9.40 58.18
CA SER N 368 -54.79 -9.71 56.76
C SER N 368 -53.46 -10.06 56.09
N GLY N 369 -52.71 -10.99 56.70
CA GLY N 369 -51.61 -11.64 56.01
C GLY N 369 -50.39 -10.77 55.75
N LYS N 370 -50.09 -9.86 56.66
CA LYS N 370 -48.94 -8.98 56.53
C LYS N 370 -47.68 -9.60 57.13
N LEU N 371 -46.64 -8.79 57.30
CA LEU N 371 -45.48 -9.19 58.09
C LEU N 371 -45.09 -8.01 58.96
N SER N 372 -45.12 -8.22 60.28
CA SER N 372 -44.67 -7.18 61.22
C SER N 372 -43.42 -7.71 61.94
N VAL N 373 -42.27 -7.18 61.56
CA VAL N 373 -40.99 -7.60 62.12
C VAL N 373 -40.19 -6.36 62.50
N LYS N 374 -39.81 -6.28 63.77
CA LYS N 374 -39.06 -5.12 64.25
C LYS N 374 -37.72 -5.60 64.78
N ILE N 375 -36.75 -4.69 64.78
CA ILE N 375 -35.40 -5.05 65.20
C ILE N 375 -34.95 -4.18 66.37
N GLY N 376 -34.62 -2.92 66.07
CA GLY N 376 -34.17 -2.00 67.09
C GLY N 376 -34.44 -0.57 66.68
N ASN N 377 -34.54 0.31 67.68
CA ASN N 377 -35.22 1.59 67.51
C ASN N 377 -36.59 1.36 66.89
N VAL N 378 -37.17 0.20 67.22
CA VAL N 378 -38.40 -0.35 66.64
C VAL N 378 -38.37 -0.16 65.12
N VAL N 379 -37.20 -0.35 64.51
CA VAL N 379 -37.12 -0.23 63.06
C VAL N 379 -37.84 -1.40 62.42
N MET N 380 -38.50 -1.14 61.30
CA MET N 380 -39.23 -2.19 60.60
C MET N 380 -38.32 -2.77 59.52
N ASP N 381 -37.87 -3.99 59.76
CA ASP N 381 -37.09 -4.72 58.77
C ASP N 381 -37.86 -6.01 58.47
N ILE N 382 -38.44 -6.11 57.29
CA ILE N 382 -39.40 -7.17 57.03
C ILE N 382 -39.12 -7.83 55.69
N GLY N 383 -38.87 -9.13 55.72
CA GLY N 383 -38.63 -9.88 54.51
C GLY N 383 -39.09 -11.31 54.65
N LYS N 384 -39.38 -11.96 53.53
CA LYS N 384 -40.01 -13.27 53.57
C LYS N 384 -39.41 -14.24 52.57
N GLY N 385 -39.91 -15.47 52.57
CA GLY N 385 -39.60 -16.46 51.57
C GLY N 385 -38.10 -16.71 51.44
N ALA N 386 -37.73 -17.32 50.34
CA ALA N 386 -36.33 -17.51 49.98
C ALA N 386 -36.29 -18.03 48.55
N GLU N 387 -35.08 -18.24 48.04
CA GLU N 387 -34.90 -19.09 46.87
C GLU N 387 -35.14 -20.53 47.27
N THR N 388 -35.50 -21.35 46.30
CA THR N 388 -35.94 -22.70 46.60
C THR N 388 -34.72 -23.60 46.78
N THR N 389 -34.72 -24.41 47.84
CA THR N 389 -33.65 -25.36 48.05
C THR N 389 -34.00 -26.73 47.46
N PHE N 390 -35.03 -27.40 47.97
CA PHE N 390 -35.43 -28.69 47.43
C PHE N 390 -34.24 -29.65 47.36
N LEU N 391 -33.76 -29.89 46.14
CA LEU N 391 -32.77 -30.93 45.86
C LEU N 391 -31.65 -30.98 46.89
N GLN N 392 -31.22 -29.84 47.41
CA GLN N 392 -30.23 -29.84 48.48
C GLN N 392 -30.89 -30.40 49.74
N ASP N 393 -30.34 -31.51 50.25
CA ASP N 393 -30.80 -32.06 51.52
C ASP N 393 -29.79 -31.63 52.57
N VAL N 394 -30.24 -30.71 53.43
CA VAL N 394 -29.31 -29.88 54.19
C VAL N 394 -29.22 -30.42 55.60
N ILE N 395 -28.00 -30.48 56.14
CA ILE N 395 -27.75 -31.08 57.44
C ILE N 395 -26.77 -30.19 58.21
N ALA N 396 -27.16 -29.78 59.40
CA ALA N 396 -26.44 -28.78 60.19
C ALA N 396 -25.77 -29.42 61.39
N LEU N 397 -24.52 -29.05 61.63
CA LEU N 397 -23.72 -29.58 62.72
C LEU N 397 -22.92 -28.49 63.43
N SER N 398 -22.13 -28.90 64.42
CA SER N 398 -21.07 -28.11 65.01
C SER N 398 -19.75 -28.76 65.26
N ILE N 399 -18.66 -28.02 65.05
CA ILE N 399 -17.32 -28.49 65.35
C ILE N 399 -17.40 -28.59 66.87
N ALA N 400 -17.16 -29.79 67.40
CA ALA N 400 -17.21 -29.97 68.85
C ALA N 400 -15.79 -30.14 69.38
N ASP N 401 -15.34 -29.06 70.03
CA ASP N 401 -14.09 -28.99 70.79
C ASP N 401 -12.95 -29.71 70.06
N ASP N 402 -12.63 -29.19 68.88
CA ASP N 402 -11.56 -29.75 68.07
C ASP N 402 -11.82 -31.23 67.83
N ALA N 403 -10.99 -32.10 68.39
CA ALA N 403 -11.24 -33.53 68.32
C ALA N 403 -12.55 -33.88 69.01
N SER N 404 -13.13 -35.00 68.60
CA SER N 404 -14.44 -35.45 69.08
C SER N 404 -15.54 -34.46 68.71
N SER N 405 -15.53 -34.10 67.42
CA SER N 405 -16.43 -33.11 66.86
C SER N 405 -17.70 -33.70 66.26
N ALA N 406 -18.40 -32.86 65.49
CA ALA N 406 -19.48 -33.28 64.60
C ALA N 406 -20.68 -33.83 65.34
N GLU N 407 -21.20 -33.06 66.30
CA GLU N 407 -22.53 -33.34 66.83
C GLU N 407 -23.54 -32.89 65.80
N LEU N 408 -24.41 -33.81 65.40
CA LEU N 408 -25.48 -33.49 64.46
C LEU N 408 -26.76 -33.23 65.24
N LEU N 409 -27.54 -32.24 64.81
CA LEU N 409 -28.67 -31.87 65.66
C LEU N 409 -30.02 -31.99 64.96
N GLY N 410 -30.37 -30.97 64.17
CA GLY N 410 -31.73 -30.78 63.72
C GLY N 410 -31.99 -30.99 62.24
N ARG N 411 -31.06 -31.64 61.53
CA ARG N 411 -31.00 -31.64 60.07
C ARG N 411 -31.18 -30.19 59.60
N VAL N 412 -31.88 -29.97 58.48
CA VAL N 412 -32.26 -28.62 58.03
C VAL N 412 -33.50 -28.75 57.17
N ASP N 413 -34.39 -27.75 57.23
CA ASP N 413 -35.34 -27.54 56.14
C ASP N 413 -35.40 -26.07 55.75
N GLY N 414 -35.93 -25.24 56.64
CA GLY N 414 -36.44 -23.94 56.27
C GLY N 414 -35.38 -22.90 55.94
N LYS N 415 -35.77 -21.97 55.07
CA LYS N 415 -34.93 -20.86 54.68
C LYS N 415 -35.78 -19.61 54.50
N ILE N 416 -35.39 -18.52 55.16
CA ILE N 416 -35.97 -17.21 54.88
C ILE N 416 -34.84 -16.22 54.73
N VAL N 417 -35.15 -15.07 54.13
CA VAL N 417 -34.25 -13.94 54.11
C VAL N 417 -34.89 -12.82 54.93
N VAL N 418 -34.14 -11.72 55.09
CA VAL N 418 -34.62 -10.52 55.76
C VAL N 418 -34.15 -9.30 54.97
N THR N 419 -35.09 -8.44 54.58
CA THR N 419 -34.78 -7.28 53.78
C THR N 419 -35.55 -6.09 54.31
N PRO N 420 -34.95 -4.90 54.36
CA PRO N 420 -35.72 -3.71 54.75
C PRO N 420 -36.63 -3.27 53.61
N GLN N 421 -37.62 -2.45 53.92
CA GLN N 421 -38.57 -2.01 52.93
C GLN N 421 -38.43 -0.52 52.65
N ILE N 422 -39.25 -0.03 51.72
CA ILE N 422 -39.35 1.39 51.41
C ILE N 422 -40.82 1.78 51.25
N VAL O 31 35.68 -9.64 -15.30
CA VAL O 31 35.70 -8.52 -16.23
C VAL O 31 36.94 -8.65 -17.11
N MET O 32 36.87 -8.07 -18.30
CA MET O 32 37.97 -8.00 -19.26
C MET O 32 38.37 -9.34 -19.83
N THR O 33 37.47 -10.33 -19.79
CA THR O 33 37.48 -11.46 -20.71
C THR O 33 38.67 -12.41 -20.52
N ILE O 34 39.70 -11.99 -19.78
CA ILE O 34 40.88 -12.83 -19.62
C ILE O 34 40.68 -14.29 -19.21
N SER O 35 39.74 -14.56 -18.31
CA SER O 35 39.25 -15.93 -18.15
C SER O 35 38.08 -16.34 -19.06
N SER O 36 37.17 -15.39 -19.29
CA SER O 36 35.98 -15.59 -20.11
C SER O 36 35.15 -16.76 -19.58
N LEU O 37 34.39 -16.51 -18.52
CA LEU O 37 33.41 -17.47 -18.01
C LEU O 37 32.33 -17.81 -19.01
N GLU O 38 31.97 -16.85 -19.88
CA GLU O 38 31.09 -17.13 -21.00
C GLU O 38 31.50 -18.40 -21.74
N GLN O 39 32.72 -18.42 -22.26
CA GLN O 39 33.29 -19.51 -23.02
C GLN O 39 33.34 -20.84 -22.27
N ARG O 40 32.82 -20.86 -21.06
CA ARG O 40 33.08 -21.86 -20.06
C ARG O 40 31.99 -22.37 -19.13
N THR O 41 31.44 -21.45 -18.35
CA THR O 41 30.87 -21.79 -17.06
C THR O 41 29.49 -22.37 -17.31
N LEU O 42 28.78 -21.83 -18.28
CA LEU O 42 27.35 -22.04 -18.37
C LEU O 42 26.96 -23.22 -19.26
N ASN O 43 27.93 -24.03 -19.71
CA ASN O 43 27.69 -25.07 -20.72
C ASN O 43 28.15 -26.44 -20.26
N PRO O 44 27.26 -27.24 -19.72
CA PRO O 44 27.61 -28.61 -19.35
C PRO O 44 27.77 -29.50 -20.58
N ASP O 45 28.43 -30.64 -20.37
CA ASP O 45 28.34 -31.75 -21.32
C ASP O 45 28.66 -31.31 -22.74
N LEU O 46 27.62 -31.21 -23.57
CA LEU O 46 27.74 -31.02 -25.02
C LEU O 46 28.76 -29.98 -25.41
N PHE O 47 29.09 -29.06 -24.50
CA PHE O 47 30.15 -28.10 -24.73
C PHE O 47 31.39 -28.74 -25.32
N LEU O 48 31.84 -29.85 -24.76
CA LEU O 48 32.86 -30.67 -25.41
C LEU O 48 32.48 -30.99 -26.84
N TYR O 49 31.40 -31.75 -27.03
CA TYR O 49 30.98 -32.20 -28.35
C TYR O 49 31.03 -31.08 -29.36
N LYS O 50 30.21 -30.04 -29.17
CA LYS O 50 30.08 -29.03 -30.20
C LYS O 50 31.41 -28.38 -30.54
N GLU O 51 32.40 -28.40 -29.64
CA GLU O 51 33.69 -27.97 -30.14
C GLU O 51 34.44 -29.10 -30.83
N LEU O 52 34.36 -30.32 -30.31
CA LEU O 52 35.02 -31.44 -30.97
C LEU O 52 34.69 -31.49 -32.45
N VAL O 53 33.41 -31.70 -32.77
CA VAL O 53 33.00 -31.62 -34.16
C VAL O 53 33.51 -30.33 -34.78
N LYS O 54 33.39 -29.20 -34.07
CA LYS O 54 33.99 -27.96 -34.54
C LYS O 54 35.48 -28.14 -34.77
N ALA O 55 36.22 -28.55 -33.74
CA ALA O 55 37.63 -28.86 -33.89
C ALA O 55 37.87 -29.86 -35.01
N HIS O 56 36.91 -30.74 -35.26
CA HIS O 56 36.92 -31.56 -36.45
C HIS O 56 36.49 -30.78 -37.69
N LEU O 57 35.22 -30.39 -37.75
CA LEU O 57 34.65 -29.74 -38.91
C LEU O 57 34.17 -28.33 -38.61
N GLY O 58 33.25 -28.17 -37.67
CA GLY O 58 32.64 -26.88 -37.50
C GLY O 58 31.77 -26.59 -38.70
N GLU O 59 32.10 -25.49 -39.39
CA GLU O 59 31.58 -25.19 -40.72
C GLU O 59 30.07 -25.38 -40.76
N ARG O 60 29.58 -26.01 -41.84
CA ARG O 60 28.22 -26.50 -41.86
C ARG O 60 27.95 -27.55 -40.79
N ALA O 61 28.94 -28.38 -40.47
CA ALA O 61 28.72 -29.56 -39.64
C ALA O 61 28.55 -29.25 -38.17
N ALA O 62 28.95 -28.08 -37.71
CA ALA O 62 28.92 -27.76 -36.30
C ALA O 62 27.56 -27.93 -35.65
N SER O 63 26.59 -27.09 -36.03
CA SER O 63 25.32 -27.00 -35.33
C SER O 63 24.59 -28.32 -35.20
N VAL O 64 24.53 -29.12 -36.25
CA VAL O 64 23.63 -30.27 -36.27
C VAL O 64 23.89 -31.19 -35.07
N ILE O 65 25.16 -31.47 -34.78
CA ILE O 65 25.44 -32.25 -33.58
C ILE O 65 25.12 -31.45 -32.34
N GLY O 66 25.52 -30.17 -32.32
CA GLY O 66 25.22 -29.35 -31.16
C GLY O 66 23.73 -29.28 -30.86
N MET O 67 22.93 -28.84 -31.83
CA MET O 67 21.48 -28.84 -31.67
C MET O 67 20.93 -30.21 -31.32
N LEU O 68 21.44 -31.26 -31.96
CA LEU O 68 20.99 -32.61 -31.65
C LEU O 68 21.19 -32.94 -30.18
N VAL O 69 22.44 -33.02 -29.73
CA VAL O 69 22.72 -33.37 -28.34
C VAL O 69 22.00 -32.42 -27.41
N ALA O 70 21.83 -31.16 -27.83
CA ALA O 70 21.05 -30.22 -27.05
C ALA O 70 19.64 -30.73 -26.82
N LEU O 71 18.84 -30.78 -27.88
CA LEU O 71 17.42 -31.06 -27.72
C LEU O 71 17.12 -32.55 -27.78
N GLY O 72 18.08 -33.37 -28.20
CA GLY O 72 17.74 -34.78 -28.37
C GLY O 72 17.12 -35.10 -29.71
N ARG O 73 16.15 -36.02 -29.72
CA ARG O 73 15.58 -36.59 -30.94
C ARG O 73 15.18 -35.47 -31.89
N LEU O 74 15.48 -35.65 -33.18
CA LEU O 74 15.38 -34.59 -34.16
C LEU O 74 15.08 -35.20 -35.52
N SER O 75 14.39 -34.44 -36.37
CA SER O 75 14.06 -34.89 -37.71
C SER O 75 14.67 -34.00 -38.77
N VAL O 76 14.92 -34.58 -39.94
CA VAL O 76 15.51 -33.84 -41.06
C VAL O 76 14.73 -32.56 -41.31
N ARG O 77 13.46 -32.70 -41.69
CA ARG O 77 12.56 -31.56 -41.81
C ARG O 77 12.61 -30.68 -40.58
N GLU O 78 12.73 -31.28 -39.40
CA GLU O 78 12.77 -30.55 -38.14
C GLU O 78 14.04 -29.75 -37.97
N LEU O 79 15.14 -30.12 -38.64
CA LEU O 79 16.38 -29.36 -38.49
C LEU O 79 16.19 -27.90 -38.86
N VAL O 80 15.97 -27.60 -40.14
CA VAL O 80 16.13 -26.26 -40.67
C VAL O 80 15.11 -25.29 -40.10
N GLU O 81 14.12 -25.80 -39.37
CA GLU O 81 13.25 -24.92 -38.64
C GLU O 81 13.88 -24.43 -37.36
N LYS O 82 15.13 -24.82 -37.11
CA LYS O 82 15.90 -24.29 -35.99
C LYS O 82 17.24 -23.74 -36.47
N ILE O 83 18.05 -24.58 -37.08
CA ILE O 83 19.45 -24.23 -37.32
C ILE O 83 19.59 -23.08 -38.30
N ASP O 84 18.75 -23.04 -39.34
CA ASP O 84 19.02 -22.25 -40.55
C ASP O 84 20.34 -22.70 -41.17
N GLY O 85 20.42 -23.99 -41.44
CA GLY O 85 21.65 -24.71 -41.73
C GLY O 85 21.96 -25.03 -43.17
N MET O 86 21.48 -24.22 -44.13
CA MET O 86 21.60 -24.55 -45.55
C MET O 86 20.81 -25.82 -45.85
N ASP O 87 19.49 -25.66 -45.87
CA ASP O 87 18.53 -26.77 -45.83
C ASP O 87 18.83 -27.87 -46.82
N VAL O 88 18.63 -29.10 -46.35
CA VAL O 88 18.48 -30.34 -47.12
C VAL O 88 19.67 -30.52 -48.05
N ASP O 89 20.76 -29.85 -47.73
CA ASP O 89 22.04 -30.10 -48.38
C ASP O 89 23.11 -30.40 -47.35
N SER O 90 23.61 -29.38 -46.65
CA SER O 90 24.42 -29.62 -45.47
C SER O 90 23.66 -30.42 -44.42
N VAL O 91 22.34 -30.29 -44.40
CA VAL O 91 21.55 -31.25 -43.65
C VAL O 91 21.89 -32.66 -44.08
N LYS O 92 21.62 -32.99 -45.34
CA LYS O 92 22.00 -34.28 -45.90
C LYS O 92 23.50 -34.51 -45.86
N THR O 93 24.30 -33.47 -46.12
CA THR O 93 25.73 -33.65 -46.30
C THR O 93 26.42 -33.97 -44.97
N THR O 94 26.35 -33.04 -44.03
CA THR O 94 26.83 -33.29 -42.68
C THR O 94 26.29 -34.59 -42.09
N LEU O 95 25.02 -34.90 -42.34
CA LEU O 95 24.45 -36.10 -41.75
C LEU O 95 25.16 -37.34 -42.27
N VAL O 96 25.20 -37.52 -43.59
CA VAL O 96 25.91 -38.66 -44.15
C VAL O 96 27.37 -38.61 -43.77
N SER O 97 27.90 -37.41 -43.53
CA SER O 97 29.26 -37.28 -43.02
C SER O 97 29.42 -38.01 -41.71
N LEU O 98 28.59 -37.66 -40.74
CA LEU O 98 28.57 -38.33 -39.45
C LEU O 98 28.35 -39.83 -39.60
N THR O 99 27.41 -40.22 -40.47
CA THR O 99 27.20 -41.63 -40.76
C THR O 99 28.51 -42.33 -41.12
N GLN O 100 29.15 -41.90 -42.22
CA GLN O 100 30.41 -42.49 -42.63
C GLN O 100 31.37 -42.63 -41.46
N LEU O 101 31.41 -41.63 -40.59
CA LEU O 101 32.27 -41.65 -39.42
C LEU O 101 31.55 -42.17 -38.18
N ARG O 102 30.32 -42.64 -38.34
CA ARG O 102 29.44 -43.08 -37.24
C ARG O 102 29.49 -42.10 -36.06
N CYS O 103 29.07 -40.87 -36.34
CA CYS O 103 28.95 -39.87 -35.30
C CYS O 103 27.53 -39.70 -34.79
N VAL O 104 26.55 -40.41 -35.35
CA VAL O 104 25.17 -40.26 -34.96
C VAL O 104 24.60 -41.63 -34.62
N LYS O 105 23.55 -41.62 -33.81
CA LYS O 105 22.71 -42.79 -33.63
C LYS O 105 21.50 -42.59 -34.54
N TYR O 106 21.08 -43.68 -35.17
CA TYR O 106 20.31 -43.57 -36.40
C TYR O 106 19.11 -44.50 -36.38
N LEU O 107 17.91 -43.91 -36.48
CA LEU O 107 16.69 -44.71 -36.41
C LEU O 107 15.73 -44.26 -37.50
N GLN O 108 15.10 -45.23 -38.15
CA GLN O 108 14.01 -44.96 -39.07
C GLN O 108 12.90 -45.94 -38.79
N GLU O 109 11.66 -45.50 -39.03
CA GLU O 109 10.51 -46.38 -38.97
C GLU O 109 9.42 -45.72 -39.79
N THR O 110 8.43 -46.52 -40.17
CA THR O 110 7.23 -45.99 -40.78
C THR O 110 6.57 -45.03 -39.81
N ALA O 111 5.90 -44.02 -40.35
CA ALA O 111 5.09 -43.17 -39.51
C ALA O 111 3.86 -43.98 -39.10
N ILE O 112 3.03 -43.41 -38.23
CA ILE O 112 1.90 -44.20 -37.78
C ILE O 112 0.83 -44.28 -38.87
N SER O 113 0.81 -43.31 -39.78
CA SER O 113 -0.08 -43.39 -40.93
C SER O 113 0.51 -44.26 -42.02
N GLY O 114 1.81 -44.12 -42.27
CA GLY O 114 2.45 -44.87 -43.34
C GLY O 114 3.76 -44.23 -43.72
N LYS O 115 4.18 -44.51 -44.96
CA LYS O 115 5.46 -44.04 -45.51
C LYS O 115 6.59 -44.49 -44.59
N LYS O 116 7.57 -43.62 -44.36
CA LYS O 116 8.65 -43.90 -43.42
C LYS O 116 9.17 -42.57 -42.88
N THR O 117 9.60 -42.57 -41.62
CA THR O 117 10.17 -41.38 -41.00
C THR O 117 11.50 -41.73 -40.37
N THR O 118 12.37 -40.72 -40.27
CA THR O 118 13.72 -40.91 -39.75
C THR O 118 13.99 -39.87 -38.68
N TYR O 119 14.25 -40.34 -37.47
CA TYR O 119 14.66 -39.47 -36.37
C TYR O 119 16.07 -39.88 -35.98
N TYR O 120 16.80 -38.97 -35.35
CA TYR O 120 18.24 -39.13 -35.23
C TYR O 120 18.72 -38.84 -33.83
N TYR O 121 19.76 -39.57 -33.44
CA TYR O 121 20.46 -39.35 -32.19
C TYR O 121 21.95 -39.24 -32.49
N TYR O 122 22.79 -39.13 -31.47
CA TYR O 122 24.23 -38.99 -31.66
C TYR O 122 24.95 -40.22 -31.13
N ASN O 123 25.91 -40.72 -31.92
CA ASN O 123 26.66 -41.91 -31.58
C ASN O 123 27.36 -41.83 -30.24
N GLU O 124 27.06 -42.77 -29.33
CA GLU O 124 27.82 -42.99 -28.10
C GLU O 124 28.22 -41.65 -27.51
N GLU O 125 29.52 -41.43 -27.31
CA GLU O 125 30.02 -40.08 -27.25
C GLU O 125 30.55 -39.64 -28.61
N GLY O 126 30.40 -40.46 -29.65
CA GLY O 126 30.75 -40.00 -30.99
C GLY O 126 32.22 -39.75 -31.17
N ILE O 127 32.56 -38.47 -31.36
CA ILE O 127 33.92 -37.95 -31.51
C ILE O 127 34.78 -38.48 -30.37
N HIS O 128 34.13 -39.07 -29.37
CA HIS O 128 34.81 -39.91 -28.40
C HIS O 128 35.83 -40.79 -29.10
N ILE O 129 35.43 -41.39 -30.22
CA ILE O 129 36.39 -42.06 -31.09
C ILE O 129 37.56 -41.15 -31.40
N LEU O 130 37.31 -40.03 -32.08
CA LEU O 130 38.35 -39.05 -32.32
C LEU O 130 39.02 -38.58 -31.04
N LEU O 131 38.26 -38.45 -29.96
CA LEU O 131 38.80 -37.85 -28.75
C LEU O 131 39.97 -38.67 -28.20
N TYR O 132 40.11 -39.92 -28.63
CA TYR O 132 41.31 -40.69 -28.28
C TYR O 132 42.32 -40.65 -29.41
N SER O 133 41.99 -41.27 -30.54
CA SER O 133 42.84 -41.13 -31.72
C SER O 133 44.26 -41.57 -31.38
N GLY O 134 45.15 -40.57 -31.23
CA GLY O 134 46.51 -40.87 -30.81
C GLY O 134 46.59 -41.89 -29.69
N LEU O 135 45.61 -41.88 -28.78
CA LEU O 135 45.57 -42.96 -27.79
C LEU O 135 45.11 -44.26 -28.43
N ILE O 136 44.13 -44.19 -29.32
CA ILE O 136 43.80 -45.37 -30.13
C ILE O 136 44.99 -45.76 -30.97
N ILE O 137 45.77 -44.78 -31.44
CA ILE O 137 47.04 -45.09 -32.06
C ILE O 137 47.92 -45.85 -31.09
N ASP O 138 47.85 -45.53 -29.80
CA ASP O 138 48.58 -46.29 -28.80
C ASP O 138 48.03 -47.70 -28.64
N GLU O 139 46.74 -47.91 -28.91
CA GLU O 139 46.22 -49.27 -28.88
C GLU O 139 47.00 -50.19 -29.81
N ILE O 140 47.62 -49.63 -30.85
CA ILE O 140 48.55 -50.39 -31.68
C ILE O 140 49.69 -50.94 -30.85
N ILE O 141 50.11 -50.21 -29.82
CA ILE O 141 51.34 -50.56 -29.13
C ILE O 141 51.24 -51.92 -28.45
N THR O 142 50.03 -52.43 -28.28
CA THR O 142 49.88 -53.84 -27.94
C THR O 142 50.39 -54.71 -29.08
N GLN O 143 49.95 -54.44 -30.30
CA GLN O 143 50.40 -55.14 -31.49
C GLN O 143 51.54 -54.42 -32.19
N MET O 144 52.06 -53.36 -31.57
CA MET O 144 53.43 -52.98 -31.82
C MET O 144 54.36 -54.17 -31.72
N ARG O 145 54.04 -55.14 -30.89
CA ARG O 145 54.78 -56.37 -30.80
C ARG O 145 54.66 -57.15 -32.12
N VAL O 146 55.59 -58.10 -32.29
CA VAL O 146 55.73 -59.02 -33.41
C VAL O 146 56.37 -58.32 -34.60
N ASN O 147 56.26 -56.99 -34.68
CA ASN O 147 57.20 -56.16 -35.43
C ASN O 147 57.42 -54.86 -34.66
N ASP O 148 58.62 -54.66 -34.15
CA ASP O 148 58.96 -53.47 -33.37
C ASP O 148 59.78 -52.51 -34.22
N GLU O 149 59.32 -51.27 -34.31
CA GLU O 149 60.05 -50.17 -34.96
C GLU O 149 60.42 -50.54 -36.40
N GLU O 150 59.39 -50.88 -37.15
CA GLU O 150 59.50 -51.25 -38.54
C GLU O 150 58.69 -50.27 -39.37
N GLU O 151 58.95 -50.26 -40.68
CA GLU O 151 57.97 -49.67 -41.58
C GLU O 151 56.58 -50.24 -41.32
N HIS O 152 56.51 -51.50 -40.91
CA HIS O 152 55.27 -52.09 -40.43
C HIS O 152 54.58 -51.21 -39.40
N LYS O 153 55.36 -50.58 -38.51
CA LYS O 153 54.78 -49.59 -37.59
C LYS O 153 54.10 -48.46 -38.36
N GLN O 154 54.85 -47.81 -39.25
CA GLN O 154 54.25 -46.76 -40.07
C GLN O 154 53.11 -47.30 -40.92
N LEU O 155 53.25 -48.52 -41.42
CA LEU O 155 52.17 -49.15 -42.17
C LEU O 155 50.89 -49.17 -41.35
N VAL O 156 50.85 -49.97 -40.29
CA VAL O 156 49.66 -50.09 -39.47
C VAL O 156 49.19 -48.74 -38.97
N ALA O 157 50.12 -47.79 -38.80
CA ALA O 157 49.74 -46.42 -38.47
C ALA O 157 48.81 -45.86 -39.53
N GLU O 158 49.29 -45.70 -40.76
CA GLU O 158 48.46 -45.12 -41.81
C GLU O 158 47.21 -45.97 -42.04
N ILE O 159 47.32 -47.29 -41.89
CA ILE O 159 46.15 -48.15 -41.83
C ILE O 159 45.11 -47.54 -40.89
N VAL O 160 45.47 -47.44 -39.62
CA VAL O 160 44.49 -47.10 -38.60
C VAL O 160 43.93 -45.70 -38.80
N GLN O 161 44.80 -44.70 -39.01
CA GLN O 161 44.22 -43.36 -39.13
C GLN O 161 43.40 -43.19 -40.40
N ASN O 162 43.81 -43.82 -41.51
CA ASN O 162 42.99 -43.83 -42.71
C ASN O 162 41.66 -44.49 -42.38
N VAL O 163 41.69 -45.65 -41.72
CA VAL O 163 40.48 -46.20 -41.16
C VAL O 163 39.69 -45.11 -40.46
N ILE O 164 40.14 -44.71 -39.27
CA ILE O 164 39.44 -43.72 -38.47
C ILE O 164 39.01 -42.39 -39.06
N SER O 165 39.73 -41.88 -40.06
CA SER O 165 39.19 -40.75 -40.82
C SER O 165 37.89 -41.09 -41.56
N LEU O 166 37.92 -42.16 -42.36
CA LEU O 166 36.65 -42.60 -42.92
C LEU O 166 35.88 -43.40 -41.88
N GLY O 167 36.49 -44.44 -41.34
CA GLY O 167 35.88 -45.25 -40.30
C GLY O 167 35.36 -46.60 -40.76
N SER O 168 34.99 -46.74 -42.02
CA SER O 168 34.52 -48.01 -42.56
C SER O 168 35.18 -48.24 -43.91
N LEU O 169 36.01 -49.27 -44.01
CA LEU O 169 36.76 -49.53 -45.22
C LEU O 169 36.91 -51.03 -45.43
N THR O 170 37.26 -51.42 -46.65
CA THR O 170 37.60 -52.79 -46.97
C THR O 170 39.04 -52.87 -47.44
N VAL O 171 39.66 -54.02 -47.18
CA VAL O 171 40.93 -54.30 -47.82
C VAL O 171 40.75 -54.31 -49.34
N GLU O 172 39.52 -54.54 -49.79
CA GLU O 172 39.20 -54.32 -51.20
C GLU O 172 39.27 -52.84 -51.55
N ASP O 173 38.63 -51.98 -50.75
CA ASP O 173 38.73 -50.54 -50.99
C ASP O 173 40.11 -50.01 -50.65
N TYR O 174 40.59 -50.29 -49.44
CA TYR O 174 41.92 -49.82 -49.06
C TYR O 174 42.99 -50.35 -49.99
N LEU O 175 43.21 -51.68 -49.97
CA LEU O 175 44.18 -52.30 -50.87
C LEU O 175 43.93 -51.90 -52.32
N SER O 176 42.68 -51.68 -52.71
CA SER O 176 42.40 -51.15 -54.04
C SER O 176 43.10 -49.82 -54.25
N SER O 177 42.92 -48.87 -53.33
CA SER O 177 43.65 -47.62 -53.41
C SER O 177 45.14 -47.84 -53.25
N VAL O 178 45.53 -48.82 -52.44
CA VAL O 178 46.94 -49.11 -52.24
C VAL O 178 47.52 -49.75 -53.51
N THR O 179 48.83 -49.68 -53.66
CA THR O 179 49.47 -50.26 -54.83
C THR O 179 49.27 -51.76 -54.88
N SER O 180 49.08 -52.29 -56.08
CA SER O 180 48.87 -53.73 -56.26
C SER O 180 50.14 -54.41 -56.74
N ASP O 181 51.28 -53.85 -56.37
CA ASP O 181 52.57 -54.42 -56.76
C ASP O 181 53.45 -54.69 -55.54
N SER O 182 52.81 -54.86 -54.38
CA SER O 182 53.53 -55.12 -53.14
C SER O 182 52.91 -56.29 -52.38
N MET O 183 53.41 -57.49 -52.65
CA MET O 183 52.90 -58.69 -52.00
C MET O 183 51.65 -58.36 -51.20
N LYS O 184 50.52 -58.89 -51.64
CA LYS O 184 49.24 -58.64 -50.97
C LYS O 184 49.30 -58.97 -49.48
N TYR O 185 49.85 -60.13 -49.15
CA TYR O 185 49.98 -60.55 -47.76
C TYR O 185 51.16 -59.91 -47.05
N THR O 186 51.39 -58.63 -47.33
CA THR O 186 52.51 -57.92 -46.70
C THR O 186 52.37 -56.41 -46.84
N ILE O 187 52.16 -55.91 -48.05
CA ILE O 187 51.94 -54.48 -48.19
C ILE O 187 50.96 -54.18 -47.06
N SER O 188 49.89 -54.97 -47.00
CA SER O 188 48.90 -54.90 -45.95
C SER O 188 49.26 -56.11 -45.11
N SER O 189 50.29 -55.93 -44.29
CA SER O 189 50.88 -57.00 -43.50
C SER O 189 49.95 -57.45 -42.41
N LEU O 190 49.21 -56.53 -41.81
CA LEU O 190 48.25 -56.91 -40.78
C LEU O 190 47.07 -57.51 -41.55
N PHE O 191 46.95 -58.81 -41.38
CA PHE O 191 46.28 -59.65 -42.35
C PHE O 191 45.35 -60.61 -41.62
N VAL O 192 45.96 -61.55 -40.91
CA VAL O 192 45.27 -62.32 -39.89
C VAL O 192 45.17 -61.43 -38.66
N GLN O 193 46.18 -60.59 -38.45
CA GLN O 193 46.21 -59.68 -37.32
C GLN O 193 45.07 -58.67 -37.36
N LEU O 194 44.39 -58.55 -38.50
CA LEU O 194 43.19 -57.73 -38.58
C LEU O 194 42.14 -58.14 -37.56
N CYS O 195 42.14 -59.39 -37.10
CA CYS O 195 41.06 -59.81 -36.22
C CYS O 195 41.36 -59.44 -34.77
N GLU O 196 42.23 -60.23 -34.14
CA GLU O 196 42.66 -60.03 -32.76
C GLU O 196 41.48 -59.76 -31.84
N MET O 197 41.51 -58.66 -31.10
CA MET O 197 40.47 -58.29 -30.14
C MET O 197 39.86 -56.97 -30.56
N GLY O 198 40.70 -55.95 -30.70
CA GLY O 198 40.31 -54.62 -31.15
C GLY O 198 40.19 -54.67 -32.65
N TYR O 199 40.71 -53.66 -33.33
CA TYR O 199 40.65 -53.56 -34.80
C TYR O 199 39.22 -53.28 -35.22
N LEU O 200 38.60 -54.10 -36.05
CA LEU O 200 37.44 -53.69 -36.81
C LEU O 200 36.34 -54.75 -36.79
N ILE O 201 35.10 -54.29 -36.91
CA ILE O 201 33.91 -55.12 -37.03
C ILE O 201 32.98 -54.40 -37.99
N GLN O 202 32.38 -55.13 -38.92
CA GLN O 202 31.48 -54.52 -39.88
C GLN O 202 30.27 -53.93 -39.15
N ILE O 203 29.93 -52.69 -39.51
CA ILE O 203 28.74 -52.06 -38.96
C ILE O 203 27.53 -52.77 -39.56
N SER O 204 26.62 -53.19 -38.69
CA SER O 204 25.43 -53.89 -39.15
C SER O 204 24.24 -53.38 -38.36
N LYS O 205 23.25 -52.82 -39.04
CA LYS O 205 21.92 -52.64 -38.45
C LYS O 205 22.05 -51.94 -37.11
N LEU O 206 21.80 -52.70 -36.05
CA LEU O 206 21.84 -52.27 -34.66
C LEU O 206 23.10 -51.51 -34.30
N HIS O 207 24.19 -51.74 -35.03
CA HIS O 207 25.51 -51.36 -34.60
C HIS O 207 25.60 -49.89 -34.20
N TYR O 208 25.26 -48.98 -35.11
CA TYR O 208 25.10 -47.57 -34.75
C TYR O 208 23.65 -47.20 -34.50
N THR O 209 22.80 -48.16 -34.56
CA THR O 209 21.40 -47.92 -34.22
C THR O 209 21.27 -47.66 -32.73
N PRO O 210 20.43 -46.70 -32.34
CA PRO O 210 20.31 -46.36 -30.92
C PRO O 210 19.96 -47.58 -30.07
N ILE O 211 20.76 -47.81 -29.03
CA ILE O 211 20.61 -49.00 -28.22
C ILE O 211 19.33 -48.97 -27.43
N GLU O 212 19.10 -47.86 -26.71
CA GLU O 212 17.97 -47.76 -25.79
C GLU O 212 16.67 -48.18 -26.46
N ASP O 213 16.41 -47.71 -27.67
CA ASP O 213 15.21 -48.20 -28.32
C ASP O 213 15.35 -49.60 -28.85
N LEU O 214 16.42 -49.90 -29.60
CA LEU O 214 16.49 -51.21 -30.26
C LEU O 214 16.28 -52.34 -29.28
N TRP O 215 16.62 -52.13 -28.00
CA TRP O 215 16.10 -53.01 -26.97
C TRP O 215 14.59 -53.10 -27.03
N GLN O 216 13.90 -51.96 -27.08
CA GLN O 216 12.45 -51.94 -27.20
C GLN O 216 11.99 -52.58 -28.51
N PHE O 217 12.78 -52.43 -29.57
CA PHE O 217 12.49 -53.12 -30.82
C PHE O 217 12.50 -54.63 -30.61
N LEU O 218 13.43 -55.12 -29.81
CA LEU O 218 13.42 -56.53 -29.48
C LEU O 218 12.32 -56.86 -28.47
N TYR O 219 11.83 -55.84 -27.76
CA TYR O 219 10.75 -56.05 -26.81
C TYR O 219 9.46 -56.42 -27.54
N GLU O 220 9.42 -56.18 -28.84
CA GLU O 220 8.41 -56.70 -29.73
C GLU O 220 8.63 -58.21 -29.91
N LYS O 221 7.77 -58.85 -30.72
CA LYS O 221 7.95 -60.25 -31.09
C LYS O 221 7.79 -61.17 -29.88
N HIS O 222 7.55 -60.59 -28.72
CA HIS O 222 7.36 -61.36 -27.49
C HIS O 222 6.07 -60.97 -26.81
N TYR O 223 5.92 -59.71 -26.42
CA TYR O 223 4.57 -59.17 -26.30
C TYR O 223 3.83 -59.20 -27.63
N LYS O 224 4.48 -58.77 -28.71
CA LYS O 224 3.86 -58.81 -30.03
C LYS O 224 3.55 -60.23 -30.47
N ASN O 225 4.38 -61.21 -30.12
CA ASN O 225 4.00 -62.60 -30.33
C ASN O 225 3.59 -63.14 -28.97
N ILE O 226 2.31 -63.07 -28.69
CA ILE O 226 1.67 -63.84 -27.63
C ILE O 226 0.56 -64.66 -28.28
N PRO O 227 0.66 -65.97 -28.32
CA PRO O 227 -0.36 -66.75 -29.05
C PRO O 227 -1.68 -66.79 -28.28
N ARG O 228 -2.12 -65.62 -27.82
CA ARG O 228 -3.28 -65.48 -26.94
C ARG O 228 -3.30 -66.62 -25.90
N ASN O 229 -2.26 -66.59 -25.07
CA ASN O 229 -1.98 -67.73 -24.21
C ASN O 229 -2.87 -67.69 -22.97
N SER O 230 -2.54 -66.81 -22.04
CA SER O 230 -3.43 -66.56 -20.92
C SER O 230 -3.37 -65.08 -20.61
N PRO O 231 -4.50 -64.45 -20.29
CA PRO O 231 -4.49 -63.02 -19.98
C PRO O 231 -4.33 -62.75 -18.49
N LEU O 232 -3.27 -63.25 -17.87
CA LEU O 232 -3.04 -63.07 -16.45
C LEU O 232 -1.56 -62.90 -16.14
N SER O 233 -1.29 -62.11 -15.10
CA SER O 233 0.05 -61.98 -14.54
C SER O 233 1.08 -61.61 -15.60
N ASP O 234 1.08 -60.36 -16.05
CA ASP O 234 2.00 -59.93 -17.10
C ASP O 234 3.44 -60.33 -16.81
N LEU O 235 3.77 -60.61 -15.54
CA LEU O 235 5.05 -61.22 -15.20
C LEU O 235 5.36 -62.43 -16.08
N LYS O 236 4.46 -63.41 -16.15
CA LYS O 236 4.69 -64.53 -17.06
C LYS O 236 4.85 -64.04 -18.49
N LYS O 237 4.11 -63.01 -18.88
CA LYS O 237 4.32 -62.34 -20.14
C LYS O 237 5.62 -61.56 -20.19
N ARG O 238 5.97 -60.88 -19.10
CA ARG O 238 7.13 -60.00 -19.10
C ARG O 238 8.43 -60.80 -19.04
N SER O 239 8.67 -61.49 -17.94
CA SER O 239 9.94 -62.20 -17.75
C SER O 239 10.26 -63.09 -18.94
N GLN O 240 9.30 -63.91 -19.36
CA GLN O 240 9.51 -64.72 -20.56
C GLN O 240 9.91 -63.86 -21.74
N ALA O 241 9.10 -62.86 -22.06
CA ALA O 241 9.53 -61.86 -23.03
C ALA O 241 10.90 -61.30 -22.67
N LYS O 242 11.09 -60.91 -21.41
CA LYS O 242 12.41 -60.54 -20.94
C LYS O 242 13.44 -61.61 -21.26
N MET O 243 13.17 -62.86 -20.86
CA MET O 243 14.05 -63.96 -21.21
C MET O 243 14.44 -63.89 -22.67
N ASN O 244 13.45 -64.04 -23.54
CA ASN O 244 13.65 -63.76 -24.96
C ASN O 244 14.41 -62.46 -25.16
N ALA O 245 13.84 -61.34 -24.72
CA ALA O 245 14.54 -60.06 -24.82
C ALA O 245 15.96 -60.16 -24.30
N LYS O 246 16.18 -60.81 -23.15
CA LYS O 246 17.54 -61.07 -22.72
C LYS O 246 18.30 -61.93 -23.72
N THR O 247 17.93 -63.20 -23.84
CA THR O 247 18.75 -64.14 -24.60
C THR O 247 18.80 -63.81 -26.08
N ASP O 248 17.73 -63.25 -26.65
CA ASP O 248 17.84 -62.78 -28.02
C ASP O 248 18.86 -61.68 -28.14
N PHE O 249 18.80 -60.69 -27.25
CA PHE O 249 19.76 -59.60 -27.27
C PHE O 249 21.19 -60.11 -27.18
N ALA O 250 21.40 -61.17 -26.40
CA ALA O 250 22.73 -61.74 -26.26
C ALA O 250 23.36 -62.03 -27.61
N LYS O 251 22.79 -62.98 -28.35
CA LYS O 251 23.30 -63.26 -29.69
C LYS O 251 23.27 -62.03 -30.59
N ILE O 252 22.40 -61.07 -30.29
CA ILE O 252 22.44 -59.79 -30.99
C ILE O 252 23.81 -59.14 -30.84
N ILE O 253 24.16 -58.75 -29.62
CA ILE O 253 25.46 -58.13 -29.39
C ILE O 253 26.60 -59.12 -29.54
N ASN O 254 26.35 -60.41 -29.33
CA ASN O 254 27.36 -61.40 -29.65
C ASN O 254 27.56 -61.55 -31.15
N LYS O 255 26.62 -61.06 -31.95
CA LYS O 255 26.79 -61.09 -33.41
C LYS O 255 28.02 -60.30 -33.84
N PRO O 256 28.21 -59.04 -33.43
CA PRO O 256 29.46 -58.35 -33.73
C PRO O 256 30.66 -58.90 -33.00
N ASN O 257 30.45 -59.50 -31.82
CA ASN O 257 31.54 -59.98 -30.99
C ASN O 257 32.48 -60.85 -31.81
N GLU O 258 31.93 -61.79 -32.56
CA GLU O 258 32.71 -62.52 -33.56
C GLU O 258 31.78 -62.94 -34.68
N LEU O 259 32.29 -62.91 -35.90
CA LEU O 259 31.60 -63.55 -37.02
C LEU O 259 32.66 -64.20 -37.90
N SER O 260 32.45 -65.49 -38.17
CA SER O 260 33.45 -66.31 -38.83
C SER O 260 33.73 -65.88 -40.26
N GLN O 261 32.71 -65.54 -41.06
CA GLN O 261 32.92 -65.17 -42.46
C GLN O 261 33.98 -64.10 -42.63
N ILE O 262 34.16 -63.22 -41.65
CA ILE O 262 35.33 -62.36 -41.66
C ILE O 262 36.52 -63.23 -41.31
N LEU O 263 36.54 -63.71 -40.07
CA LEU O 263 37.70 -64.43 -39.54
C LEU O 263 38.17 -65.57 -40.44
N THR O 264 37.25 -66.34 -41.01
CA THR O 264 37.57 -67.66 -41.54
C THR O 264 38.27 -67.63 -42.90
N VAL O 265 37.96 -66.67 -43.77
CA VAL O 265 38.22 -66.82 -45.20
C VAL O 265 39.68 -67.18 -45.46
N ASP O 266 39.89 -68.27 -46.19
CA ASP O 266 41.20 -68.72 -46.64
C ASP O 266 41.10 -69.13 -48.10
N PRO O 267 41.33 -68.21 -49.04
CA PRO O 267 41.23 -68.56 -50.46
C PRO O 267 42.30 -69.55 -50.90
N LYS O 268 42.25 -69.94 -52.17
CA LYS O 268 43.15 -70.93 -52.73
C LYS O 268 44.60 -70.43 -52.70
N THR O 269 45.51 -71.36 -52.42
CA THR O 269 46.95 -71.08 -52.37
C THR O 269 47.26 -69.94 -51.41
N SER O 270 46.44 -69.81 -50.37
CA SER O 270 46.58 -68.70 -49.45
C SER O 270 46.50 -69.17 -48.01
N LEU O 271 46.65 -68.23 -47.07
CA LEU O 271 46.40 -68.51 -45.67
C LEU O 271 45.08 -67.84 -45.31
N ARG O 272 44.64 -68.00 -44.07
CA ARG O 272 43.38 -67.44 -43.59
C ARG O 272 43.44 -65.92 -43.72
N ILE O 273 42.39 -65.33 -44.26
CA ILE O 273 42.28 -63.88 -44.36
C ILE O 273 40.94 -63.48 -43.74
N VAL O 274 40.72 -62.17 -43.64
CA VAL O 274 39.41 -61.66 -43.27
C VAL O 274 38.49 -61.82 -44.47
N LYS O 275 37.26 -61.35 -44.37
CA LYS O 275 36.43 -61.24 -45.58
C LYS O 275 36.69 -59.87 -46.17
N PRO O 276 37.40 -59.77 -47.30
CA PRO O 276 37.71 -58.46 -47.87
C PRO O 276 36.48 -57.67 -48.30
N THR O 277 35.30 -58.30 -48.36
CA THR O 277 34.14 -57.73 -49.01
C THR O 277 33.54 -56.57 -48.23
N VAL O 278 33.02 -56.83 -47.04
CA VAL O 278 32.29 -55.81 -46.30
C VAL O 278 33.26 -54.89 -45.58
N SER O 279 32.91 -53.61 -45.49
CA SER O 279 33.69 -52.66 -44.71
C SER O 279 33.55 -52.96 -43.22
N LEU O 280 34.64 -52.78 -42.50
CA LEU O 280 34.67 -52.96 -41.06
C LEU O 280 35.09 -51.65 -40.41
N THR O 281 34.84 -51.54 -39.12
CA THR O 281 34.91 -50.27 -38.43
C THR O 281 35.66 -50.44 -37.12
N ILE O 282 36.18 -49.33 -36.58
CA ILE O 282 37.01 -49.37 -35.39
C ILE O 282 36.29 -50.12 -34.29
N ASN O 283 37.03 -50.98 -33.58
CA ASN O 283 36.48 -51.75 -32.48
C ASN O 283 36.85 -51.08 -31.17
N LEU O 284 35.87 -50.45 -30.54
CA LEU O 284 36.10 -49.58 -29.41
C LEU O 284 36.26 -50.31 -28.08
N ASP O 285 35.68 -51.51 -27.96
CA ASP O 285 35.69 -52.22 -26.69
C ASP O 285 37.11 -52.43 -26.16
N ARG O 286 37.91 -53.19 -26.90
CA ARG O 286 39.24 -53.54 -26.39
C ARG O 286 40.12 -52.32 -26.23
N PHE O 287 39.73 -51.20 -26.82
CA PHE O 287 40.36 -49.94 -26.44
C PHE O 287 40.02 -49.56 -25.02
N MET O 288 38.72 -49.55 -24.68
CA MET O 288 38.32 -49.37 -23.30
C MET O 288 39.07 -50.31 -22.37
N LYS O 289 38.88 -51.62 -22.55
CA LYS O 289 39.54 -52.57 -21.67
C LYS O 289 41.04 -52.36 -21.64
N GLY O 290 41.62 -51.92 -22.76
CA GLY O 290 43.07 -51.70 -22.79
C GLY O 290 43.50 -50.56 -21.90
N ARG O 291 42.90 -49.38 -22.07
CA ARG O 291 43.30 -48.26 -21.23
C ARG O 291 42.96 -48.51 -19.77
N ARG O 292 41.80 -49.11 -19.50
CA ARG O 292 41.46 -49.47 -18.14
C ARG O 292 42.53 -50.38 -17.54
N SER O 293 42.97 -51.37 -18.32
CA SER O 293 44.17 -52.11 -17.97
C SER O 293 45.28 -51.17 -17.56
N LYS O 294 45.70 -50.28 -18.47
CA LYS O 294 46.79 -49.35 -18.17
C LYS O 294 46.61 -48.67 -16.82
N GLN O 295 45.40 -48.19 -16.52
CA GLN O 295 45.15 -47.74 -15.16
C GLN O 295 45.54 -48.79 -14.14
N LEU O 296 45.03 -50.01 -14.29
CA LEU O 296 45.31 -51.04 -13.30
C LEU O 296 46.80 -51.29 -13.16
N ILE O 297 47.54 -51.19 -14.27
CA ILE O 297 48.99 -51.19 -14.21
C ILE O 297 49.48 -50.10 -13.27
N ASN O 298 48.87 -48.92 -13.36
CA ASN O 298 49.31 -47.83 -12.48
C ASN O 298 48.93 -48.07 -11.03
N LEU O 299 47.64 -48.28 -10.76
CA LEU O 299 47.14 -48.42 -9.39
C LEU O 299 47.71 -49.64 -8.69
N ALA O 300 47.58 -50.82 -9.29
CA ALA O 300 48.26 -51.98 -8.77
C ALA O 300 49.76 -51.75 -8.67
N LYS O 301 50.36 -51.20 -9.74
CA LYS O 301 51.77 -50.85 -9.71
C LYS O 301 52.10 -49.99 -8.51
N THR O 302 51.17 -49.13 -8.09
CA THR O 302 51.36 -48.33 -6.89
C THR O 302 51.44 -49.21 -5.64
N ARG O 303 50.62 -50.26 -5.56
CA ARG O 303 50.50 -50.99 -4.31
C ARG O 303 51.46 -52.18 -4.24
N VAL O 304 52.09 -52.54 -5.36
CA VAL O 304 52.98 -53.68 -5.39
C VAL O 304 54.28 -53.31 -6.09
N GLY O 305 55.19 -54.27 -6.17
CA GLY O 305 56.50 -54.02 -6.74
C GLY O 305 56.59 -54.37 -8.22
N SER O 306 57.53 -53.71 -8.88
CA SER O 306 57.63 -53.78 -10.34
C SER O 306 57.78 -55.21 -10.84
N VAL O 307 58.41 -56.08 -10.05
CA VAL O 307 58.37 -57.50 -10.37
C VAL O 307 56.92 -58.00 -10.38
N THR O 308 56.28 -58.04 -9.21
CA THR O 308 54.88 -58.45 -9.14
C THR O 308 54.02 -57.62 -10.06
N ALA O 309 54.28 -56.31 -10.11
CA ALA O 309 53.54 -55.45 -11.03
C ALA O 309 53.61 -55.97 -12.45
N GLN O 310 54.79 -55.97 -13.06
CA GLN O 310 54.94 -56.39 -14.45
C GLN O 310 54.36 -57.79 -14.66
N VAL O 311 54.43 -58.64 -13.66
CA VAL O 311 53.71 -59.91 -13.75
C VAL O 311 52.23 -59.69 -13.98
N TYR O 312 51.58 -58.93 -13.09
CA TYR O 312 50.19 -58.57 -13.27
C TYR O 312 49.95 -57.95 -14.64
N LYS O 313 50.87 -57.11 -15.09
CA LYS O 313 50.76 -56.42 -16.37
C LYS O 313 50.66 -57.41 -17.52
N ILE O 314 51.63 -58.33 -17.61
CA ILE O 314 51.63 -59.29 -18.70
C ILE O 314 50.52 -60.30 -18.56
N ALA O 315 50.07 -60.58 -17.34
CA ALA O 315 48.92 -61.44 -17.15
C ALA O 315 47.66 -60.81 -17.73
N LEU O 316 47.43 -59.54 -17.46
CA LEU O 316 46.27 -58.84 -18.01
C LEU O 316 46.27 -58.77 -19.53
N ARG O 317 47.44 -58.84 -20.17
CA ARG O 317 47.49 -58.82 -21.62
C ARG O 317 46.65 -59.91 -22.26
N LEU O 318 46.55 -61.09 -21.63
CA LEU O 318 45.66 -62.12 -22.11
C LEU O 318 44.19 -61.87 -21.78
N THR O 319 43.89 -61.55 -20.54
CA THR O 319 42.50 -61.46 -20.11
C THR O 319 41.79 -60.23 -20.66
N GLU O 320 42.51 -59.18 -21.01
CA GLU O 320 41.83 -58.01 -21.55
C GLU O 320 41.17 -58.29 -22.87
N GLN O 321 41.55 -59.40 -23.50
CA GLN O 321 40.82 -59.96 -24.63
C GLN O 321 39.35 -60.21 -24.30
N LYS O 322 39.07 -60.85 -23.18
CA LYS O 322 37.74 -61.41 -22.95
C LYS O 322 36.80 -60.54 -22.12
N SER O 323 37.28 -59.51 -21.45
CA SER O 323 36.44 -58.86 -20.44
C SER O 323 35.72 -57.64 -21.01
N PRO O 324 34.40 -57.59 -20.92
CA PRO O 324 33.69 -56.41 -21.44
C PRO O 324 34.04 -55.14 -20.70
N LYS O 325 33.91 -55.16 -19.38
CA LYS O 325 34.54 -54.24 -18.44
C LYS O 325 34.00 -52.83 -18.51
N ILE O 326 33.66 -52.35 -19.72
CA ILE O 326 32.70 -51.28 -19.88
C ILE O 326 31.44 -51.73 -20.60
N ARG O 327 31.42 -52.93 -21.16
CA ARG O 327 30.37 -53.27 -22.11
C ARG O 327 29.08 -53.75 -21.46
N ASP O 328 29.20 -54.43 -20.32
CA ASP O 328 28.07 -54.99 -19.58
C ASP O 328 26.86 -54.06 -19.41
N PRO O 329 27.10 -52.77 -19.14
CA PRO O 329 25.92 -51.92 -18.94
C PRO O 329 24.98 -52.36 -20.04
N LEU O 330 25.08 -51.74 -21.22
CA LEU O 330 24.26 -52.05 -22.40
C LEU O 330 22.80 -52.23 -22.00
N THR O 331 22.44 -53.49 -21.70
CA THR O 331 21.11 -53.77 -21.20
C THR O 331 20.69 -52.90 -19.99
N GLN O 332 21.50 -52.77 -18.94
CA GLN O 332 21.19 -51.86 -17.84
C GLN O 332 20.77 -50.49 -18.37
N THR O 333 21.50 -49.97 -19.33
CA THR O 333 21.11 -48.77 -20.06
C THR O 333 19.90 -49.11 -20.90
N GLY O 334 18.85 -48.29 -20.82
CA GLY O 334 17.72 -48.46 -21.69
C GLY O 334 16.44 -49.00 -21.07
N LEU O 335 16.48 -49.37 -19.79
CA LEU O 335 15.28 -49.81 -19.12
C LEU O 335 15.37 -49.50 -17.64
N LEU O 336 14.22 -49.20 -17.05
CA LEU O 336 14.11 -49.11 -15.60
C LEU O 336 14.54 -50.42 -14.97
N GLN O 337 15.29 -50.32 -13.89
CA GLN O 337 15.59 -51.54 -13.14
C GLN O 337 14.37 -51.94 -12.32
N ASP O 338 14.55 -52.92 -11.45
CA ASP O 338 13.61 -53.16 -10.37
C ASP O 338 14.45 -53.45 -9.15
N LEU O 339 14.06 -52.85 -8.02
CA LEU O 339 14.88 -52.84 -6.81
C LEU O 339 15.33 -54.23 -6.39
N GLU O 340 14.62 -55.26 -6.81
CA GLU O 340 15.13 -56.63 -6.76
C GLU O 340 15.82 -56.94 -8.08
N GLU O 341 15.06 -56.86 -9.17
CA GLU O 341 15.57 -57.24 -10.49
C GLU O 341 16.87 -56.51 -10.85
N ALA O 342 17.13 -55.35 -10.24
CA ALA O 342 18.46 -54.76 -10.37
C ALA O 342 19.54 -55.76 -9.94
N LYS O 343 19.36 -56.37 -8.76
CA LYS O 343 20.23 -57.48 -8.39
C LYS O 343 20.11 -58.63 -9.37
N SER O 344 18.95 -58.81 -9.99
CA SER O 344 18.81 -59.88 -10.97
C SER O 344 19.64 -59.62 -12.21
N PHE O 345 20.07 -58.36 -12.41
CA PHE O 345 21.16 -58.10 -13.33
C PHE O 345 22.53 -58.28 -12.67
N GLN O 346 22.69 -57.81 -11.44
CA GLN O 346 23.99 -57.84 -10.77
C GLN O 346 24.54 -59.27 -10.69
N ASP O 347 23.69 -60.21 -10.30
CA ASP O 347 24.09 -61.60 -10.18
C ASP O 347 24.71 -62.14 -11.47
N GLU O 348 24.18 -61.73 -12.62
CA GLU O 348 24.76 -62.17 -13.87
C GLU O 348 26.20 -61.71 -13.99
N ALA O 349 26.48 -60.48 -13.55
CA ALA O 349 27.85 -60.00 -13.53
C ALA O 349 28.71 -60.66 -12.47
N GLU O 350 28.11 -61.33 -11.49
CA GLU O 350 28.91 -61.99 -10.46
C GLU O 350 29.73 -63.16 -10.98
N LEU O 351 29.11 -64.11 -11.67
CA LEU O 351 29.85 -65.28 -12.12
C LEU O 351 30.34 -65.20 -13.57
N VAL O 352 29.90 -64.22 -14.35
CA VAL O 352 29.97 -64.36 -15.81
C VAL O 352 31.40 -64.63 -16.27
N GLU O 353 32.29 -63.63 -16.22
CA GLU O 353 33.69 -63.83 -16.59
C GLU O 353 34.38 -64.86 -15.70
N GLU O 354 33.99 -64.94 -14.44
CA GLU O 354 34.64 -65.79 -13.45
C GLU O 354 34.65 -67.25 -13.83
N LYS O 355 33.65 -67.72 -14.57
CA LYS O 355 33.52 -69.15 -14.82
C LYS O 355 33.73 -69.48 -16.30
N THR O 356 32.77 -69.13 -17.15
CA THR O 356 32.82 -69.57 -18.54
C THR O 356 33.98 -68.89 -19.27
N PRO O 357 34.12 -67.57 -19.22
CA PRO O 357 35.41 -66.97 -19.63
C PRO O 357 36.56 -67.33 -18.71
N GLY O 358 36.28 -67.78 -17.48
CA GLY O 358 37.33 -68.35 -16.67
C GLY O 358 38.11 -69.45 -17.39
N LEU O 359 37.43 -70.18 -18.28
CA LEU O 359 38.13 -71.08 -19.19
C LEU O 359 39.21 -70.36 -19.97
N THR O 360 38.95 -69.10 -20.34
CA THR O 360 39.94 -68.30 -21.05
C THR O 360 40.91 -67.62 -20.08
N PHE O 361 40.74 -67.85 -18.78
CA PHE O 361 41.44 -67.05 -17.78
C PHE O 361 42.51 -67.83 -17.03
N ASN O 362 43.22 -67.17 -16.12
CA ASN O 362 44.48 -67.71 -15.66
C ASN O 362 44.30 -68.96 -14.80
N ALA O 363 44.92 -70.04 -15.25
CA ALA O 363 45.02 -71.27 -14.48
C ALA O 363 46.49 -71.66 -14.44
N ILE O 364 47.04 -72.04 -15.60
CA ILE O 364 48.48 -72.19 -15.77
C ILE O 364 48.84 -71.48 -17.08
N ASP O 365 49.63 -70.42 -16.97
CA ASP O 365 50.18 -69.74 -18.13
C ASP O 365 51.68 -69.98 -18.22
N LEU O 366 52.18 -70.03 -19.45
CA LEU O 366 53.57 -70.46 -19.66
C LEU O 366 54.39 -69.40 -20.37
N ALA O 367 55.57 -69.09 -19.80
CA ALA O 367 56.60 -68.28 -20.43
C ALA O 367 56.03 -67.06 -21.14
N ARG O 368 55.46 -66.13 -20.38
CA ARG O 368 54.93 -64.91 -20.98
C ARG O 368 56.02 -64.17 -21.73
N HIS O 369 56.97 -63.58 -21.02
CA HIS O 369 58.10 -62.96 -21.68
C HIS O 369 59.43 -63.36 -21.03
N LEU O 370 59.60 -62.99 -19.75
CA LEU O 370 60.86 -62.90 -19.02
C LEU O 370 61.62 -61.68 -19.57
N PRO O 371 62.46 -61.03 -18.76
CA PRO O 371 63.15 -59.81 -19.19
C PRO O 371 64.06 -60.01 -20.40
N SER O 449 63.59 -63.91 -12.16
CA SER O 449 63.22 -63.82 -13.57
C SER O 449 63.52 -65.12 -14.30
N ALA O 450 64.80 -65.36 -14.56
CA ALA O 450 65.24 -66.53 -15.29
C ALA O 450 65.34 -67.72 -14.33
N SER O 451 65.94 -68.81 -14.80
CA SER O 451 66.13 -70.05 -14.03
C SER O 451 64.75 -70.59 -13.66
N LEU O 452 64.50 -70.95 -12.41
CA LEU O 452 63.26 -71.61 -12.03
C LEU O 452 62.10 -70.62 -12.16
N ILE O 453 61.11 -70.96 -12.99
CA ILE O 453 60.02 -70.04 -13.27
C ILE O 453 58.75 -70.36 -12.47
N ASN O 454 58.73 -71.44 -11.70
CA ASN O 454 57.46 -71.96 -11.20
C ASN O 454 56.99 -71.20 -9.96
N SER O 455 57.64 -71.41 -8.81
CA SER O 455 57.27 -70.62 -7.64
C SER O 455 57.50 -69.14 -7.90
N HIS O 456 58.46 -68.81 -8.76
CA HIS O 456 58.55 -67.46 -9.31
C HIS O 456 57.22 -67.02 -9.89
N LEU O 457 56.49 -67.93 -10.54
CA LEU O 457 55.17 -67.61 -11.06
C LEU O 457 54.11 -67.68 -9.97
N LYS O 458 54.40 -68.37 -8.87
CA LYS O 458 53.54 -68.37 -7.69
C LYS O 458 53.46 -67.01 -7.05
N ILE O 459 54.22 -66.05 -7.56
CA ILE O 459 54.10 -64.65 -7.16
C ILE O 459 52.68 -64.14 -7.28
N LEU O 460 51.80 -64.87 -7.99
CA LEU O 460 50.38 -64.61 -7.89
C LEU O 460 49.96 -64.39 -6.44
N ALA O 461 50.18 -65.39 -5.59
CA ALA O 461 49.75 -65.31 -4.19
C ALA O 461 50.23 -64.03 -3.51
N SER O 462 51.28 -63.40 -4.01
CA SER O 462 51.68 -62.10 -3.47
C SER O 462 50.57 -61.07 -3.63
N SER O 463 49.70 -61.26 -4.63
CA SER O 463 48.50 -60.44 -4.72
C SER O 463 47.65 -60.65 -3.49
N ASN O 464 47.26 -59.55 -2.85
CA ASN O 464 46.36 -59.65 -1.70
C ASN O 464 45.21 -58.65 -1.79
N PHE O 465 45.52 -57.36 -1.62
CA PHE O 465 44.51 -56.31 -1.41
C PHE O 465 44.77 -55.07 -2.25
N PRO O 466 43.72 -54.27 -2.51
CA PRO O 466 42.30 -54.58 -2.30
C PRO O 466 41.66 -55.10 -3.58
N PHE O 467 42.13 -56.25 -4.06
CA PHE O 467 41.72 -56.77 -5.36
C PHE O 467 42.37 -58.12 -5.59
N LEU O 468 41.95 -58.79 -6.67
CA LEU O 468 42.53 -60.05 -7.08
C LEU O 468 42.47 -61.11 -5.99
N ASN O 469 43.54 -61.90 -5.89
CA ASN O 469 43.80 -62.82 -4.78
C ASN O 469 42.61 -63.74 -4.47
N GLU O 470 41.97 -64.23 -5.54
CA GLU O 470 40.97 -65.31 -5.43
C GLU O 470 41.22 -66.32 -6.55
N THR O 471 41.53 -67.56 -6.21
CA THR O 471 41.72 -68.58 -7.22
C THR O 471 41.08 -69.93 -7.05
N LYS O 472 41.30 -70.83 -8.01
CA LYS O 472 40.76 -72.16 -7.89
C LYS O 472 41.65 -72.85 -6.89
N PRO O 473 41.25 -72.81 -5.59
CA PRO O 473 41.87 -73.33 -4.37
C PRO O 473 42.98 -74.35 -4.62
N GLY O 474 44.02 -73.90 -5.30
CA GLY O 474 45.14 -74.75 -5.66
C GLY O 474 45.46 -74.82 -7.14
N VAL O 475 44.83 -73.95 -7.92
CA VAL O 475 45.36 -73.51 -9.21
C VAL O 475 45.55 -72.00 -9.09
N TYR O 476 46.44 -71.43 -9.89
CA TYR O 476 46.65 -70.00 -9.74
C TYR O 476 45.71 -69.23 -10.65
N TYR O 477 44.81 -68.47 -10.01
CA TYR O 477 43.74 -67.79 -10.70
C TYR O 477 43.38 -66.49 -9.98
N VAL O 478 43.03 -65.47 -10.76
CA VAL O 478 42.57 -64.18 -10.25
C VAL O 478 41.05 -64.10 -10.40
N PRO O 479 40.30 -63.69 -9.38
CA PRO O 479 38.87 -63.49 -9.58
C PRO O 479 38.66 -62.51 -10.72
N TYR O 480 37.55 -62.66 -11.43
CA TYR O 480 37.34 -61.81 -12.59
C TYR O 480 36.07 -60.97 -12.70
N SER O 481 34.93 -61.61 -13.01
CA SER O 481 33.70 -60.85 -13.15
C SER O 481 33.08 -60.23 -11.83
N LYS O 482 33.73 -60.67 -10.75
CA LYS O 482 33.49 -60.20 -9.41
C LYS O 482 34.59 -59.16 -9.17
N LEU O 483 35.79 -59.46 -9.67
CA LEU O 483 36.94 -58.56 -9.57
C LEU O 483 36.65 -57.21 -10.20
N MET O 484 36.43 -57.20 -11.52
CA MET O 484 36.29 -55.93 -12.22
C MET O 484 35.24 -55.05 -11.54
N PRO O 485 34.04 -55.53 -11.20
CA PRO O 485 33.11 -54.68 -10.45
C PRO O 485 33.54 -54.05 -9.14
N VAL O 486 34.01 -54.84 -8.17
CA VAL O 486 34.45 -54.25 -6.92
C VAL O 486 35.84 -53.58 -7.00
N LEU O 487 36.54 -53.87 -8.09
CA LEU O 487 37.71 -53.12 -8.50
C LEU O 487 37.23 -51.71 -8.79
N LYS O 488 36.24 -51.56 -9.67
CA LYS O 488 35.76 -50.24 -10.07
C LYS O 488 35.49 -49.35 -8.86
N SER O 489 34.77 -49.87 -7.87
CA SER O 489 34.45 -49.11 -6.67
C SER O 489 35.68 -48.52 -6.00
N SER O 490 36.82 -49.20 -6.07
CA SER O 490 38.03 -48.76 -5.38
C SER O 490 38.75 -47.67 -6.17
N VAL O 491 38.57 -47.65 -7.49
CA VAL O 491 39.47 -46.98 -8.42
C VAL O 491 39.73 -45.52 -8.05
N TYR O 492 38.77 -44.89 -7.38
CA TYR O 492 38.92 -43.47 -7.05
C TYR O 492 40.19 -43.20 -6.25
N GLU O 493 40.17 -43.58 -4.98
CA GLU O 493 41.32 -43.43 -4.09
C GLU O 493 41.96 -42.04 -4.15
N TYR O 494 43.16 -41.96 -4.73
CA TYR O 494 44.01 -40.78 -4.69
C TYR O 494 43.34 -39.41 -5.12
N VAL O 495 42.30 -39.59 -5.94
CA VAL O 495 41.81 -38.50 -6.79
C VAL O 495 41.79 -37.07 -6.24
N ILE O 496 41.59 -36.92 -4.93
CA ILE O 496 41.86 -35.62 -4.33
C ILE O 496 42.97 -35.71 -3.29
N ALA O 497 44.16 -35.21 -3.62
CA ALA O 497 45.11 -34.83 -2.58
C ALA O 497 45.71 -33.49 -2.96
N SER O 498 46.68 -33.43 -3.87
CA SER O 498 47.08 -32.13 -4.38
C SER O 498 46.05 -31.58 -5.32
N THR O 499 45.03 -32.37 -5.62
CA THR O 499 43.81 -31.81 -6.14
C THR O 499 43.38 -30.63 -5.30
N LEU O 500 42.91 -30.86 -4.08
CA LEU O 500 42.90 -29.83 -3.07
C LEU O 500 43.35 -30.36 -1.72
N GLY O 501 44.56 -30.03 -1.29
CA GLY O 501 44.99 -30.21 0.08
C GLY O 501 45.32 -31.64 0.42
N PRO O 502 46.33 -31.86 1.28
CA PRO O 502 46.56 -33.21 1.80
C PRO O 502 45.49 -33.68 2.77
N SER O 503 45.05 -32.81 3.68
CA SER O 503 44.20 -33.22 4.79
C SER O 503 42.83 -33.68 4.36
N ALA O 504 42.31 -33.17 3.25
CA ALA O 504 41.06 -33.67 2.71
C ALA O 504 41.05 -35.17 2.54
N MET O 505 42.20 -35.77 2.21
CA MET O 505 42.26 -37.22 2.09
C MET O 505 41.74 -37.91 3.33
N ARG O 506 42.46 -37.79 4.45
CA ARG O 506 42.18 -38.61 5.62
C ARG O 506 40.74 -38.43 6.09
N LEU O 507 40.24 -37.20 6.06
CA LEU O 507 38.87 -36.99 6.48
C LEU O 507 37.90 -37.70 5.54
N SER O 508 37.98 -37.42 4.24
CA SER O 508 37.11 -38.10 3.28
C SER O 508 37.28 -39.61 3.36
N ARG O 509 38.52 -40.08 3.35
CA ARG O 509 38.79 -41.48 3.61
C ARG O 509 38.09 -41.93 4.89
N CYS O 510 38.25 -41.18 5.97
CA CYS O 510 37.47 -41.46 7.18
C CYS O 510 35.98 -41.33 6.90
N ILE O 511 35.58 -40.25 6.21
CA ILE O 511 34.18 -40.12 5.81
C ILE O 511 33.72 -41.35 5.05
N ARG O 512 34.65 -42.05 4.39
CA ARG O 512 34.29 -43.35 3.83
C ARG O 512 33.80 -44.31 4.90
N ASP O 513 34.67 -44.67 5.84
CA ASP O 513 34.38 -45.74 6.78
C ASP O 513 33.19 -45.39 7.66
N ASN O 514 33.28 -44.28 8.38
CA ASN O 514 32.10 -43.81 9.11
C ASN O 514 31.12 -43.24 8.11
N LYS O 515 29.96 -42.81 8.61
CA LYS O 515 28.93 -42.24 7.75
C LYS O 515 27.96 -41.35 8.53
N LEU O 516 27.71 -40.16 7.99
CA LEU O 516 26.80 -39.18 8.60
C LEU O 516 27.01 -38.99 10.10
N VAL O 517 28.26 -38.78 10.50
CA VAL O 517 28.60 -38.58 11.90
C VAL O 517 28.48 -37.12 12.32
N SER O 518 29.61 -36.43 12.36
CA SER O 518 29.64 -35.03 12.75
C SER O 518 31.04 -34.62 13.21
N GLU O 519 31.19 -33.33 13.50
CA GLU O 519 32.50 -32.72 13.66
C GLU O 519 33.21 -33.14 14.94
N LYS O 520 32.50 -33.27 16.06
CA LYS O 520 33.16 -33.76 17.26
C LYS O 520 33.77 -35.13 16.98
N ILE O 521 32.94 -36.07 16.50
CA ILE O 521 33.45 -37.39 16.19
C ILE O 521 34.48 -37.37 15.06
N ILE O 522 34.36 -36.42 14.13
CA ILE O 522 35.52 -36.10 13.31
C ILE O 522 36.71 -35.67 14.13
N ASN O 523 36.61 -34.51 14.79
CA ASN O 523 37.75 -33.96 15.51
C ASN O 523 38.26 -34.94 16.56
N SER O 524 37.36 -35.74 17.13
CA SER O 524 37.80 -36.90 17.91
C SER O 524 38.69 -37.81 17.09
N THR O 525 38.15 -38.38 16.02
CA THR O 525 38.95 -39.22 15.14
C THR O 525 40.08 -38.42 14.48
N ALA O 526 39.74 -37.23 13.97
CA ALA O 526 40.69 -36.45 13.20
C ALA O 526 41.71 -35.75 14.10
N LEU O 527 42.49 -34.84 13.51
CA LEU O 527 43.57 -34.17 14.22
C LEU O 527 43.69 -32.74 13.68
N MET O 528 44.80 -32.08 13.99
CA MET O 528 45.01 -30.65 13.75
C MET O 528 44.06 -29.79 14.57
N LYS O 529 43.42 -28.83 13.93
CA LYS O 529 42.69 -27.79 14.63
C LYS O 529 41.43 -27.46 13.86
N GLU O 530 40.38 -27.07 14.60
CA GLU O 530 39.15 -26.61 13.98
C GLU O 530 39.43 -25.51 12.96
N LYS O 531 40.38 -24.63 13.26
CA LYS O 531 40.81 -23.64 12.28
C LYS O 531 41.11 -24.28 10.93
N ASP O 532 41.84 -25.39 10.92
CA ASP O 532 42.06 -26.12 9.68
C ASP O 532 40.89 -27.02 9.32
N ILE O 533 40.34 -27.75 10.32
CA ILE O 533 39.30 -28.72 10.05
C ILE O 533 38.16 -28.09 9.26
N ARG O 534 37.69 -26.94 9.67
CA ARG O 534 36.66 -26.27 8.90
C ARG O 534 37.10 -25.95 7.49
N SER O 535 38.24 -25.26 7.34
CA SER O 535 38.80 -24.93 6.04
C SER O 535 38.82 -26.11 5.08
N THR O 536 39.63 -27.13 5.36
CA THR O 536 39.66 -28.31 4.52
C THR O 536 38.27 -28.88 4.24
N LEU O 537 37.45 -29.09 5.26
CA LEU O 537 36.07 -29.48 5.07
C LEU O 537 35.30 -28.46 4.24
N ALA O 538 35.18 -27.22 4.73
CA ALA O 538 34.48 -26.19 3.99
C ALA O 538 35.00 -26.05 2.57
N SER O 539 36.31 -25.95 2.39
CA SER O 539 36.82 -25.89 1.03
C SER O 539 36.53 -27.17 0.25
N LEU O 540 36.27 -28.27 0.96
CA LEU O 540 35.80 -29.48 0.29
C LEU O 540 34.31 -29.42 -0.02
N ILE O 541 33.50 -28.89 0.90
CA ILE O 541 32.06 -28.81 0.65
C ILE O 541 31.75 -27.88 -0.50
N ARG O 542 32.68 -26.97 -0.85
CA ARG O 542 32.43 -26.03 -1.93
C ARG O 542 32.06 -26.74 -3.22
N TYR O 543 32.47 -28.00 -3.36
CA TYR O 543 31.86 -28.84 -4.38
C TYR O 543 31.70 -30.28 -3.91
N ASN O 544 30.48 -30.79 -3.98
CA ASN O 544 30.14 -32.21 -3.85
C ASN O 544 30.77 -32.83 -2.61
N SER O 545 31.31 -34.05 -2.76
CA SER O 545 31.90 -34.77 -1.63
C SER O 545 30.91 -34.91 -0.48
N VAL O 546 31.23 -34.25 0.63
CA VAL O 546 30.54 -34.42 1.90
C VAL O 546 29.02 -34.31 1.82
N GLU O 547 28.48 -33.53 0.90
CA GLU O 547 27.08 -33.14 0.91
C GLU O 547 26.76 -32.57 2.30
N ILE O 548 25.56 -32.79 2.82
CA ILE O 548 25.13 -32.29 4.12
C ILE O 548 24.04 -33.20 4.65
N GLN O 549 23.98 -33.37 5.97
CA GLN O 549 22.84 -33.95 6.67
C GLN O 549 22.52 -33.11 7.89
N GLU O 550 21.24 -32.93 8.17
CA GLU O 550 20.84 -32.19 9.36
C GLU O 550 19.46 -32.66 9.76
N VAL O 551 19.13 -32.45 11.03
CA VAL O 551 17.88 -32.94 11.59
C VAL O 551 17.26 -31.88 12.49
N PRO O 552 15.93 -31.76 12.57
CA PRO O 552 15.34 -30.71 13.41
C PRO O 552 15.67 -30.90 14.88
N ARG O 553 16.09 -29.82 15.52
CA ARG O 553 16.49 -29.86 16.92
C ARG O 553 15.58 -28.92 17.68
N THR O 554 14.74 -29.48 18.56
CA THR O 554 13.84 -28.77 19.46
C THR O 554 13.14 -27.59 18.78
N ALA O 555 12.76 -27.76 17.52
CA ALA O 555 12.13 -26.69 16.76
C ALA O 555 11.42 -27.32 15.57
N ASP O 556 10.82 -26.48 14.73
CA ASP O 556 10.25 -26.99 13.50
C ASP O 556 11.39 -27.28 12.55
N ARG O 557 11.97 -26.24 11.95
CA ARG O 557 13.32 -26.26 11.39
C ARG O 557 13.87 -24.85 11.60
N SER O 558 15.10 -24.76 12.09
CA SER O 558 15.67 -23.47 12.41
C SER O 558 17.14 -23.41 12.03
N ALA O 559 17.71 -22.21 12.03
CA ALA O 559 19.02 -22.01 11.43
C ALA O 559 20.12 -22.60 12.30
N SER O 560 20.43 -21.96 13.42
CA SER O 560 21.39 -22.56 14.34
C SER O 560 20.64 -23.12 15.55
N ARG O 561 20.35 -24.40 15.45
CA ARG O 561 19.97 -25.23 16.58
C ARG O 561 20.56 -26.60 16.35
N ALA O 562 20.24 -27.15 15.19
CA ALA O 562 20.41 -28.54 14.79
C ALA O 562 21.88 -28.91 14.62
N VAL O 563 22.09 -30.15 14.19
CA VAL O 563 23.42 -30.72 14.06
C VAL O 563 23.71 -30.94 12.58
N PHE O 564 24.99 -30.86 12.24
CA PHE O 564 25.45 -30.87 10.85
C PHE O 564 26.28 -32.10 10.57
N LEU O 565 25.80 -32.95 9.66
CA LEU O 565 26.38 -34.23 9.36
C LEU O 565 26.87 -34.43 7.95
N PHE O 566 27.68 -35.46 7.72
CA PHE O 566 28.56 -35.54 6.55
C PHE O 566 28.38 -36.92 5.96
N ARG O 567 28.47 -37.02 4.64
CA ARG O 567 28.18 -38.27 3.95
C ARG O 567 29.00 -38.38 2.67
N CYS O 568 29.20 -39.61 2.21
CA CYS O 568 30.04 -39.85 1.04
C CYS O 568 29.29 -39.57 -0.26
N LYS O 569 28.36 -40.45 -0.62
CA LYS O 569 27.58 -40.33 -1.84
C LYS O 569 28.46 -40.24 -3.08
N GLU O 570 29.34 -41.24 -3.26
CA GLU O 570 30.17 -41.28 -4.46
C GLU O 570 29.34 -41.26 -5.74
N THR O 571 28.05 -41.61 -5.64
CA THR O 571 27.14 -41.33 -6.74
C THR O 571 27.33 -39.93 -7.25
N HIS O 572 27.10 -38.92 -6.41
CA HIS O 572 27.53 -37.57 -6.72
C HIS O 572 29.02 -37.46 -6.99
N SER O 573 29.87 -38.00 -6.11
CA SER O 573 31.31 -37.84 -6.33
C SER O 573 31.73 -38.38 -7.67
N TYR O 574 31.63 -39.69 -7.87
CA TYR O 574 32.01 -40.29 -9.13
C TYR O 574 31.29 -39.64 -10.31
N ASN O 575 30.22 -38.89 -10.02
CA ASN O 575 29.44 -38.23 -11.07
C ASN O 575 29.62 -36.72 -11.14
N PHE O 576 30.76 -36.22 -10.66
CA PHE O 576 31.04 -34.79 -10.69
C PHE O 576 32.30 -34.53 -11.51
N MET O 577 33.17 -35.53 -11.52
CA MET O 577 34.43 -35.49 -12.25
C MET O 577 34.25 -35.21 -13.72
N ARG O 578 33.03 -35.34 -14.24
CA ARG O 578 32.66 -34.61 -15.45
C ARG O 578 32.81 -33.09 -15.44
N GLN O 579 32.67 -32.49 -14.26
CA GLN O 579 32.94 -31.07 -14.15
C GLN O 579 34.36 -30.92 -14.70
N ASN O 580 35.21 -31.91 -14.38
CA ASN O 580 36.57 -31.97 -14.89
C ASN O 580 36.42 -31.93 -16.40
N LEU O 581 35.69 -32.88 -16.98
CA LEU O 581 35.50 -32.81 -18.43
C LEU O 581 35.21 -31.40 -18.88
N GLU O 582 34.39 -30.67 -18.13
CA GLU O 582 34.04 -29.29 -18.42
C GLU O 582 35.19 -28.32 -18.18
N TRP O 583 36.37 -28.80 -17.79
CA TRP O 583 37.43 -27.83 -17.58
C TRP O 583 38.23 -27.56 -18.84
N ASN O 584 39.25 -28.39 -19.10
CA ASN O 584 40.06 -28.29 -20.32
C ASN O 584 39.48 -28.98 -21.53
N MET O 585 39.06 -30.24 -21.38
CA MET O 585 38.30 -30.86 -22.44
C MET O 585 37.19 -29.99 -22.97
N ALA O 586 36.56 -29.23 -22.08
CA ALA O 586 35.93 -27.99 -22.45
C ALA O 586 36.85 -26.94 -23.04
N ASN O 587 37.63 -26.25 -22.21
CA ASN O 587 38.48 -25.18 -22.66
C ASN O 587 39.71 -25.36 -23.62
N LEU O 588 40.58 -26.26 -23.13
CA LEU O 588 41.86 -26.51 -23.78
C LEU O 588 41.73 -26.62 -25.28
N LEU O 589 40.66 -27.27 -25.73
CA LEU O 589 40.40 -27.38 -27.15
C LEU O 589 40.27 -26.00 -27.78
N PHE O 590 39.62 -25.06 -27.09
CA PHE O 590 39.52 -23.69 -27.60
C PHE O 590 40.88 -23.05 -27.81
N LYS O 591 41.62 -22.82 -26.71
CA LYS O 591 42.89 -22.13 -26.84
C LYS O 591 43.80 -22.83 -27.81
N LYS O 592 43.54 -24.12 -28.08
CA LYS O 592 44.09 -24.70 -29.30
C LYS O 592 43.51 -24.03 -30.54
N GLU O 593 42.18 -24.10 -30.70
CA GLU O 593 41.52 -23.46 -31.84
C GLU O 593 41.76 -21.96 -31.87
N LYS O 594 41.53 -21.29 -30.75
CA LYS O 594 41.74 -19.84 -30.70
C LYS O 594 43.13 -19.44 -31.15
N LEU O 595 44.13 -20.28 -30.90
CA LEU O 595 45.47 -20.01 -31.35
C LEU O 595 45.65 -20.25 -32.84
N LYS O 596 44.73 -20.98 -33.48
CA LYS O 596 44.81 -21.12 -34.93
C LYS O 596 44.73 -19.77 -35.62
N GLN O 597 43.67 -19.00 -35.35
CA GLN O 597 43.50 -17.69 -35.97
C GLN O 597 44.66 -16.76 -35.69
N GLU O 598 45.44 -17.01 -34.62
CA GLU O 598 46.69 -16.30 -34.46
C GLU O 598 47.59 -16.47 -35.69
N ASN O 599 47.99 -17.70 -35.98
CA ASN O 599 48.87 -17.98 -37.11
C ASN O 599 48.10 -18.39 -38.35
N SER O 600 46.76 -18.29 -38.31
CA SER O 600 45.94 -18.76 -39.42
C SER O 600 46.46 -18.28 -40.77
N THR O 601 46.78 -16.99 -40.88
CA THR O 601 47.44 -16.47 -42.07
C THR O 601 48.73 -17.23 -42.38
N LEU O 602 49.71 -17.22 -41.49
CA LEU O 602 50.89 -18.07 -41.59
C LEU O 602 50.56 -19.55 -41.71
N LEU O 603 49.58 -20.06 -40.95
CA LEU O 603 49.20 -21.46 -41.07
C LEU O 603 48.90 -21.83 -42.52
N LYS O 604 48.19 -20.96 -43.23
CA LYS O 604 47.99 -21.15 -44.66
C LYS O 604 49.32 -21.20 -45.41
N LYS O 605 50.20 -20.21 -45.19
CA LYS O 605 51.47 -20.18 -45.90
C LYS O 605 52.44 -21.24 -45.39
N ALA O 606 52.64 -21.30 -44.07
CA ALA O 606 53.69 -22.17 -43.51
C ALA O 606 53.45 -23.62 -43.85
N ASN O 607 52.19 -24.03 -44.02
CA ASN O 607 51.90 -25.43 -44.32
C ASN O 607 52.28 -25.79 -45.75
N ARG O 608 52.19 -24.83 -46.67
CA ARG O 608 52.50 -25.08 -48.08
C ARG O 608 53.92 -24.68 -48.46
N ASP O 609 54.70 -24.13 -47.54
CA ASP O 609 56.05 -23.71 -47.86
C ASP O 609 56.99 -24.89 -48.10
N ASP O 610 57.08 -25.81 -47.16
CA ASP O 610 58.00 -26.93 -47.27
C ASP O 610 57.25 -28.19 -47.74
N LEU O 619 62.28 -17.73 -43.19
CA LEU O 619 61.36 -16.66 -43.53
C LEU O 619 60.87 -15.95 -42.27
N LEU O 620 61.37 -14.72 -42.05
CA LEU O 620 61.08 -13.81 -40.95
C LEU O 620 61.69 -14.31 -39.64
N PRO O 621 62.18 -13.42 -38.78
CA PRO O 621 62.66 -13.88 -37.46
C PRO O 621 61.55 -14.28 -36.50
N SER O 622 60.49 -13.48 -36.40
CA SER O 622 59.41 -13.80 -35.47
C SER O 622 58.70 -15.07 -35.85
N GLU O 623 58.53 -15.32 -37.15
CA GLU O 623 58.11 -16.62 -37.65
C GLU O 623 58.95 -17.72 -37.02
N LEU O 624 60.27 -17.70 -37.24
CA LEU O 624 61.17 -18.64 -36.58
C LEU O 624 60.90 -18.78 -35.09
N ASN O 625 60.77 -17.67 -34.35
CA ASN O 625 60.42 -17.75 -32.95
C ASN O 625 59.09 -18.46 -32.75
N GLN O 626 58.01 -17.91 -33.28
CA GLN O 626 56.67 -18.41 -32.99
C GLN O 626 56.42 -19.80 -33.54
N LEU O 627 57.33 -20.36 -34.34
CA LEU O 627 57.23 -21.77 -34.71
C LEU O 627 57.19 -22.65 -33.48
N LYS O 628 58.29 -22.69 -32.73
CA LYS O 628 58.32 -23.46 -31.49
C LYS O 628 57.27 -22.99 -30.50
N MET O 629 56.96 -21.68 -30.50
CA MET O 629 55.92 -21.17 -29.62
C MET O 629 54.60 -21.87 -29.86
N VAL O 630 54.02 -21.69 -31.06
CA VAL O 630 52.72 -22.27 -31.34
C VAL O 630 52.80 -23.79 -31.36
N ASN O 631 53.94 -24.35 -31.78
CA ASN O 631 54.01 -25.78 -32.03
C ASN O 631 54.24 -26.56 -30.74
N GLU O 632 55.39 -26.33 -30.09
CA GLU O 632 55.59 -26.90 -28.76
C GLU O 632 54.48 -26.46 -27.82
N ARG O 633 53.92 -25.29 -28.06
CA ARG O 633 52.63 -24.94 -27.48
C ARG O 633 51.58 -26.01 -27.75
N GLU O 634 51.52 -26.51 -28.99
CA GLU O 634 50.55 -27.56 -29.29
C GLU O 634 50.91 -28.85 -28.58
N LEU O 635 52.19 -29.13 -28.43
CA LEU O 635 52.61 -30.19 -27.52
C LEU O 635 51.99 -30.01 -26.15
N ASN O 636 52.17 -28.83 -25.53
CA ASN O 636 51.58 -28.54 -24.24
C ASN O 636 50.07 -28.77 -24.21
N VAL O 637 49.31 -28.20 -25.14
CA VAL O 637 47.87 -28.47 -25.15
C VAL O 637 47.53 -29.94 -25.37
N PHE O 638 47.81 -30.51 -26.55
CA PHE O 638 47.46 -31.88 -26.86
C PHE O 638 47.94 -32.88 -25.82
N ALA O 639 49.24 -32.90 -25.54
CA ALA O 639 49.77 -33.76 -24.50
C ALA O 639 49.09 -33.47 -23.17
N ARG O 640 48.95 -32.18 -22.83
CA ARG O 640 48.24 -31.79 -21.62
C ARG O 640 46.85 -32.40 -21.61
N LEU O 641 46.16 -32.35 -22.75
CA LEU O 641 44.87 -33.02 -22.84
C LEU O 641 44.99 -34.49 -22.47
N SER O 642 45.71 -35.26 -23.30
CA SER O 642 45.81 -36.71 -23.05
C SER O 642 46.18 -37.00 -21.61
N ARG O 643 47.07 -36.19 -21.03
CA ARG O 643 47.25 -36.20 -19.59
C ARG O 643 45.92 -36.20 -18.87
N LEU O 644 45.14 -35.13 -19.00
CA LEU O 644 43.84 -35.06 -18.33
C LEU O 644 42.92 -36.21 -18.70
N LEU O 645 43.05 -36.73 -19.92
CA LEU O 645 42.24 -37.84 -20.40
C LEU O 645 42.47 -39.10 -19.59
N SER O 646 43.74 -39.48 -19.40
CA SER O 646 44.05 -40.67 -18.62
C SER O 646 43.32 -40.66 -17.29
N LEU O 647 43.12 -39.47 -16.72
CA LEU O 647 42.26 -39.33 -15.56
C LEU O 647 40.79 -39.50 -15.92
N TRP O 648 40.33 -38.84 -16.97
CA TRP O 648 38.94 -38.92 -17.41
C TRP O 648 38.54 -40.31 -17.87
N GLU O 649 39.49 -41.21 -18.07
CA GLU O 649 39.21 -42.53 -18.63
C GLU O 649 38.26 -43.34 -17.76
N VAL O 650 37.98 -42.85 -16.55
CA VAL O 650 37.15 -43.61 -15.63
C VAL O 650 35.72 -43.08 -15.55
N PHE O 651 35.51 -41.94 -14.90
CA PHE O 651 34.18 -41.59 -14.43
C PHE O 651 33.18 -41.38 -15.58
N GLN O 652 33.65 -41.20 -16.80
CA GLN O 652 32.73 -41.24 -17.92
C GLN O 652 32.08 -42.61 -18.07
N MET O 653 32.85 -43.68 -17.92
CA MET O 653 32.30 -45.03 -17.93
C MET O 653 32.97 -45.83 -16.83
N ALA O 654 32.16 -46.26 -15.86
CA ALA O 654 32.66 -46.94 -14.67
C ALA O 654 33.76 -46.13 -14.00
N GLN P 10 21.13 -34.38 72.89
CA GLN P 10 21.92 -33.26 73.37
C GLN P 10 22.79 -32.69 72.26
N LEU P 11 22.91 -31.36 72.23
CA LEU P 11 23.63 -30.70 71.14
C LEU P 11 25.04 -31.24 70.99
N SER P 12 25.84 -31.18 72.04
CA SER P 12 27.20 -31.70 71.97
C SER P 12 27.22 -33.22 71.94
N ASP P 13 26.45 -33.88 72.81
CA ASP P 13 26.47 -35.33 72.86
C ASP P 13 25.97 -35.95 71.56
N ASN P 14 24.74 -35.64 71.15
CA ASN P 14 24.21 -36.21 69.92
C ASN P 14 24.93 -35.62 68.71
N ALA P 15 25.53 -34.44 68.86
CA ALA P 15 26.37 -33.91 67.78
C ALA P 15 27.61 -34.76 67.59
N LYS P 16 28.32 -35.09 68.66
CA LYS P 16 29.59 -35.80 68.57
C LYS P 16 29.42 -37.30 68.35
N THR P 17 28.34 -37.89 68.86
CA THR P 17 28.07 -39.30 68.55
C THR P 17 27.39 -39.46 67.20
N LEU P 18 26.54 -38.51 66.81
CA LEU P 18 26.00 -38.53 65.46
C LEU P 18 27.05 -38.10 64.44
N HIS P 19 28.13 -37.46 64.91
CA HIS P 19 29.32 -37.32 64.09
C HIS P 19 30.27 -38.49 64.27
N SER P 20 30.04 -39.35 65.25
CA SER P 20 30.87 -40.54 65.41
C SER P 20 30.56 -41.56 64.32
N GLN P 21 29.32 -41.60 63.85
CA GLN P 21 29.00 -42.38 62.67
C GLN P 21 29.56 -41.74 61.41
N MET P 22 29.68 -40.41 61.38
CA MET P 22 30.23 -39.72 60.22
C MET P 22 31.74 -39.95 60.10
N MET P 23 32.49 -39.64 61.16
CA MET P 23 33.92 -39.91 61.18
C MET P 23 34.22 -41.39 61.18
N SER P 24 33.29 -42.21 61.68
CA SER P 24 33.44 -43.66 61.57
C SER P 24 33.19 -44.11 60.14
N LYS P 25 31.96 -43.93 59.66
CA LYS P 25 31.62 -44.20 58.27
C LYS P 25 30.91 -43.01 57.66
N GLY P 26 29.75 -42.63 58.21
CA GLY P 26 28.90 -41.66 57.57
C GLY P 26 28.00 -42.25 56.51
N ILE P 27 27.87 -43.57 56.47
CA ILE P 27 27.14 -44.29 55.42
C ILE P 27 27.63 -43.75 54.08
N GLY P 28 28.95 -43.66 53.93
CA GLY P 28 29.57 -43.04 52.78
C GLY P 28 29.04 -41.63 52.57
N ALA P 29 28.76 -41.32 51.31
CA ALA P 29 28.03 -40.11 50.96
C ALA P 29 26.53 -40.35 50.87
N LEU P 30 26.10 -41.62 50.90
CA LEU P 30 24.70 -41.99 50.68
C LEU P 30 23.82 -41.77 51.91
N PHE P 31 24.41 -41.40 53.05
CA PHE P 31 23.65 -41.27 54.28
C PHE P 31 22.48 -40.30 54.10
N THR P 32 21.27 -40.77 54.35
CA THR P 32 20.09 -39.94 54.32
C THR P 32 19.52 -39.88 55.73
N GLN P 33 18.39 -39.21 55.91
CA GLN P 33 17.77 -39.20 57.22
C GLN P 33 17.16 -40.56 57.58
N GLN P 34 16.85 -41.38 56.58
CA GLN P 34 16.44 -42.75 56.85
C GLN P 34 17.58 -43.54 57.47
N GLU P 35 18.80 -43.39 56.95
CA GLU P 35 19.95 -44.06 57.54
C GLU P 35 20.22 -43.57 58.96
N LEU P 36 19.84 -42.34 59.29
CA LEU P 36 19.95 -41.88 60.67
C LEU P 36 19.09 -42.74 61.59
N GLN P 37 17.78 -42.82 61.31
CA GLN P 37 16.90 -43.73 62.02
C GLN P 37 17.43 -45.15 62.04
N LYS P 38 18.06 -45.59 60.95
CA LYS P 38 18.60 -46.95 60.91
C LYS P 38 19.63 -47.18 62.00
N GLN P 39 20.57 -46.25 62.17
CA GLN P 39 21.54 -46.32 63.25
C GLN P 39 21.02 -45.71 64.54
N MET P 40 20.75 -44.40 64.55
CA MET P 40 20.19 -43.75 65.74
C MET P 40 18.73 -43.44 65.47
N GLY P 41 17.84 -44.22 66.07
CA GLY P 41 16.41 -43.95 66.01
C GLY P 41 15.91 -43.42 67.34
N ILE P 42 16.79 -43.43 68.33
CA ILE P 42 16.45 -43.06 69.70
C ILE P 42 15.92 -41.64 69.79
N GLY P 43 16.45 -40.73 68.96
CA GLY P 43 16.00 -39.36 69.01
C GLY P 43 14.61 -39.18 68.44
N SER P 44 13.83 -38.33 69.12
CA SER P 44 12.54 -37.94 68.58
C SER P 44 12.74 -37.06 67.34
N LEU P 45 11.66 -36.92 66.56
CA LEU P 45 11.74 -36.20 65.30
C LEU P 45 12.45 -34.86 65.47
N THR P 46 11.81 -33.91 66.16
CA THR P 46 12.37 -32.58 66.32
C THR P 46 13.67 -32.58 67.13
N ASP P 47 13.99 -33.65 67.84
CA ASP P 47 15.26 -33.73 68.54
C ASP P 47 16.41 -33.96 67.58
N LEU P 48 16.42 -35.09 66.90
CA LEU P 48 17.45 -35.35 65.90
C LEU P 48 17.44 -34.31 64.78
N MET P 49 16.30 -33.68 64.49
CA MET P 49 16.26 -32.65 63.45
C MET P 49 16.78 -31.30 63.88
N SER P 50 16.36 -30.80 65.05
CA SER P 50 16.83 -29.49 65.50
C SER P 50 18.35 -29.50 65.69
N ILE P 51 18.90 -30.62 66.14
CA ILE P 51 20.34 -30.70 66.30
C ILE P 51 21.06 -30.76 64.96
N VAL P 52 20.54 -31.54 64.00
CA VAL P 52 21.17 -31.66 62.69
C VAL P 52 21.17 -30.31 61.97
N GLN P 53 20.04 -29.61 62.00
CA GLN P 53 19.99 -28.27 61.42
C GLN P 53 21.10 -27.39 61.98
N GLU P 54 21.39 -27.52 63.28
CA GLU P 54 22.50 -26.78 63.85
C GLU P 54 23.83 -27.41 63.48
N LEU P 55 23.82 -28.70 63.11
CA LEU P 55 25.04 -29.33 62.64
C LEU P 55 25.44 -28.79 61.28
N LEU P 56 24.47 -28.23 60.55
CA LEU P 56 24.82 -27.35 59.45
C LEU P 56 25.14 -25.94 59.95
N ASP P 57 24.39 -25.44 60.95
CA ASP P 57 24.67 -24.13 61.51
C ASP P 57 26.02 -24.09 62.21
N LYS P 58 26.32 -25.09 63.03
CA LYS P 58 27.62 -25.26 63.66
C LYS P 58 28.57 -26.05 62.76
N ASN P 59 28.17 -26.29 61.51
CA ASN P 59 28.96 -26.93 60.45
C ASN P 59 29.67 -28.20 60.90
N LEU P 60 28.89 -29.21 61.27
CA LEU P 60 29.41 -30.56 61.49
C LEU P 60 29.07 -31.54 60.38
N ILE P 61 27.80 -31.79 60.06
CA ILE P 61 27.44 -32.58 58.90
C ILE P 61 26.92 -31.63 57.81
N LYS P 62 26.60 -32.21 56.65
CA LYS P 62 26.21 -31.46 55.46
C LYS P 62 25.08 -32.20 54.75
N LEU P 63 24.44 -31.50 53.82
CA LEU P 63 23.34 -32.04 53.03
C LEU P 63 23.75 -32.05 51.57
N VAL P 64 23.28 -33.04 50.83
CA VAL P 64 23.53 -33.19 49.39
C VAL P 64 22.20 -33.45 48.71
N LYS P 65 21.99 -32.82 47.57
CA LYS P 65 20.72 -32.90 46.85
C LYS P 65 20.93 -33.76 45.60
N GLN P 66 20.46 -35.00 45.66
CA GLN P 66 20.52 -35.93 44.53
C GLN P 66 19.44 -36.99 44.69
N ASN P 67 18.99 -37.53 43.56
CA ASN P 67 18.25 -38.80 43.45
C ASN P 67 17.12 -38.83 44.49
N ASP P 68 17.14 -39.80 45.40
CA ASP P 68 16.06 -39.96 46.37
C ASP P 68 16.49 -39.41 47.73
N GLU P 69 15.52 -38.82 48.43
CA GLU P 69 15.71 -38.20 49.75
C GLU P 69 16.81 -37.14 49.61
N LEU P 70 17.66 -37.01 50.62
CA LEU P 70 18.79 -36.08 50.61
C LEU P 70 19.96 -36.73 51.34
N LYS P 71 21.13 -36.69 50.72
CA LYS P 71 22.32 -37.30 51.29
C LYS P 71 22.91 -36.43 52.39
N PHE P 72 23.73 -37.05 53.23
CA PHE P 72 24.41 -36.37 54.33
C PHE P 72 25.75 -37.04 54.61
N GLN P 73 26.72 -36.24 55.06
CA GLN P 73 27.89 -36.77 55.74
C GLN P 73 28.52 -35.65 56.55
N GLY P 74 29.29 -36.04 57.56
CA GLY P 74 29.98 -35.07 58.41
C GLY P 74 31.08 -34.31 57.68
N VAL P 75 31.02 -32.99 57.71
CA VAL P 75 32.06 -32.18 57.11
C VAL P 75 33.27 -32.17 58.03
N LEU P 76 34.45 -31.96 57.47
CA LEU P 76 35.64 -31.89 58.30
C LEU P 76 35.64 -30.57 59.08
N GLU P 77 36.61 -30.44 59.98
CA GLU P 77 36.66 -29.24 60.81
C GLU P 77 37.27 -28.06 60.07
N SER P 78 38.39 -28.29 59.39
CA SER P 78 39.01 -27.23 58.60
C SER P 78 38.11 -26.76 57.48
N GLU P 79 37.35 -27.68 56.86
CA GLU P 79 36.32 -27.28 55.91
C GLU P 79 35.13 -26.65 56.62
N ALA P 80 34.81 -27.10 57.84
CA ALA P 80 33.76 -26.47 58.62
C ALA P 80 34.09 -25.00 58.88
N GLN P 81 35.15 -24.74 59.65
CA GLN P 81 35.63 -23.39 59.88
C GLN P 81 35.83 -22.63 58.57
N LYS P 82 36.31 -23.31 57.54
CA LYS P 82 36.53 -22.66 56.25
C LYS P 82 35.24 -22.10 55.69
N LYS P 83 34.19 -22.93 55.62
CA LYS P 83 32.93 -22.48 55.05
C LYS P 83 32.17 -21.57 56.00
N ALA P 84 32.52 -21.59 57.29
CA ALA P 84 32.03 -20.56 58.20
C ALA P 84 32.65 -19.21 57.88
N THR P 85 33.93 -19.20 57.51
CA THR P 85 34.56 -17.98 57.03
C THR P 85 33.95 -17.49 55.73
N MET P 86 33.38 -18.39 54.93
CA MET P 86 32.84 -18.04 53.64
C MET P 86 31.65 -17.08 53.78
N SER P 87 31.40 -16.31 52.73
CA SER P 87 30.35 -15.30 52.74
C SER P 87 28.99 -15.97 52.56
N ALA P 88 27.93 -15.17 52.61
CA ALA P 88 26.60 -15.67 52.28
C ALA P 88 26.54 -16.11 50.82
N GLU P 89 27.19 -15.36 49.92
CA GLU P 89 27.45 -15.88 48.59
C GLU P 89 28.17 -17.21 48.64
N GLU P 90 29.42 -17.20 49.09
CA GLU P 90 30.25 -18.40 49.20
C GLU P 90 29.61 -19.49 50.05
N ALA P 91 28.61 -19.15 50.87
CA ALA P 91 27.81 -20.19 51.50
C ALA P 91 27.20 -21.13 50.47
N LEU P 92 26.28 -20.65 49.64
CA LEU P 92 25.76 -21.45 48.54
C LEU P 92 26.69 -21.53 47.35
N VAL P 93 27.36 -20.42 46.98
CA VAL P 93 28.31 -20.48 45.87
C VAL P 93 29.40 -21.50 46.16
N TYR P 94 30.25 -21.24 47.14
CA TYR P 94 31.37 -22.13 47.43
C TYR P 94 30.92 -23.55 47.73
N SER P 95 30.20 -23.75 48.84
CA SER P 95 29.78 -25.09 49.21
C SER P 95 28.91 -25.75 48.15
N TYR P 96 28.38 -24.99 47.21
CA TYR P 96 27.76 -25.56 46.02
C TYR P 96 28.79 -25.95 44.96
N ILE P 97 29.96 -25.31 44.96
CA ILE P 97 30.99 -25.65 43.97
C ILE P 97 31.70 -26.93 44.35
N GLU P 98 31.92 -27.15 45.65
CA GLU P 98 32.39 -28.47 46.06
C GLU P 98 31.34 -29.53 45.76
N ALA P 99 30.07 -29.15 45.71
CA ALA P 99 29.02 -30.02 45.19
C ALA P 99 29.03 -30.08 43.67
N SER P 100 29.71 -29.15 43.01
CA SER P 100 29.85 -29.24 41.56
C SER P 100 30.81 -30.36 41.17
N GLY P 101 31.48 -30.92 42.17
CA GLY P 101 32.22 -32.17 42.00
C GLY P 101 33.42 -32.11 41.09
N ARG P 102 33.85 -33.28 40.65
CA ARG P 102 35.05 -33.43 39.83
C ARG P 102 35.00 -32.68 38.51
N GLU P 103 33.82 -32.36 37.98
CA GLU P 103 33.69 -31.72 36.68
C GLU P 103 33.52 -30.21 36.78
N GLY P 104 33.42 -29.65 37.98
CA GLY P 104 33.23 -28.22 38.10
C GLY P 104 31.92 -27.75 37.51
N ILE P 105 31.79 -26.43 37.40
CA ILE P 105 30.59 -25.83 36.83
C ILE P 105 30.95 -24.49 36.23
N TRP P 106 30.26 -24.11 35.16
CA TRP P 106 30.41 -22.79 34.58
C TRP P 106 29.64 -21.75 35.39
N SER P 107 29.67 -20.49 34.95
CA SER P 107 29.17 -19.42 35.78
C SER P 107 27.65 -19.32 35.70
N LYS P 108 27.11 -18.75 34.62
CA LYS P 108 25.70 -18.35 34.69
C LYS P 108 24.80 -19.55 34.96
N THR P 109 25.27 -20.75 34.65
CA THR P 109 24.57 -21.94 35.14
C THR P 109 24.60 -22.03 36.66
N ILE P 110 25.63 -21.52 37.33
CA ILE P 110 25.59 -21.40 38.78
C ILE P 110 24.79 -20.16 39.19
N LYS P 111 24.78 -19.12 38.36
CA LYS P 111 23.85 -18.02 38.57
C LYS P 111 22.42 -18.51 38.48
N ALA P 112 22.11 -19.29 37.44
CA ALA P 112 20.78 -19.88 37.31
C ALA P 112 20.39 -20.66 38.54
N ARG P 113 21.37 -21.23 39.24
CA ARG P 113 21.09 -21.90 40.50
C ARG P 113 20.87 -20.91 41.64
N THR P 114 21.67 -19.86 41.72
CA THR P 114 21.54 -18.87 42.77
C THR P 114 20.66 -17.68 42.42
N ASN P 115 20.28 -17.51 41.15
CA ASN P 115 19.42 -16.42 40.70
C ASN P 115 20.03 -15.06 41.08
N LEU P 116 21.16 -14.75 40.46
CA LEU P 116 21.92 -13.54 40.76
C LEU P 116 22.50 -12.93 39.50
N HIS P 117 23.03 -11.71 39.63
CA HIS P 117 23.68 -11.01 38.54
C HIS P 117 25.02 -11.65 38.20
N GLN P 118 25.69 -11.08 37.19
CA GLN P 118 27.07 -11.45 36.90
C GLN P 118 28.03 -10.81 37.89
N HIS P 119 27.81 -9.55 38.24
CA HIS P 119 28.70 -8.88 39.19
C HIS P 119 28.79 -9.62 40.51
N VAL P 120 27.64 -9.87 41.14
CA VAL P 120 27.61 -10.49 42.46
C VAL P 120 28.27 -11.86 42.50
N VAL P 121 28.24 -12.62 41.41
CA VAL P 121 28.96 -13.90 41.39
C VAL P 121 30.44 -13.71 41.08
N LEU P 122 30.79 -12.81 40.16
CA LEU P 122 32.20 -12.60 39.86
C LEU P 122 33.00 -12.14 41.08
N LYS P 123 32.40 -11.37 41.97
CA LYS P 123 33.11 -10.92 43.15
C LYS P 123 33.43 -12.06 44.11
N CYS P 124 32.48 -12.99 44.31
CA CYS P 124 32.80 -14.13 45.15
C CYS P 124 33.69 -15.12 44.41
N LEU P 125 33.72 -15.05 43.09
CA LEU P 125 34.74 -15.78 42.35
C LEU P 125 36.12 -15.20 42.59
N LYS P 126 36.21 -13.88 42.75
CA LYS P 126 37.47 -13.26 43.10
C LYS P 126 37.86 -13.60 44.54
N SER P 127 36.88 -13.67 45.43
CA SER P 127 37.18 -13.97 46.83
C SER P 127 37.62 -15.41 47.00
N LEU P 128 36.86 -16.36 46.44
CA LEU P 128 37.30 -17.75 46.44
C LEU P 128 38.60 -17.91 45.66
N GLU P 129 38.82 -17.06 44.66
CA GLU P 129 40.12 -16.99 44.02
C GLU P 129 41.21 -16.67 45.03
N SER P 130 40.95 -15.73 45.93
CA SER P 130 41.88 -15.47 47.02
C SER P 130 42.00 -16.68 47.94
N GLN P 131 40.89 -17.38 48.18
CA GLN P 131 40.93 -18.62 48.93
C GLN P 131 41.84 -19.65 48.29
N ARG P 132 41.90 -19.68 46.96
CA ARG P 132 42.70 -20.65 46.21
C ARG P 132 42.26 -22.08 46.51
N TYR P 133 41.03 -22.24 46.98
CA TYR P 133 40.40 -23.54 47.06
C TYR P 133 39.58 -23.83 45.81
N VAL P 134 39.45 -22.82 44.95
CA VAL P 134 38.85 -22.98 43.62
C VAL P 134 39.88 -22.51 42.62
N LYS P 135 39.72 -22.90 41.36
CA LYS P 135 40.63 -22.49 40.31
C LYS P 135 39.89 -22.40 38.99
N SER P 136 40.43 -21.58 38.10
CA SER P 136 39.97 -21.52 36.73
C SER P 136 40.35 -22.82 36.04
N VAL P 137 39.36 -23.49 35.47
CA VAL P 137 39.56 -24.78 34.83
C VAL P 137 39.09 -24.68 33.39
N LYS P 138 40.01 -24.95 32.46
CA LYS P 138 39.69 -24.98 31.04
C LYS P 138 39.86 -26.42 30.54
N SER P 139 38.74 -27.07 30.25
CA SER P 139 38.75 -28.44 29.77
C SER P 139 38.72 -28.44 28.23
N VAL P 140 38.52 -29.61 27.64
CA VAL P 140 38.45 -29.73 26.19
C VAL P 140 37.39 -28.81 25.60
N LYS P 141 36.27 -28.62 26.30
CA LYS P 141 35.14 -27.91 25.72
C LYS P 141 35.51 -26.43 25.60
N PHE P 142 34.62 -25.63 25.04
CA PHE P 142 35.03 -24.35 24.48
C PHE P 142 35.53 -23.40 25.58
N PRO P 143 36.70 -22.81 25.39
CA PRO P 143 37.29 -21.98 26.46
C PRO P 143 36.68 -20.58 26.56
N THR P 144 35.36 -20.48 26.59
CA THR P 144 34.70 -19.31 27.14
C THR P 144 34.30 -19.57 28.58
N ARG P 145 34.50 -20.79 29.06
CA ARG P 145 33.88 -21.27 30.29
C ARG P 145 34.59 -20.77 31.54
N LYS P 146 35.83 -21.24 31.77
CA LYS P 146 36.46 -21.14 33.08
C LYS P 146 35.55 -21.74 34.14
N ILE P 147 35.11 -22.97 33.87
CA ILE P 147 34.32 -23.69 34.87
C ILE P 147 35.16 -23.82 36.13
N TYR P 148 34.51 -23.78 37.28
CA TYR P 148 35.21 -23.68 38.55
C TYR P 148 34.90 -24.89 39.40
N MET P 149 35.91 -25.72 39.62
CA MET P 149 35.85 -26.77 40.62
C MET P 149 36.84 -26.43 41.72
N LEU P 150 36.81 -27.22 42.79
CA LEU P 150 37.70 -26.98 43.92
C LEU P 150 39.01 -26.63 43.24
N TYR P 151 39.97 -26.15 44.03
CA TYR P 151 41.31 -25.87 43.54
C TYR P 151 42.32 -26.83 44.29
N SER P 152 41.81 -28.05 44.42
CA SER P 152 42.51 -29.12 45.11
C SER P 152 42.55 -30.26 44.09
N LEU P 153 41.53 -30.36 43.24
CA LEU P 153 41.56 -31.45 42.27
C LEU P 153 41.39 -30.90 40.86
N GLN P 154 42.04 -31.55 39.90
CA GLN P 154 41.80 -31.19 38.50
C GLN P 154 41.46 -32.41 37.65
N PRO P 155 40.43 -33.19 37.99
CA PRO P 155 40.01 -34.25 37.07
C PRO P 155 39.16 -33.70 35.94
N SER P 156 39.22 -34.33 34.78
CA SER P 156 38.47 -33.87 33.63
C SER P 156 38.56 -34.93 32.54
N VAL P 157 37.93 -34.63 31.41
CA VAL P 157 38.22 -35.37 30.18
C VAL P 157 39.29 -34.58 29.44
N ASP P 158 40.50 -35.13 29.40
CA ASP P 158 41.66 -34.44 28.84
C ASP P 158 41.77 -32.99 29.33
N GLU P 169 45.00 -37.87 24.58
CA GLU P 169 46.23 -37.10 24.72
C GLU P 169 45.91 -35.72 25.27
N LEU P 170 46.38 -34.71 24.55
CA LEU P 170 46.01 -33.32 24.83
C LEU P 170 45.49 -32.75 23.52
N ASP P 171 44.81 -31.61 23.62
CA ASP P 171 44.09 -31.08 22.46
C ASP P 171 45.01 -30.36 21.50
N ILE P 172 46.29 -30.23 21.84
CA ILE P 172 47.21 -29.44 21.02
C ILE P 172 48.26 -30.37 20.44
N GLU P 173 49.23 -29.82 19.72
CA GLU P 173 50.01 -30.52 18.70
C GLU P 173 51.12 -31.42 19.21
N PHE P 174 52.02 -31.79 18.28
CA PHE P 174 53.11 -32.74 18.50
C PHE P 174 52.58 -34.16 18.67
N ILE P 175 51.40 -34.43 18.14
CA ILE P 175 50.99 -35.78 17.83
C ILE P 175 51.55 -36.21 16.47
N ASN P 176 51.48 -35.31 15.49
CA ASN P 176 52.14 -35.50 14.21
C ASN P 176 53.60 -35.89 14.37
N SER P 177 54.30 -35.29 15.32
CA SER P 177 55.67 -35.71 15.61
C SER P 177 55.72 -37.18 15.98
N LEU P 178 55.16 -37.54 17.14
CA LEU P 178 55.11 -38.94 17.56
C LEU P 178 54.46 -39.86 16.54
N LEU P 179 53.51 -39.36 15.76
CA LEU P 179 53.04 -40.12 14.61
C LEU P 179 54.18 -40.45 13.65
N THR P 180 54.74 -39.45 12.99
CA THR P 180 55.81 -39.74 12.03
C THR P 180 56.96 -40.49 12.67
N ILE P 181 57.07 -40.45 14.00
CA ILE P 181 58.02 -41.32 14.69
C ILE P 181 57.58 -42.77 14.59
N VAL P 182 56.33 -43.08 14.96
CA VAL P 182 55.93 -44.48 14.93
C VAL P 182 55.87 -44.98 13.50
N TRP P 183 55.49 -44.13 12.54
CA TRP P 183 55.47 -44.49 11.14
C TRP P 183 56.80 -45.09 10.70
N ARG P 184 57.91 -44.56 11.23
CA ARG P 184 59.22 -45.13 10.92
C ARG P 184 59.28 -46.61 11.26
N PHE P 185 59.14 -46.96 12.54
CA PHE P 185 59.16 -48.35 12.96
C PHE P 185 58.11 -49.18 12.23
N ILE P 186 56.99 -48.55 11.88
CA ILE P 186 55.96 -49.25 11.11
C ILE P 186 56.50 -49.63 9.75
N SER P 187 57.29 -48.75 9.13
CA SER P 187 57.95 -49.08 7.87
C SER P 187 58.88 -50.27 8.04
N GLU P 188 59.61 -50.32 9.16
CA GLU P 188 60.39 -51.49 9.50
C GLU P 188 59.53 -52.73 9.67
N ASN P 189 58.28 -52.57 10.10
CA ASN P 189 57.47 -53.72 10.49
C ASN P 189 57.21 -54.66 9.32
N THR P 190 57.39 -54.19 8.08
CA THR P 190 56.88 -54.97 6.97
C THR P 190 57.96 -55.78 6.28
N PHE P 191 58.74 -55.13 5.42
CA PHE P 191 59.91 -55.74 4.83
C PHE P 191 61.16 -55.14 5.47
N PRO P 192 62.38 -55.47 4.98
CA PRO P 192 63.56 -54.79 5.52
C PRO P 192 63.53 -53.29 5.33
N ASN P 193 64.61 -52.59 5.67
CA ASN P 193 64.56 -51.14 5.69
C ASN P 193 64.42 -50.59 4.28
N GLY P 194 64.43 -49.26 4.17
CA GLY P 194 63.99 -48.58 2.96
C GLY P 194 64.54 -49.13 1.66
N PHE P 195 65.87 -49.28 1.56
CA PHE P 195 66.52 -49.74 0.34
C PHE P 195 66.07 -48.94 -0.88
N LYS P 196 65.79 -47.66 -0.69
CA LYS P 196 65.21 -46.82 -1.73
C LYS P 196 66.31 -46.13 -2.54
N ASN P 197 67.55 -46.53 -2.23
CA ASN P 197 68.74 -46.07 -2.93
C ASN P 197 68.57 -46.13 -4.44
N PHE P 198 68.39 -47.32 -4.99
CA PHE P 198 68.03 -47.50 -6.39
C PHE P 198 66.62 -48.08 -6.46
N GLU P 199 66.12 -48.23 -7.69
CA GLU P 199 64.70 -48.48 -7.89
C GLU P 199 64.21 -49.78 -7.28
N ASN P 200 64.76 -50.92 -7.70
CA ASN P 200 64.32 -52.13 -7.03
C ASN P 200 65.40 -52.69 -6.12
N GLY P 201 65.22 -52.37 -4.83
CA GLY P 201 66.07 -52.81 -3.76
C GLY P 201 65.18 -53.12 -2.57
N PRO P 202 64.04 -53.79 -2.83
CA PRO P 202 63.00 -54.20 -1.86
C PRO P 202 63.33 -55.54 -1.18
N LYS P 203 62.33 -56.35 -0.85
CA LYS P 203 62.70 -57.61 -0.21
C LYS P 203 63.12 -58.69 -1.19
N LYS P 204 62.86 -58.47 -2.48
CA LYS P 204 63.22 -59.46 -3.50
C LYS P 204 62.41 -60.75 -3.37
N ASN P 205 61.15 -60.66 -3.78
CA ASN P 205 60.12 -61.67 -3.53
C ASN P 205 59.76 -61.73 -2.04
N VAL P 206 59.94 -60.60 -1.36
CA VAL P 206 59.65 -60.42 0.05
C VAL P 206 60.30 -61.54 0.85
N PHE P 207 61.63 -61.55 0.90
CA PHE P 207 62.34 -62.64 1.55
C PHE P 207 61.83 -63.94 0.94
N TYR P 208 61.15 -64.76 1.74
CA TYR P 208 60.50 -65.98 1.27
C TYR P 208 59.01 -65.86 1.56
N ALA P 209 58.21 -65.76 0.50
CA ALA P 209 56.75 -65.88 0.58
C ALA P 209 56.11 -64.95 1.59
N PRO P 210 55.92 -63.66 1.26
CA PRO P 210 55.24 -62.73 2.18
C PRO P 210 53.95 -63.28 2.77
N ASN P 211 53.34 -64.27 2.09
CA ASN P 211 52.27 -65.04 2.70
C ASN P 211 52.66 -65.54 4.09
N VAL P 212 53.93 -65.91 4.29
CA VAL P 212 54.33 -66.40 5.60
C VAL P 212 54.35 -65.26 6.60
N LYS P 213 54.40 -64.01 6.14
CA LYS P 213 54.52 -62.88 7.06
C LYS P 213 53.13 -62.36 7.38
N ASN P 214 52.68 -62.61 8.61
CA ASN P 214 51.50 -61.98 9.19
C ASN P 214 51.98 -61.27 10.44
N TYR P 215 51.99 -59.94 10.41
CA TYR P 215 52.75 -59.17 11.37
C TYR P 215 52.06 -57.87 11.70
N SER P 216 52.16 -57.50 12.97
CA SER P 216 51.91 -56.14 13.42
C SER P 216 52.33 -56.02 14.88
N THR P 217 52.13 -54.83 15.43
CA THR P 217 52.68 -54.49 16.73
C THR P 217 51.59 -54.29 17.76
N THR P 218 50.74 -53.29 17.55
CA THR P 218 49.68 -52.95 18.50
C THR P 218 50.30 -52.71 19.86
N GLN P 219 50.01 -53.58 20.82
CA GLN P 219 50.63 -53.52 22.14
C GLN P 219 52.13 -53.31 22.07
N GLU P 220 52.83 -54.01 21.16
CA GLU P 220 54.27 -53.90 21.00
C GLU P 220 54.75 -52.46 20.95
N ILE P 221 54.01 -51.58 20.27
CA ILE P 221 54.38 -50.17 20.16
C ILE P 221 54.72 -49.61 21.53
N LEU P 222 53.95 -49.97 22.56
CA LEU P 222 54.22 -49.46 23.89
C LEU P 222 55.58 -49.92 24.40
N GLU P 223 55.87 -51.22 24.32
CA GLU P 223 57.23 -51.69 24.51
C GLU P 223 58.22 -50.92 23.65
N PHE P 224 57.83 -50.58 22.42
CA PHE P 224 58.54 -49.64 21.58
C PHE P 224 58.49 -48.22 22.11
N ILE P 225 57.34 -47.77 22.65
CA ILE P 225 57.23 -46.43 23.20
C ILE P 225 58.16 -46.21 24.38
N THR P 226 58.68 -47.30 24.97
CA THR P 226 59.57 -47.20 26.12
C THR P 226 60.71 -46.22 25.91
N ALA P 227 61.14 -46.00 24.67
CA ALA P 227 62.17 -45.06 24.27
C ALA P 227 61.92 -43.64 24.80
N ALA P 228 60.69 -43.16 24.87
CA ALA P 228 60.39 -41.80 25.38
C ALA P 228 61.16 -40.79 24.51
N GLN P 229 62.13 -40.06 25.09
CA GLN P 229 62.83 -38.97 24.41
C GLN P 229 61.86 -37.84 24.07
N VAL P 230 60.78 -37.77 24.84
CA VAL P 230 59.70 -36.83 24.57
C VAL P 230 58.92 -36.63 25.87
N ALA P 231 58.22 -35.52 25.98
CA ALA P 231 57.45 -35.19 27.17
C ALA P 231 56.01 -35.68 27.00
N ASN P 232 55.68 -36.73 27.75
CA ASN P 232 54.37 -37.37 27.70
C ASN P 232 54.37 -38.52 28.69
N VAL P 233 53.19 -39.10 28.92
CA VAL P 233 53.06 -40.38 29.61
C VAL P 233 52.91 -41.46 28.55
N GLU P 234 52.63 -42.69 28.98
CA GLU P 234 52.30 -43.74 28.04
C GLU P 234 50.87 -43.53 27.53
N LEU P 235 50.39 -44.47 26.73
CA LEU P 235 49.07 -44.33 26.14
C LEU P 235 48.49 -45.71 25.85
N THR P 236 47.16 -45.81 25.87
CA THR P 236 46.51 -47.11 25.81
C THR P 236 46.53 -47.67 24.39
N PRO P 237 46.60 -48.99 24.24
CA PRO P 237 46.50 -49.59 22.91
C PRO P 237 45.25 -49.18 22.16
N SER P 238 44.15 -48.94 22.86
CA SER P 238 42.97 -48.38 22.21
C SER P 238 43.31 -47.08 21.49
N ASN P 239 43.76 -46.07 22.22
CA ASN P 239 44.19 -44.83 21.59
C ASN P 239 45.40 -45.05 20.69
N ILE P 240 46.24 -46.06 20.96
CA ILE P 240 47.25 -46.44 19.97
C ILE P 240 46.58 -46.75 18.64
N ARG P 241 45.52 -47.57 18.68
CA ARG P 241 44.76 -47.84 17.46
C ARG P 241 44.23 -46.55 16.86
N SER P 242 43.84 -45.60 17.69
CA SER P 242 43.38 -44.30 17.19
C SER P 242 44.48 -43.61 16.40
N LEU P 243 45.69 -43.58 16.96
CA LEU P 243 46.83 -43.06 16.21
C LEU P 243 47.00 -43.78 14.89
N CYS P 244 46.84 -45.10 14.89
CA CYS P 244 46.85 -45.87 13.66
C CYS P 244 45.77 -45.44 12.68
N GLU P 245 44.63 -44.99 13.18
CA GLU P 245 43.49 -44.75 12.31
C GLU P 245 43.72 -43.59 11.36
N VAL P 246 44.50 -42.59 11.78
CA VAL P 246 44.73 -41.45 10.90
C VAL P 246 45.57 -41.89 9.70
N LEU P 247 46.68 -42.58 9.96
CA LEU P 247 47.53 -43.02 8.87
C LEU P 247 46.85 -44.11 8.05
N VAL P 248 45.86 -44.79 8.63
CA VAL P 248 44.87 -45.45 7.80
C VAL P 248 44.24 -44.43 6.85
N TYR P 249 43.60 -43.41 7.41
CA TYR P 249 42.86 -42.45 6.59
C TYR P 249 43.80 -41.63 5.71
N ASP P 250 44.90 -41.14 6.28
CA ASP P 250 45.98 -40.55 5.48
C ASP P 250 46.64 -41.55 4.55
N ASP P 251 46.27 -42.83 4.66
CA ASP P 251 46.76 -43.88 3.77
C ASP P 251 48.26 -44.08 3.88
N LYS P 252 48.83 -43.80 5.05
CA LYS P 252 50.24 -44.13 5.26
C LYS P 252 50.41 -45.61 5.60
N LEU P 253 49.35 -46.25 6.09
CA LEU P 253 49.41 -47.65 6.47
C LEU P 253 48.13 -48.33 6.01
N GLU P 254 48.07 -49.64 6.26
CA GLU P 254 46.95 -50.46 5.84
C GLU P 254 46.40 -51.23 7.04
N LYS P 255 45.08 -51.41 7.08
CA LYS P 255 44.42 -52.15 8.14
C LYS P 255 43.94 -53.49 7.62
N VAL P 256 44.55 -54.57 8.11
CA VAL P 256 44.20 -55.92 7.69
C VAL P 256 43.91 -56.76 8.92
N THR P 257 42.76 -57.45 8.91
CA THR P 257 42.38 -58.36 9.98
C THR P 257 42.53 -57.71 11.36
N HIS P 258 41.92 -56.54 11.52
CA HIS P 258 41.99 -55.77 12.76
C HIS P 258 43.44 -55.45 13.11
N ASP P 259 43.93 -56.01 14.21
CA ASP P 259 45.22 -55.62 14.78
C ASP P 259 46.43 -55.87 13.88
N CYS P 260 46.23 -56.57 12.76
CA CYS P 260 47.34 -56.68 11.81
C CYS P 260 47.33 -55.43 10.94
N TYR P 261 48.51 -54.99 10.52
CA TYR P 261 48.62 -53.77 9.74
C TYR P 261 49.80 -53.85 8.79
N ARG P 262 49.79 -52.97 7.79
CA ARG P 262 50.78 -52.93 6.74
C ARG P 262 51.22 -51.49 6.51
N VAL P 263 52.24 -51.31 5.69
CA VAL P 263 52.59 -50.00 5.18
C VAL P 263 52.10 -49.89 3.74
N THR P 264 51.71 -48.68 3.35
CA THR P 264 51.26 -48.39 2.00
C THR P 264 52.40 -48.08 1.06
N LEU P 265 53.63 -48.41 1.47
CA LEU P 265 54.80 -48.15 0.64
C LEU P 265 54.80 -46.64 0.49
N GLU P 266 54.24 -45.95 1.49
CA GLU P 266 54.22 -44.49 1.49
C GLU P 266 55.59 -43.88 1.03
N SER P 267 56.61 -44.36 1.73
CA SER P 267 57.99 -44.04 1.38
C SER P 267 58.34 -43.60 -0.03
N ILE P 268 57.76 -44.24 -1.05
CA ILE P 268 57.91 -43.77 -2.42
C ILE P 268 57.46 -42.33 -2.54
N LEU P 269 56.45 -41.94 -1.77
CA LEU P 269 56.10 -40.54 -1.64
C LEU P 269 57.21 -39.76 -0.93
N GLN P 270 57.64 -40.24 0.23
CA GLN P 270 58.71 -39.56 0.97
C GLN P 270 60.00 -39.53 0.16
N MET P 271 60.34 -40.64 -0.49
CA MET P 271 61.54 -40.74 -1.32
C MET P 271 62.80 -40.41 -0.52
N SER P 292 50.55 -41.69 -17.98
CA SER P 292 51.84 -41.44 -17.37
C SER P 292 51.75 -41.46 -15.85
N ILE P 293 52.60 -40.67 -15.20
CA ILE P 293 52.60 -40.60 -13.74
C ILE P 293 51.27 -40.11 -13.21
N PHE P 294 50.84 -40.65 -12.08
CA PHE P 294 49.58 -40.27 -11.46
C PHE P 294 49.76 -39.94 -9.99
N ASN P 295 51.01 -39.85 -9.56
CA ASN P 295 51.32 -39.54 -8.17
C ASN P 295 51.30 -38.02 -8.10
N TYR P 296 50.83 -37.48 -6.97
CA TYR P 296 50.80 -36.04 -6.79
C TYR P 296 52.18 -35.44 -6.55
N PHE P 297 52.98 -36.10 -5.71
CA PHE P 297 54.36 -35.74 -5.50
C PHE P 297 55.06 -36.11 -6.80
N LYS P 298 56.34 -35.80 -6.87
CA LYS P 298 57.15 -36.14 -8.04
C LYS P 298 56.55 -35.50 -9.29
N MET P 299 55.75 -34.45 -9.07
CA MET P 299 55.08 -33.71 -10.12
C MET P 299 55.13 -32.24 -9.77
N PHE P 300 55.61 -31.43 -10.72
CA PHE P 300 55.72 -29.99 -10.50
C PHE P 300 55.14 -29.26 -11.70
N PRO P 301 54.37 -28.20 -11.48
CA PRO P 301 53.80 -27.44 -12.60
C PRO P 301 54.80 -26.45 -13.19
N ALA P 302 54.51 -26.02 -14.42
CA ALA P 302 55.16 -24.84 -14.98
C ALA P 302 54.60 -23.63 -14.25
N SER P 303 53.30 -23.37 -14.42
CA SER P 303 52.50 -22.56 -13.49
C SER P 303 53.00 -21.12 -13.40
N LYS P 304 53.57 -20.62 -14.49
CA LYS P 304 53.89 -19.20 -14.57
C LYS P 304 53.58 -18.74 -15.98
N HIS P 305 53.14 -17.49 -16.13
CA HIS P 305 52.77 -17.00 -17.45
C HIS P 305 51.66 -17.87 -18.04
N ASP P 306 52.04 -18.78 -18.93
CA ASP P 306 51.19 -19.40 -19.93
C ASP P 306 49.81 -19.80 -19.41
N LYS P 307 48.81 -19.58 -20.28
CA LYS P 307 47.39 -19.66 -19.96
C LYS P 307 46.83 -21.07 -20.17
N GLU P 308 47.70 -22.04 -20.44
CA GLU P 308 47.35 -23.38 -20.86
C GLU P 308 47.12 -24.32 -19.68
N VAL P 309 47.10 -23.79 -18.48
CA VAL P 309 47.19 -24.59 -17.28
C VAL P 309 45.89 -25.35 -17.08
N VAL P 310 45.87 -26.21 -16.08
CA VAL P 310 44.65 -26.72 -15.50
C VAL P 310 44.63 -26.24 -14.06
N TYR P 311 43.80 -25.24 -13.78
CA TYR P 311 43.43 -24.96 -12.40
C TYR P 311 42.31 -25.93 -12.05
N PHE P 312 41.85 -25.92 -10.80
CA PHE P 312 40.69 -26.78 -10.55
C PHE P 312 39.37 -26.11 -10.93
N ASP P 313 39.15 -24.90 -10.42
CA ASP P 313 37.91 -24.18 -10.63
C ASP P 313 37.82 -23.37 -11.92
N GLU P 314 38.15 -24.00 -13.04
CA GLU P 314 38.06 -23.33 -14.34
C GLU P 314 36.61 -23.45 -14.77
N TRP P 315 35.71 -23.28 -13.81
CA TRP P 315 34.28 -23.40 -14.05
C TRP P 315 33.49 -23.47 -12.74
N THR P 316 34.21 -23.76 -11.66
CA THR P 316 33.61 -23.85 -10.33
C THR P 316 32.38 -24.74 -10.31
N PHE Q 36 41.79 -15.44 -12.71
CA PHE Q 36 41.14 -15.39 -11.41
C PHE Q 36 41.25 -16.67 -10.58
N PRO Q 37 40.98 -17.85 -11.17
CA PRO Q 37 41.00 -19.08 -10.38
C PRO Q 37 42.37 -19.41 -9.82
N SER Q 38 42.42 -20.55 -9.14
CA SER Q 38 43.60 -20.98 -8.41
C SER Q 38 43.64 -22.50 -8.35
N ILE Q 39 44.48 -23.05 -7.47
CA ILE Q 39 44.57 -24.47 -7.16
C ILE Q 39 44.60 -25.32 -8.43
N PRO Q 40 45.74 -25.37 -9.11
CA PRO Q 40 45.87 -26.19 -10.32
C PRO Q 40 45.73 -27.67 -10.01
N LEU Q 41 45.76 -28.49 -11.09
CA LEU Q 41 45.80 -29.94 -11.13
C LEU Q 41 47.15 -30.43 -11.61
N PRO Q 42 47.82 -31.25 -10.82
CA PRO Q 42 49.18 -31.68 -11.16
C PRO Q 42 49.23 -32.68 -12.31
N ILE Q 43 48.51 -32.37 -13.38
CA ILE Q 43 48.56 -33.15 -14.61
C ILE Q 43 49.43 -32.43 -15.63
N ASN Q 44 49.97 -31.29 -15.23
CA ASN Q 44 50.51 -30.30 -16.16
C ASN Q 44 51.99 -30.49 -16.47
N GLY Q 45 52.59 -31.58 -15.98
CA GLY Q 45 54.03 -31.74 -16.03
C GLY Q 45 54.62 -31.66 -17.43
N PRO Q 46 55.91 -31.39 -17.50
CA PRO Q 46 56.57 -31.20 -18.79
C PRO Q 46 56.48 -32.43 -19.68
N ILE Q 47 56.57 -32.18 -20.98
CA ILE Q 47 56.31 -33.20 -21.98
C ILE Q 47 57.53 -34.09 -22.18
N THR Q 48 57.31 -35.33 -22.59
CA THR Q 48 58.39 -36.22 -23.00
C THR Q 48 58.18 -36.67 -24.44
N ASN Q 49 59.10 -37.48 -24.96
CA ASN Q 49 59.10 -37.77 -26.39
C ASN Q 49 58.02 -38.78 -26.77
N LYS Q 50 57.90 -39.87 -26.01
CA LYS Q 50 56.75 -40.76 -26.20
C LYS Q 50 55.46 -39.96 -26.12
N GLU Q 51 55.38 -39.07 -25.15
CA GLU Q 51 54.29 -38.10 -25.07
C GLU Q 51 54.20 -37.24 -26.31
N ARG Q 52 55.33 -36.92 -26.95
CA ARG Q 52 55.28 -36.22 -28.23
C ARG Q 52 54.96 -37.19 -29.37
N SER Q 53 55.62 -38.35 -29.39
CA SER Q 53 55.30 -39.38 -30.37
C SER Q 53 53.81 -39.65 -30.40
N LEU Q 54 53.19 -39.70 -29.23
CA LEU Q 54 51.76 -39.50 -29.15
C LEU Q 54 51.32 -38.19 -29.81
N ALA Q 55 51.79 -37.07 -29.29
CA ALA Q 55 51.26 -35.74 -29.57
C ALA Q 55 51.13 -35.43 -31.06
N VAL Q 56 52.24 -35.23 -31.77
CA VAL Q 56 52.14 -34.75 -33.14
C VAL Q 56 51.45 -35.78 -34.03
N LYS Q 57 51.81 -37.05 -33.84
CA LYS Q 57 51.15 -38.13 -34.57
C LYS Q 57 49.64 -38.04 -34.42
N TYR Q 58 49.16 -37.91 -33.17
CA TYR Q 58 47.76 -37.57 -32.93
C TYR Q 58 47.33 -36.35 -33.73
N ILE Q 59 48.13 -35.29 -33.71
CA ILE Q 59 47.80 -34.10 -34.48
C ILE Q 59 47.82 -34.44 -35.95
N ASN Q 60 48.85 -35.16 -36.39
CA ASN Q 60 48.96 -35.57 -37.78
C ASN Q 60 47.67 -36.19 -38.28
N PHE Q 61 47.14 -37.16 -37.53
CA PHE Q 61 45.78 -37.61 -37.78
C PHE Q 61 44.75 -36.48 -37.78
N GLY Q 62 44.84 -35.59 -36.80
CA GLY Q 62 43.84 -34.55 -36.65
C GLY Q 62 43.65 -33.71 -37.90
N LYS Q 63 44.70 -33.09 -38.42
CA LYS Q 63 44.58 -32.34 -39.66
C LYS Q 63 44.39 -33.25 -40.86
N THR Q 64 44.94 -34.46 -40.81
CA THR Q 64 44.71 -35.43 -41.87
C THR Q 64 43.21 -35.62 -42.10
N VAL Q 65 42.43 -35.58 -41.04
CA VAL Q 65 40.99 -35.73 -41.19
C VAL Q 65 40.36 -34.51 -41.84
N LYS Q 66 40.80 -33.30 -41.48
CA LYS Q 66 40.26 -32.10 -42.11
C LYS Q 66 40.45 -32.11 -43.61
N ASP Q 67 41.49 -32.80 -44.08
CA ASP Q 67 41.72 -32.99 -45.51
C ASP Q 67 41.00 -34.22 -46.04
N GLY Q 68 40.18 -34.86 -45.22
CA GLY Q 68 39.32 -35.92 -45.67
C GLY Q 68 38.13 -35.33 -46.40
N PRO Q 69 36.99 -36.02 -46.39
CA PRO Q 69 35.82 -35.50 -47.10
C PRO Q 69 35.39 -34.11 -46.64
N PHE Q 70 35.86 -33.63 -45.49
CA PHE Q 70 35.46 -32.32 -44.99
C PHE Q 70 36.60 -31.66 -44.22
N UNK Q 71 32.77 -41.30 -53.42
CA UNK Q 71 34.01 -42.03 -53.66
C UNK Q 71 34.16 -43.16 -52.66
N UNK Q 72 33.08 -43.45 -51.94
CA UNK Q 72 33.04 -44.53 -50.97
C UNK Q 72 31.59 -44.81 -50.66
N UNK Q 73 31.12 -44.28 -49.53
CA UNK Q 73 29.71 -44.28 -49.16
C UNK Q 73 28.98 -45.60 -49.46
N UNK Q 74 29.55 -46.70 -49.01
CA UNK Q 74 28.92 -48.01 -49.20
C UNK Q 74 27.57 -48.01 -48.49
N UNK Q 75 26.55 -47.53 -49.19
CA UNK Q 75 25.22 -47.33 -48.62
C UNK Q 75 24.61 -48.60 -48.06
N UNK Q 76 25.23 -49.74 -48.36
CA UNK Q 76 24.86 -51.01 -47.74
C UNK Q 76 24.81 -50.76 -46.24
N UNK Q 77 23.60 -50.74 -45.70
CA UNK Q 77 23.35 -50.41 -44.29
C UNK Q 77 23.67 -48.95 -43.95
N UNK Q 78 24.73 -48.39 -44.54
CA UNK Q 78 25.09 -47.00 -44.30
C UNK Q 78 23.91 -46.10 -44.64
N UNK Q 79 23.25 -45.60 -43.61
CA UNK Q 79 22.06 -44.75 -43.76
C UNK Q 79 20.97 -45.49 -44.52
N UNK Q 80 19.92 -44.76 -44.90
CA UNK Q 80 18.89 -45.33 -45.76
C UNK Q 80 18.87 -44.58 -47.08
N UNK Q 81 18.04 -45.07 -48.00
CA UNK Q 81 17.82 -44.38 -49.25
C UNK Q 81 17.22 -43.03 -48.91
N UNK Q 82 16.43 -43.01 -47.85
CA UNK Q 82 15.82 -41.79 -47.33
C UNK Q 82 16.91 -40.76 -47.03
N UNK Q 83 18.07 -41.26 -46.62
CA UNK Q 83 19.21 -40.39 -46.39
C UNK Q 83 20.07 -40.33 -47.65
N UNK Q 84 20.01 -41.40 -48.45
CA UNK Q 84 20.81 -41.48 -49.66
C UNK Q 84 20.18 -40.70 -50.81
N UNK Q 85 19.55 -39.57 -50.48
CA UNK Q 85 18.95 -38.71 -51.49
C UNK Q 85 20.03 -38.09 -52.34
N UNK Q 86 20.66 -37.05 -51.82
CA UNK Q 86 21.81 -36.46 -52.48
C UNK Q 86 22.95 -37.46 -52.38
N UNK Q 87 22.87 -38.32 -51.39
CA UNK Q 87 23.84 -39.38 -51.21
C UNK Q 87 23.45 -40.59 -52.04
N UNK Q 88 22.86 -40.32 -53.21
CA UNK Q 88 22.65 -41.35 -54.21
C UNK Q 88 23.99 -41.52 -54.91
N UNK Q 89 24.84 -40.53 -54.72
CA UNK Q 89 26.21 -40.55 -55.22
C UNK Q 89 27.04 -39.58 -54.39
N MET R 1 27.77 27.40 -12.40
CA MET R 1 28.72 26.51 -13.03
C MET R 1 28.39 26.21 -14.51
N PRO R 2 27.15 25.85 -14.83
CA PRO R 2 26.80 25.64 -16.23
C PRO R 2 26.67 26.96 -16.98
N VAL R 3 26.92 26.90 -18.28
CA VAL R 3 26.95 28.07 -19.15
C VAL R 3 26.10 27.75 -20.38
N CYS R 4 25.41 28.78 -20.90
CA CYS R 4 24.56 28.58 -22.05
C CYS R 4 25.35 28.12 -23.27
N LYS R 5 24.68 27.37 -24.13
CA LYS R 5 25.27 26.87 -25.36
C LYS R 5 25.43 27.96 -26.41
N ASN R 6 24.73 29.07 -26.29
CA ASN R 6 24.74 30.09 -27.33
C ASN R 6 25.21 31.44 -26.82
N CYS R 7 24.37 32.13 -26.05
CA CYS R 7 24.78 33.40 -25.45
C CYS R 7 25.95 33.23 -24.49
N HIS R 8 26.12 32.03 -23.92
CA HIS R 8 27.22 31.73 -23.02
C HIS R 8 27.21 32.63 -21.78
N GLY R 9 26.01 32.97 -21.33
CA GLY R 9 25.87 33.68 -20.08
C GLY R 9 26.26 32.83 -18.89
N THR R 10 26.99 33.44 -17.97
CA THR R 10 27.46 32.74 -16.79
C THR R 10 26.45 32.72 -15.66
N GLU R 11 25.35 33.45 -15.77
CA GLU R 11 24.33 33.51 -14.73
C GLU R 11 23.03 32.96 -15.29
N PHE R 12 22.38 32.10 -14.51
CA PHE R 12 21.10 31.52 -14.89
C PHE R 12 20.02 31.98 -13.93
N GLU R 13 18.85 32.30 -14.48
CA GLU R 13 17.70 32.72 -13.69
C GLU R 13 16.61 31.66 -13.78
N ARG R 14 16.10 31.25 -12.63
CA ARG R 14 15.06 30.23 -12.54
C ARG R 14 13.71 30.94 -12.60
N ASP R 15 12.81 30.42 -13.44
CA ASP R 15 11.45 30.94 -13.53
C ASP R 15 10.50 29.96 -12.88
N LEU R 16 9.96 30.33 -11.72
CA LEU R 16 8.90 29.59 -11.07
C LEU R 16 7.52 30.20 -11.33
N SER R 17 7.47 31.27 -12.14
CA SER R 17 6.25 32.03 -12.29
C SER R 17 5.08 31.18 -12.76
N ASN R 18 5.09 30.76 -14.02
CA ASN R 18 3.96 30.05 -14.62
C ASN R 18 3.87 28.62 -14.13
N ALA R 19 4.79 28.20 -13.27
CA ALA R 19 4.89 26.82 -12.78
C ALA R 19 5.38 25.86 -13.88
N ASN R 20 6.14 26.41 -14.83
CA ASN R 20 7.04 25.54 -15.60
C ASN R 20 8.25 25.21 -14.75
N ASN R 21 8.59 26.13 -13.83
CA ASN R 21 9.74 25.97 -12.96
C ASN R 21 11.01 25.67 -13.74
N ASP R 22 11.30 26.48 -14.75
CA ASP R 22 12.43 26.20 -15.63
C ASP R 22 13.63 27.06 -15.27
N LEU R 23 14.69 26.95 -16.06
CA LEU R 23 15.93 27.67 -15.80
C LEU R 23 16.46 28.21 -17.13
N VAL R 24 16.64 29.52 -17.21
CA VAL R 24 17.14 30.16 -18.43
C VAL R 24 17.85 31.46 -18.04
N CYS R 25 18.82 31.86 -18.86
CA CYS R 25 19.63 33.03 -18.57
C CYS R 25 19.12 34.26 -19.30
N LYS R 26 19.23 35.41 -18.63
CA LYS R 26 18.80 36.68 -19.20
C LYS R 26 19.65 37.06 -20.41
N ALA R 27 20.71 36.29 -20.66
CA ALA R 27 21.54 36.52 -21.83
C ALA R 27 21.02 35.89 -23.10
N CYS R 28 20.24 34.81 -23.03
CA CYS R 28 19.84 34.12 -24.25
C CYS R 28 18.33 34.08 -24.41
N GLY R 29 17.66 33.41 -23.49
CA GLY R 29 16.27 33.04 -23.71
C GLY R 29 16.19 31.59 -24.12
N VAL R 30 17.31 30.88 -23.96
CA VAL R 30 17.35 29.46 -24.28
C VAL R 30 17.59 28.68 -23.00
N VAL R 31 16.61 27.84 -22.62
CA VAL R 31 16.56 27.31 -21.27
C VAL R 31 17.74 26.38 -21.01
N SER R 32 18.08 26.25 -19.73
CA SER R 32 19.12 25.32 -19.29
C SER R 32 18.59 23.90 -19.18
N GLU R 33 17.37 23.73 -18.68
CA GLU R 33 16.84 22.41 -18.38
C GLU R 33 15.33 22.47 -18.41
N ASP R 34 14.71 21.30 -18.56
CA ASP R 34 13.27 21.17 -18.53
C ASP R 34 12.85 20.31 -17.34
N ASN R 35 11.94 20.86 -16.54
CA ASN R 35 11.29 20.10 -15.48
C ASN R 35 12.34 19.57 -14.52
N PRO R 36 12.95 20.42 -13.69
CA PRO R 36 14.05 19.94 -12.84
C PRO R 36 13.58 18.73 -12.07
N ILE R 37 14.32 17.63 -12.18
CA ILE R 37 13.78 16.37 -11.75
C ILE R 37 14.08 16.25 -10.26
N VAL R 38 13.05 16.24 -9.43
CA VAL R 38 13.21 16.34 -8.00
C VAL R 38 12.71 15.07 -7.35
N SER R 39 12.86 15.01 -6.03
CA SER R 39 12.55 13.85 -5.23
C SER R 39 11.42 14.19 -4.26
N GLU R 40 11.06 13.23 -3.42
CA GLU R 40 9.97 13.42 -2.46
C GLU R 40 10.10 12.45 -1.29
N VAL R 41 9.17 12.55 -0.35
CA VAL R 41 9.10 11.74 0.88
C VAL R 41 10.45 11.23 1.37
N ALA R 72 28.78 -0.58 11.32
CA ALA R 72 27.95 -1.59 11.95
C ALA R 72 28.40 -1.86 13.37
N LEU R 73 28.96 -3.03 13.61
CA LEU R 73 29.49 -3.42 14.92
C LEU R 73 31.00 -3.28 14.87
N GLU R 74 31.50 -2.26 15.55
CA GLU R 74 32.93 -2.02 15.70
C GLU R 74 33.19 -1.50 17.10
N SER R 75 34.35 -1.88 17.65
CA SER R 75 34.73 -1.39 18.97
C SER R 75 34.60 0.12 19.06
N ARG R 76 35.14 0.84 18.08
CA ARG R 76 34.86 2.27 17.98
C ARG R 76 33.37 2.53 17.86
N GLU R 77 32.76 2.08 16.76
CA GLU R 77 31.37 2.43 16.46
C GLU R 77 30.42 2.07 17.59
N ALA R 78 30.64 0.94 18.25
CA ALA R 78 29.78 0.58 19.38
C ALA R 78 29.95 1.55 20.54
N THR R 79 31.19 1.89 20.87
CA THR R 79 31.40 2.90 21.91
C THR R 79 30.95 4.27 21.45
N LEU R 80 30.65 4.41 20.15
CA LEU R 80 30.01 5.62 19.67
C LEU R 80 28.50 5.55 19.89
N ASN R 81 27.93 4.34 19.77
CA ASN R 81 26.56 4.14 20.20
C ASN R 81 26.39 4.47 21.68
N ASN R 82 27.06 3.70 22.54
CA ASN R 82 27.08 4.00 23.97
C ASN R 82 27.50 5.43 24.24
N ALA R 83 28.43 5.96 23.45
CA ALA R 83 28.93 7.31 23.68
C ALA R 83 27.86 8.36 23.38
N ARG R 84 27.01 8.10 22.39
CA ARG R 84 25.86 8.95 22.18
C ARG R 84 24.84 8.77 23.29
N ARG R 85 24.67 7.53 23.76
CA ARG R 85 23.75 7.26 24.87
C ARG R 85 24.11 8.09 26.09
N LYS R 86 25.27 7.84 26.70
CA LYS R 86 25.84 8.69 27.74
C LYS R 86 25.77 10.16 27.37
N LEU R 87 26.41 10.52 26.27
CA LEU R 87 26.51 11.91 25.82
C LEU R 87 25.18 12.63 25.94
N ARG R 88 24.20 12.23 25.14
CA ARG R 88 22.91 12.93 25.16
C ARG R 88 22.26 12.86 26.53
N ALA R 89 22.20 11.68 27.12
CA ALA R 89 21.53 11.54 28.41
C ALA R 89 22.05 12.55 29.42
N VAL R 90 23.32 12.40 29.83
CA VAL R 90 23.88 13.31 30.81
C VAL R 90 23.87 14.75 30.33
N SER R 91 23.88 14.96 29.01
CA SER R 91 23.85 16.31 28.47
C SER R 91 22.60 17.04 28.93
N TYR R 92 21.42 16.58 28.48
CA TYR R 92 20.20 17.32 28.78
C TYR R 92 19.65 17.00 30.16
N ALA R 93 20.37 16.19 30.94
CA ALA R 93 20.16 16.22 32.38
C ALA R 93 20.35 17.63 32.91
N LEU R 94 21.16 18.43 32.22
CA LEU R 94 21.32 19.84 32.50
C LEU R 94 20.26 20.69 31.83
N HIS R 95 19.49 20.11 30.91
CA HIS R 95 18.57 20.83 30.04
C HIS R 95 19.33 21.75 29.07
N ILE R 96 20.46 21.24 28.58
CA ILE R 96 21.25 21.99 27.60
C ILE R 96 20.67 21.74 26.21
N PRO R 97 20.85 22.64 25.26
CA PRO R 97 20.31 22.44 23.92
C PRO R 97 20.90 21.22 23.24
N GLU R 98 20.00 20.43 22.64
CA GLU R 98 20.38 19.24 21.89
C GLU R 98 21.47 19.50 20.87
N TYR R 99 21.30 20.53 20.03
CA TYR R 99 22.31 20.85 19.02
C TYR R 99 23.71 20.89 19.61
N ILE R 100 23.90 21.65 20.69
CA ILE R 100 25.22 21.83 21.26
C ILE R 100 25.89 20.50 21.54
N THR R 101 25.10 19.48 21.91
CA THR R 101 25.67 18.18 22.22
C THR R 101 26.50 17.65 21.07
N ASP R 102 26.03 17.79 19.83
CA ASP R 102 26.78 17.28 18.69
C ASP R 102 28.15 17.89 18.55
N ALA R 103 28.35 19.10 19.07
CA ALA R 103 29.70 19.66 19.11
C ALA R 103 30.66 18.68 19.79
N ALA R 104 30.46 18.46 21.08
CA ALA R 104 31.22 17.49 21.84
C ALA R 104 31.28 16.13 21.17
N PHE R 105 30.17 15.68 20.57
CA PHE R 105 30.19 14.40 19.88
C PHE R 105 31.30 14.35 18.85
N GLN R 106 31.47 15.42 18.08
CA GLN R 106 32.65 15.50 17.24
C GLN R 106 33.93 15.58 18.06
N TRP R 107 33.97 16.48 19.04
CA TRP R 107 35.13 16.55 19.92
C TRP R 107 35.45 15.19 20.52
N TYR R 108 34.47 14.55 21.15
CA TYR R 108 34.65 13.18 21.61
C TYR R 108 35.21 12.29 20.53
N LYS R 109 34.61 12.32 19.33
CA LYS R 109 35.15 11.55 18.22
C LYS R 109 36.55 12.03 17.87
N LEU R 110 36.73 13.35 17.80
CA LEU R 110 38.05 13.91 17.61
C LEU R 110 39.00 13.44 18.70
N ALA R 111 38.51 13.37 19.94
CA ALA R 111 39.32 12.89 21.04
C ALA R 111 39.69 11.42 20.89
N LEU R 112 38.89 10.64 20.16
CA LEU R 112 39.25 9.26 19.91
C LEU R 112 40.51 9.16 19.06
N ALA R 113 40.74 10.15 18.19
CA ALA R 113 41.85 10.06 17.25
C ALA R 113 43.21 10.11 17.92
N ASN R 114 43.38 10.92 18.96
CA ASN R 114 44.67 11.13 19.60
C ASN R 114 44.91 10.19 20.78
N ASN R 115 43.99 9.25 21.01
CA ASN R 115 44.10 8.29 22.10
C ASN R 115 44.09 8.98 23.46
N PHE R 116 43.51 10.18 23.50
CA PHE R 116 43.26 10.87 24.74
C PHE R 116 42.14 10.23 25.55
N VAL R 117 41.31 9.42 24.91
CA VAL R 117 40.09 8.90 25.52
C VAL R 117 40.38 7.71 26.44
N GLN R 118 41.25 6.79 26.04
CA GLN R 118 41.32 5.47 26.65
C GLN R 118 41.84 5.51 28.09
N GLY R 119 42.90 6.28 28.32
CA GLY R 119 43.67 6.18 29.54
C GLY R 119 42.95 6.41 30.86
N ARG R 120 41.77 7.01 30.82
CA ARG R 120 41.09 7.42 32.05
C ARG R 120 39.60 7.16 31.93
N ARG R 121 38.84 7.61 32.92
CA ARG R 121 37.43 7.29 33.05
C ARG R 121 36.63 7.94 31.91
N SER R 122 35.44 7.40 31.68
CA SER R 122 34.59 7.92 30.61
C SER R 122 33.92 9.22 30.99
N GLN R 123 33.39 9.29 32.22
CA GLN R 123 32.77 10.52 32.70
C GLN R 123 33.69 11.71 32.57
N ASN R 124 34.98 11.52 32.86
CA ASN R 124 35.98 12.52 32.50
C ASN R 124 35.84 12.94 31.04
N VAL R 125 35.86 11.96 30.14
CA VAL R 125 35.85 12.24 28.71
C VAL R 125 34.61 13.05 28.33
N ILE R 126 33.43 12.45 28.41
CA ILE R 126 32.22 13.14 28.01
C ILE R 126 32.07 14.47 28.73
N ALA R 127 32.35 14.49 30.03
CA ALA R 127 32.31 15.73 30.78
C ALA R 127 33.22 16.77 30.15
N SER R 128 34.45 16.39 29.84
CA SER R 128 35.37 17.29 29.15
C SER R 128 34.78 17.82 27.86
N CYS R 129 34.52 16.93 26.90
CA CYS R 129 34.12 17.38 25.57
C CYS R 129 32.84 18.20 25.61
N LEU R 130 31.92 17.90 26.51
CA LEU R 130 30.79 18.81 26.64
C LEU R 130 31.23 20.16 27.17
N TYR R 131 32.11 20.16 28.17
CA TYR R 131 32.57 21.41 28.73
C TYR R 131 33.27 22.27 27.68
N VAL R 132 34.05 21.66 26.77
CA VAL R 132 34.72 22.45 25.75
C VAL R 132 33.70 23.01 24.76
N ALA R 133 32.64 22.26 24.49
CA ALA R 133 31.56 22.81 23.68
C ALA R 133 30.95 24.04 24.33
N CYS R 134 30.30 23.85 25.48
CA CYS R 134 29.58 24.94 26.13
C CYS R 134 30.47 26.15 26.37
N ARG R 135 31.69 25.94 26.88
CA ARG R 135 32.66 27.03 26.98
C ARG R 135 32.90 27.69 25.64
N LYS R 136 33.43 26.93 24.67
CA LYS R 136 33.63 27.47 23.33
C LYS R 136 32.38 28.15 22.79
N GLU R 137 31.21 27.58 23.05
CA GLU R 137 29.97 28.17 22.56
C GLU R 137 29.41 29.23 23.50
N LYS R 138 30.09 29.51 24.60
CA LYS R 138 29.71 30.60 25.48
C LYS R 138 28.28 30.46 25.96
N THR R 139 28.00 29.43 26.74
CA THR R 139 26.69 29.21 27.31
C THR R 139 26.79 29.44 28.82
N HIS R 140 25.65 29.34 29.51
CA HIS R 140 25.64 29.49 30.95
C HIS R 140 25.50 28.11 31.59
N HIS R 141 26.65 27.60 32.03
CA HIS R 141 26.77 26.39 32.85
C HIS R 141 28.13 26.46 33.51
N MET R 142 28.30 25.76 34.63
CA MET R 142 29.54 25.90 35.38
C MET R 142 30.21 24.55 35.58
N LEU R 143 31.54 24.58 35.46
CA LEU R 143 32.35 23.38 35.62
C LEU R 143 32.13 22.73 36.98
N ILE R 144 32.45 23.43 38.07
CA ILE R 144 32.19 22.89 39.41
C ILE R 144 30.75 22.39 39.50
N ASP R 145 29.80 23.15 38.96
CA ASP R 145 28.43 22.67 38.87
C ASP R 145 28.32 21.42 38.02
N PHE R 146 28.56 21.53 36.71
CA PHE R 146 28.35 20.43 35.78
C PHE R 146 28.94 19.11 36.25
N SER R 147 30.20 19.12 36.63
CA SER R 147 30.89 18.00 37.26
C SER R 147 30.14 17.42 38.43
N SER R 148 29.47 18.25 39.24
CA SER R 148 28.86 17.82 40.49
C SER R 148 27.76 16.79 40.29
N ARG R 149 27.41 16.47 39.05
CA ARG R 149 26.54 15.35 38.77
C ARG R 149 27.07 14.03 39.31
N LEU R 150 28.34 13.99 39.76
CA LEU R 150 28.89 12.76 40.30
C LEU R 150 29.50 12.76 41.70
N GLN R 151 29.97 11.60 42.12
CA GLN R 151 30.92 11.49 43.25
C GLN R 151 32.22 12.46 43.28
N VAL R 152 32.56 12.73 42.02
CA VAL R 152 33.76 13.47 41.67
C VAL R 152 34.22 14.69 42.45
N SER R 153 35.51 14.74 42.75
CA SER R 153 36.14 15.88 43.42
C SER R 153 36.10 17.14 42.57
N VAL R 154 35.81 16.99 41.28
CA VAL R 154 35.59 18.07 40.33
C VAL R 154 36.91 18.73 39.94
N TYR R 155 37.93 18.55 40.78
CA TYR R 155 39.27 18.91 40.36
C TYR R 155 39.83 17.84 39.42
N SER R 156 39.37 16.60 39.59
CA SER R 156 39.79 15.51 38.71
C SER R 156 39.44 15.82 37.26
N ILE R 157 38.16 15.85 36.94
CA ILE R 157 37.73 16.10 35.57
C ILE R 157 38.21 17.47 35.11
N GLY R 158 38.38 18.41 36.04
CA GLY R 158 39.05 19.65 35.69
C GLY R 158 40.43 19.41 35.11
N ALA R 159 41.20 18.52 35.74
CA ALA R 159 42.51 18.18 35.21
C ALA R 159 42.40 17.39 33.92
N THR R 160 41.35 16.59 33.78
CA THR R 160 41.13 15.88 32.52
C THR R 160 40.97 16.88 31.38
N PHE R 161 40.00 17.79 31.51
CA PHE R 161 39.88 18.91 30.60
C PHE R 161 41.20 19.63 30.38
N LEU R 162 41.99 19.79 31.45
CA LEU R 162 43.29 20.41 31.34
C LEU R 162 44.24 19.64 30.43
N LYS R 163 44.14 18.30 30.40
CA LYS R 163 45.07 17.52 29.61
C LYS R 163 44.82 17.67 28.11
N MET R 164 43.56 17.54 27.69
CA MET R 164 43.25 17.67 26.27
C MET R 164 43.57 19.05 25.73
N VAL R 165 43.75 20.04 26.62
CA VAL R 165 44.34 21.30 26.20
C VAL R 165 45.70 21.05 25.57
N LYS R 166 46.50 20.17 26.18
CA LYS R 166 47.69 19.68 25.51
C LYS R 166 47.36 18.80 24.32
N LYS R 167 46.57 17.76 24.54
CA LYS R 167 46.45 16.70 23.54
C LYS R 167 45.71 17.17 22.29
N LEU R 168 44.54 17.77 22.47
CA LEU R 168 44.01 18.56 21.38
C LEU R 168 44.77 19.88 21.38
N HIS R 169 44.52 20.71 20.38
CA HIS R 169 45.23 21.97 20.24
C HIS R 169 44.21 23.08 20.06
N ILE R 170 44.12 23.94 21.05
CA ILE R 170 43.07 24.92 21.13
C ILE R 170 43.66 26.30 21.36
N THR R 171 42.78 27.26 21.63
CA THR R 171 43.17 28.66 21.67
C THR R 171 42.23 29.43 22.59
N GLU R 172 42.24 30.76 22.50
CA GLU R 172 41.56 31.68 23.40
C GLU R 172 40.05 31.43 23.50
N LEU R 173 39.49 30.55 22.66
CA LEU R 173 38.05 30.34 22.50
C LEU R 173 37.28 30.36 23.81
N PRO R 174 37.68 29.46 24.95
CA PRO R 174 36.82 29.33 26.14
C PRO R 174 37.05 30.34 27.25
N LEU R 175 36.46 31.54 27.12
CA LEU R 175 36.59 32.59 28.11
C LEU R 175 35.23 33.20 28.39
N ALA R 176 34.77 33.11 29.64
CA ALA R 176 33.43 33.57 30.01
C ALA R 176 33.50 34.61 31.13
N ASP R 177 32.33 35.13 31.47
CA ASP R 177 32.16 36.16 32.49
C ASP R 177 30.83 35.95 33.20
N PRO R 178 30.65 36.48 34.41
CA PRO R 178 29.36 36.35 35.10
C PRO R 178 28.20 36.94 34.33
N SER R 179 28.44 37.86 33.40
CA SER R 179 27.37 38.49 32.66
C SER R 179 26.36 37.47 32.14
N LEU R 180 26.84 36.35 31.64
CA LEU R 180 26.02 35.17 31.42
C LEU R 180 25.40 34.62 32.70
N PHE R 181 26.24 34.15 33.63
CA PHE R 181 25.78 33.24 34.68
C PHE R 181 24.82 33.88 35.67
N ILE R 182 24.84 35.21 35.80
CA ILE R 182 23.84 35.86 36.62
C ILE R 182 22.43 35.54 36.13
N GLN R 183 22.23 35.48 34.81
CA GLN R 183 20.93 35.10 34.27
C GLN R 183 20.46 33.75 34.80
N HIS R 184 21.17 32.68 34.44
CA HIS R 184 20.84 31.36 34.94
C HIS R 184 20.68 31.34 36.44
N PHE R 185 21.50 32.11 37.16
CA PHE R 185 21.27 32.28 38.59
C PHE R 185 19.97 33.03 38.84
N ALA R 186 19.80 34.20 38.19
CA ALA R 186 18.58 34.97 38.37
C ALA R 186 17.32 34.15 38.09
N GLU R 187 17.37 33.27 37.09
CA GLU R 187 16.21 32.43 36.82
C GLU R 187 15.92 31.49 37.98
N LYS R 188 16.96 30.89 38.57
CA LYS R 188 16.79 30.02 39.71
C LYS R 188 16.29 30.51 41.07
N LEU R 189 16.33 31.82 41.29
CA LEU R 189 15.91 32.36 42.59
C LEU R 189 14.46 32.83 42.67
N ASP R 190 13.71 32.67 41.58
CA ASP R 190 12.31 33.09 41.50
C ASP R 190 12.17 34.53 41.99
N LEU R 191 11.57 34.71 43.17
CA LEU R 191 11.46 36.07 43.74
C LEU R 191 10.48 36.86 42.87
N ALA R 192 10.80 38.10 42.49
CA ALA R 192 9.94 38.90 41.65
C ALA R 192 10.69 39.33 40.40
N ASP R 193 10.01 40.06 39.51
CA ASP R 193 10.62 40.47 38.26
C ASP R 193 11.51 41.70 38.39
N LYS R 194 11.42 42.42 39.52
CA LYS R 194 12.34 43.50 39.80
C LYS R 194 13.78 43.02 39.72
N LYS R 195 14.02 41.72 39.95
CA LYS R 195 15.36 41.17 39.80
C LYS R 195 15.97 41.56 38.47
N ILE R 196 15.20 41.48 37.39
CA ILE R 196 15.66 41.93 36.09
C ILE R 196 16.16 43.37 36.12
N LYS R 197 15.31 44.28 36.61
CA LYS R 197 15.77 45.63 36.94
C LYS R 197 17.02 45.59 37.80
N VAL R 198 17.00 44.76 38.85
CA VAL R 198 18.19 44.51 39.65
C VAL R 198 19.33 43.97 38.79
N VAL R 199 19.04 43.02 37.90
CA VAL R 199 20.09 42.44 37.05
C VAL R 199 20.83 43.54 36.31
N LYS R 200 20.11 44.37 35.56
CA LYS R 200 20.74 45.54 34.94
C LYS R 200 21.54 46.34 35.93
N ASP R 201 20.97 46.59 37.12
CA ASP R 201 21.71 47.25 38.18
C ASP R 201 22.97 46.49 38.56
N ALA R 202 22.87 45.18 38.75
CA ALA R 202 24.00 44.35 39.14
C ALA R 202 25.09 44.31 38.08
N VAL R 203 24.72 44.03 36.83
CA VAL R 203 25.70 43.80 35.78
C VAL R 203 26.72 44.92 35.73
N LYS R 204 26.28 46.12 35.32
CA LYS R 204 27.19 47.26 35.29
C LYS R 204 27.90 47.44 36.62
N LEU R 205 27.18 47.23 37.73
CA LEU R 205 27.82 47.17 39.03
C LEU R 205 29.04 46.27 38.99
N ALA R 206 28.84 44.97 38.79
CA ALA R 206 29.95 44.06 38.61
C ALA R 206 30.89 44.56 37.53
N GLN R 207 30.35 45.11 36.43
CA GLN R 207 31.21 45.63 35.38
C GLN R 207 32.14 46.70 35.92
N ARG R 208 31.62 47.64 36.70
CA ARG R 208 32.53 48.59 37.34
C ARG R 208 33.47 47.86 38.27
N MET R 209 32.96 46.88 39.03
CA MET R 209 33.83 46.01 39.79
C MET R 209 34.80 45.28 38.88
N SER R 210 34.34 44.86 37.69
CA SER R 210 35.26 44.39 36.68
C SER R 210 36.20 45.50 36.24
N LYS R 211 35.66 46.69 36.02
CA LYS R 211 36.51 47.86 35.80
C LYS R 211 37.53 48.29 36.84
N ASP R 212 37.14 48.25 38.11
CA ASP R 212 38.01 48.61 39.23
C ASP R 212 39.10 47.57 39.50
N TRP R 213 39.15 46.55 38.64
CA TRP R 213 40.14 45.47 38.68
C TRP R 213 40.17 44.51 39.89
N MET R 214 39.01 44.20 40.47
CA MET R 214 38.98 43.22 41.55
C MET R 214 38.45 41.88 41.06
N PHE R 215 38.08 41.84 39.78
CA PHE R 215 37.41 40.70 39.18
C PHE R 215 38.31 39.49 38.91
N GLU R 216 39.30 39.66 38.05
CA GLU R 216 40.10 38.55 37.55
C GLU R 216 40.87 37.89 38.69
N GLY R 217 41.23 36.63 38.50
CA GLY R 217 41.96 35.90 39.51
C GLY R 217 41.10 35.28 40.59
N ARG R 218 39.78 35.34 40.43
CA ARG R 218 38.82 34.85 41.41
C ARG R 218 37.64 34.22 40.67
N ARG R 219 36.84 33.48 41.41
CA ARG R 219 35.68 32.83 40.81
C ARG R 219 34.64 33.87 40.41
N PRO R 220 34.25 33.91 39.13
CA PRO R 220 33.20 34.86 38.71
C PRO R 220 31.89 34.70 39.46
N ALA R 221 31.51 33.49 39.85
CA ALA R 221 30.29 33.31 40.62
C ALA R 221 30.27 34.13 41.88
N GLY R 222 31.44 34.32 42.51
CA GLY R 222 31.50 35.13 43.71
C GLY R 222 31.01 36.55 43.49
N ILE R 223 31.57 37.24 42.52
CA ILE R 223 31.10 38.60 42.24
C ILE R 223 29.66 38.57 41.73
N ALA R 224 29.28 37.49 41.05
CA ALA R 224 27.89 37.36 40.63
C ALA R 224 26.94 37.46 41.82
N GLY R 225 27.00 36.47 42.72
CA GLY R 225 26.16 36.51 43.90
C GLY R 225 26.37 37.76 44.73
N ALA R 226 27.58 38.31 44.69
CA ALA R 226 27.84 39.59 45.33
C ALA R 226 26.87 40.65 44.85
N CYS R 227 26.94 41.01 43.56
CA CYS R 227 26.05 42.04 43.04
C CYS R 227 24.59 41.63 43.18
N ILE R 228 24.31 40.32 43.22
CA ILE R 228 22.98 39.87 43.58
C ILE R 228 22.57 40.46 44.92
N LEU R 229 23.31 40.13 45.98
CA LEU R 229 22.97 40.63 47.30
C LEU R 229 23.01 42.15 47.36
N LEU R 230 23.84 42.77 46.51
CA LEU R 230 23.97 44.22 46.54
C LEU R 230 22.74 44.92 45.97
N ALA R 231 22.33 44.58 44.75
CA ALA R 231 21.23 45.30 44.14
C ALA R 231 19.89 44.78 44.63
N CYS R 232 19.80 43.48 44.95
CA CYS R 232 18.65 43.01 45.71
C CYS R 232 18.58 43.72 47.06
N ARG R 233 19.74 43.96 47.67
CA ARG R 233 19.81 44.85 48.82
C ARG R 233 19.44 46.28 48.43
N MET R 234 19.86 46.73 47.24
CA MET R 234 19.40 48.01 46.74
C MET R 234 17.89 48.02 46.55
N ASN R 235 17.32 46.90 46.13
CA ASN R 235 15.87 46.75 46.05
C ASN R 235 15.27 46.26 47.35
N ASN R 236 16.10 46.17 48.41
CA ASN R 236 15.75 45.80 49.77
C ASN R 236 14.78 44.61 49.87
N LEU R 237 15.23 43.46 49.38
CA LEU R 237 14.59 42.18 49.65
C LEU R 237 15.55 41.33 50.46
N ARG R 238 15.08 40.84 51.60
CA ARG R 238 15.93 40.22 52.61
C ARG R 238 16.02 38.72 52.31
N ARG R 239 17.23 38.30 51.95
CA ARG R 239 17.53 36.92 51.63
C ARG R 239 18.83 36.51 52.32
N THR R 240 19.20 35.25 52.16
CA THR R 240 20.33 34.69 52.89
C THR R 240 21.48 34.36 51.97
N HIS R 241 22.69 34.47 52.52
CA HIS R 241 23.88 34.01 51.82
C HIS R 241 23.78 32.53 51.48
N THR R 242 23.17 31.73 52.35
CA THR R 242 22.88 30.34 52.00
C THR R 242 22.19 30.24 50.66
N GLU R 243 21.13 31.02 50.48
CA GLU R 243 20.40 31.04 49.22
C GLU R 243 21.30 31.46 48.07
N ILE R 244 22.13 32.48 48.27
CA ILE R 244 23.03 32.94 47.21
C ILE R 244 23.95 31.81 46.77
N VAL R 245 24.81 31.35 47.68
CA VAL R 245 25.74 30.28 47.35
C VAL R 245 25.03 29.01 46.92
N ALA R 246 23.73 28.89 47.21
CA ALA R 246 22.99 27.71 46.79
C ALA R 246 23.03 27.57 45.27
N VAL R 247 22.77 28.65 44.55
CA VAL R 247 23.01 28.64 43.12
C VAL R 247 24.49 28.86 42.79
N SER R 248 25.20 29.64 43.60
CA SER R 248 26.60 29.91 43.30
C SER R 248 27.54 28.75 43.57
N HIS R 249 27.20 27.89 44.53
CA HIS R 249 28.01 26.71 44.85
C HIS R 249 29.41 27.10 45.30
N VAL R 250 29.48 28.18 46.09
CA VAL R 250 30.72 28.60 46.72
C VAL R 250 30.46 28.70 48.22
N ALA R 251 31.41 29.19 48.99
CA ALA R 251 31.15 29.44 50.39
C ALA R 251 30.62 30.86 50.59
N GLU R 252 30.26 31.15 51.84
CA GLU R 252 29.70 32.46 52.17
C GLU R 252 30.80 33.43 52.52
N GLU R 253 31.57 33.11 53.56
CA GLU R 253 32.76 33.90 53.88
C GLU R 253 33.60 34.16 52.64
N THR R 254 33.67 33.18 51.73
CA THR R 254 34.24 33.42 50.42
C THR R 254 33.65 34.67 49.78
N LEU R 255 32.31 34.75 49.74
CA LEU R 255 31.66 35.95 49.23
C LEU R 255 32.04 37.18 50.04
N GLN R 256 31.67 37.21 51.33
CA GLN R 256 31.82 38.41 52.15
C GLN R 256 33.24 38.95 52.13
N GLN R 257 34.23 38.10 51.90
CA GLN R 257 35.55 38.60 51.51
C GLN R 257 35.43 39.58 50.35
N ARG R 258 34.59 39.26 49.36
CA ARG R 258 34.36 40.15 48.24
C ARG R 258 33.33 41.23 48.55
N LEU R 259 32.40 40.97 49.47
CA LEU R 259 31.50 42.03 49.93
C LEU R 259 32.27 43.19 50.54
N ASN R 260 32.88 42.96 51.71
CA ASN R 260 33.68 44.01 52.32
C ASN R 260 34.89 44.34 51.46
N GLU R 261 35.31 43.39 50.62
CA GLU R 261 36.33 43.70 49.61
C GLU R 261 35.82 44.72 48.61
N PHE R 262 34.51 44.88 48.50
CA PHE R 262 33.95 46.08 47.88
C PHE R 262 33.86 47.25 48.84
N LYS R 263 33.50 46.99 50.11
CA LYS R 263 33.25 48.06 51.06
C LYS R 263 34.42 49.03 51.17
N ASN R 264 35.64 48.59 50.88
CA ASN R 264 36.85 49.38 51.01
C ASN R 264 37.23 50.04 49.69
N THR R 265 36.49 49.74 48.62
CA THR R 265 36.91 50.10 47.28
C THR R 265 36.81 51.60 47.05
N LYS R 266 37.18 52.03 45.84
CA LYS R 266 37.29 53.44 45.52
C LYS R 266 35.90 54.07 45.47
N ALA R 267 35.71 55.12 46.26
CA ALA R 267 34.44 55.84 46.34
C ALA R 267 33.29 54.89 46.66
N ALA R 268 33.60 53.81 47.39
CA ALA R 268 32.62 52.78 47.70
C ALA R 268 31.39 53.36 48.39
N LYS R 269 31.51 53.81 49.64
CA LYS R 269 30.42 54.49 50.32
C LYS R 269 30.00 55.77 49.62
N LEU R 270 30.94 56.45 48.96
CA LEU R 270 30.60 57.57 48.09
C LEU R 270 29.67 57.19 46.96
N SER R 271 29.85 56.00 46.36
CA SER R 271 28.97 55.47 45.33
C SER R 271 27.75 54.74 45.90
N VAL R 272 27.93 54.00 47.01
CA VAL R 272 27.02 52.91 47.39
C VAL R 272 25.57 53.34 47.57
N GLN R 273 25.29 54.64 47.60
CA GLN R 273 23.93 55.13 47.79
C GLN R 273 23.13 55.00 46.49
N LYS R 274 22.04 55.75 46.37
CA LYS R 274 21.05 55.61 45.32
C LYS R 274 21.61 56.01 43.95
N PHE R 275 20.71 56.31 43.02
CA PHE R 275 20.96 56.66 41.61
C PHE R 275 21.58 55.49 40.86
N ARG R 276 21.35 54.27 41.35
CA ARG R 276 21.68 53.05 40.61
C ARG R 276 23.15 53.02 40.20
N GLU R 277 23.99 53.70 40.97
CA GLU R 277 25.43 53.72 40.74
C GLU R 277 25.76 54.24 39.35
N ASN R 278 25.44 55.51 39.07
CA ASN R 278 25.80 56.11 37.79
C ASN R 278 27.28 56.38 37.67
N ASP R 279 28.05 56.16 38.73
CA ASP R 279 29.50 56.26 38.66
C ASP R 279 30.01 55.30 37.60
N VAL R 280 30.67 55.84 36.58
CA VAL R 280 31.40 55.05 35.59
C VAL R 280 32.91 55.10 35.84
N GLU R 281 33.34 55.87 36.82
CA GLU R 281 34.75 56.21 36.99
C GLU R 281 35.53 55.02 37.54
N ASP R 282 36.83 55.24 37.72
CA ASP R 282 37.78 54.18 38.07
C ASP R 282 38.44 54.37 39.42
N GLY R 283 39.15 55.49 39.63
CA GLY R 283 40.10 55.57 40.73
C GLY R 283 41.34 54.79 40.34
N GLU R 284 41.86 53.97 41.24
CA GLU R 284 42.97 53.09 40.92
C GLU R 284 42.46 51.67 40.73
N ALA R 285 43.37 50.79 40.31
CA ALA R 285 43.08 49.35 40.23
C ALA R 285 44.24 48.66 40.94
N ARG R 286 43.94 48.07 42.09
CA ARG R 286 44.97 47.57 43.02
C ARG R 286 44.48 46.29 43.68
N PRO R 287 44.63 45.16 43.02
CA PRO R 287 44.26 43.88 43.63
C PRO R 287 45.03 43.67 44.93
N PRO R 288 44.38 43.06 45.93
CA PRO R 288 45.05 42.82 47.22
C PRO R 288 46.29 41.96 47.09
N SER R 289 46.42 41.30 45.94
CA SER R 289 47.55 40.41 45.67
C SER R 289 48.87 41.05 46.06
N PHE R 290 49.25 42.13 45.39
CA PHE R 290 50.49 42.82 45.72
C PHE R 290 50.38 43.66 46.99
N VAL R 291 49.18 43.80 47.54
CA VAL R 291 49.05 44.43 48.84
C VAL R 291 49.60 43.52 49.93
N LYS R 292 49.35 42.22 49.81
CA LYS R 292 50.02 41.26 50.68
C LYS R 292 51.52 41.24 50.41
N ASN R 293 51.93 41.61 49.19
CA ASN R 293 53.34 41.90 48.96
C ASN R 293 53.77 43.15 49.72
N ARG R 294 52.86 44.08 49.95
CA ARG R 294 53.16 45.23 50.79
C ARG R 294 53.10 44.88 52.27
N LYS R 295 52.58 43.69 52.62
CA LYS R 295 52.55 43.30 54.03
C LYS R 295 53.96 43.20 54.61
N LYS R 296 54.92 42.76 53.80
CA LYS R 296 56.31 42.75 54.22
C LYS R 296 57.06 44.01 53.82
N GLU R 297 56.41 44.96 53.15
CA GLU R 297 57.03 46.22 52.79
C GLU R 297 57.28 47.06 54.03
N SER R 387 63.35 42.35 34.60
CA SER R 387 64.56 42.98 34.07
C SER R 387 65.49 43.40 35.19
N GLY R 388 65.22 44.56 35.79
CA GLY R 388 65.98 44.97 36.95
C GLY R 388 65.80 44.01 38.12
N ILE R 389 64.56 43.63 38.42
CA ILE R 389 64.29 42.53 39.32
C ILE R 389 64.66 41.23 38.61
N VAL R 390 65.50 40.43 39.24
CA VAL R 390 66.02 39.20 38.62
C VAL R 390 65.29 37.99 39.17
N PRO R 391 64.74 37.13 38.30
CA PRO R 391 64.18 35.86 38.77
C PRO R 391 65.21 35.01 39.49
N THR R 392 64.77 34.25 40.49
CA THR R 392 65.71 33.52 41.33
C THR R 392 65.52 32.02 41.19
N LEU R 393 66.62 31.30 41.36
CA LEU R 393 66.60 29.84 41.47
C LEU R 393 65.86 29.45 42.73
N GLN R 394 65.02 28.42 42.62
CA GLN R 394 64.36 27.84 43.78
C GLN R 394 64.78 26.39 43.99
N ASN R 395 64.33 25.50 43.11
CA ASN R 395 64.81 24.13 43.09
C ASN R 395 65.30 23.78 41.70
N ILE R 396 66.22 22.82 41.64
CA ILE R 396 66.65 22.24 40.37
C ILE R 396 66.40 20.75 40.45
N VAL R 397 65.48 20.27 39.61
CA VAL R 397 65.15 18.86 39.53
C VAL R 397 66.19 18.18 38.65
N ALA R 398 66.75 17.08 39.14
CA ALA R 398 67.81 16.40 38.42
C ALA R 398 67.69 14.90 38.67
N THR R 399 68.71 14.16 38.27
CA THR R 399 68.78 12.73 38.52
C THR R 399 70.26 12.32 38.54
N VAL R 400 70.54 11.23 39.23
CA VAL R 400 71.89 10.67 39.33
C VAL R 400 71.78 9.16 39.26
N THR R 401 72.58 8.54 38.40
CA THR R 401 72.61 7.08 38.28
C THR R 401 73.71 6.51 39.17
N LEU R 402 73.41 5.42 39.87
CA LEU R 402 74.40 4.72 40.67
C LEU R 402 75.14 3.70 39.82
N GLY R 403 74.41 2.74 39.26
CA GLY R 403 75.01 1.68 38.48
C GLY R 403 74.97 0.30 39.10
N CYS R 404 74.36 0.17 40.29
CA CYS R 404 74.03 -1.15 40.78
C CYS R 404 72.69 -1.09 41.48
N ARG R 405 71.82 -2.02 41.11
CA ARG R 405 70.53 -2.19 41.77
C ARG R 405 70.76 -2.96 43.07
N LEU R 406 70.04 -2.57 44.12
CA LEU R 406 70.31 -3.10 45.46
C LEU R 406 69.06 -3.07 46.32
N ASP R 407 69.23 -3.56 47.55
CA ASP R 407 68.15 -3.63 48.53
C ASP R 407 67.95 -2.26 49.17
N LEU R 408 66.75 -1.72 49.05
CA LEU R 408 66.43 -0.45 49.68
C LEU R 408 66.41 -0.55 51.20
N LYS R 409 65.89 -1.64 51.75
CA LYS R 409 65.84 -1.78 53.20
C LYS R 409 67.24 -1.92 53.78
N THR R 410 68.11 -2.70 53.13
CA THR R 410 69.45 -2.94 53.65
C THR R 410 70.20 -1.63 53.86
N VAL R 411 70.07 -0.69 52.93
CA VAL R 411 70.67 0.62 53.13
C VAL R 411 69.85 1.43 54.12
N ALA R 412 68.53 1.25 54.12
CA ALA R 412 67.64 1.95 55.02
C ALA R 412 67.85 1.59 56.48
N LEU R 413 68.68 0.58 56.77
CA LEU R 413 68.88 0.13 58.14
C LEU R 413 69.52 1.20 59.01
N HIS R 414 70.68 1.73 58.59
CA HIS R 414 71.41 2.73 59.36
C HIS R 414 71.41 4.03 58.56
N ALA R 415 70.61 4.99 59.01
CA ALA R 415 70.65 6.35 58.46
C ALA R 415 69.98 7.30 59.44
N ARG R 416 70.32 8.59 59.34
CA ARG R 416 69.57 9.59 60.08
C ARG R 416 68.26 9.95 59.38
N ASN R 417 68.31 10.25 58.09
CA ASN R 417 67.12 10.61 57.33
C ASN R 417 66.87 9.54 56.28
N ALA R 418 65.88 8.69 56.52
CA ALA R 418 65.36 7.76 55.53
C ALA R 418 63.99 7.28 55.99
N GLU R 419 63.18 6.80 55.06
CA GLU R 419 61.95 6.08 55.39
C GLU R 419 61.76 4.97 54.37
N TYR R 420 61.37 3.79 54.82
CA TYR R 420 61.13 2.67 53.93
C TYR R 420 59.74 2.11 54.22
N ASN R 421 58.80 2.34 53.30
CA ASN R 421 57.47 1.74 53.38
C ASN R 421 56.96 1.51 51.97
N PRO R 422 57.43 0.46 51.29
CA PRO R 422 56.91 0.17 49.94
C PRO R 422 55.41 0.03 49.88
N LYS R 423 54.76 -0.26 51.02
CA LYS R 423 53.30 -0.21 51.07
C LYS R 423 52.77 1.15 50.65
N ARG R 424 53.24 2.22 51.30
CA ARG R 424 52.89 3.58 50.92
C ARG R 424 53.47 3.96 49.56
N PHE R 425 54.78 3.87 49.39
CA PHE R 425 55.42 3.98 48.07
C PHE R 425 56.71 3.19 48.12
N ALA R 426 57.11 2.61 46.99
CA ALA R 426 58.31 1.79 47.02
C ALA R 426 59.54 2.64 46.69
N ALA R 427 60.35 2.89 47.70
CA ALA R 427 61.54 3.73 47.62
C ALA R 427 62.10 3.87 49.03
N VAL R 428 63.24 4.54 49.13
CA VAL R 428 63.75 5.03 50.40
C VAL R 428 63.70 6.55 50.39
N ILE R 429 62.92 7.12 51.30
CA ILE R 429 62.88 8.56 51.48
C ILE R 429 64.22 8.99 52.05
N MET R 430 64.90 9.88 51.35
CA MET R 430 66.21 10.39 51.72
C MET R 430 66.21 11.90 51.60
N ARG R 431 66.82 12.54 52.61
CA ARG R 431 66.94 13.98 52.67
C ARG R 431 68.11 14.29 53.59
N ILE R 432 68.63 15.51 53.51
CA ILE R 432 69.75 15.90 54.36
C ILE R 432 69.65 17.38 54.68
N ARG R 433 70.02 17.73 55.92
CA ARG R 433 69.89 19.10 56.38
C ARG R 433 70.98 19.98 55.78
N GLU R 434 72.07 19.39 55.30
CA GLU R 434 73.07 20.16 54.58
C GLU R 434 73.33 19.57 53.19
N PRO R 435 73.44 20.44 52.19
CA PRO R 435 73.08 21.86 52.27
C PRO R 435 71.59 22.09 52.10
N LYS R 436 70.79 21.52 53.01
CA LYS R 436 69.33 21.52 52.94
C LYS R 436 68.85 21.06 51.56
N THR R 437 69.10 19.78 51.31
CA THR R 437 68.72 19.15 50.05
C THR R 437 68.05 17.83 50.35
N THR R 438 67.10 17.46 49.50
CA THR R 438 66.36 16.21 49.67
C THR R 438 66.85 15.13 48.73
N ALA R 439 66.73 15.35 47.42
CA ALA R 439 66.94 14.33 46.41
C ALA R 439 66.10 13.10 46.73
N LEU R 440 66.64 11.92 46.52
CA LEU R 440 65.91 10.66 46.67
C LEU R 440 66.85 9.54 46.29
N ILE R 441 66.35 8.30 46.39
CA ILE R 441 67.03 7.15 45.79
C ILE R 441 65.96 6.31 45.12
N PHE R 442 66.37 5.55 44.12
CA PHE R 442 65.53 4.53 43.49
C PHE R 442 66.08 3.15 43.83
N ALA R 443 65.38 2.13 43.35
CA ALA R 443 65.81 0.74 43.55
C ALA R 443 66.88 0.31 42.56
N SER R 444 66.78 0.73 41.31
CA SER R 444 67.68 0.24 40.27
C SER R 444 69.08 0.80 40.40
N GLY R 445 69.32 1.68 41.37
CA GLY R 445 70.56 2.44 41.36
C GLY R 445 70.43 3.76 40.65
N LYS R 446 69.24 4.36 40.72
CA LYS R 446 69.01 5.69 40.18
C LYS R 446 68.44 6.57 41.28
N MET R 447 68.40 7.87 41.04
CA MET R 447 67.81 8.81 41.99
C MET R 447 67.45 10.08 41.26
N VAL R 448 66.58 10.86 41.90
CA VAL R 448 66.21 12.19 41.44
C VAL R 448 66.72 13.20 42.47
N VAL R 449 67.38 14.25 41.98
CA VAL R 449 67.91 15.29 42.85
C VAL R 449 66.86 16.38 43.01
N THR R 450 66.49 16.64 44.26
CA THR R 450 65.46 17.62 44.59
C THR R 450 65.95 18.51 45.71
N GLY R 451 65.22 19.60 45.93
CA GLY R 451 65.59 20.55 46.97
C GLY R 451 66.90 21.25 46.72
N ALA R 452 67.36 21.28 45.48
CA ALA R 452 68.65 21.84 45.10
C ALA R 452 68.44 23.25 44.60
N LYS R 453 68.93 24.24 45.36
CA LYS R 453 68.77 25.63 44.97
C LYS R 453 69.80 26.07 43.93
N SER R 454 70.98 25.45 43.94
CA SER R 454 71.99 25.73 42.92
C SER R 454 72.72 24.44 42.59
N GLU R 455 73.64 24.54 41.62
CA GLU R 455 74.31 23.34 41.13
C GLU R 455 75.35 22.82 42.10
N ASP R 456 76.11 23.72 42.72
CA ASP R 456 77.04 23.31 43.77
C ASP R 456 76.33 22.47 44.83
N ASP R 457 75.39 23.07 45.56
CA ASP R 457 74.58 22.36 46.53
C ASP R 457 73.88 21.15 45.93
N SER R 458 73.61 21.15 44.63
CA SER R 458 73.01 20.02 43.96
C SER R 458 74.02 18.90 43.79
N LYS R 459 75.04 19.10 42.93
CA LYS R 459 75.97 18.03 42.62
C LYS R 459 76.76 17.59 43.85
N LEU R 460 77.12 18.53 44.72
CA LEU R 460 77.91 18.18 45.90
C LEU R 460 77.11 17.30 46.85
N ALA R 461 75.90 17.73 47.23
CA ALA R 461 75.05 16.86 48.02
C ALA R 461 74.71 15.58 47.26
N SER R 462 74.48 15.67 45.95
CA SER R 462 74.25 14.48 45.15
C SER R 462 75.38 13.48 45.29
N ARG R 463 76.60 13.96 45.53
CA ARG R 463 77.71 13.06 45.82
C ARG R 463 77.60 12.51 47.24
N LYS R 464 77.07 13.31 48.17
CA LYS R 464 76.93 12.85 49.56
C LYS R 464 76.10 11.59 49.66
N TYR R 465 75.14 11.39 48.75
CA TYR R 465 74.31 10.20 48.81
C TYR R 465 75.11 8.93 48.55
N ALA R 466 76.07 8.98 47.62
CA ALA R 466 76.97 7.85 47.43
C ALA R 466 77.88 7.62 48.62
N ARG R 467 77.95 8.56 49.57
CA ARG R 467 78.84 8.39 50.70
C ARG R 467 78.24 7.48 51.77
N ILE R 468 76.95 7.62 52.06
CA ILE R 468 76.27 6.58 52.82
C ILE R 468 76.40 5.25 52.11
N ILE R 469 76.18 5.24 50.80
CA ILE R 469 76.17 4.00 50.04
C ILE R 469 77.51 3.27 50.17
N GLN R 470 78.58 3.82 49.59
CA GLN R 470 79.87 3.16 49.70
C GLN R 470 80.32 3.00 51.14
N LYS R 471 79.86 3.89 52.03
CA LYS R 471 80.13 3.73 53.45
C LYS R 471 79.35 2.60 54.09
N ILE R 472 78.03 2.58 53.91
CA ILE R 472 77.15 1.62 54.55
C ILE R 472 76.75 0.50 53.58
N GLY R 473 76.07 0.87 52.50
CA GLY R 473 75.57 -0.10 51.54
C GLY R 473 76.61 -0.50 50.51
N PHE R 474 76.15 -0.76 49.29
CA PHE R 474 77.02 -1.26 48.22
C PHE R 474 77.86 -0.14 47.63
N ALA R 475 78.48 -0.38 46.47
CA ALA R 475 79.33 0.65 45.89
C ALA R 475 78.48 1.76 45.28
N ALA R 476 77.83 1.47 44.14
CA ALA R 476 76.88 2.41 43.55
C ALA R 476 77.49 3.79 43.34
N LYS R 477 78.36 3.94 42.34
CA LYS R 477 79.10 5.17 42.17
C LYS R 477 78.20 6.33 41.76
N PHE R 478 78.79 7.52 41.60
CA PHE R 478 78.04 8.73 41.24
C PHE R 478 78.14 8.88 39.72
N THR R 479 77.04 8.62 39.03
CA THR R 479 77.02 8.71 37.58
C THR R 479 75.72 9.36 37.15
N ASP R 480 75.74 9.93 35.95
CA ASP R 480 74.55 10.54 35.37
C ASP R 480 73.90 11.51 36.34
N PHE R 481 74.54 12.66 36.53
CA PHE R 481 73.94 13.83 37.18
C PHE R 481 73.46 14.72 36.04
N LYS R 482 72.14 14.83 35.89
CA LYS R 482 71.54 15.58 34.79
C LYS R 482 70.30 16.30 35.29
N ILE R 483 70.20 17.59 34.96
CA ILE R 483 69.07 18.38 35.42
C ILE R 483 67.81 17.95 34.70
N GLN R 484 66.81 17.52 35.47
CA GLN R 484 65.48 17.25 34.92
C GLN R 484 64.64 18.52 34.83
N ASN R 485 64.81 19.46 35.77
CA ASN R 485 64.11 20.74 35.70
C ASN R 485 64.86 21.75 36.56
N ILE R 486 64.58 23.04 36.32
CA ILE R 486 65.11 24.14 37.12
C ILE R 486 63.94 25.07 37.42
N VAL R 487 63.88 25.58 38.65
CA VAL R 487 62.77 26.42 39.10
C VAL R 487 63.29 27.83 39.35
N GLY R 488 62.47 28.83 39.00
CA GLY R 488 62.79 30.21 39.29
C GLY R 488 61.52 31.01 39.44
N SER R 489 61.63 32.17 40.10
CA SER R 489 60.46 32.98 40.36
C SER R 489 60.85 34.46 40.40
N CYS R 490 59.87 35.32 40.11
CA CYS R 490 60.10 36.76 40.10
C CYS R 490 58.79 37.49 40.37
N ASP R 491 58.88 38.82 40.45
CA ASP R 491 57.73 39.68 40.64
C ASP R 491 58.00 41.05 40.02
N VAL R 492 57.00 41.63 39.38
CA VAL R 492 57.16 42.98 38.83
C VAL R 492 56.55 44.07 39.71
N LYS R 493 55.86 43.70 40.79
CA LYS R 493 55.30 44.65 41.77
C LYS R 493 54.22 45.57 41.18
N PHE R 494 53.56 45.18 40.08
CA PHE R 494 52.43 45.96 39.62
C PHE R 494 51.41 45.05 38.94
N PRO R 495 50.14 45.45 38.88
CA PRO R 495 49.14 44.65 38.17
C PRO R 495 49.38 44.63 36.67
N ILE R 496 48.93 43.54 36.04
CA ILE R 496 49.01 43.35 34.60
C ILE R 496 47.71 42.68 34.16
N ARG R 497 47.25 43.00 32.95
CA ARG R 497 45.99 42.44 32.49
C ARG R 497 46.21 41.12 31.75
N LEU R 498 45.77 40.03 32.37
CA LEU R 498 45.89 38.70 31.80
C LEU R 498 44.70 38.48 30.88
N GLU R 499 43.53 38.98 31.24
CA GLU R 499 42.34 38.77 30.42
C GLU R 499 42.61 39.01 28.92
N GLY R 500 43.18 40.17 28.60
CA GLY R 500 43.65 40.43 27.26
C GLY R 500 44.94 39.76 26.84
N LEU R 501 45.87 39.64 27.78
CA LEU R 501 47.12 38.91 27.52
C LEU R 501 46.81 37.49 27.08
N ALA R 502 46.01 36.77 27.85
CA ALA R 502 45.47 35.50 27.41
C ALA R 502 44.72 35.62 26.09
N PHE R 503 43.77 36.55 25.99
CA PHE R 503 43.08 36.80 24.73
C PHE R 503 44.05 37.02 23.58
N SER R 504 45.21 37.61 23.84
CA SER R 504 46.26 37.74 22.85
C SER R 504 47.04 36.43 22.71
N HIS R 505 47.72 36.02 23.77
CA HIS R 505 48.68 34.92 23.71
C HIS R 505 48.07 33.58 24.06
N GLY R 506 46.75 33.48 24.23
CA GLY R 506 46.14 32.18 24.53
C GLY R 506 46.48 31.11 23.52
N THR R 507 46.93 31.50 22.33
CA THR R 507 47.74 30.61 21.52
C THR R 507 48.86 29.97 22.35
N PHE R 508 49.75 30.78 22.91
CA PHE R 508 50.85 30.31 23.74
C PHE R 508 50.52 30.36 25.23
N SER R 509 49.31 30.77 25.59
CA SER R 509 48.93 30.93 26.99
C SER R 509 47.73 30.04 27.29
N SER R 510 47.53 29.76 28.58
CA SER R 510 46.35 29.04 29.03
C SER R 510 45.91 29.62 30.36
N TYR R 511 44.61 29.91 30.49
CA TYR R 511 44.05 30.28 31.78
C TYR R 511 42.58 29.88 31.83
N GLU R 512 42.14 29.46 33.00
CA GLU R 512 40.74 29.30 33.31
C GLU R 512 40.44 29.91 34.67
N PRO R 513 39.31 30.58 34.83
CA PRO R 513 39.14 31.45 36.00
C PRO R 513 39.18 30.71 37.33
N GLU R 514 38.41 29.65 37.45
CA GLU R 514 38.45 28.89 38.69
C GLU R 514 39.39 27.71 38.66
N LEU R 515 39.88 27.29 37.49
CA LEU R 515 40.74 26.11 37.45
C LEU R 515 42.02 26.34 38.24
N PHE R 516 42.46 27.59 38.34
CA PHE R 516 43.70 27.95 39.01
C PHE R 516 43.83 29.47 38.98
N PRO R 517 44.26 30.09 40.08
CA PRO R 517 44.32 31.56 40.10
C PRO R 517 45.35 32.14 39.16
N GLY R 518 46.53 31.53 39.03
CA GLY R 518 47.56 32.04 38.15
C GLY R 518 47.30 31.63 36.71
N LEU R 519 48.04 32.22 35.79
CA LEU R 519 47.88 31.93 34.38
C LEU R 519 49.00 31.02 33.89
N ILE R 520 48.66 30.09 33.01
CA ILE R 520 49.64 29.19 32.40
C ILE R 520 50.04 29.75 31.05
N TYR R 521 51.32 30.02 30.88
CA TYR R 521 51.87 30.40 29.59
C TYR R 521 52.75 29.27 29.10
N ARG R 522 52.79 29.09 27.78
CA ARG R 522 53.62 28.06 27.17
C ARG R 522 54.47 28.73 26.09
N MET R 523 55.78 28.78 26.33
CA MET R 523 56.71 29.24 25.32
C MET R 523 57.37 28.04 24.65
N VAL R 524 57.36 28.04 23.32
CA VAL R 524 58.05 27.00 22.56
C VAL R 524 59.53 27.27 22.40
N LYS R 525 59.95 28.54 22.35
CA LYS R 525 61.35 28.88 22.11
C LYS R 525 61.88 29.89 23.13
N PRO R 526 62.49 29.40 24.22
CA PRO R 526 62.66 27.98 24.55
C PRO R 526 61.42 27.38 25.20
N LYS R 527 61.47 26.10 25.55
CA LYS R 527 60.26 25.40 26.01
C LYS R 527 60.20 25.46 27.53
N ILE R 528 59.28 26.28 28.04
CA ILE R 528 59.11 26.53 29.46
C ILE R 528 57.65 26.86 29.73
N VAL R 529 57.14 26.43 30.88
CA VAL R 529 55.82 26.84 31.36
C VAL R 529 56.00 28.05 32.26
N LEU R 530 55.15 29.05 32.09
CA LEU R 530 55.24 30.27 32.87
C LEU R 530 54.02 30.40 33.78
N LEU R 531 54.28 30.61 35.07
CA LEU R 531 53.24 30.73 36.08
C LEU R 531 53.03 32.22 36.33
N ILE R 532 51.80 32.68 36.17
CA ILE R 532 51.53 34.11 36.08
C ILE R 532 50.57 34.53 37.19
N PHE R 533 50.75 35.75 37.68
CA PHE R 533 49.86 36.36 38.67
C PHE R 533 49.77 37.86 38.41
N VAL R 534 48.57 38.40 38.64
CA VAL R 534 48.37 39.84 38.50
C VAL R 534 49.09 40.59 39.60
N SER R 535 49.47 39.88 40.66
CA SER R 535 50.38 40.46 41.65
C SER R 535 51.70 40.87 41.04
N GLY R 536 51.96 40.46 39.81
CA GLY R 536 53.27 40.59 39.21
C GLY R 536 54.19 39.43 39.49
N LYS R 537 53.86 38.60 40.48
CA LYS R 537 54.68 37.46 40.85
C LYS R 537 54.61 36.44 39.73
N ILE R 538 55.78 36.10 39.18
CA ILE R 538 55.84 35.19 38.05
C ILE R 538 56.81 34.06 38.38
N VAL R 539 56.39 32.83 38.12
CA VAL R 539 57.22 31.65 38.38
C VAL R 539 57.52 31.04 37.02
N LEU R 540 58.79 31.14 36.62
CA LEU R 540 59.27 30.50 35.39
C LEU R 540 59.92 29.18 35.81
N THR R 541 59.39 28.08 35.29
CA THR R 541 59.87 26.75 35.64
C THR R 541 59.54 25.80 34.50
N GLY R 542 60.19 24.64 34.52
CA GLY R 542 60.10 23.68 33.45
C GLY R 542 61.29 23.64 32.53
N ALA R 543 62.37 24.33 32.86
CA ALA R 543 63.58 24.36 32.05
C ALA R 543 64.68 23.56 32.72
N LYS R 544 65.54 22.97 31.90
CA LYS R 544 66.71 22.26 32.37
C LYS R 544 67.98 23.11 32.34
N GLN R 545 67.89 24.38 31.96
CA GLN R 545 69.05 25.24 31.82
C GLN R 545 68.83 26.57 32.53
N ARG R 546 69.89 27.08 33.16
CA ARG R 546 69.80 28.33 33.90
C ARG R 546 69.47 29.53 33.02
N GLU R 547 70.22 29.71 31.93
CA GLU R 547 70.08 30.92 31.13
C GLU R 547 68.71 31.02 30.48
N GLU R 548 68.10 29.88 30.16
CA GLU R 548 66.76 29.89 29.59
C GLU R 548 65.77 30.63 30.49
N ILE R 549 66.01 30.62 31.80
CA ILE R 549 65.19 31.40 32.72
C ILE R 549 65.09 32.84 32.25
N TYR R 550 66.22 33.53 32.17
CA TYR R 550 66.20 34.94 31.83
C TYR R 550 65.98 35.15 30.35
N GLN R 551 66.26 34.14 29.52
CA GLN R 551 65.93 34.21 28.11
C GLN R 551 64.43 34.34 27.90
N ALA R 552 63.65 33.40 28.44
CA ALA R 552 62.20 33.47 28.32
C ALA R 552 61.64 34.61 29.15
N PHE R 553 62.18 34.82 30.35
CA PHE R 553 61.74 35.91 31.20
C PHE R 553 61.87 37.26 30.52
N GLU R 554 63.09 37.70 30.25
CA GLU R 554 63.26 38.99 29.59
C GLU R 554 62.69 38.96 28.18
N ALA R 555 62.53 37.76 27.60
CA ALA R 555 61.87 37.64 26.31
C ALA R 555 60.42 38.07 26.36
N ILE R 556 59.68 37.65 27.40
CA ILE R 556 58.28 38.03 27.55
C ILE R 556 58.12 39.32 28.33
N TYR R 557 59.21 39.84 28.91
CA TYR R 557 59.13 41.12 29.62
C TYR R 557 58.53 42.24 28.78
N PRO R 558 58.82 42.37 27.48
CA PRO R 558 58.09 43.38 26.68
C PRO R 558 56.59 43.19 26.71
N VAL R 559 56.10 41.97 26.94
CA VAL R 559 54.67 41.78 27.13
C VAL R 559 54.28 42.20 28.54
N LEU R 560 55.16 41.96 29.50
CA LEU R 560 54.88 42.34 30.89
C LEU R 560 54.72 43.84 31.03
N SER R 561 55.75 44.61 30.66
CA SER R 561 55.63 46.05 30.65
C SER R 561 54.71 46.55 29.56
N GLU R 562 54.51 45.74 28.51
CA GLU R 562 53.53 46.08 27.48
C GLU R 562 52.14 46.23 28.07
N PHE R 563 51.74 45.34 28.96
CA PHE R 563 50.42 45.43 29.59
C PHE R 563 50.57 45.99 31.00
N ARG R 564 50.18 47.24 31.14
CA ARG R 564 50.23 47.98 32.39
C ARG R 564 49.09 48.98 32.44
N LYS R 565 48.79 49.47 33.63
CA LYS R 565 47.63 50.31 33.85
C LYS R 565 48.05 51.60 34.54
N MET R 566 47.16 52.59 34.49
CA MET R 566 47.43 53.91 35.04
C MET R 566 46.24 54.44 35.81
N SER R 576 62.82 45.95 37.02
CA SER R 576 62.81 47.34 36.55
C SER R 576 62.70 47.37 35.04
N GLY R 577 63.13 48.49 34.45
CA GLY R 577 63.11 48.62 33.00
C GLY R 577 64.43 48.21 32.37
N SER R 578 65.42 47.89 33.20
CA SER R 578 66.74 47.56 32.67
C SER R 578 67.09 46.11 32.97
N PRO R 579 67.14 45.24 31.96
CA PRO R 579 67.66 43.87 32.17
C PRO R 579 69.15 43.85 32.48
N ARG R 580 69.85 44.96 32.31
CA ARG R 580 71.31 45.01 32.38
C ARG R 580 71.85 44.09 31.28
N ASN R 581 72.62 43.06 31.63
CA ASN R 581 73.09 42.11 30.65
C ASN R 581 72.20 40.88 30.66
N LEU R 582 71.95 40.34 29.46
CA LEU R 582 71.13 39.15 29.35
C LEU R 582 71.73 37.98 30.10
N HIS R 583 73.05 37.83 30.06
CA HIS R 583 73.76 36.80 30.82
C HIS R 583 74.79 37.50 31.69
N LEU R 584 74.60 37.44 33.01
CA LEU R 584 75.53 38.02 33.97
C LEU R 584 76.35 36.96 34.69
N LEU R 585 75.70 36.12 35.48
CA LEU R 585 76.42 35.19 36.34
C LEU R 585 77.02 34.04 35.54
N PRO R 586 77.94 33.28 36.13
CA PRO R 586 78.47 32.09 35.45
C PRO R 586 77.38 31.09 35.14
N THR R 587 77.69 30.18 34.21
CA THR R 587 76.71 29.25 33.68
C THR R 587 76.41 28.15 34.69
N THR R 588 75.52 27.23 34.28
CA THR R 588 75.28 26.02 35.04
C THR R 588 76.53 25.15 35.08
N ASP R 589 77.18 24.95 33.93
CA ASP R 589 78.36 24.09 33.85
C ASP R 589 79.50 24.59 34.72
N THR R 590 79.54 25.89 35.01
CA THR R 590 80.56 26.41 35.94
C THR R 590 80.40 25.79 37.32
N TYR R 591 79.22 25.94 37.92
CA TYR R 591 78.98 25.35 39.23
C TYR R 591 79.01 23.82 39.17
N LEU R 592 78.65 23.24 38.02
CA LEU R 592 78.81 21.80 37.86
C LEU R 592 80.27 21.37 37.97
N SER R 593 81.19 22.12 37.34
CA SER R 593 82.61 21.84 37.48
C SER R 593 83.14 22.22 38.84
N LYS R 594 82.47 23.12 39.56
CA LYS R 594 82.90 23.50 40.90
C LYS R 594 82.78 22.34 41.89
N VAL R 595 82.12 21.26 41.48
CA VAL R 595 81.97 20.07 42.30
C VAL R 595 82.62 18.89 41.59
N SER R 596 83.17 17.96 42.35
CA SER R 596 83.81 16.78 41.77
C SER R 596 82.84 16.02 40.88
N ASP R 597 83.24 15.81 39.63
CA ASP R 597 82.46 15.03 38.68
C ASP R 597 82.84 13.56 38.68
N ASP R 598 83.93 13.20 39.34
CA ASP R 598 84.38 11.81 39.36
C ASP R 598 83.64 11.05 40.44
N PRO R 599 82.87 10.01 40.10
CA PRO R 599 82.16 9.23 41.12
C PRO R 599 83.03 8.75 42.26
N ASP R 600 84.32 8.51 42.03
CA ASP R 600 85.16 7.97 43.09
C ASP R 600 85.73 9.07 43.97
N ASN R 601 85.34 10.33 43.73
CA ASN R 601 85.63 11.35 44.73
C ASN R 601 84.46 11.44 45.68
N LEU R 602 84.64 10.91 46.88
CA LEU R 602 83.54 10.75 47.82
C LEU R 602 83.97 11.20 49.20
N GLU R 603 84.93 10.46 49.78
CA GLU R 603 85.54 10.78 51.06
C GLU R 603 86.06 12.20 51.11
N ASP R 604 86.44 12.78 49.97
CA ASP R 604 86.84 14.18 49.93
C ASP R 604 85.73 15.13 50.34
N VAL R 605 84.51 14.91 49.83
CA VAL R 605 83.38 15.78 50.15
C VAL R 605 82.58 15.25 51.33
N ASP R 606 83.01 14.16 51.96
CA ASP R 606 82.33 13.65 53.14
C ASP R 606 82.34 14.71 54.25
N ASP R 607 81.16 15.04 54.76
CA ASP R 607 81.01 16.04 55.80
C ASP R 607 81.56 15.59 57.15
N GLU R 608 81.88 14.31 57.27
CA GLU R 608 82.37 13.67 58.49
C GLU R 608 81.22 13.51 59.49
N GLU R 609 80.12 14.22 59.26
CA GLU R 609 78.88 13.91 59.99
C GLU R 609 78.16 12.74 59.34
N LEU R 610 78.44 12.49 58.05
CA LEU R 610 77.88 11.28 57.44
C LEU R 610 78.56 10.06 58.03
N ASN R 611 79.82 10.20 58.44
CA ASN R 611 80.40 9.21 59.35
C ASN R 611 79.51 9.02 60.57
N ALA R 612 78.94 10.10 61.09
CA ALA R 612 78.03 10.04 62.23
C ALA R 612 76.57 9.90 61.84
N HIS R 613 76.22 10.09 60.57
CA HIS R 613 74.83 9.87 60.16
C HIS R 613 74.43 8.41 60.17
N LEU R 614 75.39 7.48 60.18
CA LEU R 614 75.09 6.09 60.45
C LEU R 614 74.76 5.95 61.94
N LEU R 615 74.09 4.85 62.27
CA LEU R 615 73.66 4.60 63.63
C LEU R 615 74.15 3.24 64.09
N ASN R 616 74.03 2.98 65.39
CA ASN R 616 74.58 1.75 65.94
C ASN R 616 73.77 0.55 65.48
N GLU R 617 74.21 -0.64 65.87
CA GLU R 617 73.45 -1.84 65.51
C GLU R 617 72.22 -1.98 66.40
N GLU R 618 72.26 -1.38 67.60
CA GLU R 618 71.10 -1.44 68.48
C GLU R 618 69.92 -0.67 67.90
N ALA R 619 70.15 0.57 67.45
CA ALA R 619 69.06 1.35 66.91
C ALA R 619 68.55 0.78 65.59
N SER R 620 69.32 -0.10 64.96
CA SER R 620 68.78 -0.87 63.84
C SER R 620 67.95 -2.05 64.34
N LYS R 621 68.41 -2.72 65.39
CA LYS R 621 67.65 -3.80 66.02
C LYS R 621 66.44 -3.30 66.79
N LEU R 622 66.24 -1.98 66.87
CA LEU R 622 65.10 -1.37 67.52
C LEU R 622 64.23 -0.58 66.55
N LYS R 623 64.80 0.45 65.91
CA LYS R 623 64.14 1.08 64.77
C LYS R 623 63.67 0.05 63.75
N GLU R 624 64.62 -0.65 63.12
CA GLU R 624 64.28 -1.71 62.17
C GLU R 624 63.29 -2.69 62.77
N ARG R 625 63.42 -3.00 64.06
CA ARG R 625 62.46 -3.88 64.71
C ARG R 625 61.06 -3.31 64.61
N ILE R 626 60.87 -2.05 65.00
CA ILE R 626 59.57 -1.40 64.88
C ILE R 626 59.07 -1.48 63.44
N TRP R 627 59.95 -1.19 62.49
CA TRP R 627 59.59 -1.33 61.07
C TRP R 627 59.06 -2.71 60.78
N ILE R 628 59.65 -3.75 61.39
CA ILE R 628 59.23 -5.11 61.09
C ILE R 628 57.89 -5.41 61.74
N GLY R 629 57.72 -5.00 63.00
CA GLY R 629 56.42 -5.13 63.65
C GLY R 629 55.31 -4.44 62.88
N LEU R 630 55.63 -3.36 62.16
CA LEU R 630 54.66 -2.69 61.30
C LEU R 630 54.45 -3.39 59.97
N ASN R 631 55.52 -3.81 59.30
CA ASN R 631 55.50 -4.25 57.91
C ASN R 631 55.42 -5.76 57.77
N ALA R 632 55.30 -6.50 58.87
CA ALA R 632 55.29 -7.96 58.79
C ALA R 632 54.08 -8.47 58.02
N ASP R 633 53.01 -7.67 57.92
CA ASP R 633 51.87 -8.05 57.10
C ASP R 633 52.14 -7.73 55.63
N PHE R 634 52.74 -6.58 55.36
CA PHE R 634 53.13 -6.24 53.99
C PHE R 634 54.07 -7.28 53.41
N LEU R 635 55.25 -7.43 54.00
CA LEU R 635 56.13 -8.54 53.66
C LEU R 635 55.43 -9.89 53.76
N LEU R 636 54.49 -10.02 54.71
CA LEU R 636 53.73 -11.26 54.83
C LEU R 636 52.91 -11.53 53.58
N GLU R 637 52.26 -10.50 53.03
CA GLU R 637 51.51 -10.71 51.80
C GLU R 637 52.46 -10.96 50.63
N GLN R 638 53.61 -10.27 50.61
CA GLN R 638 54.61 -10.55 49.59
C GLN R 638 54.99 -12.03 49.57
N GLU R 639 55.55 -12.52 50.67
CA GLU R 639 55.93 -13.92 50.77
C GLU R 639 54.74 -14.87 50.63
N SER R 640 53.54 -14.42 50.98
CA SER R 640 52.37 -15.27 50.89
C SER R 640 51.98 -15.51 49.44
N LYS R 641 51.88 -14.44 48.66
CA LYS R 641 51.68 -14.61 47.22
C LYS R 641 52.87 -15.33 46.59
N ARG R 642 54.07 -15.13 47.15
CA ARG R 642 55.22 -15.91 46.72
C ARG R 642 54.99 -17.40 46.98
N LEU R 643 54.19 -17.72 47.98
CA LEU R 643 53.75 -19.10 48.15
C LEU R 643 52.69 -19.47 47.13
N LYS R 644 51.77 -18.55 46.83
CA LYS R 644 50.83 -18.79 45.74
C LYS R 644 51.56 -19.14 44.45
N GLN R 645 52.79 -18.67 44.27
CA GLN R 645 53.60 -19.10 43.15
C GLN R 645 53.72 -20.61 43.10
N GLU R 646 53.94 -21.23 44.26
CA GLU R 646 54.05 -22.67 44.36
C GLU R 646 52.68 -23.28 44.08
N ALA R 647 51.64 -22.58 44.53
CA ALA R 647 50.27 -23.02 44.32
C ALA R 647 49.91 -22.82 42.86
N ASP R 648 50.45 -21.77 42.26
CA ASP R 648 50.21 -21.47 40.86
C ASP R 648 50.61 -22.67 40.02
N ILE R 649 51.78 -23.22 40.32
CA ILE R 649 52.27 -24.40 39.61
C ILE R 649 51.23 -25.51 39.60
N ALA R 650 50.61 -25.74 40.76
CA ALA R 650 49.60 -26.78 40.88
C ALA R 650 48.21 -26.14 41.00
N UNK S 317 20.97 57.85 48.52
CA UNK S 317 20.34 58.21 49.78
C UNK S 317 20.38 57.06 50.78
N UNK S 318 20.09 57.38 52.04
CA UNK S 318 19.93 56.40 53.09
C UNK S 318 21.15 55.51 53.34
N UNK S 319 20.95 54.21 53.22
CA UNK S 319 21.94 53.21 53.62
C UNK S 319 23.26 53.29 52.86
N UNK S 320 24.25 52.57 53.39
CA UNK S 320 25.56 52.47 52.76
C UNK S 320 25.74 51.05 52.23
N UNK S 321 26.95 50.53 52.36
CA UNK S 321 27.19 49.12 52.11
C UNK S 321 27.09 48.41 53.45
N UNK S 322 26.74 47.12 53.44
CA UNK S 322 26.51 46.41 54.69
C UNK S 322 27.31 45.13 54.81
N UNK S 323 27.52 44.69 56.05
CA UNK S 323 28.20 43.45 56.33
C UNK S 323 27.18 42.42 56.79
N UNK S 324 26.49 41.81 55.83
CA UNK S 324 25.45 40.82 56.12
C UNK S 324 24.36 41.40 57.00
N UNK S 325 23.80 42.54 56.60
CA UNK S 325 22.72 43.17 57.36
C UNK S 325 21.41 42.44 57.10
N UNK S 326 20.31 43.18 57.16
CA UNK S 326 18.98 42.58 57.01
C UNK S 326 17.93 43.64 56.72
N UNK S 327 16.67 43.24 56.89
CA UNK S 327 15.55 44.17 56.77
C UNK S 327 14.89 44.16 55.40
N UNK S 328 13.59 44.42 55.40
CA UNK S 328 12.80 44.68 54.19
C UNK S 328 12.60 43.50 53.23
N UNK S 329 11.34 43.06 53.13
CA UNK S 329 10.90 42.12 52.11
C UNK S 329 11.54 40.73 52.13
N UNK S 330 10.95 39.81 51.38
CA UNK S 330 11.53 38.51 51.10
C UNK S 330 11.65 37.56 52.30
N UNK S 331 11.23 36.31 52.10
CA UNK S 331 11.23 35.32 53.17
C UNK S 331 11.75 33.96 52.69
N UNK S 332 10.91 32.93 52.79
CA UNK S 332 11.22 31.58 52.29
C UNK S 332 12.49 30.93 52.85
N UNK S 333 13.45 31.75 53.28
CA UNK S 333 14.73 31.25 53.77
C UNK S 333 14.69 30.97 55.26
N UNK S 334 13.50 30.89 55.83
CA UNK S 334 13.34 30.46 57.21
C UNK S 334 13.82 29.02 57.23
N UNK S 335 13.47 28.31 56.16
CA UNK S 335 13.96 26.95 55.95
C UNK S 335 15.48 26.99 55.87
N UNK S 336 16.00 28.03 55.24
CA UNK S 336 17.45 28.21 55.12
C UNK S 336 18.05 28.57 56.48
N UNK S 337 17.26 29.22 57.32
CA UNK S 337 17.72 29.57 58.66
C UNK S 337 17.90 28.28 59.44
N UNK S 338 16.89 27.42 59.39
CA UNK S 338 16.95 26.11 60.02
C UNK S 338 18.12 25.32 59.44
N UNK S 339 18.37 25.53 58.14
CA UNK S 339 19.45 24.84 57.45
C UNK S 339 20.81 25.23 58.01
N UNK S 340 21.04 26.52 58.15
CA UNK S 340 22.29 27.03 58.68
C UNK S 340 22.45 26.55 60.11
N UNK S 341 21.35 26.57 60.86
CA UNK S 341 21.34 26.06 62.22
C UNK S 341 21.82 24.61 62.23
N UNK S 342 21.39 23.86 61.22
CA UNK S 342 21.76 22.45 61.10
C UNK S 342 23.21 22.32 60.68
N UNK S 343 23.73 23.32 59.99
CA UNK S 343 25.11 23.31 59.54
C UNK S 343 26.02 23.49 60.75
N UNK S 344 25.70 24.48 61.57
CA UNK S 344 26.42 24.70 62.81
C UNK S 344 26.26 23.47 63.70
N UNK S 345 25.09 22.86 63.63
CA UNK S 345 24.78 21.68 64.42
C UNK S 345 25.74 20.55 64.09
N UNK S 346 25.71 20.10 62.84
CA UNK S 346 26.58 19.01 62.40
C UNK S 346 28.05 19.41 62.51
N UNK S 347 28.32 20.70 62.53
CA UNK S 347 29.67 21.19 62.73
C UNK S 347 30.08 20.88 64.16
N UNK S 348 29.13 21.01 65.09
CA UNK S 348 29.41 20.78 66.51
C UNK S 348 29.41 19.30 66.86
N UNK S 349 28.59 18.52 66.15
CA UNK S 349 28.48 17.09 66.41
C UNK S 349 29.66 16.36 65.79
N UNK S 350 30.01 16.76 64.56
CA UNK S 350 31.14 16.17 63.86
C UNK S 350 32.43 16.63 64.53
N UNK S 351 32.49 17.92 64.83
CA UNK S 351 33.64 18.50 65.53
C UNK S 351 33.81 17.83 66.88
N UNK S 352 32.68 17.51 67.51
CA UNK S 352 32.68 16.83 68.78
C UNK S 352 33.24 15.43 68.61
N UNK S 353 32.78 14.74 67.56
CA UNK S 353 33.23 13.40 67.25
C UNK S 353 34.73 13.37 67.03
N UNK S 354 35.26 14.46 66.47
CA UNK S 354 36.69 14.61 66.30
C UNK S 354 37.33 14.78 67.67
N UNK S 355 36.76 15.67 68.48
CA UNK S 355 37.28 15.94 69.81
C UNK S 355 36.88 14.85 70.80
N UNK S 356 36.05 13.92 70.35
CA UNK S 356 35.55 12.85 71.21
C UNK S 356 36.67 11.93 71.65
N UNK S 357 37.19 11.13 70.72
CA UNK S 357 38.22 10.15 71.03
C UNK S 357 39.61 10.80 71.10
N UNK S 358 39.65 12.09 71.38
CA UNK S 358 40.90 12.85 71.47
C UNK S 358 41.85 12.24 72.49
N UNK S 359 41.29 11.60 73.51
CA UNK S 359 42.09 10.92 74.52
C UNK S 359 42.73 9.67 73.94
N THR S 360 19.63 -19.33 59.67
CA THR S 360 19.42 -18.69 58.38
C THR S 360 19.67 -19.67 57.23
N ALA S 361 20.06 -20.90 57.59
CA ALA S 361 20.29 -21.94 56.59
C ALA S 361 18.97 -22.54 56.16
N ILE S 362 19.02 -23.54 55.28
CA ILE S 362 17.82 -24.20 54.77
C ILE S 362 17.21 -24.96 55.94
N GLN S 363 15.94 -24.69 56.21
CA GLN S 363 15.23 -25.27 57.34
C GLN S 363 14.28 -26.37 56.88
N LEU S 364 13.51 -26.91 57.82
CA LEU S 364 12.41 -27.81 57.53
C LEU S 364 11.55 -27.94 58.78
N LYS S 365 10.52 -28.78 58.70
CA LYS S 365 9.62 -29.02 59.82
C LYS S 365 9.29 -30.51 59.84
N LEU S 366 8.46 -30.90 60.81
CA LEU S 366 7.95 -32.26 60.92
C LEU S 366 6.83 -32.46 59.90
N ASN S 367 6.29 -33.69 59.91
CA ASN S 367 5.09 -34.04 59.17
C ASN S 367 4.80 -35.52 59.41
N PRO S 368 3.54 -35.88 59.68
CA PRO S 368 3.19 -37.31 59.75
C PRO S 368 3.23 -38.02 58.41
N ASP S 369 2.91 -37.33 57.32
CA ASP S 369 2.81 -37.98 56.02
C ASP S 369 4.21 -38.25 55.47
N GLY S 370 4.89 -37.21 54.99
CA GLY S 370 6.31 -37.32 54.74
C GLY S 370 7.04 -37.34 56.06
N THR S 371 7.86 -38.37 56.30
CA THR S 371 8.54 -38.42 57.59
C THR S 371 9.69 -37.43 57.61
N MET S 372 9.65 -36.48 58.55
CA MET S 372 10.70 -35.48 58.73
C MET S 372 10.93 -34.71 57.44
N ALA S 373 9.89 -33.97 57.05
CA ALA S 373 9.76 -33.41 55.72
C ALA S 373 10.62 -32.16 55.55
N ILE S 374 11.47 -32.20 54.52
CA ILE S 374 12.22 -31.04 54.05
C ILE S 374 11.28 -30.14 53.26
N ASP S 375 11.48 -28.83 53.36
CA ASP S 375 10.68 -27.89 52.60
C ASP S 375 11.44 -27.42 51.35
N GLU S 376 10.85 -26.46 50.65
CA GLU S 376 11.50 -25.75 49.56
C GLU S 376 11.83 -24.33 50.02
N GLU S 377 10.81 -23.64 50.55
CA GLU S 377 10.83 -22.19 50.77
C GLU S 377 12.15 -21.70 51.34
N THR S 378 12.78 -22.46 52.22
CA THR S 378 14.03 -22.03 52.83
C THR S 378 15.24 -22.24 51.93
N MET S 379 15.04 -22.73 50.71
CA MET S 379 16.16 -22.91 49.77
C MET S 379 16.91 -21.61 49.52
N VAL S 380 16.18 -20.52 49.31
CA VAL S 380 16.79 -19.26 48.90
C VAL S 380 16.35 -18.15 49.84
N VAL S 381 17.04 -17.02 49.75
CA VAL S 381 16.91 -15.96 50.75
C VAL S 381 16.22 -14.75 50.13
N ASP S 382 15.48 -14.02 50.98
CA ASP S 382 14.92 -12.73 50.62
C ASP S 382 15.97 -11.63 50.59
N ARG S 383 16.86 -11.59 51.59
CA ARG S 383 17.83 -10.53 51.82
C ARG S 383 17.13 -9.30 52.39
N HIS S 384 15.81 -9.24 52.23
CA HIS S 384 15.05 -8.12 52.79
C HIS S 384 14.38 -8.47 54.11
N LYS S 385 14.48 -9.72 54.55
CA LYS S 385 13.98 -10.06 55.88
C LYS S 385 14.79 -9.38 56.96
N ASN S 386 16.11 -9.58 56.94
CA ASN S 386 16.98 -8.80 57.81
C ASN S 386 16.94 -7.32 57.49
N ALA S 387 17.14 -6.95 56.23
CA ALA S 387 17.20 -5.56 55.79
C ALA S 387 15.99 -4.74 56.20
N SER S 388 14.81 -5.01 55.65
CA SER S 388 13.65 -4.16 55.90
C SER S 388 13.32 -4.08 57.38
N ILE S 389 13.47 -5.19 58.12
CA ILE S 389 13.26 -5.15 59.56
C ILE S 389 14.36 -4.35 60.23
N GLU S 390 15.60 -4.51 59.76
CA GLU S 390 16.68 -3.65 60.24
C GLU S 390 16.50 -2.21 59.79
N ASN S 391 15.99 -2.01 58.57
CA ASN S 391 15.71 -0.68 58.04
C ASN S 391 14.77 0.11 58.92
N GLU S 392 13.96 -0.57 59.73
CA GLU S 392 12.98 0.06 60.60
C GLU S 392 13.61 1.04 61.57
N TYR S 393 14.68 0.63 62.26
CA TYR S 393 15.33 1.49 63.24
C TYR S 393 16.37 2.39 62.62
N LYS S 394 16.55 2.34 61.31
CA LYS S 394 17.35 3.37 60.65
C LYS S 394 16.74 4.74 60.89
N GLU S 395 17.62 5.72 61.06
CA GLU S 395 17.18 7.07 61.41
C GLU S 395 16.46 7.72 60.24
N LYS S 396 15.23 8.16 60.47
CA LYS S 396 14.42 8.83 59.46
C LYS S 396 14.67 10.31 59.49
N VAL S 397 15.19 10.85 58.38
CA VAL S 397 15.53 12.26 58.28
C VAL S 397 15.18 12.71 56.88
N ASP S 398 14.67 13.94 56.77
CA ASP S 398 14.23 14.50 55.50
C ASP S 398 15.18 15.60 55.04
N GLU S 399 15.23 15.79 53.73
CA GLU S 399 16.19 16.69 53.11
C GLU S 399 15.51 18.01 52.77
N ASN S 400 15.88 19.06 53.48
CA ASN S 400 15.61 20.38 52.95
C ASN S 400 16.57 20.63 51.78
N PRO S 401 16.25 21.59 50.90
CA PRO S 401 17.13 21.84 49.75
C PRO S 401 18.58 22.08 50.13
N PHE S 402 18.84 22.65 51.29
CA PHE S 402 20.15 23.22 51.60
C PHE S 402 21.04 22.34 52.47
N ALA S 403 20.59 21.16 52.90
CA ALA S 403 21.44 20.34 53.78
C ALA S 403 22.70 19.87 53.07
N ASN S 404 22.56 19.21 51.93
CA ASN S 404 23.70 18.69 51.18
C ASN S 404 24.32 19.74 50.30
N LEU S 405 23.83 20.98 50.41
CA LEU S 405 24.30 22.08 49.58
C LEU S 405 25.82 22.16 49.67
N TYR S 406 26.46 22.27 48.51
CA TYR S 406 27.86 21.93 48.36
C TYR S 406 28.60 23.04 47.62
N ASN S 407 29.93 22.92 47.63
CA ASN S 407 30.77 23.90 46.96
C ASN S 407 32.09 23.20 46.58
N TYR S 408 33.10 23.99 46.23
CA TYR S 408 34.42 23.44 45.96
C TYR S 408 34.93 22.57 47.09
N GLY S 409 34.47 22.81 48.32
CA GLY S 409 34.86 21.98 49.44
C GLY S 409 34.30 20.58 49.35
N SER S 410 33.16 20.44 48.67
CA SER S 410 32.56 19.12 48.53
C SER S 410 33.46 18.20 47.74
N TYR S 411 33.49 16.93 48.15
CA TYR S 411 34.24 15.91 47.44
C TYR S 411 35.70 16.31 47.34
N GLY S 412 36.45 16.21 48.44
CA GLY S 412 37.84 16.63 48.38
C GLY S 412 38.72 15.76 49.25
N ARG S 413 40.02 15.85 48.97
CA ARG S 413 41.00 15.06 49.68
C ARG S 413 41.55 15.84 50.87
N GLY S 414 41.77 15.12 51.96
CA GLY S 414 42.16 15.74 53.22
C GLY S 414 40.96 16.15 54.04
N SER S 415 41.16 16.11 55.37
CA SER S 415 40.11 16.45 56.31
C SER S 415 40.65 17.51 57.27
N TYR S 416 39.85 17.85 58.28
CA TYR S 416 40.27 18.86 59.24
C TYR S 416 41.42 18.33 60.09
N THR S 417 42.32 19.24 60.46
CA THR S 417 43.49 18.92 61.25
C THR S 417 43.31 19.49 62.66
N ASP S 418 43.17 18.61 63.63
CA ASP S 418 43.07 19.04 65.02
C ASP S 418 44.35 19.78 65.40
N PRO S 419 44.26 20.99 65.97
CA PRO S 419 45.46 21.73 66.32
C PRO S 419 46.32 20.98 67.32
N TRP S 420 47.58 21.39 67.41
CA TRP S 420 48.59 20.66 68.15
C TRP S 420 49.05 21.44 69.37
N THR S 421 48.72 20.92 70.55
CA THR S 421 49.15 21.55 71.79
C THR S 421 50.63 21.23 72.04
N VAL S 422 51.17 21.78 73.12
CA VAL S 422 52.58 21.59 73.43
C VAL S 422 52.84 20.14 73.82
N GLU S 423 52.04 19.60 74.74
CA GLU S 423 52.10 18.19 75.08
C GLU S 423 52.04 17.30 73.84
N GLU S 424 51.15 17.62 72.91
CA GLU S 424 51.09 16.88 71.65
C GLU S 424 52.33 17.10 70.80
N MET S 425 53.09 18.17 71.07
CA MET S 425 54.31 18.46 70.32
C MET S 425 55.59 17.95 70.98
N ILE S 426 55.55 17.50 72.24
CA ILE S 426 56.82 17.24 72.94
C ILE S 426 57.43 15.92 72.48
N LYS S 427 56.64 14.85 72.43
CA LYS S 427 57.15 13.61 71.85
C LYS S 427 57.45 13.80 70.38
N PHE S 428 56.83 14.81 69.76
CA PHE S 428 57.22 15.22 68.41
C PHE S 428 58.64 15.78 68.40
N TYR S 429 59.01 16.58 69.41
CA TYR S 429 60.41 16.96 69.54
C TYR S 429 61.28 15.77 69.85
N LYS S 430 60.82 14.89 70.76
CA LYS S 430 61.62 13.73 71.15
C LYS S 430 62.00 12.89 69.95
N ALA S 431 61.01 12.44 69.18
CA ALA S 431 61.26 11.59 68.02
C ALA S 431 62.33 12.17 67.11
N LEU S 432 62.29 13.49 66.89
CA LEU S 432 63.32 14.16 66.10
C LEU S 432 64.70 14.02 66.74
N SER S 433 64.78 13.96 68.07
CA SER S 433 66.05 13.84 68.76
C SER S 433 66.43 12.42 69.12
N MET S 434 65.60 11.42 68.77
CA MET S 434 65.96 10.06 69.19
C MET S 434 66.75 9.37 68.08
N TRP S 435 66.03 8.82 67.11
CA TRP S 435 66.64 8.19 65.93
C TRP S 435 66.86 9.14 64.77
N GLY S 436 65.89 9.96 64.44
CA GLY S 436 65.87 10.64 63.16
C GLY S 436 64.45 11.04 62.79
N THR S 437 64.23 11.15 61.47
CA THR S 437 63.11 11.89 60.89
C THR S 437 61.91 11.01 60.51
N ASP S 438 61.93 9.71 60.81
CA ASP S 438 60.91 8.84 60.23
C ASP S 438 59.52 9.16 60.80
N PHE S 439 58.59 9.53 59.93
CA PHE S 439 57.24 9.86 60.34
C PHE S 439 56.37 8.62 60.52
N ASN S 440 56.67 7.54 59.79
CA ASN S 440 55.93 6.30 59.96
C ASN S 440 55.94 5.87 61.42
N LEU S 441 57.06 6.07 62.11
CA LEU S 441 57.12 5.81 63.54
C LEU S 441 56.54 6.95 64.36
N ILE S 442 56.43 8.14 63.78
CA ILE S 442 55.87 9.25 64.54
C ILE S 442 54.37 9.09 64.68
N SER S 443 53.70 8.56 63.64
CA SER S 443 52.30 8.22 63.78
C SER S 443 52.07 7.15 64.83
N GLN S 444 53.12 6.41 65.20
CA GLN S 444 53.02 5.49 66.33
C GLN S 444 52.93 6.24 67.65
N LEU S 445 53.49 7.45 67.73
CA LEU S 445 53.25 8.28 68.91
C LEU S 445 51.76 8.59 69.06
N TYR S 446 51.10 8.96 67.99
CA TYR S 446 49.69 9.31 68.01
C TYR S 446 48.95 8.55 66.91
N PRO S 447 48.68 7.26 67.11
CA PRO S 447 47.90 6.53 66.11
C PRO S 447 46.51 6.95 65.66
N TYR S 448 45.74 7.59 66.54
CA TYR S 448 44.52 8.28 66.09
C TYR S 448 44.75 9.71 65.38
N ARG S 449 46.04 9.94 65.25
CA ARG S 449 46.63 11.09 64.56
C ARG S 449 47.29 10.48 63.32
N SER S 450 47.29 11.21 62.21
CA SER S 450 47.83 10.73 60.95
C SER S 450 49.20 11.37 60.70
N ARG S 451 50.13 10.57 60.17
CA ARG S 451 51.50 11.01 59.96
C ARG S 451 51.64 12.03 58.83
N LYS S 452 50.84 11.92 57.78
CA LYS S 452 50.86 12.91 56.71
C LYS S 452 50.71 14.32 57.24
N GLN S 453 49.83 14.52 58.22
CA GLN S 453 49.74 15.80 58.91
C GLN S 453 51.02 16.13 59.66
N VAL S 454 51.59 15.15 60.36
CA VAL S 454 52.86 15.35 61.03
C VAL S 454 53.97 15.73 60.05
N LYS S 455 53.91 15.21 58.83
CA LYS S 455 54.84 15.64 57.81
C LYS S 455 54.58 17.08 57.40
N ALA S 456 53.33 17.40 57.06
CA ALA S 456 52.97 18.76 56.69
C ALA S 456 53.24 19.75 57.82
N LYS S 457 52.73 19.48 59.02
CA LYS S 457 53.02 20.35 60.16
C LYS S 457 54.51 20.47 60.40
N PHE S 458 55.23 19.34 60.38
CA PHE S 458 56.68 19.39 60.54
C PHE S 458 57.31 20.32 59.53
N VAL S 459 56.75 20.41 58.33
CA VAL S 459 57.24 21.39 57.39
C VAL S 459 56.87 22.79 57.84
N ASN S 460 55.65 22.98 58.33
CA ASN S 460 55.23 24.31 58.79
C ASN S 460 56.15 24.83 59.90
N GLU S 461 56.08 24.23 61.09
CA GLU S 461 56.93 24.68 62.18
C GLU S 461 58.41 24.56 61.82
N GLU S 462 58.75 23.59 60.97
CA GLU S 462 60.09 23.52 60.42
C GLU S 462 60.49 24.84 59.76
N LYS S 463 59.56 25.47 59.04
CA LYS S 463 59.87 26.77 58.44
C LYS S 463 59.71 27.89 59.47
N LYS S 464 58.72 27.79 60.35
CA LYS S 464 58.56 28.81 61.40
C LYS S 464 59.79 28.87 62.30
N ARG S 465 60.17 27.75 62.89
CA ARG S 465 61.29 27.69 63.83
C ARG S 465 62.31 26.66 63.33
N PRO S 466 63.13 27.03 62.33
CA PRO S 466 64.23 26.15 61.96
C PRO S 466 65.24 25.97 63.08
N ILE S 467 65.26 26.87 64.07
CA ILE S 467 66.21 26.74 65.17
C ILE S 467 65.86 25.53 66.03
N LEU S 468 64.58 25.40 66.41
CA LEU S 468 64.15 24.22 67.14
C LEU S 468 64.36 22.95 66.31
N ILE S 469 64.36 23.09 64.98
CA ILE S 469 64.73 21.96 64.13
C ILE S 469 66.22 21.67 64.26
N GLU S 470 67.03 22.71 64.48
CA GLU S 470 68.47 22.48 64.65
C GLU S 470 68.76 21.82 65.98
N LEU S 471 68.01 22.18 67.03
CA LEU S 471 68.15 21.47 68.29
C LEU S 471 67.65 20.04 68.18
N ALA S 472 66.43 19.85 67.67
CA ALA S 472 65.83 18.52 67.56
C ALA S 472 66.65 17.57 66.70
N LEU S 473 66.95 17.95 65.46
CA LEU S 473 67.71 17.08 64.56
C LEU S 473 69.21 17.11 64.85
N ARG S 474 69.79 18.30 65.04
CA ARG S 474 71.23 18.39 65.23
C ARG S 474 71.66 17.74 66.54
N SER S 475 71.00 18.09 67.64
CA SER S 475 71.29 17.46 68.92
C SER S 475 70.48 16.17 69.04
N LYS S 476 71.16 15.04 69.13
CA LYS S 476 70.53 13.73 69.21
C LYS S 476 70.87 13.10 70.55
N LEU S 477 69.87 12.95 71.40
CA LEU S 477 70.03 12.19 72.61
C LEU S 477 69.81 10.71 72.33
N PRO S 478 70.39 9.82 73.14
CA PRO S 478 70.30 8.38 72.83
C PRO S 478 68.87 7.93 72.71
N PRO S 479 68.52 7.26 71.60
CA PRO S 479 67.13 6.85 71.38
C PRO S 479 66.65 5.69 72.26
N ASN S 480 67.54 4.80 72.69
CA ASN S 480 67.18 3.51 73.27
C ASN S 480 66.22 3.63 74.45
N PHE S 481 66.27 4.72 75.22
CA PHE S 481 65.50 4.79 76.44
C PHE S 481 64.06 5.22 76.21
N ASP S 482 63.84 6.48 75.84
CA ASP S 482 62.48 6.98 75.73
C ASP S 482 61.78 6.44 74.50
N GLU S 483 62.53 6.14 73.42
CA GLU S 483 61.92 5.47 72.29
C GLU S 483 61.51 4.05 72.66
N TYR S 484 62.00 3.52 73.78
CA TYR S 484 61.46 2.27 74.29
C TYR S 484 60.14 2.49 75.01
N CYS S 485 60.04 3.57 75.79
CA CYS S 485 58.80 3.90 76.48
C CYS S 485 57.66 4.21 75.53
N CYS S 486 57.88 5.09 74.55
CA CYS S 486 56.89 5.35 73.52
C CYS S 486 56.84 4.27 72.45
N GLU S 487 57.93 3.53 72.27
CA GLU S 487 57.94 2.39 71.37
C GLU S 487 56.85 1.40 71.75
N ILE S 488 56.76 1.07 73.05
CA ILE S 488 55.73 0.17 73.53
C ILE S 488 54.64 1.05 74.14
N LYS S 489 53.57 1.16 73.36
CA LYS S 489 52.36 1.89 73.70
C LYS S 489 51.26 0.90 73.32
N LYS S 490 51.41 0.30 72.15
CA LYS S 490 50.46 -0.68 71.65
C LYS S 490 51.03 -2.09 71.76
N ASN S 491 51.91 -2.27 72.74
CA ASN S 491 52.58 -3.54 73.05
C ASN S 491 52.92 -4.50 71.89
N ILE S 492 53.98 -4.19 71.15
CA ILE S 492 54.43 -5.04 70.06
C ILE S 492 55.06 -6.31 70.66
N GLY S 493 55.00 -7.42 69.95
CA GLY S 493 55.55 -8.64 70.51
C GLY S 493 56.16 -9.52 69.43
N THR S 494 57.19 -10.28 69.84
CA THR S 494 57.87 -11.26 68.99
C THR S 494 58.08 -10.72 67.58
N VAL S 495 58.82 -9.63 67.44
CA VAL S 495 58.91 -8.96 66.15
C VAL S 495 59.66 -9.82 65.15
N ALA S 496 60.89 -10.21 65.48
CA ALA S 496 61.62 -11.14 64.63
C ALA S 496 61.13 -12.57 64.79
N ASP S 497 60.54 -12.90 65.94
CA ASP S 497 60.04 -14.24 66.19
C ASP S 497 58.75 -14.55 65.43
N PHE S 498 57.74 -13.69 65.52
CA PHE S 498 56.51 -13.94 64.77
C PHE S 498 56.75 -13.92 63.27
N ASN S 499 57.83 -13.28 62.82
CA ASN S 499 58.29 -13.48 61.45
C ASN S 499 58.49 -14.96 61.16
N GLU S 500 59.32 -15.61 61.97
CA GLU S 500 59.71 -16.98 61.72
C GLU S 500 58.57 -17.96 61.99
N LYS S 501 57.83 -17.76 63.07
CA LYS S 501 56.67 -18.61 63.33
C LYS S 501 55.61 -18.45 62.25
N LEU S 502 55.39 -17.21 61.80
CA LEU S 502 54.47 -16.96 60.71
C LEU S 502 54.92 -17.66 59.43
N ILE S 503 56.21 -17.56 59.11
CA ILE S 503 56.77 -18.31 57.99
C ILE S 503 56.58 -19.81 58.20
N GLU S 504 56.58 -20.26 59.46
CA GLU S 504 56.36 -21.67 59.74
C GLU S 504 54.91 -22.05 59.52
N LEU S 505 53.99 -21.10 59.67
CA LEU S 505 52.61 -21.35 59.30
C LEU S 505 52.47 -21.44 57.79
N GLN S 506 53.06 -20.48 57.06
CA GLN S 506 53.08 -20.57 55.61
C GLN S 506 53.72 -21.86 55.12
N ASN S 507 54.69 -22.39 55.87
CA ASN S 507 55.37 -23.61 55.47
C ASN S 507 54.58 -24.84 55.86
N GLU S 508 53.79 -24.76 56.94
CA GLU S 508 52.98 -25.91 57.34
C GLU S 508 51.77 -26.07 56.41
N HIS S 509 50.99 -25.00 56.23
CA HIS S 509 49.91 -25.09 55.26
C HIS S 509 50.44 -25.19 53.85
N LYS S 510 51.62 -24.64 53.60
CA LYS S 510 52.35 -24.90 52.36
C LYS S 510 52.51 -26.40 52.13
N HIS S 511 53.23 -27.07 53.04
CA HIS S 511 53.43 -28.51 52.92
C HIS S 511 52.12 -29.27 52.80
N HIS S 512 51.08 -28.84 53.52
CA HIS S 512 49.79 -29.49 53.39
C HIS S 512 49.23 -29.32 51.98
N MET S 513 49.36 -28.12 51.40
CA MET S 513 48.92 -27.88 50.03
C MET S 513 49.69 -28.74 49.04
N LYS S 514 51.01 -28.79 49.17
CA LYS S 514 51.82 -29.66 48.33
C LYS S 514 51.36 -31.12 48.44
N GLU S 515 50.96 -31.54 49.64
CA GLU S 515 50.44 -32.88 49.82
C GLU S 515 49.08 -33.04 49.13
N ILE S 516 48.28 -31.97 49.13
CA ILE S 516 47.02 -32.00 48.40
C ILE S 516 47.27 -32.13 46.91
N GLU S 517 48.39 -31.57 46.43
CA GLU S 517 48.80 -31.81 45.06
C GLU S 517 49.29 -33.24 44.89
N GLU S 518 49.88 -33.83 45.94
CA GLU S 518 50.32 -35.21 45.88
C GLU S 518 49.15 -36.16 45.66
N ALA S 519 48.13 -36.08 46.53
CA ALA S 519 46.93 -36.86 46.32
C ALA S 519 46.21 -36.45 45.04
N LYS S 520 46.32 -35.17 44.67
CA LYS S 520 45.80 -34.71 43.39
C LYS S 520 46.38 -35.51 42.23
N ASN S 521 47.67 -35.86 42.32
CA ASN S 521 48.26 -36.80 41.39
C ASN S 521 47.83 -38.24 41.66
N THR S 522 47.59 -38.59 42.93
CA THR S 522 47.19 -39.94 43.27
C THR S 522 45.81 -40.27 42.71
N ALA S 523 44.84 -39.39 42.92
CA ALA S 523 43.53 -39.56 42.30
C ALA S 523 43.60 -39.51 40.79
N LYS S 524 44.53 -38.72 40.24
CA LYS S 524 44.75 -38.72 38.80
C LYS S 524 45.11 -40.13 38.30
N GLU S 525 46.24 -40.67 38.79
CA GLU S 525 46.64 -42.01 38.41
C GLU S 525 45.55 -43.04 38.72
N GLU S 526 44.76 -42.80 39.77
CA GLU S 526 43.58 -43.62 40.00
C GLU S 526 42.64 -43.58 38.82
N ASP S 527 42.39 -42.38 38.28
CA ASP S 527 41.59 -42.26 37.08
C ASP S 527 42.25 -42.95 35.89
N GLN S 528 43.59 -42.94 35.84
CA GLN S 528 44.29 -43.72 34.83
C GLN S 528 43.96 -45.19 34.95
N THR S 529 43.89 -45.71 36.17
CA THR S 529 43.43 -47.08 36.36
C THR S 529 41.99 -47.25 35.91
N ALA S 530 41.15 -46.23 36.14
CA ALA S 530 39.76 -46.29 35.71
C ALA S 530 39.63 -46.27 34.19
N GLN S 531 40.63 -45.75 33.47
CA GLN S 531 40.56 -45.68 32.02
C GLN S 531 40.62 -47.05 31.36
N ARG S 532 41.33 -48.00 31.97
CA ARG S 532 41.59 -49.30 31.35
C ARG S 532 40.33 -50.14 31.20
N LEU S 533 39.20 -49.71 31.75
CA LEU S 533 37.94 -50.41 31.57
C LEU S 533 37.54 -50.46 30.09
ZN ZN V . 26.33 5.88 -17.53
ZN ZN W . 18.69 -41.65 -11.91
ZN ZN X . 22.57 -6.91 -28.42
ZN ZN Y . -22.01 -44.65 39.46
ZN ZN Z . -31.71 47.30 2.32
ZN ZN AA . 8.74 43.46 27.81
ZN ZN BA . 22.44 31.15 -22.16
#